data_8XL4
#
_entry.id   8XL4
#
_cell.length_a   1.00
_cell.length_b   1.00
_cell.length_c   1.00
_cell.angle_alpha   90.00
_cell.angle_beta   90.00
_cell.angle_gamma   90.00
#
_symmetry.space_group_name_H-M   'P 1'
#
loop_
_entity.id
_entity.type
_entity.pdbx_description
1 polymer 'Propionyl-CoA carboxylase alpha chain, mitochondrial'
2 polymer 'Propionyl-CoA carboxylase beta chain, mitochondrial'
3 non-polymer BIOTIN
4 non-polymer 'ACETYL COENZYME *A'
#
loop_
_entity_poly.entity_id
_entity_poly.type
_entity_poly.pdbx_seq_one_letter_code
_entity_poly.pdbx_strand_id
1 'polypeptide(L)'
;MAGFWVGTAPLVAAGRRGRWPPQQLMLSAALRTLKHVLYYSRQCLMVSRNLGSVGYDPNEKTFDKILVANRGEIACRVIR
TCKKMGIKTVAIHSDVDASSVHVKMADEAVCVGPAPTSKSYLNMDAIMEAIKKTRAQAVHPGYGFLSENKEFARCLAAED
VVFIGPDTHAIQAMGDKIESKLLAKKAEVNTIPGFDGVVKDAEEAVRIAREIGYPVMIKASAGGGGKGMRIAWDDEETRD
GFRLSSQEAASSFGDDRLLIEKFIDNPRHIEIQVLGDKHGNALWLNERECSIQRRNQKVVEEAPSIFLDAETRRAMGEQA
VALARAVKYSSAGTVEFLVDSKKNFYFLEMNTRLQVEHPVTECITGLDLVQEMIRVAKGYPLRHKQADIRINGWAVECRV
YAEDPYKSFGLPSIGRLSQYQEPLHLPGVRVDSGIQPGSDISIYYDPMISKLITYGSDRTEALKRMADALDNYVIRGVTH
NIALLREVIINSRFVKGDISTKFLSDVYPDGFKGHMLTKSEKNQLLAIASSLFVAFQLRAQHFQENSRMPVIKPDIANWE
LSVKLHDKVHTVVASNNGSVFSVEVDGSKLNVTSTWNLASPLLSVSVDGTQRTVQCLSREAGGNMSIQFLGTVYKVNILT
RLAAELNKFMLEKVTEDTSSVLRSPMPGVVVAVSVKPGDAVAEGQEICVIEAMKMQNSMTAGKTGTVKSVHCQAGDTVGE
GDLLVELE
;
A,C,E,G,I,K
2 'polypeptide(L)'
;MAAALRVAAVGARLSVLASGLRAAVRSLCSQATSVNERIENKRRTALLGGGQRRIDAQHKRGKLTARERISLLLDPGSFV
ESDMFVEHRCADFGMAADKNKFPGDSVVTGRGRINGRLVYVFSQDFTVFGGSLSGAHAQKICKIMDQAITVGAPVIGLND
SGGARIQEGVESLAGYADIFLRNVTASGVIPQISLIMGPCAGGAVYSPALTDFTFMVKDTSYLFITGPDVVKSVTNEDVT
QEELGGAKTHTTMSGVAHRAFENDVDALCNLRDFFNYLPLSSQDPAPVRECHDPSDRLVPELDTIVPLESTKAYNMVDII
HSVVDEREFFEIMPNYAKNIIVGFARMNGRTVGIVGNQPKVASGCLDINSSVKGARFVRFCDAFNIPLITFVDVPGFLPG
TAQEYGGIIRHGAKLLYAFAEATVPKVTVITRKAYGGAYDVMSSKHLCGDTNYAWPTAEIAVMGAKGAVEIIFKGHENVE
AAQAEYIEKFANPFPAAVRGFVDDIIQPSSTRARICCDLDVLASKKVQRPWRKHANIPL
;
B,D,F,H,J,L
#
loop_
_chem_comp.id
_chem_comp.type
_chem_comp.name
_chem_comp.formula
ACO non-polymer 'ACETYL COENZYME *A' 'C23 H38 N7 O17 P3 S'
BTN non-polymer BIOTIN 'C10 H16 N2 O3 S'
#
# COMPACT_ATOMS: atom_id res chain seq x y z
N LYS A 61 -8.49 61.56 59.28
CA LYS A 61 -7.13 61.60 58.80
C LYS A 61 -7.02 62.41 57.52
N THR A 62 -7.53 61.87 56.41
CA THR A 62 -7.42 62.51 55.11
C THR A 62 -8.74 62.37 54.38
N PHE A 63 -8.71 62.63 53.06
CA PHE A 63 -9.91 62.65 52.24
C PHE A 63 -10.37 61.22 52.00
N ASP A 64 -11.67 61.03 51.86
CA ASP A 64 -12.17 59.73 51.42
C ASP A 64 -12.16 59.57 49.90
N LYS A 65 -12.42 60.63 49.15
CA LYS A 65 -12.51 60.50 47.70
C LYS A 65 -12.11 61.78 47.00
N ILE A 66 -11.19 61.66 46.05
CA ILE A 66 -10.67 62.80 45.30
C ILE A 66 -10.93 62.56 43.82
N LEU A 67 -11.41 63.59 43.15
CA LEU A 67 -11.60 63.53 41.71
C LEU A 67 -10.41 64.18 41.01
N VAL A 68 -9.95 63.56 39.94
CA VAL A 68 -8.87 64.11 39.15
C VAL A 68 -9.48 64.64 37.85
N ALA A 69 -9.16 65.88 37.51
CA ALA A 69 -9.72 66.50 36.31
C ALA A 69 -8.73 66.57 35.15
N ASN A 70 -8.00 65.49 34.90
CA ASN A 70 -6.97 65.49 33.89
C ASN A 70 -6.85 64.08 33.32
N ARG A 71 -5.94 63.91 32.38
CA ARG A 71 -5.77 62.63 31.72
C ARG A 71 -4.30 62.34 31.55
N GLY A 72 -3.98 61.07 31.43
CA GLY A 72 -2.61 60.69 31.13
C GLY A 72 -1.78 60.44 32.36
N GLU A 73 -0.46 60.66 32.23
CA GLU A 73 0.46 60.26 33.28
C GLU A 73 0.28 61.10 34.53
N ILE A 74 -0.22 62.32 34.38
CA ILE A 74 -0.42 63.17 35.55
C ILE A 74 -1.58 62.64 36.38
N ALA A 75 -2.62 62.14 35.71
CA ALA A 75 -3.69 61.45 36.41
C ALA A 75 -3.22 60.17 37.03
N CYS A 76 -2.31 59.46 36.35
CA CYS A 76 -1.79 58.23 36.92
C CYS A 76 -0.98 58.49 38.18
N ARG A 77 -0.21 59.57 38.19
CA ARG A 77 0.56 59.91 39.35
C ARG A 77 -0.35 60.11 40.56
N VAL A 78 -1.46 60.82 40.40
CA VAL A 78 -2.36 61.07 41.53
C VAL A 78 -3.04 59.77 41.96
N ILE A 79 -3.47 58.93 41.00
CA ILE A 79 -4.13 57.67 41.33
C ILE A 79 -3.22 56.79 42.18
N ARG A 80 -1.95 56.68 41.80
CA ARG A 80 -0.99 55.89 42.55
C ARG A 80 -0.77 56.45 43.94
N THR A 81 -0.62 57.78 44.05
CA THR A 81 -0.46 58.36 45.38
C THR A 81 -1.67 58.15 46.25
N CYS A 82 -2.88 58.35 45.70
CA CYS A 82 -4.10 58.14 46.49
C CYS A 82 -4.19 56.70 46.98
N LYS A 83 -3.90 55.73 46.13
CA LYS A 83 -3.94 54.35 46.54
C LYS A 83 -2.95 54.06 47.66
N LYS A 84 -1.81 54.74 47.62
CA LYS A 84 -0.83 54.59 48.68
C LYS A 84 -1.40 55.19 49.96
N MET A 85 -2.19 56.24 49.83
CA MET A 85 -2.81 56.92 50.96
C MET A 85 -4.12 56.29 51.40
N GLY A 86 -4.68 55.39 50.59
CA GLY A 86 -5.95 54.80 50.95
C GLY A 86 -7.15 55.63 50.58
N ILE A 87 -7.02 56.43 49.53
CA ILE A 87 -8.06 57.37 49.11
C ILE A 87 -8.59 56.85 47.78
N LYS A 88 -9.91 56.87 47.63
CA LYS A 88 -10.51 56.46 46.36
C LYS A 88 -10.35 57.58 45.35
N THR A 89 -10.06 57.23 44.10
CA THR A 89 -9.82 58.25 43.09
C THR A 89 -10.81 58.13 41.97
N VAL A 90 -11.40 59.24 41.57
CA VAL A 90 -12.34 59.26 40.46
C VAL A 90 -11.64 59.89 39.26
N ALA A 91 -11.81 59.27 38.10
CA ALA A 91 -11.24 59.80 36.87
C ALA A 91 -12.36 60.36 36.01
N ILE A 92 -11.99 61.26 35.12
CA ILE A 92 -12.86 61.68 34.04
C ILE A 92 -12.14 61.41 32.73
N HIS A 93 -12.91 61.17 31.68
CA HIS A 93 -12.33 60.90 30.38
C HIS A 93 -13.29 61.30 29.28
N SER A 94 -12.73 61.50 28.09
CA SER A 94 -13.47 61.69 26.86
C SER A 94 -13.85 60.32 26.30
N ASP A 95 -14.69 60.30 25.26
CA ASP A 95 -15.07 59.03 24.64
C ASP A 95 -13.88 58.28 24.05
N VAL A 96 -12.85 58.99 23.60
CA VAL A 96 -11.71 58.28 23.00
C VAL A 96 -10.74 57.86 24.08
N ASP A 97 -10.74 58.55 25.22
CA ASP A 97 -9.86 58.20 26.34
C ASP A 97 -10.45 57.14 27.26
N ALA A 98 -11.59 56.57 26.91
CA ALA A 98 -12.25 55.59 27.75
C ALA A 98 -11.40 54.36 28.05
N SER A 99 -10.43 54.03 27.19
CA SER A 99 -9.56 52.89 27.48
C SER A 99 -8.15 53.30 27.90
N SER A 100 -7.95 54.56 28.26
CA SER A 100 -6.61 55.03 28.61
C SER A 100 -6.22 54.47 29.98
N VAL A 101 -4.94 54.61 30.31
CA VAL A 101 -4.47 53.94 31.52
C VAL A 101 -5.11 54.52 32.78
N HIS A 102 -5.19 55.85 32.89
CA HIS A 102 -5.68 56.41 34.14
C HIS A 102 -7.13 56.08 34.39
N VAL A 103 -7.90 55.79 33.35
CA VAL A 103 -9.29 55.39 33.55
C VAL A 103 -9.34 54.01 34.19
N LYS A 104 -8.47 53.10 33.75
CA LYS A 104 -8.49 51.75 34.30
C LYS A 104 -7.90 51.71 35.70
N MET A 105 -6.91 52.58 35.97
CA MET A 105 -6.32 52.60 37.30
C MET A 105 -7.23 53.23 38.34
N ALA A 106 -8.10 54.15 37.94
CA ALA A 106 -8.97 54.81 38.89
C ALA A 106 -10.01 53.83 39.41
N ASP A 107 -10.63 54.18 40.53
CA ASP A 107 -11.65 53.36 41.15
C ASP A 107 -13.02 53.56 40.51
N GLU A 108 -13.32 54.80 40.16
CA GLU A 108 -14.54 55.16 39.45
C GLU A 108 -14.17 56.12 38.35
N ALA A 109 -15.00 56.17 37.31
CA ALA A 109 -14.75 57.04 36.18
C ALA A 109 -16.07 57.57 35.65
N VAL A 110 -16.07 58.78 35.15
CA VAL A 110 -17.22 59.41 34.53
C VAL A 110 -16.82 59.88 33.15
N CYS A 111 -17.63 59.56 32.14
CA CYS A 111 -17.38 60.12 30.83
C CYS A 111 -18.00 61.51 30.78
N VAL A 112 -17.25 62.47 30.30
CA VAL A 112 -17.66 63.87 30.30
C VAL A 112 -18.11 64.31 28.91
N GLY A 113 -17.36 63.95 27.88
CA GLY A 113 -17.65 64.49 26.57
C GLY A 113 -16.86 63.83 25.45
N PRO A 114 -16.93 64.41 24.27
CA PRO A 114 -16.28 63.82 23.10
C PRO A 114 -14.79 64.11 23.03
N ALA A 115 -14.17 63.62 21.96
CA ALA A 115 -12.73 63.76 21.77
C ALA A 115 -12.14 65.17 21.98
N PRO A 116 -12.65 66.26 21.40
CA PRO A 116 -11.96 67.55 21.60
C PRO A 116 -12.03 68.01 23.04
N THR A 117 -10.90 68.48 23.53
CA THR A 117 -10.77 68.80 24.95
C THR A 117 -11.70 69.89 25.40
N SER A 118 -12.11 70.78 24.50
CA SER A 118 -12.92 71.92 24.90
C SER A 118 -14.28 71.47 25.42
N LYS A 119 -14.67 70.24 25.12
CA LYS A 119 -15.98 69.73 25.47
C LYS A 119 -15.91 68.60 26.47
N SER A 120 -14.71 68.21 26.89
CA SER A 120 -14.49 67.04 27.73
C SER A 120 -13.63 67.33 28.96
N TYR A 121 -12.58 68.14 28.81
CA TYR A 121 -11.71 68.43 29.94
C TYR A 121 -11.76 69.91 30.31
N LEU A 122 -12.20 70.77 29.40
CA LEU A 122 -12.44 72.16 29.73
C LEU A 122 -13.91 72.48 29.93
N ASN A 123 -14.79 71.47 29.94
CA ASN A 123 -16.23 71.68 30.16
C ASN A 123 -16.51 71.63 31.66
N MET A 124 -16.38 72.78 32.32
CA MET A 124 -16.43 72.80 33.78
C MET A 124 -17.81 72.44 34.31
N ASP A 125 -18.86 72.71 33.54
CA ASP A 125 -20.22 72.39 33.99
C ASP A 125 -20.46 70.88 34.02
N ALA A 126 -20.02 70.18 32.98
CA ALA A 126 -20.14 68.73 32.94
C ALA A 126 -19.27 68.08 34.00
N ILE A 127 -18.11 68.68 34.28
CA ILE A 127 -17.23 68.18 35.32
C ILE A 127 -17.86 68.37 36.71
N MET A 128 -18.47 69.54 36.95
CA MET A 128 -19.15 69.76 38.23
C MET A 128 -20.23 68.72 38.47
N GLU A 129 -20.93 68.32 37.42
CA GLU A 129 -21.91 67.26 37.54
C GLU A 129 -21.27 65.95 37.94
N ALA A 130 -20.12 65.63 37.36
CA ALA A 130 -19.38 64.43 37.74
C ALA A 130 -18.90 64.51 39.18
N ILE A 131 -18.46 65.70 39.62
CA ILE A 131 -17.93 65.86 40.97
C ILE A 131 -18.99 65.56 42.01
N LYS A 132 -20.20 66.10 41.80
CA LYS A 132 -21.28 65.83 42.74
C LYS A 132 -21.89 64.45 42.54
N LYS A 133 -21.93 63.96 41.31
CA LYS A 133 -22.51 62.64 41.05
C LYS A 133 -21.78 61.58 41.84
N THR A 134 -20.45 61.66 41.91
CA THR A 134 -19.68 60.66 42.62
C THR A 134 -19.44 61.02 44.08
N ARG A 135 -19.97 62.15 44.55
CA ARG A 135 -19.81 62.67 45.91
C ARG A 135 -18.32 62.76 46.26
N ALA A 136 -17.58 63.38 45.33
CA ALA A 136 -16.17 63.67 45.56
C ALA A 136 -16.02 64.81 46.56
N GLN A 137 -14.95 64.75 47.34
CA GLN A 137 -14.72 65.72 48.40
C GLN A 137 -13.74 66.81 47.97
N ALA A 138 -12.72 66.43 47.19
CA ALA A 138 -11.68 67.35 46.75
C ALA A 138 -11.41 67.09 45.26
N VAL A 139 -10.91 68.11 44.53
CA VAL A 139 -10.55 67.96 43.13
C VAL A 139 -9.06 68.34 42.92
N HIS A 140 -8.31 67.50 42.21
CA HIS A 140 -6.91 67.81 41.84
C HIS A 140 -6.79 67.87 40.31
N PRO A 141 -6.70 69.08 39.74
CA PRO A 141 -6.70 69.16 38.28
C PRO A 141 -5.35 68.87 37.63
N GLY A 142 -4.29 68.66 38.41
CA GLY A 142 -2.96 68.52 37.87
C GLY A 142 -2.50 69.83 37.27
N TYR A 143 -2.20 69.82 35.97
CA TYR A 143 -1.74 71.01 35.30
C TYR A 143 -2.42 71.08 33.95
N GLY A 144 -2.29 72.24 33.30
CA GLY A 144 -2.77 72.36 31.93
C GLY A 144 -4.16 72.91 31.79
N PHE A 145 -5.16 72.04 31.98
CA PHE A 145 -6.55 72.29 31.62
C PHE A 145 -7.25 73.37 32.43
N LEU A 146 -7.52 73.09 33.70
CA LEU A 146 -8.30 74.02 34.50
C LEU A 146 -7.54 74.40 35.74
N SER A 147 -6.21 74.32 35.69
CA SER A 147 -5.39 74.61 36.85
C SER A 147 -5.31 76.08 37.15
N GLU A 148 -5.52 76.94 36.15
CA GLU A 148 -5.55 78.38 36.33
C GLU A 148 -6.88 78.99 35.93
N ASN A 149 -7.93 78.18 35.84
CA ASN A 149 -9.23 78.66 35.41
C ASN A 149 -10.01 79.15 36.61
N LYS A 150 -10.16 80.47 36.74
CA LYS A 150 -10.72 81.04 37.96
C LYS A 150 -12.20 80.74 38.08
N GLU A 151 -12.93 80.76 36.95
CA GLU A 151 -14.35 80.49 36.97
C GLU A 151 -14.65 79.08 37.45
N PHE A 152 -13.79 78.13 37.08
CA PHE A 152 -13.90 76.77 37.59
C PHE A 152 -13.68 76.72 39.09
N ALA A 153 -12.58 77.32 39.56
CA ALA A 153 -12.31 77.31 40.99
C ALA A 153 -13.39 78.05 41.77
N ARG A 154 -13.94 79.12 41.20
CA ARG A 154 -14.98 79.90 41.88
C ARG A 154 -16.25 79.07 42.06
N CYS A 155 -16.75 78.51 40.95
CA CYS A 155 -17.96 77.70 41.01
C CYS A 155 -17.75 76.37 41.72
N LEU A 156 -16.52 75.87 41.76
CA LEU A 156 -16.19 74.70 42.54
C LEU A 156 -16.21 75.00 44.02
N ALA A 157 -15.57 76.09 44.45
CA ALA A 157 -15.61 76.48 45.84
C ALA A 157 -17.01 76.81 46.30
N ALA A 158 -17.83 77.38 45.40
CA ALA A 158 -19.20 77.73 45.77
C ALA A 158 -19.97 76.52 46.25
N GLU A 159 -19.53 75.33 45.85
CA GLU A 159 -20.22 74.10 46.19
C GLU A 159 -19.55 73.35 47.32
N ASP A 160 -18.61 74.03 48.00
CA ASP A 160 -17.80 73.53 49.13
C ASP A 160 -16.97 72.29 48.80
N VAL A 161 -16.39 72.28 47.61
CA VAL A 161 -15.52 71.18 47.25
C VAL A 161 -14.11 71.73 47.42
N VAL A 162 -13.23 70.96 48.01
CA VAL A 162 -11.90 71.44 48.33
C VAL A 162 -11.14 71.40 47.02
N PHE A 163 -10.52 72.51 46.68
CA PHE A 163 -9.67 72.57 45.51
C PHE A 163 -8.22 72.46 45.87
N ILE A 164 -7.55 71.53 45.19
CA ILE A 164 -6.13 71.29 45.41
C ILE A 164 -5.24 72.00 44.40
N GLY A 165 -4.65 73.12 44.81
CA GLY A 165 -3.96 73.95 43.85
C GLY A 165 -4.02 75.35 44.39
N PRO A 166 -3.76 76.36 43.47
CA PRO A 166 -3.81 77.71 44.06
C PRO A 166 -5.24 78.09 44.33
N ASP A 167 -5.42 79.13 45.13
CA ASP A 167 -6.72 79.72 45.37
C ASP A 167 -6.83 80.73 44.27
N THR A 168 -7.91 81.48 44.20
CA THR A 168 -8.05 82.39 43.06
C THR A 168 -7.30 83.69 43.27
N HIS A 169 -6.94 84.01 44.51
CA HIS A 169 -6.12 85.19 44.76
C HIS A 169 -4.74 85.04 44.13
N ALA A 170 -4.08 83.91 44.33
CA ALA A 170 -2.77 83.70 43.74
C ALA A 170 -2.84 83.70 42.22
N ILE A 171 -3.90 83.13 41.64
CA ILE A 171 -4.02 83.11 40.19
C ILE A 171 -4.13 84.52 39.64
N GLN A 172 -4.98 85.35 40.25
CA GLN A 172 -5.10 86.75 39.83
C GLN A 172 -3.89 87.59 40.18
N ALA A 173 -3.26 87.32 41.33
CA ALA A 173 -2.12 88.13 41.75
C ALA A 173 -1.02 88.10 40.71
N MET A 174 -0.81 86.94 40.10
CA MET A 174 0.20 86.80 39.06
C MET A 174 -0.46 86.85 37.68
N GLY A 175 -1.62 87.48 37.61
CA GLY A 175 -2.41 87.42 36.39
C GLY A 175 -1.69 88.07 35.23
N ASP A 176 -0.91 89.11 35.52
CA ASP A 176 -0.24 89.94 34.52
C ASP A 176 1.16 90.26 34.99
N LYS A 177 1.92 90.93 34.14
CA LYS A 177 3.31 91.28 34.44
C LYS A 177 3.51 92.42 35.42
N ILE A 178 2.53 93.32 35.53
CA ILE A 178 2.67 94.45 36.44
C ILE A 178 2.66 93.99 37.90
N GLU A 179 1.70 93.13 38.28
CA GLU A 179 1.66 92.65 39.66
C GLU A 179 2.85 91.78 39.96
N SER A 180 3.30 90.98 38.99
CA SER A 180 4.46 90.13 39.23
C SER A 180 5.71 90.97 39.48
N LYS A 181 5.92 92.02 38.68
CA LYS A 181 7.08 92.88 38.87
C LYS A 181 6.99 93.62 40.20
N LEU A 182 5.78 94.07 40.54
CA LEU A 182 5.63 94.77 41.81
C LEU A 182 5.93 93.84 42.98
N LEU A 183 5.51 92.57 42.91
CA LEU A 183 5.83 91.61 43.96
C LEU A 183 7.34 91.43 44.10
N ALA A 184 8.04 91.29 42.98
CA ALA A 184 9.49 91.12 43.02
C ALA A 184 10.19 92.32 43.65
N LYS A 185 9.60 93.50 43.54
CA LYS A 185 10.19 94.69 44.13
C LYS A 185 9.95 94.73 45.63
N LYS A 186 8.78 94.24 46.05
CA LYS A 186 8.37 94.23 47.45
C LYS A 186 9.01 93.11 48.24
N ALA A 187 9.15 91.98 47.58
CA ALA A 187 9.63 90.77 48.20
C ALA A 187 11.14 91.01 48.19
N GLU A 188 11.57 92.02 47.43
CA GLU A 188 12.96 92.34 47.22
C GLU A 188 13.76 91.22 46.55
N VAL A 189 13.53 91.01 45.26
CA VAL A 189 14.31 89.94 44.67
C VAL A 189 15.45 90.47 43.79
N ASN A 190 15.02 91.10 42.67
CA ASN A 190 15.89 91.81 41.73
C ASN A 190 15.17 92.80 40.76
N THR A 191 14.65 92.30 39.63
CA THR A 191 14.02 93.20 38.67
C THR A 191 14.77 94.50 38.36
N ILE A 192 15.88 94.36 37.65
CA ILE A 192 16.84 95.42 37.34
C ILE A 192 16.21 96.63 36.67
N PRO A 193 16.46 97.83 37.16
CA PRO A 193 15.81 99.02 36.60
C PRO A 193 16.16 99.26 35.15
N GLY A 194 15.23 99.89 34.44
CA GLY A 194 15.51 100.47 33.15
C GLY A 194 15.39 101.97 33.24
N PHE A 195 15.19 102.60 32.07
CA PHE A 195 15.03 104.04 32.01
C PHE A 195 13.55 104.37 31.92
N ASP A 196 13.03 105.02 32.95
CA ASP A 196 11.62 105.38 33.01
C ASP A 196 11.47 106.74 32.31
N GLY A 197 11.62 106.70 30.99
CA GLY A 197 11.51 107.89 30.17
C GLY A 197 11.98 107.57 28.77
N VAL A 198 11.79 108.51 27.84
CA VAL A 198 12.19 108.28 26.46
C VAL A 198 13.56 108.90 26.23
N VAL A 199 14.44 108.14 25.57
CA VAL A 199 15.74 108.69 25.23
C VAL A 199 15.61 109.47 23.92
N LYS A 200 16.03 110.73 23.96
CA LYS A 200 15.84 111.64 22.83
C LYS A 200 17.15 112.08 22.22
N ASP A 201 18.12 112.40 23.05
CA ASP A 201 19.39 112.96 22.61
C ASP A 201 20.36 111.84 22.26
N ALA A 202 21.52 112.22 21.75
CA ALA A 202 22.55 111.27 21.37
C ALA A 202 23.40 110.88 22.56
N GLU A 203 23.51 111.75 23.55
CA GLU A 203 24.32 111.50 24.74
C GLU A 203 23.52 110.88 25.87
N GLU A 204 22.19 110.98 25.86
CA GLU A 204 21.37 110.30 26.87
C GLU A 204 21.48 108.78 26.77
N ALA A 205 21.60 108.24 25.56
CA ALA A 205 21.70 106.79 25.41
C ALA A 205 22.88 106.23 26.20
N VAL A 206 23.99 106.98 26.28
CA VAL A 206 25.12 106.47 27.04
C VAL A 206 25.10 106.99 28.48
N ARG A 207 24.69 108.24 28.70
CA ARG A 207 24.72 108.76 30.06
C ARG A 207 23.79 107.96 30.98
N ILE A 208 22.59 107.62 30.51
CA ILE A 208 21.69 106.87 31.39
C ILE A 208 22.26 105.48 31.68
N ALA A 209 22.82 104.81 30.65
CA ALA A 209 23.43 103.50 30.86
C ALA A 209 24.54 103.55 31.90
N ARG A 210 25.36 104.60 31.86
CA ARG A 210 26.44 104.74 32.83
C ARG A 210 25.92 104.76 34.25
N GLU A 211 24.76 105.37 34.47
CA GLU A 211 24.21 105.42 35.82
C GLU A 211 23.65 104.09 36.28
N ILE A 212 23.08 103.27 35.39
CA ILE A 212 22.46 102.03 35.85
C ILE A 212 23.38 100.82 35.71
N GLY A 213 24.09 100.68 34.59
CA GLY A 213 24.87 99.49 34.36
C GLY A 213 25.69 99.41 33.08
N TYR A 214 26.13 98.21 32.71
CA TYR A 214 26.95 98.04 31.52
C TYR A 214 26.31 97.44 30.27
N PRO A 215 25.85 96.13 30.40
CA PRO A 215 25.24 95.58 29.19
C PRO A 215 23.93 96.36 29.08
N VAL A 216 23.76 97.04 27.96
CA VAL A 216 22.56 97.85 27.72
C VAL A 216 21.95 97.50 26.39
N MET A 217 20.62 97.36 26.39
CA MET A 217 19.83 97.04 25.21
C MET A 217 19.06 98.28 24.78
N ILE A 218 19.01 98.54 23.47
CA ILE A 218 18.19 99.60 22.89
C ILE A 218 17.03 98.98 22.13
N LYS A 219 15.79 99.37 22.48
CA LYS A 219 14.59 98.83 21.86
C LYS A 219 13.57 99.95 21.71
N ALA A 220 12.58 99.71 20.85
CA ALA A 220 11.45 100.60 20.64
C ALA A 220 10.60 100.71 21.91
N SER A 221 10.00 101.88 22.12
CA SER A 221 9.11 102.09 23.26
C SER A 221 7.87 101.21 23.18
N ALA A 222 7.47 100.83 21.96
CA ALA A 222 6.38 99.89 21.74
C ALA A 222 6.60 99.18 20.42
N GLY A 223 6.50 97.85 20.45
CA GLY A 223 6.67 97.03 19.27
C GLY A 223 7.60 95.88 19.56
N GLY A 224 8.02 95.22 18.49
CA GLY A 224 8.89 94.06 18.62
C GLY A 224 9.26 93.52 17.26
N GLY A 225 9.98 92.40 17.28
CA GLY A 225 10.41 91.75 16.05
C GLY A 225 11.57 92.46 15.39
N GLY A 226 12.45 93.06 16.19
CA GLY A 226 13.58 93.80 15.66
C GLY A 226 13.24 95.22 15.30
N LYS A 227 12.27 95.81 15.97
CA LYS A 227 11.84 97.18 15.65
C LYS A 227 12.90 98.14 16.18
N GLY A 228 14.03 98.21 15.48
CA GLY A 228 15.14 99.05 15.88
C GLY A 228 15.94 98.56 17.06
N MET A 229 15.96 97.25 17.30
CA MET A 229 16.65 96.70 18.46
C MET A 229 18.11 96.47 18.09
N ARG A 230 19.00 96.75 19.04
CA ARG A 230 20.41 96.45 18.93
C ARG A 230 20.97 96.19 20.32
N ILE A 231 22.00 95.37 20.40
CA ILE A 231 22.66 95.06 21.66
C ILE A 231 23.96 95.85 21.74
N ALA A 232 24.14 96.54 22.86
CA ALA A 232 25.34 97.36 23.05
C ALA A 232 25.98 97.04 24.39
N TRP A 233 27.30 97.24 24.44
CA TRP A 233 28.10 97.06 25.64
C TRP A 233 28.85 98.31 26.04
N ASP A 234 29.65 98.88 25.14
CA ASP A 234 30.41 100.09 25.42
C ASP A 234 29.59 101.29 24.97
N ASP A 235 30.15 102.48 25.21
CA ASP A 235 29.46 103.70 24.86
C ASP A 235 29.46 104.01 23.36
N GLU A 236 30.46 103.55 22.61
CA GLU A 236 30.55 103.91 21.19
C GLU A 236 29.42 103.29 20.38
N GLU A 237 29.17 101.99 20.56
CA GLU A 237 28.04 101.42 19.85
C GLU A 237 26.71 101.65 20.56
N THR A 238 26.68 102.01 21.85
CA THR A 238 25.39 102.45 22.36
C THR A 238 24.95 103.76 21.70
N ARG A 239 25.87 104.73 21.56
CA ARG A 239 25.50 105.98 20.89
C ARG A 239 25.09 105.73 19.45
N ASP A 240 25.85 104.87 18.76
CA ASP A 240 25.59 104.55 17.37
C ASP A 240 24.26 103.82 17.19
N GLY A 241 23.99 102.83 18.05
CA GLY A 241 22.73 102.11 17.98
C GLY A 241 21.52 103.01 18.15
N PHE A 242 21.57 103.92 19.14
CA PHE A 242 20.42 104.80 19.34
C PHE A 242 20.17 105.67 18.12
N ARG A 243 21.20 106.36 17.63
CA ARG A 243 20.94 107.35 16.59
C ARG A 243 20.48 106.69 15.30
N LEU A 244 20.91 105.44 15.05
CA LEU A 244 20.46 104.68 13.89
C LEU A 244 18.98 104.35 14.01
N SER A 245 18.56 103.88 15.19
CA SER A 245 17.18 103.50 15.42
C SER A 245 16.27 104.72 15.47
N SER A 246 16.74 105.80 16.08
CA SER A 246 15.95 107.01 16.21
C SER A 246 15.79 107.76 14.89
N GLN A 247 16.68 107.54 13.91
CA GLN A 247 16.48 108.13 12.60
C GLN A 247 15.83 107.20 11.58
N GLU A 248 15.96 105.86 11.71
CA GLU A 248 15.34 104.99 10.72
C GLU A 248 14.02 104.37 11.17
N ALA A 249 13.77 104.22 12.48
CA ALA A 249 12.56 103.55 12.94
C ALA A 249 11.29 104.25 12.48
N ALA A 250 11.36 105.58 12.28
CA ALA A 250 10.20 106.35 11.86
C ALA A 250 9.68 105.89 10.51
N SER A 251 10.52 105.22 9.70
CA SER A 251 10.13 104.73 8.39
C SER A 251 9.45 103.37 8.44
N SER A 252 9.41 102.73 9.60
CA SER A 252 8.77 101.41 9.66
C SER A 252 7.31 101.55 10.08
N PHE A 253 7.08 101.82 11.36
CA PHE A 253 5.71 101.91 11.88
C PHE A 253 5.39 103.33 12.37
N GLY A 254 6.19 104.32 12.01
CA GLY A 254 5.93 105.70 12.36
C GLY A 254 6.27 106.10 13.78
N ASP A 255 7.20 105.40 14.43
CA ASP A 255 7.55 105.68 15.81
C ASP A 255 9.05 105.52 16.01
N ASP A 256 9.68 106.54 16.59
CA ASP A 256 11.14 106.58 16.67
C ASP A 256 11.55 106.88 18.12
N ARG A 257 10.66 106.60 19.06
CA ARG A 257 10.96 106.74 20.48
C ARG A 257 11.65 105.47 20.96
N LEU A 258 12.86 105.61 21.51
CA LEU A 258 13.66 104.49 21.99
C LEU A 258 13.74 104.48 23.51
N LEU A 259 13.72 103.28 24.09
CA LEU A 259 13.96 103.07 25.51
C LEU A 259 15.23 102.26 25.70
N ILE A 260 15.87 102.38 26.85
CA ILE A 260 16.98 101.50 27.18
C ILE A 260 16.67 100.79 28.48
N GLU A 261 17.12 99.53 28.56
CA GLU A 261 17.02 98.60 29.68
C GLU A 261 18.32 97.80 29.70
N LYS A 262 18.44 96.88 30.64
CA LYS A 262 19.69 96.12 30.81
C LYS A 262 19.47 94.63 30.49
N PHE A 263 20.47 93.94 29.92
CA PHE A 263 20.26 92.57 29.48
C PHE A 263 21.35 91.69 30.07
N ILE A 264 21.28 90.40 29.77
CA ILE A 264 22.28 89.42 30.13
C ILE A 264 22.70 88.63 28.89
N ASP A 265 23.91 88.08 28.96
CA ASP A 265 24.47 87.20 27.94
C ASP A 265 24.06 85.76 28.24
N ASN A 266 24.52 84.80 27.40
CA ASN A 266 24.21 83.37 27.40
C ASN A 266 23.41 82.92 28.61
N PRO A 267 22.09 83.11 28.59
CA PRO A 267 21.29 82.86 29.79
C PRO A 267 21.12 81.37 30.05
N ARG A 268 20.96 81.03 31.33
CA ARG A 268 20.49 79.71 31.71
C ARG A 268 19.19 79.84 32.48
N HIS A 269 18.25 78.94 32.21
CA HIS A 269 16.93 78.97 32.81
C HIS A 269 16.94 78.05 34.03
N ILE A 270 16.71 78.60 35.22
CA ILE A 270 16.83 77.84 36.45
C ILE A 270 15.57 78.04 37.28
N GLU A 271 14.99 76.93 37.72
CA GLU A 271 13.77 76.98 38.50
C GLU A 271 14.08 76.64 39.94
N ILE A 272 13.32 77.25 40.85
CA ILE A 272 13.32 76.84 42.25
C ILE A 272 11.88 76.58 42.64
N GLN A 273 11.62 75.42 43.23
CA GLN A 273 10.28 75.04 43.64
C GLN A 273 10.02 75.42 45.09
N VAL A 274 8.81 75.89 45.37
CA VAL A 274 8.43 76.29 46.72
C VAL A 274 7.14 75.58 47.11
N LEU A 275 7.12 75.08 48.34
CA LEU A 275 5.97 74.42 48.93
C LEU A 275 5.41 75.37 49.97
N GLY A 276 4.23 75.90 49.73
CA GLY A 276 3.57 76.82 50.64
C GLY A 276 2.76 76.07 51.69
N ASP A 277 2.58 76.71 52.84
CA ASP A 277 1.75 76.19 53.91
C ASP A 277 0.60 77.14 54.21
N LYS A 278 -0.57 76.56 54.47
CA LYS A 278 -1.72 77.36 54.86
C LYS A 278 -1.51 78.12 56.16
N HIS A 279 -0.52 77.73 56.98
CA HIS A 279 -0.27 78.39 58.24
C HIS A 279 0.77 79.51 58.13
N GLY A 280 1.23 79.81 56.93
CA GLY A 280 2.18 80.88 56.71
C GLY A 280 3.59 80.41 56.46
N ASN A 281 3.88 79.13 56.65
CA ASN A 281 5.21 78.61 56.37
C ASN A 281 5.40 78.38 54.88
N ALA A 282 6.66 78.30 54.45
CA ALA A 282 6.98 77.96 53.08
C ALA A 282 8.42 77.48 53.03
N LEU A 283 8.66 76.38 52.32
CA LEU A 283 10.02 75.90 52.14
C LEU A 283 10.37 75.89 50.66
N TRP A 284 11.66 75.96 50.38
CA TRP A 284 12.15 75.93 49.01
C TRP A 284 12.93 74.64 48.82
N LEU A 285 12.82 74.07 47.64
CA LEU A 285 13.45 72.81 47.31
C LEU A 285 14.64 73.07 46.40
N ASN A 286 15.42 72.04 46.14
CA ASN A 286 16.53 72.18 45.22
C ASN A 286 16.05 72.67 43.86
N GLU A 287 16.92 73.39 43.18
CA GLU A 287 16.59 73.99 41.89
C GLU A 287 16.47 72.95 40.77
N ARG A 288 16.15 73.43 39.57
CA ARG A 288 16.18 72.65 38.34
C ARG A 288 16.80 73.48 37.23
N GLU A 289 17.69 72.85 36.47
CA GLU A 289 18.25 73.45 35.27
C GLU A 289 17.43 72.99 34.08
N CYS A 290 16.83 73.93 33.38
CA CYS A 290 15.88 73.62 32.31
C CYS A 290 16.25 74.36 31.04
N SER A 291 17.45 74.11 30.51
CA SER A 291 17.90 74.92 29.39
C SER A 291 17.72 74.22 28.05
N ILE A 292 17.58 72.90 28.01
CA ILE A 292 17.45 72.19 26.75
C ILE A 292 15.99 72.19 26.34
N GLN A 293 15.66 72.87 25.26
CA GLN A 293 14.27 73.11 24.91
C GLN A 293 14.14 73.28 23.41
N ARG A 294 12.94 73.03 22.88
CA ARG A 294 12.63 73.45 21.52
C ARG A 294 11.17 73.91 21.48
N ARG A 295 10.93 74.92 20.63
CA ARG A 295 9.65 75.60 20.40
C ARG A 295 9.00 76.11 21.69
N ASN A 296 9.88 76.61 22.57
CA ASN A 296 9.60 77.13 23.93
C ASN A 296 8.98 76.08 24.84
N GLN A 297 9.39 74.84 24.66
CA GLN A 297 8.94 73.76 25.53
C GLN A 297 10.14 72.92 25.94
N LYS A 298 10.23 72.62 27.23
CA LYS A 298 11.40 71.93 27.73
C LYS A 298 11.36 70.45 27.34
N VAL A 299 12.53 69.87 27.16
CA VAL A 299 12.61 68.44 26.88
C VAL A 299 13.52 67.71 27.85
N VAL A 300 14.59 68.36 28.32
CA VAL A 300 15.51 67.74 29.25
C VAL A 300 15.81 68.72 30.38
N GLU A 301 15.75 68.21 31.60
CA GLU A 301 15.99 68.99 32.80
C GLU A 301 16.92 68.21 33.72
N GLU A 302 17.64 68.96 34.55
CA GLU A 302 18.56 68.41 35.53
C GLU A 302 18.21 69.10 36.84
N ALA A 303 18.20 68.37 37.95
CA ALA A 303 17.83 69.00 39.21
C ALA A 303 18.93 69.76 39.92
N PRO A 304 20.03 69.08 40.22
CA PRO A 304 21.17 69.67 40.92
C PRO A 304 22.01 70.47 39.94
N SER A 305 21.38 71.46 39.33
CA SER A 305 22.03 72.33 38.34
C SER A 305 23.51 72.07 38.03
N ILE A 306 24.37 73.01 38.44
CA ILE A 306 25.83 73.00 38.29
C ILE A 306 26.30 74.45 38.40
N PHE A 307 25.35 75.38 38.27
CA PHE A 307 25.68 76.79 38.19
C PHE A 307 25.48 77.41 39.56
N LEU A 308 25.29 76.56 40.57
CA LEU A 308 25.08 77.01 41.93
C LEU A 308 25.97 76.31 42.95
N ASP A 309 26.53 77.08 43.88
CA ASP A 309 27.18 76.54 45.04
C ASP A 309 26.22 76.63 46.22
N ALA A 310 26.67 76.23 47.41
CA ALA A 310 25.75 76.16 48.53
C ALA A 310 25.17 77.53 48.89
N GLU A 311 25.98 78.57 48.82
CA GLU A 311 25.51 79.90 49.20
C GLU A 311 24.53 80.46 48.19
N THR A 312 24.76 80.25 46.89
CA THR A 312 23.84 80.74 45.89
C THR A 312 22.48 80.07 46.01
N ARG A 313 22.46 78.77 46.28
CA ARG A 313 21.20 78.05 46.47
C ARG A 313 20.39 78.65 47.61
N ARG A 314 21.06 78.93 48.73
CA ARG A 314 20.34 79.53 49.86
C ARG A 314 19.85 80.92 49.52
N ALA A 315 20.70 81.73 48.88
CA ALA A 315 20.34 83.10 48.55
C ALA A 315 19.13 83.16 47.65
N MET A 316 19.09 82.31 46.63
CA MET A 316 17.97 82.32 45.69
C MET A 316 16.76 81.61 46.26
N GLY A 317 16.97 80.57 47.06
CA GLY A 317 15.85 79.89 47.70
C GLY A 317 15.06 80.81 48.62
N GLU A 318 15.77 81.63 49.39
CA GLU A 318 15.13 82.60 50.27
C GLU A 318 14.33 83.63 49.49
N GLN A 319 14.84 84.08 48.35
CA GLN A 319 14.05 85.00 47.53
C GLN A 319 12.80 84.37 46.94
N ALA A 320 12.89 83.10 46.49
CA ALA A 320 11.70 82.42 46.01
C ALA A 320 10.67 82.28 47.13
N VAL A 321 11.12 82.04 48.36
CA VAL A 321 10.19 81.99 49.48
C VAL A 321 9.60 83.38 49.75
N ALA A 322 10.42 84.43 49.68
CA ALA A 322 9.96 85.80 49.88
C ALA A 322 8.83 86.15 48.93
N LEU A 323 8.88 85.65 47.70
CA LEU A 323 7.75 85.86 46.82
C LEU A 323 6.52 85.12 47.33
N ALA A 324 6.66 83.83 47.66
CA ALA A 324 5.51 83.04 48.08
C ALA A 324 4.84 83.55 49.36
N ARG A 325 5.62 84.04 50.33
CA ARG A 325 5.06 84.48 51.59
C ARG A 325 4.44 85.86 51.54
N ALA A 326 4.54 86.56 50.41
CA ALA A 326 4.01 87.91 50.29
C ALA A 326 2.72 87.95 49.48
N VAL A 327 2.23 86.81 49.02
CA VAL A 327 0.96 86.73 48.31
C VAL A 327 0.19 85.62 49.00
N LYS A 328 0.85 85.05 49.99
CA LYS A 328 0.37 83.93 50.76
C LYS A 328 0.06 82.74 49.87
N TYR A 329 1.05 82.34 49.08
CA TYR A 329 0.92 81.23 48.14
C TYR A 329 0.99 79.88 48.84
N SER A 330 -0.12 79.50 49.47
CA SER A 330 -0.22 78.30 50.28
C SER A 330 -0.64 77.19 49.33
N SER A 331 0.26 76.87 48.41
CA SER A 331 0.17 75.86 47.37
C SER A 331 1.59 75.54 46.91
N ALA A 332 1.74 74.57 46.02
CA ALA A 332 3.06 74.30 45.47
C ALA A 332 3.20 74.98 44.11
N GLY A 333 4.37 75.55 43.88
CA GLY A 333 4.60 76.27 42.64
C GLY A 333 6.08 76.44 42.38
N THR A 334 6.37 77.20 41.34
CA THR A 334 7.75 77.35 40.87
C THR A 334 8.06 78.80 40.59
N VAL A 335 9.29 79.19 40.92
CA VAL A 335 9.79 80.52 40.60
C VAL A 335 10.93 80.37 39.61
N GLU A 336 10.85 81.11 38.51
CA GLU A 336 11.84 81.05 37.46
C GLU A 336 12.84 82.21 37.48
N PHE A 337 14.12 81.85 37.45
CA PHE A 337 15.20 82.81 37.42
C PHE A 337 15.99 82.62 36.14
N LEU A 338 16.62 83.70 35.68
CA LEU A 338 17.64 83.65 34.64
C LEU A 338 18.95 84.05 35.28
N VAL A 339 20.02 83.33 34.94
CA VAL A 339 21.35 83.62 35.41
C VAL A 339 22.24 83.89 34.21
N ASP A 340 23.09 84.89 34.31
CA ASP A 340 24.03 85.26 33.27
C ASP A 340 25.34 84.49 33.47
N SER A 341 26.32 84.80 32.62
CA SER A 341 27.59 84.07 32.65
C SER A 341 28.37 84.36 33.92
N LYS A 342 27.98 85.41 34.65
CA LYS A 342 28.74 85.84 35.82
C LYS A 342 28.04 85.43 37.12
N LYS A 343 27.04 84.56 37.01
CA LYS A 343 26.29 84.10 38.18
C LYS A 343 25.43 85.21 38.80
N ASN A 344 25.00 86.17 38.01
CA ASN A 344 24.01 87.13 38.47
C ASN A 344 22.63 86.60 38.11
N PHE A 345 21.79 86.50 39.12
CA PHE A 345 20.45 85.92 39.03
C PHE A 345 19.40 87.02 39.01
N TYR A 346 18.49 86.91 38.04
CA TYR A 346 17.42 87.89 37.85
C TYR A 346 16.07 87.17 37.87
N PHE A 347 15.07 87.81 38.47
CA PHE A 347 13.72 87.27 38.53
C PHE A 347 13.10 87.24 37.14
N LEU A 348 12.45 86.12 36.81
CA LEU A 348 11.70 86.09 35.55
C LEU A 348 10.19 85.97 35.75
N GLU A 349 9.74 84.94 36.45
CA GLU A 349 8.31 84.79 36.64
C GLU A 349 7.95 83.76 37.71
N MET A 350 6.77 83.95 38.29
CA MET A 350 6.29 83.06 39.33
C MET A 350 5.12 82.26 38.75
N ASN A 351 5.24 80.94 38.84
CA ASN A 351 4.25 79.96 38.37
C ASN A 351 3.42 79.32 39.48
N THR A 352 2.11 79.20 39.25
CA THR A 352 1.23 78.61 40.24
C THR A 352 0.56 77.34 39.75
N ARG A 353 1.27 76.23 39.86
CA ARG A 353 0.74 74.94 39.43
C ARG A 353 1.84 73.91 39.46
N LEU A 354 1.47 72.66 39.71
CA LEU A 354 2.46 71.59 39.72
C LEU A 354 3.07 71.60 38.34
N GLN A 355 4.40 71.70 38.28
CA GLN A 355 5.06 71.74 37.00
C GLN A 355 5.25 70.36 36.40
N VAL A 356 5.54 70.34 35.12
CA VAL A 356 5.77 69.09 34.44
C VAL A 356 7.17 68.66 34.79
N GLU A 357 7.90 69.52 35.49
CA GLU A 357 9.27 69.23 35.91
C GLU A 357 9.36 69.01 37.41
N HIS A 358 8.40 68.27 37.93
CA HIS A 358 8.35 67.96 39.34
C HIS A 358 8.71 66.52 39.64
N PRO A 359 9.07 65.72 38.63
CA PRO A 359 9.40 64.34 39.00
C PRO A 359 10.91 64.12 39.05
N VAL A 360 11.68 65.17 38.80
CA VAL A 360 13.13 65.10 38.82
C VAL A 360 13.69 65.63 40.13
N THR A 361 13.02 66.61 40.74
CA THR A 361 13.45 67.10 42.05
C THR A 361 13.21 66.06 43.12
N GLU A 362 12.08 65.33 43.03
CA GLU A 362 11.74 64.32 44.01
C GLU A 362 12.82 63.25 44.17
N CYS A 363 13.55 62.93 43.12
CA CYS A 363 14.57 61.91 43.24
C CYS A 363 15.80 62.37 44.02
N ILE A 364 15.95 63.66 44.30
CA ILE A 364 17.10 64.04 45.12
C ILE A 364 16.67 64.65 46.44
N THR A 365 15.40 65.02 46.57
CA THR A 365 14.91 65.51 47.84
C THR A 365 14.25 64.42 48.67
N GLY A 366 13.79 63.35 48.04
CA GLY A 366 13.13 62.28 48.75
C GLY A 366 11.71 62.56 49.17
N LEU A 367 11.03 63.47 48.46
CA LEU A 367 9.69 63.87 48.82
C LEU A 367 8.69 63.27 47.85
N ASP A 368 7.41 63.42 48.18
CA ASP A 368 6.30 63.01 47.31
C ASP A 368 5.38 64.20 47.19
N LEU A 369 5.45 64.92 46.07
CA LEU A 369 4.77 66.18 45.95
C LEU A 369 3.25 66.06 45.98
N VAL A 370 2.68 65.01 45.39
CA VAL A 370 1.24 64.86 45.38
C VAL A 370 0.71 64.55 46.78
N GLN A 371 1.42 63.68 47.51
CA GLN A 371 1.05 63.37 48.88
C GLN A 371 1.04 64.62 49.75
N GLU A 372 2.03 65.49 49.55
CA GLU A 372 2.15 66.69 50.35
C GLU A 372 1.06 67.69 50.01
N MET A 373 0.78 67.86 48.71
CA MET A 373 -0.28 68.77 48.29
C MET A 373 -1.64 68.36 48.83
N ILE A 374 -1.92 67.05 48.85
CA ILE A 374 -3.18 66.62 49.43
C ILE A 374 -3.25 66.90 50.92
N ARG A 375 -2.20 66.63 51.70
CA ARG A 375 -2.31 66.95 53.12
C ARG A 375 -2.45 68.45 53.37
N VAL A 376 -1.74 69.28 52.61
CA VAL A 376 -1.84 70.73 52.81
C VAL A 376 -3.26 71.19 52.50
N ALA A 377 -3.83 70.70 51.40
CA ALA A 377 -5.22 71.01 51.07
C ALA A 377 -6.18 70.56 52.17
N LYS A 378 -5.92 69.43 52.82
CA LYS A 378 -6.78 69.02 53.92
C LYS A 378 -6.67 69.99 55.08
N GLY A 379 -5.49 70.57 55.28
CA GLY A 379 -5.28 71.54 56.33
C GLY A 379 -4.13 71.22 57.26
N TYR A 380 -3.26 70.28 56.91
CA TYR A 380 -2.13 69.95 57.75
C TYR A 380 -0.96 70.89 57.45
N PRO A 381 -0.11 71.18 58.44
CA PRO A 381 1.11 71.93 58.15
C PRO A 381 2.12 71.08 57.40
N LEU A 382 3.15 71.75 56.87
CA LEU A 382 4.25 71.05 56.22
C LEU A 382 4.93 70.10 57.21
N ARG A 383 5.24 68.89 56.74
CA ARG A 383 5.86 67.88 57.58
C ARG A 383 7.37 68.01 57.72
N HIS A 384 7.99 68.98 57.05
CA HIS A 384 9.45 69.09 57.03
C HIS A 384 9.84 70.50 57.40
N LYS A 385 11.11 70.66 57.75
CA LYS A 385 11.74 71.95 57.96
C LYS A 385 12.88 72.09 56.97
N GLN A 386 13.31 73.33 56.74
CA GLN A 386 14.29 73.58 55.70
C GLN A 386 15.61 72.85 55.93
N ALA A 387 16.00 72.61 57.18
CA ALA A 387 17.27 71.96 57.45
C ALA A 387 17.32 70.52 56.96
N ASP A 388 16.16 69.93 56.68
CA ASP A 388 16.09 68.53 56.27
C ASP A 388 16.02 68.36 54.76
N ILE A 389 16.14 69.44 54.00
CA ILE A 389 16.04 69.41 52.55
C ILE A 389 17.45 69.49 52.00
N ARG A 390 17.87 68.46 51.28
CA ARG A 390 19.24 68.36 50.80
C ARG A 390 19.25 67.64 49.46
N ILE A 391 20.42 67.60 48.85
CA ILE A 391 20.62 66.93 47.57
C ILE A 391 21.16 65.55 47.86
N ASN A 392 20.32 64.52 47.73
CA ASN A 392 20.80 63.15 47.87
C ASN A 392 21.13 62.54 46.51
N GLY A 393 22.19 63.00 45.87
CA GLY A 393 22.46 62.49 44.55
C GLY A 393 22.04 63.37 43.40
N TRP A 394 22.04 62.81 42.20
CA TRP A 394 21.74 63.57 41.00
C TRP A 394 20.64 62.91 40.20
N ALA A 395 19.79 63.72 39.56
CA ALA A 395 18.70 63.18 38.76
C ALA A 395 18.50 64.00 37.50
N VAL A 396 18.29 63.31 36.37
CA VAL A 396 18.10 63.95 35.08
C VAL A 396 16.83 63.37 34.47
N GLU A 397 16.06 64.20 33.78
CA GLU A 397 14.80 63.76 33.19
C GLU A 397 14.72 64.14 31.72
N CYS A 398 14.19 63.23 30.93
CA CYS A 398 13.99 63.43 29.50
C CYS A 398 12.54 63.17 29.14
N ARG A 399 11.95 64.08 28.37
CA ARG A 399 10.58 63.95 27.92
C ARG A 399 10.57 63.30 26.55
N VAL A 400 9.78 62.24 26.41
CA VAL A 400 9.68 61.53 25.14
C VAL A 400 8.33 61.83 24.52
N TYR A 401 8.35 62.38 23.31
CA TYR A 401 7.21 62.81 22.54
C TYR A 401 7.07 61.94 21.30
N ALA A 402 5.84 61.83 20.83
CA ALA A 402 5.58 61.18 19.54
C ALA A 402 5.76 62.16 18.39
N GLU A 403 7.01 62.55 18.15
CA GLU A 403 7.34 63.62 17.22
C GLU A 403 8.54 63.22 16.38
N ASP A 404 8.59 63.76 15.18
CA ASP A 404 9.73 63.55 14.29
C ASP A 404 10.75 64.64 14.58
N PRO A 405 11.91 64.32 15.17
CA PRO A 405 12.90 65.36 15.47
C PRO A 405 13.55 65.98 14.25
N TYR A 406 13.42 65.38 13.07
CA TYR A 406 14.08 65.92 11.90
C TYR A 406 13.32 67.09 11.31
N LYS A 407 12.00 67.10 11.45
CA LYS A 407 11.13 68.05 10.78
C LYS A 407 10.98 69.28 11.65
N SER A 408 12.02 70.14 11.61
CA SER A 408 12.11 71.37 12.39
C SER A 408 11.97 71.14 13.90
N PHE A 409 12.65 70.09 14.39
CA PHE A 409 12.73 69.73 15.80
C PHE A 409 11.34 69.48 16.42
N GLY A 410 10.76 68.35 16.03
CA GLY A 410 9.58 67.88 16.72
C GLY A 410 8.25 68.11 16.05
N LEU A 411 8.05 67.54 14.87
CA LEU A 411 6.75 67.65 14.22
C LEU A 411 5.86 66.47 14.62
N PRO A 412 4.66 66.72 15.17
CA PRO A 412 3.83 65.63 15.68
C PRO A 412 3.52 64.55 14.65
N SER A 413 3.58 63.31 15.12
CA SER A 413 3.19 62.13 14.36
C SER A 413 1.85 61.62 14.88
N ILE A 414 1.17 60.83 14.06
CA ILE A 414 -0.12 60.27 14.41
C ILE A 414 -0.03 58.76 14.26
N GLY A 415 -0.51 58.04 15.26
CA GLY A 415 -0.47 56.60 15.18
C GLY A 415 -0.81 55.82 16.42
N ARG A 416 -0.72 54.52 16.22
CA ARG A 416 -1.02 53.51 17.22
C ARG A 416 0.24 52.73 17.57
N LEU A 417 0.33 52.41 18.85
CA LEU A 417 1.37 51.62 19.42
C LEU A 417 1.18 50.17 19.57
N SER A 418 2.03 49.54 18.75
CA SER A 418 2.26 48.12 18.53
C SER A 418 3.29 47.45 19.35
N GLN A 419 4.32 48.14 19.79
CA GLN A 419 5.18 47.51 20.78
C GLN A 419 5.62 48.57 21.77
N TYR A 420 5.65 48.21 23.05
CA TYR A 420 5.97 49.18 24.07
C TYR A 420 6.53 48.46 25.27
N GLN A 421 7.73 48.84 25.68
CA GLN A 421 8.40 48.17 26.79
C GLN A 421 9.28 49.19 27.49
N GLU A 422 9.00 49.44 28.74
CA GLU A 422 9.70 50.44 29.53
C GLU A 422 10.94 49.84 30.17
N PRO A 423 12.04 50.58 30.23
CA PRO A 423 13.27 50.03 30.83
C PRO A 423 13.27 50.00 32.36
N LEU A 424 12.40 49.18 32.95
CA LEU A 424 12.26 49.15 34.39
C LEU A 424 13.14 48.10 35.05
N HIS A 425 13.91 47.34 34.30
CA HIS A 425 14.82 46.38 34.87
C HIS A 425 16.19 46.97 35.18
N LEU A 426 16.45 48.19 34.76
CA LEU A 426 17.74 48.81 34.92
C LEU A 426 17.80 49.55 36.25
N PRO A 427 18.97 49.62 36.89
CA PRO A 427 19.07 50.37 38.14
C PRO A 427 18.93 51.88 37.96
N GLY A 428 18.27 52.52 38.92
CA GLY A 428 18.15 53.97 38.98
C GLY A 428 17.22 54.60 37.97
N VAL A 429 16.28 53.82 37.43
CA VAL A 429 15.42 54.27 36.35
C VAL A 429 13.97 54.25 36.84
N ARG A 430 13.25 55.34 36.58
CA ARG A 430 11.85 55.51 36.94
C ARG A 430 11.11 56.05 35.71
N VAL A 431 10.11 55.33 35.21
CA VAL A 431 9.39 55.74 34.01
C VAL A 431 7.98 56.12 34.43
N ASP A 432 7.57 57.35 34.12
CA ASP A 432 6.24 57.80 34.47
C ASP A 432 5.46 57.98 33.18
N SER A 433 4.57 57.06 32.89
CA SER A 433 3.89 57.00 31.62
C SER A 433 2.39 56.89 31.83
N GLY A 434 1.64 57.50 30.92
CA GLY A 434 0.20 57.37 30.91
C GLY A 434 -0.34 56.47 29.83
N ILE A 435 0.50 55.69 29.16
CA ILE A 435 0.04 54.88 28.04
C ILE A 435 0.36 53.42 28.31
N GLN A 436 -0.30 52.56 27.55
CA GLN A 436 -0.12 51.13 27.60
C GLN A 436 -0.15 50.66 26.16
N PRO A 437 0.35 49.45 25.83
CA PRO A 437 0.26 48.99 24.45
C PRO A 437 -1.17 49.04 23.96
N GLY A 438 -1.35 49.49 22.75
CA GLY A 438 -2.68 49.48 22.17
C GLY A 438 -3.32 50.80 22.47
N SER A 439 -2.47 51.78 22.68
CA SER A 439 -2.90 53.13 22.89
C SER A 439 -2.66 53.85 21.60
N ASP A 440 -3.52 54.81 21.35
CA ASP A 440 -3.45 55.68 20.21
C ASP A 440 -2.98 57.04 20.69
N ILE A 441 -2.24 57.72 19.83
CA ILE A 441 -1.84 59.09 20.04
C ILE A 441 -2.40 59.96 18.93
N SER A 442 -3.11 61.02 19.28
CA SER A 442 -3.78 61.81 18.25
C SER A 442 -3.63 63.30 18.31
N ILE A 443 -4.16 63.94 17.28
CA ILE A 443 -3.95 65.37 17.13
C ILE A 443 -4.62 66.21 18.22
N TYR A 444 -5.50 65.62 19.02
CA TYR A 444 -6.24 66.40 20.00
C TYR A 444 -5.44 66.75 21.24
N TYR A 445 -4.34 66.07 21.50
CA TYR A 445 -3.63 66.20 22.75
C TYR A 445 -2.15 66.37 22.44
N ASP A 446 -1.44 67.02 23.34
CA ASP A 446 0.01 67.08 23.23
C ASP A 446 0.56 65.67 23.10
N PRO A 447 1.28 65.36 22.04
CA PRO A 447 1.76 63.99 21.84
C PRO A 447 2.78 63.49 22.86
N MET A 448 2.49 63.49 24.15
CA MET A 448 3.42 62.93 25.11
C MET A 448 3.35 61.41 25.15
N ILE A 449 4.52 60.77 25.20
CA ILE A 449 4.62 59.33 25.38
C ILE A 449 4.97 58.99 26.82
N SER A 450 6.04 59.58 27.34
CA SER A 450 6.42 59.29 28.71
C SER A 450 7.45 60.31 29.18
N LYS A 451 7.71 60.31 30.47
CA LYS A 451 8.86 61.01 31.03
C LYS A 451 9.77 60.00 31.68
N LEU A 452 11.02 60.00 31.23
CA LEU A 452 12.01 59.04 31.66
C LEU A 452 12.92 59.73 32.67
N ILE A 453 13.00 59.20 33.88
CA ILE A 453 13.74 59.81 34.98
C ILE A 453 14.84 58.84 35.39
N THR A 454 16.07 59.34 35.46
CA THR A 454 17.20 58.54 35.89
C THR A 454 17.94 59.28 36.98
N TYR A 455 18.34 58.56 38.03
CA TYR A 455 19.10 59.15 39.11
C TYR A 455 20.29 58.28 39.48
N GLY A 456 21.27 58.91 40.11
CA GLY A 456 22.48 58.23 40.52
C GLY A 456 23.19 59.03 41.58
N SER A 457 24.36 58.54 41.99
CA SER A 457 25.06 59.15 43.11
C SER A 457 25.89 60.35 42.65
N ASP A 458 26.16 60.44 41.36
CA ASP A 458 27.03 61.46 40.82
C ASP A 458 26.51 61.85 39.45
N ARG A 459 27.13 62.84 38.83
CA ARG A 459 26.69 63.30 37.52
C ARG A 459 26.96 62.32 36.40
N THR A 460 28.05 61.57 36.47
CA THR A 460 28.35 60.62 35.42
C THR A 460 27.51 59.37 35.52
N GLU A 461 27.17 58.96 36.74
CA GLU A 461 26.36 57.75 36.90
C GLU A 461 24.93 57.96 36.40
N ALA A 462 24.33 59.11 36.74
CA ALA A 462 22.98 59.41 36.27
C ALA A 462 22.94 59.55 34.76
N LEU A 463 23.96 60.14 34.14
CA LEU A 463 23.96 60.28 32.69
C LEU A 463 24.18 58.95 31.98
N LYS A 464 25.07 58.11 32.50
CA LYS A 464 25.30 56.81 31.89
C LYS A 464 24.08 55.93 32.00
N ARG A 465 23.41 55.95 33.16
CA ARG A 465 22.19 55.18 33.33
C ARG A 465 21.08 55.67 32.41
N MET A 466 21.01 56.98 32.19
CA MET A 466 20.05 57.52 31.23
C MET A 466 20.32 57.03 29.83
N ALA A 467 21.59 57.03 29.43
CA ALA A 467 21.93 56.52 28.10
C ALA A 467 21.50 55.07 27.94
N ASP A 468 21.72 54.27 28.98
CA ASP A 468 21.29 52.87 28.92
C ASP A 468 19.78 52.73 28.84
N ALA A 469 19.04 53.53 29.63
CA ALA A 469 17.60 53.41 29.62
C ALA A 469 17.03 53.76 28.26
N LEU A 470 17.60 54.75 27.58
CA LEU A 470 17.08 55.14 26.28
C LEU A 470 17.28 54.06 25.23
N ASP A 471 18.37 53.29 25.32
CA ASP A 471 18.59 52.26 24.31
C ASP A 471 17.76 51.02 24.58
N ASN A 472 17.33 50.82 25.82
CA ASN A 472 16.47 49.71 26.20
C ASN A 472 15.01 50.11 26.25
N TYR A 473 14.64 51.23 25.66
CA TYR A 473 13.28 51.74 25.74
C TYR A 473 12.62 51.55 24.39
N VAL A 474 11.64 50.65 24.33
CA VAL A 474 11.06 50.21 23.07
C VAL A 474 9.79 51.01 22.82
N ILE A 475 9.80 51.81 21.76
CA ILE A 475 8.62 52.51 21.26
C ILE A 475 8.52 52.23 19.78
N ARG A 476 7.44 51.58 19.36
CA ARG A 476 7.22 51.28 17.95
C ARG A 476 5.76 51.44 17.61
N GLY A 477 5.50 52.06 16.47
CA GLY A 477 4.14 52.34 16.03
C GLY A 477 3.98 53.80 15.71
N VAL A 478 4.80 54.63 16.33
CA VAL A 478 4.83 56.07 16.10
C VAL A 478 6.27 56.50 15.90
N THR A 479 6.47 57.72 15.45
CA THR A 479 7.78 58.34 15.40
C THR A 479 8.06 59.04 16.72
N HIS A 480 9.22 58.78 17.28
CA HIS A 480 9.59 59.31 18.59
C HIS A 480 10.87 60.11 18.48
N ASN A 481 11.31 60.68 19.60
CA ASN A 481 12.43 61.60 19.62
C ASN A 481 13.60 61.05 20.42
N ILE A 482 13.71 59.73 20.52
CA ILE A 482 14.80 59.13 21.30
C ILE A 482 16.16 59.45 20.71
N ALA A 483 16.28 59.47 19.39
CA ALA A 483 17.58 59.77 18.79
C ALA A 483 18.10 61.11 19.23
N LEU A 484 17.22 62.10 19.37
CA LEU A 484 17.64 63.42 19.79
C LEU A 484 18.06 63.44 21.25
N LEU A 485 17.29 62.77 22.11
CA LEU A 485 17.62 62.70 23.53
C LEU A 485 18.93 61.96 23.76
N ARG A 486 19.14 60.86 23.02
CA ARG A 486 20.33 60.04 23.20
C ARG A 486 21.59 60.77 22.77
N GLU A 487 21.50 61.60 21.72
CA GLU A 487 22.69 62.35 21.37
C GLU A 487 22.90 63.56 22.26
N VAL A 488 21.86 64.30 22.68
CA VAL A 488 22.18 65.49 23.46
C VAL A 488 22.87 65.12 24.76
N ILE A 489 22.41 64.08 25.46
CA ILE A 489 22.95 63.80 26.79
C ILE A 489 24.42 63.41 26.73
N ILE A 490 24.92 63.04 25.55
CA ILE A 490 26.29 62.59 25.44
C ILE A 490 27.16 63.66 24.80
N ASN A 491 26.57 64.81 24.50
CA ASN A 491 27.32 65.91 23.92
C ASN A 491 28.33 66.48 24.91
N SER A 492 29.52 66.76 24.40
CA SER A 492 30.61 67.21 25.25
C SER A 492 30.26 68.48 26.00
N ARG A 493 29.45 69.36 25.41
CA ARG A 493 29.04 70.58 26.11
C ARG A 493 28.04 70.27 27.21
N PHE A 494 27.18 69.27 26.99
CA PHE A 494 26.20 68.90 28.00
C PHE A 494 26.86 68.23 29.20
N VAL A 495 27.81 67.33 28.94
CA VAL A 495 28.51 66.66 30.04
C VAL A 495 29.32 67.67 30.85
N LYS A 496 30.00 68.59 30.17
CA LYS A 496 30.71 69.63 30.90
C LYS A 496 29.76 70.64 31.51
N GLY A 497 28.63 70.90 30.87
CA GLY A 497 27.68 71.86 31.39
C GLY A 497 27.60 73.20 30.71
N ASP A 498 28.21 73.37 29.54
CA ASP A 498 28.19 74.66 28.86
C ASP A 498 26.91 74.76 28.04
N ILE A 499 25.80 74.85 28.76
CA ILE A 499 24.48 74.81 28.14
C ILE A 499 23.80 76.14 28.38
N SER A 500 23.27 76.70 27.31
CA SER A 500 22.45 77.90 27.36
C SER A 500 21.05 77.57 26.85
N THR A 501 20.15 78.54 27.01
CA THR A 501 18.76 78.30 26.66
C THR A 501 18.60 78.17 25.15
N LYS A 502 19.64 78.47 24.39
CA LYS A 502 19.65 78.35 22.93
C LYS A 502 20.63 77.29 22.48
N PHE A 503 20.97 76.37 23.38
CA PHE A 503 21.95 75.33 23.12
C PHE A 503 21.67 74.62 21.81
N LEU A 504 20.46 74.10 21.65
CA LEU A 504 20.17 73.24 20.50
C LEU A 504 20.21 74.02 19.20
N SER A 505 19.94 75.32 19.26
CA SER A 505 19.92 76.12 18.05
C SER A 505 21.32 76.36 17.48
N ASP A 506 22.35 76.35 18.32
CA ASP A 506 23.73 76.48 17.89
C ASP A 506 24.38 75.14 17.58
N VAL A 507 23.97 74.06 18.25
CA VAL A 507 24.52 72.75 17.93
C VAL A 507 23.94 72.24 16.61
N TYR A 508 22.67 72.49 16.34
CA TYR A 508 22.00 71.97 15.14
C TYR A 508 21.51 73.15 14.31
N PRO A 509 22.42 73.93 13.74
CA PRO A 509 21.98 75.13 13.01
C PRO A 509 21.23 74.83 11.73
N ASP A 510 21.39 73.62 11.18
CA ASP A 510 20.72 73.21 9.96
C ASP A 510 19.70 72.12 10.21
N GLY A 511 19.26 71.94 11.44
CA GLY A 511 18.32 70.90 11.78
C GLY A 511 19.01 69.70 12.39
N PHE A 512 18.19 68.78 12.90
CA PHE A 512 18.69 67.55 13.49
C PHE A 512 19.01 66.56 12.37
N LYS A 513 20.21 65.97 12.41
CA LYS A 513 20.62 65.03 11.38
C LYS A 513 20.74 63.59 11.86
N GLY A 514 20.76 63.29 13.17
CA GLY A 514 20.99 61.96 13.70
C GLY A 514 22.40 61.77 14.19
N HIS A 515 22.59 60.66 14.90
CA HIS A 515 23.87 60.35 15.49
C HIS A 515 24.90 60.10 14.40
N MET A 516 26.06 60.72 14.52
CA MET A 516 27.14 60.57 13.55
C MET A 516 28.14 59.54 14.06
N LEU A 517 28.44 58.57 13.21
CA LEU A 517 29.33 57.49 13.62
C LEU A 517 30.77 57.83 13.30
N THR A 518 31.67 57.40 14.19
CA THR A 518 33.11 57.48 13.97
C THR A 518 33.63 56.16 13.44
N LYS A 519 34.94 56.07 13.24
CA LYS A 519 35.50 54.90 12.58
C LYS A 519 35.18 53.62 13.34
N SER A 520 35.45 53.61 14.64
CA SER A 520 35.24 52.42 15.45
C SER A 520 33.78 52.08 15.59
N GLU A 521 32.91 53.08 15.62
CA GLU A 521 31.49 52.83 15.72
C GLU A 521 30.94 52.25 14.43
N LYS A 522 31.42 52.71 13.28
CA LYS A 522 31.01 52.10 12.03
C LYS A 522 31.43 50.65 11.95
N ASN A 523 32.63 50.33 12.43
CA ASN A 523 33.06 48.94 12.41
C ASN A 523 32.21 48.06 13.31
N GLN A 524 31.81 48.59 14.46
CA GLN A 524 30.93 47.85 15.36
C GLN A 524 29.54 47.67 14.77
N LEU A 525 29.01 48.71 14.13
CA LEU A 525 27.69 48.58 13.50
C LEU A 525 27.73 47.61 12.34
N LEU A 526 28.79 47.65 11.52
CA LEU A 526 28.89 46.69 10.43
C LEU A 526 29.05 45.27 10.92
N ALA A 527 29.85 45.07 11.97
CA ALA A 527 30.05 43.73 12.53
C ALA A 527 28.77 43.18 13.16
N ILE A 528 28.01 44.04 13.85
CA ILE A 528 26.75 43.61 14.47
C ILE A 528 25.71 43.27 13.40
N ALA A 529 25.54 44.14 12.41
CA ALA A 529 24.58 43.91 11.34
C ALA A 529 24.92 42.67 10.54
N SER A 530 26.21 42.44 10.28
CA SER A 530 26.63 41.27 9.52
C SER A 530 26.44 39.99 10.32
N SER A 531 26.80 40.01 11.61
CA SER A 531 26.61 38.83 12.43
C SER A 531 25.14 38.51 12.63
N LEU A 532 24.30 39.54 12.80
CA LEU A 532 22.87 39.29 12.93
C LEU A 532 22.27 38.74 11.64
N PHE A 533 22.69 39.28 10.50
CA PHE A 533 22.28 38.72 9.21
C PHE A 533 22.56 37.23 9.12
N VAL A 534 23.78 36.82 9.44
CA VAL A 534 24.14 35.41 9.38
C VAL A 534 23.35 34.59 10.41
N ALA A 535 23.15 35.13 11.61
CA ALA A 535 22.38 34.41 12.62
C ALA A 535 21.00 34.02 12.11
N PHE A 536 20.36 34.89 11.33
CA PHE A 536 19.07 34.54 10.73
C PHE A 536 19.25 33.50 9.65
N GLN A 537 20.33 33.63 8.87
CA GLN A 537 20.58 32.64 7.82
C GLN A 537 20.85 31.26 8.38
N LEU A 538 21.46 31.17 9.57
CA LEU A 538 21.70 29.86 10.16
C LEU A 538 20.44 29.30 10.80
N ARG A 539 19.67 30.15 11.48
CA ARG A 539 18.41 29.68 12.04
C ARG A 539 17.49 29.13 10.97
N ALA A 540 17.49 29.73 9.78
CA ALA A 540 16.65 29.25 8.68
C ALA A 540 16.94 27.81 8.27
N GLN A 541 18.08 27.24 8.63
CA GLN A 541 18.45 25.89 8.20
C GLN A 541 18.15 24.81 9.22
N HIS A 542 17.62 25.15 10.38
CA HIS A 542 17.47 24.18 11.47
C HIS A 542 16.04 23.69 11.48
N PHE A 543 15.79 22.60 10.77
CA PHE A 543 14.47 21.98 10.70
C PHE A 543 14.42 20.75 11.58
N GLN A 544 13.22 20.37 11.98
CA GLN A 544 13.02 19.11 12.63
C GLN A 544 13.31 18.13 11.52
N GLU A 545 13.99 17.03 11.81
CA GLU A 545 14.44 16.11 10.78
C GLU A 545 13.23 15.36 10.23
N ASN A 546 13.13 15.29 8.91
CA ASN A 546 12.08 14.49 8.29
C ASN A 546 12.66 13.15 7.90
N SER A 547 12.16 12.09 8.52
CA SER A 547 12.74 10.77 8.32
C SER A 547 12.61 10.29 6.89
N ARG A 548 11.72 10.90 6.11
CA ARG A 548 11.57 10.48 4.73
C ARG A 548 12.55 11.20 3.82
N MET A 549 12.90 12.44 4.14
CA MET A 549 13.67 13.31 3.26
C MET A 549 14.81 13.94 4.06
N PRO A 550 15.96 13.27 4.19
CA PRO A 550 17.04 13.81 5.03
C PRO A 550 17.46 15.20 4.59
N VAL A 551 17.71 16.06 5.56
CA VAL A 551 18.12 17.44 5.33
C VAL A 551 19.59 17.59 5.72
N ILE A 552 20.40 18.11 4.80
CA ILE A 552 21.84 18.19 5.02
C ILE A 552 22.23 19.66 5.12
N LYS A 553 22.68 20.08 6.30
CA LYS A 553 23.03 21.48 6.52
C LYS A 553 24.26 21.86 5.72
N PRO A 554 24.18 22.89 4.88
CA PRO A 554 25.33 23.29 4.06
C PRO A 554 26.52 23.63 4.96
N ASP A 555 27.70 23.15 4.57
CA ASP A 555 28.91 23.39 5.35
C ASP A 555 29.51 24.73 4.92
N ILE A 556 28.94 25.80 5.44
CA ILE A 556 29.38 27.15 5.11
C ILE A 556 30.35 27.64 6.18
N ALA A 557 31.64 27.62 5.84
CA ALA A 557 32.66 28.02 6.81
C ALA A 557 32.76 29.54 6.88
N ASN A 558 32.51 30.22 5.78
CA ASN A 558 32.66 31.66 5.72
C ASN A 558 31.52 32.30 4.96
N TRP A 559 31.04 33.41 5.49
CA TRP A 559 30.00 34.20 4.88
C TRP A 559 30.64 35.45 4.30
N GLU A 560 30.64 35.57 2.98
CA GLU A 560 31.24 36.72 2.32
C GLU A 560 30.14 37.67 1.94
N LEU A 561 30.10 38.84 2.58
CA LEU A 561 29.03 39.79 2.44
C LEU A 561 29.52 41.10 1.87
N SER A 562 28.63 41.76 1.15
CA SER A 562 28.80 43.11 0.68
C SER A 562 27.77 43.97 1.40
N VAL A 563 28.23 44.85 2.28
CA VAL A 563 27.34 45.55 3.18
C VAL A 563 27.32 47.02 2.80
N LYS A 564 26.19 47.47 2.29
CA LYS A 564 26.06 48.83 1.83
C LYS A 564 25.39 49.64 2.93
N LEU A 565 26.00 50.76 3.29
CA LEU A 565 25.46 51.71 4.25
C LEU A 565 24.91 52.85 3.41
N HIS A 566 25.13 54.07 3.89
CA HIS A 566 24.65 55.27 3.24
C HIS A 566 25.11 55.30 1.81
N ASP A 567 26.38 55.67 1.64
CA ASP A 567 26.87 55.76 0.26
C ASP A 567 28.15 54.95 0.09
N LYS A 568 28.48 54.05 0.99
CA LYS A 568 29.71 53.29 0.92
C LYS A 568 29.36 51.81 0.92
N VAL A 569 30.17 51.00 0.25
CA VAL A 569 30.01 49.57 0.27
C VAL A 569 31.24 48.96 0.93
N HIS A 570 31.03 48.22 2.01
CA HIS A 570 32.10 47.64 2.78
C HIS A 570 32.20 46.14 2.54
N THR A 571 33.42 45.64 2.64
CA THR A 571 33.70 44.21 2.47
C THR A 571 33.81 43.56 3.83
N VAL A 572 32.91 42.61 4.11
CA VAL A 572 32.82 41.98 5.42
C VAL A 572 32.83 40.47 5.21
N VAL A 573 33.67 39.77 5.96
CA VAL A 573 33.70 38.31 5.96
C VAL A 573 33.51 37.84 7.38
N ALA A 574 32.53 36.97 7.60
CA ALA A 574 32.19 36.48 8.92
C ALA A 574 32.29 34.97 8.97
N SER A 575 32.61 34.45 10.14
CA SER A 575 32.55 33.03 10.40
C SER A 575 31.98 32.80 11.78
N ASN A 576 31.30 31.69 11.96
CA ASN A 576 30.66 31.33 13.21
C ASN A 576 31.56 30.40 14.01
N ASN A 577 31.72 30.70 15.29
CA ASN A 577 32.41 29.80 16.23
C ASN A 577 31.51 29.50 17.43
N GLY A 578 30.24 29.25 17.17
CA GLY A 578 29.30 29.02 18.24
C GLY A 578 28.53 30.28 18.54
N SER A 579 28.66 30.77 19.76
CA SER A 579 27.93 31.94 20.17
C SER A 579 28.59 33.24 19.73
N VAL A 580 29.79 33.16 19.20
CA VAL A 580 30.54 34.34 18.80
C VAL A 580 30.84 34.29 17.32
N PHE A 581 30.61 35.40 16.63
CA PHE A 581 30.95 35.53 15.23
C PHE A 581 32.24 36.31 15.12
N SER A 582 33.19 35.78 14.37
CA SER A 582 34.42 36.48 14.08
C SER A 582 34.24 37.20 12.75
N VAL A 583 34.27 38.52 12.78
CA VAL A 583 33.90 39.32 11.62
C VAL A 583 35.08 40.19 11.28
N GLU A 584 35.48 40.16 10.02
CA GLU A 584 36.53 41.04 9.52
C GLU A 584 35.84 42.13 8.72
N VAL A 585 35.95 43.37 9.17
CA VAL A 585 35.35 44.50 8.50
C VAL A 585 36.45 45.37 7.90
N ASP A 586 36.62 45.25 6.59
CA ASP A 586 37.67 45.91 5.81
C ASP A 586 39.05 45.76 6.45
N GLY A 587 39.36 44.57 6.95
CA GLY A 587 40.63 44.31 7.58
C GLY A 587 40.65 44.40 9.09
N SER A 588 39.63 44.97 9.71
CA SER A 588 39.55 45.08 11.16
C SER A 588 38.87 43.85 11.72
N LYS A 589 39.46 43.27 12.76
CA LYS A 589 38.92 42.07 13.39
C LYS A 589 38.05 42.44 14.59
N LEU A 590 36.80 41.99 14.56
CA LEU A 590 35.86 42.19 15.65
C LEU A 590 35.28 40.84 16.05
N ASN A 591 34.96 40.68 17.32
CA ASN A 591 34.32 39.47 17.82
C ASN A 591 33.01 39.84 18.49
N VAL A 592 31.90 39.39 17.92
CA VAL A 592 30.58 39.73 18.41
C VAL A 592 30.00 38.53 19.11
N THR A 593 29.81 38.64 20.43
CA THR A 593 29.34 37.53 21.24
C THR A 593 27.94 37.87 21.72
N SER A 594 27.04 36.91 21.65
CA SER A 594 25.69 37.11 22.14
C SER A 594 25.04 35.76 22.33
N THR A 595 23.83 35.77 22.88
CA THR A 595 22.97 34.60 22.89
C THR A 595 22.12 34.49 21.64
N TRP A 596 21.98 35.59 20.89
CA TRP A 596 21.28 35.65 19.60
C TRP A 596 19.86 35.10 19.70
N ASN A 597 19.11 35.57 20.68
CA ASN A 597 17.68 35.32 20.72
C ASN A 597 17.01 36.27 19.74
N LEU A 598 16.54 35.71 18.64
CA LEU A 598 16.11 36.50 17.49
C LEU A 598 14.69 37.01 17.58
N ALA A 599 13.95 36.69 18.64
CA ALA A 599 12.57 37.12 18.78
C ALA A 599 12.43 38.34 19.67
N SER A 600 13.40 38.58 20.54
CA SER A 600 13.29 39.64 21.53
C SER A 600 13.41 41.00 20.85
N PRO A 601 12.65 41.99 21.31
CA PRO A 601 12.84 43.35 20.77
C PRO A 601 14.17 43.97 21.16
N LEU A 602 14.83 43.46 22.18
CA LEU A 602 16.11 44.02 22.63
C LEU A 602 17.17 42.96 22.49
N LEU A 603 18.16 43.18 21.63
CA LEU A 603 19.22 42.22 21.47
C LEU A 603 20.49 42.77 22.08
N SER A 604 21.03 42.05 23.05
CA SER A 604 22.22 42.46 23.76
C SER A 604 23.42 41.74 23.16
N VAL A 605 24.41 42.51 22.74
CA VAL A 605 25.60 41.96 22.11
C VAL A 605 26.82 42.54 22.80
N SER A 606 27.94 41.84 22.70
CA SER A 606 29.23 42.31 23.21
C SER A 606 30.20 42.27 22.05
N VAL A 607 30.73 43.43 21.69
CA VAL A 607 31.63 43.54 20.56
C VAL A 607 33.01 43.98 21.06
N ASP A 608 33.95 43.01 21.07
CA ASP A 608 35.31 43.18 21.59
C ASP A 608 35.35 43.75 23.00
N GLY A 609 34.42 43.28 23.82
CA GLY A 609 34.39 43.70 25.21
C GLY A 609 33.48 44.89 25.43
N THR A 610 33.02 45.51 24.35
CA THR A 610 32.14 46.67 24.44
C THR A 610 30.70 46.21 24.46
N GLN A 611 29.95 46.61 25.48
CA GLN A 611 28.57 46.17 25.63
C GLN A 611 27.65 47.10 24.86
N ARG A 612 26.86 46.54 23.94
CA ARG A 612 25.92 47.30 23.14
C ARG A 612 24.55 46.67 23.24
N THR A 613 23.53 47.52 23.13
CA THR A 613 22.15 47.09 22.95
C THR A 613 21.66 47.64 21.62
N VAL A 614 21.10 46.77 20.78
CA VAL A 614 20.59 47.17 19.48
C VAL A 614 19.18 46.65 19.33
N GLN A 615 18.44 47.25 18.40
CA GLN A 615 17.10 46.79 18.07
C GLN A 615 17.02 46.57 16.58
N CYS A 616 16.50 45.43 16.16
CA CYS A 616 16.23 45.19 14.74
C CYS A 616 14.76 45.48 14.48
N LEU A 617 14.48 46.47 13.64
CA LEU A 617 13.12 46.96 13.54
C LEU A 617 12.38 46.29 12.39
N SER A 618 13.10 45.96 11.33
CA SER A 618 12.52 45.35 10.15
C SER A 618 13.59 44.56 9.41
N ARG A 619 13.15 43.56 8.65
CA ARG A 619 14.06 42.76 7.84
C ARG A 619 13.37 42.47 6.52
N GLU A 620 14.14 42.46 5.43
CA GLU A 620 13.60 42.03 4.16
C GLU A 620 14.48 40.93 3.59
N ALA A 621 13.86 40.09 2.77
CA ALA A 621 14.59 39.04 2.09
C ALA A 621 15.66 39.59 1.15
N GLY A 622 15.50 40.82 0.67
CA GLY A 622 16.43 41.39 -0.27
C GLY A 622 17.70 41.93 0.35
N GLY A 623 17.86 41.76 1.66
CA GLY A 623 19.04 42.15 2.38
C GLY A 623 18.86 43.41 3.19
N ASN A 624 17.77 44.14 2.98
CA ASN A 624 17.51 45.37 3.71
C ASN A 624 17.24 45.05 5.17
N MET A 625 17.92 45.77 6.06
CA MET A 625 17.65 45.62 7.48
C MET A 625 17.58 47.02 8.07
N SER A 626 16.69 47.24 9.02
CA SER A 626 16.63 48.48 9.76
C SER A 626 17.06 48.20 11.18
N ILE A 627 18.19 48.77 11.59
CA ILE A 627 18.80 48.49 12.87
C ILE A 627 18.96 49.79 13.62
N GLN A 628 18.51 49.83 14.86
CA GLN A 628 18.68 51.03 15.66
C GLN A 628 19.93 50.83 16.49
N PHE A 629 20.86 51.76 16.34
CA PHE A 629 22.18 51.72 16.96
C PHE A 629 22.41 53.09 17.57
N LEU A 630 22.59 53.12 18.89
CA LEU A 630 22.75 54.34 19.69
C LEU A 630 21.60 55.32 19.48
N GLY A 631 20.39 54.80 19.36
CA GLY A 631 19.23 55.64 19.19
C GLY A 631 18.89 55.99 17.77
N THR A 632 19.80 55.82 16.81
CA THR A 632 19.54 56.26 15.46
C THR A 632 19.28 55.05 14.58
N VAL A 633 18.31 55.13 13.73
CA VAL A 633 18.01 54.01 12.84
C VAL A 633 18.86 54.14 11.58
N TYR A 634 19.61 53.09 11.30
CA TYR A 634 20.47 53.04 10.14
C TYR A 634 19.90 52.01 9.18
N LYS A 635 19.98 52.30 7.90
CA LYS A 635 19.51 51.40 6.86
C LYS A 635 20.71 50.68 6.25
N VAL A 636 20.72 49.37 6.32
CA VAL A 636 21.81 48.62 5.74
C VAL A 636 21.26 47.55 4.81
N ASN A 637 21.91 47.39 3.67
CA ASN A 637 21.51 46.40 2.68
C ASN A 637 22.64 45.38 2.61
N ILE A 638 22.38 44.18 3.07
CA ILE A 638 23.39 43.12 3.12
C ILE A 638 23.10 42.12 2.03
N LEU A 639 23.99 42.02 1.06
CA LEU A 639 23.88 41.03 0.01
C LEU A 639 25.04 40.06 0.15
N THR A 640 24.84 38.86 -0.36
CA THR A 640 25.95 37.94 -0.44
C THR A 640 26.86 38.38 -1.58
N ARG A 641 28.10 37.91 -1.55
CA ARG A 641 29.04 38.27 -2.60
C ARG A 641 28.43 38.07 -3.98
N LEU A 642 27.78 36.93 -4.21
CA LEU A 642 27.25 36.61 -5.53
C LEU A 642 26.12 37.55 -5.92
N ALA A 643 25.19 37.79 -4.99
CA ALA A 643 24.07 38.70 -5.26
C ALA A 643 24.56 40.10 -5.55
N ALA A 644 25.56 40.57 -4.80
CA ALA A 644 26.09 41.91 -5.04
C ALA A 644 26.80 42.00 -6.37
N GLU A 645 27.55 40.97 -6.75
CA GLU A 645 28.24 41.05 -8.04
C GLU A 645 27.26 41.05 -9.22
N LEU A 646 26.17 40.30 -9.16
CA LEU A 646 25.22 40.27 -10.26
C LEU A 646 24.24 41.42 -10.21
N ASN A 647 23.96 41.97 -9.03
CA ASN A 647 23.00 43.06 -8.93
C ASN A 647 23.39 44.29 -9.73
N LYS A 648 24.67 44.42 -10.09
CA LYS A 648 25.11 45.56 -10.88
C LYS A 648 24.50 45.59 -12.27
N PHE A 649 23.91 44.47 -12.70
CA PHE A 649 23.33 44.39 -14.03
C PHE A 649 21.89 44.83 -14.06
N MET A 650 21.34 45.24 -12.93
CA MET A 650 19.94 45.63 -12.86
C MET A 650 19.81 47.09 -13.29
N LEU A 651 18.72 47.41 -13.96
CA LEU A 651 18.51 48.77 -14.41
C LEU A 651 18.02 49.62 -13.25
N GLU A 652 18.60 50.80 -13.10
CA GLU A 652 18.27 51.68 -11.99
C GLU A 652 17.07 52.51 -12.39
N LYS A 653 15.91 51.86 -12.44
CA LYS A 653 14.68 52.58 -12.74
C LYS A 653 14.22 53.33 -11.50
N VAL A 654 13.78 54.57 -11.72
CA VAL A 654 13.26 55.40 -10.64
C VAL A 654 11.83 55.85 -10.92
N THR A 655 10.95 55.64 -9.94
CA THR A 655 9.56 56.03 -10.07
C THR A 655 9.30 57.35 -9.32
N GLU A 656 8.14 57.96 -9.55
CA GLU A 656 7.81 59.22 -8.91
C GLU A 656 7.10 59.03 -7.58
N ASP A 657 7.47 59.84 -6.59
CA ASP A 657 6.82 59.84 -5.29
C ASP A 657 5.67 60.84 -5.37
N THR A 658 4.44 60.35 -5.35
CA THR A 658 3.26 61.20 -5.56
C THR A 658 2.46 61.17 -4.27
N SER A 659 3.15 61.36 -3.15
CA SER A 659 2.53 61.32 -1.85
C SER A 659 1.74 62.57 -1.54
N SER A 660 1.84 63.61 -2.38
CA SER A 660 1.03 64.79 -2.20
C SER A 660 -0.35 64.69 -2.84
N VAL A 661 -0.60 63.62 -3.58
CA VAL A 661 -1.86 63.50 -4.34
C VAL A 661 -2.73 62.47 -3.65
N LEU A 662 -3.76 62.93 -2.94
CA LEU A 662 -4.60 62.08 -2.09
C LEU A 662 -5.88 61.79 -2.83
N ARG A 663 -6.10 60.53 -3.18
CA ARG A 663 -7.24 60.12 -3.99
C ARG A 663 -8.15 59.21 -3.18
N SER A 664 -9.40 59.12 -3.58
CA SER A 664 -10.39 58.30 -2.88
C SER A 664 -10.08 56.82 -3.09
N PRO A 665 -9.91 56.04 -2.03
CA PRO A 665 -9.66 54.60 -2.21
C PRO A 665 -10.92 53.79 -2.43
N MET A 666 -12.08 54.44 -2.33
CA MET A 666 -13.35 53.72 -2.26
C MET A 666 -14.47 54.69 -2.64
N PRO A 667 -15.39 54.27 -3.50
CA PRO A 667 -16.51 55.13 -3.87
C PRO A 667 -17.47 55.35 -2.71
N GLY A 668 -18.13 56.50 -2.74
CA GLY A 668 -19.09 56.85 -1.69
C GLY A 668 -19.26 58.35 -1.52
N VAL A 669 -19.95 58.76 -0.46
CA VAL A 669 -20.20 60.18 -0.22
C VAL A 669 -19.22 60.71 0.83
N VAL A 670 -18.66 61.88 0.56
CA VAL A 670 -17.76 62.58 1.47
C VAL A 670 -18.57 63.21 2.59
N VAL A 671 -18.27 62.81 3.84
CA VAL A 671 -19.02 63.27 5.00
C VAL A 671 -18.21 64.24 5.86
N ALA A 672 -16.88 64.22 5.75
CA ALA A 672 -16.07 65.18 6.50
C ALA A 672 -14.79 65.48 5.75
N VAL A 673 -14.33 66.72 5.82
CA VAL A 673 -12.98 67.09 5.41
C VAL A 673 -12.39 67.90 6.56
N SER A 674 -11.23 67.46 7.05
CA SER A 674 -10.67 68.03 8.27
C SER A 674 -9.91 69.32 7.99
N VAL A 675 -9.72 69.54 6.69
CA VAL A 675 -8.90 70.62 6.18
C VAL A 675 -9.53 71.53 5.12
N LYS A 676 -8.88 72.67 5.04
CA LYS A 676 -8.91 73.74 4.05
C LYS A 676 -7.48 74.10 3.62
N PRO A 677 -7.29 74.74 2.45
CA PRO A 677 -5.92 75.13 2.05
C PRO A 677 -5.20 75.94 3.11
N GLY A 678 -3.94 75.59 3.36
CA GLY A 678 -3.15 76.25 4.37
C GLY A 678 -3.09 75.51 5.68
N ASP A 679 -4.00 74.55 5.89
CA ASP A 679 -4.01 73.77 7.12
C ASP A 679 -2.76 72.90 7.18
N ALA A 680 -2.22 72.73 8.38
CA ALA A 680 -1.09 71.85 8.59
C ALA A 680 -1.53 70.41 8.49
N VAL A 681 -0.67 69.56 7.96
CA VAL A 681 -0.93 68.14 7.83
C VAL A 681 0.28 67.37 8.39
N ALA A 682 0.00 66.43 9.29
CA ALA A 682 1.00 65.48 9.78
C ALA A 682 0.85 64.16 9.04
N GLU A 683 1.94 63.39 9.04
CA GLU A 683 1.90 62.03 8.50
C GLU A 683 0.96 61.17 9.33
N GLY A 684 0.04 60.50 8.65
CA GLY A 684 -0.98 59.70 9.31
C GLY A 684 -2.19 60.50 9.72
N GLN A 685 -2.22 61.79 9.42
CA GLN A 685 -3.33 62.66 9.80
C GLN A 685 -4.54 62.36 8.95
N GLU A 686 -5.70 62.24 9.58
CA GLU A 686 -6.94 62.09 8.84
C GLU A 686 -7.25 63.36 8.06
N ILE A 687 -7.58 63.18 6.79
CA ILE A 687 -7.88 64.31 5.91
C ILE A 687 -9.35 64.27 5.54
N CYS A 688 -9.80 63.15 4.98
CA CYS A 688 -11.15 63.02 4.49
C CYS A 688 -11.77 61.74 5.02
N VAL A 689 -13.09 61.75 5.18
CA VAL A 689 -13.85 60.56 5.51
C VAL A 689 -14.93 60.36 4.45
N ILE A 690 -14.95 59.16 3.86
CA ILE A 690 -15.93 58.81 2.83
C ILE A 690 -16.74 57.64 3.35
N GLU A 691 -18.06 57.78 3.35
CA GLU A 691 -18.90 56.72 3.87
C GLU A 691 -19.82 56.03 2.86
N ALA A 692 -19.72 54.70 2.82
CA ALA A 692 -20.54 53.84 1.99
C ALA A 692 -20.52 52.45 2.60
N MET A 693 -21.45 51.60 2.17
CA MET A 693 -21.52 50.23 2.68
C MET A 693 -21.46 50.23 4.19
N LYS A 694 -22.31 51.06 4.80
CA LYS A 694 -22.38 51.18 6.26
C LYS A 694 -20.99 51.18 6.89
N MET A 695 -20.04 51.89 6.29
CA MET A 695 -18.70 51.95 6.82
C MET A 695 -18.08 53.29 6.44
N GLN A 696 -17.31 53.85 7.38
CA GLN A 696 -16.62 55.11 7.14
C GLN A 696 -15.16 54.78 6.87
N ASN A 697 -14.71 55.06 5.65
CA ASN A 697 -13.33 54.82 5.24
C ASN A 697 -12.51 56.09 5.40
N SER A 698 -11.61 56.09 6.38
CA SER A 698 -10.83 57.28 6.66
C SER A 698 -9.59 57.32 5.78
N MET A 699 -9.41 58.44 5.08
CA MET A 699 -8.24 58.65 4.23
C MET A 699 -7.27 59.58 4.94
N THR A 700 -6.03 59.12 5.07
CA THR A 700 -5.00 59.85 5.79
C THR A 700 -3.92 60.35 4.83
N ALA A 701 -3.16 61.36 5.26
CA ALA A 701 -2.06 61.90 4.47
C ALA A 701 -0.81 61.05 4.63
N GLY A 702 -0.05 60.93 3.54
CA GLY A 702 1.27 60.33 3.62
C GLY A 702 2.42 61.32 3.61
N LYS A 703 2.12 62.60 3.75
CA LYS A 703 3.14 63.63 3.63
C LYS A 703 2.89 64.71 4.66
N THR A 704 3.98 65.22 5.25
CA THR A 704 3.88 66.34 6.18
C THR A 704 3.97 67.62 5.35
N GLY A 705 3.19 68.61 5.71
CA GLY A 705 3.16 69.88 5.00
C GLY A 705 1.91 70.64 5.30
N THR A 706 1.43 71.37 4.31
CA THR A 706 0.17 72.10 4.39
C THR A 706 -0.66 71.73 3.17
N VAL A 707 -1.97 71.96 3.24
CA VAL A 707 -2.83 71.64 2.12
C VAL A 707 -2.75 72.73 1.05
N LYS A 708 -2.63 72.31 -0.21
CA LYS A 708 -2.62 73.28 -1.30
C LYS A 708 -4.02 73.52 -1.84
N SER A 709 -4.80 72.45 -1.99
CA SER A 709 -6.15 72.57 -2.51
C SER A 709 -7.00 71.42 -1.99
N VAL A 710 -8.27 71.74 -1.71
CA VAL A 710 -9.25 70.73 -1.34
C VAL A 710 -10.20 70.63 -2.54
N HIS A 711 -10.19 69.47 -3.19
CA HIS A 711 -10.91 69.30 -4.45
C HIS A 711 -12.32 68.78 -4.27
N CYS A 712 -12.58 67.98 -3.23
CA CYS A 712 -13.92 67.48 -2.96
C CYS A 712 -14.36 67.91 -1.58
N GLN A 713 -15.60 68.38 -1.46
CA GLN A 713 -16.13 68.89 -0.21
C GLN A 713 -17.14 67.91 0.37
N ALA A 714 -17.43 68.06 1.66
CA ALA A 714 -18.46 67.26 2.32
C ALA A 714 -19.79 67.45 1.60
N GLY A 715 -20.49 66.34 1.31
CA GLY A 715 -21.74 66.41 0.57
C GLY A 715 -21.59 66.01 -0.88
N ASP A 716 -20.34 66.01 -1.36
CA ASP A 716 -20.04 65.62 -2.73
C ASP A 716 -19.99 64.10 -2.80
N THR A 717 -20.29 63.54 -3.97
CA THR A 717 -20.15 62.11 -4.19
C THR A 717 -18.93 61.82 -5.07
N VAL A 718 -18.09 60.87 -4.65
CA VAL A 718 -16.85 60.61 -5.37
C VAL A 718 -16.77 59.13 -5.72
N GLY A 719 -16.01 58.81 -6.76
CA GLY A 719 -15.74 57.44 -7.13
C GLY A 719 -14.33 57.01 -6.77
N GLU A 720 -13.99 55.80 -7.20
CA GLU A 720 -12.67 55.26 -6.94
C GLU A 720 -11.63 55.96 -7.80
N GLY A 721 -10.58 56.46 -7.16
CA GLY A 721 -9.52 57.16 -7.86
C GLY A 721 -9.70 58.66 -8.00
N ASP A 722 -10.86 59.21 -7.63
CA ASP A 722 -11.07 60.65 -7.72
C ASP A 722 -10.19 61.39 -6.72
N LEU A 723 -9.75 62.57 -7.13
CA LEU A 723 -8.87 63.39 -6.32
C LEU A 723 -9.66 64.10 -5.24
N LEU A 724 -9.24 63.93 -4.00
CA LEU A 724 -9.90 64.58 -2.86
C LEU A 724 -9.17 65.82 -2.40
N VAL A 725 -7.87 65.70 -2.12
CA VAL A 725 -7.09 66.81 -1.57
C VAL A 725 -5.69 66.75 -2.18
N GLU A 726 -5.09 67.93 -2.40
CA GLU A 726 -3.75 68.01 -2.94
C GLU A 726 -2.86 68.79 -1.97
N LEU A 727 -1.75 68.19 -1.59
CA LEU A 727 -0.85 68.78 -0.61
C LEU A 727 0.26 69.53 -1.34
N GLU A 728 0.90 70.43 -0.61
CA GLU A 728 2.10 71.10 -1.08
C GLU A 728 3.31 70.19 -0.94
N THR B 33 41.71 15.03 -33.00
CA THR B 33 40.93 15.48 -31.86
C THR B 33 40.47 14.32 -31.00
N SER B 34 40.83 14.35 -29.72
CA SER B 34 40.44 13.29 -28.81
C SER B 34 39.00 13.51 -28.34
N VAL B 35 38.41 12.47 -27.76
CA VAL B 35 37.07 12.61 -27.23
C VAL B 35 37.01 13.59 -26.07
N ASN B 36 38.07 13.66 -25.27
CA ASN B 36 38.12 14.59 -24.15
C ASN B 36 38.11 16.04 -24.61
N GLU B 37 38.74 16.32 -25.75
CA GLU B 37 38.75 17.67 -26.27
C GLU B 37 37.36 18.08 -26.74
N ARG B 38 36.67 17.15 -27.38
CA ARG B 38 35.33 17.40 -27.87
C ARG B 38 34.36 17.63 -26.70
N ILE B 39 34.54 16.87 -25.64
CA ILE B 39 33.74 16.99 -24.43
C ILE B 39 33.93 18.36 -23.79
N GLU B 40 35.19 18.78 -23.64
CA GLU B 40 35.50 20.09 -23.09
C GLU B 40 34.92 21.22 -23.94
N ASN B 41 34.97 21.07 -25.26
CA ASN B 41 34.41 22.10 -26.13
C ASN B 41 32.90 22.19 -26.00
N LYS B 42 32.24 21.07 -25.77
CA LYS B 42 30.79 21.07 -25.58
C LYS B 42 30.40 21.69 -24.23
N ARG B 43 31.23 21.46 -23.21
CA ARG B 43 30.99 21.98 -21.87
C ARG B 43 31.06 23.53 -21.95
N ARG B 44 32.10 24.05 -22.61
CA ARG B 44 32.27 25.49 -22.75
C ARG B 44 31.11 26.13 -23.52
N THR B 45 30.66 25.50 -24.60
CA THR B 45 29.50 26.02 -25.31
C THR B 45 28.22 25.92 -24.49
N ALA B 46 27.99 24.82 -23.77
CA ALA B 46 26.80 24.70 -22.96
C ALA B 46 26.71 25.82 -21.94
N LEU B 47 27.85 26.22 -21.37
CA LEU B 47 27.86 27.31 -20.41
C LEU B 47 27.57 28.65 -21.08
N LEU B 48 28.10 28.87 -22.27
CA LEU B 48 27.78 30.11 -22.97
C LEU B 48 26.35 30.10 -23.50
N GLY B 49 25.82 28.93 -23.81
CA GLY B 49 24.45 28.85 -24.31
C GLY B 49 24.33 29.49 -25.69
N GLY B 50 23.60 30.59 -25.76
CA GLY B 50 23.42 31.32 -26.99
C GLY B 50 24.62 32.13 -27.44
N GLY B 51 25.66 32.19 -26.64
CA GLY B 51 26.85 32.93 -27.01
C GLY B 51 27.01 34.19 -26.19
N GLN B 52 28.26 34.66 -26.10
CA GLN B 52 28.62 35.79 -25.26
C GLN B 52 27.92 37.08 -25.68
N ARG B 53 27.71 37.27 -26.98
CA ARG B 53 27.07 38.50 -27.44
C ARG B 53 25.60 38.55 -27.02
N ARG B 54 24.96 37.39 -27.01
CA ARG B 54 23.58 37.28 -26.56
C ARG B 54 23.58 37.56 -25.06
N ILE B 55 24.51 36.95 -24.34
CA ILE B 55 24.61 37.16 -22.90
C ILE B 55 24.81 38.65 -22.59
N ASP B 56 25.68 39.30 -23.35
CA ASP B 56 25.86 40.75 -23.20
C ASP B 56 24.54 41.49 -23.35
N ALA B 57 23.75 41.16 -24.37
CA ALA B 57 22.44 41.79 -24.54
C ALA B 57 21.51 41.45 -23.38
N GLN B 58 21.59 40.22 -22.88
CA GLN B 58 20.77 39.79 -21.74
C GLN B 58 20.97 40.72 -20.55
N HIS B 59 22.22 41.08 -20.28
CA HIS B 59 22.53 42.01 -19.19
C HIS B 59 22.14 43.44 -19.50
N LYS B 60 22.28 43.85 -20.77
CA LYS B 60 21.92 45.20 -21.17
C LYS B 60 20.45 45.47 -20.89
N ARG B 61 19.63 44.47 -21.11
CA ARG B 61 18.21 44.63 -20.85
C ARG B 61 17.89 44.61 -19.37
N GLY B 62 18.85 44.22 -18.54
CA GLY B 62 18.60 44.14 -17.11
C GLY B 62 18.15 42.78 -16.61
N LYS B 63 18.54 41.72 -17.31
CA LYS B 63 18.14 40.36 -16.97
C LYS B 63 19.38 39.54 -16.69
N LEU B 64 19.22 38.52 -15.84
CA LEU B 64 20.29 37.57 -15.56
C LEU B 64 20.14 36.39 -16.50
N THR B 65 21.21 35.62 -16.66
CA THR B 65 21.03 34.46 -17.49
C THR B 65 20.38 33.34 -16.66
N ALA B 66 19.94 32.29 -17.35
CA ALA B 66 19.32 31.13 -16.73
C ALA B 66 20.24 30.46 -15.72
N ARG B 67 21.53 30.36 -16.03
CA ARG B 67 22.46 29.76 -15.08
C ARG B 67 22.77 30.70 -13.91
N GLU B 68 22.85 32.01 -14.14
CA GLU B 68 23.07 32.92 -13.03
C GLU B 68 21.89 32.90 -12.07
N ARG B 69 20.67 32.81 -12.60
CA ARG B 69 19.49 32.72 -11.75
C ARG B 69 19.53 31.46 -10.88
N ILE B 70 19.92 30.33 -11.44
CA ILE B 70 19.98 29.16 -10.56
C ILE B 70 21.03 29.31 -9.48
N SER B 71 22.21 29.82 -9.81
CA SER B 71 23.26 29.97 -8.80
C SER B 71 22.78 30.81 -7.61
N LEU B 72 21.98 31.83 -7.87
CA LEU B 72 21.41 32.62 -6.80
C LEU B 72 20.36 31.86 -6.01
N LEU B 73 19.55 31.06 -6.68
CA LEU B 73 18.41 30.43 -6.02
C LEU B 73 18.84 29.33 -5.06
N LEU B 74 19.76 28.48 -5.47
CA LEU B 74 20.08 27.28 -4.71
C LEU B 74 21.29 27.49 -3.83
N ASP B 75 21.38 26.65 -2.80
CA ASP B 75 22.53 26.62 -1.94
C ASP B 75 23.81 26.49 -2.78
N PRO B 76 24.85 27.27 -2.47
CA PRO B 76 26.08 27.20 -3.26
C PRO B 76 26.62 25.80 -3.37
N GLY B 77 26.88 25.36 -4.59
CA GLY B 77 27.52 24.08 -4.82
C GLY B 77 26.58 22.91 -4.80
N SER B 78 25.31 23.13 -4.52
CA SER B 78 24.35 22.05 -4.41
C SER B 78 23.74 21.63 -5.73
N PHE B 79 23.92 22.40 -6.78
CA PHE B 79 23.23 22.16 -8.04
C PHE B 79 23.98 21.12 -8.87
N VAL B 80 23.25 20.11 -9.35
CA VAL B 80 23.81 19.13 -10.27
C VAL B 80 22.99 19.16 -11.56
N GLU B 81 23.67 19.48 -12.66
CA GLU B 81 23.06 19.61 -13.97
C GLU B 81 22.91 18.25 -14.63
N SER B 82 21.76 18.04 -15.27
CA SER B 82 21.46 16.81 -15.97
C SER B 82 21.35 17.11 -17.45
N ASP B 83 21.67 16.10 -18.28
CA ASP B 83 21.46 16.11 -19.73
C ASP B 83 22.05 17.36 -20.39
N MET B 84 23.24 17.76 -19.96
CA MET B 84 23.82 18.98 -20.50
C MET B 84 24.24 18.81 -21.96
N PHE B 85 24.38 17.58 -22.43
CA PHE B 85 24.88 17.34 -23.78
C PHE B 85 23.79 16.97 -24.77
N VAL B 86 22.55 17.13 -24.41
CA VAL B 86 21.46 16.78 -25.30
C VAL B 86 21.23 17.90 -26.31
N GLU B 87 21.08 17.49 -27.58
CA GLU B 87 20.81 18.42 -28.67
C GLU B 87 19.58 17.97 -29.43
N HIS B 88 18.97 18.91 -30.14
CA HIS B 88 17.80 18.60 -30.96
C HIS B 88 18.15 17.65 -32.09
N ARG B 89 17.14 16.91 -32.55
CA ARG B 89 17.32 15.96 -33.63
C ARG B 89 16.62 16.40 -34.91
N CYS B 90 16.08 17.61 -34.92
CA CYS B 90 15.40 18.10 -36.11
C CYS B 90 16.43 18.52 -37.16
N ALA B 91 16.24 18.01 -38.38
CA ALA B 91 17.16 18.31 -39.46
C ALA B 91 16.55 19.21 -40.53
N ASP B 92 15.26 19.50 -40.46
CA ASP B 92 14.55 20.22 -41.49
C ASP B 92 14.76 21.71 -41.30
N PHE B 93 14.52 22.48 -42.37
CA PHE B 93 14.61 23.95 -42.41
C PHE B 93 15.97 24.47 -41.96
N GLY B 94 17.03 23.70 -42.22
CA GLY B 94 18.36 24.14 -41.88
C GLY B 94 18.75 23.88 -40.44
N MET B 95 17.90 23.20 -39.68
CA MET B 95 18.17 22.89 -38.28
C MET B 95 19.33 21.94 -38.13
N ALA B 96 19.77 21.32 -39.22
CA ALA B 96 20.92 20.41 -39.21
C ALA B 96 22.23 21.18 -39.26
N ALA B 97 22.18 22.49 -39.42
CA ALA B 97 23.39 23.27 -39.52
C ALA B 97 24.10 23.34 -38.18
N ASP B 98 25.42 23.39 -38.24
CA ASP B 98 26.21 23.46 -37.03
C ASP B 98 25.88 24.69 -36.21
N LYS B 99 25.49 25.79 -36.87
CA LYS B 99 25.17 27.04 -36.18
C LYS B 99 23.97 26.92 -35.25
N ASN B 100 23.16 25.88 -35.42
CA ASN B 100 21.94 25.70 -34.63
C ASN B 100 22.13 24.69 -33.50
N LYS B 101 23.29 24.06 -33.40
CA LYS B 101 23.52 22.97 -32.46
C LYS B 101 23.97 23.57 -31.13
N PHE B 102 23.00 23.93 -30.31
CA PHE B 102 23.27 24.50 -28.99
C PHE B 102 23.08 23.44 -27.91
N PRO B 103 24.16 22.94 -27.31
CA PRO B 103 23.98 21.94 -26.25
C PRO B 103 23.08 22.50 -25.15
N GLY B 104 22.19 21.66 -24.68
CA GLY B 104 21.25 22.08 -23.64
C GLY B 104 19.90 22.43 -24.18
N ASP B 105 19.82 22.75 -25.47
CA ASP B 105 18.59 23.03 -26.21
C ASP B 105 17.62 23.90 -25.39
N SER B 106 18.17 25.02 -24.94
CA SER B 106 17.46 26.17 -24.37
C SER B 106 16.87 25.95 -22.99
N VAL B 107 17.25 24.90 -22.25
CA VAL B 107 16.82 24.76 -20.88
C VAL B 107 18.00 24.26 -20.06
N VAL B 108 18.08 24.74 -18.82
CA VAL B 108 19.00 24.23 -17.83
C VAL B 108 18.18 23.47 -16.81
N THR B 109 18.49 22.19 -16.63
CA THR B 109 17.75 21.34 -15.72
C THR B 109 18.69 20.72 -14.71
N GLY B 110 18.18 20.43 -13.53
CA GLY B 110 19.00 19.74 -12.55
C GLY B 110 18.35 19.78 -11.18
N ARG B 111 19.12 19.35 -10.19
CA ARG B 111 18.60 19.28 -8.83
C ARG B 111 19.55 19.96 -7.86
N GLY B 112 19.00 20.37 -6.73
CA GLY B 112 19.81 20.92 -5.67
C GLY B 112 19.04 20.98 -4.38
N ARG B 113 19.49 21.88 -3.50
CA ARG B 113 18.89 22.08 -2.20
C ARG B 113 18.76 23.56 -1.90
N ILE B 114 17.74 23.92 -1.13
CA ILE B 114 17.62 25.24 -0.55
C ILE B 114 17.56 25.02 0.95
N ASN B 115 18.57 25.55 1.66
CA ASN B 115 18.77 25.38 3.10
C ASN B 115 18.79 23.92 3.52
N GLY B 116 19.44 23.08 2.72
CA GLY B 116 19.52 21.68 3.02
C GLY B 116 18.35 20.85 2.55
N ARG B 117 17.30 21.45 1.99
CA ARG B 117 16.13 20.69 1.60
C ARG B 117 16.12 20.47 0.10
N LEU B 118 15.86 19.24 -0.30
CA LEU B 118 15.91 18.85 -1.70
C LEU B 118 14.84 19.58 -2.51
N VAL B 119 15.24 20.11 -3.67
CA VAL B 119 14.30 20.70 -4.60
C VAL B 119 14.83 20.48 -6.00
N TYR B 120 13.92 20.31 -6.95
CA TYR B 120 14.24 20.21 -8.37
C TYR B 120 13.94 21.54 -9.04
N VAL B 121 14.77 21.93 -10.00
CA VAL B 121 14.57 23.17 -10.72
C VAL B 121 14.76 22.95 -12.21
N PHE B 122 14.24 23.89 -12.99
CA PHE B 122 14.64 24.07 -14.37
C PHE B 122 14.48 25.53 -14.71
N SER B 123 15.25 25.99 -15.69
CA SER B 123 15.19 27.39 -16.07
C SER B 123 15.30 27.46 -17.59
N GLN B 124 14.44 28.23 -18.21
CA GLN B 124 14.45 28.39 -19.66
C GLN B 124 15.42 29.49 -20.05
N ASP B 125 16.21 29.23 -21.10
CA ASP B 125 17.26 30.13 -21.54
C ASP B 125 16.80 30.88 -22.78
N PHE B 126 16.55 32.18 -22.63
CA PHE B 126 16.01 32.99 -23.71
C PHE B 126 17.01 33.24 -24.83
N THR B 127 18.30 33.00 -24.59
CA THR B 127 19.29 33.39 -25.59
C THR B 127 19.46 32.32 -26.67
N VAL B 128 18.80 31.18 -26.50
CA VAL B 128 18.92 30.09 -27.47
C VAL B 128 17.59 29.89 -28.16
N PHE B 129 17.52 30.27 -29.43
CA PHE B 129 16.29 30.34 -30.24
C PHE B 129 15.17 31.11 -29.57
N GLY B 130 15.49 32.12 -28.76
CA GLY B 130 14.45 32.90 -28.12
C GLY B 130 13.77 32.20 -26.97
N GLY B 131 14.32 31.08 -26.52
CA GLY B 131 13.73 30.32 -25.42
C GLY B 131 12.55 29.48 -25.88
N SER B 132 12.40 29.33 -27.19
CA SER B 132 11.27 28.60 -27.76
C SER B 132 11.32 27.12 -27.37
N LEU B 133 10.17 26.48 -27.36
CA LEU B 133 10.06 25.10 -26.88
C LEU B 133 10.19 24.11 -28.03
N SER B 134 11.11 23.16 -27.89
CA SER B 134 11.26 22.09 -28.85
C SER B 134 10.77 20.79 -28.25
N GLY B 135 10.76 19.73 -29.06
CA GLY B 135 10.47 18.41 -28.53
C GLY B 135 11.42 18.04 -27.41
N ALA B 136 12.72 18.07 -27.70
CA ALA B 136 13.72 17.73 -26.70
C ALA B 136 13.67 18.66 -25.48
N HIS B 137 13.36 19.93 -25.71
CA HIS B 137 13.17 20.90 -24.62
C HIS B 137 12.17 20.38 -23.59
N ALA B 138 11.00 19.98 -24.05
CA ALA B 138 9.96 19.50 -23.16
C ALA B 138 10.36 18.20 -22.49
N GLN B 139 11.06 17.37 -23.24
CA GLN B 139 11.42 16.07 -22.74
C GLN B 139 12.26 16.20 -21.47
N LYS B 140 13.19 17.13 -21.50
CA LYS B 140 14.07 17.38 -20.35
C LYS B 140 13.29 17.90 -19.16
N ILE B 141 12.34 18.81 -19.41
CA ILE B 141 11.50 19.30 -18.34
C ILE B 141 10.65 18.17 -17.76
N CYS B 142 10.09 17.30 -18.62
CA CYS B 142 9.29 16.18 -18.15
C CYS B 142 10.08 15.22 -17.28
N LYS B 143 11.33 14.99 -17.67
CA LYS B 143 12.23 14.15 -16.91
C LYS B 143 12.32 14.68 -15.49
N ILE B 144 12.48 16.00 -15.33
CA ILE B 144 12.55 16.55 -13.97
C ILE B 144 11.24 16.36 -13.22
N MET B 145 10.14 16.56 -13.93
CA MET B 145 8.80 16.39 -13.40
C MET B 145 8.55 14.98 -12.89
N ASP B 146 9.10 13.99 -13.56
CA ASP B 146 8.97 12.59 -13.15
C ASP B 146 9.85 12.24 -11.98
N GLN B 147 11.07 12.75 -11.90
CA GLN B 147 11.89 12.41 -10.76
C GLN B 147 11.33 13.06 -9.51
N ALA B 148 10.88 14.29 -9.63
CA ALA B 148 10.34 14.98 -8.46
C ALA B 148 9.10 14.30 -7.92
N ILE B 149 8.22 13.83 -8.80
CA ILE B 149 7.02 13.16 -8.32
C ILE B 149 7.39 11.86 -7.62
N THR B 150 8.33 11.09 -8.21
CA THR B 150 8.71 9.80 -7.64
C THR B 150 9.31 9.96 -6.25
N VAL B 151 10.22 10.93 -6.06
CA VAL B 151 10.81 11.04 -4.73
C VAL B 151 9.97 11.88 -3.78
N GLY B 152 9.19 12.83 -4.28
CA GLY B 152 8.44 13.70 -3.42
C GLY B 152 9.16 14.97 -3.03
N ALA B 153 9.61 15.74 -4.02
CA ALA B 153 10.34 16.98 -3.84
C ALA B 153 9.66 18.05 -4.67
N PRO B 154 9.65 19.30 -4.23
CA PRO B 154 9.03 20.36 -5.03
C PRO B 154 9.79 20.60 -6.30
N VAL B 155 9.10 21.22 -7.26
CA VAL B 155 9.71 21.67 -8.51
C VAL B 155 9.49 23.17 -8.60
N ILE B 156 10.56 23.92 -8.85
CA ILE B 156 10.49 25.35 -9.09
C ILE B 156 10.96 25.60 -10.51
N GLY B 157 10.08 26.16 -11.33
CA GLY B 157 10.40 26.50 -12.71
C GLY B 157 10.64 28.00 -12.83
N LEU B 158 11.62 28.36 -13.66
CA LEU B 158 11.89 29.76 -14.01
C LEU B 158 11.58 29.89 -15.49
N ASN B 159 10.45 30.50 -15.82
CA ASN B 159 9.95 30.47 -17.18
C ASN B 159 10.26 31.76 -17.92
N ASP B 160 10.63 31.60 -19.18
CA ASP B 160 10.97 32.66 -20.12
C ASP B 160 11.02 32.04 -21.50
N SER B 161 10.04 32.33 -22.34
CA SER B 161 9.94 31.64 -23.63
C SER B 161 9.21 32.49 -24.65
N GLY B 162 9.51 32.28 -25.92
CA GLY B 162 8.89 33.05 -26.97
C GLY B 162 7.75 32.25 -27.57
N GLY B 163 7.54 31.07 -27.00
CA GLY B 163 6.52 30.17 -27.50
C GLY B 163 7.08 28.95 -28.20
N ALA B 164 6.25 28.33 -29.02
CA ALA B 164 6.62 27.10 -29.71
C ALA B 164 7.69 27.38 -30.74
N ARG B 165 8.57 26.40 -30.96
CA ARG B 165 9.60 26.48 -32.00
C ARG B 165 8.96 25.99 -33.29
N ILE B 166 8.64 26.93 -34.19
CA ILE B 166 7.89 26.61 -35.40
C ILE B 166 8.68 25.79 -36.41
N GLN B 167 10.00 25.74 -36.26
CA GLN B 167 10.78 24.97 -37.21
C GLN B 167 10.49 23.47 -37.07
N GLU B 168 10.12 23.02 -35.88
CA GLU B 168 9.80 21.62 -35.70
C GLU B 168 8.32 21.34 -35.95
N GLY B 169 7.48 22.33 -35.80
CA GLY B 169 6.07 22.19 -36.15
C GLY B 169 5.26 21.60 -35.01
N VAL B 170 4.83 20.35 -35.17
CA VAL B 170 3.89 19.71 -34.25
C VAL B 170 4.59 18.99 -33.12
N GLU B 171 5.91 18.86 -33.22
CA GLU B 171 6.68 18.23 -32.17
C GLU B 171 6.60 19.03 -30.88
N SER B 172 6.62 20.35 -30.98
CA SER B 172 6.56 21.22 -29.82
C SER B 172 5.16 21.21 -29.20
N LEU B 173 4.13 20.95 -29.99
CA LEU B 173 2.79 20.86 -29.43
C LEU B 173 2.64 19.62 -28.55
N ALA B 174 3.22 18.50 -28.98
CA ALA B 174 3.30 17.35 -28.09
C ALA B 174 4.13 17.64 -26.84
N GLY B 175 5.18 18.45 -26.98
CA GLY B 175 5.94 18.85 -25.81
C GLY B 175 5.08 19.49 -24.74
N TYR B 176 4.28 20.48 -25.12
CA TYR B 176 3.34 21.14 -24.20
C TYR B 176 2.37 20.17 -23.56
N ALA B 177 1.80 19.27 -24.35
CA ALA B 177 0.86 18.31 -23.81
C ALA B 177 1.48 17.42 -22.75
N ASP B 178 2.72 16.97 -22.97
CA ASP B 178 3.38 16.13 -21.97
C ASP B 178 3.68 16.90 -20.69
N ILE B 179 4.09 18.17 -20.83
CA ILE B 179 4.33 19.00 -19.63
C ILE B 179 3.03 19.22 -18.87
N PHE B 180 1.95 19.50 -19.59
CA PHE B 180 0.66 19.72 -18.95
C PHE B 180 0.21 18.49 -18.18
N LEU B 181 0.41 17.33 -18.77
CA LEU B 181 0.05 16.08 -18.11
C LEU B 181 0.82 15.89 -16.82
N ARG B 182 2.12 16.22 -16.82
CA ARG B 182 2.86 16.10 -15.55
C ARG B 182 2.40 17.12 -14.52
N ASN B 183 2.09 18.35 -14.95
CA ASN B 183 1.67 19.38 -14.03
C ASN B 183 0.34 19.06 -13.39
N VAL B 184 -0.54 18.40 -14.12
CA VAL B 184 -1.79 17.96 -13.52
C VAL B 184 -1.55 16.79 -12.60
N THR B 185 -0.76 15.81 -13.03
CA THR B 185 -0.47 14.65 -12.19
C THR B 185 0.18 15.07 -10.86
N ALA B 186 1.08 16.03 -10.89
CA ALA B 186 1.75 16.44 -9.66
C ALA B 186 0.87 17.23 -8.71
N SER B 187 -0.32 17.66 -9.12
CA SER B 187 -1.14 18.53 -8.28
C SER B 187 -1.56 17.80 -7.02
N GLY B 188 -1.31 18.40 -5.87
CA GLY B 188 -1.64 17.81 -4.60
C GLY B 188 -0.64 16.79 -4.14
N VAL B 189 0.44 16.60 -4.88
CA VAL B 189 1.48 15.63 -4.56
C VAL B 189 2.77 16.33 -4.15
N ILE B 190 3.23 17.26 -4.97
CA ILE B 190 4.40 18.07 -4.65
C ILE B 190 4.03 19.52 -4.91
N PRO B 191 4.58 20.50 -4.18
CA PRO B 191 4.31 21.89 -4.52
C PRO B 191 4.88 22.20 -5.88
N GLN B 192 4.17 23.03 -6.63
CA GLN B 192 4.69 23.50 -7.91
C GLN B 192 4.67 25.02 -7.92
N ILE B 193 5.84 25.61 -8.06
CA ILE B 193 6.05 27.04 -8.03
C ILE B 193 6.58 27.47 -9.39
N SER B 194 5.99 28.50 -9.97
CA SER B 194 6.47 29.01 -11.24
C SER B 194 6.76 30.50 -11.14
N LEU B 195 8.01 30.86 -11.37
CA LEU B 195 8.44 32.26 -11.35
C LEU B 195 8.71 32.68 -12.78
N ILE B 196 8.06 33.74 -13.22
CA ILE B 196 8.20 34.22 -14.59
C ILE B 196 9.27 35.28 -14.60
N MET B 197 10.27 35.11 -15.46
CA MET B 197 11.42 36.00 -15.45
C MET B 197 11.57 36.72 -16.78
N GLY B 198 10.54 36.71 -17.61
CA GLY B 198 10.59 37.34 -18.91
C GLY B 198 9.27 37.13 -19.64
N PRO B 199 9.26 37.37 -20.94
CA PRO B 199 8.01 37.20 -21.67
C PRO B 199 7.63 35.74 -21.79
N CYS B 200 6.35 35.46 -22.03
CA CYS B 200 5.84 34.11 -22.17
C CYS B 200 4.64 34.16 -23.11
N ALA B 201 4.69 33.38 -24.17
CA ALA B 201 3.67 33.46 -25.21
C ALA B 201 3.35 32.08 -25.71
N GLY B 202 2.19 31.96 -26.35
CA GLY B 202 1.72 30.68 -26.82
C GLY B 202 1.35 29.75 -25.68
N GLY B 203 1.48 28.46 -25.96
CA GLY B 203 1.10 27.42 -25.01
C GLY B 203 1.84 27.48 -23.70
N ALA B 204 3.03 28.11 -23.67
CA ALA B 204 3.83 28.16 -22.45
C ALA B 204 3.10 28.88 -21.33
N VAL B 205 2.20 29.81 -21.69
CA VAL B 205 1.49 30.67 -20.74
C VAL B 205 0.50 29.89 -19.90
N TYR B 206 0.23 28.64 -20.27
CA TYR B 206 -0.69 27.83 -19.47
C TYR B 206 -0.01 27.07 -18.35
N SER B 207 1.31 26.82 -18.42
CA SER B 207 1.86 26.09 -17.27
C SER B 207 1.66 26.81 -15.93
N PRO B 208 1.88 28.13 -15.77
CA PRO B 208 1.57 28.73 -14.47
C PRO B 208 0.13 28.60 -14.04
N ALA B 209 -0.78 28.29 -14.95
CA ALA B 209 -2.17 28.07 -14.55
C ALA B 209 -2.36 26.74 -13.87
N LEU B 210 -1.45 25.80 -14.08
CA LEU B 210 -1.56 24.49 -13.45
C LEU B 210 -0.75 24.39 -12.17
N THR B 211 0.30 25.20 -12.02
CA THR B 211 1.05 25.19 -10.78
C THR B 211 0.32 25.95 -9.69
N ASP B 212 0.86 25.86 -8.48
CA ASP B 212 0.23 26.42 -7.29
C ASP B 212 0.40 27.91 -7.06
N PHE B 213 1.58 28.44 -7.38
CA PHE B 213 1.79 29.87 -7.23
C PHE B 213 2.51 30.37 -8.47
N THR B 214 2.15 31.57 -8.90
CA THR B 214 2.82 32.21 -10.02
C THR B 214 3.37 33.54 -9.55
N PHE B 215 4.65 33.79 -9.79
CA PHE B 215 5.25 35.05 -9.40
C PHE B 215 5.85 35.71 -10.63
N MET B 216 5.98 37.04 -10.60
CA MET B 216 6.50 37.76 -11.74
C MET B 216 7.53 38.78 -11.28
N VAL B 217 8.19 39.38 -12.27
CA VAL B 217 9.17 40.45 -12.06
C VAL B 217 8.64 41.69 -12.74
N LYS B 218 8.55 42.79 -11.98
CA LYS B 218 7.94 44.01 -12.49
C LYS B 218 8.69 44.52 -13.69
N ASP B 219 7.93 44.88 -14.74
CA ASP B 219 8.42 45.52 -15.97
C ASP B 219 9.39 44.64 -16.76
N THR B 220 9.52 43.37 -16.41
CA THR B 220 10.40 42.45 -17.12
C THR B 220 9.63 41.26 -17.65
N SER B 221 8.67 40.74 -16.90
CA SER B 221 7.95 39.54 -17.23
C SER B 221 6.59 39.87 -17.79
N TYR B 222 6.10 39.00 -18.68
CA TYR B 222 4.80 39.16 -19.30
C TYR B 222 4.10 37.81 -19.34
N LEU B 223 2.78 37.84 -19.32
CA LEU B 223 1.98 36.64 -19.56
C LEU B 223 0.85 36.98 -20.51
N PHE B 224 0.90 36.37 -21.70
CA PHE B 224 -0.14 36.54 -22.71
C PHE B 224 -0.14 35.34 -23.65
N ILE B 225 -1.23 35.14 -24.37
CA ILE B 225 -1.26 34.08 -25.38
C ILE B 225 -0.79 34.62 -26.72
N THR B 226 -1.37 35.74 -27.16
CA THR B 226 -0.98 36.43 -28.37
C THR B 226 -0.52 37.84 -28.02
N GLY B 227 0.38 38.38 -28.86
CA GLY B 227 0.94 39.68 -28.63
C GLY B 227 0.04 40.80 -29.14
N PRO B 228 0.44 42.04 -28.86
CA PRO B 228 -0.34 43.19 -29.34
C PRO B 228 -0.53 43.20 -30.84
N ASP B 229 0.39 42.57 -31.59
CA ASP B 229 0.31 42.52 -33.04
C ASP B 229 -0.95 41.82 -33.50
N VAL B 230 -1.36 40.78 -32.77
CA VAL B 230 -2.58 40.06 -33.12
C VAL B 230 -3.80 40.84 -32.69
N VAL B 231 -3.76 41.45 -31.50
CA VAL B 231 -4.93 42.22 -31.06
C VAL B 231 -5.23 43.32 -32.08
N LYS B 232 -4.21 44.04 -32.55
CA LYS B 232 -4.44 45.11 -33.52
C LYS B 232 -4.96 44.57 -34.84
N SER B 233 -4.48 43.38 -35.25
CA SER B 233 -4.86 42.84 -36.54
C SER B 233 -6.28 42.27 -36.52
N VAL B 234 -6.72 41.78 -35.36
CA VAL B 234 -8.01 41.10 -35.28
C VAL B 234 -9.12 42.10 -34.99
N THR B 235 -8.89 42.99 -34.04
CA THR B 235 -9.92 43.92 -33.57
C THR B 235 -9.34 45.33 -33.52
N ASN B 236 -10.21 46.33 -33.61
CA ASN B 236 -9.77 47.72 -33.64
C ASN B 236 -9.50 48.26 -32.23
N GLU B 237 -8.50 47.71 -31.56
CA GLU B 237 -8.14 48.09 -30.20
C GLU B 237 -6.65 48.38 -30.16
N ASP B 238 -6.26 49.45 -29.48
CA ASP B 238 -4.86 49.81 -29.32
C ASP B 238 -4.23 49.47 -27.96
N VAL B 239 -3.26 48.57 -27.96
CA VAL B 239 -2.61 48.13 -26.72
C VAL B 239 -1.10 47.87 -26.87
N THR B 240 -0.35 48.17 -25.83
CA THR B 240 1.08 47.87 -25.77
C THR B 240 1.42 46.63 -24.94
N GLN B 241 2.70 46.30 -24.89
CA GLN B 241 3.12 45.01 -24.32
C GLN B 241 2.80 44.93 -22.84
N GLU B 242 3.03 46.04 -22.14
CA GLU B 242 2.82 46.08 -20.70
C GLU B 242 1.33 46.07 -20.36
N GLU B 243 0.53 46.78 -21.15
CA GLU B 243 -0.90 46.84 -20.91
C GLU B 243 -1.57 45.50 -21.17
N LEU B 244 -1.08 44.76 -22.16
CA LEU B 244 -1.72 43.51 -22.55
C LEU B 244 -1.42 42.40 -21.55
N GLY B 245 -0.16 42.28 -21.15
CA GLY B 245 0.21 41.17 -20.30
C GLY B 245 1.32 41.45 -19.31
N GLY B 246 1.46 42.70 -18.88
CA GLY B 246 2.50 43.08 -17.95
C GLY B 246 2.23 42.58 -16.54
N ALA B 247 3.30 42.55 -15.74
CA ALA B 247 3.23 42.11 -14.35
C ALA B 247 2.26 42.93 -13.51
N LYS B 248 2.15 44.23 -13.76
CA LYS B 248 1.27 45.07 -12.99
C LYS B 248 -0.19 44.73 -13.23
N THR B 249 -0.52 44.35 -14.47
CA THR B 249 -1.89 43.98 -14.82
C THR B 249 -2.31 42.71 -14.09
N HIS B 250 -1.45 41.71 -14.10
CA HIS B 250 -1.77 40.39 -13.55
C HIS B 250 -1.72 40.32 -12.02
N THR B 251 -0.94 41.18 -11.40
CA THR B 251 -0.96 41.28 -9.95
C THR B 251 -1.99 42.27 -9.41
N THR B 252 -2.49 43.20 -10.24
CA THR B 252 -3.45 44.14 -9.70
C THR B 252 -4.88 43.91 -10.18
N MET B 253 -5.04 43.50 -11.43
CA MET B 253 -6.38 43.40 -11.96
C MET B 253 -6.96 42.05 -12.39
N SER B 254 -6.17 41.20 -13.03
CA SER B 254 -6.74 39.96 -13.52
C SER B 254 -6.70 38.86 -12.46
N GLY B 255 -5.86 39.01 -11.45
CA GLY B 255 -5.77 37.99 -10.43
C GLY B 255 -5.04 36.74 -10.87
N VAL B 256 -4.06 36.87 -11.75
CA VAL B 256 -3.37 35.70 -12.28
C VAL B 256 -2.06 35.49 -11.54
N ALA B 257 -1.33 36.56 -11.28
CA ALA B 257 -0.03 36.46 -10.63
C ALA B 257 -0.14 36.79 -9.15
N HIS B 258 0.49 35.97 -8.33
CA HIS B 258 0.37 36.08 -6.89
C HIS B 258 1.19 37.21 -6.29
N ARG B 259 2.29 37.57 -6.93
CA ARG B 259 3.07 38.72 -6.53
C ARG B 259 4.18 39.05 -7.51
N ALA B 260 4.44 40.32 -7.74
CA ALA B 260 5.55 40.73 -8.57
C ALA B 260 6.63 41.34 -7.70
N PHE B 261 7.88 41.10 -8.06
CA PHE B 261 9.03 41.60 -7.32
C PHE B 261 9.80 42.57 -8.22
N GLU B 262 10.54 43.48 -7.59
CA GLU B 262 11.10 44.62 -8.32
C GLU B 262 12.11 44.20 -9.38
N ASN B 263 12.95 43.22 -9.07
CA ASN B 263 14.01 42.84 -10.00
C ASN B 263 14.38 41.38 -9.78
N ASP B 264 15.31 40.89 -10.59
CA ASP B 264 15.67 39.47 -10.57
C ASP B 264 16.30 39.05 -9.25
N VAL B 265 17.12 39.91 -8.64
CA VAL B 265 17.86 39.50 -7.45
C VAL B 265 16.94 39.42 -6.24
N ASP B 266 16.07 40.42 -6.10
CA ASP B 266 15.08 40.44 -5.02
C ASP B 266 14.03 39.36 -5.19
N ALA B 267 13.68 39.05 -6.44
CA ALA B 267 12.70 38.01 -6.72
C ALA B 267 13.19 36.66 -6.24
N LEU B 268 14.45 36.34 -6.46
CA LEU B 268 14.95 35.05 -6.00
C LEU B 268 15.23 35.02 -4.51
N CYS B 269 15.59 36.17 -3.92
CA CYS B 269 15.76 36.21 -2.47
C CYS B 269 14.45 35.95 -1.75
N ASN B 270 13.36 36.55 -2.23
CA ASN B 270 12.06 36.29 -1.64
C ASN B 270 11.57 34.89 -1.94
N LEU B 271 11.97 34.32 -3.08
CA LEU B 271 11.58 32.97 -3.40
C LEU B 271 12.20 31.96 -2.45
N ARG B 272 13.47 32.15 -2.07
CA ARG B 272 14.08 31.27 -1.07
C ARG B 272 13.30 31.32 0.24
N ASP B 273 12.92 32.53 0.68
CA ASP B 273 12.15 32.68 1.90
C ASP B 273 10.77 32.03 1.79
N PHE B 274 10.10 32.20 0.66
CA PHE B 274 8.81 31.54 0.46
C PHE B 274 8.96 30.03 0.50
N PHE B 275 9.97 29.49 -0.19
CA PHE B 275 10.21 28.05 -0.18
C PHE B 275 10.23 27.49 1.23
N ASN B 276 10.85 28.21 2.17
CA ASN B 276 11.00 27.64 3.50
C ASN B 276 9.69 27.39 4.23
N TYR B 277 8.54 27.86 3.73
CA TYR B 277 7.27 27.66 4.40
C TYR B 277 6.65 26.29 4.14
N LEU B 278 6.89 25.70 2.98
CA LEU B 278 6.11 24.61 2.40
C LEU B 278 6.74 23.27 2.70
N PRO B 279 5.93 22.21 2.82
CA PRO B 279 6.49 20.87 2.94
C PRO B 279 7.06 20.42 1.59
N LEU B 280 7.85 19.35 1.64
CA LEU B 280 8.40 18.86 0.39
C LEU B 280 7.38 18.09 -0.44
N SER B 281 6.42 17.44 0.21
CA SER B 281 5.39 16.68 -0.47
C SER B 281 4.12 16.72 0.37
N SER B 282 3.01 16.33 -0.25
CA SER B 282 1.76 16.32 0.49
C SER B 282 1.71 15.18 1.50
N GLN B 283 2.68 14.28 1.48
CA GLN B 283 2.71 13.21 2.46
C GLN B 283 3.35 13.67 3.76
N ASP B 284 3.90 14.85 3.77
CA ASP B 284 4.62 15.37 4.91
C ASP B 284 3.76 16.35 5.69
N PRO B 285 3.97 16.43 7.00
CA PRO B 285 3.27 17.45 7.79
C PRO B 285 3.85 18.83 7.52
N ALA B 286 3.12 19.87 7.88
CA ALA B 286 3.64 21.23 7.78
C ALA B 286 4.99 21.31 8.47
N PRO B 287 6.02 21.86 7.85
CA PRO B 287 7.33 21.93 8.49
C PRO B 287 7.27 22.70 9.81
N VAL B 288 8.12 22.30 10.73
CA VAL B 288 8.29 22.95 12.01
C VAL B 288 9.73 23.40 12.12
N ARG B 289 9.95 24.68 12.42
CA ARG B 289 11.29 25.20 12.51
C ARG B 289 11.60 25.78 13.87
N GLU B 290 12.89 25.84 14.21
CA GLU B 290 13.34 26.47 15.44
C GLU B 290 12.69 27.85 15.59
N CYS B 291 12.18 28.12 16.78
CA CYS B 291 11.51 29.38 17.05
C CYS B 291 11.87 29.89 18.44
N HIS B 292 12.19 31.18 18.52
CA HIS B 292 12.55 31.81 19.78
C HIS B 292 11.42 32.61 20.41
N ASP B 293 10.27 32.68 19.75
CA ASP B 293 9.18 33.53 20.18
C ASP B 293 8.32 32.76 21.18
N PRO B 294 8.28 33.15 22.45
CA PRO B 294 7.53 32.35 23.43
C PRO B 294 6.09 32.17 22.99
N SER B 295 5.60 30.96 23.13
CA SER B 295 4.26 30.60 22.66
C SER B 295 3.17 31.07 23.59
N ASP B 296 3.51 31.47 24.81
CA ASP B 296 2.52 31.78 25.83
C ASP B 296 2.47 33.27 26.18
N ARG B 297 3.02 34.13 25.34
CA ARG B 297 3.00 35.55 25.63
C ARG B 297 1.67 36.15 25.22
N LEU B 298 1.32 37.25 25.87
CA LEU B 298 0.08 37.95 25.58
C LEU B 298 0.36 39.09 24.61
N VAL B 299 -0.70 39.55 23.96
CA VAL B 299 -0.58 40.67 23.05
C VAL B 299 -1.60 41.73 23.44
N PRO B 300 -1.29 42.58 24.42
CA PRO B 300 -2.26 43.56 24.90
C PRO B 300 -2.75 44.52 23.83
N GLU B 301 -1.99 44.64 22.75
CA GLU B 301 -2.29 45.57 21.66
C GLU B 301 -3.61 45.24 20.97
N LEU B 302 -4.12 44.02 21.13
CA LEU B 302 -5.34 43.59 20.47
C LEU B 302 -6.59 44.09 21.16
N ASP B 303 -6.55 44.38 22.46
CA ASP B 303 -7.79 44.69 23.16
C ASP B 303 -8.52 45.91 22.61
N THR B 304 -7.82 46.84 21.99
CA THR B 304 -8.45 48.08 21.57
C THR B 304 -8.44 48.27 20.05
N ILE B 305 -8.13 47.23 19.29
CA ILE B 305 -8.06 47.42 17.85
C ILE B 305 -9.45 47.61 17.26
N VAL B 306 -10.41 46.80 17.71
CA VAL B 306 -11.74 46.79 17.14
C VAL B 306 -12.59 47.88 17.77
N PRO B 307 -13.03 48.87 17.00
CA PRO B 307 -13.83 49.95 17.56
C PRO B 307 -15.18 49.44 18.06
N LEU B 308 -15.73 50.17 19.04
CA LEU B 308 -17.09 49.90 19.47
C LEU B 308 -18.12 50.42 18.48
N GLU B 309 -17.78 51.43 17.71
CA GLU B 309 -18.69 51.97 16.71
C GLU B 309 -18.63 51.10 15.47
N SER B 310 -19.78 50.68 14.97
CA SER B 310 -19.88 49.71 13.89
C SER B 310 -19.47 50.24 12.54
N THR B 311 -19.30 51.56 12.39
CA THR B 311 -19.06 52.15 11.08
C THR B 311 -17.61 52.56 10.93
N LYS B 312 -16.80 52.25 11.94
CA LYS B 312 -15.38 52.57 11.94
C LYS B 312 -14.55 51.35 11.55
N ALA B 313 -13.77 51.51 10.47
CA ALA B 313 -12.93 50.44 9.98
C ALA B 313 -11.63 50.37 10.77
N TYR B 314 -10.98 49.22 10.69
CA TYR B 314 -9.67 49.02 11.29
C TYR B 314 -8.88 48.10 10.38
N ASN B 315 -7.57 48.07 10.56
CA ASN B 315 -6.68 47.31 9.70
C ASN B 315 -6.51 45.91 10.27
N MET B 316 -7.03 44.91 9.58
CA MET B 316 -6.93 43.54 10.05
C MET B 316 -5.48 43.10 10.15
N VAL B 317 -4.60 43.67 9.35
CA VAL B 317 -3.21 43.25 9.34
C VAL B 317 -2.53 43.48 10.69
N ASP B 318 -2.99 44.47 11.46
CA ASP B 318 -2.41 44.73 12.77
C ASP B 318 -2.60 43.54 13.69
N ILE B 319 -3.72 42.83 13.55
CA ILE B 319 -4.00 41.65 14.36
C ILE B 319 -3.15 40.48 13.91
N ILE B 320 -3.05 40.29 12.60
CA ILE B 320 -2.29 39.18 12.03
C ILE B 320 -0.83 39.29 12.42
N HIS B 321 -0.26 40.48 12.28
CA HIS B 321 1.16 40.65 12.58
C HIS B 321 1.45 40.45 14.06
N SER B 322 0.54 40.85 14.94
CA SER B 322 0.81 40.70 16.36
C SER B 322 0.69 39.27 16.85
N VAL B 323 -0.05 38.41 16.15
CA VAL B 323 -0.23 37.04 16.62
C VAL B 323 0.89 36.13 16.11
N VAL B 324 1.29 36.28 14.85
CA VAL B 324 2.24 35.37 14.23
C VAL B 324 3.64 35.48 14.81
N ASP B 325 4.39 34.38 14.77
CA ASP B 325 5.74 34.35 15.29
C ASP B 325 6.55 35.53 14.77
N GLU B 326 7.18 36.26 15.69
CA GLU B 326 8.14 37.32 15.42
C GLU B 326 7.65 38.35 14.42
N ARG B 327 6.34 38.45 14.29
CA ARG B 327 5.65 39.43 13.45
C ARG B 327 5.99 39.40 11.97
N GLU B 328 6.33 38.22 11.48
CA GLU B 328 6.63 37.95 10.09
C GLU B 328 5.37 37.41 9.42
N PHE B 329 4.95 38.05 8.34
CA PHE B 329 3.77 37.58 7.59
C PHE B 329 4.07 37.71 6.10
N PHE B 330 3.76 36.66 5.35
CA PHE B 330 3.99 36.67 3.91
C PHE B 330 2.66 36.89 3.20
N GLU B 331 2.46 38.07 2.64
CA GLU B 331 1.16 38.37 2.05
C GLU B 331 1.14 38.01 0.58
N ILE B 332 0.03 37.41 0.16
CA ILE B 332 -0.19 36.96 -1.20
C ILE B 332 -1.16 37.94 -1.85
N MET B 333 -0.85 38.34 -3.09
CA MET B 333 -1.61 39.27 -3.92
C MET B 333 -1.96 40.54 -3.15
N PRO B 334 -0.98 41.31 -2.69
CA PRO B 334 -1.29 42.49 -1.89
C PRO B 334 -2.16 43.51 -2.60
N ASN B 335 -2.21 43.50 -3.92
CA ASN B 335 -2.88 44.54 -4.67
C ASN B 335 -4.14 44.06 -5.36
N TYR B 336 -4.52 42.80 -5.17
CA TYR B 336 -5.69 42.22 -5.83
C TYR B 336 -6.63 41.69 -4.76
N ALA B 337 -7.92 42.00 -4.92
CA ALA B 337 -9.00 41.62 -4.01
C ALA B 337 -8.66 42.00 -2.57
N LYS B 338 -8.34 43.28 -2.38
CA LYS B 338 -7.87 43.77 -1.10
C LYS B 338 -8.85 43.57 0.04
N ASN B 339 -10.10 43.22 -0.21
CA ASN B 339 -11.06 43.04 0.87
C ASN B 339 -10.89 41.71 1.59
N ILE B 340 -10.02 40.84 1.12
CA ILE B 340 -9.72 39.60 1.81
C ILE B 340 -8.21 39.42 1.83
N ILE B 341 -7.69 39.01 2.98
CA ILE B 341 -6.26 38.86 3.22
C ILE B 341 -5.98 37.37 3.35
N VAL B 342 -5.01 36.88 2.58
CA VAL B 342 -4.52 35.52 2.72
C VAL B 342 -3.01 35.54 2.72
N GLY B 343 -2.42 34.62 3.47
CA GLY B 343 -0.98 34.52 3.43
C GLY B 343 -0.46 33.47 4.37
N PHE B 344 0.86 33.38 4.42
CA PHE B 344 1.57 32.38 5.21
C PHE B 344 2.21 33.04 6.42
N ALA B 345 2.27 32.28 7.50
CA ALA B 345 2.99 32.69 8.68
C ALA B 345 3.31 31.45 9.50
N ARG B 346 4.07 31.64 10.57
CA ARG B 346 4.37 30.59 11.51
C ARG B 346 3.81 30.88 12.87
N MET B 347 3.38 29.87 13.59
CA MET B 347 3.04 30.03 14.99
C MET B 347 3.63 28.86 15.75
N ASN B 348 4.48 29.17 16.73
CA ASN B 348 5.28 28.22 17.50
C ASN B 348 6.13 27.34 16.60
N GLY B 349 6.66 27.90 15.52
CA GLY B 349 7.51 27.18 14.62
C GLY B 349 6.80 26.52 13.47
N ARG B 350 5.49 26.29 13.56
CA ARG B 350 4.79 25.54 12.54
C ARG B 350 4.20 26.47 11.51
N THR B 351 4.34 26.10 10.24
CA THR B 351 3.73 26.88 9.16
C THR B 351 2.22 26.80 9.25
N VAL B 352 1.54 27.93 9.17
CA VAL B 352 0.10 27.96 9.08
C VAL B 352 -0.31 28.91 7.96
N GLY B 353 -1.52 28.71 7.47
CA GLY B 353 -2.13 29.62 6.52
C GLY B 353 -3.17 30.46 7.24
N ILE B 354 -3.24 31.73 6.87
CA ILE B 354 -4.12 32.69 7.50
C ILE B 354 -5.04 33.27 6.45
N VAL B 355 -6.33 33.30 6.76
CA VAL B 355 -7.34 33.94 5.94
C VAL B 355 -8.16 34.85 6.83
N GLY B 356 -8.45 36.05 6.35
CA GLY B 356 -9.28 36.96 7.11
C GLY B 356 -9.86 38.09 6.29
N ASN B 357 -10.78 38.85 6.86
CA ASN B 357 -11.38 39.95 6.14
C ASN B 357 -10.57 41.22 6.35
N GLN B 358 -10.71 42.16 5.43
CA GLN B 358 -10.13 43.48 5.61
C GLN B 358 -11.24 44.51 5.64
N PRO B 359 -11.70 44.93 6.83
CA PRO B 359 -12.87 45.82 6.90
C PRO B 359 -12.63 47.16 6.23
N LYS B 360 -11.39 47.54 6.00
CA LYS B 360 -11.09 48.85 5.39
C LYS B 360 -11.59 48.92 3.96
N VAL B 361 -11.71 47.79 3.27
CA VAL B 361 -12.00 47.76 1.85
C VAL B 361 -13.38 47.12 1.65
N ALA B 362 -14.27 47.87 1.00
CA ALA B 362 -15.65 47.47 0.69
C ALA B 362 -16.39 46.93 1.91
N SER B 363 -16.17 47.57 3.06
CA SER B 363 -16.73 47.21 4.37
C SER B 363 -16.42 45.77 4.79
N GLY B 364 -15.52 45.08 4.10
CA GLY B 364 -15.20 43.72 4.48
C GLY B 364 -16.12 42.68 3.90
N CYS B 365 -16.88 43.08 2.89
CA CYS B 365 -17.84 42.25 2.17
C CYS B 365 -17.22 41.21 1.25
N LEU B 366 -17.93 40.12 0.98
CA LEU B 366 -17.44 39.15 0.01
C LEU B 366 -17.93 39.48 -1.38
N ASP B 367 -17.08 39.23 -2.38
CA ASP B 367 -17.42 39.50 -3.77
C ASP B 367 -16.77 38.40 -4.59
N ILE B 368 -16.88 38.51 -5.91
CA ILE B 368 -16.39 37.47 -6.80
C ILE B 368 -14.88 37.29 -6.65
N ASN B 369 -14.14 38.40 -6.69
CA ASN B 369 -12.69 38.35 -6.74
C ASN B 369 -12.11 37.78 -5.45
N SER B 370 -12.70 38.14 -4.31
CA SER B 370 -12.24 37.67 -3.02
C SER B 370 -12.50 36.19 -2.84
N SER B 371 -13.62 35.69 -3.35
CA SER B 371 -13.93 34.28 -3.25
C SER B 371 -12.96 33.45 -4.07
N VAL B 372 -12.53 33.95 -5.23
CA VAL B 372 -11.62 33.19 -6.07
C VAL B 372 -10.25 33.04 -5.41
N LYS B 373 -9.70 34.14 -4.88
CA LYS B 373 -8.40 34.11 -4.22
C LYS B 373 -8.46 33.27 -2.93
N GLY B 374 -9.52 33.44 -2.16
CA GLY B 374 -9.68 32.65 -0.94
C GLY B 374 -9.76 31.17 -1.18
N ALA B 375 -10.65 30.74 -2.08
CA ALA B 375 -10.85 29.30 -2.28
C ALA B 375 -9.58 28.62 -2.74
N ARG B 376 -8.85 29.27 -3.63
CA ARG B 376 -7.60 28.72 -4.16
C ARG B 376 -6.60 28.54 -3.04
N PHE B 377 -6.43 29.56 -2.20
CA PHE B 377 -5.48 29.44 -1.10
C PHE B 377 -5.88 28.35 -0.10
N VAL B 378 -7.15 28.30 0.28
CA VAL B 378 -7.59 27.32 1.29
C VAL B 378 -7.33 25.91 0.82
N ARG B 379 -7.66 25.64 -0.44
CA ARG B 379 -7.47 24.31 -1.03
C ARG B 379 -6.03 23.87 -1.10
N PHE B 380 -5.12 24.75 -1.47
CA PHE B 380 -3.70 24.38 -1.43
C PHE B 380 -3.27 24.00 -0.02
N CYS B 381 -3.56 24.85 0.96
CA CYS B 381 -3.15 24.56 2.34
C CYS B 381 -3.73 23.27 2.87
N ASP B 382 -4.98 22.97 2.53
CA ASP B 382 -5.54 21.68 2.92
C ASP B 382 -4.82 20.51 2.29
N ALA B 383 -4.54 20.59 0.99
CA ALA B 383 -3.85 19.51 0.30
C ALA B 383 -2.48 19.19 0.88
N PHE B 384 -1.77 20.19 1.40
CA PHE B 384 -0.42 19.99 1.91
C PHE B 384 -0.36 20.13 3.43
N ASN B 385 -1.45 19.83 4.13
CA ASN B 385 -1.50 19.63 5.59
C ASN B 385 -1.01 20.86 6.36
N ILE B 386 -1.41 22.03 5.91
CA ILE B 386 -1.05 23.30 6.55
C ILE B 386 -2.29 23.81 7.28
N PRO B 387 -2.26 23.96 8.61
CA PRO B 387 -3.44 24.40 9.33
C PRO B 387 -3.94 25.77 8.87
N LEU B 388 -5.22 26.01 9.09
CA LEU B 388 -5.87 27.25 8.72
C LEU B 388 -6.30 28.04 9.95
N ILE B 389 -6.03 29.33 9.93
CA ILE B 389 -6.53 30.27 10.92
C ILE B 389 -7.37 31.29 10.17
N THR B 390 -8.58 31.53 10.68
CA THR B 390 -9.55 32.41 10.03
C THR B 390 -9.85 33.56 10.97
N PHE B 391 -9.77 34.79 10.46
CA PHE B 391 -10.15 35.98 11.19
C PHE B 391 -11.39 36.57 10.54
N VAL B 392 -12.54 36.44 11.18
CA VAL B 392 -13.82 36.73 10.56
C VAL B 392 -14.26 38.13 10.95
N ASP B 393 -14.63 38.94 9.96
CA ASP B 393 -15.28 40.23 10.19
C ASP B 393 -15.98 40.62 8.88
N VAL B 394 -17.14 40.01 8.63
CA VAL B 394 -17.74 40.12 7.31
C VAL B 394 -19.21 40.47 7.46
N PRO B 395 -19.66 41.61 6.93
CA PRO B 395 -21.05 42.03 7.10
C PRO B 395 -22.03 41.42 6.11
N GLY B 396 -21.55 40.66 5.13
CA GLY B 396 -22.41 40.14 4.09
C GLY B 396 -21.71 40.11 2.76
N PHE B 397 -22.46 40.23 1.67
CA PHE B 397 -21.92 40.15 0.32
C PHE B 397 -22.05 41.50 -0.36
N LEU B 398 -21.13 41.77 -1.27
CA LEU B 398 -21.17 43.01 -2.03
C LEU B 398 -22.40 43.02 -2.92
N PRO B 399 -23.35 43.93 -2.72
CA PRO B 399 -24.56 43.95 -3.56
C PRO B 399 -24.33 44.61 -4.91
N GLY B 400 -25.24 44.37 -5.84
CA GLY B 400 -25.32 45.14 -7.07
C GLY B 400 -25.27 44.25 -8.30
N THR B 401 -25.74 44.81 -9.40
CA THR B 401 -25.83 44.06 -10.64
C THR B 401 -24.47 43.65 -11.17
N ALA B 402 -23.42 44.41 -10.85
CA ALA B 402 -22.08 44.04 -11.24
C ALA B 402 -21.68 42.67 -10.72
N GLN B 403 -22.20 42.28 -9.57
CA GLN B 403 -21.90 40.99 -8.98
C GLN B 403 -22.92 39.94 -9.32
N GLU B 404 -24.18 40.33 -9.42
CA GLU B 404 -25.25 39.38 -9.76
C GLU B 404 -25.02 38.77 -11.14
N TYR B 405 -24.77 39.63 -12.13
CA TYR B 405 -24.53 39.19 -13.50
C TYR B 405 -23.17 38.55 -13.68
N GLY B 406 -22.30 38.75 -12.71
CA GLY B 406 -20.99 38.14 -12.74
C GLY B 406 -20.92 36.74 -12.16
N GLY B 407 -22.05 36.23 -11.67
CA GLY B 407 -22.07 34.91 -11.07
C GLY B 407 -21.59 34.85 -9.65
N ILE B 408 -21.89 35.88 -8.86
CA ILE B 408 -21.49 35.92 -7.46
C ILE B 408 -21.94 34.67 -6.70
N ILE B 409 -23.08 34.10 -7.07
CA ILE B 409 -23.57 32.90 -6.40
C ILE B 409 -22.65 31.72 -6.69
N ARG B 410 -22.36 31.52 -7.98
CA ARG B 410 -21.50 30.44 -8.42
C ARG B 410 -20.07 30.60 -7.85
N HIS B 411 -19.59 31.83 -7.80
CA HIS B 411 -18.25 32.07 -7.28
C HIS B 411 -18.17 32.01 -5.77
N GLY B 412 -19.18 32.51 -5.05
CA GLY B 412 -19.15 32.40 -3.60
C GLY B 412 -19.13 30.97 -3.11
N ALA B 413 -19.76 30.06 -3.87
CA ALA B 413 -19.76 28.65 -3.50
C ALA B 413 -18.34 28.08 -3.47
N LYS B 414 -17.40 28.72 -4.15
CA LYS B 414 -16.03 28.22 -4.19
C LYS B 414 -15.36 28.30 -2.81
N LEU B 415 -15.60 29.39 -2.09
CA LEU B 415 -14.96 29.54 -0.78
C LEU B 415 -15.63 28.68 0.26
N LEU B 416 -16.96 28.59 0.21
CA LEU B 416 -17.67 27.69 1.12
C LEU B 416 -17.24 26.25 0.92
N TYR B 417 -17.13 25.82 -0.35
CA TYR B 417 -16.70 24.47 -0.65
C TYR B 417 -15.30 24.20 -0.14
N ALA B 418 -14.37 25.12 -0.40
CA ALA B 418 -12.99 24.95 0.01
C ALA B 418 -12.86 24.76 1.50
N PHE B 419 -13.62 25.51 2.30
CA PHE B 419 -13.59 25.25 3.74
C PHE B 419 -14.33 23.99 4.14
N ALA B 420 -15.51 23.74 3.60
CA ALA B 420 -16.30 22.61 4.07
C ALA B 420 -15.61 21.27 3.88
N GLU B 421 -14.85 21.11 2.81
CA GLU B 421 -14.18 19.84 2.51
C GLU B 421 -12.81 19.70 3.14
N ALA B 422 -12.37 20.69 3.87
CA ALA B 422 -11.06 20.65 4.50
C ALA B 422 -10.99 19.61 5.61
N THR B 423 -9.83 18.95 5.71
CA THR B 423 -9.59 17.95 6.73
C THR B 423 -8.41 18.29 7.63
N VAL B 424 -7.91 19.51 7.55
CA VAL B 424 -6.75 19.94 8.33
C VAL B 424 -7.28 20.80 9.47
N PRO B 425 -6.51 21.06 10.53
CA PRO B 425 -7.04 21.86 11.64
C PRO B 425 -7.51 23.23 11.17
N LYS B 426 -8.66 23.63 11.69
CA LYS B 426 -9.26 24.93 11.36
C LYS B 426 -9.58 25.65 12.66
N VAL B 427 -8.94 26.78 12.89
CA VAL B 427 -9.16 27.59 14.08
C VAL B 427 -9.70 28.94 13.66
N THR B 428 -10.94 29.23 14.06
CA THR B 428 -11.61 30.46 13.65
C THR B 428 -11.79 31.35 14.87
N VAL B 429 -11.45 32.63 14.70
CA VAL B 429 -11.71 33.67 15.69
C VAL B 429 -12.52 34.75 15.02
N ILE B 430 -13.61 35.18 15.66
CA ILE B 430 -14.48 36.22 15.13
C ILE B 430 -14.16 37.51 15.86
N THR B 431 -13.70 38.51 15.12
CA THR B 431 -13.25 39.74 15.75
C THR B 431 -14.37 40.77 15.84
N ARG B 432 -15.29 40.79 14.88
CA ARG B 432 -16.46 41.67 15.00
C ARG B 432 -17.70 41.19 14.25
N LYS B 433 -17.91 41.57 13.00
CA LYS B 433 -19.16 41.25 12.32
C LYS B 433 -19.14 39.85 11.74
N ALA B 434 -20.30 39.19 11.81
CA ALA B 434 -20.53 37.96 11.05
C ALA B 434 -22.04 37.88 10.79
N TYR B 435 -22.49 38.54 9.74
CA TYR B 435 -23.91 38.60 9.41
C TYR B 435 -24.23 37.67 8.26
N GLY B 436 -25.40 37.04 8.34
CA GLY B 436 -25.94 36.37 7.17
C GLY B 436 -25.17 35.11 6.79
N GLY B 437 -25.29 34.74 5.52
CA GLY B 437 -24.68 33.51 5.05
C GLY B 437 -23.17 33.56 5.08
N ALA B 438 -22.60 34.76 5.15
CA ALA B 438 -21.15 34.91 5.26
C ALA B 438 -20.59 34.26 6.52
N TYR B 439 -21.41 34.12 7.57
CA TYR B 439 -20.94 33.45 8.77
C TYR B 439 -20.44 32.05 8.44
N ASP B 440 -21.22 31.30 7.67
CA ASP B 440 -20.86 29.92 7.38
C ASP B 440 -19.77 29.83 6.32
N VAL B 441 -19.78 30.74 5.36
CA VAL B 441 -18.76 30.75 4.31
C VAL B 441 -17.38 30.94 4.91
N MET B 442 -17.24 31.82 5.89
CA MET B 442 -15.97 32.05 6.56
C MET B 442 -15.72 31.03 7.67
N SER B 443 -15.74 29.75 7.27
CA SER B 443 -15.30 28.61 8.08
C SER B 443 -15.90 28.64 9.49
N SER B 444 -17.21 28.52 9.52
CA SER B 444 -17.93 28.35 10.78
C SER B 444 -17.75 26.95 11.34
N LYS B 445 -17.98 26.80 12.64
CA LYS B 445 -17.76 25.52 13.29
C LYS B 445 -18.55 24.35 12.75
N HIS B 446 -19.73 24.61 12.21
CA HIS B 446 -20.56 23.52 11.73
C HIS B 446 -20.09 22.97 10.39
N LEU B 447 -18.96 23.46 9.87
CA LEU B 447 -18.32 22.89 8.70
C LEU B 447 -17.12 22.05 9.09
N CYS B 448 -17.25 21.29 10.18
CA CYS B 448 -16.20 20.44 10.76
C CYS B 448 -14.99 21.25 11.22
N GLY B 449 -15.26 22.40 11.86
CA GLY B 449 -14.20 23.17 12.46
C GLY B 449 -13.76 22.58 13.77
N ASP B 450 -12.59 22.99 14.24
CA ASP B 450 -12.08 22.45 15.48
C ASP B 450 -12.40 23.33 16.67
N THR B 451 -12.14 24.63 16.57
CA THR B 451 -12.47 25.57 17.63
C THR B 451 -12.98 26.85 17.01
N ASN B 452 -13.81 27.59 17.74
CA ASN B 452 -14.35 28.85 17.27
C ASN B 452 -14.42 29.79 18.43
N TYR B 453 -13.64 30.85 18.39
CA TYR B 453 -13.54 31.85 19.44
C TYR B 453 -14.18 33.14 18.98
N ALA B 454 -14.78 33.84 19.94
CA ALA B 454 -15.33 35.17 19.70
C ALA B 454 -14.63 36.15 20.61
N TRP B 455 -14.42 37.36 20.11
CA TRP B 455 -14.01 38.44 20.97
C TRP B 455 -15.27 39.10 21.54
N PRO B 456 -15.16 39.83 22.66
CA PRO B 456 -16.35 40.51 23.19
C PRO B 456 -17.05 41.43 22.21
N THR B 457 -16.39 41.88 21.14
CA THR B 457 -17.02 42.76 20.16
C THR B 457 -17.71 42.00 19.04
N ALA B 458 -17.70 40.67 19.06
CA ALA B 458 -18.29 39.88 17.99
C ALA B 458 -19.81 39.99 18.04
N GLU B 459 -20.44 39.95 16.87
CA GLU B 459 -21.89 39.86 16.83
C GLU B 459 -22.28 38.92 15.69
N ILE B 460 -23.02 37.87 16.03
CA ILE B 460 -23.42 36.83 15.08
C ILE B 460 -24.93 36.88 14.94
N ALA B 461 -25.41 37.13 13.72
CA ALA B 461 -26.83 37.27 13.47
C ALA B 461 -27.11 37.02 11.99
N VAL B 462 -28.37 36.74 11.68
CA VAL B 462 -28.78 36.60 10.28
C VAL B 462 -28.69 37.95 9.57
N MET B 463 -28.91 39.03 10.30
CA MET B 463 -28.74 40.36 9.75
C MET B 463 -28.70 41.32 10.93
N GLY B 464 -28.41 42.60 10.65
CA GLY B 464 -28.34 43.60 11.67
C GLY B 464 -29.70 43.95 12.25
N ALA B 465 -29.67 44.71 13.34
CA ALA B 465 -30.88 45.00 14.11
C ALA B 465 -31.93 45.70 13.27
N LYS B 466 -31.49 46.64 12.41
CA LYS B 466 -32.43 47.41 11.59
C LYS B 466 -33.25 46.51 10.68
N GLY B 467 -32.59 45.65 9.88
CA GLY B 467 -33.33 44.75 9.01
C GLY B 467 -34.20 43.78 9.79
N ALA B 468 -33.61 43.11 10.78
CA ALA B 468 -34.32 42.08 11.51
C ALA B 468 -35.55 42.63 12.23
N VAL B 469 -35.44 43.79 12.88
CA VAL B 469 -36.57 44.29 13.67
C VAL B 469 -37.67 44.84 12.77
N GLU B 470 -37.31 45.58 11.71
CA GLU B 470 -38.34 46.10 10.83
C GLU B 470 -39.06 44.97 10.09
N ILE B 471 -38.37 43.87 9.81
CA ILE B 471 -39.05 42.75 9.18
C ILE B 471 -39.93 42.00 10.18
N ILE B 472 -39.41 41.72 11.39
CA ILE B 472 -40.18 40.99 12.39
C ILE B 472 -41.43 41.76 12.79
N PHE B 473 -41.29 43.05 13.05
CA PHE B 473 -42.39 43.89 13.50
C PHE B 473 -42.87 44.75 12.34
N LYS B 474 -43.20 44.11 11.23
CA LYS B 474 -43.57 44.82 10.00
C LYS B 474 -45.02 45.26 10.05
N GLY B 475 -45.23 46.57 10.00
CA GLY B 475 -46.55 47.15 10.17
C GLY B 475 -46.97 47.40 11.60
N HIS B 476 -46.10 47.19 12.57
CA HIS B 476 -46.47 47.37 13.96
C HIS B 476 -46.09 48.77 14.44
N GLU B 477 -46.78 49.23 15.48
CA GLU B 477 -46.44 50.48 16.13
C GLU B 477 -45.28 50.25 17.09
N ASN B 478 -44.58 51.34 17.41
CA ASN B 478 -43.50 51.38 18.42
C ASN B 478 -42.38 50.39 18.08
N VAL B 479 -42.03 50.36 16.80
CA VAL B 479 -40.98 49.48 16.32
C VAL B 479 -39.64 49.87 16.95
N GLU B 480 -39.38 51.17 17.08
CA GLU B 480 -38.14 51.64 17.68
C GLU B 480 -38.01 51.17 19.13
N ALA B 481 -39.12 51.14 19.88
CA ALA B 481 -39.06 50.61 21.24
C ALA B 481 -38.75 49.12 21.23
N ALA B 482 -39.37 48.37 20.32
CA ALA B 482 -39.04 46.96 20.16
C ALA B 482 -37.60 46.76 19.72
N GLN B 483 -37.07 47.67 18.90
CA GLN B 483 -35.69 47.58 18.46
C GLN B 483 -34.72 47.73 19.63
N ALA B 484 -35.02 48.61 20.57
CA ALA B 484 -34.17 48.78 21.74
C ALA B 484 -34.07 47.47 22.53
N GLU B 485 -35.19 46.78 22.71
CA GLU B 485 -35.17 45.51 23.41
C GLU B 485 -34.43 44.44 22.60
N TYR B 486 -34.65 44.42 21.28
CA TYR B 486 -33.95 43.50 20.41
C TYR B 486 -32.44 43.71 20.45
N ILE B 487 -31.99 44.96 20.38
CA ILE B 487 -30.55 45.22 20.39
C ILE B 487 -29.94 44.75 21.70
N GLU B 488 -30.57 45.06 22.84
CA GLU B 488 -30.04 44.64 24.12
C GLU B 488 -29.90 43.12 24.21
N LYS B 489 -30.82 42.37 23.62
CA LYS B 489 -30.72 40.92 23.76
C LYS B 489 -29.86 40.26 22.67
N PHE B 490 -29.93 40.71 21.43
CA PHE B 490 -29.32 39.97 20.32
C PHE B 490 -28.07 40.63 19.73
N ALA B 491 -27.81 41.91 19.98
CA ALA B 491 -26.67 42.60 19.37
C ALA B 491 -25.40 42.33 20.17
N ASN B 492 -24.97 41.07 20.18
CA ASN B 492 -23.87 40.58 21.03
C ASN B 492 -23.57 39.16 20.67
N PRO B 493 -22.47 38.58 21.15
CA PRO B 493 -22.13 37.24 20.66
C PRO B 493 -22.81 36.11 21.42
N PHE B 494 -23.61 36.40 22.41
CA PHE B 494 -24.22 35.43 23.30
C PHE B 494 -25.35 34.53 22.77
N PRO B 495 -26.35 35.00 22.00
CA PRO B 495 -27.36 34.04 21.51
C PRO B 495 -26.80 32.95 20.63
N ALA B 496 -25.64 33.15 19.99
CA ALA B 496 -24.95 32.10 19.27
C ALA B 496 -24.11 31.22 20.19
N ALA B 497 -23.35 31.83 21.10
CA ALA B 497 -22.51 31.07 22.01
C ALA B 497 -23.28 30.11 22.90
N VAL B 498 -24.47 30.52 23.38
CA VAL B 498 -25.21 29.64 24.28
C VAL B 498 -25.80 28.47 23.53
N ARG B 499 -25.73 28.49 22.23
CA ARG B 499 -26.29 27.38 21.50
C ARG B 499 -25.20 26.44 21.02
N GLY B 500 -23.95 26.76 21.30
CA GLY B 500 -22.86 25.91 20.89
C GLY B 500 -22.16 26.35 19.62
N PHE B 501 -22.45 27.56 19.16
CA PHE B 501 -21.79 28.03 17.94
C PHE B 501 -20.38 28.49 18.23
N VAL B 502 -20.14 28.97 19.45
CA VAL B 502 -18.86 29.53 19.85
C VAL B 502 -18.38 28.77 21.07
N ASP B 503 -17.09 28.45 21.09
CA ASP B 503 -16.58 27.66 22.19
C ASP B 503 -16.22 28.49 23.41
N ASP B 504 -15.78 29.72 23.21
CA ASP B 504 -15.41 30.56 24.32
C ASP B 504 -15.41 31.99 23.83
N ILE B 505 -15.50 32.92 24.77
CA ILE B 505 -15.34 34.33 24.44
C ILE B 505 -14.13 34.80 25.22
N ILE B 506 -13.11 35.22 24.50
CA ILE B 506 -11.79 35.37 25.07
C ILE B 506 -11.39 36.83 25.05
N GLN B 507 -10.52 37.23 25.96
CA GLN B 507 -10.02 38.58 25.95
C GLN B 507 -9.11 38.57 24.75
N PRO B 508 -9.21 39.56 23.88
CA PRO B 508 -8.40 39.59 22.66
C PRO B 508 -6.91 39.40 22.90
N SER B 509 -6.40 39.93 24.01
CA SER B 509 -4.99 39.79 24.32
C SER B 509 -4.53 38.35 24.44
N SER B 510 -5.45 37.42 24.68
CA SER B 510 -5.07 36.02 24.82
C SER B 510 -5.19 35.26 23.51
N THR B 511 -5.59 35.90 22.42
CA THR B 511 -5.84 35.16 21.17
C THR B 511 -4.65 34.28 20.79
N ARG B 512 -3.42 34.80 20.87
CA ARG B 512 -2.27 34.04 20.39
C ARG B 512 -2.09 32.78 21.22
N ALA B 513 -2.23 32.90 22.53
CA ALA B 513 -2.07 31.78 23.43
C ALA B 513 -3.08 30.67 23.16
N ARG B 514 -4.31 31.04 22.86
CA ARG B 514 -5.37 30.09 22.62
C ARG B 514 -5.17 29.30 21.34
N ILE B 515 -4.74 29.99 20.30
CA ILE B 515 -4.48 29.42 18.98
C ILE B 515 -3.30 28.47 19.03
N CYS B 516 -2.22 28.87 19.73
CA CYS B 516 -1.02 28.08 19.91
C CYS B 516 -1.33 26.77 20.58
N CYS B 517 -2.19 26.84 21.63
CA CYS B 517 -2.61 25.64 22.34
C CYS B 517 -3.39 24.70 21.43
N ASP B 518 -4.29 25.23 20.60
CA ASP B 518 -5.07 24.38 19.72
C ASP B 518 -4.21 23.77 18.63
N LEU B 519 -3.28 24.55 18.06
CA LEU B 519 -2.47 24.02 16.97
C LEU B 519 -1.61 22.85 17.41
N ASP B 520 -1.12 22.89 18.65
CA ASP B 520 -0.20 21.86 19.10
C ASP B 520 -0.92 20.62 19.56
N VAL B 521 -2.25 20.62 19.57
CA VAL B 521 -2.98 19.40 19.90
C VAL B 521 -3.86 18.92 18.76
N LEU B 522 -4.15 19.76 17.78
CA LEU B 522 -4.90 19.33 16.61
C LEU B 522 -4.00 18.81 15.52
N ALA B 523 -2.68 18.86 15.72
CA ALA B 523 -1.74 18.47 14.68
C ALA B 523 -1.78 16.98 14.40
N SER B 524 -2.36 16.19 15.31
CA SER B 524 -2.41 14.74 15.16
C SER B 524 -3.78 14.28 14.68
N LYS B 525 -4.60 15.23 14.27
CA LYS B 525 -5.94 14.98 13.81
C LYS B 525 -6.05 14.14 12.55
N LYS B 526 -6.90 13.11 12.56
CA LYS B 526 -7.18 12.39 11.34
C LYS B 526 -8.68 12.11 11.27
N VAL B 527 -9.25 12.28 10.08
CA VAL B 527 -10.67 12.08 9.84
C VAL B 527 -10.82 11.22 8.59
N GLN B 528 -11.96 10.58 8.45
CA GLN B 528 -12.29 9.82 7.24
C GLN B 528 -13.46 10.49 6.51
N ARG B 529 -13.51 10.28 5.20
CA ARG B 529 -14.59 10.77 4.34
C ARG B 529 -14.98 9.63 3.40
N PRO B 530 -16.24 9.58 2.95
CA PRO B 530 -16.61 8.58 1.95
C PRO B 530 -15.74 8.66 0.72
N TRP B 531 -15.49 7.49 0.13
CA TRP B 531 -14.61 7.43 -1.02
C TRP B 531 -15.27 8.08 -2.23
N ARG B 532 -14.49 8.83 -2.99
CA ARG B 532 -14.97 9.43 -4.21
C ARG B 532 -13.81 9.45 -5.21
N LYS B 533 -14.09 9.15 -6.47
CA LYS B 533 -13.05 9.10 -7.49
C LYS B 533 -12.29 10.42 -7.38
N HIS B 534 -13.05 11.52 -7.36
CA HIS B 534 -12.50 12.85 -7.23
C HIS B 534 -13.55 13.81 -6.72
N ALA B 535 -13.11 14.96 -6.27
CA ALA B 535 -14.03 15.99 -5.83
C ALA B 535 -14.69 16.68 -7.02
N ASN B 536 -15.85 17.27 -6.78
CA ASN B 536 -16.60 17.99 -7.80
C ASN B 536 -16.91 19.40 -7.31
N ILE B 537 -15.93 20.29 -7.46
CA ILE B 537 -15.99 21.69 -7.06
C ILE B 537 -16.99 22.45 -7.93
N PRO B 538 -17.83 23.32 -7.36
CA PRO B 538 -18.86 24.02 -8.14
C PRO B 538 -18.39 24.79 -9.37
N LEU B 539 -17.13 25.21 -9.43
CA LEU B 539 -16.56 26.03 -10.51
C LEU B 539 -17.29 27.33 -10.80
N LYS C 61 -19.27 0.18 -83.26
CA LYS C 61 -20.60 -0.01 -82.72
C LYS C 61 -21.23 1.32 -82.32
N THR C 62 -20.73 1.91 -81.23
CA THR C 62 -21.30 3.15 -80.71
C THR C 62 -20.18 4.08 -80.29
N PHE C 63 -20.53 5.11 -79.52
CA PHE C 63 -19.58 6.15 -79.14
C PHE C 63 -18.64 5.60 -78.07
N ASP C 64 -17.41 6.09 -78.05
CA ASP C 64 -16.53 5.76 -76.94
C ASP C 64 -16.72 6.68 -75.74
N LYS C 65 -17.03 7.95 -75.95
CA LYS C 65 -17.12 8.87 -74.82
C LYS C 65 -18.11 10.00 -75.11
N ILE C 66 -19.06 10.19 -74.20
CA ILE C 66 -20.10 11.19 -74.33
C ILE C 66 -20.01 12.15 -73.15
N LEU C 67 -20.10 13.44 -73.44
CA LEU C 67 -20.15 14.43 -72.38
C LEU C 67 -21.58 14.84 -72.12
N VAL C 68 -21.93 14.99 -70.85
CA VAL C 68 -23.26 15.44 -70.47
C VAL C 68 -23.13 16.88 -69.99
N ALA C 69 -23.96 17.76 -70.52
CA ALA C 69 -23.90 19.17 -70.16
C ALA C 69 -25.02 19.60 -69.21
N ASN C 70 -25.29 18.81 -68.18
CA ASN C 70 -26.39 19.07 -67.29
C ASN C 70 -26.03 18.52 -65.92
N ARG C 71 -26.94 18.68 -64.97
CA ARG C 71 -26.70 18.26 -63.60
C ARG C 71 -27.94 17.60 -63.05
N GLY C 72 -27.75 16.76 -62.05
CA GLY C 72 -28.88 16.19 -61.38
C GLY C 72 -29.34 14.87 -61.96
N GLU C 73 -30.63 14.57 -61.80
CA GLU C 73 -31.13 13.25 -62.13
C GLU C 73 -31.10 13.01 -63.63
N ILE C 74 -31.15 14.07 -64.43
CA ILE C 74 -31.11 13.90 -65.86
C ILE C 74 -29.72 13.48 -66.30
N ALA C 75 -28.69 14.02 -65.65
CA ALA C 75 -27.33 13.55 -65.87
C ALA C 75 -27.15 12.13 -65.37
N CYS C 76 -27.80 11.80 -64.27
CA CYS C 76 -27.69 10.42 -63.77
C CYS C 76 -28.32 9.43 -64.73
N ARG C 77 -29.44 9.80 -65.33
CA ARG C 77 -30.08 8.93 -66.27
C ARG C 77 -29.15 8.59 -67.43
N VAL C 78 -28.44 9.59 -67.98
CA VAL C 78 -27.55 9.35 -69.09
C VAL C 78 -26.35 8.52 -68.65
N ILE C 79 -25.79 8.79 -67.47
CA ILE C 79 -24.63 8.05 -66.97
C ILE C 79 -24.97 6.57 -66.84
N ARG C 80 -26.13 6.26 -66.28
CA ARG C 80 -26.58 4.88 -66.14
C ARG C 80 -26.76 4.21 -67.48
N THR C 81 -27.39 4.90 -68.43
CA THR C 81 -27.57 4.31 -69.75
C THR C 81 -26.23 4.08 -70.45
N CYS C 82 -25.30 5.04 -70.37
CA CYS C 82 -24.00 4.87 -71.00
C CYS C 82 -23.26 3.67 -70.42
N LYS C 83 -23.29 3.53 -69.09
CA LYS C 83 -22.64 2.40 -68.47
C LYS C 83 -23.23 1.08 -68.92
N LYS C 84 -24.53 1.07 -69.18
CA LYS C 84 -25.18 -0.12 -69.68
C LYS C 84 -24.70 -0.38 -71.10
N MET C 85 -24.41 0.69 -71.83
CA MET C 85 -23.95 0.60 -73.21
C MET C 85 -22.44 0.43 -73.30
N GLY C 86 -21.71 0.63 -72.22
CA GLY C 86 -20.27 0.52 -72.28
C GLY C 86 -19.58 1.77 -72.76
N ILE C 87 -20.19 2.93 -72.53
CA ILE C 87 -19.69 4.20 -73.01
C ILE C 87 -19.22 4.99 -71.80
N LYS C 88 -18.05 5.61 -71.91
CA LYS C 88 -17.57 6.46 -70.82
C LYS C 88 -18.33 7.77 -70.82
N THR C 89 -18.65 8.28 -69.63
CA THR C 89 -19.44 9.49 -69.54
C THR C 89 -18.67 10.56 -68.81
N VAL C 90 -18.66 11.77 -69.36
CA VAL C 90 -17.99 12.90 -68.72
C VAL C 90 -19.07 13.81 -68.17
N ALA C 91 -18.87 14.27 -66.95
CA ALA C 91 -19.78 15.20 -66.32
C ALA C 91 -19.14 16.56 -66.25
N ILE C 92 -19.98 17.59 -66.15
CA ILE C 92 -19.53 18.92 -65.80
C ILE C 92 -20.29 19.33 -64.55
N HIS C 93 -19.68 20.20 -63.76
CA HIS C 93 -20.31 20.67 -62.53
C HIS C 93 -19.79 22.04 -62.17
N SER C 94 -20.56 22.74 -61.35
CA SER C 94 -20.17 23.98 -60.70
C SER C 94 -19.37 23.65 -59.45
N ASP C 95 -18.78 24.67 -58.82
CA ASP C 95 -18.04 24.44 -57.57
C ASP C 95 -18.92 23.89 -56.45
N VAL C 96 -20.20 24.22 -56.43
CA VAL C 96 -21.04 23.75 -55.35
C VAL C 96 -21.59 22.36 -55.68
N ASP C 97 -21.66 22.02 -56.97
CA ASP C 97 -22.14 20.71 -57.40
C ASP C 97 -21.04 19.67 -57.45
N ALA C 98 -19.83 20.00 -56.99
CA ALA C 98 -18.71 19.07 -57.06
C ALA C 98 -18.95 17.78 -56.31
N SER C 99 -19.83 17.75 -55.32
CA SER C 99 -20.13 16.50 -54.62
C SER C 99 -21.48 15.92 -54.96
N SER C 100 -22.11 16.39 -56.04
CA SER C 100 -23.44 15.91 -56.38
C SER C 100 -23.35 14.50 -56.94
N VAL C 101 -24.50 13.84 -57.08
CA VAL C 101 -24.47 12.42 -57.42
C VAL C 101 -23.91 12.21 -58.82
N HIS C 102 -24.34 12.98 -59.81
CA HIS C 102 -23.93 12.70 -61.16
C HIS C 102 -22.43 12.90 -61.36
N VAL C 103 -21.80 13.72 -60.54
CA VAL C 103 -20.35 13.89 -60.64
C VAL C 103 -19.65 12.61 -60.19
N LYS C 104 -20.15 11.99 -59.12
CA LYS C 104 -19.51 10.78 -58.61
C LYS C 104 -19.80 9.60 -59.50
N MET C 105 -20.99 9.56 -60.12
CA MET C 105 -21.32 8.45 -61.00
C MET C 105 -20.56 8.50 -62.31
N ALA C 106 -20.22 9.69 -62.78
CA ALA C 106 -19.53 9.80 -64.06
C ALA C 106 -18.11 9.26 -63.95
N ASP C 107 -17.51 8.97 -65.09
CA ASP C 107 -16.16 8.45 -65.15
C ASP C 107 -15.12 9.56 -65.05
N GLU C 108 -15.39 10.69 -65.67
CA GLU C 108 -14.54 11.87 -65.61
C GLU C 108 -15.44 13.07 -65.39
N ALA C 109 -14.88 14.12 -64.81
CA ALA C 109 -15.64 15.33 -64.54
C ALA C 109 -14.73 16.53 -64.71
N VAL C 110 -15.31 17.63 -65.17
CA VAL C 110 -14.61 18.90 -65.32
C VAL C 110 -15.38 19.96 -64.59
N CYS C 111 -14.70 20.75 -63.78
CA CYS C 111 -15.36 21.89 -63.16
C CYS C 111 -15.36 23.04 -64.15
N VAL C 112 -16.51 23.67 -64.34
CA VAL C 112 -16.68 24.71 -65.34
C VAL C 112 -16.68 26.09 -64.71
N GLY C 113 -17.38 26.26 -63.59
CA GLY C 113 -17.56 27.58 -63.05
C GLY C 113 -18.18 27.61 -61.68
N PRO C 114 -18.55 28.80 -61.23
CA PRO C 114 -19.10 28.95 -59.88
C PRO C 114 -20.57 28.59 -59.78
N ALA C 115 -21.12 28.76 -58.57
CA ALA C 115 -22.51 28.40 -58.30
C ALA C 115 -23.56 28.90 -59.30
N PRO C 116 -23.63 30.18 -59.70
CA PRO C 116 -24.71 30.59 -60.59
C PRO C 116 -24.60 29.94 -61.95
N THR C 117 -25.73 29.45 -62.45
CA THR C 117 -25.75 28.64 -63.66
C THR C 117 -25.25 29.39 -64.87
N SER C 118 -25.39 30.72 -64.89
CA SER C 118 -25.04 31.50 -66.07
C SER C 118 -23.56 31.40 -66.37
N LYS C 119 -22.77 30.98 -65.39
CA LYS C 119 -21.32 30.95 -65.51
C LYS C 119 -20.76 29.54 -65.46
N SER C 120 -21.63 28.54 -65.31
CA SER C 120 -21.23 27.15 -65.10
C SER C 120 -21.92 26.18 -66.03
N TYR C 121 -23.20 26.36 -66.31
CA TYR C 121 -23.92 25.45 -67.18
C TYR C 121 -24.40 26.13 -68.44
N LEU C 122 -24.50 27.46 -68.43
CA LEU C 122 -24.77 28.21 -69.65
C LEU C 122 -23.53 28.86 -70.24
N ASN C 123 -22.33 28.57 -69.72
CA ASN C 123 -21.09 29.12 -70.24
C ASN C 123 -20.56 28.20 -71.35
N MET C 124 -21.03 28.43 -72.57
CA MET C 124 -20.76 27.48 -73.65
C MET C 124 -19.28 27.44 -74.02
N ASP C 125 -18.55 28.55 -73.82
CA ASP C 125 -17.13 28.58 -74.14
C ASP C 125 -16.32 27.72 -73.19
N ALA C 126 -16.60 27.80 -71.89
CA ALA C 126 -15.94 26.97 -70.91
C ALA C 126 -16.29 25.50 -71.10
N ILE C 127 -17.51 25.23 -71.53
CA ILE C 127 -17.95 23.87 -71.80
C ILE C 127 -17.23 23.31 -73.02
N MET C 128 -17.09 24.12 -74.07
CA MET C 128 -16.36 23.67 -75.26
C MET C 128 -14.94 23.28 -74.92
N GLU C 129 -14.32 24.01 -74.00
CA GLU C 129 -12.99 23.66 -73.53
C GLU C 129 -12.99 22.31 -72.85
N ALA C 130 -13.99 22.04 -72.02
CA ALA C 130 -14.12 20.75 -71.38
C ALA C 130 -14.35 19.64 -72.39
N ILE C 131 -15.14 19.91 -73.43
CA ILE C 131 -15.46 18.90 -74.44
C ILE C 131 -14.21 18.44 -75.16
N LYS C 132 -13.37 19.40 -75.58
CA LYS C 132 -12.14 19.02 -76.24
C LYS C 132 -11.08 18.53 -75.27
N LYS C 133 -11.05 19.07 -74.05
CA LYS C 133 -10.04 18.65 -73.08
C LYS C 133 -10.15 17.16 -72.81
N THR C 134 -11.37 16.64 -72.70
CA THR C 134 -11.55 15.23 -72.43
C THR C 134 -11.67 14.38 -73.68
N ARG C 135 -11.56 15.00 -74.86
CA ARG C 135 -11.70 14.33 -76.16
C ARG C 135 -13.02 13.57 -76.25
N ALA C 136 -14.08 14.28 -75.87
CA ALA C 136 -15.43 13.76 -76.00
C ALA C 136 -15.85 13.74 -77.45
N GLN C 137 -16.67 12.74 -77.81
CA GLN C 137 -17.08 12.56 -79.19
C GLN C 137 -18.48 13.14 -79.46
N ALA C 138 -19.36 13.01 -78.47
CA ALA C 138 -20.75 13.49 -78.60
C ALA C 138 -21.14 14.21 -77.30
N VAL C 139 -22.10 15.13 -77.39
CA VAL C 139 -22.61 15.84 -76.20
C VAL C 139 -24.14 15.63 -76.08
N HIS C 140 -24.60 15.28 -74.87
CA HIS C 140 -26.05 15.17 -74.59
C HIS C 140 -26.44 16.19 -73.50
N PRO C 141 -27.09 17.29 -73.88
CA PRO C 141 -27.37 18.31 -72.88
C PRO C 141 -28.57 18.03 -71.99
N GLY C 142 -29.32 16.97 -72.25
CA GLY C 142 -30.55 16.71 -71.56
C GLY C 142 -31.59 17.75 -71.92
N TYR C 143 -32.07 18.49 -70.93
CA TYR C 143 -33.07 19.51 -71.17
C TYR C 143 -32.70 20.73 -70.34
N GLY C 144 -33.37 21.84 -70.63
CA GLY C 144 -33.23 23.01 -69.80
C GLY C 144 -32.21 24.01 -70.29
N PHE C 145 -30.93 23.73 -70.01
CA PHE C 145 -29.83 24.69 -70.14
C PHE C 145 -29.49 25.09 -71.57
N LEU C 146 -28.93 24.18 -72.34
CA LEU C 146 -28.46 24.54 -73.66
C LEU C 146 -29.10 23.64 -74.71
N SER C 147 -30.28 23.10 -74.40
CA SER C 147 -30.93 22.17 -75.29
C SER C 147 -31.54 22.86 -76.49
N GLU C 148 -31.86 24.15 -76.37
CA GLU C 148 -32.37 24.95 -77.47
C GLU C 148 -31.47 26.13 -77.81
N ASN C 149 -30.22 26.10 -77.37
CA ASN C 149 -29.31 27.21 -77.60
C ASN C 149 -28.60 27.02 -78.93
N LYS C 150 -28.97 27.82 -79.92
CA LYS C 150 -28.48 27.57 -81.28
C LYS C 150 -27.00 27.89 -81.40
N GLU C 151 -26.55 28.95 -80.72
CA GLU C 151 -25.15 29.34 -80.79
C GLU C 151 -24.24 28.24 -80.23
N PHE C 152 -24.70 27.56 -79.19
CA PHE C 152 -23.98 26.41 -78.66
C PHE C 152 -23.91 25.28 -79.68
N ALA C 153 -25.06 24.90 -80.24
CA ALA C 153 -25.06 23.84 -81.23
C ALA C 153 -24.26 24.20 -82.46
N ARG C 154 -24.27 25.48 -82.86
CA ARG C 154 -23.53 25.91 -84.04
C ARG C 154 -22.03 25.79 -83.82
N CYS C 155 -21.53 26.37 -82.72
CA CYS C 155 -20.12 26.30 -82.42
C CYS C 155 -19.66 24.92 -82.00
N LEU C 156 -20.57 24.09 -81.49
CA LEU C 156 -20.27 22.70 -81.23
C LEU C 156 -20.13 21.90 -82.51
N ALA C 157 -21.07 22.05 -83.44
CA ALA C 157 -20.96 21.36 -84.71
C ALA C 157 -19.75 21.83 -85.50
N ALA C 158 -19.38 23.11 -85.36
CA ALA C 158 -18.23 23.63 -86.08
C ALA C 158 -16.98 22.85 -85.73
N GLU C 159 -16.96 22.20 -84.58
CA GLU C 159 -15.79 21.48 -84.11
C GLU C 159 -15.93 19.98 -84.32
N ASP C 160 -16.93 19.57 -85.10
CA ASP C 160 -17.28 18.18 -85.47
C ASP C 160 -17.58 17.30 -84.26
N VAL C 161 -18.30 17.86 -83.29
CA VAL C 161 -18.72 17.07 -82.15
C VAL C 161 -20.17 16.75 -82.43
N VAL C 162 -20.57 15.51 -82.19
CA VAL C 162 -21.91 15.06 -82.51
C VAL C 162 -22.79 15.62 -81.43
N PHE C 163 -23.85 16.30 -81.83
CA PHE C 163 -24.84 16.79 -80.88
C PHE C 163 -26.05 15.90 -80.84
N ILE C 164 -26.40 15.50 -79.62
CA ILE C 164 -27.54 14.64 -79.39
C ILE C 164 -28.79 15.42 -78.98
N GLY C 165 -29.71 15.60 -79.93
CA GLY C 165 -30.82 16.49 -79.68
C GLY C 165 -31.22 17.04 -81.02
N PRO C 166 -32.01 18.19 -81.00
CA PRO C 166 -32.41 18.65 -82.33
C PRO C 166 -31.22 19.29 -83.01
N ASP C 167 -31.34 19.47 -84.32
CA ASP C 167 -30.36 20.18 -85.10
C ASP C 167 -30.84 21.61 -85.00
N THR C 168 -30.17 22.56 -85.63
CA THR C 168 -30.59 23.94 -85.45
C THR C 168 -31.75 24.31 -86.35
N HIS C 169 -31.99 23.54 -87.41
CA HIS C 169 -33.16 23.78 -88.24
C HIS C 169 -34.45 23.58 -87.45
N ALA C 170 -34.56 22.46 -86.74
CA ALA C 170 -35.77 22.21 -85.95
C ALA C 170 -35.95 23.26 -84.86
N ILE C 171 -34.86 23.71 -84.24
CA ILE C 171 -34.98 24.72 -83.19
C ILE C 171 -35.54 26.01 -83.77
N GLN C 172 -35.00 26.46 -84.90
CA GLN C 172 -35.50 27.67 -85.55
C GLN C 172 -36.88 27.48 -86.18
N ALA C 173 -37.15 26.29 -86.73
CA ALA C 173 -38.43 26.06 -87.39
C ALA C 173 -39.58 26.30 -86.43
N MET C 174 -39.42 25.91 -85.18
CA MET C 174 -40.45 26.11 -84.17
C MET C 174 -40.10 27.33 -83.31
N GLY C 175 -39.31 28.23 -83.88
CA GLY C 175 -38.77 29.32 -83.07
C GLY C 175 -39.88 30.22 -82.56
N ASP C 176 -40.95 30.37 -83.34
CA ASP C 176 -42.04 31.30 -83.06
C ASP C 176 -43.36 30.63 -83.41
N LYS C 177 -44.45 31.32 -83.11
CA LYS C 177 -45.79 30.78 -83.33
C LYS C 177 -46.27 30.75 -84.78
N ILE C 178 -45.72 31.64 -85.61
CA ILE C 178 -46.14 31.68 -87.01
C ILE C 178 -45.71 30.41 -87.76
N GLU C 179 -44.44 30.01 -87.62
CA GLU C 179 -43.98 28.80 -88.30
C GLU C 179 -44.66 27.57 -87.74
N SER C 180 -44.91 27.54 -86.43
CA SER C 180 -45.59 26.40 -85.84
C SER C 180 -47.01 26.26 -86.38
N LYS C 181 -47.75 27.36 -86.48
CA LYS C 181 -49.10 27.32 -87.01
C LYS C 181 -49.09 26.93 -88.48
N LEU C 182 -48.12 27.45 -89.22
CA LEU C 182 -48.05 27.10 -90.64
C LEU C 182 -47.76 25.62 -90.81
N LEU C 183 -46.89 25.04 -89.96
CA LEU C 183 -46.63 23.61 -90.04
C LEU C 183 -47.90 22.80 -89.77
N ALA C 184 -48.66 23.17 -88.75
CA ALA C 184 -49.90 22.47 -88.44
C ALA C 184 -50.90 22.52 -89.59
N LYS C 185 -50.85 23.56 -90.39
CA LYS C 185 -51.75 23.69 -91.53
C LYS C 185 -51.31 22.80 -92.67
N LYS C 186 -49.99 22.68 -92.83
CA LYS C 186 -49.39 21.91 -93.91
C LYS C 186 -49.39 20.41 -93.62
N ALA C 187 -49.18 20.09 -92.36
CA ALA C 187 -49.03 18.73 -91.92
C ALA C 187 -50.49 18.28 -91.82
N GLU C 188 -51.40 19.25 -91.89
CA GLU C 188 -52.82 19.05 -91.73
C GLU C 188 -53.21 18.47 -90.36
N VAL C 189 -53.13 19.30 -89.32
CA VAL C 189 -53.53 18.71 -88.05
C VAL C 189 -54.89 19.20 -87.59
N ASN C 190 -54.94 20.50 -87.27
CA ASN C 190 -56.16 21.23 -86.93
C ASN C 190 -56.06 22.79 -86.99
N THR C 191 -55.58 23.43 -85.94
CA THR C 191 -55.54 24.90 -85.95
C THR C 191 -56.78 25.62 -86.48
N ILE C 192 -57.85 25.57 -85.69
CA ILE C 192 -59.18 26.06 -86.01
C ILE C 192 -59.19 27.52 -86.45
N PRO C 193 -59.81 27.84 -87.58
CA PRO C 193 -59.79 29.21 -88.07
C PRO C 193 -60.45 30.21 -87.12
N GLY C 194 -59.97 31.44 -87.18
CA GLY C 194 -60.66 32.57 -86.58
C GLY C 194 -61.14 33.50 -87.68
N PHE C 195 -61.39 34.75 -87.29
CA PHE C 195 -61.83 35.75 -88.25
C PHE C 195 -60.64 36.61 -88.64
N ASP C 196 -60.26 36.54 -89.91
CA ASP C 196 -59.12 37.29 -90.42
C ASP C 196 -59.63 38.66 -90.84
N GLY C 197 -59.97 39.46 -89.84
CA GLY C 197 -60.47 40.79 -90.07
C GLY C 197 -61.01 41.35 -88.76
N VAL C 198 -61.35 42.64 -88.76
CA VAL C 198 -61.86 43.25 -87.54
C VAL C 198 -63.38 43.26 -87.57
N VAL C 199 -63.98 42.88 -86.44
CA VAL C 199 -65.43 42.94 -86.35
C VAL C 199 -65.84 44.35 -85.95
N LYS C 200 -66.71 44.95 -86.75
CA LYS C 200 -67.08 46.35 -86.57
C LYS C 200 -68.54 46.52 -86.21
N ASP C 201 -69.42 45.77 -86.87
CA ASP C 201 -70.84 45.93 -86.73
C ASP C 201 -71.34 45.07 -85.56
N ALA C 202 -72.62 45.20 -85.26
CA ALA C 202 -73.24 44.44 -84.18
C ALA C 202 -73.66 43.06 -84.64
N GLU C 203 -73.93 42.90 -85.93
CA GLU C 203 -74.36 41.62 -86.50
C GLU C 203 -73.22 40.79 -87.02
N GLU C 204 -72.05 41.38 -87.30
CA GLU C 204 -70.89 40.61 -87.70
C GLU C 204 -70.39 39.68 -86.60
N ALA C 205 -70.49 40.11 -85.34
CA ALA C 205 -70.03 39.26 -84.24
C ALA C 205 -70.73 37.91 -84.24
N VAL C 206 -72.02 37.89 -84.62
CA VAL C 206 -72.72 36.60 -84.66
C VAL C 206 -72.68 35.97 -86.04
N ARG C 207 -72.76 36.78 -87.10
CA ARG C 207 -72.77 36.18 -88.44
C ARG C 207 -71.47 35.43 -88.71
N ILE C 208 -70.32 36.00 -88.33
CA ILE C 208 -69.07 35.31 -88.62
C ILE C 208 -68.98 34.02 -87.79
N ALA C 209 -69.39 34.07 -86.52
CA ALA C 209 -69.39 32.86 -85.69
C ALA C 209 -70.25 31.75 -86.29
N ARG C 210 -71.41 32.12 -86.84
CA ARG C 210 -72.29 31.12 -87.45
C ARG C 210 -71.58 30.39 -88.58
N GLU C 211 -70.74 31.09 -89.34
CA GLU C 211 -70.05 30.43 -90.43
C GLU C 211 -68.93 29.51 -89.97
N ILE C 212 -68.24 29.81 -88.86
CA ILE C 212 -67.11 28.97 -88.46
C ILE C 212 -67.49 27.94 -87.40
N GLY C 213 -68.26 28.33 -86.39
CA GLY C 213 -68.53 27.42 -85.30
C GLY C 213 -69.45 27.91 -84.18
N TYR C 214 -69.42 27.23 -83.04
CA TYR C 214 -70.31 27.60 -81.93
C TYR C 214 -69.70 28.31 -80.71
N PRO C 215 -68.75 27.59 -80.01
CA PRO C 215 -68.16 28.30 -78.87
C PRO C 215 -67.31 29.37 -79.53
N VAL C 216 -67.61 30.62 -79.20
CA VAL C 216 -66.89 31.76 -79.77
C VAL C 216 -66.42 32.68 -78.66
N MET C 217 -65.17 33.12 -78.79
CA MET C 217 -64.52 34.03 -77.85
C MET C 217 -64.38 35.40 -78.50
N ILE C 218 -64.66 36.46 -77.73
CA ILE C 218 -64.43 37.83 -78.16
C ILE C 218 -63.26 38.41 -77.38
N LYS C 219 -62.25 38.91 -78.09
CA LYS C 219 -61.04 39.46 -77.48
C LYS C 219 -60.60 40.69 -78.28
N ALA C 220 -59.75 41.51 -77.66
CA ALA C 220 -59.10 42.65 -78.29
C ALA C 220 -58.17 42.20 -79.42
N SER C 221 -58.06 43.03 -80.46
CA SER C 221 -57.15 42.75 -81.56
C SER C 221 -55.69 42.74 -81.11
N ALA C 222 -55.39 43.49 -80.05
CA ALA C 222 -54.07 43.48 -79.44
C ALA C 222 -54.19 43.83 -77.96
N GLY C 223 -53.58 43.02 -77.11
CA GLY C 223 -53.60 43.23 -75.69
C GLY C 223 -53.93 41.94 -74.97
N GLY C 224 -54.24 42.08 -73.68
CA GLY C 224 -54.54 40.93 -72.86
C GLY C 224 -54.88 41.35 -71.45
N GLY C 225 -55.09 40.35 -70.59
CA GLY C 225 -55.42 40.60 -69.21
C GLY C 225 -56.86 41.03 -69.02
N GLY C 226 -57.75 40.50 -69.86
CA GLY C 226 -59.16 40.87 -69.79
C GLY C 226 -59.48 42.15 -70.53
N LYS C 227 -58.73 42.46 -71.57
CA LYS C 227 -58.93 43.70 -72.32
C LYS C 227 -60.17 43.53 -73.19
N GLY C 228 -61.34 43.58 -72.54
CA GLY C 228 -62.61 43.40 -73.21
C GLY C 228 -62.94 41.99 -73.60
N MET C 229 -62.41 40.99 -72.89
CA MET C 229 -62.62 39.59 -73.26
C MET C 229 -63.90 39.13 -72.61
N ARG C 230 -64.66 38.31 -73.34
CA ARG C 230 -65.84 37.63 -72.82
C ARG C 230 -66.01 36.32 -73.56
N ILE C 231 -66.62 35.34 -72.89
CA ILE C 231 -66.87 34.03 -73.49
C ILE C 231 -68.34 33.97 -73.87
N ALA C 232 -68.60 33.58 -75.12
CA ALA C 232 -69.97 33.49 -75.60
C ALA C 232 -70.21 32.14 -76.26
N TRP C 233 -71.46 31.70 -76.21
CA TRP C 233 -71.93 30.47 -76.83
C TRP C 233 -73.04 30.69 -77.84
N ASP C 234 -74.13 31.33 -77.43
CA ASP C 234 -75.24 31.60 -78.33
C ASP C 234 -75.05 32.97 -78.95
N ASP C 235 -75.99 33.34 -79.82
CA ASP C 235 -75.92 34.62 -80.51
C ASP C 235 -76.28 35.81 -79.64
N GLU C 236 -77.12 35.64 -78.62
CA GLU C 236 -77.58 36.77 -77.81
C GLU C 236 -76.45 37.37 -77.00
N GLU C 237 -75.68 36.54 -76.30
CA GLU C 237 -74.54 37.11 -75.59
C GLU C 237 -73.32 37.31 -76.46
N THR C 238 -73.23 36.69 -77.65
CA THR C 238 -72.15 37.12 -78.52
C THR C 238 -72.38 38.56 -79.00
N ARG C 239 -73.61 38.91 -79.39
CA ARG C 239 -73.90 40.27 -79.81
C ARG C 239 -73.66 41.25 -78.66
N ASP C 240 -74.12 40.87 -77.46
CA ASP C 240 -73.99 41.71 -76.28
C ASP C 240 -72.52 41.90 -75.88
N GLY C 241 -71.75 40.80 -75.89
CA GLY C 241 -70.34 40.90 -75.55
C GLY C 241 -69.57 41.82 -76.48
N PHE C 242 -69.80 41.73 -77.79
CA PHE C 242 -69.09 42.58 -78.72
C PHE C 242 -69.40 44.05 -78.46
N ARG C 243 -70.69 44.40 -78.40
CA ARG C 243 -71.02 45.82 -78.36
C ARG C 243 -70.56 46.46 -77.06
N LEU C 244 -70.50 45.68 -75.97
CA LEU C 244 -69.98 46.16 -74.69
C LEU C 244 -68.49 46.46 -74.79
N SER C 245 -67.73 45.54 -75.40
CA SER C 245 -66.30 45.69 -75.54
C SER C 245 -65.95 46.79 -76.53
N SER C 246 -66.70 46.86 -77.62
CA SER C 246 -66.44 47.85 -78.67
C SER C 246 -66.80 49.27 -78.23
N GLN C 247 -67.69 49.43 -77.24
CA GLN C 247 -67.95 50.76 -76.71
C GLN C 247 -67.17 51.12 -75.45
N GLU C 248 -66.73 50.14 -74.64
CA GLU C 248 -65.99 50.50 -73.44
C GLU C 248 -64.49 50.34 -73.56
N ALA C 249 -63.98 49.47 -74.44
CA ALA C 249 -62.54 49.22 -74.53
C ALA C 249 -61.76 50.47 -74.87
N ALA C 250 -62.37 51.40 -75.60
CA ALA C 250 -61.70 52.63 -76.00
C ALA C 250 -61.27 53.46 -74.80
N SER C 251 -61.90 53.25 -73.64
CA SER C 251 -61.57 53.97 -72.42
C SER C 251 -60.41 53.36 -71.65
N SER C 252 -59.92 52.19 -72.07
CA SER C 252 -58.82 51.58 -71.33
C SER C 252 -57.49 51.96 -71.96
N PHE C 253 -57.17 51.37 -73.11
CA PHE C 253 -55.89 51.63 -73.77
C PHE C 253 -56.07 52.31 -75.12
N GLY C 254 -57.25 52.86 -75.40
CA GLY C 254 -57.50 53.58 -76.63
C GLY C 254 -57.73 52.75 -77.86
N ASP C 255 -58.20 51.51 -77.72
CA ASP C 255 -58.40 50.61 -78.84
C ASP C 255 -59.65 49.79 -78.64
N ASP C 256 -60.53 49.79 -79.63
CA ASP C 256 -61.84 49.17 -79.49
C ASP C 256 -62.11 48.24 -80.67
N ARG C 257 -61.02 47.78 -81.31
CA ARG C 257 -61.13 46.80 -82.37
C ARG C 257 -61.15 45.40 -81.77
N LEU C 258 -62.22 44.65 -82.06
CA LEU C 258 -62.42 43.30 -81.51
C LEU C 258 -62.23 42.24 -82.60
N LEU C 259 -61.65 41.11 -82.21
CA LEU C 259 -61.54 39.93 -83.06
C LEU C 259 -62.35 38.81 -82.44
N ILE C 260 -62.78 37.85 -83.26
CA ILE C 260 -63.39 36.63 -82.73
C ILE C 260 -62.61 35.43 -83.24
N GLU C 261 -62.51 34.42 -82.38
CA GLU C 261 -61.86 33.13 -82.59
C GLU C 261 -62.72 32.10 -81.85
N LYS C 262 -62.30 30.83 -81.89
CA LYS C 262 -63.11 29.75 -81.31
C LYS C 262 -62.37 29.12 -80.10
N PHE C 263 -63.09 28.67 -79.07
CA PHE C 263 -62.43 28.19 -77.87
C PHE C 263 -62.97 26.81 -77.53
N ILE C 264 -62.45 26.24 -76.46
CA ILE C 264 -62.90 24.98 -75.89
C ILE C 264 -63.17 25.15 -74.40
N ASP C 265 -64.03 24.28 -73.88
CA ASP C 265 -64.36 24.19 -72.46
C ASP C 265 -63.38 23.25 -71.77
N ASN C 266 -63.55 23.03 -70.45
CA ASN C 266 -62.70 22.26 -69.54
C ASN C 266 -61.61 21.47 -70.26
N PRO C 267 -60.49 22.13 -70.59
CA PRO C 267 -59.47 21.48 -71.41
C PRO C 267 -58.69 20.44 -70.63
N ARG C 268 -58.20 19.45 -71.33
CA ARG C 268 -57.19 18.54 -70.81
C ARG C 268 -55.93 18.63 -71.67
N HIS C 269 -54.78 18.61 -71.01
CA HIS C 269 -53.49 18.75 -71.69
C HIS C 269 -52.93 17.36 -71.95
N ILE C 270 -52.75 17.00 -73.22
CA ILE C 270 -52.36 15.64 -73.57
C ILE C 270 -51.17 15.71 -74.50
N GLU C 271 -50.13 14.95 -74.19
CA GLU C 271 -48.91 14.94 -74.97
C GLU C 271 -48.82 13.64 -75.75
N ILE C 272 -48.24 13.71 -76.93
CA ILE C 272 -47.83 12.52 -77.67
C ILE C 272 -46.36 12.67 -78.01
N GLN C 273 -45.58 11.65 -77.70
CA GLN C 273 -44.15 11.67 -77.96
C GLN C 273 -43.83 11.04 -79.30
N VAL C 274 -42.87 11.63 -80.02
CA VAL C 274 -42.45 11.13 -81.32
C VAL C 274 -40.95 10.92 -81.34
N LEU C 275 -40.53 9.80 -81.90
CA LEU C 275 -39.13 9.44 -82.06
C LEU C 275 -38.83 9.55 -83.55
N GLY C 276 -38.02 10.53 -83.92
CA GLY C 276 -37.63 10.74 -85.31
C GLY C 276 -36.43 9.91 -85.69
N ASP C 277 -36.33 9.61 -86.98
CA ASP C 277 -35.20 8.88 -87.54
C ASP C 277 -34.49 9.74 -88.59
N LYS C 278 -33.16 9.67 -88.58
CA LYS C 278 -32.37 10.36 -89.58
C LYS C 278 -32.64 9.88 -91.00
N HIS C 279 -33.26 8.70 -91.15
CA HIS C 279 -33.54 8.16 -92.47
C HIS C 279 -34.93 8.53 -92.98
N GLY C 280 -35.66 9.33 -92.24
CA GLY C 280 -36.98 9.77 -92.65
C GLY C 280 -38.12 9.09 -91.92
N ASN C 281 -37.84 8.04 -91.14
CA ASN C 281 -38.88 7.38 -90.39
C ASN C 281 -39.20 8.16 -89.12
N ALA C 282 -40.38 7.90 -88.56
CA ALA C 282 -40.76 8.49 -87.27
C ALA C 282 -41.88 7.64 -86.68
N LEU C 283 -41.78 7.34 -85.40
CA LEU C 283 -42.85 6.61 -84.72
C LEU C 283 -43.40 7.45 -83.59
N TRP C 284 -44.65 7.18 -83.23
CA TRP C 284 -45.30 7.87 -82.14
C TRP C 284 -45.52 6.89 -81.01
N LEU C 285 -45.39 7.37 -79.78
CA LEU C 285 -45.52 6.54 -78.61
C LEU C 285 -46.85 6.86 -77.93
N ASN C 286 -47.19 6.07 -76.91
CA ASN C 286 -48.40 6.33 -76.16
C ASN C 286 -48.38 7.75 -75.58
N GLU C 287 -49.56 8.31 -75.43
CA GLU C 287 -49.72 9.68 -74.96
C GLU C 287 -49.37 9.82 -73.47
N ARG C 288 -49.48 11.07 -72.98
CA ARG C 288 -49.40 11.38 -71.56
C ARG C 288 -50.47 12.41 -71.22
N GLU C 289 -51.16 12.16 -70.11
CA GLU C 289 -52.10 13.12 -69.54
C GLU C 289 -51.37 13.96 -68.51
N CYS C 290 -51.31 15.26 -68.72
CA CYS C 290 -50.51 16.15 -67.90
C CYS C 290 -51.34 17.32 -67.42
N SER C 291 -52.41 17.05 -66.67
CA SER C 291 -53.33 18.13 -66.33
C SER C 291 -53.12 18.67 -64.92
N ILE C 292 -52.47 17.90 -64.03
CA ILE C 292 -52.28 18.37 -62.66
C ILE C 292 -51.03 19.21 -62.61
N GLN C 293 -51.18 20.50 -62.34
CA GLN C 293 -50.07 21.44 -62.46
C GLN C 293 -50.27 22.60 -61.52
N ARG C 294 -49.17 23.28 -61.17
CA ARG C 294 -49.29 24.57 -60.52
C ARG C 294 -48.16 25.47 -61.02
N ARG C 295 -48.48 26.77 -61.13
CA ARG C 295 -47.63 27.85 -61.63
C ARG C 295 -47.03 27.56 -63.00
N ASN C 296 -47.88 26.95 -63.84
CA ASN C 296 -47.60 26.48 -65.21
C ASN C 296 -46.48 25.44 -65.28
N GLN C 297 -46.39 24.62 -64.24
CA GLN C 297 -45.42 23.54 -64.22
C GLN C 297 -46.10 22.26 -63.75
N LYS C 298 -45.84 21.19 -64.46
CA LYS C 298 -46.55 19.95 -64.18
C LYS C 298 -45.98 19.30 -62.91
N VAL C 299 -46.85 18.58 -62.20
CA VAL C 299 -46.40 17.85 -61.03
C VAL C 299 -46.77 16.38 -61.09
N VAL C 300 -47.92 16.05 -61.69
CA VAL C 300 -48.35 14.67 -61.80
C VAL C 300 -48.83 14.41 -63.23
N GLU C 301 -48.37 13.29 -63.79
CA GLU C 301 -48.69 12.88 -65.13
C GLU C 301 -49.08 11.41 -65.12
N GLU C 302 -49.89 11.03 -66.10
CA GLU C 302 -50.34 9.66 -66.30
C GLU C 302 -50.08 9.36 -67.76
N ALA C 303 -49.61 8.16 -68.08
CA ALA C 303 -49.31 7.86 -69.48
C ALA C 303 -50.49 7.42 -70.33
N PRO C 304 -51.16 6.36 -69.89
CA PRO C 304 -52.31 5.81 -70.61
C PRO C 304 -53.55 6.63 -70.31
N SER C 305 -53.47 7.91 -70.64
CA SER C 305 -54.56 8.86 -70.40
C SER C 305 -55.85 8.32 -69.76
N ILE C 306 -56.93 8.30 -70.54
CA ILE C 306 -58.27 7.81 -70.20
C ILE C 306 -59.24 8.46 -71.17
N PHE C 307 -58.78 9.50 -71.85
CA PHE C 307 -59.64 10.32 -72.69
C PHE C 307 -59.49 9.86 -74.12
N LEU C 308 -58.82 8.73 -74.32
CA LEU C 308 -58.58 8.18 -75.65
C LEU C 308 -58.93 6.71 -75.77
N ASP C 309 -59.59 6.35 -76.86
CA ASP C 309 -59.79 4.96 -77.23
C ASP C 309 -58.75 4.60 -78.30
N ALA C 310 -58.80 3.38 -78.82
CA ALA C 310 -57.76 2.95 -79.74
C ALA C 310 -57.72 3.79 -81.01
N GLU C 311 -58.88 4.17 -81.53
CA GLU C 311 -58.91 4.94 -82.78
C GLU C 311 -58.41 6.37 -82.58
N THR C 312 -58.76 7.01 -81.47
CA THR C 312 -58.28 8.36 -81.22
C THR C 312 -56.76 8.40 -81.07
N ARG C 313 -56.19 7.39 -80.40
CA ARG C 313 -54.74 7.33 -80.25
C ARG C 313 -54.05 7.25 -81.61
N ARG C 314 -54.58 6.42 -82.51
CA ARG C 314 -53.99 6.32 -83.83
C ARG C 314 -54.15 7.62 -84.61
N ALA C 315 -55.34 8.21 -84.54
CA ALA C 315 -55.62 9.43 -85.29
C ALA C 315 -54.69 10.56 -84.88
N MET C 316 -54.49 10.72 -83.58
CA MET C 316 -53.64 11.80 -83.08
C MET C 316 -52.17 11.46 -83.20
N GLY C 317 -51.81 10.18 -83.06
CA GLY C 317 -50.42 9.78 -83.25
C GLY C 317 -49.93 10.05 -84.65
N GLU C 318 -50.77 9.76 -85.65
CA GLU C 318 -50.42 10.04 -87.04
C GLU C 318 -50.24 11.52 -87.29
N GLN C 319 -51.07 12.37 -86.70
CA GLN C 319 -50.86 13.81 -86.85
C GLN C 319 -49.57 14.30 -86.19
N ALA C 320 -49.22 13.78 -85.01
CA ALA C 320 -47.95 14.14 -84.40
C ALA C 320 -46.78 13.72 -85.28
N VAL C 321 -46.90 12.56 -85.94
CA VAL C 321 -45.85 12.14 -86.87
C VAL C 321 -45.82 13.07 -88.08
N ALA C 322 -46.99 13.44 -88.60
CA ALA C 322 -47.08 14.36 -89.74
C ALA C 322 -46.36 15.67 -89.48
N LEU C 323 -46.41 16.15 -88.25
CA LEU C 323 -45.61 17.33 -87.94
C LEU C 323 -44.12 17.00 -88.00
N ALA C 324 -43.68 15.92 -87.36
CA ALA C 324 -42.26 15.59 -87.31
C ALA C 324 -41.66 15.32 -88.69
N ARG C 325 -42.39 14.68 -89.59
CA ARG C 325 -41.86 14.33 -90.90
C ARG C 325 -41.85 15.48 -91.88
N ALA C 326 -42.40 16.62 -91.52
CA ALA C 326 -42.47 17.76 -92.42
C ALA C 326 -41.46 18.84 -92.08
N VAL C 327 -40.64 18.63 -91.05
CA VAL C 327 -39.59 19.56 -90.69
C VAL C 327 -38.33 18.72 -90.56
N LYS C 328 -38.54 17.43 -90.79
CA LYS C 328 -37.54 16.38 -90.68
C LYS C 328 -36.93 16.38 -89.29
N TYR C 329 -37.80 16.26 -88.29
CA TYR C 329 -37.40 16.25 -86.89
C TYR C 329 -36.81 14.91 -86.47
N SER C 330 -35.55 14.69 -86.85
CA SER C 330 -34.85 13.43 -86.65
C SER C 330 -34.18 13.54 -85.29
N SER C 331 -35.04 13.60 -84.27
CA SER C 331 -34.72 13.71 -82.84
C SER C 331 -35.95 13.24 -82.07
N ALA C 332 -35.85 13.16 -80.74
CA ALA C 332 -37.02 12.85 -79.95
C ALA C 332 -37.65 14.12 -79.41
N GLY C 333 -38.97 14.17 -79.42
CA GLY C 333 -39.67 15.37 -78.98
C GLY C 333 -41.11 15.06 -78.67
N THR C 334 -41.85 16.12 -78.38
CA THR C 334 -43.22 15.98 -77.91
C THR C 334 -44.13 16.95 -78.63
N VAL C 335 -45.34 16.49 -78.93
CA VAL C 335 -46.38 17.33 -79.51
C VAL C 335 -47.51 17.45 -78.51
N GLU C 336 -47.91 18.69 -78.24
CA GLU C 336 -48.96 18.95 -77.27
C GLU C 336 -50.31 19.28 -77.90
N PHE C 337 -51.33 18.57 -77.43
CA PHE C 337 -52.70 18.75 -77.89
C PHE C 337 -53.55 19.18 -76.69
N LEU C 338 -54.61 19.92 -76.98
CA LEU C 338 -55.68 20.19 -76.04
C LEU C 338 -56.93 19.48 -76.55
N VAL C 339 -57.66 18.83 -75.65
CA VAL C 339 -58.91 18.16 -75.97
C VAL C 339 -60.01 18.80 -75.13
N ASP C 340 -61.16 19.01 -75.75
CA ASP C 340 -62.32 19.57 -75.08
C ASP C 340 -63.16 18.44 -74.50
N SER C 341 -64.32 18.81 -73.94
CA SER C 341 -65.16 17.82 -73.26
C SER C 341 -65.78 16.85 -74.25
N LYS C 342 -65.72 17.17 -75.55
CA LYS C 342 -66.38 16.35 -76.56
C LYS C 342 -65.37 15.51 -77.33
N LYS C 343 -64.15 15.42 -76.82
CA LYS C 343 -63.10 14.67 -77.48
C LYS C 343 -62.66 15.27 -78.82
N ASN C 344 -62.77 16.58 -78.97
CA ASN C 344 -62.18 17.26 -80.10
C ASN C 344 -60.79 17.73 -79.72
N PHE C 345 -59.82 17.31 -80.52
CA PHE C 345 -58.41 17.54 -80.27
C PHE C 345 -57.89 18.66 -81.16
N TYR C 346 -57.18 19.61 -80.54
CA TYR C 346 -56.63 20.77 -81.24
C TYR C 346 -55.13 20.84 -81.00
N PHE C 347 -54.38 21.24 -82.01
CA PHE C 347 -52.94 21.40 -81.91
C PHE C 347 -52.59 22.55 -80.98
N LEU C 348 -51.61 22.34 -80.09
CA LEU C 348 -51.12 23.45 -79.29
C LEU C 348 -49.69 23.84 -79.60
N GLU C 349 -48.76 22.91 -79.49
CA GLU C 349 -47.37 23.26 -79.76
C GLU C 349 -46.47 22.04 -79.90
N MET C 350 -45.39 22.23 -80.64
CA MET C 350 -44.42 21.17 -80.86
C MET C 350 -43.15 21.52 -80.11
N ASN C 351 -42.71 20.58 -79.26
CA ASN C 351 -41.51 20.68 -78.43
C ASN C 351 -40.32 19.86 -78.93
N THR C 352 -39.13 20.46 -78.90
CA THR C 352 -37.94 19.77 -79.36
C THR C 352 -36.91 19.57 -78.26
N ARG C 353 -37.10 18.51 -77.48
CA ARG C 353 -36.18 18.22 -76.40
C ARG C 353 -36.76 17.11 -75.54
N LEU C 354 -35.90 16.31 -74.94
CA LEU C 354 -36.36 15.24 -74.08
C LEU C 354 -37.15 15.93 -72.99
N GLN C 355 -38.39 15.50 -72.79
CA GLN C 355 -39.21 16.13 -71.78
C GLN C 355 -38.94 15.59 -70.40
N VAL C 356 -39.41 16.31 -69.40
CA VAL C 356 -39.23 15.89 -68.04
C VAL C 356 -40.28 14.83 -67.77
N GLU C 357 -41.15 14.62 -68.75
CA GLU C 357 -42.21 13.62 -68.62
C GLU C 357 -41.95 12.44 -69.55
N HIS C 358 -40.70 12.00 -69.58
CA HIS C 358 -40.31 10.89 -70.40
C HIS C 358 -40.01 9.63 -69.60
N PRO C 359 -40.19 9.67 -68.28
CA PRO C 359 -39.88 8.43 -67.56
C PRO C 359 -41.14 7.65 -67.21
N VAL C 360 -42.30 8.18 -67.62
CA VAL C 360 -43.58 7.54 -67.33
C VAL C 360 -44.09 6.77 -68.55
N THR C 361 -43.77 7.24 -69.76
CA THR C 361 -44.13 6.50 -70.97
C THR C 361 -43.32 5.23 -71.07
N GLU C 362 -42.04 5.28 -70.70
CA GLU C 362 -41.16 4.12 -70.79
C GLU C 362 -41.69 2.92 -70.02
N CYS C 363 -42.40 3.13 -68.92
CA CYS C 363 -42.90 2.01 -68.16
C CYS C 363 -44.05 1.29 -68.82
N ILE C 364 -44.65 1.84 -69.88
CA ILE C 364 -45.71 1.08 -70.54
C ILE C 364 -45.34 0.74 -71.97
N THR C 365 -44.32 1.39 -72.52
CA THR C 365 -43.86 1.04 -73.85
C THR C 365 -42.70 0.06 -73.82
N GLY C 366 -41.96 0.00 -72.71
CA GLY C 366 -40.83 -0.89 -72.62
C GLY C 366 -39.59 -0.42 -73.34
N LEU C 367 -39.44 0.89 -73.55
CA LEU C 367 -38.34 1.43 -74.31
C LEU C 367 -37.35 2.11 -73.35
N ASP C 368 -36.20 2.49 -73.90
CA ASP C 368 -35.18 3.25 -73.18
C ASP C 368 -34.85 4.45 -74.06
N LEU C 369 -35.38 5.61 -73.70
CA LEU C 369 -35.28 6.76 -74.58
C LEU C 369 -33.85 7.25 -74.76
N VAL C 370 -33.02 7.23 -73.72
CA VAL C 370 -31.66 7.71 -73.85
C VAL C 370 -30.84 6.78 -74.73
N GLN C 371 -31.01 5.46 -74.57
CA GLN C 371 -30.32 4.49 -75.41
C GLN C 371 -30.67 4.70 -76.88
N GLU C 372 -31.94 4.99 -77.15
CA GLU C 372 -32.39 5.15 -78.52
C GLU C 372 -31.85 6.45 -79.12
N MET C 373 -31.89 7.54 -78.35
CA MET C 373 -31.36 8.81 -78.82
C MET C 373 -29.88 8.72 -79.16
N ILE C 374 -29.11 8.01 -78.34
CA ILE C 374 -27.70 7.85 -78.67
C ILE C 374 -27.49 7.06 -79.95
N ARG C 375 -28.22 5.95 -80.16
CA ARG C 375 -28.01 5.24 -81.41
C ARG C 375 -28.43 6.06 -82.63
N VAL C 376 -29.53 6.81 -82.53
CA VAL C 376 -29.97 7.63 -83.66
C VAL C 376 -28.93 8.69 -83.98
N ALA C 377 -28.40 9.33 -82.94
CA ALA C 377 -27.33 10.30 -83.15
C ALA C 377 -26.09 9.68 -83.78
N LYS C 378 -25.77 8.43 -83.44
CA LYS C 378 -24.65 7.77 -84.11
C LYS C 378 -24.95 7.57 -85.59
N GLY C 379 -26.21 7.31 -85.92
CA GLY C 379 -26.62 7.14 -87.31
C GLY C 379 -27.37 5.86 -87.58
N TYR C 380 -27.84 5.16 -86.56
CA TYR C 380 -28.60 3.95 -86.76
C TYR C 380 -30.07 4.27 -86.98
N PRO C 381 -30.78 3.45 -87.75
CA PRO C 381 -32.24 3.63 -87.85
C PRO C 381 -32.94 3.19 -86.58
N LEU C 382 -34.21 3.56 -86.47
CA LEU C 382 -35.04 3.12 -85.35
C LEU C 382 -35.12 1.60 -85.31
N ARG C 383 -35.00 1.03 -84.12
CA ARG C 383 -35.01 -0.42 -83.95
C ARG C 383 -36.41 -1.03 -83.89
N HIS C 384 -37.47 -0.22 -83.96
CA HIS C 384 -38.83 -0.70 -83.77
C HIS C 384 -39.69 -0.22 -84.93
N LYS C 385 -40.83 -0.88 -85.08
CA LYS C 385 -41.87 -0.45 -86.00
C LYS C 385 -43.14 -0.15 -85.20
N GLN C 386 -44.05 0.61 -85.79
CA GLN C 386 -45.20 1.08 -85.05
C GLN C 386 -46.07 -0.07 -84.51
N ALA C 387 -46.12 -1.20 -85.20
CA ALA C 387 -46.97 -2.30 -84.75
C ALA C 387 -46.52 -2.88 -83.41
N ASP C 388 -45.29 -2.61 -83.00
CA ASP C 388 -44.73 -3.19 -81.78
C ASP C 388 -44.86 -2.26 -80.58
N ILE C 389 -45.51 -1.11 -80.74
CA ILE C 389 -45.65 -0.12 -79.68
C ILE C 389 -47.05 -0.25 -79.11
N ARG C 390 -47.14 -0.60 -77.83
CA ARG C 390 -48.41 -0.87 -77.20
C ARG C 390 -48.36 -0.43 -75.75
N ILE C 391 -49.50 -0.50 -75.08
CA ILE C 391 -49.62 -0.15 -73.68
C ILE C 391 -49.53 -1.43 -72.88
N ASN C 392 -48.39 -1.64 -72.23
CA ASN C 392 -48.24 -2.79 -71.33
C ASN C 392 -48.52 -2.39 -69.88
N GLY C 393 -49.77 -2.10 -69.55
CA GLY C 393 -50.02 -1.64 -68.21
C GLY C 393 -50.19 -0.15 -68.04
N TRP C 394 -50.17 0.30 -66.79
CA TRP C 394 -50.40 1.71 -66.49
C TRP C 394 -49.27 2.27 -65.64
N ALA C 395 -48.93 3.54 -65.86
CA ALA C 395 -47.86 4.17 -65.09
C ALA C 395 -48.23 5.61 -64.77
N VAL C 396 -47.94 6.01 -63.54
CA VAL C 396 -48.23 7.37 -63.06
C VAL C 396 -46.96 7.91 -62.43
N GLU C 397 -46.70 9.21 -62.61
CA GLU C 397 -45.48 9.81 -62.09
C GLU C 397 -45.81 11.07 -61.31
N CYS C 398 -45.09 11.24 -60.20
CA CYS C 398 -45.23 12.40 -59.33
C CYS C 398 -43.88 13.06 -59.14
N ARG C 399 -43.84 14.38 -59.28
CA ARG C 399 -42.61 15.15 -59.10
C ARG C 399 -42.57 15.65 -57.66
N VAL C 400 -41.46 15.40 -56.98
CA VAL C 400 -41.31 15.84 -55.60
C VAL C 400 -40.30 16.99 -55.58
N TYR C 401 -40.74 18.13 -55.06
CA TYR C 401 -40.02 19.38 -54.98
C TYR C 401 -39.75 19.72 -53.52
N ALA C 402 -38.66 20.45 -53.30
CA ALA C 402 -38.39 21.01 -51.98
C ALA C 402 -39.12 22.33 -51.78
N GLU C 403 -40.44 22.23 -51.66
CA GLU C 403 -41.32 23.39 -51.66
C GLU C 403 -42.38 23.23 -50.59
N ASP C 404 -42.85 24.36 -50.08
CA ASP C 404 -43.94 24.37 -49.12
C ASP C 404 -45.25 24.45 -49.88
N PRO C 405 -46.07 23.40 -49.90
CA PRO C 405 -47.32 23.46 -50.66
C PRO C 405 -48.35 24.40 -50.09
N TYR C 406 -48.20 24.86 -48.85
CA TYR C 406 -49.21 25.74 -48.26
C TYR C 406 -49.08 27.16 -48.74
N LYS C 407 -47.86 27.59 -49.06
CA LYS C 407 -47.56 28.99 -49.36
C LYS C 407 -47.77 29.24 -50.84
N SER C 408 -49.05 29.38 -51.22
CA SER C 408 -49.50 29.60 -52.60
C SER C 408 -49.03 28.50 -53.55
N PHE C 409 -49.15 27.25 -53.09
CA PHE C 409 -48.84 26.04 -53.87
C PHE C 409 -47.39 26.03 -54.36
N GLY C 410 -46.49 25.80 -53.42
CA GLY C 410 -45.12 25.51 -53.79
C GLY C 410 -44.11 26.64 -53.68
N LEU C 411 -43.90 27.15 -52.48
CA LEU C 411 -42.87 28.18 -52.29
C LEU C 411 -41.54 27.51 -51.93
N PRO C 412 -40.47 27.78 -52.69
CA PRO C 412 -39.20 27.08 -52.45
C PRO C 412 -38.66 27.21 -51.05
N SER C 413 -38.16 26.10 -50.54
CA SER C 413 -37.46 26.02 -49.26
C SER C 413 -35.96 25.89 -49.51
N ILE C 414 -35.17 26.22 -48.50
CA ILE C 414 -33.72 26.13 -48.59
C ILE C 414 -33.23 25.26 -47.44
N GLY C 415 -32.34 24.33 -47.76
CA GLY C 415 -31.83 23.47 -46.74
C GLY C 415 -31.01 22.28 -47.17
N ARG C 416 -30.61 21.56 -46.13
CA ARG C 416 -29.77 20.38 -46.23
C ARG C 416 -30.54 19.16 -45.76
N LEU C 417 -30.29 18.06 -46.45
CA LEU C 417 -30.83 16.78 -46.17
C LEU C 417 -30.05 15.85 -45.32
N SER C 418 -30.70 15.66 -44.17
CA SER C 418 -30.38 14.82 -43.04
C SER C 418 -30.91 13.43 -43.00
N GLN C 419 -32.05 13.17 -43.61
CA GLN C 419 -32.42 11.77 -43.77
C GLN C 419 -33.06 11.59 -45.13
N TYR C 420 -32.74 10.50 -45.80
CA TYR C 420 -33.25 10.30 -47.14
C TYR C 420 -33.27 8.82 -47.43
N GLN C 421 -34.43 8.31 -47.80
CA GLN C 421 -34.58 6.88 -48.04
C GLN C 421 -35.67 6.69 -49.08
N GLU C 422 -35.32 6.12 -50.19
CA GLU C 422 -36.20 5.94 -51.33
C GLU C 422 -37.00 4.65 -51.20
N PRO C 423 -38.27 4.64 -51.56
CA PRO C 423 -39.05 3.40 -51.41
C PRO C 423 -38.79 2.35 -52.49
N LEU C 424 -37.59 1.79 -52.52
CA LEU C 424 -37.22 0.86 -53.57
C LEU C 424 -37.49 -0.59 -53.20
N HIS C 425 -38.00 -0.86 -52.01
CA HIS C 425 -38.35 -2.21 -51.64
C HIS C 425 -39.76 -2.59 -52.03
N LEU C 426 -40.56 -1.65 -52.51
CA LEU C 426 -41.94 -1.89 -52.83
C LEU C 426 -42.07 -2.33 -54.29
N PRO C 427 -43.05 -3.18 -54.60
CA PRO C 427 -43.23 -3.60 -56.00
C PRO C 427 -43.73 -2.46 -56.90
N GLY C 428 -43.23 -2.45 -58.13
CA GLY C 428 -43.68 -1.54 -59.16
C GLY C 428 -43.26 -0.10 -59.00
N VAL C 429 -42.20 0.16 -58.25
CA VAL C 429 -41.77 1.51 -57.90
C VAL C 429 -40.38 1.74 -58.47
N ARG C 430 -40.20 2.87 -59.15
CA ARG C 430 -38.93 3.30 -59.74
C ARG C 430 -38.70 4.75 -59.34
N VAL C 431 -37.58 5.04 -58.66
CA VAL C 431 -37.28 6.38 -58.18
C VAL C 431 -36.10 6.90 -58.96
N ASP C 432 -36.27 8.04 -59.63
CA ASP C 432 -35.18 8.62 -60.41
C ASP C 432 -34.76 9.90 -59.73
N SER C 433 -33.64 9.87 -59.04
CA SER C 433 -33.22 10.97 -58.18
C SER C 433 -31.79 11.35 -58.51
N GLY C 434 -31.50 12.63 -58.38
CA GLY C 434 -30.15 13.13 -58.52
C GLY C 434 -29.48 13.51 -57.23
N ILE C 435 -30.04 13.14 -56.08
CA ILE C 435 -29.49 13.56 -54.80
C ILE C 435 -29.16 12.34 -53.96
N GLN C 436 -28.35 12.58 -52.95
CA GLN C 436 -27.93 11.57 -51.99
C GLN C 436 -27.95 12.25 -50.63
N PRO C 437 -27.98 11.52 -49.51
CA PRO C 437 -27.94 12.20 -48.22
C PRO C 437 -26.75 13.11 -48.12
N GLY C 438 -26.97 14.29 -47.57
CA GLY C 438 -25.86 15.19 -47.37
C GLY C 438 -25.75 16.07 -48.57
N SER C 439 -26.87 16.21 -49.25
CA SER C 439 -26.99 17.09 -50.37
C SER C 439 -27.71 18.30 -49.89
N ASP C 440 -27.35 19.42 -50.49
CA ASP C 440 -27.94 20.70 -50.24
C ASP C 440 -28.83 21.05 -51.42
N ILE C 441 -29.91 21.75 -51.13
CA ILE C 441 -30.78 22.31 -52.15
C ILE C 441 -30.80 23.83 -52.02
N SER C 442 -30.52 24.54 -53.10
CA SER C 442 -30.39 25.99 -52.98
C SER C 442 -31.10 26.82 -54.01
N ILE C 443 -31.05 28.12 -53.78
CA ILE C 443 -31.83 29.03 -54.60
C ILE C 443 -31.38 29.10 -56.05
N TYR C 444 -30.22 28.53 -56.38
CA TYR C 444 -29.69 28.67 -57.74
C TYR C 444 -30.35 27.75 -58.74
N TYR C 445 -31.04 26.70 -58.29
CA TYR C 445 -31.53 25.66 -59.16
C TYR C 445 -32.98 25.39 -58.81
N ASP C 446 -33.73 24.91 -59.78
CA ASP C 446 -35.08 24.45 -59.51
C ASP C 446 -35.04 23.42 -58.37
N PRO C 447 -35.74 23.65 -57.29
CA PRO C 447 -35.68 22.75 -56.15
C PRO C 447 -36.22 21.35 -56.38
N MET C 448 -35.74 20.59 -57.37
CA MET C 448 -36.21 19.22 -57.54
C MET C 448 -35.53 18.27 -56.56
N ILE C 449 -36.33 17.38 -55.98
CA ILE C 449 -35.82 16.31 -55.13
C ILE C 449 -35.76 14.99 -55.88
N SER C 450 -36.88 14.59 -56.48
CA SER C 450 -36.89 13.33 -57.21
C SER C 450 -38.13 13.26 -58.06
N LYS C 451 -38.16 12.28 -58.96
CA LYS C 451 -39.38 11.90 -59.64
C LYS C 451 -39.71 10.47 -59.29
N LEU C 452 -40.90 10.27 -58.75
CA LEU C 452 -41.36 8.99 -58.27
C LEU C 452 -42.28 8.38 -59.31
N ILE C 453 -41.93 7.20 -59.82
CA ILE C 453 -42.66 6.56 -60.91
C ILE C 453 -43.21 5.24 -60.38
N THR C 454 -44.51 5.02 -60.57
CA THR C 454 -45.14 3.78 -60.16
C THR C 454 -45.93 3.21 -61.32
N TYR C 455 -45.83 1.90 -61.53
CA TYR C 455 -46.57 1.25 -62.59
C TYR C 455 -47.24 -0.02 -62.07
N GLY C 456 -48.27 -0.44 -62.80
CA GLY C 456 -49.03 -1.62 -62.44
C GLY C 456 -49.82 -2.11 -63.63
N SER C 457 -50.60 -3.16 -63.41
CA SER C 457 -51.31 -3.79 -64.51
C SER C 457 -52.59 -3.07 -64.85
N ASP C 458 -53.09 -2.25 -63.93
CA ASP C 458 -54.36 -1.59 -64.08
C ASP C 458 -54.28 -0.22 -63.44
N ARG C 459 -55.34 0.56 -63.56
CA ARG C 459 -55.33 1.90 -62.99
C ARG C 459 -55.38 1.93 -61.47
N THR C 460 -56.05 0.97 -60.85
CA THR C 460 -56.13 0.98 -59.40
C THR C 460 -54.85 0.45 -58.76
N GLU C 461 -54.17 -0.48 -59.43
CA GLU C 461 -52.94 -1.02 -58.87
C GLU C 461 -51.82 0.00 -58.88
N ALA C 462 -51.67 0.73 -59.99
CA ALA C 462 -50.65 1.77 -60.07
C ALA C 462 -50.92 2.89 -59.07
N LEU C 463 -52.18 3.27 -58.87
CA LEU C 463 -52.47 4.33 -57.92
C LEU C 463 -52.25 3.89 -56.47
N LYS C 464 -52.65 2.66 -56.14
CA LYS C 464 -52.44 2.16 -54.78
C LYS C 464 -50.96 2.03 -54.48
N ARG C 465 -50.18 1.52 -55.44
CA ARG C 465 -48.75 1.41 -55.24
C ARG C 465 -48.09 2.77 -55.09
N MET C 466 -48.58 3.78 -55.81
CA MET C 466 -48.09 5.13 -55.64
C MET C 466 -48.37 5.66 -54.24
N ALA C 467 -49.58 5.43 -53.75
CA ALA C 467 -49.91 5.86 -52.39
C ALA C 467 -48.97 5.24 -51.39
N ASP C 468 -48.67 3.94 -51.55
CA ASP C 468 -47.75 3.28 -50.64
C ASP C 468 -46.34 3.84 -50.75
N ALA C 469 -45.86 4.11 -51.96
CA ALA C 469 -44.51 4.62 -52.11
C ALA C 469 -44.35 5.98 -51.44
N LEU C 470 -45.38 6.82 -51.54
CA LEU C 470 -45.28 8.15 -50.95
C LEU C 470 -45.19 8.08 -49.43
N ASP C 471 -45.87 7.12 -48.80
CA ASP C 471 -45.82 7.06 -47.34
C ASP C 471 -44.54 6.43 -46.83
N ASN C 472 -43.87 5.65 -47.67
CA ASN C 472 -42.58 5.03 -47.33
C ASN C 472 -41.41 5.83 -47.87
N TYR C 473 -41.63 7.08 -48.26
CA TYR C 473 -40.59 7.88 -48.88
C TYR C 473 -40.14 8.93 -47.88
N VAL C 474 -38.91 8.79 -47.40
CA VAL C 474 -38.42 9.60 -46.29
C VAL C 474 -37.63 10.77 -46.85
N ILE C 475 -38.13 11.98 -46.61
CA ILE C 475 -37.42 13.22 -46.93
C ILE C 475 -37.46 14.07 -45.67
N ARG C 476 -36.30 14.38 -45.11
CA ARG C 476 -36.22 15.21 -43.92
C ARG C 476 -35.02 16.13 -44.02
N GLY C 477 -35.20 17.39 -43.65
CA GLY C 477 -34.17 18.39 -43.74
C GLY C 477 -34.65 19.59 -44.51
N VAL C 478 -35.62 19.37 -45.40
CA VAL C 478 -36.25 20.41 -46.19
C VAL C 478 -37.75 20.24 -46.10
N THR C 479 -38.49 21.23 -46.56
CA THR C 479 -39.94 21.13 -46.72
C THR C 479 -40.24 20.58 -48.10
N HIS C 480 -41.10 19.58 -48.15
CA HIS C 480 -41.43 18.89 -49.39
C HIS C 480 -42.92 18.96 -49.64
N ASN C 481 -43.35 18.38 -50.76
CA ASN C 481 -44.73 18.50 -51.21
C ASN C 481 -45.44 17.15 -51.23
N ILE C 482 -45.00 16.21 -50.41
CA ILE C 482 -45.61 14.88 -50.39
C ILE C 482 -47.06 14.95 -49.95
N ALA C 483 -47.40 15.79 -49.00
CA ALA C 483 -48.78 15.88 -48.54
C ALA C 483 -49.73 16.21 -49.69
N LEU C 484 -49.30 17.08 -50.59
CA LEU C 484 -50.13 17.47 -51.72
C LEU C 484 -50.28 16.32 -52.71
N LEU C 485 -49.16 15.63 -53.01
CA LEU C 485 -49.21 14.51 -53.94
C LEU C 485 -50.05 13.37 -53.39
N ARG C 486 -49.94 13.10 -52.09
CA ARG C 486 -50.66 11.99 -51.47
C ARG C 486 -52.16 12.24 -51.44
N GLU C 487 -52.58 13.49 -51.26
CA GLU C 487 -54.00 13.73 -51.32
C GLU C 487 -54.54 13.81 -52.74
N VAL C 488 -53.81 14.39 -53.70
CA VAL C 488 -54.44 14.49 -55.02
C VAL C 488 -54.70 13.11 -55.61
N ILE C 489 -53.76 12.18 -55.48
CA ILE C 489 -53.92 10.90 -56.18
C ILE C 489 -55.10 10.11 -55.62
N ILE C 490 -55.60 10.47 -54.45
CA ILE C 490 -56.69 9.71 -53.83
C ILE C 490 -58.00 10.47 -53.95
N ASN C 491 -57.97 11.62 -54.62
CA ASN C 491 -59.18 12.42 -54.81
C ASN C 491 -60.15 11.71 -55.73
N SER C 492 -61.43 11.74 -55.36
CA SER C 492 -62.44 11.01 -56.11
C SER C 492 -62.51 11.46 -57.57
N ARG C 493 -62.21 12.73 -57.86
CA ARG C 493 -62.21 13.18 -59.24
C ARG C 493 -61.00 12.65 -59.99
N PHE C 494 -59.88 12.52 -59.31
CA PHE C 494 -58.68 12.00 -59.94
C PHE C 494 -58.80 10.50 -60.24
N VAL C 495 -59.35 9.73 -59.30
CA VAL C 495 -59.54 8.31 -59.54
C VAL C 495 -60.53 8.08 -60.66
N LYS C 496 -61.63 8.83 -60.68
CA LYS C 496 -62.56 8.71 -61.79
C LYS C 496 -62.01 9.32 -63.07
N GLY C 497 -61.19 10.36 -62.98
CA GLY C 497 -60.61 10.98 -64.14
C GLY C 497 -61.19 12.31 -64.56
N ASP C 498 -62.01 12.96 -63.73
CA ASP C 498 -62.62 14.22 -64.11
C ASP C 498 -61.63 15.35 -63.79
N ILE C 499 -60.55 15.38 -64.55
CA ILE C 499 -59.44 16.28 -64.29
C ILE C 499 -59.31 17.23 -65.47
N SER C 500 -59.24 18.52 -65.16
CA SER C 500 -58.95 19.55 -66.13
C SER C 500 -57.65 20.24 -65.77
N THR C 501 -57.19 21.10 -66.67
CA THR C 501 -55.90 21.73 -66.48
C THR C 501 -55.95 22.74 -65.34
N LYS C 502 -57.13 23.01 -64.82
CA LYS C 502 -57.34 23.91 -63.69
C LYS C 502 -57.88 23.16 -62.48
N PHE C 503 -57.67 21.85 -62.47
CA PHE C 503 -58.19 20.98 -61.42
C PHE C 503 -57.88 21.53 -60.04
N LEU C 504 -56.59 21.79 -59.77
CA LEU C 504 -56.18 22.13 -58.42
C LEU C 504 -56.74 23.47 -57.99
N SER C 505 -56.99 24.36 -58.94
CA SER C 505 -57.50 25.68 -58.60
C SER C 505 -58.95 25.65 -58.13
N ASP C 506 -59.74 24.68 -58.56
CA ASP C 506 -61.11 24.50 -58.12
C ASP C 506 -61.22 23.61 -56.88
N VAL C 507 -60.31 22.65 -56.72
CA VAL C 507 -60.34 21.83 -55.52
C VAL C 507 -59.85 22.62 -54.31
N TYR C 508 -58.83 23.46 -54.49
CA TYR C 508 -58.22 24.21 -53.39
C TYR C 508 -58.38 25.69 -53.65
N PRO C 509 -59.61 26.21 -53.61
CA PRO C 509 -59.81 27.63 -53.97
C PRO C 509 -59.22 28.59 -52.95
N ASP C 510 -58.98 28.13 -51.73
CA ASP C 510 -58.41 28.96 -50.68
C ASP C 510 -57.01 28.52 -50.29
N GLY C 511 -56.33 27.76 -51.14
CA GLY C 511 -55.02 27.25 -50.83
C GLY C 511 -55.07 25.82 -50.35
N PHE C 512 -53.89 25.22 -50.24
CA PHE C 512 -53.75 23.86 -49.75
C PHE C 512 -53.84 23.86 -48.23
N LYS C 513 -54.67 22.98 -47.67
CA LYS C 513 -54.84 22.92 -46.23
C LYS C 513 -54.31 21.65 -45.59
N GLY C 514 -53.99 20.57 -46.34
CA GLY C 514 -53.58 19.31 -45.78
C GLY C 514 -54.71 18.29 -45.78
N HIS C 515 -54.31 17.05 -45.51
CA HIS C 515 -55.25 15.95 -45.53
C HIS C 515 -56.25 16.11 -44.41
N MET C 516 -57.53 15.95 -44.73
CA MET C 516 -58.61 16.09 -43.75
C MET C 516 -59.02 14.71 -43.26
N LEU C 517 -59.04 14.55 -41.95
CA LEU C 517 -59.37 13.25 -41.37
C LEU C 517 -60.86 13.09 -41.14
N THR C 518 -61.35 11.88 -41.34
CA THR C 518 -62.71 11.50 -41.01
C THR C 518 -62.75 10.82 -39.66
N LYS C 519 -63.93 10.38 -39.24
CA LYS C 519 -64.07 9.88 -37.88
C LYS C 519 -63.16 8.68 -37.62
N SER C 520 -63.19 7.70 -38.52
CA SER C 520 -62.39 6.50 -38.34
C SER C 520 -60.91 6.76 -38.44
N GLU C 521 -60.52 7.72 -39.29
CA GLU C 521 -59.11 8.05 -39.41
C GLU C 521 -58.60 8.78 -38.18
N LYS C 522 -59.42 9.65 -37.58
CA LYS C 522 -59.01 10.27 -36.34
C LYS C 522 -58.82 9.25 -35.24
N ASN C 523 -59.70 8.24 -35.17
CA ASN C 523 -59.55 7.21 -34.15
C ASN C 523 -58.28 6.40 -34.36
N GLN C 524 -57.94 6.13 -35.62
CA GLN C 524 -56.71 5.40 -35.90
C GLN C 524 -55.48 6.23 -35.57
N LEU C 525 -55.51 7.53 -35.89
CA LEU C 525 -54.39 8.40 -35.58
C LEU C 525 -54.21 8.54 -34.08
N LEU C 526 -55.32 8.69 -33.34
CA LEU C 526 -55.22 8.79 -31.89
C LEU C 526 -54.71 7.50 -31.26
N ALA C 527 -55.18 6.36 -31.76
CA ALA C 527 -54.74 5.07 -31.24
C ALA C 527 -53.27 4.81 -31.54
N ILE C 528 -52.80 5.18 -32.73
CA ILE C 528 -51.40 4.99 -33.09
C ILE C 528 -50.51 5.91 -32.25
N ALA C 529 -50.86 7.19 -32.15
CA ALA C 529 -50.06 8.14 -31.39
C ALA C 529 -50.02 7.78 -29.90
N SER C 530 -51.14 7.28 -29.37
CA SER C 530 -51.17 6.90 -27.96
C SER C 530 -50.38 5.63 -27.70
N SER C 531 -50.49 4.64 -28.59
CA SER C 531 -49.72 3.42 -28.42
C SER C 531 -48.23 3.68 -28.60
N LEU C 532 -47.85 4.54 -29.54
CA LEU C 532 -46.43 4.86 -29.71
C LEU C 532 -45.89 5.61 -28.50
N PHE C 533 -46.67 6.55 -27.96
CA PHE C 533 -46.28 7.24 -26.74
C PHE C 533 -45.96 6.26 -25.62
N VAL C 534 -46.85 5.30 -25.37
CA VAL C 534 -46.64 4.30 -24.33
C VAL C 534 -45.42 3.42 -24.64
N ALA C 535 -45.26 3.03 -25.91
CA ALA C 535 -44.11 2.21 -26.29
C ALA C 535 -42.80 2.86 -25.88
N PHE C 536 -42.68 4.18 -26.02
CA PHE C 536 -41.48 4.87 -25.55
C PHE C 536 -41.41 4.88 -24.04
N GLN C 537 -42.56 5.04 -23.38
CA GLN C 537 -42.58 5.03 -21.92
C GLN C 537 -42.18 3.68 -21.36
N LEU C 538 -42.50 2.59 -22.05
CA LEU C 538 -42.10 1.28 -21.56
C LEU C 538 -40.64 1.00 -21.85
N ARG C 539 -40.16 1.38 -23.03
CA ARG C 539 -38.74 1.21 -23.34
C ARG C 539 -37.88 1.94 -22.33
N ALA C 540 -38.32 3.12 -21.89
CA ALA C 540 -37.54 3.88 -20.91
C ALA C 540 -37.30 3.16 -19.59
N GLN C 541 -38.05 2.09 -19.27
CA GLN C 541 -37.92 1.39 -18.01
C GLN C 541 -37.05 0.15 -18.07
N HIS C 542 -36.52 -0.21 -19.22
CA HIS C 542 -35.82 -1.48 -19.38
C HIS C 542 -34.33 -1.23 -19.28
N PHE C 543 -33.78 -1.34 -18.09
CA PHE C 543 -32.36 -1.16 -17.84
C PHE C 543 -31.68 -2.50 -17.64
N GLN C 544 -30.38 -2.52 -17.88
CA GLN C 544 -29.60 -3.68 -17.53
C GLN C 544 -29.66 -3.66 -16.02
N GLU C 545 -29.80 -4.81 -15.40
CA GLU C 545 -30.00 -4.86 -13.95
C GLU C 545 -28.71 -4.50 -13.26
N ASN C 546 -28.79 -3.62 -12.26
CA ASN C 546 -27.64 -3.29 -11.45
C ASN C 546 -27.69 -4.09 -10.17
N SER C 547 -26.72 -4.98 -9.99
CA SER C 547 -26.75 -5.90 -8.88
C SER C 547 -26.68 -5.18 -7.54
N ARG C 548 -26.25 -3.92 -7.52
CA ARG C 548 -26.18 -3.20 -6.26
C ARG C 548 -27.50 -2.53 -5.93
N MET C 549 -28.25 -2.11 -6.95
CA MET C 549 -29.45 -1.29 -6.76
C MET C 549 -30.58 -1.88 -7.59
N PRO C 550 -31.34 -2.83 -7.04
CA PRO C 550 -32.39 -3.49 -7.82
C PRO C 550 -33.39 -2.48 -8.37
N VAL C 551 -33.80 -2.71 -9.62
CA VAL C 551 -34.76 -1.84 -10.31
C VAL C 551 -36.07 -2.60 -10.45
N ILE C 552 -37.17 -1.98 -10.00
CA ILE C 552 -38.46 -2.65 -9.99
C ILE C 552 -39.38 -1.94 -10.99
N LYS C 553 -39.76 -2.65 -12.05
CA LYS C 553 -40.59 -2.07 -13.10
C LYS C 553 -41.98 -1.77 -12.57
N PRO C 554 -42.46 -0.53 -12.66
CA PRO C 554 -43.79 -0.19 -12.15
C PRO C 554 -44.84 -1.05 -12.83
N ASP C 555 -45.79 -1.57 -12.05
CA ASP C 555 -46.85 -2.41 -12.57
C ASP C 555 -47.99 -1.53 -13.06
N ILE C 556 -47.81 -0.97 -14.25
CA ILE C 556 -48.80 -0.08 -14.84
C ILE C 556 -49.70 -0.88 -15.79
N ALA C 557 -50.90 -1.18 -15.32
CA ALA C 557 -51.82 -1.98 -16.13
C ALA C 557 -52.51 -1.12 -17.18
N ASN C 558 -52.74 0.15 -16.88
CA ASN C 558 -53.46 1.03 -17.78
C ASN C 558 -52.80 2.40 -17.85
N TRP C 559 -52.72 2.92 -19.05
CA TRP C 559 -52.18 4.25 -19.31
C TRP C 559 -53.36 5.16 -19.62
N GLU C 560 -53.62 6.13 -18.75
CA GLU C 560 -54.73 7.05 -18.95
C GLU C 560 -54.18 8.35 -19.50
N LEU C 561 -54.50 8.64 -20.75
CA LEU C 561 -53.92 9.77 -21.46
C LEU C 561 -54.99 10.78 -21.85
N SER C 562 -54.56 12.03 -21.91
CA SER C 562 -55.32 13.12 -22.47
C SER C 562 -54.61 13.58 -23.71
N VAL C 563 -55.23 13.36 -24.86
CA VAL C 563 -54.56 13.55 -26.14
C VAL C 563 -55.18 14.73 -26.84
N LYS C 564 -54.43 15.81 -26.96
CA LYS C 564 -54.92 17.02 -27.57
C LYS C 564 -54.46 17.05 -29.02
N LEU C 565 -55.40 17.28 -29.92
CA LEU C 565 -55.12 17.43 -31.34
C LEU C 565 -55.22 18.94 -31.59
N HIS C 566 -55.82 19.29 -32.72
CA HIS C 566 -55.95 20.67 -33.13
C HIS C 566 -56.64 21.45 -32.05
N ASP C 567 -57.95 21.31 -31.96
CA ASP C 567 -58.66 22.09 -30.95
C ASP C 567 -59.52 21.20 -30.07
N LYS C 568 -59.31 19.90 -30.07
CA LYS C 568 -60.13 18.98 -29.30
C LYS C 568 -59.23 18.19 -28.37
N VAL C 569 -59.75 17.82 -27.22
CA VAL C 569 -59.04 16.96 -26.29
C VAL C 569 -59.80 15.65 -26.17
N HIS C 570 -59.14 14.54 -26.48
CA HIS C 570 -59.75 13.23 -26.48
C HIS C 570 -59.29 12.42 -25.28
N THR C 571 -60.17 11.55 -24.81
CA THR C 571 -59.89 10.67 -23.69
C THR C 571 -59.50 9.30 -24.21
N VAL C 572 -58.27 8.87 -23.93
CA VAL C 572 -57.72 7.64 -24.47
C VAL C 572 -57.17 6.83 -23.30
N VAL C 573 -57.53 5.55 -23.23
CA VAL C 573 -56.99 4.63 -22.25
C VAL C 573 -56.38 3.45 -23.00
N ALA C 574 -55.12 3.15 -22.73
CA ALA C 574 -54.41 2.09 -23.41
C ALA C 574 -53.89 1.07 -22.41
N SER C 575 -53.78 -0.16 -22.86
CA SER C 575 -53.12 -1.20 -22.10
C SER C 575 -52.29 -2.04 -23.06
N ASN C 576 -51.19 -2.60 -22.53
CA ASN C 576 -50.27 -3.41 -23.30
C ASN C 576 -50.59 -4.88 -23.11
N ASN C 577 -50.63 -5.62 -24.22
CA ASN C 577 -50.75 -7.07 -24.17
C ASN C 577 -49.63 -7.72 -24.98
N GLY C 578 -48.42 -7.19 -24.84
CA GLY C 578 -47.30 -7.69 -25.60
C GLY C 578 -47.05 -6.79 -26.80
N SER C 579 -47.16 -7.35 -27.99
CA SER C 579 -46.90 -6.60 -29.20
C SER C 579 -48.08 -5.75 -29.63
N VAL C 580 -49.23 -5.92 -29.00
CA VAL C 580 -50.44 -5.22 -29.39
C VAL C 580 -50.93 -4.37 -28.23
N PHE C 581 -51.28 -3.13 -28.52
CA PHE C 581 -51.87 -2.24 -27.53
C PHE C 581 -53.36 -2.19 -27.77
N SER C 582 -54.13 -2.40 -26.72
CA SER C 582 -55.57 -2.25 -26.78
C SER C 582 -55.91 -0.85 -26.33
N VAL C 583 -56.45 -0.04 -27.24
CA VAL C 583 -56.62 1.38 -26.99
C VAL C 583 -58.10 1.69 -27.13
N GLU C 584 -58.66 2.35 -26.14
CA GLU C 584 -60.03 2.83 -26.20
C GLU C 584 -59.98 4.33 -26.46
N VAL C 585 -60.50 4.75 -27.61
CA VAL C 585 -60.50 6.16 -27.97
C VAL C 585 -61.94 6.66 -27.96
N ASP C 586 -62.27 7.40 -26.89
CA ASP C 586 -63.61 7.91 -26.60
C ASP C 586 -64.68 6.84 -26.74
N GLY C 587 -64.41 5.64 -26.25
CA GLY C 587 -65.35 4.55 -26.33
C GLY C 587 -65.15 3.58 -27.48
N SER C 588 -64.35 3.93 -28.47
CA SER C 588 -64.09 3.07 -29.61
C SER C 588 -62.89 2.18 -29.31
N LYS C 589 -63.02 0.89 -29.57
CA LYS C 589 -61.96 -0.07 -29.30
C LYS C 589 -61.13 -0.30 -30.56
N LEU C 590 -59.81 -0.07 -30.44
CA LEU C 590 -58.86 -0.30 -31.51
C LEU C 590 -57.75 -1.18 -30.99
N ASN C 591 -57.19 -2.01 -31.87
CA ASN C 591 -56.04 -2.84 -31.52
C ASN C 591 -54.90 -2.54 -32.45
N VAL C 592 -53.82 -2.01 -31.91
CA VAL C 592 -52.67 -1.59 -32.71
C VAL C 592 -51.55 -2.59 -32.51
N THR C 593 -51.21 -3.33 -33.56
CA THR C 593 -50.21 -4.38 -33.48
C THR C 593 -49.01 -3.93 -34.29
N SER C 594 -47.82 -4.13 -33.73
CA SER C 594 -46.60 -3.80 -34.45
C SER C 594 -45.44 -4.52 -33.78
N THR C 595 -44.27 -4.40 -34.39
CA THR C 595 -43.03 -4.80 -33.74
C THR C 595 -42.42 -3.69 -32.91
N TRP C 596 -42.85 -2.44 -33.13
CA TRP C 596 -42.45 -1.27 -32.35
C TRP C 596 -40.94 -1.10 -32.28
N ASN C 597 -40.29 -1.17 -33.42
CA ASN C 597 -38.89 -0.79 -33.52
C ASN C 597 -38.82 0.73 -33.56
N LEU C 598 -38.35 1.31 -32.46
CA LEU C 598 -38.47 2.74 -32.22
C LEU C 598 -37.37 3.56 -32.87
N ALA C 599 -36.40 2.94 -33.53
CA ALA C 599 -35.31 3.67 -34.15
C ALA C 599 -35.52 3.89 -35.63
N SER C 600 -36.35 3.07 -36.27
CA SER C 600 -36.50 3.12 -37.71
C SER C 600 -37.26 4.38 -38.12
N PRO C 601 -36.89 5.00 -39.23
CA PRO C 601 -37.68 6.12 -39.73
C PRO C 601 -39.07 5.73 -40.20
N LEU C 602 -39.30 4.46 -40.50
CA LEU C 602 -40.59 4.00 -40.99
C LEU C 602 -41.17 3.00 -40.01
N LEU C 603 -42.28 3.35 -39.37
CA LEU C 603 -42.89 2.43 -38.44
C LEU C 603 -44.16 1.85 -39.04
N SER C 604 -44.19 0.54 -39.18
CA SER C 604 -45.32 -0.16 -39.78
C SER C 604 -46.22 -0.68 -38.67
N VAL C 605 -47.49 -0.31 -38.71
CA VAL C 605 -48.45 -0.71 -37.70
C VAL C 605 -49.67 -1.28 -38.39
N SER C 606 -50.41 -2.10 -37.66
CA SER C 606 -51.67 -2.66 -38.14
C SER C 606 -52.72 -2.29 -37.11
N VAL C 607 -53.72 -1.54 -37.54
CA VAL C 607 -54.77 -1.07 -36.66
C VAL C 607 -56.10 -1.67 -37.09
N ASP C 608 -56.57 -2.65 -36.30
CA ASP C 608 -57.79 -3.44 -36.56
C ASP C 608 -57.81 -4.04 -37.97
N GLY C 609 -56.65 -4.52 -38.40
CA GLY C 609 -56.56 -5.18 -39.68
C GLY C 609 -56.17 -4.23 -40.79
N THR C 610 -56.18 -2.93 -40.50
CA THR C 610 -55.83 -1.91 -41.49
C THR C 610 -54.35 -1.63 -41.42
N GLN C 611 -53.66 -1.78 -42.55
CA GLN C 611 -52.21 -1.60 -42.58
C GLN C 611 -51.87 -0.14 -42.80
N ARG C 612 -51.10 0.44 -41.89
CA ARG C 612 -50.68 1.82 -41.98
C ARG C 612 -49.17 1.92 -41.85
N THR C 613 -48.61 2.92 -42.50
CA THR C 613 -47.22 3.32 -42.30
C THR C 613 -47.21 4.75 -41.79
N VAL C 614 -46.50 4.99 -40.70
CA VAL C 614 -46.42 6.31 -40.11
C VAL C 614 -44.96 6.65 -39.87
N GLN C 615 -44.69 7.94 -39.73
CA GLN C 615 -43.34 8.40 -39.39
C GLN C 615 -43.43 9.30 -38.18
N CYS C 616 -42.57 9.08 -37.19
CA CYS C 616 -42.47 9.99 -36.05
C CYS C 616 -41.30 10.92 -36.30
N LEU C 617 -41.58 12.22 -36.41
CA LEU C 617 -40.55 13.14 -36.88
C LEU C 617 -39.82 13.78 -35.71
N SER C 618 -40.50 14.00 -34.61
CA SER C 618 -39.94 14.63 -33.44
C SER C 618 -40.72 14.20 -32.20
N ARG C 619 -40.05 14.27 -31.06
CA ARG C 619 -40.69 13.96 -29.78
C ARG C 619 -40.17 14.93 -28.74
N GLU C 620 -41.04 15.34 -27.83
CA GLU C 620 -40.59 16.14 -26.70
C GLU C 620 -41.04 15.48 -25.41
N ALA C 621 -40.28 15.76 -24.36
CA ALA C 621 -40.65 15.27 -23.04
C ALA C 621 -41.98 15.81 -22.56
N GLY C 622 -42.40 16.98 -23.06
CA GLY C 622 -43.63 17.60 -22.61
C GLY C 622 -44.89 17.00 -23.21
N GLY C 623 -44.74 15.95 -24.01
CA GLY C 623 -45.83 15.25 -24.62
C GLY C 623 -46.06 15.58 -26.07
N ASN C 624 -45.38 16.60 -26.59
CA ASN C 624 -45.52 16.97 -27.98
C ASN C 624 -44.90 15.92 -28.88
N MET C 625 -45.66 15.49 -29.88
CA MET C 625 -45.13 14.57 -30.86
C MET C 625 -45.52 15.07 -32.24
N SER C 626 -44.64 14.93 -33.21
CA SER C 626 -44.96 15.22 -34.60
C SER C 626 -45.00 13.92 -35.37
N ILE C 627 -46.18 13.57 -35.85
CA ILE C 627 -46.41 12.28 -36.50
C ILE C 627 -46.94 12.54 -37.89
N GLN C 628 -46.36 11.91 -38.89
CA GLN C 628 -46.85 12.05 -40.24
C GLN C 628 -47.76 10.88 -40.51
N PHE C 629 -48.99 11.18 -40.87
CA PHE C 629 -50.06 10.22 -41.07
C PHE C 629 -50.72 10.59 -42.40
N LEU C 630 -50.67 9.64 -43.35
CA LEU C 630 -51.17 9.81 -44.72
C LEU C 630 -50.55 11.02 -45.41
N GLY C 631 -49.27 11.26 -45.17
CA GLY C 631 -48.59 12.35 -45.80
C GLY C 631 -48.65 13.66 -45.06
N THR C 632 -49.56 13.84 -44.12
CA THR C 632 -49.73 15.13 -43.46
C THR C 632 -49.15 15.05 -42.05
N VAL C 633 -48.45 16.07 -41.65
CA VAL C 633 -47.88 16.08 -40.31
C VAL C 633 -48.91 16.67 -39.35
N TYR C 634 -49.22 15.90 -38.32
CA TYR C 634 -50.17 16.31 -37.30
C TYR C 634 -49.41 16.53 -36.01
N LYS C 635 -49.80 17.54 -35.27
CA LYS C 635 -49.19 17.85 -33.99
C LYS C 635 -50.09 17.34 -32.87
N VAL C 636 -49.56 16.46 -32.04
CA VAL C 636 -50.36 15.96 -30.95
C VAL C 636 -49.59 16.12 -29.64
N ASN C 637 -50.30 16.53 -28.61
CA ASN C 637 -49.72 16.73 -27.28
C ASN C 637 -50.34 15.69 -26.37
N ILE C 638 -49.55 14.73 -25.94
CA ILE C 638 -50.04 13.64 -25.10
C ILE C 638 -49.56 13.86 -23.69
N LEU C 639 -50.49 14.09 -22.77
CA LEU C 639 -50.17 14.21 -21.37
C LEU C 639 -50.80 13.05 -20.63
N THR C 640 -50.23 12.72 -19.48
CA THR C 640 -50.89 11.76 -18.63
C THR C 640 -52.07 12.44 -17.96
N ARG C 641 -53.00 11.63 -17.46
CA ARG C 641 -54.17 12.20 -16.79
C ARG C 641 -53.77 13.24 -15.76
N LEU C 642 -52.76 12.93 -14.93
CA LEU C 642 -52.37 13.83 -13.85
C LEU C 642 -51.78 15.12 -14.38
N ALA C 643 -50.90 15.03 -15.37
CA ALA C 643 -50.29 16.21 -15.96
C ALA C 643 -51.33 17.10 -16.62
N ALA C 644 -52.29 16.49 -17.30
CA ALA C 644 -53.34 17.28 -17.95
C ALA C 644 -54.24 17.95 -16.93
N GLU C 645 -54.57 17.26 -15.84
CA GLU C 645 -55.43 17.90 -14.85
C GLU C 645 -54.75 19.08 -14.16
N LEU C 646 -53.46 18.99 -13.87
CA LEU C 646 -52.77 20.09 -13.21
C LEU C 646 -52.34 21.18 -14.18
N ASN C 647 -52.10 20.84 -15.44
CA ASN C 647 -51.65 21.83 -16.41
C ASN C 647 -52.62 22.99 -16.58
N LYS C 648 -53.89 22.80 -16.21
CA LYS C 648 -54.87 23.88 -16.34
C LYS C 648 -54.55 25.07 -15.44
N PHE C 649 -53.65 24.88 -14.48
CA PHE C 649 -53.32 25.96 -13.55
C PHE C 649 -52.19 26.82 -14.07
N MET C 650 -51.66 26.54 -15.25
CA MET C 650 -50.55 27.29 -15.79
C MET C 650 -51.08 28.54 -16.48
N LEU C 651 -50.32 29.64 -16.38
CA LEU C 651 -50.75 30.87 -17.00
C LEU C 651 -50.46 30.82 -18.49
N GLU C 652 -51.43 31.23 -19.30
CA GLU C 652 -51.29 31.17 -20.74
C GLU C 652 -50.59 32.43 -21.21
N LYS C 653 -49.30 32.52 -20.92
CA LYS C 653 -48.52 33.65 -21.39
C LYS C 653 -48.20 33.48 -22.87
N VAL C 654 -48.33 34.58 -23.61
CA VAL C 654 -48.01 34.58 -25.04
C VAL C 654 -46.94 35.62 -25.35
N THR C 655 -45.91 35.18 -26.07
CA THR C 655 -44.82 36.07 -26.47
C THR C 655 -44.98 36.48 -27.93
N GLU C 656 -44.22 37.48 -28.37
CA GLU C 656 -44.32 37.98 -29.73
C GLU C 656 -43.38 37.25 -30.68
N ASP C 657 -43.88 36.94 -31.88
CA ASP C 657 -43.06 36.33 -32.92
C ASP C 657 -42.44 37.46 -33.72
N THR C 658 -41.13 37.64 -33.61
CA THR C 658 -40.44 38.77 -34.22
C THR C 658 -39.49 38.21 -35.27
N SER C 659 -40.01 37.31 -36.09
CA SER C 659 -39.21 36.65 -37.11
C SER C 659 -38.94 37.55 -38.30
N SER C 660 -39.58 38.71 -38.37
CA SER C 660 -39.30 39.66 -39.43
C SER C 660 -38.11 40.57 -39.11
N VAL C 661 -37.58 40.51 -37.90
CA VAL C 661 -36.53 41.43 -37.48
C VAL C 661 -35.20 40.67 -37.43
N LEU C 662 -34.35 40.89 -38.42
CA LEU C 662 -33.12 40.13 -38.59
C LEU C 662 -31.95 40.96 -38.07
N ARG C 663 -31.32 40.48 -37.01
CA ARG C 663 -30.27 41.21 -36.33
C ARG C 663 -28.96 40.45 -36.45
N SER C 664 -27.85 41.17 -36.31
CA SER C 664 -26.52 40.58 -36.42
C SER C 664 -26.24 39.68 -35.23
N PRO C 665 -25.91 38.41 -35.44
CA PRO C 665 -25.60 37.52 -34.31
C PRO C 665 -24.18 37.67 -33.81
N MET C 666 -23.37 38.46 -34.50
CA MET C 666 -21.92 38.47 -34.28
C MET C 666 -21.36 39.78 -34.83
N PRO C 667 -20.50 40.45 -34.09
CA PRO C 667 -19.90 41.70 -34.57
C PRO C 667 -18.92 41.43 -35.72
N GLY C 668 -18.79 42.43 -36.58
CA GLY C 668 -17.89 42.33 -37.72
C GLY C 668 -18.31 43.22 -38.87
N VAL C 669 -17.66 43.04 -40.03
CA VAL C 669 -17.97 43.87 -41.20
C VAL C 669 -18.88 43.11 -42.15
N VAL C 670 -19.89 43.80 -42.65
CA VAL C 670 -20.83 43.27 -43.64
C VAL C 670 -20.17 43.24 -45.00
N VAL C 671 -20.07 42.03 -45.59
CA VAL C 671 -19.38 41.83 -46.85
C VAL C 671 -20.35 41.54 -47.99
N ALA C 672 -21.57 41.07 -47.70
CA ALA C 672 -22.56 40.86 -48.74
C ALA C 672 -23.96 41.03 -48.19
N VAL C 673 -24.85 41.58 -49.01
CA VAL C 673 -26.29 41.56 -48.74
C VAL C 673 -26.95 41.06 -50.02
N SER C 674 -27.75 39.99 -49.88
CA SER C 674 -28.27 39.31 -51.06
C SER C 674 -29.52 40.00 -51.60
N VAL C 675 -30.00 40.94 -50.78
CA VAL C 675 -31.24 41.63 -51.00
C VAL C 675 -31.20 43.16 -50.96
N LYS C 676 -32.27 43.67 -51.55
CA LYS C 676 -32.82 45.02 -51.56
C LYS C 676 -34.32 44.96 -51.25
N PRO C 677 -34.94 46.08 -50.81
CA PRO C 677 -36.39 46.05 -50.56
C PRO C 677 -37.20 45.56 -51.75
N GLY C 678 -38.15 44.67 -51.49
CA GLY C 678 -38.97 44.10 -52.55
C GLY C 678 -38.51 42.72 -52.98
N ASP C 679 -37.27 42.35 -52.65
CA ASP C 679 -36.76 41.03 -53.01
C ASP C 679 -37.52 39.95 -52.25
N ALA C 680 -37.75 38.83 -52.93
CA ALA C 680 -38.39 37.69 -52.31
C ALA C 680 -37.43 37.02 -51.35
N VAL C 681 -37.97 36.50 -50.24
CA VAL C 681 -37.19 35.81 -49.24
C VAL C 681 -37.88 34.48 -48.94
N ALA C 682 -37.11 33.39 -49.01
CA ALA C 682 -37.56 32.08 -48.55
C ALA C 682 -37.01 31.79 -47.16
N GLU C 683 -37.70 30.89 -46.46
CA GLU C 683 -37.23 30.41 -45.17
C GLU C 683 -35.89 29.69 -45.34
N GLY C 684 -34.90 30.09 -44.55
CA GLY C 684 -33.57 29.56 -44.66
C GLY C 684 -32.71 30.25 -45.69
N GLN C 685 -33.24 31.29 -46.34
CA GLN C 685 -32.53 32.00 -47.38
C GLN C 685 -31.46 32.87 -46.75
N GLU C 686 -30.25 32.83 -47.33
CA GLU C 686 -29.20 33.72 -46.89
C GLU C 686 -29.55 35.17 -47.22
N ILE C 687 -29.39 36.04 -46.24
CA ILE C 687 -29.72 37.46 -46.42
C ILE C 687 -28.43 38.27 -46.35
N CYS C 688 -27.68 38.11 -45.27
CA CYS C 688 -26.47 38.90 -45.05
C CYS C 688 -25.32 37.99 -44.67
N VAL C 689 -24.12 38.41 -45.01
CA VAL C 689 -22.90 37.75 -44.57
C VAL C 689 -22.02 38.76 -43.84
N ILE C 690 -21.62 38.41 -42.62
CA ILE C 690 -20.77 39.27 -41.80
C ILE C 690 -19.49 38.51 -41.52
N GLU C 691 -18.35 39.13 -41.83
CA GLU C 691 -17.08 38.44 -41.62
C GLU C 691 -16.14 39.05 -40.58
N ALA C 692 -15.73 38.21 -39.64
CA ALA C 692 -14.78 38.55 -38.59
C ALA C 692 -14.14 37.26 -38.10
N MET C 693 -13.04 37.39 -37.37
CA MET C 693 -12.35 36.22 -36.83
C MET C 693 -12.15 35.17 -37.92
N LYS C 694 -11.61 35.62 -39.05
CA LYS C 694 -11.36 34.75 -40.21
C LYS C 694 -12.50 33.78 -40.43
N MET C 695 -13.75 34.24 -40.32
CA MET C 695 -14.90 33.39 -40.52
C MET C 695 -16.05 34.24 -41.05
N GLN C 696 -16.81 33.66 -41.98
CA GLN C 696 -17.97 34.33 -42.53
C GLN C 696 -19.21 33.73 -41.89
N ASN C 697 -19.93 34.55 -41.11
CA ASN C 697 -21.14 34.12 -40.43
C ASN C 697 -22.36 34.48 -41.28
N SER C 698 -23.01 33.47 -41.84
CA SER C 698 -24.14 33.71 -42.72
C SER C 698 -25.42 33.84 -41.90
N MET C 699 -26.14 34.94 -42.12
CA MET C 699 -27.42 35.18 -41.46
C MET C 699 -28.55 34.90 -42.43
N THR C 700 -29.46 34.03 -42.01
CA THR C 700 -30.57 33.61 -42.86
C THR C 700 -31.90 34.12 -42.32
N ALA C 701 -32.91 34.17 -43.20
CA ALA C 701 -34.25 34.59 -42.81
C ALA C 701 -35.02 33.46 -42.14
N GLY C 702 -35.83 33.82 -41.15
CA GLY C 702 -36.78 32.86 -40.60
C GLY C 702 -38.22 33.04 -41.07
N LYS C 703 -38.43 33.87 -42.08
CA LYS C 703 -39.78 34.18 -42.51
C LYS C 703 -39.81 34.27 -44.03
N THR C 704 -40.89 33.76 -44.62
CA THR C 704 -41.10 33.89 -46.06
C THR C 704 -41.82 35.20 -46.31
N GLY C 705 -41.44 35.89 -47.36
CA GLY C 705 -42.04 37.17 -47.70
C GLY C 705 -41.16 37.94 -48.63
N THR C 706 -41.18 39.25 -48.48
CA THR C 706 -40.31 40.16 -49.23
C THR C 706 -39.62 41.07 -48.23
N VAL C 707 -38.52 41.69 -48.65
CA VAL C 707 -37.79 42.59 -47.76
C VAL C 707 -38.48 43.95 -47.72
N LYS C 708 -38.63 44.50 -46.51
CA LYS C 708 -39.21 45.83 -46.36
C LYS C 708 -38.12 46.90 -46.35
N SER C 709 -37.02 46.64 -45.65
CA SER C 709 -35.93 47.59 -45.59
C SER C 709 -34.62 46.87 -45.34
N VAL C 710 -33.56 47.37 -45.95
CA VAL C 710 -32.21 46.89 -45.70
C VAL C 710 -31.51 48.00 -44.93
N HIS C 711 -31.16 47.70 -43.67
CA HIS C 711 -30.65 48.73 -42.76
C HIS C 711 -29.15 48.85 -42.76
N CYS C 712 -28.43 47.75 -43.03
CA CYS C 712 -26.97 47.79 -43.09
C CYS C 712 -26.52 47.30 -44.46
N GLN C 713 -25.57 48.01 -45.05
CA GLN C 713 -25.08 47.71 -46.39
C GLN C 713 -23.68 47.10 -46.32
N ALA C 714 -23.27 46.45 -47.40
CA ALA C 714 -21.91 45.91 -47.51
C ALA C 714 -20.90 47.04 -47.33
N GLY C 715 -19.88 46.81 -46.50
CA GLY C 715 -18.90 47.85 -46.21
C GLY C 715 -19.13 48.51 -44.86
N ASP C 716 -20.32 48.35 -44.31
CA ASP C 716 -20.67 48.90 -43.01
C ASP C 716 -20.12 47.98 -41.93
N THR C 717 -19.83 48.53 -40.76
CA THR C 717 -19.42 47.70 -39.62
C THR C 717 -20.55 47.64 -38.59
N VAL C 718 -20.86 46.43 -38.12
CA VAL C 718 -22.00 46.27 -37.22
C VAL C 718 -21.54 45.53 -35.97
N GLY C 719 -22.28 45.72 -34.88
CA GLY C 719 -22.04 45.02 -33.64
C GLY C 719 -23.09 43.95 -33.38
N GLU C 720 -22.98 43.34 -32.20
CA GLU C 720 -23.92 42.31 -31.82
C GLU C 720 -25.29 42.91 -31.49
N GLY C 721 -26.32 42.37 -32.12
CA GLY C 721 -27.67 42.87 -31.92
C GLY C 721 -28.12 43.96 -32.86
N ASP C 722 -27.24 44.52 -33.67
CA ASP C 722 -27.63 45.57 -34.60
C ASP C 722 -28.55 45.01 -35.69
N LEU C 723 -29.48 45.86 -36.11
CA LEU C 723 -30.48 45.48 -37.10
C LEU C 723 -29.85 45.51 -38.49
N LEU C 724 -29.97 44.40 -39.21
CA LEU C 724 -29.44 44.30 -40.56
C LEU C 724 -30.52 44.48 -41.62
N VAL C 725 -31.60 43.71 -41.54
CA VAL C 725 -32.65 43.73 -42.54
C VAL C 725 -33.99 43.54 -41.85
N GLU C 726 -35.03 44.19 -42.37
CA GLU C 726 -36.38 44.06 -41.83
C GLU C 726 -37.32 43.57 -42.91
N LEU C 727 -38.02 42.48 -42.60
CA LEU C 727 -38.91 41.84 -43.54
C LEU C 727 -40.32 42.37 -43.35
N GLU C 728 -41.14 42.18 -44.39
CA GLU C 728 -42.57 42.44 -44.29
C GLU C 728 -43.27 41.29 -43.59
N THR D 33 -61.43 12.98 22.85
CA THR D 33 -60.72 12.82 21.60
C THR D 33 -59.69 11.69 21.68
N SER D 34 -59.82 10.71 20.79
CA SER D 34 -58.90 9.59 20.78
C SER D 34 -57.61 9.99 20.06
N VAL D 35 -56.57 9.18 20.24
CA VAL D 35 -55.32 9.44 19.55
C VAL D 35 -55.47 9.30 18.05
N ASN D 36 -56.33 8.39 17.59
CA ASN D 36 -56.55 8.20 16.16
C ASN D 36 -57.19 9.42 15.52
N GLU D 37 -58.06 10.11 16.26
CA GLU D 37 -58.69 11.31 15.73
C GLU D 37 -57.67 12.42 15.57
N ARG D 38 -56.79 12.55 16.56
CA ARG D 38 -55.76 13.57 16.51
C ARG D 38 -54.78 13.32 15.36
N ILE D 39 -54.46 12.05 15.13
CA ILE D 39 -53.59 11.64 14.04
C ILE D 39 -54.21 11.98 12.69
N GLU D 40 -55.49 11.65 12.51
CA GLU D 40 -56.18 11.98 11.28
C GLU D 40 -56.24 13.48 11.04
N ASN D 41 -56.46 14.25 12.10
CA ASN D 41 -56.50 15.70 11.96
C ASN D 41 -55.15 16.29 11.55
N LYS D 42 -54.06 15.68 12.03
CA LYS D 42 -52.73 16.13 11.66
C LYS D 42 -52.39 15.77 10.20
N ARG D 43 -52.89 14.61 9.75
CA ARG D 43 -52.66 14.14 8.40
C ARG D 43 -53.34 15.13 7.43
N ARG D 44 -54.59 15.49 7.72
CA ARG D 44 -55.35 16.42 6.89
C ARG D 44 -54.68 17.78 6.83
N THR D 45 -54.21 18.29 7.96
CA THR D 45 -53.48 19.56 7.93
C THR D 45 -52.15 19.46 7.20
N ALA D 46 -51.39 18.37 7.38
CA ALA D 46 -50.13 18.23 6.67
C ALA D 46 -50.33 18.28 5.18
N LEU D 47 -51.43 17.69 4.68
CA LEU D 47 -51.70 17.73 3.26
C LEU D 47 -52.07 19.13 2.80
N LEU D 48 -52.84 19.86 3.60
CA LEU D 48 -53.16 21.23 3.21
C LEU D 48 -51.95 22.15 3.37
N GLY D 49 -51.06 21.84 4.29
CA GLY D 49 -49.87 22.67 4.49
C GLY D 49 -50.23 24.04 5.04
N GLY D 50 -50.03 25.07 4.23
CA GLY D 50 -50.36 26.43 4.60
C GLY D 50 -51.84 26.76 4.58
N GLY D 51 -52.68 25.85 4.13
CA GLY D 51 -54.10 26.08 4.09
C GLY D 51 -54.61 26.27 2.67
N GLN D 52 -55.91 26.00 2.51
CA GLN D 52 -56.54 26.00 1.19
C GLN D 52 -56.50 27.37 0.52
N ARG D 53 -56.59 28.45 1.29
CA ARG D 53 -56.57 29.78 0.71
C ARG D 53 -55.20 30.11 0.13
N ARG D 54 -54.16 29.63 0.80
CA ARG D 54 -52.80 29.80 0.33
C ARG D 54 -52.65 28.98 -0.96
N ILE D 55 -53.13 27.74 -0.92
CA ILE D 55 -53.08 26.86 -2.09
C ILE D 55 -53.79 27.51 -3.27
N ASP D 56 -54.96 28.10 -3.02
CA ASP D 56 -55.67 28.82 -4.06
C ASP D 56 -54.80 29.91 -4.68
N ALA D 57 -54.12 30.70 -3.84
CA ALA D 57 -53.21 31.73 -4.35
C ALA D 57 -52.05 31.11 -5.12
N GLN D 58 -51.54 29.97 -4.65
CA GLN D 58 -50.45 29.27 -5.32
C GLN D 58 -50.80 28.97 -6.76
N HIS D 59 -52.03 28.51 -7.00
CA HIS D 59 -52.49 28.24 -8.35
C HIS D 59 -52.77 29.51 -9.15
N LYS D 60 -53.26 30.55 -8.49
CA LYS D 60 -53.54 31.81 -9.17
C LYS D 60 -52.27 32.38 -9.79
N ARG D 61 -51.16 32.22 -9.09
CA ARG D 61 -49.91 32.72 -9.61
C ARG D 61 -49.37 31.83 -10.73
N GLY D 62 -49.95 30.65 -10.91
CA GLY D 62 -49.46 29.74 -11.93
C GLY D 62 -48.42 28.74 -11.44
N LYS D 63 -48.46 28.38 -10.17
CA LYS D 63 -47.51 27.47 -9.57
C LYS D 63 -48.26 26.27 -9.02
N LEU D 64 -47.59 25.12 -8.98
CA LEU D 64 -48.11 23.92 -8.37
C LEU D 64 -47.67 23.86 -6.92
N THR D 65 -48.36 23.07 -6.12
CA THR D 65 -47.88 22.97 -4.75
C THR D 65 -46.72 21.97 -4.72
N ALA D 66 -46.01 21.95 -3.58
CA ALA D 66 -44.89 21.05 -3.36
C ALA D 66 -45.29 19.59 -3.48
N ARG D 67 -46.46 19.22 -2.99
CA ARG D 67 -46.91 17.85 -3.13
C ARG D 67 -47.36 17.52 -4.55
N GLU D 68 -48.00 18.47 -5.24
CA GLU D 68 -48.37 18.20 -6.63
C GLU D 68 -47.14 18.02 -7.50
N ARG D 69 -46.08 18.79 -7.24
CA ARG D 69 -44.86 18.64 -7.99
C ARG D 69 -44.25 17.26 -7.78
N ILE D 70 -44.23 16.76 -6.54
CA ILE D 70 -43.69 15.41 -6.38
C ILE D 70 -44.52 14.37 -7.11
N SER D 71 -45.84 14.44 -7.01
CA SER D 71 -46.68 13.45 -7.68
C SER D 71 -46.38 13.36 -9.16
N LEU D 72 -46.11 14.49 -9.79
CA LEU D 72 -45.73 14.50 -11.20
C LEU D 72 -44.35 13.90 -11.43
N LEU D 73 -43.41 14.17 -10.53
CA LEU D 73 -42.03 13.79 -10.77
C LEU D 73 -41.81 12.29 -10.66
N LEU D 74 -42.38 11.66 -9.65
CA LEU D 74 -42.06 10.28 -9.33
C LEU D 74 -43.10 9.34 -9.91
N ASP D 75 -42.68 8.09 -10.08
CA ASP D 75 -43.57 7.02 -10.50
C ASP D 75 -44.80 7.00 -9.60
N PRO D 76 -46.00 6.88 -10.18
CA PRO D 76 -47.22 6.87 -9.37
C PRO D 76 -47.17 5.85 -8.25
N GLY D 77 -47.43 6.29 -7.03
CA GLY D 77 -47.54 5.39 -5.91
C GLY D 77 -46.23 5.01 -5.28
N SER D 78 -45.12 5.47 -5.84
CA SER D 78 -43.80 5.10 -5.36
C SER D 78 -43.30 5.97 -4.22
N PHE D 79 -43.95 7.09 -3.93
CA PHE D 79 -43.44 8.05 -2.98
C PHE D 79 -43.84 7.66 -1.56
N VAL D 80 -42.87 7.64 -0.65
CA VAL D 80 -43.12 7.42 0.75
C VAL D 80 -42.62 8.63 1.54
N GLU D 81 -43.53 9.30 2.23
CA GLU D 81 -43.26 10.49 3.00
C GLU D 81 -42.69 10.15 4.35
N SER D 82 -41.67 10.89 4.77
CA SER D 82 -41.02 10.72 6.06
C SER D 82 -41.29 11.94 6.91
N ASP D 83 -41.32 11.75 8.24
CA ASP D 83 -41.38 12.81 9.24
C ASP D 83 -42.51 13.80 8.98
N MET D 84 -43.67 13.27 8.60
CA MET D 84 -44.77 14.18 8.26
C MET D 84 -45.31 14.88 9.49
N PHE D 85 -45.04 14.37 10.69
CA PHE D 85 -45.62 14.93 11.91
C PHE D 85 -44.65 15.79 12.69
N VAL D 86 -43.53 16.15 12.12
CA VAL D 86 -42.55 16.96 12.83
C VAL D 86 -42.95 18.43 12.77
N GLU D 87 -42.87 19.09 13.92
CA GLU D 87 -43.16 20.50 14.05
C GLU D 87 -42.00 21.22 14.71
N HIS D 88 -41.94 22.53 14.49
CA HIS D 88 -40.90 23.34 15.10
C HIS D 88 -41.03 23.37 16.62
N ARG D 89 -39.90 23.62 17.28
CA ARG D 89 -39.87 23.68 18.73
C ARG D 89 -39.62 25.09 19.25
N CYS D 90 -39.61 26.07 18.35
CA CYS D 90 -39.39 27.44 18.77
C CYS D 90 -40.65 28.00 19.42
N ALA D 91 -40.48 28.57 20.61
CA ALA D 91 -41.61 29.12 21.35
C ALA D 91 -41.59 30.64 21.42
N ASP D 92 -40.53 31.28 20.97
CA ASP D 92 -40.35 32.71 21.10
C ASP D 92 -41.10 33.45 20.00
N PHE D 93 -41.36 34.73 20.22
CA PHE D 93 -42.02 35.64 19.27
C PHE D 93 -43.39 35.13 18.83
N GLY D 94 -44.08 34.41 19.70
CA GLY D 94 -45.40 33.92 19.37
C GLY D 94 -45.41 32.63 18.57
N MET D 95 -44.25 32.03 18.33
CA MET D 95 -44.14 30.80 17.57
C MET D 95 -44.79 29.63 18.30
N ALA D 96 -45.12 29.81 19.57
CA ALA D 96 -45.79 28.78 20.36
C ALA D 96 -47.29 28.76 20.09
N ALA D 97 -47.79 29.71 19.32
CA ALA D 97 -49.21 29.79 19.06
C ALA D 97 -49.66 28.65 18.17
N ASP D 98 -50.88 28.20 18.39
CA ASP D 98 -51.43 27.12 17.60
C ASP D 98 -51.48 27.48 16.12
N LYS D 99 -51.66 28.75 15.79
CA LYS D 99 -51.76 29.22 14.42
C LYS D 99 -50.47 28.99 13.63
N ASN D 100 -49.35 28.77 14.31
CA ASN D 100 -48.06 28.60 13.66
C ASN D 100 -47.65 27.15 13.55
N LYS D 101 -48.43 26.22 14.09
CA LYS D 101 -48.05 24.82 14.18
C LYS D 101 -48.47 24.13 12.89
N PHE D 102 -47.60 24.17 11.90
CA PHE D 102 -47.85 23.55 10.61
C PHE D 102 -47.09 22.24 10.50
N PRO D 103 -47.76 21.09 10.57
CA PRO D 103 -47.03 19.82 10.45
C PRO D 103 -46.26 19.79 9.14
N GLY D 104 -45.04 19.31 9.22
CA GLY D 104 -44.19 19.26 8.03
C GLY D 104 -43.18 20.36 7.97
N ASP D 105 -43.46 21.47 8.67
CA ASP D 105 -42.58 22.62 8.83
C ASP D 105 -41.92 22.99 7.49
N SER D 106 -42.79 23.19 6.49
CA SER D 106 -42.51 23.80 5.20
C SER D 106 -41.66 22.97 4.25
N VAL D 107 -41.46 21.68 4.49
CA VAL D 107 -40.78 20.83 3.51
C VAL D 107 -41.53 19.50 3.45
N VAL D 108 -41.59 18.94 2.24
CA VAL D 108 -42.05 17.59 2.02
C VAL D 108 -40.84 16.75 1.66
N THR D 109 -40.58 15.71 2.44
CA THR D 109 -39.42 14.87 2.24
C THR D 109 -39.87 13.42 2.07
N GLY D 110 -39.10 12.65 1.33
CA GLY D 110 -39.39 11.24 1.22
C GLY D 110 -38.61 10.60 0.10
N ARG D 111 -38.97 9.37 -0.21
CA ARG D 111 -38.24 8.62 -1.22
C ARG D 111 -39.21 8.02 -2.23
N GLY D 112 -38.69 7.73 -3.41
CA GLY D 112 -39.46 7.05 -4.42
C GLY D 112 -38.58 6.52 -5.52
N ARG D 113 -39.20 6.32 -6.68
CA ARG D 113 -38.52 5.80 -7.86
C ARG D 113 -38.94 6.58 -9.08
N ILE D 114 -38.03 6.70 -10.04
CA ILE D 114 -38.35 7.18 -11.38
C ILE D 114 -37.96 6.06 -12.33
N ASN D 115 -38.97 5.52 -13.02
CA ASN D 115 -38.85 4.38 -13.92
C ASN D 115 -38.22 3.16 -13.24
N GLY D 116 -38.60 2.91 -12.00
CA GLY D 116 -38.07 1.81 -11.26
C GLY D 116 -36.76 2.07 -10.55
N ARG D 117 -36.15 3.23 -10.72
CA ARG D 117 -34.85 3.48 -10.12
C ARG D 117 -35.00 4.36 -8.89
N LEU D 118 -34.34 3.96 -7.81
CA LEU D 118 -34.46 4.64 -6.53
C LEU D 118 -33.92 6.06 -6.60
N VAL D 119 -34.68 6.99 -6.06
CA VAL D 119 -34.23 8.37 -5.95
C VAL D 119 -34.85 8.96 -4.69
N TYR D 120 -34.12 9.86 -4.03
CA TYR D 120 -34.60 10.61 -2.89
C TYR D 120 -34.96 12.02 -3.35
N VAL D 121 -36.02 12.57 -2.78
CA VAL D 121 -36.46 13.92 -3.13
C VAL D 121 -36.79 14.71 -1.86
N PHE D 122 -36.81 16.02 -2.02
CA PHE D 122 -37.48 16.90 -1.07
C PHE D 122 -37.97 18.12 -1.84
N SER D 123 -39.00 18.75 -1.31
CA SER D 123 -39.57 19.91 -1.98
C SER D 123 -39.95 20.92 -0.92
N GLN D 124 -39.57 22.17 -1.12
CA GLN D 124 -39.89 23.23 -0.18
C GLN D 124 -41.27 23.79 -0.48
N ASP D 125 -42.05 24.02 0.57
CA ASP D 125 -43.43 24.47 0.46
C ASP D 125 -43.51 25.95 0.77
N PHE D 126 -43.78 26.76 -0.24
CA PHE D 126 -43.78 28.22 -0.09
C PHE D 126 -44.97 28.72 0.72
N THR D 127 -46.01 27.91 0.91
CA THR D 127 -47.22 28.42 1.53
C THR D 127 -47.12 28.41 3.05
N VAL D 128 -46.05 27.84 3.60
CA VAL D 128 -45.90 27.76 5.04
C VAL D 128 -44.72 28.63 5.46
N PHE D 129 -45.00 29.75 6.12
CA PHE D 129 -44.06 30.82 6.45
C PHE D 129 -43.24 31.30 5.27
N GLY D 130 -43.80 31.27 4.06
CA GLY D 130 -43.07 31.73 2.92
C GLY D 130 -41.99 30.78 2.43
N GLY D 131 -41.96 29.57 2.95
CA GLY D 131 -40.95 28.60 2.57
C GLY D 131 -39.63 28.83 3.27
N SER D 132 -39.64 29.68 4.30
CA SER D 132 -38.43 30.05 5.01
C SER D 132 -37.84 28.84 5.73
N LEU D 133 -36.53 28.90 5.97
CA LEU D 133 -35.81 27.75 6.53
C LEU D 133 -35.72 27.85 8.06
N SER D 134 -36.15 26.80 8.74
CA SER D 134 -36.02 26.72 10.18
C SER D 134 -34.97 25.68 10.54
N GLY D 135 -34.68 25.56 11.83
CA GLY D 135 -33.81 24.51 12.29
C GLY D 135 -34.33 23.14 11.88
N ALA D 136 -35.57 22.85 12.28
CA ALA D 136 -36.17 21.56 11.94
C ALA D 136 -36.30 21.35 10.44
N HIS D 137 -36.54 22.42 9.68
CA HIS D 137 -36.58 22.37 8.23
C HIS D 137 -35.31 21.75 7.67
N ALA D 138 -34.16 22.28 8.08
CA ALA D 138 -32.88 21.79 7.59
C ALA D 138 -32.62 20.37 8.03
N GLN D 139 -33.06 20.07 9.25
CA GLN D 139 -32.78 18.77 9.82
C GLN D 139 -33.37 17.68 8.95
N LYS D 140 -34.60 17.90 8.49
CA LYS D 140 -35.30 16.94 7.65
C LYS D 140 -34.61 16.78 6.30
N ILE D 141 -34.15 17.90 5.72
CA ILE D 141 -33.40 17.82 4.48
C ILE D 141 -32.10 17.06 4.69
N CYS D 142 -31.39 17.32 5.80
CA CYS D 142 -30.14 16.62 6.09
C CYS D 142 -30.33 15.11 6.22
N LYS D 143 -31.43 14.74 6.86
CA LYS D 143 -31.79 13.35 7.03
C LYS D 143 -31.85 12.69 5.65
N ILE D 144 -32.49 13.35 4.68
CA ILE D 144 -32.55 12.75 3.35
C ILE D 144 -31.16 12.66 2.71
N MET D 145 -30.36 13.69 2.92
CA MET D 145 -29.00 13.76 2.42
C MET D 145 -28.13 12.63 2.95
N ASP D 146 -28.35 12.24 4.20
CA ASP D 146 -27.61 11.15 4.83
C ASP D 146 -28.07 9.79 4.35
N GLN D 147 -29.36 9.57 4.17
CA GLN D 147 -29.78 8.26 3.70
C GLN D 147 -29.33 8.06 2.27
N ALA D 148 -29.43 9.09 1.44
CA ALA D 148 -29.03 8.94 0.05
C ALA D 148 -27.54 8.65 -0.08
N ILE D 149 -26.71 9.30 0.73
CA ILE D 149 -25.28 9.03 0.63
C ILE D 149 -24.98 7.60 1.07
N THR D 150 -25.61 7.15 2.16
CA THR D 150 -25.36 5.80 2.67
C THR D 150 -25.74 4.72 1.65
N VAL D 151 -26.91 4.84 1.02
CA VAL D 151 -27.27 3.79 0.07
C VAL D 151 -26.68 4.01 -1.31
N GLY D 152 -26.44 5.24 -1.71
CA GLY D 152 -25.95 5.52 -3.04
C GLY D 152 -27.05 5.76 -4.06
N ALA D 153 -27.92 6.73 -3.79
CA ALA D 153 -29.05 7.10 -4.63
C ALA D 153 -29.00 8.60 -4.86
N PRO D 154 -29.41 9.10 -6.02
CA PRO D 154 -29.39 10.54 -6.26
C PRO D 154 -30.39 11.24 -5.36
N VAL D 155 -30.18 12.54 -5.19
CA VAL D 155 -31.11 13.42 -4.51
C VAL D 155 -31.53 14.51 -5.48
N ILE D 156 -32.82 14.73 -5.62
CA ILE D 156 -33.37 15.80 -6.43
C ILE D 156 -34.12 16.74 -5.49
N GLY D 157 -33.69 17.99 -5.43
CA GLY D 157 -34.34 19.00 -4.60
C GLY D 157 -35.18 19.92 -5.48
N LEU D 158 -36.33 20.32 -4.96
CA LEU D 158 -37.18 21.32 -5.60
C LEU D 158 -37.20 22.51 -4.66
N ASN D 159 -36.48 23.55 -5.02
CA ASN D 159 -36.24 24.65 -4.11
C ASN D 159 -37.15 25.84 -4.38
N ASP D 160 -37.63 26.43 -3.30
CA ASP D 160 -38.50 27.60 -3.28
C ASP D 160 -38.55 28.11 -1.85
N SER D 161 -37.90 29.26 -1.61
CA SER D 161 -37.75 29.72 -0.23
C SER D 161 -37.60 31.23 -0.18
N GLY D 162 -38.00 31.83 0.93
CA GLY D 162 -37.92 33.27 1.07
C GLY D 162 -36.67 33.61 1.86
N GLY D 163 -35.92 32.58 2.21
CA GLY D 163 -34.73 32.75 3.00
C GLY D 163 -34.86 32.24 4.42
N ALA D 164 -33.99 32.72 5.30
CA ALA D 164 -33.96 32.27 6.68
C ALA D 164 -35.22 32.72 7.42
N ARG D 165 -35.65 31.91 8.37
CA ARG D 165 -36.78 32.24 9.24
C ARG D 165 -36.23 33.05 10.40
N ILE D 166 -36.45 34.36 10.38
CA ILE D 166 -35.85 35.28 11.33
C ILE D 166 -36.41 35.12 12.74
N GLN D 167 -37.54 34.47 12.89
CA GLN D 167 -38.11 34.31 14.21
C GLN D 167 -37.24 33.39 15.07
N GLU D 168 -36.52 32.47 14.44
CA GLU D 168 -35.64 31.59 15.21
C GLU D 168 -34.25 32.17 15.35
N GLY D 169 -33.86 33.02 14.43
CA GLY D 169 -32.59 33.74 14.55
C GLY D 169 -31.43 32.92 13.98
N VAL D 170 -30.57 32.42 14.87
CA VAL D 170 -29.32 31.77 14.48
C VAL D 170 -29.48 30.28 14.27
N GLU D 171 -30.63 29.74 14.63
CA GLU D 171 -30.90 28.33 14.43
C GLU D 171 -30.94 28.01 12.94
N SER D 172 -31.50 28.89 12.14
CA SER D 172 -31.60 28.68 10.70
C SER D 172 -30.24 28.80 10.03
N LEU D 173 -29.33 29.60 10.61
CA LEU D 173 -27.97 29.70 10.05
C LEU D 173 -27.21 28.39 10.23
N ALA D 174 -27.36 27.74 11.37
CA ALA D 174 -26.83 26.39 11.53
C ALA D 174 -27.48 25.42 10.55
N GLY D 175 -28.78 25.58 10.28
CA GLY D 175 -29.43 24.75 9.29
C GLY D 175 -28.74 24.78 7.95
N TYR D 176 -28.46 25.98 7.43
CA TYR D 176 -27.73 26.14 6.17
C TYR D 176 -26.36 25.50 6.20
N ALA D 177 -25.63 25.68 7.29
CA ALA D 177 -24.30 25.10 7.39
C ALA D 177 -24.34 23.58 7.31
N ASP D 178 -25.31 22.95 7.98
CA ASP D 178 -25.41 21.49 7.93
C ASP D 178 -25.78 21.00 6.54
N ILE D 179 -26.67 21.72 5.84
CA ILE D 179 -27.02 21.35 4.46
C ILE D 179 -25.81 21.48 3.56
N PHE D 180 -25.07 22.57 3.71
CA PHE D 180 -23.88 22.80 2.89
C PHE D 180 -22.86 21.69 3.09
N LEU D 181 -22.68 21.27 4.33
CA LEU D 181 -21.75 20.20 4.64
C LEU D 181 -22.16 18.90 3.95
N ARG D 182 -23.45 18.59 3.93
CA ARG D 182 -23.87 17.38 3.23
C ARG D 182 -23.69 17.50 1.71
N ASN D 183 -23.96 18.68 1.15
CA ASN D 183 -23.85 18.88 -0.28
C ASN D 183 -22.42 18.77 -0.75
N VAL D 184 -21.48 19.20 0.09
CA VAL D 184 -20.08 19.02 -0.25
C VAL D 184 -19.68 17.57 -0.09
N THR D 185 -20.08 16.94 1.00
CA THR D 185 -19.74 15.53 1.21
C THR D 185 -20.27 14.64 0.09
N ALA D 186 -21.47 14.92 -0.40
CA ALA D 186 -22.04 14.08 -1.45
C ALA D 186 -21.40 14.29 -2.82
N SER D 187 -20.56 15.30 -3.00
CA SER D 187 -20.03 15.61 -4.32
C SER D 187 -19.15 14.46 -4.81
N GLY D 188 -19.42 13.97 -6.00
CA GLY D 188 -18.68 12.89 -6.58
C GLY D 188 -19.10 11.54 -6.07
N VAL D 189 -20.12 11.49 -5.22
CA VAL D 189 -20.62 10.26 -4.64
C VAL D 189 -22.00 9.91 -5.20
N ILE D 190 -22.92 10.86 -5.15
CA ILE D 190 -24.24 10.69 -5.74
C ILE D 190 -24.54 11.92 -6.58
N PRO D 191 -25.29 11.82 -7.67
CA PRO D 191 -25.65 13.03 -8.42
C PRO D 191 -26.52 13.92 -7.55
N GLN D 192 -26.34 15.22 -7.67
CA GLN D 192 -27.19 16.17 -6.98
C GLN D 192 -27.78 17.13 -8.00
N ILE D 193 -29.10 17.12 -8.10
CA ILE D 193 -29.84 17.93 -9.05
C ILE D 193 -30.72 18.88 -8.26
N SER D 194 -30.70 20.15 -8.64
CA SER D 194 -31.54 21.14 -7.98
C SER D 194 -32.36 21.89 -9.01
N LEU D 195 -33.68 21.77 -8.89
CA LEU D 195 -34.62 22.47 -9.76
C LEU D 195 -35.26 23.59 -8.96
N ILE D 196 -35.17 24.80 -9.47
CA ILE D 196 -35.71 25.97 -8.78
C ILE D 196 -37.10 26.21 -9.31
N MET D 197 -38.08 26.29 -8.40
CA MET D 197 -39.46 26.39 -8.82
C MET D 197 -40.11 27.67 -8.33
N GLY D 198 -39.30 28.62 -7.88
CA GLY D 198 -39.80 29.87 -7.35
C GLY D 198 -38.67 30.75 -6.90
N PRO D 199 -38.96 31.78 -6.13
CA PRO D 199 -37.88 32.66 -5.68
C PRO D 199 -36.99 31.96 -4.68
N CYS D 200 -35.76 32.46 -4.53
CA CYS D 200 -34.78 31.92 -3.60
C CYS D 200 -33.88 33.05 -3.16
N ALA D 201 -33.78 33.26 -1.85
CA ALA D 201 -33.08 34.41 -1.32
C ALA D 201 -32.31 34.01 -0.09
N GLY D 202 -31.33 34.82 0.27
CA GLY D 202 -30.48 34.51 1.39
C GLY D 202 -29.58 33.32 1.13
N GLY D 203 -29.23 32.64 2.23
CA GLY D 203 -28.33 31.51 2.18
C GLY D 203 -28.80 30.36 1.31
N ALA D 204 -30.11 30.28 1.06
CA ALA D 204 -30.67 29.18 0.27
C ALA D 204 -30.11 29.15 -1.14
N VAL D 205 -29.72 30.34 -1.66
CA VAL D 205 -29.27 30.52 -3.03
C VAL D 205 -27.91 29.87 -3.28
N TYR D 206 -27.24 29.45 -2.21
CA TYR D 206 -25.97 28.76 -2.40
C TYR D 206 -26.10 27.26 -2.58
N SER D 207 -27.19 26.63 -2.15
CA SER D 207 -27.20 25.18 -2.41
C SER D 207 -27.09 24.81 -3.89
N PRO D 208 -27.78 25.45 -4.85
CA PRO D 208 -27.53 25.08 -6.25
C PRO D 208 -26.10 25.28 -6.71
N ALA D 209 -25.30 26.05 -6.00
CA ALA D 209 -23.91 26.20 -6.37
C ALA D 209 -23.08 24.99 -5.98
N LEU D 210 -23.57 24.17 -5.05
CA LEU D 210 -22.85 22.98 -4.66
C LEU D 210 -23.33 21.74 -5.38
N THR D 211 -24.58 21.73 -5.86
CA THR D 211 -25.05 20.59 -6.62
C THR D 211 -24.52 20.62 -8.05
N ASP D 212 -24.76 19.54 -8.77
CA ASP D 212 -24.22 19.35 -10.12
C ASP D 212 -24.93 20.05 -11.25
N PHE D 213 -26.24 20.13 -11.19
CA PHE D 213 -26.99 20.85 -12.22
C PHE D 213 -28.04 21.69 -11.54
N THR D 214 -28.26 22.89 -12.09
CA THR D 214 -29.30 23.79 -11.61
C THR D 214 -30.25 24.06 -12.75
N PHE D 215 -31.55 23.89 -12.54
CA PHE D 215 -32.53 24.18 -13.57
C PHE D 215 -33.52 25.18 -13.03
N MET D 216 -34.16 25.93 -13.91
CA MET D 216 -35.11 26.94 -13.49
C MET D 216 -36.37 26.87 -14.33
N VAL D 217 -37.36 27.65 -13.92
CA VAL D 217 -38.63 27.78 -14.63
C VAL D 217 -38.76 29.24 -15.06
N LYS D 218 -38.98 29.46 -16.36
CA LYS D 218 -38.99 30.79 -16.91
C LYS D 218 -40.08 31.62 -16.25
N ASP D 219 -39.71 32.84 -15.87
CA ASP D 219 -40.62 33.88 -15.33
C ASP D 219 -41.27 33.49 -14.01
N THR D 220 -40.82 32.40 -13.40
CA THR D 220 -41.37 31.95 -12.12
C THR D 220 -40.30 31.87 -11.06
N SER D 221 -39.10 31.42 -11.41
CA SER D 221 -38.02 31.16 -10.48
C SER D 221 -37.02 32.30 -10.51
N TYR D 222 -36.38 32.54 -9.37
CA TYR D 222 -35.37 33.57 -9.23
C TYR D 222 -34.22 33.03 -8.41
N LEU D 223 -33.02 33.56 -8.67
CA LEU D 223 -31.88 33.28 -7.82
C LEU D 223 -31.14 34.59 -7.54
N PHE D 224 -31.14 34.98 -6.27
CA PHE D 224 -30.44 36.18 -5.82
C PHE D 224 -30.12 36.04 -4.33
N ILE D 225 -29.16 36.84 -3.84
CA ILE D 225 -28.88 36.88 -2.42
C ILE D 225 -29.75 37.92 -1.73
N THR D 226 -29.74 39.14 -2.26
CA THR D 226 -30.57 40.24 -1.78
C THR D 226 -31.49 40.70 -2.91
N GLY D 227 -32.64 41.24 -2.52
CA GLY D 227 -33.63 41.69 -3.47
C GLY D 227 -33.35 43.08 -4.00
N PRO D 228 -34.15 43.51 -4.97
CA PRO D 228 -33.97 44.87 -5.51
C PRO D 228 -34.06 45.96 -4.47
N ASP D 229 -34.75 45.70 -3.36
CA ASP D 229 -34.91 46.67 -2.28
C ASP D 229 -33.56 47.04 -1.69
N VAL D 230 -32.67 46.06 -1.57
CA VAL D 230 -31.34 46.33 -1.04
C VAL D 230 -30.48 47.02 -2.08
N VAL D 231 -30.55 46.59 -3.34
CA VAL D 231 -29.73 47.23 -4.35
C VAL D 231 -30.05 48.72 -4.42
N LYS D 232 -31.34 49.09 -4.39
CA LYS D 232 -31.72 50.50 -4.45
C LYS D 232 -31.26 51.26 -3.21
N SER D 233 -31.29 50.59 -2.05
CA SER D 233 -30.94 51.28 -0.81
C SER D 233 -29.43 51.46 -0.67
N VAL D 234 -28.66 50.55 -1.25
CA VAL D 234 -27.20 50.58 -1.06
C VAL D 234 -26.55 51.46 -2.12
N THR D 235 -26.94 51.28 -3.37
CA THR D 235 -26.31 51.97 -4.49
C THR D 235 -27.38 52.58 -5.38
N ASN D 236 -27.01 53.61 -6.13
CA ASN D 236 -27.97 54.32 -6.97
C ASN D 236 -28.18 53.63 -8.32
N GLU D 237 -28.75 52.43 -8.26
CA GLU D 237 -29.01 51.61 -9.44
C GLU D 237 -30.47 51.17 -9.44
N ASP D 238 -31.12 51.24 -10.58
CA ASP D 238 -32.51 50.79 -10.71
C ASP D 238 -32.72 49.43 -11.36
N VAL D 239 -33.24 48.46 -10.60
CA VAL D 239 -33.44 47.10 -11.10
C VAL D 239 -34.73 46.45 -10.56
N THR D 240 -35.36 45.64 -11.40
CA THR D 240 -36.52 44.84 -11.00
C THR D 240 -36.21 43.38 -10.73
N GLN D 241 -37.22 42.62 -10.32
CA GLN D 241 -36.98 41.28 -9.81
C GLN D 241 -36.43 40.35 -10.87
N GLU D 242 -36.95 40.49 -12.08
CA GLU D 242 -36.56 39.63 -13.19
C GLU D 242 -35.15 39.99 -13.67
N GLU D 243 -34.83 41.28 -13.70
CA GLU D 243 -33.52 41.73 -14.15
C GLU D 243 -32.43 41.32 -13.17
N LEU D 244 -32.74 41.33 -11.88
CA LEU D 244 -31.73 41.07 -10.87
C LEU D 244 -31.41 39.59 -10.80
N GLY D 245 -32.43 38.73 -10.79
CA GLY D 245 -32.19 37.33 -10.61
C GLY D 245 -33.13 36.40 -11.34
N GLY D 246 -33.70 36.83 -12.46
CA GLY D 246 -34.62 36.03 -13.22
C GLY D 246 -33.95 34.88 -13.94
N ALA D 247 -34.77 33.91 -14.33
CA ALA D 247 -34.30 32.72 -15.05
C ALA D 247 -33.61 33.06 -16.37
N LYS D 248 -34.07 34.08 -17.07
CA LYS D 248 -33.48 34.44 -18.35
C LYS D 248 -32.06 34.97 -18.17
N THR D 249 -31.82 35.69 -17.09
CA THR D 249 -30.50 36.24 -16.80
C THR D 249 -29.49 35.13 -16.53
N HIS D 250 -29.88 34.16 -15.72
CA HIS D 250 -28.97 33.10 -15.28
C HIS D 250 -28.73 32.01 -16.34
N THR D 251 -29.68 31.81 -17.25
CA THR D 251 -29.46 30.92 -18.36
C THR D 251 -28.84 31.58 -19.58
N THR D 252 -28.89 32.91 -19.69
CA THR D 252 -28.30 33.52 -20.86
C THR D 252 -27.01 34.27 -20.59
N MET D 253 -26.91 34.92 -19.44
CA MET D 253 -25.73 35.74 -19.20
C MET D 253 -24.75 35.41 -18.08
N SER D 254 -25.23 35.00 -16.92
CA SER D 254 -24.31 34.77 -15.82
C SER D 254 -23.74 33.36 -15.84
N GLY D 255 -24.39 32.44 -16.55
CA GLY D 255 -23.90 31.08 -16.58
C GLY D 255 -24.13 30.31 -15.31
N VAL D 256 -25.21 30.59 -14.60
CA VAL D 256 -25.46 29.94 -13.32
C VAL D 256 -26.44 28.78 -13.50
N ALA D 257 -27.49 28.99 -14.29
CA ALA D 257 -28.50 27.98 -14.47
C ALA D 257 -28.30 27.25 -15.80
N HIS D 258 -28.41 25.92 -15.72
CA HIS D 258 -28.11 25.07 -16.86
C HIS D 258 -29.20 25.06 -17.92
N ARG D 259 -30.44 25.27 -17.52
CA ARG D 259 -31.53 25.42 -18.45
C ARG D 259 -32.82 25.84 -17.79
N ALA D 260 -33.60 26.68 -18.44
CA ALA D 260 -34.91 27.06 -17.93
C ALA D 260 -35.98 26.43 -18.80
N PHE D 261 -37.07 26.02 -18.16
CA PHE D 261 -38.19 25.39 -18.85
C PHE D 261 -39.41 26.29 -18.73
N GLU D 262 -40.33 26.15 -19.68
CA GLU D 262 -41.42 27.12 -19.82
C GLU D 262 -42.33 27.17 -18.61
N ASN D 263 -42.66 26.02 -18.04
CA ASN D 263 -43.61 25.98 -16.94
C ASN D 263 -43.33 24.77 -16.06
N ASP D 264 -44.11 24.65 -14.99
CA ASP D 264 -43.87 23.60 -14.00
C ASP D 264 -44.05 22.20 -14.57
N VAL D 265 -45.03 22.00 -15.45
CA VAL D 265 -45.35 20.65 -15.91
C VAL D 265 -44.29 20.16 -16.89
N ASP D 266 -43.88 21.03 -17.81
CA ASP D 266 -42.82 20.72 -18.76
C ASP D 266 -41.47 20.57 -18.08
N ALA D 267 -41.22 21.36 -17.03
CA ALA D 267 -39.98 21.27 -16.28
C ALA D 267 -39.81 19.91 -15.64
N LEU D 268 -40.86 19.35 -15.07
CA LEU D 268 -40.72 18.05 -14.45
C LEU D 268 -40.72 16.91 -15.48
N CYS D 269 -41.41 17.10 -16.61
CA CYS D 269 -41.33 16.08 -17.65
C CYS D 269 -39.93 15.96 -18.21
N ASN D 270 -39.26 17.08 -18.45
CA ASN D 270 -37.89 17.04 -18.91
C ASN D 270 -36.94 16.56 -17.83
N LEU D 271 -37.26 16.81 -16.56
CA LEU D 271 -36.42 16.33 -15.48
C LEU D 271 -36.43 14.82 -15.39
N ARG D 272 -37.59 14.19 -15.59
CA ARG D 272 -37.62 12.72 -15.62
C ARG D 272 -36.73 12.18 -16.72
N ASP D 273 -36.80 12.79 -17.92
CA ASP D 273 -35.94 12.38 -19.03
C ASP D 273 -34.46 12.58 -18.73
N PHE D 274 -34.11 13.71 -18.14
CA PHE D 274 -32.73 13.95 -17.76
C PHE D 274 -32.25 12.90 -16.75
N PHE D 275 -33.07 12.64 -15.73
CA PHE D 275 -32.71 11.64 -14.73
C PHE D 275 -32.28 10.34 -15.36
N ASN D 276 -32.97 9.91 -16.43
CA ASN D 276 -32.65 8.59 -16.99
C ASN D 276 -31.24 8.48 -17.57
N TYR D 277 -30.49 9.55 -17.70
CA TYR D 277 -29.14 9.49 -18.25
C TYR D 277 -28.09 9.06 -17.25
N LEU D 278 -28.25 9.37 -15.98
CA LEU D 278 -27.22 9.38 -14.96
C LEU D 278 -27.20 8.08 -14.16
N PRO D 279 -26.03 7.66 -13.67
CA PRO D 279 -26.00 6.52 -12.76
C PRO D 279 -26.55 6.92 -11.40
N LEU D 280 -26.84 5.91 -10.58
CA LEU D 280 -27.35 6.21 -9.26
C LEU D 280 -26.26 6.69 -8.32
N SER D 281 -25.02 6.23 -8.51
CA SER D 281 -23.91 6.62 -7.66
C SER D 281 -22.64 6.58 -8.50
N SER D 282 -21.58 7.19 -7.98
CA SER D 282 -20.31 7.19 -8.70
C SER D 282 -19.65 5.83 -8.69
N GLN D 283 -20.19 4.88 -7.91
CA GLN D 283 -19.63 3.54 -7.89
C GLN D 283 -20.17 2.70 -9.03
N ASP D 284 -21.14 3.23 -9.74
CA ASP D 284 -21.81 2.50 -10.80
C ASP D 284 -21.29 2.92 -12.17
N PRO D 285 -21.28 2.02 -13.14
CA PRO D 285 -20.94 2.40 -14.51
C PRO D 285 -22.05 3.22 -15.15
N ALA D 286 -21.74 3.92 -16.22
CA ALA D 286 -22.76 4.63 -16.97
C ALA D 286 -23.90 3.68 -17.31
N PRO D 287 -25.15 4.05 -17.06
CA PRO D 287 -26.26 3.13 -17.36
C PRO D 287 -26.29 2.75 -18.84
N VAL D 288 -26.75 1.54 -19.10
CA VAL D 288 -26.95 1.03 -20.45
C VAL D 288 -28.41 0.67 -20.58
N ARG D 289 -29.06 1.18 -21.62
CA ARG D 289 -30.46 0.91 -21.83
C ARG D 289 -30.76 0.24 -23.15
N GLU D 290 -31.88 -0.46 -23.23
CA GLU D 290 -32.34 -1.07 -24.46
C GLU D 290 -32.27 -0.06 -25.60
N CYS D 291 -31.72 -0.47 -26.73
CA CYS D 291 -31.57 0.40 -27.88
C CYS D 291 -31.88 -0.35 -29.16
N HIS D 292 -32.65 0.27 -30.03
CA HIS D 292 -33.02 -0.32 -31.31
C HIS D 292 -32.21 0.21 -32.48
N ASP D 293 -31.31 1.15 -32.24
CA ASP D 293 -30.59 1.82 -33.30
C ASP D 293 -29.35 1.01 -33.65
N PRO D 294 -29.25 0.43 -34.83
CA PRO D 294 -28.10 -0.43 -35.13
C PRO D 294 -26.80 0.32 -34.92
N SER D 295 -25.84 -0.35 -34.29
CA SER D 295 -24.58 0.27 -33.93
C SER D 295 -23.63 0.38 -35.10
N ASP D 296 -23.89 -0.32 -36.19
CA ASP D 296 -22.95 -0.42 -37.30
C ASP D 296 -23.44 0.29 -38.55
N ARG D 297 -24.41 1.18 -38.43
CA ARG D 297 -24.91 1.88 -39.59
C ARG D 297 -24.00 3.06 -39.93
N LEU D 298 -24.02 3.46 -41.19
CA LEU D 298 -23.24 4.59 -41.65
C LEU D 298 -24.09 5.83 -41.67
N VAL D 299 -23.43 6.98 -41.67
CA VAL D 299 -24.12 8.25 -41.74
C VAL D 299 -23.55 9.05 -42.92
N PRO D 300 -24.02 8.80 -44.15
CA PRO D 300 -23.45 9.48 -45.30
C PRO D 300 -23.56 10.99 -45.25
N GLU D 301 -24.48 11.51 -44.43
CA GLU D 301 -24.74 12.92 -44.31
C GLU D 301 -23.55 13.71 -43.81
N LEU D 302 -22.57 13.05 -43.19
CA LEU D 302 -21.41 13.69 -42.62
C LEU D 302 -20.37 14.05 -43.66
N ASP D 303 -20.29 13.34 -44.79
CA ASP D 303 -19.18 13.55 -45.70
C ASP D 303 -19.09 14.98 -46.24
N THR D 304 -20.21 15.70 -46.30
CA THR D 304 -20.19 17.01 -46.93
C THR D 304 -20.53 18.14 -45.97
N ILE D 305 -20.53 17.87 -44.66
CA ILE D 305 -20.90 18.93 -43.73
C ILE D 305 -19.81 20.00 -43.67
N VAL D 306 -18.56 19.57 -43.60
CA VAL D 306 -17.44 20.48 -43.39
C VAL D 306 -17.01 21.08 -44.71
N PRO D 307 -17.13 22.40 -44.90
CA PRO D 307 -16.73 23.00 -46.16
C PRO D 307 -15.23 22.89 -46.40
N LEU D 308 -14.87 22.91 -47.68
CA LEU D 308 -13.46 22.98 -48.04
C LEU D 308 -12.88 24.38 -47.83
N GLU D 309 -13.73 25.40 -47.91
CA GLU D 309 -13.28 26.77 -47.69
C GLU D 309 -13.20 27.03 -46.19
N SER D 310 -12.07 27.55 -45.74
CA SER D 310 -11.77 27.72 -44.32
C SER D 310 -12.59 28.80 -43.64
N THR D 311 -13.28 29.65 -44.38
CA THR D 311 -13.95 30.81 -43.80
C THR D 311 -15.45 30.58 -43.73
N LYS D 312 -15.88 29.39 -44.11
CA LYS D 312 -17.29 29.03 -44.10
C LYS D 312 -17.63 28.21 -42.87
N ALA D 313 -18.57 28.71 -42.07
CA ALA D 313 -18.99 28.03 -40.86
C ALA D 313 -20.00 26.95 -41.17
N TYR D 314 -20.16 26.02 -40.23
CA TYR D 314 -21.16 24.97 -40.32
C TYR D 314 -21.66 24.70 -38.91
N ASN D 315 -22.80 24.04 -38.82
CA ASN D 315 -23.44 23.77 -37.54
C ASN D 315 -22.95 22.45 -36.99
N MET D 316 -22.20 22.50 -35.91
CA MET D 316 -21.67 21.28 -35.31
C MET D 316 -22.78 20.36 -34.84
N VAL D 317 -23.95 20.91 -34.50
CA VAL D 317 -25.04 20.09 -33.99
C VAL D 317 -25.51 19.08 -35.02
N ASP D 318 -25.36 19.36 -36.31
CA ASP D 318 -25.77 18.42 -37.34
C ASP D 318 -24.98 17.12 -37.24
N ILE D 319 -23.71 17.22 -36.84
CA ILE D 319 -22.86 16.04 -36.69
C ILE D 319 -23.25 15.28 -35.44
N ILE D 320 -23.46 15.99 -34.34
CA ILE D 320 -23.80 15.39 -33.06
C ILE D 320 -25.10 14.61 -33.18
N HIS D 321 -26.12 15.22 -33.79
CA HIS D 321 -27.41 14.57 -33.89
C HIS D 321 -27.36 13.33 -34.78
N SER D 322 -26.54 13.35 -35.82
CA SER D 322 -26.50 12.20 -36.71
C SER D 322 -25.74 11.02 -36.12
N VAL D 323 -24.85 11.25 -35.16
CA VAL D 323 -24.07 10.16 -34.60
C VAL D 323 -24.80 9.47 -33.45
N VAL D 324 -25.43 10.25 -32.58
CA VAL D 324 -26.03 9.72 -31.34
C VAL D 324 -27.24 8.84 -31.63
N ASP D 325 -27.49 7.89 -30.73
CA ASP D 325 -28.62 6.98 -30.87
C ASP D 325 -29.89 7.75 -31.16
N GLU D 326 -30.60 7.34 -32.21
CA GLU D 326 -31.94 7.81 -32.57
C GLU D 326 -32.07 9.32 -32.62
N ARG D 327 -30.94 9.99 -32.80
CA ARG D 327 -30.84 11.44 -32.96
C ARG D 327 -31.38 12.28 -31.82
N GLU D 328 -31.30 11.73 -30.63
CA GLU D 328 -31.70 12.37 -29.38
C GLU D 328 -30.46 12.98 -28.74
N PHE D 329 -30.51 14.28 -28.45
CA PHE D 329 -29.39 14.95 -27.80
C PHE D 329 -29.95 15.91 -26.75
N PHE D 330 -29.38 15.89 -25.55
CA PHE D 330 -29.83 16.77 -24.48
C PHE D 330 -28.83 17.91 -24.34
N GLU D 331 -29.21 19.10 -24.75
CA GLU D 331 -28.26 20.20 -24.74
C GLU D 331 -28.33 20.97 -23.43
N ILE D 332 -27.17 21.31 -22.91
CA ILE D 332 -27.00 22.04 -21.66
C ILE D 332 -26.63 23.47 -21.99
N MET D 333 -27.27 24.43 -21.32
CA MET D 333 -27.09 25.87 -21.48
C MET D 333 -27.14 26.28 -22.94
N PRO D 334 -28.26 26.06 -23.63
CA PRO D 334 -28.31 26.39 -25.05
C PRO D 334 -28.05 27.85 -25.37
N ASN D 335 -28.23 28.75 -24.41
CA ASN D 335 -28.15 30.17 -24.68
C ASN D 335 -26.93 30.84 -24.05
N TYR D 336 -26.06 30.07 -23.42
CA TYR D 336 -24.89 30.61 -22.74
C TYR D 336 -23.64 29.94 -23.29
N ALA D 337 -22.64 30.76 -23.61
CA ALA D 337 -21.36 30.33 -24.18
C ALA D 337 -21.58 29.46 -25.42
N LYS D 338 -22.34 30.02 -26.37
CA LYS D 338 -22.75 29.28 -27.55
C LYS D 338 -21.59 28.77 -28.39
N ASN D 339 -20.36 29.23 -28.18
CA ASN D 339 -19.26 28.76 -29.00
C ASN D 339 -18.76 27.39 -28.61
N ILE D 340 -19.28 26.80 -27.53
CA ILE D 340 -18.95 25.44 -27.15
C ILE D 340 -20.24 24.72 -26.81
N ILE D 341 -20.35 23.48 -27.28
CA ILE D 341 -21.54 22.67 -27.11
C ILE D 341 -21.19 21.53 -26.17
N VAL D 342 -22.00 21.35 -25.12
CA VAL D 342 -21.87 20.23 -24.22
C VAL D 342 -23.26 19.63 -23.99
N GLY D 343 -23.30 18.32 -23.83
CA GLY D 343 -24.57 17.71 -23.49
C GLY D 343 -24.47 16.21 -23.39
N PHE D 344 -25.62 15.60 -23.16
CA PHE D 344 -25.73 14.18 -22.94
C PHE D 344 -26.37 13.51 -24.15
N ALA D 345 -25.95 12.29 -24.41
CA ALA D 345 -26.57 11.46 -25.43
C ALA D 345 -26.23 10.01 -25.14
N ARG D 346 -26.82 9.12 -25.91
CA ARG D 346 -26.51 7.71 -25.83
C ARG D 346 -25.90 7.19 -27.10
N MET D 347 -24.99 6.25 -27.01
CA MET D 347 -24.52 5.55 -28.19
C MET D 347 -24.46 4.07 -27.87
N ASN D 348 -25.18 3.27 -28.65
CA ASN D 348 -25.40 1.84 -28.43
C ASN D 348 -25.97 1.55 -27.04
N GLY D 349 -26.86 2.42 -26.56
CA GLY D 349 -27.48 2.24 -25.29
C GLY D 349 -26.78 2.88 -24.12
N ARG D 350 -25.50 3.19 -24.25
CA ARG D 350 -24.72 3.68 -23.13
C ARG D 350 -24.73 5.20 -23.09
N THR D 351 -24.91 5.76 -21.92
CA THR D 351 -24.86 7.21 -21.76
C THR D 351 -23.44 7.70 -22.00
N VAL D 352 -23.30 8.73 -22.82
CA VAL D 352 -22.01 9.39 -23.01
C VAL D 352 -22.20 10.89 -22.90
N GLY D 353 -21.11 11.58 -22.60
CA GLY D 353 -21.08 13.02 -22.63
C GLY D 353 -20.35 13.48 -23.89
N ILE D 354 -20.85 14.55 -24.48
CA ILE D 354 -20.34 15.07 -25.73
C ILE D 354 -19.91 16.52 -25.51
N VAL D 355 -18.71 16.83 -25.96
CA VAL D 355 -18.18 18.19 -25.95
C VAL D 355 -17.66 18.48 -27.35
N GLY D 356 -17.94 19.68 -27.84
CA GLY D 356 -17.43 20.06 -29.15
C GLY D 356 -17.49 21.54 -29.41
N ASN D 357 -16.86 22.00 -30.47
CA ASN D 357 -16.87 23.42 -30.79
C ASN D 357 -18.07 23.76 -31.66
N GLN D 358 -18.47 25.01 -31.65
CA GLN D 358 -19.49 25.50 -32.58
C GLN D 358 -18.89 26.56 -33.47
N PRO D 359 -18.44 26.20 -34.68
CA PRO D 359 -17.73 27.18 -35.52
C PRO D 359 -18.57 28.38 -35.89
N LYS D 360 -19.90 28.29 -35.79
CA LYS D 360 -20.77 29.38 -36.17
C LYS D 360 -20.59 30.58 -35.27
N VAL D 361 -20.15 30.38 -34.03
CA VAL D 361 -20.10 31.44 -33.03
C VAL D 361 -18.65 31.72 -32.69
N ALA D 362 -18.24 32.99 -32.86
CA ALA D 362 -16.89 33.48 -32.59
C ALA D 362 -15.81 32.62 -33.23
N SER D 363 -16.07 32.16 -34.45
CA SER D 363 -15.19 31.28 -35.25
C SER D 363 -14.84 29.97 -34.53
N GLY D 364 -15.50 29.65 -33.43
CA GLY D 364 -15.18 28.42 -32.73
C GLY D 364 -14.03 28.52 -31.77
N CYS D 365 -13.68 29.75 -31.43
CA CYS D 365 -12.60 30.09 -30.51
C CYS D 365 -12.90 29.81 -29.04
N LEU D 366 -11.87 29.59 -28.23
CA LEU D 366 -12.10 29.44 -26.80
C LEU D 366 -12.01 30.78 -26.09
N ASP D 367 -12.84 30.95 -25.07
CA ASP D 367 -12.87 32.18 -24.29
C ASP D 367 -13.16 31.78 -22.86
N ILE D 368 -13.32 32.79 -22.00
CA ILE D 368 -13.50 32.54 -20.57
C ILE D 368 -14.76 31.72 -20.32
N ASN D 369 -15.88 32.15 -20.92
CA ASN D 369 -17.18 31.57 -20.61
C ASN D 369 -17.27 30.13 -21.08
N SER D 370 -16.68 29.83 -22.23
CA SER D 370 -16.70 28.48 -22.77
C SER D 370 -15.86 27.53 -21.95
N SER D 371 -14.73 28.01 -21.44
CA SER D 371 -13.88 27.18 -20.60
C SER D 371 -14.56 26.82 -19.30
N VAL D 372 -15.34 27.74 -18.73
CA VAL D 372 -16.00 27.47 -17.46
C VAL D 372 -17.05 26.39 -17.61
N LYS D 373 -17.90 26.51 -18.64
CA LYS D 373 -18.95 25.53 -18.89
C LYS D 373 -18.36 24.16 -19.27
N GLY D 374 -17.34 24.16 -20.12
CA GLY D 374 -16.70 22.92 -20.49
C GLY D 374 -16.06 22.19 -19.33
N ALA D 375 -15.24 22.87 -18.54
CA ALA D 375 -14.53 22.20 -17.47
C ALA D 375 -15.48 21.57 -16.47
N ARG D 376 -16.54 22.28 -16.15
CA ARG D 376 -17.54 21.79 -15.20
C ARG D 376 -18.20 20.53 -15.72
N PHE D 377 -18.60 20.54 -16.97
CA PHE D 377 -19.24 19.35 -17.55
C PHE D 377 -18.28 18.16 -17.59
N VAL D 378 -17.04 18.37 -18.05
CA VAL D 378 -16.10 17.26 -18.19
C VAL D 378 -15.85 16.59 -16.86
N ARG D 379 -15.65 17.39 -15.82
CA ARG D 379 -15.39 16.89 -14.47
C ARG D 379 -16.53 16.08 -13.89
N PHE D 380 -17.77 16.51 -14.07
CA PHE D 380 -18.89 15.69 -13.62
C PHE D 380 -18.90 14.33 -14.31
N CYS D 381 -18.81 14.33 -15.64
CA CYS D 381 -18.85 13.06 -16.38
C CYS D 381 -17.72 12.13 -15.98
N ASP D 382 -16.53 12.66 -15.74
CA ASP D 382 -15.44 11.82 -15.25
C ASP D 382 -15.75 11.23 -13.89
N ALA D 383 -16.24 12.02 -12.95
CA ALA D 383 -16.55 11.55 -11.62
C ALA D 383 -17.57 10.42 -11.61
N PHE D 384 -18.52 10.41 -12.53
CA PHE D 384 -19.57 9.39 -12.55
C PHE D 384 -19.44 8.45 -13.74
N ASN D 385 -18.21 8.23 -14.21
CA ASN D 385 -17.85 7.15 -15.16
C ASN D 385 -18.65 7.20 -16.45
N ILE D 386 -18.82 8.40 -16.99
CA ILE D 386 -19.54 8.61 -18.23
C ILE D 386 -18.51 8.93 -19.30
N PRO D 387 -18.39 8.13 -20.36
CA PRO D 387 -17.37 8.39 -21.38
C PRO D 387 -17.54 9.75 -22.05
N LEU D 388 -16.43 10.27 -22.56
CA LEU D 388 -16.40 11.56 -23.23
C LEU D 388 -16.12 11.39 -24.71
N ILE D 389 -16.88 12.11 -25.53
CA ILE D 389 -16.63 12.24 -26.96
C ILE D 389 -16.40 13.71 -27.25
N THR D 390 -15.32 14.00 -27.96
CA THR D 390 -14.89 15.36 -28.24
C THR D 390 -14.94 15.57 -29.74
N PHE D 391 -15.57 16.65 -30.19
CA PHE D 391 -15.57 17.07 -31.59
C PHE D 391 -14.81 18.37 -31.70
N VAL D 392 -13.60 18.30 -32.26
CA VAL D 392 -12.67 19.41 -32.22
C VAL D 392 -12.76 20.20 -33.52
N ASP D 393 -12.91 21.52 -33.41
CA ASP D 393 -12.79 22.43 -34.54
C ASP D 393 -12.53 23.82 -33.96
N VAL D 394 -11.29 24.08 -33.57
CA VAL D 394 -11.00 25.26 -32.78
C VAL D 394 -9.78 25.98 -33.36
N PRO D 395 -9.93 27.21 -33.82
CA PRO D 395 -8.80 27.92 -34.45
C PRO D 395 -7.84 28.59 -33.48
N GLY D 396 -8.13 28.57 -32.19
CA GLY D 396 -7.32 29.30 -31.22
C GLY D 396 -8.17 29.90 -30.13
N PHE D 397 -7.71 31.00 -29.54
CA PHE D 397 -8.39 31.63 -28.43
C PHE D 397 -8.92 32.98 -28.87
N LEU D 398 -10.00 33.40 -28.24
CA LEU D 398 -10.58 34.71 -28.52
C LEU D 398 -9.63 35.81 -28.08
N PRO D 399 -9.09 36.61 -29.00
CA PRO D 399 -8.15 37.67 -28.59
C PRO D 399 -8.83 38.89 -28.02
N GLY D 400 -8.07 39.73 -27.34
CA GLY D 400 -8.51 41.06 -26.98
C GLY D 400 -8.41 41.32 -25.49
N THR D 401 -8.38 42.60 -25.14
CA THR D 401 -8.21 42.99 -23.74
C THR D 401 -9.36 42.54 -22.88
N ALA D 402 -10.55 42.40 -23.45
CA ALA D 402 -11.69 41.89 -22.70
C ALA D 402 -11.42 40.53 -22.09
N GLN D 403 -10.60 39.72 -22.74
CA GLN D 403 -10.28 38.39 -22.26
C GLN D 403 -8.99 38.36 -21.47
N GLU D 404 -8.01 39.18 -21.87
CA GLU D 404 -6.74 39.23 -21.15
C GLU D 404 -6.93 39.69 -19.71
N TYR D 405 -7.66 40.79 -19.54
CA TYR D 405 -7.93 41.35 -18.20
C TYR D 405 -8.93 40.51 -17.42
N GLY D 406 -9.63 39.64 -18.12
CA GLY D 406 -10.58 38.76 -17.47
C GLY D 406 -10.00 37.48 -16.95
N GLY D 407 -8.69 37.26 -17.15
CA GLY D 407 -8.05 36.07 -16.69
C GLY D 407 -8.23 34.87 -17.60
N ILE D 408 -8.24 35.11 -18.92
CA ILE D 408 -8.39 34.04 -19.89
C ILE D 408 -7.36 32.92 -19.67
N ILE D 409 -6.16 33.26 -19.19
CA ILE D 409 -5.14 32.25 -18.95
C ILE D 409 -5.55 31.34 -17.80
N ARG D 410 -5.94 31.96 -16.70
CA ARG D 410 -6.37 31.24 -15.51
C ARG D 410 -7.62 30.40 -15.80
N HIS D 411 -8.54 30.94 -16.59
CA HIS D 411 -9.76 30.22 -16.91
C HIS D 411 -9.56 29.13 -17.95
N GLY D 412 -8.73 29.36 -18.96
CA GLY D 412 -8.47 28.30 -19.94
C GLY D 412 -7.84 27.07 -19.33
N ALA D 413 -7.04 27.26 -18.28
CA ALA D 413 -6.43 26.13 -17.59
C ALA D 413 -7.46 25.20 -17.00
N LYS D 414 -8.69 25.68 -16.78
CA LYS D 414 -9.73 24.85 -16.21
C LYS D 414 -10.14 23.72 -17.14
N LEU D 415 -10.24 23.99 -18.43
CA LEU D 415 -10.66 22.96 -19.37
C LEU D 415 -9.54 21.98 -19.66
N LEU D 416 -8.30 22.50 -19.79
CA LEU D 416 -7.17 21.60 -19.95
C LEU D 416 -7.02 20.66 -18.76
N TYR D 417 -7.16 21.19 -17.55
CA TYR D 417 -7.06 20.38 -16.34
C TYR D 417 -8.14 19.33 -16.31
N ALA D 418 -9.38 19.71 -16.60
CA ALA D 418 -10.48 18.77 -16.55
C ALA D 418 -10.29 17.60 -17.48
N PHE D 419 -9.77 17.84 -18.68
CA PHE D 419 -9.46 16.71 -19.54
C PHE D 419 -8.22 15.94 -19.11
N ALA D 420 -7.14 16.61 -18.73
CA ALA D 420 -5.90 15.90 -18.45
C ALA D 420 -6.03 14.91 -17.30
N GLU D 421 -6.82 15.23 -16.29
CA GLU D 421 -6.98 14.37 -15.12
C GLU D 421 -8.06 13.32 -15.25
N ALA D 422 -8.73 13.27 -16.39
CA ALA D 422 -9.80 12.30 -16.59
C ALA D 422 -9.26 10.88 -16.68
N THR D 423 -10.04 9.94 -16.14
CA THR D 423 -9.68 8.53 -16.15
C THR D 423 -10.73 7.68 -16.84
N VAL D 424 -11.68 8.29 -17.53
CA VAL D 424 -12.77 7.58 -18.19
C VAL D 424 -12.45 7.56 -19.68
N PRO D 425 -13.07 6.71 -20.49
CA PRO D 425 -12.73 6.68 -21.91
C PRO D 425 -12.92 8.03 -22.56
N LYS D 426 -11.96 8.40 -23.41
CA LYS D 426 -11.98 9.66 -24.14
C LYS D 426 -11.76 9.39 -25.61
N VAL D 427 -12.75 9.68 -26.43
CA VAL D 427 -12.68 9.47 -27.88
C VAL D 427 -12.80 10.81 -28.57
N THR D 428 -11.73 11.22 -29.24
CA THR D 428 -11.67 12.53 -29.88
C THR D 428 -11.67 12.35 -31.39
N VAL D 429 -12.50 13.12 -32.08
CA VAL D 429 -12.51 13.20 -33.54
C VAL D 429 -12.32 14.67 -33.91
N ILE D 430 -11.41 14.93 -34.84
CA ILE D 430 -11.11 16.29 -35.29
C ILE D 430 -11.79 16.49 -36.63
N THR D 431 -12.73 17.42 -36.69
CA THR D 431 -13.52 17.59 -37.90
C THR D 431 -12.89 18.62 -38.84
N ARG D 432 -12.23 19.64 -38.30
CA ARG D 432 -11.50 20.57 -39.18
C ARG D 432 -10.32 21.26 -38.51
N LYS D 433 -10.49 22.43 -37.89
CA LYS D 433 -9.34 23.18 -37.40
C LYS D 433 -8.90 22.69 -36.03
N ALA D 434 -7.58 22.68 -35.82
CA ALA D 434 -7.01 22.52 -34.48
C ALA D 434 -5.66 23.24 -34.49
N TYR D 435 -5.70 24.53 -34.25
CA TYR D 435 -4.49 25.36 -34.28
C TYR D 435 -4.00 25.67 -32.87
N GLY D 436 -2.70 25.69 -32.68
CA GLY D 436 -2.14 26.26 -31.48
C GLY D 436 -2.39 25.42 -30.25
N GLY D 437 -2.33 26.09 -29.10
CA GLY D 437 -2.49 25.39 -27.83
C GLY D 437 -3.87 24.80 -27.64
N ALA D 438 -4.84 25.28 -28.41
CA ALA D 438 -6.19 24.73 -28.35
C ALA D 438 -6.23 23.26 -28.74
N TYR D 439 -5.27 22.79 -29.54
CA TYR D 439 -5.23 21.37 -29.88
C TYR D 439 -5.18 20.52 -28.63
N ASP D 440 -4.31 20.88 -27.68
CA ASP D 440 -4.13 20.07 -26.49
C ASP D 440 -5.25 20.29 -25.48
N VAL D 441 -5.77 21.51 -25.41
CA VAL D 441 -6.87 21.83 -24.49
C VAL D 441 -8.09 20.98 -24.82
N MET D 442 -8.40 20.83 -26.11
CA MET D 442 -9.54 20.01 -26.53
C MET D 442 -9.17 18.53 -26.61
N SER D 443 -8.71 18.00 -25.48
CA SER D 443 -8.53 16.58 -25.21
C SER D 443 -7.76 15.88 -26.35
N SER D 444 -6.51 16.31 -26.50
CA SER D 444 -5.60 15.65 -27.42
C SER D 444 -5.11 14.31 -26.85
N LYS D 445 -4.64 13.45 -27.73
CA LYS D 445 -4.22 12.12 -27.31
C LYS D 445 -3.13 12.06 -26.26
N HIS D 446 -2.25 13.05 -26.23
CA HIS D 446 -1.16 13.03 -25.29
C HIS D 446 -1.58 13.38 -23.88
N LEU D 447 -2.87 13.60 -23.65
CA LEU D 447 -3.43 13.77 -22.32
C LEU D 447 -4.12 12.51 -21.83
N CYS D 448 -3.52 11.34 -22.14
CA CYS D 448 -4.04 10.01 -21.82
C CYS D 448 -5.37 9.74 -22.49
N GLY D 449 -5.48 10.12 -23.77
CA GLY D 449 -6.65 9.79 -24.55
C GLY D 449 -6.58 8.36 -25.04
N ASP D 450 -7.73 7.84 -25.46
CA ASP D 450 -7.78 6.46 -25.90
C ASP D 450 -7.63 6.35 -27.42
N THR D 451 -8.41 7.13 -28.17
CA THR D 451 -8.30 7.13 -29.62
C THR D 451 -8.45 8.56 -30.12
N ASN D 452 -7.87 8.87 -31.27
CA ASN D 452 -7.96 10.18 -31.87
C ASN D 452 -8.07 10.02 -33.35
N TYR D 453 -9.22 10.40 -33.91
CA TYR D 453 -9.52 10.29 -35.32
C TYR D 453 -9.53 11.66 -35.95
N ALA D 454 -9.11 11.69 -37.21
CA ALA D 454 -9.17 12.90 -38.02
C ALA D 454 -10.05 12.63 -39.23
N TRP D 455 -10.79 13.64 -39.65
CA TRP D 455 -11.45 13.58 -40.94
C TRP D 455 -10.49 14.12 -41.99
N PRO D 456 -10.69 13.77 -43.27
CA PRO D 456 -9.80 14.32 -44.31
C PRO D 456 -9.69 15.83 -44.32
N THR D 457 -10.63 16.56 -43.75
CA THR D 457 -10.57 18.01 -43.73
C THR D 457 -9.83 18.56 -42.52
N ALA D 458 -9.32 17.72 -41.65
CA ALA D 458 -8.64 18.18 -40.44
C ALA D 458 -7.30 18.81 -40.79
N GLU D 459 -6.91 19.82 -40.02
CA GLU D 459 -5.58 20.38 -40.16
C GLU D 459 -5.04 20.70 -38.78
N ILE D 460 -3.91 20.11 -38.43
CA ILE D 460 -3.29 20.25 -37.12
C ILE D 460 -1.96 20.98 -37.29
N ALA D 461 -1.84 22.14 -36.65
CA ALA D 461 -0.65 22.96 -36.79
C ALA D 461 -0.54 23.90 -35.61
N VAL D 462 0.66 24.44 -35.40
CA VAL D 462 0.86 25.46 -34.36
C VAL D 462 0.13 26.74 -34.73
N MET D 463 0.02 27.01 -36.02
CA MET D 463 -0.75 28.14 -36.49
C MET D 463 -0.97 27.94 -37.98
N GLY D 464 -1.79 28.82 -38.58
CA GLY D 464 -2.09 28.73 -39.99
C GLY D 464 -0.90 29.10 -40.86
N ALA D 465 -1.04 28.83 -42.16
CA ALA D 465 0.06 28.98 -43.09
C ALA D 465 0.59 30.41 -43.14
N LYS D 466 -0.32 31.40 -43.07
CA LYS D 466 0.09 32.79 -43.15
C LYS D 466 1.03 33.17 -42.01
N GLY D 467 0.66 32.90 -40.77
CA GLY D 467 1.54 33.22 -39.65
C GLY D 467 2.83 32.43 -39.70
N ALA D 468 2.72 31.12 -39.88
CA ALA D 468 3.90 30.26 -39.82
C ALA D 468 4.91 30.60 -40.91
N VAL D 469 4.45 30.85 -42.14
CA VAL D 469 5.41 31.09 -43.22
C VAL D 469 6.04 32.48 -43.12
N GLU D 470 5.24 33.51 -42.81
CA GLU D 470 5.83 34.84 -42.68
C GLU D 470 6.80 34.91 -41.51
N ILE D 471 6.56 34.13 -40.45
CA ILE D 471 7.52 34.11 -39.35
C ILE D 471 8.77 33.33 -39.71
N ILE D 472 8.61 32.14 -40.31
CA ILE D 472 9.77 31.31 -40.67
C ILE D 472 10.66 32.02 -41.68
N PHE D 473 10.06 32.60 -42.72
CA PHE D 473 10.80 33.26 -43.79
C PHE D 473 10.70 34.77 -43.60
N LYS D 474 11.07 35.25 -42.42
CA LYS D 474 10.92 36.66 -42.07
C LYS D 474 12.07 37.47 -42.64
N GLY D 475 11.73 38.42 -43.51
CA GLY D 475 12.71 39.19 -44.24
C GLY D 475 13.24 38.56 -45.50
N HIS D 476 12.69 37.42 -45.93
CA HIS D 476 13.19 36.76 -47.11
C HIS D 476 12.36 37.16 -48.34
N GLU D 477 12.99 37.02 -49.51
CA GLU D 477 12.28 37.23 -50.77
C GLU D 477 11.48 35.99 -51.11
N ASN D 478 10.47 36.16 -51.97
CA ASN D 478 9.65 35.10 -52.55
C ASN D 478 8.97 34.26 -51.46
N VAL D 479 8.47 34.96 -50.46
CA VAL D 479 7.78 34.32 -49.35
C VAL D 479 6.52 33.61 -49.84
N GLU D 480 5.79 34.24 -50.78
CA GLU D 480 4.58 33.63 -51.32
C GLU D 480 4.89 32.32 -52.04
N ALA D 481 6.02 32.23 -52.74
CA ALA D 481 6.41 30.96 -53.35
C ALA D 481 6.72 29.91 -52.30
N ALA D 482 7.42 30.30 -51.23
CA ALA D 482 7.66 29.39 -50.11
C ALA D 482 6.36 28.98 -49.44
N GLN D 483 5.39 29.90 -49.37
CA GLN D 483 4.10 29.59 -48.76
C GLN D 483 3.36 28.51 -49.54
N ALA D 484 3.44 28.56 -50.87
CA ALA D 484 2.80 27.54 -51.69
C ALA D 484 3.35 26.15 -51.37
N GLU D 485 4.67 26.05 -51.22
CA GLU D 485 5.28 24.77 -50.86
C GLU D 485 4.88 24.35 -49.44
N TYR D 486 4.88 25.31 -48.51
CA TYR D 486 4.46 25.04 -47.14
C TYR D 486 3.04 24.53 -47.07
N ILE D 487 2.11 25.20 -47.79
CA ILE D 487 0.71 24.78 -47.75
C ILE D 487 0.57 23.36 -48.27
N GLU D 488 1.20 23.06 -49.41
CA GLU D 488 1.09 21.71 -49.96
C GLU D 488 1.58 20.64 -48.99
N LYS D 489 2.62 20.94 -48.20
CA LYS D 489 3.11 19.90 -47.31
C LYS D 489 2.43 19.87 -45.95
N PHE D 490 2.10 21.02 -45.36
CA PHE D 490 1.65 21.05 -43.98
C PHE D 490 0.18 21.36 -43.79
N ALA D 491 -0.52 21.89 -44.78
CA ALA D 491 -1.92 22.27 -44.61
C ALA D 491 -2.83 21.07 -44.80
N ASN D 492 -2.72 20.10 -43.90
CA ASN D 492 -3.38 18.80 -44.01
C ASN D 492 -3.15 18.02 -42.74
N PRO D 493 -3.83 16.91 -42.53
CA PRO D 493 -3.69 16.26 -41.22
C PRO D 493 -2.51 15.31 -41.11
N PHE D 494 -1.73 15.15 -42.16
CA PHE D 494 -0.65 14.18 -42.25
C PHE D 494 0.63 14.42 -41.45
N PRO D 495 1.23 15.63 -41.36
CA PRO D 495 2.43 15.75 -40.52
C PRO D 495 2.22 15.43 -39.06
N ALA D 496 0.99 15.54 -38.56
CA ALA D 496 0.67 15.08 -37.21
C ALA D 496 0.39 13.59 -37.16
N ALA D 497 -0.38 13.05 -38.09
CA ALA D 497 -0.69 11.63 -38.11
C ALA D 497 0.53 10.75 -38.24
N VAL D 498 1.52 11.14 -39.05
CA VAL D 498 2.69 10.28 -39.24
C VAL D 498 3.56 10.29 -38.00
N ARG D 499 3.28 11.16 -37.06
CA ARG D 499 4.10 11.16 -35.87
C ARG D 499 3.41 10.47 -34.71
N GLY D 500 2.20 9.98 -34.93
CA GLY D 500 1.48 9.29 -33.89
C GLY D 500 0.48 10.15 -33.16
N PHE D 501 0.18 11.32 -33.68
CA PHE D 501 -0.80 12.18 -33.00
C PHE D 501 -2.21 11.71 -33.30
N VAL D 502 -2.42 11.08 -34.46
CA VAL D 502 -3.74 10.67 -34.93
C VAL D 502 -3.67 9.18 -35.22
N ASP D 503 -4.71 8.46 -34.81
CA ASP D 503 -4.66 7.02 -34.99
C ASP D 503 -5.11 6.57 -36.38
N ASP D 504 -6.03 7.31 -36.99
CA ASP D 504 -6.52 6.94 -38.30
C ASP D 504 -7.16 8.17 -38.89
N ILE D 505 -7.30 8.16 -40.21
CA ILE D 505 -8.06 9.20 -40.90
C ILE D 505 -9.21 8.49 -41.57
N ILE D 506 -10.41 8.83 -41.18
CA ILE D 506 -11.57 8.02 -41.46
C ILE D 506 -12.51 8.80 -42.38
N GLN D 507 -13.30 8.08 -43.16
CA GLN D 507 -14.30 8.74 -43.98
C GLN D 507 -15.31 9.18 -42.96
N PRO D 508 -15.76 10.42 -43.01
CA PRO D 508 -16.70 10.94 -42.01
C PRO D 508 -17.92 10.07 -41.82
N SER D 509 -18.42 9.44 -42.89
CA SER D 509 -19.59 8.59 -42.79
C SER D 509 -19.41 7.43 -41.83
N SER D 510 -18.17 7.05 -41.54
CA SER D 510 -17.94 5.94 -40.64
C SER D 510 -17.75 6.38 -39.20
N THR D 511 -17.81 7.67 -38.90
CA THR D 511 -17.50 8.15 -37.55
C THR D 511 -18.29 7.37 -36.49
N ARG D 512 -19.59 7.15 -36.70
CA ARG D 512 -20.41 6.53 -35.65
C ARG D 512 -19.94 5.14 -35.38
N ALA D 513 -19.65 4.38 -36.43
CA ALA D 513 -19.20 3.02 -36.29
C ALA D 513 -17.89 2.89 -35.54
N ARG D 514 -16.98 3.83 -35.75
CA ARG D 514 -15.68 3.81 -35.11
C ARG D 514 -15.77 4.09 -33.63
N ILE D 515 -16.59 5.06 -33.27
CA ILE D 515 -16.83 5.48 -31.89
C ILE D 515 -17.50 4.37 -31.09
N CYS D 516 -18.52 3.74 -31.70
CA CYS D 516 -19.26 2.64 -31.10
C CYS D 516 -18.35 1.48 -30.77
N CYS D 517 -17.43 1.17 -31.69
CA CYS D 517 -16.46 0.11 -31.48
C CYS D 517 -15.54 0.44 -30.33
N ASP D 518 -15.08 1.68 -30.21
CA ASP D 518 -14.17 2.06 -29.14
C ASP D 518 -14.89 2.06 -27.80
N LEU D 519 -16.13 2.56 -27.75
CA LEU D 519 -16.83 2.65 -26.48
C LEU D 519 -17.07 1.28 -25.88
N ASP D 520 -17.32 0.28 -26.72
CA ASP D 520 -17.68 -1.03 -26.21
C ASP D 520 -16.46 -1.84 -25.82
N VAL D 521 -15.26 -1.32 -26.04
CA VAL D 521 -14.05 -2.01 -25.58
C VAL D 521 -13.27 -1.20 -24.58
N LEU D 522 -13.49 0.10 -24.48
CA LEU D 522 -12.84 0.90 -23.47
C LEU D 522 -13.63 0.95 -22.18
N ALA D 523 -14.81 0.33 -22.15
CA ALA D 523 -15.67 0.41 -20.97
C ALA D 523 -15.10 -0.33 -19.77
N SER D 524 -14.11 -1.18 -20.01
CA SER D 524 -13.52 -1.97 -18.93
C SER D 524 -12.18 -1.40 -18.49
N LYS D 525 -11.87 -0.21 -18.97
CA LYS D 525 -10.63 0.47 -18.69
C LYS D 525 -10.41 0.84 -17.24
N LYS D 526 -9.25 0.52 -16.69
CA LYS D 526 -8.90 1.01 -15.36
C LYS D 526 -7.45 1.47 -15.37
N VAL D 527 -7.20 2.60 -14.72
CA VAL D 527 -5.87 3.19 -14.64
C VAL D 527 -5.62 3.55 -13.18
N GLN D 528 -4.34 3.70 -12.83
CA GLN D 528 -3.95 4.17 -11.51
C GLN D 528 -3.28 5.53 -11.62
N ARG D 529 -3.36 6.31 -10.54
CA ARG D 529 -2.72 7.62 -10.42
C ARG D 529 -2.07 7.69 -9.04
N PRO D 530 -0.99 8.46 -8.88
CA PRO D 530 -0.42 8.65 -7.55
C PRO D 530 -1.45 9.18 -6.57
N TRP D 531 -1.31 8.74 -5.32
CA TRP D 531 -2.27 9.13 -4.30
C TRP D 531 -2.12 10.61 -3.97
N ARG D 532 -3.25 11.28 -3.81
CA ARG D 532 -3.25 12.67 -3.39
C ARG D 532 -4.47 12.89 -2.51
N LYS D 533 -4.32 13.66 -1.43
CA LYS D 533 -5.40 13.90 -0.49
C LYS D 533 -6.60 14.35 -1.33
N HIS D 534 -6.34 15.32 -2.21
CA HIS D 534 -7.34 15.85 -3.11
C HIS D 534 -6.69 16.53 -4.29
N ALA D 535 -7.46 16.77 -5.32
CA ALA D 535 -6.96 17.49 -6.48
C ALA D 535 -6.84 18.97 -6.18
N ASN D 536 -5.98 19.65 -6.94
CA ASN D 536 -5.76 21.08 -6.82
C ASN D 536 -5.96 21.76 -8.17
N ILE D 537 -7.22 22.04 -8.49
CA ILE D 537 -7.66 22.66 -9.74
C ILE D 537 -7.20 24.12 -9.78
N PRO D 538 -6.69 24.61 -10.91
CA PRO D 538 -6.16 25.98 -10.98
C PRO D 538 -7.09 27.11 -10.53
N LEU D 539 -8.42 26.91 -10.56
CA LEU D 539 -9.42 27.92 -10.24
C LEU D 539 -9.33 29.23 -11.03
N LYS E 61 46.19 -36.80 58.94
CA LYS E 61 46.13 -35.41 59.35
C LYS E 61 44.91 -35.14 60.22
N THR E 62 43.73 -35.14 59.61
CA THR E 62 42.50 -34.81 60.31
C THR E 62 41.40 -35.78 59.88
N PHE E 63 40.15 -35.43 60.20
CA PHE E 63 39.01 -36.30 59.94
C PHE E 63 38.70 -36.29 58.46
N ASP E 64 38.18 -37.39 57.94
CA ASP E 64 37.66 -37.38 56.58
C ASP E 64 36.22 -36.89 56.49
N LYS E 65 35.39 -37.18 57.49
CA LYS E 65 33.97 -36.80 57.39
C LYS E 65 33.39 -36.54 58.76
N ILE E 66 32.76 -35.38 58.93
CA ILE E 66 32.16 -34.97 60.19
C ILE E 66 30.68 -34.71 59.96
N LEU E 67 29.85 -35.21 60.86
CA LEU E 67 28.43 -34.94 60.80
C LEU E 67 28.09 -33.81 61.76
N VAL E 68 27.23 -32.90 61.32
CA VAL E 68 26.77 -31.81 62.16
C VAL E 68 25.34 -32.13 62.58
N ALA E 69 25.06 -32.04 63.87
CA ALA E 69 23.73 -32.36 64.38
C ALA E 69 22.92 -31.13 64.74
N ASN E 70 22.93 -30.11 63.90
CA ASN E 70 22.27 -28.85 64.20
C ASN E 70 21.82 -28.22 62.89
N ARG E 71 21.19 -27.06 62.99
CA ARG E 71 20.66 -26.38 61.83
C ARG E 71 20.95 -24.90 61.93
N GLY E 72 20.98 -24.24 60.78
CA GLY E 72 21.12 -22.81 60.79
C GLY E 72 22.55 -22.34 60.70
N GLU E 73 22.81 -21.15 61.23
CA GLU E 73 24.10 -20.50 61.04
C GLU E 73 25.21 -21.25 61.76
N ILE E 74 24.88 -21.99 62.82
CA ILE E 74 25.90 -22.72 63.54
C ILE E 74 26.35 -23.91 62.70
N ALA E 75 25.43 -24.54 61.98
CA ALA E 75 25.80 -25.57 61.03
C ALA E 75 26.58 -24.97 59.86
N CYS E 76 26.23 -23.76 59.44
CA CYS E 76 26.98 -23.15 58.36
C CYS E 76 28.41 -22.84 58.77
N ARG E 77 28.59 -22.41 59.99
CA ARG E 77 29.92 -22.13 60.47
C ARG E 77 30.82 -23.37 60.39
N VAL E 78 30.30 -24.54 60.80
CA VAL E 78 31.09 -25.76 60.76
C VAL E 78 31.35 -26.19 59.33
N ILE E 79 30.34 -26.08 58.44
CA ILE E 79 30.51 -26.47 57.04
C ILE E 79 31.62 -25.66 56.39
N ARG E 80 31.64 -24.35 56.62
CA ARG E 80 32.67 -23.48 56.07
C ARG E 80 34.04 -23.84 56.61
N THR E 81 34.14 -24.08 57.91
CA THR E 81 35.43 -24.46 58.47
C THR E 81 35.91 -25.80 57.92
N CYS E 82 35.02 -26.79 57.82
CA CYS E 82 35.42 -28.09 57.29
C CYS E 82 35.91 -27.96 55.85
N LYS E 83 35.22 -27.19 55.03
CA LYS E 83 35.65 -27.00 53.67
C LYS E 83 37.02 -26.34 53.59
N LYS E 84 37.31 -25.46 54.53
CA LYS E 84 38.62 -24.83 54.59
C LYS E 84 39.64 -25.89 54.98
N MET E 85 39.23 -26.85 55.80
CA MET E 85 40.10 -27.92 56.25
C MET E 85 40.16 -29.09 55.29
N GLY E 86 39.26 -29.15 54.31
CA GLY E 86 39.25 -30.26 53.41
C GLY E 86 38.50 -31.47 53.92
N ILE E 87 37.51 -31.25 54.78
CA ILE E 87 36.76 -32.32 55.43
C ILE E 87 35.35 -32.28 54.86
N LYS E 88 34.82 -33.46 54.53
CA LYS E 88 33.45 -33.52 54.05
C LYS E 88 32.50 -33.37 55.23
N THR E 89 31.40 -32.64 55.01
CA THR E 89 30.47 -32.37 56.10
C THR E 89 29.11 -32.93 55.77
N VAL E 90 28.51 -33.63 56.72
CA VAL E 90 27.17 -34.17 56.55
C VAL E 90 26.22 -33.33 57.38
N ALA E 91 25.08 -32.99 56.80
CA ALA E 91 24.05 -32.24 57.49
C ALA E 91 22.88 -33.15 57.78
N ILE E 92 22.11 -32.77 58.79
CA ILE E 92 20.80 -33.36 59.02
C ILE E 92 19.79 -32.23 58.99
N HIS E 93 18.56 -32.57 58.62
CA HIS E 93 17.50 -31.58 58.55
C HIS E 93 16.15 -32.25 58.75
N SER E 94 15.18 -31.43 59.14
CA SER E 94 13.78 -31.79 59.18
C SER E 94 13.18 -31.63 57.78
N ASP E 95 11.94 -32.08 57.59
CA ASP E 95 11.27 -31.93 56.30
C ASP E 95 11.09 -30.47 55.90
N VAL E 96 10.94 -29.57 56.86
CA VAL E 96 10.73 -28.17 56.49
C VAL E 96 12.08 -27.48 56.29
N ASP E 97 13.13 -27.99 56.89
CA ASP E 97 14.47 -27.43 56.74
C ASP E 97 15.21 -27.97 55.54
N ALA E 98 14.56 -28.77 54.69
CA ALA E 98 15.21 -29.39 53.55
C ALA E 98 15.79 -28.38 52.58
N SER E 99 15.27 -27.14 52.54
CA SER E 99 15.85 -26.15 51.64
C SER E 99 16.65 -25.07 52.38
N SER E 100 17.01 -25.31 53.62
CA SER E 100 17.72 -24.31 54.40
C SER E 100 19.17 -24.21 53.90
N VAL E 101 19.87 -23.17 54.35
CA VAL E 101 21.19 -22.92 53.76
C VAL E 101 22.16 -24.03 54.11
N HIS E 102 22.21 -24.47 55.37
CA HIS E 102 23.22 -25.44 55.74
C HIS E 102 23.05 -26.77 55.04
N VAL E 103 21.83 -27.10 54.61
CA VAL E 103 21.62 -28.32 53.87
C VAL E 103 22.28 -28.22 52.50
N LYS E 104 22.15 -27.06 51.85
CA LYS E 104 22.72 -26.90 50.51
C LYS E 104 24.23 -26.75 50.58
N MET E 105 24.76 -26.15 51.65
CA MET E 105 26.20 -25.99 51.76
C MET E 105 26.88 -27.31 52.09
N ALA E 106 26.22 -28.21 52.78
CA ALA E 106 26.85 -29.47 53.16
C ALA E 106 27.06 -30.34 51.92
N ASP E 107 27.93 -31.32 52.07
CA ASP E 107 28.24 -32.25 50.98
C ASP E 107 27.23 -33.36 50.87
N GLU E 108 26.75 -33.86 52.01
CA GLU E 108 25.71 -34.85 52.07
C GLU E 108 24.72 -34.44 53.13
N ALA E 109 23.49 -34.90 53.02
CA ALA E 109 22.45 -34.56 53.98
C ALA E 109 21.53 -35.75 54.16
N VAL E 110 21.02 -35.90 55.37
CA VAL E 110 20.05 -36.94 55.69
C VAL E 110 18.84 -36.29 56.32
N CYS E 111 17.65 -36.64 55.85
CA CYS E 111 16.45 -36.17 56.51
C CYS E 111 16.17 -37.08 57.69
N VAL E 112 15.90 -36.48 58.85
CA VAL E 112 15.72 -37.22 60.09
C VAL E 112 14.26 -37.33 60.46
N GLY E 113 13.50 -36.25 60.35
CA GLY E 113 12.15 -36.26 60.84
C GLY E 113 11.35 -35.03 60.46
N PRO E 114 10.17 -34.90 61.04
CA PRO E 114 9.28 -33.80 60.69
C PRO E 114 9.64 -32.48 61.35
N ALA E 115 8.82 -31.46 61.08
CA ALA E 115 9.07 -30.12 61.59
C ALA E 115 9.39 -29.99 63.08
N PRO E 116 8.64 -30.57 64.04
CA PRO E 116 8.98 -30.32 65.44
C PRO E 116 10.32 -30.93 65.81
N THR E 117 11.11 -30.15 66.54
CA THR E 117 12.49 -30.53 66.81
C THR E 117 12.61 -31.80 67.61
N SER E 118 11.59 -32.15 68.41
CA SER E 118 11.70 -33.29 69.30
C SER E 118 11.80 -34.58 68.50
N LYS E 119 11.45 -34.54 67.22
CA LYS E 119 11.41 -35.72 66.39
C LYS E 119 12.42 -35.67 65.26
N SER E 120 13.20 -34.60 65.18
CA SER E 120 14.11 -34.34 64.06
C SER E 120 15.52 -33.99 64.50
N TYR E 121 15.67 -33.20 65.55
CA TYR E 121 16.98 -32.80 66.02
C TYR E 121 17.28 -33.32 67.40
N LEU E 122 16.24 -33.67 68.18
CA LEU E 122 16.45 -34.35 69.44
C LEU E 122 16.17 -35.84 69.37
N ASN E 123 15.97 -36.41 68.18
CA ASN E 123 15.74 -37.84 68.00
C ASN E 123 17.08 -38.54 67.82
N MET E 124 17.71 -38.90 68.93
CA MET E 124 19.09 -39.38 68.88
C MET E 124 19.20 -40.72 68.16
N ASP E 125 18.14 -41.53 68.19
CA ASP E 125 18.17 -42.84 67.52
C ASP E 125 18.19 -42.68 66.01
N ALA E 126 17.35 -41.79 65.48
CA ALA E 126 17.32 -41.51 64.05
C ALA E 126 18.62 -40.86 63.60
N ILE E 127 19.22 -40.04 64.46
CA ILE E 127 20.49 -39.41 64.16
C ILE E 127 21.61 -40.45 64.12
N MET E 128 21.62 -41.38 65.07
CA MET E 128 22.63 -42.43 65.07
C MET E 128 22.58 -43.24 63.78
N GLU E 129 21.38 -43.46 63.26
CA GLU E 129 21.24 -44.14 61.99
C GLU E 129 21.88 -43.34 60.87
N ALA E 130 21.66 -42.02 60.86
CA ALA E 130 22.30 -41.15 59.87
C ALA E 130 23.81 -41.15 60.01
N ILE E 131 24.31 -41.19 61.26
CA ILE E 131 25.75 -41.14 61.50
C ILE E 131 26.44 -42.35 60.89
N LYS E 132 25.86 -43.54 61.12
CA LYS E 132 26.46 -44.74 60.54
C LYS E 132 26.13 -44.89 59.07
N LYS E 133 24.95 -44.44 58.63
CA LYS E 133 24.58 -44.56 57.24
C LYS E 133 25.60 -43.86 56.34
N THR E 134 26.05 -42.67 56.76
CA THR E 134 27.00 -41.93 55.96
C THR E 134 28.44 -42.23 56.30
N ARG E 135 28.69 -43.14 57.24
CA ARG E 135 30.02 -43.53 57.72
C ARG E 135 30.79 -42.29 58.18
N ALA E 136 30.12 -41.49 58.99
CA ALA E 136 30.74 -40.33 59.63
C ALA E 136 31.69 -40.78 60.72
N GLN E 137 32.76 -40.01 60.91
CA GLN E 137 33.81 -40.37 61.86
C GLN E 137 33.64 -39.60 63.18
N ALA E 138 33.22 -38.34 63.10
CA ALA E 138 33.06 -37.48 64.27
C ALA E 138 31.74 -36.72 64.15
N VAL E 139 31.16 -36.31 65.28
CA VAL E 139 29.93 -35.51 65.30
C VAL E 139 30.16 -34.19 66.05
N HIS E 140 29.74 -33.07 65.46
CA HIS E 140 29.79 -31.75 66.12
C HIS E 140 28.36 -31.20 66.28
N PRO E 141 27.80 -31.25 67.49
CA PRO E 141 26.41 -30.83 67.63
C PRO E 141 26.20 -29.32 67.71
N GLY E 142 27.26 -28.54 67.75
CA GLY E 142 27.15 -27.11 67.98
C GLY E 142 26.67 -26.83 69.38
N TYR E 143 25.53 -26.18 69.50
CA TYR E 143 24.98 -25.85 70.81
C TYR E 143 23.47 -26.10 70.75
N GLY E 144 22.85 -26.08 71.92
CA GLY E 144 21.41 -26.14 71.97
C GLY E 144 20.84 -27.52 72.17
N PHE E 145 20.76 -28.29 71.07
CA PHE E 145 19.98 -29.51 70.98
C PHE E 145 20.51 -30.67 71.81
N LEU E 146 21.66 -31.23 71.41
CA LEU E 146 22.14 -32.42 72.08
C LEU E 146 23.55 -32.19 72.60
N SER E 147 23.89 -30.93 72.85
CA SER E 147 25.23 -30.59 73.28
C SER E 147 25.50 -30.98 74.73
N GLU E 148 24.45 -31.08 75.54
CA GLU E 148 24.55 -31.54 76.92
C GLU E 148 23.75 -32.81 77.19
N ASN E 149 23.39 -33.53 76.14
CA ASN E 149 22.57 -34.73 76.30
C ASN E 149 23.47 -35.93 76.52
N LYS E 150 23.50 -36.43 77.77
CA LYS E 150 24.48 -37.45 78.11
C LYS E 150 24.16 -38.78 77.44
N GLU E 151 22.87 -39.12 77.33
CA GLU E 151 22.47 -40.37 76.71
C GLU E 151 22.89 -40.42 75.25
N PHE E 152 22.84 -39.28 74.57
CA PHE E 152 23.33 -39.20 73.20
C PHE E 152 24.83 -39.42 73.15
N ALA E 153 25.58 -38.70 73.98
CA ALA E 153 27.03 -38.88 73.99
C ALA E 153 27.43 -40.28 74.39
N ARG E 154 26.68 -40.90 75.31
CA ARG E 154 27.00 -42.25 75.77
C ARG E 154 26.81 -43.26 74.64
N CYS E 155 25.62 -43.26 74.02
CA CYS E 155 25.36 -44.18 72.93
C CYS E 155 26.14 -43.85 71.67
N LEU E 156 26.56 -42.61 71.49
CA LEU E 156 27.45 -42.25 70.41
C LEU E 156 28.86 -42.78 70.63
N ALA E 157 29.40 -42.60 71.84
CA ALA E 157 30.71 -43.14 72.13
C ALA E 157 30.71 -44.66 72.09
N ALA E 158 29.59 -45.29 72.47
CA ALA E 158 29.52 -46.74 72.45
C ALA E 158 29.79 -47.28 71.06
N GLU E 159 29.58 -46.47 70.03
CA GLU E 159 29.74 -46.89 68.66
C GLU E 159 31.06 -46.41 68.06
N ASP E 160 31.97 -45.92 68.92
CA ASP E 160 33.30 -45.39 68.60
C ASP E 160 33.27 -44.21 67.62
N VAL E 161 32.32 -43.32 67.81
CA VAL E 161 32.26 -42.13 66.98
C VAL E 161 32.82 -41.03 67.87
N VAL E 162 33.68 -40.20 67.31
CA VAL E 162 34.37 -39.18 68.10
C VAL E 162 33.35 -38.09 68.30
N PHE E 163 33.17 -37.70 69.55
CA PHE E 163 32.30 -36.59 69.88
C PHE E 163 33.09 -35.32 70.12
N ILE E 164 32.67 -34.28 69.42
CA ILE E 164 33.31 -32.98 69.54
C ILE E 164 32.58 -32.04 70.49
N GLY E 165 33.10 -31.89 71.71
CA GLY E 165 32.37 -31.18 72.72
C GLY E 165 32.81 -31.76 74.04
N PRO E 166 31.98 -31.50 75.12
CA PRO E 166 32.47 -32.05 76.38
C PRO E 166 32.29 -33.55 76.39
N ASP E 167 32.96 -34.22 77.31
CA ASP E 167 32.79 -35.64 77.53
C ASP E 167 31.67 -35.66 78.54
N THR E 168 31.25 -36.83 78.99
CA THR E 168 30.09 -36.86 79.88
C THR E 168 30.47 -36.55 81.32
N HIS E 169 31.74 -36.68 81.67
CA HIS E 169 32.18 -36.29 83.00
C HIS E 169 31.99 -34.80 83.24
N ALA E 170 32.44 -33.96 82.30
CA ALA E 170 32.26 -32.53 82.45
C ALA E 170 30.79 -32.14 82.49
N ILE E 171 29.94 -32.80 81.70
CA ILE E 171 28.53 -32.47 81.71
C ILE E 171 27.92 -32.76 83.07
N GLN E 172 28.21 -33.94 83.64
CA GLN E 172 27.72 -34.29 84.97
C GLN E 172 28.39 -33.49 86.06
N ALA E 173 29.69 -33.18 85.93
CA ALA E 173 30.40 -32.46 86.97
C ALA E 173 29.73 -31.13 87.27
N MET E 174 29.25 -30.46 86.23
CA MET E 174 28.57 -29.18 86.39
C MET E 174 27.05 -29.39 86.33
N GLY E 175 26.62 -30.61 86.65
CA GLY E 175 25.22 -30.95 86.44
C GLY E 175 24.30 -30.11 87.30
N ASP E 176 24.77 -29.74 88.49
CA ASP E 176 23.99 -29.04 89.49
C ASP E 176 24.85 -27.98 90.16
N LYS E 177 24.23 -27.19 91.03
CA LYS E 177 24.92 -26.08 91.71
C LYS E 177 25.88 -26.48 92.82
N ILE E 178 25.66 -27.64 93.43
CA ILE E 178 26.53 -28.07 94.52
C ILE E 178 27.93 -28.40 94.01
N GLU E 179 28.04 -29.17 92.93
CA GLU E 179 29.36 -29.50 92.39
C GLU E 179 30.04 -28.27 91.84
N SER E 180 29.28 -27.37 91.22
CA SER E 180 29.88 -26.15 90.69
C SER E 180 30.46 -25.28 91.79
N LYS E 181 29.73 -25.13 92.90
CA LYS E 181 30.22 -24.33 94.02
C LYS E 181 31.43 -25.00 94.65
N LEU E 182 31.39 -26.33 94.77
CA LEU E 182 32.52 -27.03 95.34
C LEU E 182 33.76 -26.86 94.48
N LEU E 183 33.61 -26.91 93.15
CA LEU E 183 34.75 -26.67 92.26
C LEU E 183 35.33 -25.29 92.46
N ALA E 184 34.48 -24.27 92.54
CA ALA E 184 34.96 -22.90 92.75
C ALA E 184 35.72 -22.75 94.06
N LYS E 185 35.40 -23.56 95.05
CA LYS E 185 36.10 -23.50 96.32
C LYS E 185 37.45 -24.18 96.24
N LYS E 186 37.52 -25.25 95.45
CA LYS E 186 38.73 -26.03 95.30
C LYS E 186 39.72 -25.40 94.34
N ALA E 187 39.17 -24.79 93.30
CA ALA E 187 39.95 -24.22 92.23
C ALA E 187 40.39 -22.89 92.84
N GLU E 188 39.75 -22.53 93.95
CA GLU E 188 39.96 -21.27 94.63
C GLU E 188 39.59 -20.05 93.78
N VAL E 189 38.30 -19.82 93.57
CA VAL E 189 38.01 -18.66 92.76
C VAL E 189 37.48 -17.49 93.59
N ASN E 190 36.27 -17.71 94.14
CA ASN E 190 35.61 -16.81 95.09
C ASN E 190 34.43 -17.42 95.89
N THR E 191 33.22 -17.44 95.33
CA THR E 191 32.08 -17.97 96.08
C THR E 191 31.96 -17.51 97.55
N ILE E 192 31.62 -16.24 97.72
CA ILE E 192 31.57 -15.53 99.00
C ILE E 192 30.70 -16.23 100.04
N PRO E 193 31.21 -16.45 101.24
CA PRO E 193 30.43 -17.19 102.25
C PRO E 193 29.15 -16.49 102.64
N GLY E 194 28.16 -17.29 103.04
CA GLY E 194 26.98 -16.80 103.72
C GLY E 194 26.98 -17.32 105.14
N PHE E 195 25.80 -17.32 105.74
CA PHE E 195 25.63 -17.81 107.10
C PHE E 195 25.09 -19.22 107.05
N ASP E 196 25.89 -20.18 107.50
CA ASP E 196 25.52 -21.59 107.50
C ASP E 196 24.76 -21.86 108.79
N GLY E 197 23.55 -21.31 108.85
CA GLY E 197 22.69 -21.47 110.00
C GLY E 197 21.50 -20.55 109.87
N VAL E 198 20.53 -20.69 110.76
CA VAL E 198 19.35 -19.85 110.71
C VAL E 198 19.51 -18.68 111.66
N VAL E 199 19.16 -17.48 111.19
CA VAL E 199 19.20 -16.32 112.06
C VAL E 199 17.90 -16.24 112.84
N LYS E 200 18.00 -16.18 114.16
CA LYS E 200 16.84 -16.27 115.03
C LYS E 200 16.64 -14.98 115.82
N ASP E 201 17.71 -14.41 116.34
CA ASP E 201 17.63 -13.26 117.22
C ASP E 201 17.63 -11.98 116.38
N ALA E 202 17.48 -10.86 117.07
CA ALA E 202 17.45 -9.56 116.43
C ALA E 202 18.86 -9.02 116.22
N GLU E 203 19.81 -9.44 117.05
CA GLU E 203 21.19 -8.99 116.96
C GLU E 203 22.06 -9.90 116.11
N GLU E 204 21.65 -11.15 115.87
CA GLU E 204 22.39 -12.03 114.97
C GLU E 204 22.38 -11.52 113.53
N ALA E 205 21.29 -10.91 113.09
CA ALA E 205 21.22 -10.41 111.72
C ALA E 205 22.34 -9.41 111.44
N VAL E 206 22.73 -8.61 112.44
CA VAL E 206 23.82 -7.66 112.20
C VAL E 206 25.15 -8.23 112.64
N ARG E 207 25.20 -9.00 113.74
CA ARG E 207 26.49 -9.50 114.19
C ARG E 207 27.11 -10.42 113.14
N ILE E 208 26.31 -11.31 112.52
CA ILE E 208 26.92 -12.21 111.54
C ILE E 208 27.41 -11.42 110.32
N ALA E 209 26.63 -10.43 109.87
CA ALA E 209 27.06 -9.60 108.75
C ALA E 209 28.38 -8.89 109.04
N ARG E 210 28.54 -8.39 110.26
CA ARG E 210 29.78 -7.72 110.63
C ARG E 210 30.98 -8.63 110.45
N GLU E 211 30.82 -9.92 110.74
CA GLU E 211 31.95 -10.83 110.59
C GLU E 211 32.27 -11.15 109.14
N ILE E 212 31.28 -11.20 108.25
CA ILE E 212 31.59 -11.60 106.86
C ILE E 212 31.77 -10.40 105.93
N GLY E 213 30.92 -9.38 106.03
CA GLY E 213 30.97 -8.29 105.08
C GLY E 213 30.00 -7.15 105.27
N TYR E 214 29.81 -6.33 104.23
CA TYR E 214 28.93 -5.17 104.33
C TYR E 214 27.56 -5.23 103.63
N PRO E 215 27.60 -5.36 102.25
CA PRO E 215 26.29 -5.43 101.61
C PRO E 215 25.77 -6.80 102.05
N VAL E 216 24.62 -6.80 102.70
CA VAL E 216 24.02 -8.03 103.19
C VAL E 216 22.56 -8.11 102.76
N MET E 217 22.18 -9.30 102.29
CA MET E 217 20.83 -9.60 101.84
C MET E 217 20.14 -10.49 102.86
N ILE E 218 18.87 -10.21 103.15
CA ILE E 218 18.04 -11.06 103.99
C ILE E 218 16.99 -11.76 103.12
N LYS E 219 16.94 -13.08 103.18
CA LYS E 219 16.01 -13.88 102.37
C LYS E 219 15.51 -15.06 103.21
N ALA E 220 14.41 -15.65 102.76
CA ALA E 220 13.84 -16.87 103.34
C ALA E 220 14.80 -18.04 103.18
N SER E 221 14.79 -18.95 104.16
CA SER E 221 15.59 -20.17 104.09
C SER E 221 15.18 -21.06 102.92
N ALA E 222 13.92 -20.97 102.51
CA ALA E 222 13.41 -21.67 101.34
C ALA E 222 12.25 -20.90 100.75
N GLY E 223 12.29 -20.67 99.45
CA GLY E 223 11.25 -19.95 98.75
C GLY E 223 11.84 -18.88 97.85
N GLY E 224 10.96 -18.01 97.37
CA GLY E 224 11.39 -16.95 96.47
C GLY E 224 10.22 -16.08 96.08
N GLY E 225 10.50 -15.13 95.19
CA GLY E 225 9.48 -14.21 94.73
C GLY E 225 9.17 -13.13 95.74
N GLY E 226 10.18 -12.71 96.50
CA GLY E 226 9.98 -11.70 97.51
C GLY E 226 9.48 -12.26 98.83
N LYS E 227 9.81 -13.51 99.12
CA LYS E 227 9.32 -14.14 100.34
C LYS E 227 10.11 -13.58 101.52
N GLY E 228 9.78 -12.34 101.90
CA GLY E 228 10.46 -11.65 102.99
C GLY E 228 11.84 -11.15 102.65
N MET E 229 12.13 -10.86 101.38
CA MET E 229 13.46 -10.43 100.97
C MET E 229 13.55 -8.92 101.14
N ARG E 230 14.71 -8.46 101.60
CA ARG E 230 15.03 -7.05 101.66
C ARG E 230 16.54 -6.88 101.50
N ILE E 231 16.95 -5.74 100.96
CA ILE E 231 18.36 -5.44 100.77
C ILE E 231 18.79 -4.46 101.86
N ALA E 232 19.89 -4.80 102.53
CA ALA E 232 20.38 -3.96 103.61
C ALA E 232 21.87 -3.69 103.41
N TRP E 233 22.31 -2.54 103.93
CA TRP E 233 23.70 -2.11 103.91
C TRP E 233 24.26 -1.86 105.30
N ASP E 234 23.61 -1.00 106.09
CA ASP E 234 24.06 -0.69 107.43
C ASP E 234 23.36 -1.62 108.42
N ASP E 235 23.70 -1.46 109.69
CA ASP E 235 23.12 -2.32 110.72
C ASP E 235 21.68 -1.95 111.07
N GLU E 236 21.28 -0.69 110.91
CA GLU E 236 19.95 -0.27 111.34
C GLU E 236 18.85 -0.92 110.48
N GLU E 237 19.00 -0.87 109.17
CA GLU E 237 18.00 -1.56 108.36
C GLU E 237 18.28 -3.05 108.22
N THR E 238 19.48 -3.55 108.51
CA THR E 238 19.57 -5.00 108.58
C THR E 238 18.77 -5.54 109.77
N ARG E 239 18.86 -4.89 110.94
CA ARG E 239 18.07 -5.35 112.09
C ARG E 239 16.59 -5.25 111.80
N ASP E 240 16.18 -4.12 111.20
CA ASP E 240 14.79 -3.87 110.87
C ASP E 240 14.25 -4.85 109.84
N GLY E 241 15.03 -5.11 108.78
CA GLY E 241 14.61 -6.06 107.77
C GLY E 241 14.39 -7.46 108.32
N PHE E 242 15.30 -7.94 109.17
CA PHE E 242 15.13 -9.27 109.72
C PHE E 242 13.86 -9.36 110.55
N ARG E 243 13.67 -8.44 111.49
CA ARG E 243 12.56 -8.62 112.43
C ARG E 243 11.22 -8.50 111.74
N LEU E 244 11.16 -7.71 110.65
CA LEU E 244 9.94 -7.60 109.86
C LEU E 244 9.62 -8.91 109.15
N SER E 245 10.65 -9.52 108.55
CA SER E 245 10.47 -10.76 107.82
C SER E 245 10.20 -11.93 108.76
N SER E 246 10.89 -11.95 109.90
CA SER E 246 10.72 -13.02 110.87
C SER E 246 9.39 -12.97 111.60
N GLN E 247 8.73 -11.81 111.67
CA GLN E 247 7.40 -11.74 112.23
C GLN E 247 6.26 -11.80 111.21
N GLU E 248 6.48 -11.39 109.95
CA GLU E 248 5.39 -11.44 108.99
C GLU E 248 5.44 -12.63 108.04
N ALA E 249 6.61 -13.22 107.77
CA ALA E 249 6.72 -14.30 106.80
C ALA E 249 5.88 -15.50 107.19
N ALA E 250 5.67 -15.72 108.49
CA ALA E 250 4.89 -16.86 108.96
C ALA E 250 3.46 -16.81 108.44
N SER E 251 2.97 -15.63 108.04
CA SER E 251 1.62 -15.48 107.52
C SER E 251 1.51 -15.77 106.03
N SER E 252 2.63 -16.01 105.35
CA SER E 252 2.55 -16.26 103.91
C SER E 252 2.50 -17.76 103.66
N PHE E 253 3.64 -18.43 103.81
CA PHE E 253 3.74 -19.87 103.54
C PHE E 253 4.05 -20.67 104.79
N GLY E 254 3.91 -20.08 105.98
CA GLY E 254 4.12 -20.77 107.23
C GLY E 254 5.56 -20.98 107.63
N ASP E 255 6.48 -20.14 107.18
CA ASP E 255 7.90 -20.30 107.48
C ASP E 255 8.54 -18.94 107.69
N ASP E 256 9.23 -18.78 108.81
CA ASP E 256 9.75 -17.48 109.21
C ASP E 256 11.23 -17.60 109.55
N ARG E 257 11.89 -18.64 109.02
CA ARG E 257 13.32 -18.81 109.17
C ARG E 257 14.04 -18.00 108.09
N LEU E 258 14.91 -17.09 108.51
CA LEU E 258 15.64 -16.21 107.60
C LEU E 258 17.12 -16.59 107.55
N LEU E 259 17.72 -16.47 106.37
CA LEU E 259 19.15 -16.62 106.16
C LEU E 259 19.73 -15.29 105.70
N ILE E 260 21.02 -15.08 105.92
CA ILE E 260 21.69 -13.94 105.34
C ILE E 260 22.88 -14.42 104.51
N GLU E 261 23.12 -13.70 103.42
CA GLU E 261 24.19 -13.90 102.44
C GLU E 261 24.64 -12.51 102.00
N LYS E 262 25.60 -12.44 101.10
CA LYS E 262 26.16 -11.16 100.67
C LYS E 262 25.85 -10.88 99.18
N PHE E 263 25.63 -9.62 98.79
CA PHE E 263 25.20 -9.34 97.44
C PHE E 263 26.11 -8.29 96.84
N ILE E 264 25.85 -7.94 95.58
CA ILE E 264 26.53 -6.87 94.87
C ILE E 264 25.50 -5.92 94.27
N ASP E 265 25.94 -4.68 94.04
CA ASP E 265 25.16 -3.64 93.37
C ASP E 265 25.39 -3.74 91.87
N ASN E 266 24.76 -2.83 91.09
CA ASN E 266 24.72 -2.76 89.63
C ASN E 266 25.65 -3.73 88.94
N PRO E 267 25.24 -4.98 88.80
CA PRO E 267 26.16 -6.02 88.29
C PRO E 267 26.40 -5.87 86.80
N ARG E 268 27.58 -6.31 86.38
CA ARG E 268 27.86 -6.53 84.97
C ARG E 268 28.19 -7.98 84.74
N HIS E 269 27.69 -8.54 83.63
CA HIS E 269 27.87 -9.95 83.30
C HIS E 269 29.07 -10.07 82.37
N ILE E 270 30.12 -10.78 82.79
CA ILE E 270 31.35 -10.83 82.04
C ILE E 270 31.76 -12.28 81.87
N GLU E 271 32.06 -12.67 80.64
CA GLU E 271 32.43 -14.04 80.34
C GLU E 271 33.92 -14.10 80.04
N ILE E 272 34.53 -15.22 80.40
CA ILE E 272 35.88 -15.53 79.94
C ILE E 272 35.83 -16.92 79.31
N GLN E 273 36.36 -17.03 78.10
CA GLN E 273 36.36 -18.30 77.38
C GLN E 273 37.65 -19.05 77.63
N VAL E 274 37.55 -20.37 77.76
CA VAL E 274 38.70 -21.23 77.99
C VAL E 274 38.72 -22.34 76.96
N LEU E 275 39.91 -22.59 76.42
CA LEU E 275 40.15 -23.67 75.47
C LEU E 275 40.95 -24.73 76.21
N GLY E 276 40.33 -25.89 76.43
CA GLY E 276 40.99 -27.00 77.11
C GLY E 276 41.77 -27.87 76.15
N ASP E 277 42.79 -28.54 76.67
CA ASP E 277 43.59 -29.48 75.91
C ASP E 277 43.49 -30.87 76.52
N LYS E 278 43.41 -31.89 75.66
CA LYS E 278 43.42 -33.26 76.13
C LYS E 278 44.69 -33.65 76.85
N HIS E 279 45.77 -32.88 76.70
CA HIS E 279 47.04 -33.18 77.33
C HIS E 279 47.20 -32.48 78.68
N GLY E 280 46.17 -31.77 79.15
CA GLY E 280 46.21 -31.10 80.42
C GLY E 280 46.41 -29.61 80.34
N ASN E 281 46.73 -29.08 79.17
CA ASN E 281 46.87 -27.64 79.01
C ASN E 281 45.51 -26.96 78.90
N ALA E 282 45.49 -25.66 79.16
CA ALA E 282 44.27 -24.87 78.97
C ALA E 282 44.68 -23.41 78.87
N LEU E 283 44.12 -22.70 77.90
CA LEU E 283 44.36 -21.27 77.77
C LEU E 283 43.05 -20.51 77.92
N TRP E 284 43.17 -19.25 78.34
CA TRP E 284 42.02 -18.38 78.48
C TRP E 284 42.12 -17.29 77.44
N LEU E 285 40.96 -16.90 76.91
CA LEU E 285 40.90 -15.90 75.86
C LEU E 285 40.37 -14.59 76.46
N ASN E 286 40.39 -13.54 75.67
CA ASN E 286 39.84 -12.28 76.12
C ASN E 286 38.37 -12.44 76.52
N GLU E 287 37.95 -11.62 77.47
CA GLU E 287 36.62 -11.69 78.02
C GLU E 287 35.55 -11.22 77.03
N ARG E 288 34.29 -11.27 77.48
CA ARG E 288 33.16 -10.67 76.78
C ARG E 288 32.25 -9.99 77.78
N GLU E 289 31.82 -8.78 77.44
CA GLU E 289 30.81 -8.05 78.20
C GLU E 289 29.45 -8.34 77.60
N CYS E 290 28.57 -8.94 78.38
CA CYS E 290 27.28 -9.41 77.90
C CYS E 290 26.15 -8.88 78.75
N SER E 291 26.01 -7.56 78.84
CA SER E 291 25.04 -7.01 79.77
C SER E 291 23.73 -6.60 79.12
N ILE E 292 23.71 -6.38 77.81
CA ILE E 292 22.49 -5.94 77.14
C ILE E 292 21.67 -7.17 76.79
N GLN E 293 20.51 -7.33 77.42
CA GLN E 293 19.76 -8.57 77.30
C GLN E 293 18.28 -8.28 77.50
N ARG E 294 17.44 -9.17 76.98
CA ARG E 294 16.03 -9.16 77.36
C ARG E 294 15.53 -10.59 77.43
N ARG E 295 14.62 -10.82 78.39
CA ARG E 295 13.99 -12.11 78.74
C ARG E 295 15.02 -13.22 79.01
N ASN E 296 16.09 -12.80 79.68
CA ASN E 296 17.28 -13.59 80.05
C ASN E 296 18.01 -14.17 78.85
N GLN E 297 18.01 -13.42 77.76
CA GLN E 297 18.75 -13.82 76.56
C GLN E 297 19.52 -12.63 76.04
N LYS E 298 20.77 -12.85 75.71
CA LYS E 298 21.63 -11.74 75.32
C LYS E 298 21.30 -11.29 73.90
N VAL E 299 21.51 -10.01 73.64
CA VAL E 299 21.30 -9.50 72.28
C VAL E 299 22.53 -8.76 71.78
N VAL E 300 23.27 -8.08 72.65
CA VAL E 300 24.46 -7.35 72.25
C VAL E 300 25.59 -7.66 73.22
N GLU E 301 26.75 -7.95 72.67
CA GLU E 301 27.95 -8.28 73.43
C GLU E 301 29.13 -7.50 72.87
N GLU E 302 30.10 -7.27 73.73
CA GLU E 302 31.34 -6.57 73.40
C GLU E 302 32.45 -7.47 73.92
N ALA E 303 33.54 -7.61 73.17
CA ALA E 303 34.61 -8.49 73.63
C ALA E 303 35.59 -7.88 74.62
N PRO E 304 36.22 -6.79 74.22
CA PRO E 304 37.21 -6.08 75.05
C PRO E 304 36.50 -5.22 76.08
N SER E 305 35.69 -5.88 76.90
CA SER E 305 34.90 -5.21 77.94
C SER E 305 35.06 -3.68 78.08
N ILE E 306 35.67 -3.25 79.18
CA ILE E 306 35.96 -1.87 79.56
C ILE E 306 36.15 -1.83 81.07
N PHE E 307 35.72 -2.90 81.73
CA PHE E 307 35.69 -2.95 83.18
C PHE E 307 36.92 -3.68 83.68
N LEU E 308 37.85 -3.94 82.76
CA LEU E 308 39.07 -4.65 83.10
C LEU E 308 40.33 -3.96 82.59
N ASP E 309 41.35 -3.91 83.44
CA ASP E 309 42.68 -3.52 83.03
C ASP E 309 43.52 -4.78 82.83
N ALA E 310 44.79 -4.61 82.50
CA ALA E 310 45.60 -5.78 82.16
C ALA E 310 45.73 -6.76 83.32
N GLU E 311 45.86 -6.27 84.55
CA GLU E 311 46.03 -7.15 85.69
C GLU E 311 44.74 -7.90 86.03
N THR E 312 43.59 -7.24 85.94
CA THR E 312 42.33 -7.92 86.22
C THR E 312 42.08 -9.05 85.22
N ARG E 313 42.38 -8.80 83.95
CA ARG E 313 42.20 -9.83 82.93
C ARG E 313 43.04 -11.07 83.25
N ARG E 314 44.29 -10.87 83.64
CA ARG E 314 45.14 -12.00 84.00
C ARG E 314 44.61 -12.72 85.23
N ALA E 315 44.22 -11.94 86.25
CA ALA E 315 43.76 -12.53 87.50
C ALA E 315 42.53 -13.39 87.29
N MET E 316 41.57 -12.91 86.50
CA MET E 316 40.35 -13.67 86.27
C MET E 316 40.55 -14.77 85.25
N GLY E 317 41.42 -14.54 84.26
CA GLY E 317 41.72 -15.60 83.30
C GLY E 317 42.33 -16.82 83.94
N GLU E 318 43.25 -16.60 84.90
CA GLU E 318 43.86 -17.71 85.62
C GLU E 318 42.83 -18.48 86.46
N GLN E 319 41.89 -17.78 87.07
CA GLN E 319 40.84 -18.50 87.80
C GLN E 319 39.92 -19.30 86.89
N ALA E 320 39.56 -18.77 85.72
CA ALA E 320 38.78 -19.56 84.77
C ALA E 320 39.54 -20.80 84.33
N VAL E 321 40.86 -20.69 84.17
CA VAL E 321 41.66 -21.87 83.83
C VAL E 321 41.68 -22.85 85.01
N ALA E 322 41.83 -22.34 86.23
CA ALA E 322 41.84 -23.17 87.43
C ALA E 322 40.57 -24.01 87.54
N LEU E 323 39.44 -23.48 87.11
CA LEU E 323 38.25 -24.31 87.06
C LEU E 323 38.40 -25.40 86.01
N ALA E 324 38.81 -25.05 84.79
CA ALA E 324 38.90 -26.03 83.71
C ALA E 324 39.89 -27.14 83.99
N ARG E 325 41.03 -26.85 84.62
CA ARG E 325 42.05 -27.85 84.86
C ARG E 325 41.76 -28.75 86.04
N ALA E 326 40.70 -28.50 86.78
CA ALA E 326 40.37 -29.30 87.95
C ALA E 326 39.22 -30.26 87.70
N VAL E 327 38.67 -30.28 86.50
CA VAL E 327 37.62 -31.21 86.13
C VAL E 327 38.08 -31.85 84.83
N LYS E 328 39.25 -31.39 84.41
CA LYS E 328 39.89 -31.78 83.17
C LYS E 328 38.98 -31.50 81.98
N TYR E 329 38.54 -30.25 81.88
CA TYR E 329 37.64 -29.81 80.81
C TYR E 329 38.38 -29.61 79.50
N SER E 330 38.66 -30.73 78.83
CA SER E 330 39.45 -30.76 77.60
C SER E 330 38.46 -30.59 76.46
N SER E 331 37.86 -29.39 76.42
CA SER E 331 36.88 -28.91 75.46
C SER E 331 36.88 -27.39 75.53
N ALA E 332 36.12 -26.74 74.67
CA ALA E 332 35.99 -25.29 74.76
C ALA E 332 34.71 -24.94 75.51
N GLY E 333 34.82 -23.92 76.36
CA GLY E 333 33.67 -23.53 77.18
C GLY E 333 33.86 -22.14 77.73
N THR E 334 32.93 -21.75 78.58
CA THR E 334 32.89 -20.39 79.09
C THR E 334 32.66 -20.38 80.58
N VAL E 335 33.32 -19.44 81.25
CA VAL E 335 33.13 -19.22 82.67
C VAL E 335 32.51 -17.84 82.85
N GLU E 336 31.43 -17.78 83.61
CA GLU E 336 30.72 -16.53 83.84
C GLU E 336 30.98 -15.92 85.21
N PHE E 337 31.35 -14.65 85.20
CA PHE E 337 31.62 -13.88 86.40
C PHE E 337 30.64 -12.72 86.46
N LEU E 338 30.35 -12.29 87.68
CA LEU E 338 29.67 -11.03 87.94
C LEU E 338 30.64 -10.10 88.63
N VAL E 339 30.66 -8.84 88.22
CA VAL E 339 31.50 -7.82 88.81
C VAL E 339 30.61 -6.71 89.35
N ASP E 340 30.93 -6.21 90.53
CA ASP E 340 30.19 -5.13 91.17
C ASP E 340 30.80 -3.80 90.74
N SER E 341 30.28 -2.71 91.33
CA SER E 341 30.71 -1.38 90.93
C SER E 341 32.14 -1.11 91.36
N LYS E 342 32.68 -1.95 92.25
CA LYS E 342 34.01 -1.72 92.80
C LYS E 342 35.05 -2.64 92.18
N LYS E 343 34.69 -3.29 91.09
CA LYS E 343 35.59 -4.22 90.41
C LYS E 343 35.89 -5.48 91.23
N ASN E 344 34.97 -5.89 92.09
CA ASN E 344 35.09 -7.17 92.74
C ASN E 344 34.34 -8.21 91.90
N PHE E 345 35.06 -9.26 91.54
CA PHE E 345 34.60 -10.31 90.66
C PHE E 345 34.22 -11.55 91.45
N TYR E 346 33.03 -12.08 91.15
CA TYR E 346 32.50 -13.25 91.84
C TYR E 346 32.16 -14.32 90.81
N PHE E 347 32.40 -15.57 91.15
CA PHE E 347 32.07 -16.69 90.28
C PHE E 347 30.56 -16.84 90.15
N LEU E 348 30.08 -17.07 88.92
CA LEU E 348 28.67 -17.38 88.75
C LEU E 348 28.41 -18.80 88.25
N GLU E 349 28.98 -19.16 87.11
CA GLU E 349 28.74 -20.50 86.60
C GLU E 349 29.69 -20.88 85.47
N MET E 350 29.90 -22.18 85.33
CA MET E 350 30.77 -22.71 84.30
C MET E 350 29.90 -23.41 83.26
N ASN E 351 30.07 -22.99 82.00
CA ASN E 351 29.36 -23.53 80.83
C ASN E 351 30.19 -24.45 79.95
N THR E 352 29.60 -25.56 79.52
CA THR E 352 30.30 -26.52 78.68
C THR E 352 29.68 -26.67 77.30
N ARG E 353 30.03 -25.77 76.40
CA ARG E 353 29.52 -25.80 75.05
C ARG E 353 29.91 -24.53 74.33
N LEU E 354 30.08 -24.62 73.02
CA LEU E 354 30.42 -23.46 72.24
C LEU E 354 29.29 -22.47 72.45
N GLN E 355 29.62 -21.26 72.89
CA GLN E 355 28.60 -20.28 73.14
C GLN E 355 28.13 -19.58 71.89
N VAL E 356 26.99 -18.92 71.99
CA VAL E 356 26.46 -18.20 70.87
C VAL E 356 27.24 -16.91 70.79
N GLU E 357 28.08 -16.66 71.78
CA GLU E 357 28.90 -15.45 71.83
C GLU E 357 30.36 -15.76 71.58
N HIS E 358 30.60 -16.61 70.59
CA HIS E 358 31.95 -16.99 70.23
C HIS E 358 32.39 -16.39 68.91
N PRO E 359 31.57 -15.56 68.28
CA PRO E 359 32.06 -15.01 67.01
C PRO E 359 32.57 -13.58 67.17
N VAL E 360 32.52 -13.07 68.40
CA VAL E 360 32.98 -11.72 68.69
C VAL E 360 34.38 -11.72 69.28
N THR E 361 34.73 -12.77 70.04
CA THR E 361 36.08 -12.88 70.58
C THR E 361 37.07 -13.16 69.45
N GLU E 362 36.66 -13.99 68.48
CA GLU E 362 37.53 -14.34 67.36
C GLU E 362 38.06 -13.13 66.60
N CYS E 363 37.29 -12.05 66.52
CA CYS E 363 37.74 -10.89 65.78
C CYS E 363 38.83 -10.11 66.50
N ILE E 364 39.10 -10.38 67.78
CA ILE E 364 40.20 -9.67 68.40
C ILE E 364 41.33 -10.61 68.82
N THR E 365 41.05 -11.91 68.86
CA THR E 365 42.10 -12.86 69.15
C THR E 365 42.73 -13.43 67.90
N GLY E 366 42.02 -13.40 66.77
CA GLY E 366 42.55 -13.95 65.54
C GLY E 366 42.51 -15.45 65.44
N LEU E 367 41.61 -16.10 66.17
CA LEU E 367 41.54 -17.55 66.21
C LEU E 367 40.34 -18.03 65.42
N ASP E 368 40.26 -19.34 65.22
CA ASP E 368 39.11 -19.99 64.59
C ASP E 368 38.69 -21.11 65.52
N LEU E 369 37.62 -20.89 66.27
CA LEU E 369 37.25 -21.81 67.32
C LEU E 369 36.84 -23.18 66.82
N VAL E 370 36.14 -23.26 65.69
CA VAL E 370 35.70 -24.56 65.18
C VAL E 370 36.89 -25.36 64.69
N GLN E 371 37.84 -24.72 64.01
CA GLN E 371 39.04 -25.39 63.54
C GLN E 371 39.84 -25.96 64.71
N GLU E 372 39.89 -25.21 65.81
CA GLU E 372 40.65 -25.65 66.98
C GLU E 372 39.96 -26.81 67.68
N MET E 373 38.64 -26.73 67.83
CA MET E 373 37.89 -27.80 68.46
C MET E 373 38.02 -29.11 67.69
N ILE E 374 38.00 -29.04 66.36
CA ILE E 374 38.19 -30.26 65.59
C ILE E 374 39.58 -30.85 65.78
N ARG E 375 40.64 -30.03 65.76
CA ARG E 375 41.95 -30.65 65.98
C ARG E 375 42.10 -31.23 67.38
N VAL E 376 41.56 -30.56 68.40
CA VAL E 376 41.66 -31.08 69.77
C VAL E 376 40.92 -32.41 69.87
N ALA E 377 39.73 -32.48 69.28
CA ALA E 377 38.99 -33.75 69.26
C ALA E 377 39.76 -34.84 68.53
N LYS E 378 40.49 -34.51 67.47
CA LYS E 378 41.31 -35.52 66.82
C LYS E 378 42.41 -36.01 67.74
N GLY E 379 42.94 -35.13 68.58
CA GLY E 379 43.96 -35.48 69.54
C GLY E 379 45.20 -34.63 69.47
N TYR E 380 45.17 -33.49 68.80
CA TYR E 380 46.31 -32.62 68.74
C TYR E 380 46.33 -31.69 69.95
N PRO E 381 47.53 -31.28 70.40
CA PRO E 381 47.58 -30.25 71.44
C PRO E 381 47.21 -28.89 70.90
N LEU E 382 46.98 -27.95 71.83
CA LEU E 382 46.72 -26.56 71.47
C LEU E 382 47.89 -25.99 70.68
N ARG E 383 47.59 -25.26 69.60
CA ARG E 383 48.61 -24.69 68.75
C ARG E 383 49.19 -23.37 69.25
N HIS E 384 48.70 -22.84 70.37
CA HIS E 384 49.10 -21.52 70.85
C HIS E 384 49.52 -21.63 72.31
N LYS E 385 50.24 -20.60 72.75
CA LYS E 385 50.57 -20.42 74.15
C LYS E 385 49.96 -19.10 74.62
N GLN E 386 49.83 -18.96 75.94
CA GLN E 386 49.13 -17.81 76.47
C GLN E 386 49.75 -16.47 76.09
N ALA E 387 51.08 -16.43 75.91
CA ALA E 387 51.74 -15.17 75.59
C ALA E 387 51.33 -14.62 74.23
N ASP E 388 50.74 -15.45 73.37
CA ASP E 388 50.38 -15.04 72.02
C ASP E 388 48.93 -14.61 71.90
N ILE E 389 48.20 -14.55 73.01
CA ILE E 389 46.78 -14.20 73.01
C ILE E 389 46.67 -12.76 73.47
N ARG E 390 46.15 -11.90 72.61
CA ARG E 390 46.10 -10.48 72.88
C ARG E 390 44.85 -9.89 72.24
N ILE E 391 44.62 -8.62 72.53
CA ILE E 391 43.49 -7.89 71.99
C ILE E 391 43.98 -7.11 70.77
N ASN E 392 43.64 -7.59 69.57
CA ASN E 392 43.96 -6.85 68.36
C ASN E 392 42.78 -6.00 67.91
N GLY E 393 42.47 -4.94 68.65
CA GLY E 393 41.31 -4.17 68.27
C GLY E 393 40.06 -4.43 69.07
N TRP E 394 38.93 -3.94 68.59
CA TRP E 394 37.67 -4.05 69.29
C TRP E 394 36.61 -4.66 68.41
N ALA E 395 35.71 -5.44 69.00
CA ALA E 395 34.65 -6.09 68.24
C ALA E 395 33.36 -6.09 69.04
N VAL E 396 32.26 -5.78 68.38
CA VAL E 396 30.93 -5.74 69.00
C VAL E 396 29.99 -6.58 68.14
N GLU E 397 29.07 -7.29 68.77
CA GLU E 397 28.16 -8.17 68.05
C GLU E 397 26.72 -7.90 68.46
N CYS E 398 25.83 -7.93 67.48
CA CYS E 398 24.40 -7.73 67.68
C CYS E 398 23.64 -8.90 67.08
N ARG E 399 22.69 -9.43 67.85
CA ARG E 399 21.86 -10.54 67.40
C ARG E 399 20.58 -9.98 66.81
N VAL E 400 20.24 -10.39 65.60
CA VAL E 400 19.03 -9.92 64.95
C VAL E 400 18.03 -11.06 64.92
N TYR E 401 16.86 -10.81 65.50
CA TYR E 401 15.76 -11.75 65.67
C TYR E 401 14.57 -11.29 64.85
N ALA E 402 13.76 -12.25 64.44
CA ALA E 402 12.48 -11.94 63.79
C ALA E 402 11.40 -11.69 64.84
N GLU E 403 11.54 -10.57 65.54
CA GLU E 403 10.71 -10.25 66.69
C GLU E 403 10.27 -8.80 66.66
N ASP E 404 9.12 -8.53 67.25
CA ASP E 404 8.63 -7.17 67.37
C ASP E 404 9.17 -6.59 68.67
N PRO E 405 10.08 -5.62 68.62
CA PRO E 405 10.62 -5.07 69.86
C PRO E 405 9.63 -4.25 70.68
N TYR E 406 8.49 -3.87 70.11
CA TYR E 406 7.55 -3.04 70.85
C TYR E 406 6.72 -3.88 71.82
N LYS E 407 6.46 -5.14 71.48
CA LYS E 407 5.52 -5.97 72.22
C LYS E 407 6.27 -6.69 73.34
N SER E 408 6.51 -5.94 74.42
CA SER E 408 7.23 -6.39 75.61
C SER E 408 8.64 -6.91 75.28
N PHE E 409 9.34 -6.17 74.42
CA PHE E 409 10.74 -6.42 74.03
C PHE E 409 10.91 -7.82 73.41
N GLY E 410 10.42 -7.94 72.19
CA GLY E 410 10.74 -9.12 71.41
C GLY E 410 9.69 -10.21 71.32
N LEU E 411 8.52 -9.90 70.78
CA LEU E 411 7.52 -10.94 70.57
C LEU E 411 7.68 -11.58 69.19
N PRO E 412 7.83 -12.90 69.11
CA PRO E 412 8.11 -13.54 67.82
C PRO E 412 7.08 -13.25 66.74
N SER E 413 7.59 -13.01 65.54
CA SER E 413 6.80 -12.85 64.34
C SER E 413 6.91 -14.11 63.49
N ILE E 414 5.95 -14.28 62.58
CA ILE E 414 5.93 -15.44 61.69
C ILE E 414 5.86 -14.93 60.26
N GLY E 415 6.70 -15.49 59.42
CA GLY E 415 6.68 -15.07 58.03
C GLY E 415 7.80 -15.55 57.14
N ARG E 416 7.68 -15.07 55.91
CA ARG E 416 8.58 -15.39 54.82
C ARG E 416 9.32 -14.14 54.37
N LEU E 417 10.58 -14.35 54.03
CA LEU E 417 11.46 -13.37 53.51
C LEU E 417 11.59 -13.21 52.05
N SER E 418 11.10 -12.03 51.69
CA SER E 418 11.01 -11.40 50.39
C SER E 418 12.12 -10.52 49.96
N GLN E 419 12.81 -9.88 50.88
CA GLN E 419 14.04 -9.22 50.44
C GLN E 419 15.08 -9.38 51.53
N TYR E 420 16.31 -9.65 51.14
CA TYR E 420 17.35 -9.90 52.11
C TYR E 420 18.69 -9.55 51.50
N GLN E 421 19.43 -8.67 52.15
CA GLN E 421 20.71 -8.22 51.64
C GLN E 421 21.60 -7.87 52.81
N GLU E 422 22.70 -8.55 52.93
CA GLU E 422 23.63 -8.40 54.03
C GLU E 422 24.63 -7.29 53.76
N PRO E 423 24.99 -6.49 54.75
CA PRO E 423 25.94 -5.40 54.49
C PRO E 423 27.40 -5.84 54.39
N LEU E 424 27.73 -6.61 53.36
CA LEU E 424 29.07 -7.16 53.25
C LEU E 424 30.01 -6.29 52.42
N HIS E 425 29.53 -5.16 51.92
CA HIS E 425 30.39 -4.24 51.18
C HIS E 425 31.07 -3.23 52.09
N LEU E 426 30.70 -3.17 53.35
CA LEU E 426 31.22 -2.19 54.27
C LEU E 426 32.48 -2.72 54.94
N PRO E 427 33.43 -1.85 55.28
CA PRO E 427 34.64 -2.31 55.99
C PRO E 427 34.36 -2.77 57.41
N GLY E 428 35.06 -3.83 57.82
CA GLY E 428 35.03 -4.32 59.19
C GLY E 428 33.77 -5.04 59.60
N VAL E 429 33.00 -5.54 58.65
CA VAL E 429 31.69 -6.13 58.90
C VAL E 429 31.74 -7.59 58.49
N ARG E 430 31.24 -8.46 59.37
CA ARG E 430 31.15 -9.91 59.17
C ARG E 430 29.74 -10.35 59.56
N VAL E 431 28.99 -10.95 58.64
CA VAL E 431 27.62 -11.35 58.90
C VAL E 431 27.58 -12.88 58.89
N ASP E 432 27.12 -13.47 59.99
CA ASP E 432 27.04 -14.93 60.08
C ASP E 432 25.57 -15.30 60.12
N SER E 433 25.07 -15.81 58.99
CA SER E 433 23.65 -16.03 58.83
C SER E 433 23.41 -17.44 58.34
N GLY E 434 22.30 -18.01 58.78
CA GLY E 434 21.87 -19.30 58.29
C GLY E 434 20.72 -19.27 57.32
N ILE E 435 20.35 -18.09 56.81
CA ILE E 435 19.17 -17.97 55.96
C ILE E 435 19.57 -17.39 54.62
N GLN E 436 18.69 -17.55 53.66
CA GLN E 436 18.83 -17.05 52.31
C GLN E 436 17.47 -16.52 51.91
N PRO E 437 17.35 -15.67 50.89
CA PRO E 437 16.03 -15.22 50.48
C PRO E 437 15.13 -16.41 50.17
N GLY E 438 13.90 -16.33 50.62
CA GLY E 438 12.96 -17.37 50.30
C GLY E 438 13.00 -18.39 51.39
N SER E 439 13.42 -17.91 52.55
CA SER E 439 13.44 -18.71 53.75
C SER E 439 12.27 -18.28 54.56
N ASP E 440 11.73 -19.25 55.28
CA ASP E 440 10.63 -19.07 56.18
C ASP E 440 11.18 -19.12 57.59
N ILE E 441 10.56 -18.35 58.48
CA ILE E 441 10.83 -18.40 59.90
C ILE E 441 9.56 -18.80 60.64
N SER E 442 9.64 -19.84 61.47
CA SER E 442 8.44 -20.34 62.09
C SER E 442 8.49 -20.60 63.58
N ILE E 443 7.33 -20.95 64.10
CA ILE E 443 7.19 -21.07 65.55
C ILE E 443 7.99 -22.22 66.14
N TYR E 444 8.53 -23.12 65.32
CA TYR E 444 9.20 -24.29 65.84
C TYR E 444 10.61 -24.02 66.34
N TYR E 445 11.22 -22.90 65.95
CA TYR E 445 12.62 -22.64 66.20
C TYR E 445 12.75 -21.24 66.74
N ASP E 446 13.80 -21.02 67.51
CA ASP E 446 14.12 -19.66 67.93
C ASP E 446 14.21 -18.76 66.72
N PRO E 447 13.44 -17.71 66.65
CA PRO E 447 13.44 -16.86 65.46
C PRO E 447 14.72 -16.10 65.19
N MET E 448 15.87 -16.76 65.06
CA MET E 448 17.10 -16.03 64.72
C MET E 448 17.16 -15.73 63.23
N ILE E 449 17.58 -14.50 62.90
CA ILE E 449 17.83 -14.11 61.53
C ILE E 449 19.32 -14.12 61.23
N SER E 450 20.12 -13.43 62.04
CA SER E 450 21.56 -13.41 61.80
C SER E 450 22.26 -12.87 63.02
N LYS E 451 23.58 -13.01 63.04
CA LYS E 451 24.42 -12.30 63.98
C LYS E 451 25.35 -11.39 63.21
N LEU E 452 25.30 -10.11 63.54
CA LEU E 452 26.04 -9.07 62.85
C LEU E 452 27.24 -8.72 63.70
N ILE E 453 28.44 -8.88 63.16
CA ILE E 453 29.68 -8.67 63.88
C ILE E 453 30.44 -7.54 63.21
N THR E 454 30.85 -6.57 64.01
CA THR E 454 31.63 -5.44 63.49
C THR E 454 32.87 -5.26 64.35
N TYR E 455 34.01 -5.03 63.71
CA TYR E 455 35.25 -4.81 64.43
C TYR E 455 35.99 -3.59 63.87
N GLY E 456 36.86 -3.03 64.70
CA GLY E 456 37.64 -1.87 64.34
C GLY E 456 38.84 -1.73 65.25
N SER E 457 39.59 -0.66 65.04
CA SER E 457 40.83 -0.50 65.78
C SER E 457 40.60 0.10 67.16
N ASP E 458 39.46 0.71 67.36
CA ASP E 458 39.16 1.41 68.60
C ASP E 458 37.67 1.25 68.90
N ARG E 459 37.24 1.75 70.04
CA ARG E 459 35.84 1.61 70.43
C ARG E 459 34.88 2.45 69.60
N THR E 460 35.31 3.61 69.14
CA THR E 460 34.42 4.45 68.35
C THR E 460 34.32 3.95 66.92
N GLU E 461 35.40 3.38 66.38
CA GLU E 461 35.35 2.90 65.00
C GLU E 461 34.44 1.68 64.87
N ALA E 462 34.55 0.74 65.81
CA ALA E 462 33.69 -0.44 65.78
C ALA E 462 32.22 -0.07 65.97
N LEU E 463 31.92 0.91 66.83
CA LEU E 463 30.52 1.29 67.02
C LEU E 463 29.97 2.05 65.82
N LYS E 464 30.77 2.93 65.22
CA LYS E 464 30.29 3.65 64.04
C LYS E 464 30.06 2.71 62.87
N ARG E 465 30.97 1.75 62.68
CA ARG E 465 30.80 0.77 61.62
C ARG E 465 29.57 -0.10 61.85
N MET E 466 29.29 -0.44 63.11
CA MET E 466 28.07 -1.17 63.43
C MET E 466 26.83 -0.37 63.08
N ALA E 467 26.82 0.91 63.42
CA ALA E 467 25.69 1.75 63.07
C ALA E 467 25.45 1.76 61.57
N ASP E 468 26.53 1.86 60.80
CA ASP E 468 26.40 1.84 59.34
C ASP E 468 25.89 0.50 58.84
N ALA E 469 26.39 -0.61 59.38
CA ALA E 469 25.95 -1.91 58.90
C ALA E 469 24.46 -2.11 59.15
N LEU E 470 23.97 -1.65 60.28
CA LEU E 470 22.55 -1.83 60.59
C LEU E 470 21.65 -1.07 59.63
N ASP E 471 22.08 0.11 59.17
CA ASP E 471 21.23 0.88 58.27
C ASP E 471 21.29 0.34 56.84
N ASN E 472 22.35 -0.38 56.50
CA ASN E 472 22.49 -0.99 55.18
C ASN E 472 22.09 -2.45 55.20
N TYR E 473 21.37 -2.90 56.21
CA TYR E 473 21.04 -4.30 56.36
C TYR E 473 19.56 -4.47 56.07
N VAL E 474 19.23 -5.12 54.95
CA VAL E 474 17.88 -5.18 54.44
C VAL E 474 17.23 -6.46 54.90
N ILE E 475 16.19 -6.35 55.72
CA ILE E 475 15.35 -7.47 56.12
C ILE E 475 13.91 -7.05 55.88
N ARG E 476 13.21 -7.75 55.00
CA ARG E 476 11.82 -7.45 54.71
C ARG E 476 11.04 -8.74 54.52
N GLY E 477 9.86 -8.80 55.09
CA GLY E 477 9.03 -9.98 55.04
C GLY E 477 8.62 -10.42 56.41
N VAL E 478 9.42 -10.06 57.41
CA VAL E 478 9.16 -10.32 58.81
C VAL E 478 9.39 -9.05 59.60
N THR E 479 8.97 -9.03 60.85
CA THR E 479 9.29 -7.97 61.79
C THR E 479 10.60 -8.28 62.48
N HIS E 480 11.50 -7.32 62.50
CA HIS E 480 12.83 -7.50 63.05
C HIS E 480 13.08 -6.49 64.16
N ASN E 481 14.26 -6.57 64.77
CA ASN E 481 14.59 -5.77 65.93
C ASN E 481 15.71 -4.79 65.66
N ILE E 482 15.89 -4.39 64.41
CA ILE E 482 16.98 -3.47 64.07
C ILE E 482 16.81 -2.12 64.75
N ALA E 483 15.58 -1.62 64.86
CA ALA E 483 15.38 -0.33 65.49
C ALA E 483 15.91 -0.31 66.92
N LEU E 484 15.76 -1.41 67.64
CA LEU E 484 16.23 -1.49 69.01
C LEU E 484 17.75 -1.53 69.05
N LEU E 485 18.36 -2.33 68.18
CA LEU E 485 19.82 -2.42 68.14
C LEU E 485 20.45 -1.11 67.74
N ARG E 486 19.86 -0.42 66.77
CA ARG E 486 20.40 0.84 66.27
C ARG E 486 20.33 1.94 67.32
N GLU E 487 19.29 1.96 68.13
CA GLU E 487 19.27 2.96 69.18
C GLU E 487 20.14 2.59 70.37
N VAL E 488 20.20 1.32 70.79
CA VAL E 488 21.00 1.08 71.98
C VAL E 488 22.46 1.42 71.75
N ILE E 489 23.03 1.06 70.60
CA ILE E 489 24.47 1.22 70.42
C ILE E 489 24.86 2.70 70.41
N ILE E 490 23.90 3.60 70.23
CA ILE E 490 24.22 5.02 70.15
C ILE E 490 23.84 5.73 71.43
N ASN E 491 23.34 4.98 72.41
CA ASN E 491 22.96 5.57 73.68
C ASN E 491 24.17 6.06 74.45
N SER E 492 24.04 7.24 75.04
CA SER E 492 25.17 7.88 75.71
C SER E 492 25.73 7.01 76.82
N ARG E 493 24.89 6.21 77.49
CA ARG E 493 25.40 5.32 78.53
C ARG E 493 26.16 4.15 77.94
N PHE E 494 25.72 3.68 76.77
CA PHE E 494 26.41 2.57 76.11
C PHE E 494 27.77 2.99 75.58
N VAL E 495 27.84 4.17 74.95
CA VAL E 495 29.13 4.66 74.45
C VAL E 495 30.09 4.90 75.59
N LYS E 496 29.62 5.51 76.68
CA LYS E 496 30.49 5.68 77.83
C LYS E 496 30.75 4.36 78.56
N GLY E 497 29.80 3.45 78.54
CA GLY E 497 29.98 2.18 79.20
C GLY E 497 29.26 1.96 80.51
N ASP E 498 28.32 2.84 80.87
CA ASP E 498 27.62 2.70 82.14
C ASP E 498 26.45 1.73 81.96
N ILE E 499 26.80 0.46 81.74
CA ILE E 499 25.82 -0.55 81.38
C ILE E 499 25.79 -1.59 82.49
N SER E 500 24.60 -1.89 82.95
CA SER E 500 24.35 -2.98 83.90
C SER E 500 23.47 -4.02 83.26
N THR E 501 23.31 -5.14 83.95
CA THR E 501 22.57 -6.26 83.38
C THR E 501 21.09 -5.93 83.29
N LYS E 502 20.67 -4.81 83.86
CA LYS E 502 19.29 -4.35 83.81
C LYS E 502 19.17 -3.04 83.04
N PHE E 503 20.18 -2.78 82.21
CA PHE E 503 20.26 -1.53 81.47
C PHE E 503 18.95 -1.21 80.76
N LEU E 504 18.46 -2.15 79.96
CA LEU E 504 17.31 -1.85 79.11
C LEU E 504 16.04 -1.63 79.92
N SER E 505 15.97 -2.23 81.10
CA SER E 505 14.78 -2.08 81.92
C SER E 505 14.65 -0.69 82.54
N ASP E 506 15.76 0.02 82.75
CA ASP E 506 15.75 1.38 83.24
C ASP E 506 15.70 2.41 82.11
N VAL E 507 16.25 2.10 80.95
CA VAL E 507 16.16 3.03 79.83
C VAL E 507 14.75 3.04 79.26
N TYR E 508 14.10 1.88 79.18
CA TYR E 508 12.78 1.75 78.57
C TYR E 508 11.80 1.24 79.62
N PRO E 509 11.49 2.05 80.63
CA PRO E 509 10.62 1.56 81.71
C PRO E 509 9.18 1.33 81.27
N ASP E 510 8.76 1.94 80.18
CA ASP E 510 7.42 1.79 79.66
C ASP E 510 7.39 1.05 78.33
N GLY E 511 8.44 0.32 78.00
CA GLY E 511 8.51 -0.38 76.74
C GLY E 511 9.35 0.38 75.73
N PHE E 512 9.63 -0.29 74.61
CA PHE E 512 10.38 0.31 73.52
C PHE E 512 9.44 1.19 72.70
N LYS E 513 9.86 2.42 72.43
CA LYS E 513 9.04 3.35 71.66
C LYS E 513 9.58 3.69 70.29
N GLY E 514 10.86 3.39 69.95
CA GLY E 514 11.47 3.78 68.69
C GLY E 514 12.36 4.98 68.84
N HIS E 515 13.13 5.22 67.78
CA HIS E 515 14.10 6.31 67.79
C HIS E 515 13.37 7.64 67.84
N MET E 516 13.81 8.52 68.74
CA MET E 516 13.21 9.84 68.91
C MET E 516 14.03 10.86 68.14
N LEU E 517 13.34 11.64 67.31
CA LEU E 517 14.03 12.62 66.48
C LEU E 517 14.15 13.96 67.18
N THR E 518 15.27 14.62 66.96
CA THR E 518 15.50 15.99 67.41
C THR E 518 15.19 16.97 66.29
N LYS E 519 15.40 18.25 66.54
CA LYS E 519 14.97 19.25 65.58
C LYS E 519 15.65 19.06 64.23
N SER E 520 16.97 18.93 64.23
CA SER E 520 17.73 18.80 63.00
C SER E 520 17.43 17.50 62.29
N GLU E 521 17.17 16.43 63.04
CA GLU E 521 16.85 15.16 62.42
C GLU E 521 15.48 15.18 61.78
N LYS E 522 14.51 15.85 62.41
CA LYS E 522 13.21 15.99 61.77
C LYS E 522 13.31 16.77 60.47
N ASN E 523 14.14 17.81 60.44
CA ASN E 523 14.30 18.58 59.20
C ASN E 523 14.94 17.74 58.11
N GLN E 524 15.90 16.90 58.47
CA GLN E 524 16.53 16.02 57.49
C GLN E 524 15.56 14.96 56.99
N LEU E 525 14.75 14.39 57.89
CA LEU E 525 13.75 13.40 57.46
C LEU E 525 12.70 14.02 56.58
N LEU E 526 12.23 15.22 56.92
CA LEU E 526 11.25 15.90 56.06
C LEU E 526 11.83 16.25 54.71
N ALA E 527 13.07 16.72 54.68
CA ALA E 527 13.71 17.08 53.41
C ALA E 527 13.95 15.85 52.53
N ILE E 528 14.36 14.73 53.14
CA ILE E 528 14.58 13.51 52.38
C ILE E 528 13.27 12.96 51.83
N ALA E 529 12.24 12.87 52.68
CA ALA E 529 10.94 12.35 52.24
C ALA E 529 10.32 13.22 51.16
N SER E 530 10.48 14.54 51.29
CA SER E 530 9.91 15.45 50.29
C SER E 530 10.67 15.37 48.97
N SER E 531 12.00 15.31 49.03
CA SER E 531 12.77 15.20 47.80
C SER E 531 12.53 13.86 47.12
N LEU E 532 12.40 12.78 47.89
CA LEU E 532 12.11 11.48 47.28
C LEU E 532 10.74 11.45 46.66
N PHE E 533 9.74 12.05 47.33
CA PHE E 533 8.41 12.17 46.74
C PHE E 533 8.46 12.84 45.37
N VAL E 534 9.15 13.98 45.27
CA VAL E 534 9.26 14.69 44.00
C VAL E 534 10.02 13.87 42.97
N ALA E 535 11.09 13.18 43.39
CA ALA E 535 11.86 12.35 42.46
C ALA E 535 10.97 11.34 41.75
N PHE E 536 10.01 10.75 42.46
CA PHE E 536 9.07 9.84 41.83
C PHE E 536 8.12 10.58 40.91
N GLN E 537 7.69 11.78 41.33
CA GLN E 537 6.80 12.57 40.50
C GLN E 537 7.47 13.00 39.21
N LEU E 538 8.79 13.24 39.22
CA LEU E 538 9.47 13.61 38.00
C LEU E 538 9.72 12.40 37.10
N ARG E 539 10.11 11.27 37.69
CA ARG E 539 10.29 10.06 36.91
C ARG E 539 9.01 9.68 36.19
N ALA E 540 7.85 9.89 36.82
CA ALA E 540 6.58 9.56 36.19
C ALA E 540 6.32 10.31 34.88
N GLN E 541 7.02 11.40 34.60
CA GLN E 541 6.77 12.21 33.42
C GLN E 541 7.70 11.90 32.25
N HIS E 542 8.64 10.98 32.39
CA HIS E 542 9.65 10.77 31.38
C HIS E 542 9.26 9.58 30.53
N PHE E 543 8.56 9.83 29.45
CA PHE E 543 8.11 8.79 28.53
C PHE E 543 8.99 8.80 27.28
N GLN E 544 9.02 7.66 26.60
CA GLN E 544 9.64 7.62 25.29
C GLN E 544 8.69 8.46 24.48
N GLU E 545 9.22 9.28 23.58
CA GLU E 545 8.39 10.22 22.84
C GLU E 545 7.54 9.48 21.83
N ASN E 546 6.25 9.79 21.79
CA ASN E 546 5.38 9.21 20.78
C ASN E 546 5.22 10.20 19.64
N SER E 547 5.72 9.82 18.47
CA SER E 547 5.74 10.74 17.35
C SER E 547 4.35 11.17 16.92
N ARG E 548 3.32 10.43 17.32
CA ARG E 548 1.97 10.81 16.93
C ARG E 548 1.37 11.80 17.91
N MET E 549 1.74 11.70 19.18
CA MET E 549 1.11 12.47 20.25
C MET E 549 2.18 13.12 21.12
N PRO E 550 2.67 14.30 20.76
CA PRO E 550 3.77 14.92 21.51
C PRO E 550 3.42 15.08 22.98
N VAL E 551 4.40 14.81 23.84
CA VAL E 551 4.24 14.91 25.28
C VAL E 551 5.05 16.10 25.78
N ILE E 552 4.40 16.99 26.53
CA ILE E 552 5.03 18.22 26.96
C ILE E 552 5.19 18.18 28.48
N LYS E 553 6.44 18.14 28.95
CA LYS E 553 6.71 18.04 30.38
C LYS E 553 6.28 19.32 31.09
N PRO E 554 5.42 19.23 32.10
CA PRO E 554 4.97 20.44 32.81
C PRO E 554 6.17 21.17 33.40
N ASP E 555 6.17 22.49 33.25
CA ASP E 555 7.27 23.32 33.75
C ASP E 555 6.98 23.67 35.21
N ILE E 556 7.27 22.71 36.09
CA ILE E 556 7.04 22.86 37.52
C ILE E 556 8.32 23.32 38.19
N ALA E 557 8.39 24.62 38.51
CA ALA E 557 9.60 25.16 39.11
C ALA E 557 9.64 24.86 40.61
N ASN E 558 8.49 24.78 41.25
CA ASN E 558 8.43 24.57 42.69
C ASN E 558 7.34 23.58 43.04
N TRP E 559 7.67 22.70 43.98
CA TRP E 559 6.74 21.72 44.51
C TRP E 559 6.33 22.18 45.89
N GLU E 560 5.08 22.53 46.07
CA GLU E 560 4.58 22.99 47.36
C GLU E 560 3.85 21.84 48.03
N LEU E 561 4.42 21.33 49.10
CA LEU E 561 3.93 20.14 49.76
C LEU E 561 3.48 20.44 51.18
N SER E 562 2.50 19.65 51.62
CA SER E 562 2.07 19.61 53.00
C SER E 562 2.40 18.23 53.53
N VAL E 563 3.35 18.17 54.46
CA VAL E 563 3.93 16.91 54.87
C VAL E 563 3.50 16.63 56.29
N LYS E 564 2.66 15.63 56.48
CA LYS E 564 2.12 15.29 57.78
C LYS E 564 2.96 14.15 58.34
N LEU E 565 3.43 14.32 59.57
CA LEU E 565 4.16 13.29 60.31
C LEU E 565 3.15 12.76 61.31
N HIS E 566 3.63 12.50 62.53
CA HIS E 566 2.82 11.94 63.58
C HIS E 566 1.60 12.80 63.80
N ASP E 567 1.80 13.91 64.48
CA ASP E 567 0.63 14.75 64.74
C ASP E 567 0.86 16.19 64.30
N LYS E 568 1.86 16.44 63.47
CA LYS E 568 2.18 17.80 63.05
C LYS E 568 2.13 17.85 61.53
N VAL E 569 1.76 18.99 60.99
CA VAL E 569 1.80 19.22 59.55
C VAL E 569 2.81 20.30 59.25
N HIS E 570 3.80 19.97 58.43
CA HIS E 570 4.89 20.88 58.12
C HIS E 570 4.74 21.42 56.71
N THR E 571 5.22 22.63 56.51
CA THR E 571 5.18 23.31 55.21
C THR E 571 6.54 23.17 54.55
N VAL E 572 6.58 22.51 53.40
CA VAL E 572 7.82 22.19 52.71
C VAL E 572 7.67 22.64 51.26
N VAL E 573 8.67 23.37 50.77
CA VAL E 573 8.72 23.77 49.36
C VAL E 573 10.05 23.29 48.80
N ALA E 574 9.99 22.54 47.71
CA ALA E 574 11.17 21.96 47.09
C ALA E 574 11.29 22.43 45.66
N SER E 575 12.53 22.51 45.18
CA SER E 575 12.81 22.73 43.77
C SER E 575 13.97 21.85 43.36
N ASN E 576 13.97 21.45 42.10
CA ASN E 576 14.99 20.58 41.54
C ASN E 576 16.06 21.41 40.83
N ASN E 577 17.32 21.10 41.11
CA ASN E 577 18.45 21.68 40.38
C ASN E 577 19.34 20.58 39.81
N GLY E 578 18.72 19.55 39.26
CA GLY E 578 19.47 18.43 38.75
C GLY E 578 19.48 17.31 39.76
N SER E 579 20.66 16.94 40.22
CA SER E 579 20.81 15.84 41.16
C SER E 579 20.52 16.27 42.59
N VAL E 580 20.38 17.54 42.84
CA VAL E 580 20.18 18.05 44.19
C VAL E 580 18.85 18.78 44.28
N PHE E 581 18.10 18.50 45.33
CA PHE E 581 16.85 19.19 45.59
C PHE E 581 17.11 20.20 46.68
N SER E 582 16.69 21.44 46.44
CA SER E 582 16.76 22.49 47.44
C SER E 582 15.41 22.52 48.14
N VAL E 583 15.40 22.21 49.43
CA VAL E 583 14.16 22.01 50.15
C VAL E 583 14.15 22.99 51.30
N GLU E 584 13.06 23.73 51.44
CA GLU E 584 12.86 24.62 52.57
C GLU E 584 11.86 23.95 53.48
N VAL E 585 12.28 23.61 54.69
CA VAL E 585 11.41 22.96 55.65
C VAL E 585 11.15 23.93 56.80
N ASP E 586 9.94 24.51 56.79
CA ASP E 586 9.50 25.55 57.72
C ASP E 586 10.53 26.67 57.90
N GLY E 587 11.13 27.09 56.80
CA GLY E 587 12.12 28.15 56.85
C GLY E 587 13.56 27.70 56.87
N SER E 588 13.83 26.42 57.14
CA SER E 588 15.18 25.90 57.17
C SER E 588 15.56 25.41 55.78
N LYS E 589 16.75 25.79 55.32
CA LYS E 589 17.23 25.40 54.00
C LYS E 589 18.10 24.17 54.09
N LEU E 590 17.72 23.14 53.34
CA LEU E 590 18.47 21.89 53.25
C LEU E 590 18.73 21.59 51.78
N ASN E 591 19.86 20.96 51.50
CA ASN E 591 20.19 20.53 50.14
C ASN E 591 20.42 19.02 50.15
N VAL E 592 19.56 18.30 49.45
CA VAL E 592 19.62 16.84 49.43
C VAL E 592 20.17 16.40 48.08
N THR E 593 21.36 15.82 48.09
CA THR E 593 22.03 15.41 46.87
C THR E 593 22.07 13.90 46.83
N SER E 594 21.76 13.33 45.67
CA SER E 594 21.82 11.89 45.50
C SER E 594 21.85 11.58 44.02
N THR E 595 22.03 10.30 43.70
CA THR E 595 21.82 9.81 42.36
C THR E 595 20.37 9.41 42.09
N TRP E 596 19.58 9.23 43.15
CA TRP E 596 18.15 8.95 43.09
C TRP E 596 17.83 7.77 42.19
N ASN E 597 18.52 6.66 42.42
CA ASN E 597 18.15 5.39 41.81
C ASN E 597 16.99 4.82 42.59
N LEU E 598 15.81 4.85 41.99
CA LEU E 598 14.55 4.61 42.70
C LEU E 598 14.20 3.14 42.82
N ALA E 599 15.00 2.23 42.27
CA ALA E 599 14.70 0.81 42.35
C ALA E 599 15.47 0.12 43.45
N SER E 600 16.59 0.68 43.89
CA SER E 600 17.46 0.01 44.84
C SER E 600 16.80 -0.01 46.22
N PRO E 601 16.97 -1.10 46.97
CA PRO E 601 16.46 -1.10 48.35
C PRO E 601 17.20 -0.15 49.27
N LEU E 602 18.40 0.28 48.90
CA LEU E 602 19.18 1.17 49.74
C LEU E 602 19.41 2.47 48.99
N LEU E 603 18.87 3.57 49.49
CA LEU E 603 19.06 4.85 48.84
C LEU E 603 20.01 5.69 49.67
N SER E 604 21.12 6.07 49.07
CA SER E 604 22.15 6.86 49.73
C SER E 604 21.95 8.32 49.36
N VAL E 605 21.82 9.17 50.37
CA VAL E 605 21.60 10.59 50.17
C VAL E 605 22.59 11.35 51.02
N SER E 606 22.86 12.60 50.62
CA SER E 606 23.71 13.51 51.38
C SER E 606 22.89 14.76 51.63
N VAL E 607 22.67 15.07 52.89
CA VAL E 607 21.85 16.20 53.28
C VAL E 607 22.72 17.21 54.04
N ASP E 608 23.04 18.31 53.34
CA ASP E 608 23.93 19.38 53.83
C ASP E 608 25.27 18.84 54.32
N GLY E 609 25.81 17.87 53.60
CA GLY E 609 27.10 17.32 53.94
C GLY E 609 27.00 16.11 54.86
N THR E 610 25.81 15.85 55.38
CA THR E 610 25.59 14.72 56.28
C THR E 610 25.19 13.51 55.46
N GLN E 611 25.93 12.42 55.62
CA GLN E 611 25.67 11.21 54.84
C GLN E 611 24.64 10.35 55.54
N ARG E 612 23.55 10.05 54.84
CA ARG E 612 22.48 9.23 55.37
C ARG E 612 22.19 8.09 54.41
N THR E 613 21.75 6.97 54.98
CA THR E 613 21.18 5.86 54.22
C THR E 613 19.74 5.67 54.68
N VAL E 614 18.81 5.61 53.74
CA VAL E 614 17.40 5.44 54.05
C VAL E 614 16.86 4.31 53.20
N GLN E 615 15.73 3.76 53.63
CA GLN E 615 15.03 2.74 52.86
C GLN E 615 13.59 3.17 52.68
N CYS E 616 13.07 3.10 51.47
CA CYS E 616 11.65 3.33 51.23
C CYS E 616 10.95 1.98 51.15
N LEU E 617 10.04 1.73 52.08
CA LEU E 617 9.51 0.38 52.21
C LEU E 617 8.23 0.20 51.43
N SER E 618 7.43 1.27 51.33
CA SER E 618 6.16 1.25 50.64
C SER E 618 5.81 2.65 50.18
N ARG E 619 4.99 2.73 49.14
CA ARG E 619 4.50 4.00 48.64
C ARG E 619 3.06 3.83 48.23
N GLU E 620 2.25 4.86 48.46
CA GLU E 620 0.89 4.86 47.95
C GLU E 620 0.65 6.11 47.14
N ALA E 621 -0.29 5.99 46.21
CA ALA E 621 -0.69 7.14 45.41
C ALA E 621 -1.27 8.26 46.25
N GLY E 622 -1.83 7.95 47.42
CA GLY E 622 -2.48 8.94 48.25
C GLY E 622 -1.52 9.79 49.06
N GLY E 623 -0.21 9.59 48.87
CA GLY E 623 0.82 10.36 49.52
C GLY E 623 1.48 9.65 50.67
N ASN E 624 0.93 8.51 51.11
CA ASN E 624 1.51 7.75 52.19
C ASN E 624 2.83 7.14 51.77
N MET E 625 3.86 7.33 52.58
CA MET E 625 5.13 6.69 52.32
C MET E 625 5.62 6.10 53.63
N SER E 626 6.24 4.93 53.57
CA SER E 626 6.90 4.35 54.73
C SER E 626 8.40 4.39 54.51
N ILE E 627 9.10 5.17 55.33
CA ILE E 627 10.52 5.41 55.15
C ILE E 627 11.22 5.01 56.42
N GLN E 628 12.28 4.22 56.30
CA GLN E 628 13.04 3.84 57.47
C GLN E 628 14.22 4.78 57.55
N PHE E 629 14.32 5.46 58.69
CA PHE E 629 15.31 6.50 58.96
C PHE E 629 15.90 6.18 60.32
N LEU E 630 17.22 5.95 60.33
CA LEU E 630 17.98 5.55 61.52
C LEU E 630 17.41 4.31 62.19
N GLY E 631 16.95 3.36 61.38
CA GLY E 631 16.42 2.13 61.91
C GLY E 631 14.94 2.15 62.22
N THR E 632 14.31 3.30 62.33
CA THR E 632 12.92 3.36 62.74
C THR E 632 12.04 3.70 61.54
N VAL E 633 10.94 3.03 61.41
CA VAL E 633 10.05 3.30 60.30
C VAL E 633 9.09 4.42 60.68
N TYR E 634 9.09 5.47 59.87
CA TYR E 634 8.23 6.62 60.09
C TYR E 634 7.19 6.64 58.99
N LYS E 635 5.98 7.02 59.34
CA LYS E 635 4.89 7.12 58.39
C LYS E 635 4.69 8.59 58.03
N VAL E 636 4.80 8.90 56.75
CA VAL E 636 4.60 10.27 56.34
C VAL E 636 3.59 10.32 55.20
N ASN E 637 2.70 11.30 55.27
CA ASN E 637 1.67 11.48 54.24
C ASN E 637 1.98 12.79 53.56
N ILE E 638 2.39 12.73 52.29
CA ILE E 638 2.77 13.90 51.54
C ILE E 638 1.68 14.21 50.53
N LEU E 639 1.03 15.34 50.71
CA LEU E 639 0.03 15.80 49.77
C LEU E 639 0.54 17.07 49.12
N THR E 640 0.04 17.34 47.92
CA THR E 640 0.33 18.63 47.32
C THR E 640 -0.51 19.69 48.03
N ARG E 641 -0.08 20.94 47.88
CA ARG E 641 -0.83 22.03 48.51
C ARG E 641 -2.32 21.93 48.22
N LEU E 642 -2.69 21.68 46.96
CA LEU E 642 -4.09 21.67 46.57
C LEU E 642 -4.82 20.50 47.21
N ALA E 643 -4.23 19.31 47.17
CA ALA E 643 -4.86 18.14 47.78
C ALA E 643 -5.04 18.32 49.27
N ALA E 644 -4.05 18.89 49.95
CA ALA E 644 -4.16 19.11 51.39
C ALA E 644 -5.23 20.15 51.71
N GLU E 645 -5.33 21.21 50.91
CA GLU E 645 -6.35 22.20 51.22
C GLU E 645 -7.77 21.66 51.03
N LEU E 646 -8.01 20.83 50.02
CA LEU E 646 -9.34 20.28 49.79
C LEU E 646 -9.63 19.08 50.67
N ASN E 647 -8.61 18.32 51.08
CA ASN E 647 -8.83 17.13 51.88
C ASN E 647 -9.52 17.42 53.20
N LYS E 648 -9.50 18.67 53.66
CA LYS E 648 -10.16 19.02 54.92
C LYS E 648 -11.67 18.87 54.84
N PHE E 649 -12.21 18.74 53.62
CA PHE E 649 -13.65 18.63 53.47
C PHE E 649 -14.13 17.19 53.53
N MET E 650 -13.22 16.24 53.73
CA MET E 650 -13.59 14.84 53.76
C MET E 650 -14.09 14.48 55.14
N LEU E 651 -15.06 13.58 55.21
CA LEU E 651 -15.61 13.18 56.50
C LEU E 651 -14.68 12.17 57.14
N GLU E 652 -14.40 12.37 58.42
CA GLU E 652 -13.48 11.52 59.15
C GLU E 652 -14.25 10.30 59.66
N LYS E 653 -14.61 9.42 58.74
CA LYS E 653 -15.29 8.20 59.14
C LYS E 653 -14.27 7.21 59.70
N VAL E 654 -14.65 6.56 60.79
CA VAL E 654 -13.81 5.55 61.41
C VAL E 654 -14.52 4.21 61.50
N THR E 655 -13.85 3.15 61.04
CA THR E 655 -14.39 1.81 61.07
C THR E 655 -13.81 1.02 62.25
N GLU E 656 -14.40 -0.13 62.55
CA GLU E 656 -13.93 -0.95 63.67
C GLU E 656 -12.86 -1.95 63.25
N ASP E 657 -11.83 -2.11 64.08
CA ASP E 657 -10.79 -3.10 63.86
C ASP E 657 -11.24 -4.38 64.55
N THR E 658 -11.57 -5.40 63.76
CA THR E 658 -12.15 -6.63 64.29
C THR E 658 -11.16 -7.75 64.00
N SER E 659 -9.90 -7.49 64.32
CA SER E 659 -8.84 -8.44 64.07
C SER E 659 -8.82 -9.57 65.06
N SER E 660 -9.63 -9.50 66.12
CA SER E 660 -9.74 -10.59 67.07
C SER E 660 -10.75 -11.64 66.63
N VAL E 661 -11.52 -11.39 65.58
CA VAL E 661 -12.60 -12.28 65.17
C VAL E 661 -12.17 -13.04 63.92
N LEU E 662 -11.81 -14.31 64.08
CA LEU E 662 -11.22 -15.12 63.02
C LEU E 662 -12.30 -16.02 62.44
N ARG E 663 -12.65 -15.79 61.18
CA ARG E 663 -13.75 -16.50 60.53
C ARG E 663 -13.20 -17.34 59.39
N SER E 664 -13.96 -18.35 59.00
CA SER E 664 -13.56 -19.26 57.93
C SER E 664 -13.62 -18.54 56.59
N PRO E 665 -12.53 -18.50 55.83
CA PRO E 665 -12.57 -17.86 54.52
C PRO E 665 -13.12 -18.74 53.42
N MET E 666 -13.40 -20.00 53.74
CA MET E 666 -13.69 -21.02 52.73
C MET E 666 -14.40 -22.18 53.40
N PRO E 667 -15.49 -22.66 52.80
CA PRO E 667 -16.21 -23.80 53.37
C PRO E 667 -15.39 -25.08 53.28
N GLY E 668 -15.65 -25.98 54.23
CA GLY E 668 -14.97 -27.26 54.29
C GLY E 668 -14.91 -27.83 55.68
N VAL E 669 -14.12 -28.89 55.87
CA VAL E 669 -14.01 -29.55 57.16
C VAL E 669 -12.74 -29.10 57.87
N VAL E 670 -12.88 -28.81 59.16
CA VAL E 670 -11.76 -28.42 60.03
C VAL E 670 -10.95 -29.66 60.38
N VAL E 671 -9.66 -29.66 60.02
CA VAL E 671 -8.80 -30.80 60.21
C VAL E 671 -7.77 -30.57 61.32
N ALA E 672 -7.47 -29.31 61.65
CA ALA E 672 -6.55 -29.02 62.75
C ALA E 672 -6.90 -27.69 63.39
N VAL E 673 -6.74 -27.61 64.71
CA VAL E 673 -6.74 -26.34 65.43
C VAL E 673 -5.50 -26.33 66.31
N SER E 674 -4.67 -25.30 66.15
CA SER E 674 -3.36 -25.29 66.79
C SER E 674 -3.45 -24.83 68.24
N VAL E 675 -4.63 -24.33 68.57
CA VAL E 675 -4.92 -23.70 69.84
C VAL E 675 -6.15 -24.21 70.59
N LYS E 676 -6.08 -23.85 71.87
CA LYS E 676 -7.07 -23.87 72.94
C LYS E 676 -7.07 -22.51 73.66
N PRO E 677 -8.15 -22.15 74.37
CA PRO E 677 -8.14 -20.88 75.12
C PRO E 677 -6.94 -20.72 76.04
N GLY E 678 -6.31 -19.56 76.01
CA GLY E 678 -5.14 -19.29 76.81
C GLY E 678 -3.84 -19.44 76.04
N ASP E 679 -3.88 -20.10 74.88
CA ASP E 679 -2.68 -20.27 74.08
C ASP E 679 -2.23 -18.92 73.54
N ALA E 680 -0.91 -18.74 73.48
CA ALA E 680 -0.34 -17.54 72.90
C ALA E 680 -0.51 -17.55 71.38
N VAL E 681 -0.73 -16.38 70.81
CA VAL E 681 -0.88 -16.23 69.37
C VAL E 681 0.05 -15.09 68.92
N ALA E 682 0.85 -15.37 67.90
CA ALA E 682 1.64 -14.37 67.22
C ALA E 682 0.95 -13.94 65.93
N GLU E 683 1.29 -12.74 65.46
CA GLU E 683 0.83 -12.27 64.16
C GLU E 683 1.36 -13.17 63.06
N GLY E 684 0.47 -13.64 62.20
CA GLY E 684 0.81 -14.57 61.16
C GLY E 684 0.83 -16.01 61.59
N GLN E 685 0.48 -16.28 62.84
CA GLN E 685 0.49 -17.63 63.39
C GLN E 685 -0.69 -18.42 62.83
N GLU E 686 -0.42 -19.65 62.40
CA GLU E 686 -1.49 -20.53 61.98
C GLU E 686 -2.37 -20.90 63.15
N ILE E 687 -3.68 -20.79 62.96
CA ILE E 687 -4.65 -21.09 64.01
C ILE E 687 -5.43 -22.32 63.62
N CYS E 688 -6.06 -22.28 62.44
CA CYS E 688 -6.93 -23.35 61.99
C CYS E 688 -6.55 -23.75 60.57
N VAL E 689 -6.79 -25.02 60.25
CA VAL E 689 -6.67 -25.52 58.89
C VAL E 689 -7.99 -26.15 58.46
N ILE E 690 -8.52 -25.68 57.33
CA ILE E 690 -9.78 -26.19 56.79
C ILE E 690 -9.49 -26.79 55.43
N GLU E 691 -9.88 -28.05 55.23
CA GLU E 691 -9.60 -28.70 53.96
C GLU E 691 -10.81 -29.08 53.11
N ALA E 692 -10.77 -28.63 51.86
CA ALA E 692 -11.78 -28.93 50.85
C ALA E 692 -11.13 -28.74 49.49
N MET E 693 -11.79 -29.25 48.44
CA MET E 693 -11.28 -29.11 47.08
C MET E 693 -9.81 -29.51 47.04
N LYS E 694 -9.52 -30.68 47.60
CA LYS E 694 -8.15 -31.21 47.64
C LYS E 694 -7.14 -30.13 47.96
N MET E 695 -7.46 -29.25 48.91
CA MET E 695 -6.55 -28.18 49.29
C MET E 695 -6.77 -27.84 50.75
N GLN E 696 -5.67 -27.56 51.45
CA GLN E 696 -5.74 -27.16 52.85
C GLN E 696 -5.55 -25.65 52.91
N ASN E 697 -6.59 -24.95 53.35
CA ASN E 697 -6.57 -23.50 53.49
C ASN E 697 -6.20 -23.12 54.92
N SER E 698 -5.00 -22.58 55.10
CA SER E 698 -4.54 -22.25 56.43
C SER E 698 -5.03 -20.85 56.83
N MET E 699 -5.68 -20.76 57.97
CA MET E 699 -6.15 -19.49 58.51
C MET E 699 -5.21 -19.04 59.62
N THR E 700 -4.70 -17.82 59.48
CA THR E 700 -3.74 -17.27 60.43
C THR E 700 -4.36 -16.11 61.21
N ALA E 701 -3.76 -15.80 62.36
CA ALA E 701 -4.19 -14.69 63.20
C ALA E 701 -3.65 -13.36 62.68
N GLY E 702 -4.44 -12.32 62.81
CA GLY E 702 -3.96 -10.97 62.57
C GLY E 702 -3.67 -10.16 63.81
N LYS E 703 -3.66 -10.81 64.97
CA LYS E 703 -3.52 -10.08 66.23
C LYS E 703 -2.65 -10.90 67.16
N THR E 704 -1.77 -10.20 67.91
CA THR E 704 -0.96 -10.85 68.93
C THR E 704 -1.77 -10.85 70.22
N GLY E 705 -1.70 -11.93 70.97
CA GLY E 705 -2.43 -12.05 72.21
C GLY E 705 -2.55 -13.49 72.61
N THR E 706 -3.66 -13.82 73.25
CA THR E 706 -3.99 -15.19 73.63
C THR E 706 -5.39 -15.50 73.10
N VAL E 707 -5.71 -16.78 73.00
CA VAL E 707 -7.02 -17.16 72.52
C VAL E 707 -8.05 -17.05 73.64
N LYS E 708 -9.21 -16.46 73.33
CA LYS E 708 -10.28 -16.37 74.30
C LYS E 708 -11.23 -17.56 74.21
N SER E 709 -11.56 -17.95 72.98
CA SER E 709 -12.46 -19.08 72.78
C SER E 709 -12.18 -19.73 71.44
N VAL E 710 -12.29 -21.05 71.40
CA VAL E 710 -12.21 -21.82 70.17
C VAL E 710 -13.62 -22.31 69.88
N HIS E 711 -14.20 -21.82 68.79
CA HIS E 711 -15.61 -22.06 68.49
C HIS E 711 -15.85 -23.28 67.63
N CYS E 712 -14.90 -23.62 66.75
CA CYS E 712 -15.02 -24.81 65.91
C CYS E 712 -13.84 -25.73 66.16
N GLN E 713 -14.13 -27.02 66.30
CA GLN E 713 -13.11 -28.02 66.61
C GLN E 713 -12.81 -28.87 65.37
N ALA E 714 -11.68 -29.57 65.40
CA ALA E 714 -11.33 -30.51 64.33
C ALA E 714 -12.42 -31.57 64.21
N GLY E 715 -12.86 -31.84 62.98
CA GLY E 715 -13.93 -32.78 62.77
C GLY E 715 -15.26 -32.11 62.48
N ASP E 716 -15.35 -30.83 62.81
CA ASP E 716 -16.55 -30.05 62.56
C ASP E 716 -16.55 -29.60 61.11
N THR E 717 -17.74 -29.38 60.54
CA THR E 717 -17.85 -28.82 59.20
C THR E 717 -18.32 -27.37 59.26
N VAL E 718 -17.64 -26.48 58.53
CA VAL E 718 -17.94 -25.06 58.64
C VAL E 718 -18.19 -24.51 57.24
N GLY E 719 -18.94 -23.41 57.16
CA GLY E 719 -19.17 -22.70 55.92
C GLY E 719 -18.39 -21.40 55.85
N GLU E 720 -18.66 -20.66 54.78
CA GLU E 720 -17.99 -19.38 54.59
C GLU E 720 -18.55 -18.35 55.56
N GLY E 721 -17.63 -17.69 56.28
CA GLY E 721 -18.01 -16.70 57.26
C GLY E 721 -18.25 -17.20 58.66
N ASP E 722 -18.26 -18.51 58.90
CA ASP E 722 -18.46 -19.04 60.23
C ASP E 722 -17.28 -18.72 61.13
N LEU E 723 -17.59 -18.48 62.40
CA LEU E 723 -16.57 -18.12 63.38
C LEU E 723 -15.81 -19.36 63.82
N LEU E 724 -14.48 -19.30 63.71
CA LEU E 724 -13.62 -20.40 64.12
C LEU E 724 -13.00 -20.18 65.48
N VAL E 725 -12.35 -19.05 65.69
CA VAL E 725 -11.64 -18.76 66.93
C VAL E 725 -11.79 -17.29 67.26
N GLU E 726 -11.88 -16.96 68.55
CA GLU E 726 -11.99 -15.58 68.99
C GLU E 726 -10.84 -15.26 69.94
N LEU E 727 -10.11 -14.20 69.62
CA LEU E 727 -8.94 -13.80 70.37
C LEU E 727 -9.34 -12.76 71.41
N GLU E 728 -8.47 -12.62 72.42
CA GLU E 728 -8.59 -11.53 73.38
C GLU E 728 -8.06 -10.24 72.80
N THR F 33 -25.20 48.61 30.52
CA THR F 33 -24.37 47.44 30.71
C THR F 33 -23.65 47.05 29.43
N SER F 34 -22.31 47.00 29.50
CA SER F 34 -21.53 46.64 28.33
C SER F 34 -21.52 45.12 28.17
N VAL F 35 -21.10 44.67 26.99
CA VAL F 35 -20.99 43.24 26.75
C VAL F 35 -19.94 42.59 27.65
N ASN F 36 -18.87 43.31 27.95
CA ASN F 36 -17.82 42.78 28.82
C ASN F 36 -18.31 42.55 30.23
N GLU F 37 -19.22 43.40 30.70
CA GLU F 37 -19.77 43.22 32.05
C GLU F 37 -20.64 41.97 32.10
N ARG F 38 -21.43 41.77 31.06
CA ARG F 38 -22.30 40.61 30.98
C ARG F 38 -21.48 39.32 30.92
N ILE F 39 -20.39 39.37 30.18
CA ILE F 39 -19.48 38.23 30.05
C ILE F 39 -18.85 37.88 31.38
N GLU F 40 -18.36 38.88 32.10
CA GLU F 40 -17.79 38.67 33.42
C GLU F 40 -18.81 38.10 34.40
N ASN F 41 -20.04 38.58 34.34
CA ASN F 41 -21.09 38.06 35.21
C ASN F 41 -21.42 36.61 34.92
N LYS F 42 -21.34 36.21 33.66
CA LYS F 42 -21.60 34.82 33.29
C LYS F 42 -20.45 33.91 33.73
N ARG F 43 -19.22 34.42 33.67
CA ARG F 43 -18.04 33.68 34.07
C ARG F 43 -18.14 33.37 35.57
N ARG F 44 -18.49 34.38 36.37
CA ARG F 44 -18.63 34.23 37.82
C ARG F 44 -19.72 33.23 38.17
N THR F 45 -20.86 33.29 37.48
CA THR F 45 -21.90 32.30 37.74
C THR F 45 -21.49 30.90 37.28
N ALA F 46 -20.84 30.77 36.13
CA ALA F 46 -20.42 29.45 35.68
C ALA F 46 -19.50 28.79 36.70
N LEU F 47 -18.65 29.57 37.34
CA LEU F 47 -17.77 29.01 38.36
C LEU F 47 -18.54 28.60 39.61
N LEU F 48 -19.52 29.40 40.01
CA LEU F 48 -20.33 28.98 41.15
C LEU F 48 -21.26 27.83 40.80
N GLY F 49 -21.67 27.73 39.56
CA GLY F 49 -22.56 26.63 39.16
C GLY F 49 -23.94 26.77 39.80
N GLY F 50 -24.26 25.84 40.68
CA GLY F 50 -25.52 25.86 41.40
C GLY F 50 -25.61 26.89 42.50
N GLY F 51 -24.54 27.61 42.80
CA GLY F 51 -24.57 28.62 43.82
C GLY F 51 -23.78 28.20 45.04
N GLN F 52 -23.35 29.20 45.81
CA GLN F 52 -22.48 29.00 46.96
C GLN F 52 -23.13 28.17 48.05
N ARG F 53 -24.44 28.29 48.23
CA ARG F 53 -25.12 27.54 49.28
C ARG F 53 -25.16 26.04 48.94
N ARG F 54 -25.30 25.75 47.65
CA ARG F 54 -25.27 24.38 47.18
C ARG F 54 -23.85 23.85 47.39
N ILE F 55 -22.86 24.65 47.00
CA ILE F 55 -21.46 24.27 47.18
C ILE F 55 -21.17 23.98 48.64
N ASP F 56 -21.66 24.84 49.53
CA ASP F 56 -21.52 24.59 50.96
C ASP F 56 -22.08 23.23 51.36
N ALA F 57 -23.28 22.90 50.88
CA ALA F 57 -23.84 21.58 51.17
C ALA F 57 -23.01 20.46 50.56
N GLN F 58 -22.45 20.68 49.36
CA GLN F 58 -21.60 19.72 48.70
C GLN F 58 -20.44 19.31 49.59
N HIS F 59 -19.82 20.30 50.25
CA HIS F 59 -18.73 20.02 51.17
C HIS F 59 -19.19 19.40 52.47
N LYS F 60 -20.36 19.80 52.96
CA LYS F 60 -20.90 19.23 54.19
C LYS F 60 -21.09 17.74 54.07
N ARG F 61 -21.51 17.29 52.90
CA ARG F 61 -21.69 15.87 52.69
C ARG F 61 -20.37 15.13 52.53
N GLY F 62 -19.27 15.88 52.35
CA GLY F 62 -17.98 15.24 52.16
C GLY F 62 -17.59 15.03 50.71
N LYS F 63 -18.11 15.85 49.80
CA LYS F 63 -17.86 15.73 48.38
C LYS F 63 -17.19 17.00 47.89
N LEU F 64 -16.39 16.86 46.84
CA LEU F 64 -15.77 17.99 46.16
C LEU F 64 -16.66 18.44 45.02
N THR F 65 -16.47 19.67 44.57
CA THR F 65 -17.27 20.04 43.43
C THR F 65 -16.64 19.49 42.15
N ALA F 66 -17.40 19.55 41.05
CA ALA F 66 -16.93 19.09 39.74
C ALA F 66 -15.68 19.80 39.28
N ARG F 67 -15.58 21.11 39.53
CA ARG F 67 -14.38 21.83 39.15
C ARG F 67 -13.21 21.53 40.08
N GLU F 68 -13.45 21.34 41.38
CA GLU F 68 -12.35 20.98 42.27
C GLU F 68 -11.79 19.62 41.92
N ARG F 69 -12.66 18.68 41.52
CA ARG F 69 -12.19 17.37 41.12
C ARG F 69 -11.30 17.46 39.88
N ILE F 70 -11.68 18.27 38.89
CA ILE F 70 -10.79 18.36 37.75
C ILE F 70 -9.44 18.96 38.11
N SER F 71 -9.42 20.02 38.93
CA SER F 71 -8.16 20.64 39.29
C SER F 71 -7.20 19.65 39.92
N LEU F 72 -7.72 18.73 40.73
CA LEU F 72 -6.90 17.68 41.31
C LEU F 72 -6.43 16.67 40.26
N LEU F 73 -7.28 16.34 39.31
CA LEU F 73 -6.96 15.25 38.39
C LEU F 73 -5.88 15.63 37.40
N LEU F 74 -5.96 16.82 36.82
CA LEU F 74 -5.11 17.19 35.71
C LEU F 74 -3.91 17.99 36.17
N ASP F 75 -2.88 17.98 35.35
CA ASP F 75 -1.70 18.81 35.58
C ASP F 75 -2.11 20.25 35.80
N PRO F 76 -1.55 20.92 36.81
CA PRO F 76 -1.94 22.30 37.09
C PRO F 76 -1.82 23.18 35.87
N GLY F 77 -2.90 23.90 35.57
CA GLY F 77 -2.88 24.89 34.51
C GLY F 77 -3.09 24.32 33.13
N SER F 78 -3.20 23.00 33.01
CA SER F 78 -3.35 22.35 31.72
C SER F 78 -4.78 22.29 31.21
N PHE F 79 -5.77 22.58 32.05
CA PHE F 79 -7.16 22.38 31.69
C PHE F 79 -7.70 23.58 30.91
N VAL F 80 -8.33 23.30 29.78
CA VAL F 80 -9.01 24.34 29.00
C VAL F 80 -10.48 23.96 28.89
N GLU F 81 -11.34 24.83 29.41
CA GLU F 81 -12.77 24.63 29.44
C GLU F 81 -13.40 25.03 28.11
N SER F 82 -14.34 24.22 27.65
CA SER F 82 -15.06 24.45 26.41
C SER F 82 -16.51 24.72 26.73
N ASP F 83 -17.17 25.52 25.88
CA ASP F 83 -18.61 25.76 25.90
C ASP F 83 -19.12 26.17 27.28
N MET F 84 -18.36 27.04 27.94
CA MET F 84 -18.75 27.43 29.29
C MET F 84 -20.01 28.28 29.30
N PHE F 85 -20.38 28.87 28.16
CA PHE F 85 -21.51 29.79 28.11
C PHE F 85 -22.76 29.17 27.53
N VAL F 86 -22.80 27.88 27.34
CA VAL F 86 -23.95 27.24 26.77
C VAL F 86 -25.03 27.04 27.83
N GLU F 87 -26.27 27.38 27.47
CA GLU F 87 -27.42 27.22 28.33
C GLU F 87 -28.49 26.43 27.61
N HIS F 88 -29.40 25.84 28.40
CA HIS F 88 -30.50 25.08 27.85
C HIS F 88 -31.45 25.98 27.06
N ARG F 89 -32.16 25.38 26.11
CA ARG F 89 -33.10 26.11 25.28
C ARG F 89 -34.55 25.74 25.59
N CYS F 90 -34.77 24.93 26.62
CA CYS F 90 -36.12 24.54 26.98
C CYS F 90 -36.83 25.68 27.69
N ALA F 91 -38.03 26.01 27.19
CA ALA F 91 -38.80 27.10 27.76
C ALA F 91 -40.03 26.63 28.51
N ASP F 92 -40.36 25.34 28.47
CA ASP F 92 -41.58 24.82 29.04
C ASP F 92 -41.39 24.57 30.53
N PHE F 93 -42.52 24.48 31.25
CA PHE F 93 -42.57 24.20 32.69
C PHE F 93 -41.76 25.18 33.51
N GLY F 94 -41.67 26.43 33.05
CA GLY F 94 -40.96 27.44 33.80
C GLY F 94 -39.46 27.45 33.58
N MET F 95 -38.97 26.61 32.69
CA MET F 95 -37.54 26.51 32.40
C MET F 95 -37.01 27.78 31.75
N ALA F 96 -37.91 28.67 31.32
CA ALA F 96 -37.52 29.94 30.74
C ALA F 96 -37.20 30.98 31.80
N ALA F 97 -37.41 30.64 33.07
CA ALA F 97 -37.18 31.59 34.14
C ALA F 97 -35.69 31.83 34.32
N ASP F 98 -35.36 33.06 34.71
CA ASP F 98 -33.97 33.41 34.91
C ASP F 98 -33.33 32.54 35.99
N LYS F 99 -34.11 32.10 36.98
CA LYS F 99 -33.61 31.29 38.09
C LYS F 99 -33.08 29.94 37.62
N ASN F 100 -33.43 29.50 36.42
CA ASN F 100 -33.03 28.20 35.91
C ASN F 100 -31.86 28.29 34.94
N LYS F 101 -31.40 29.49 34.61
CA LYS F 101 -30.39 29.70 33.57
C LYS F 101 -29.02 29.56 34.21
N PHE F 102 -28.53 28.32 34.28
CA PHE F 102 -27.22 28.04 34.84
C PHE F 102 -26.21 27.82 33.73
N PRO F 103 -25.28 28.75 33.49
CA PRO F 103 -24.29 28.53 32.45
C PRO F 103 -23.53 27.23 32.70
N GLY F 104 -23.32 26.48 31.65
CA GLY F 104 -22.63 25.21 31.77
C GLY F 104 -23.55 24.04 31.78
N ASP F 105 -24.82 24.27 32.14
CA ASP F 105 -25.90 23.28 32.12
C ASP F 105 -25.44 21.93 32.69
N SER F 106 -24.89 22.02 33.90
CA SER F 106 -24.60 20.90 34.80
C SER F 106 -23.45 20.01 34.38
N VAL F 107 -22.60 20.40 33.43
CA VAL F 107 -21.40 19.62 33.13
C VAL F 107 -20.25 20.60 32.92
N VAL F 108 -19.07 20.18 33.35
CA VAL F 108 -17.82 20.87 33.05
C VAL F 108 -17.07 20.01 32.05
N THR F 109 -16.77 20.56 30.88
CA THR F 109 -16.10 19.82 29.84
C THR F 109 -14.82 20.55 29.44
N GLY F 110 -13.84 19.80 28.98
CA GLY F 110 -12.63 20.43 28.47
C GLY F 110 -11.52 19.43 28.30
N ARG F 111 -10.33 19.95 28.04
CA ARG F 111 -9.19 19.08 27.78
C ARG F 111 -8.00 19.49 28.63
N GLY F 112 -7.10 18.54 28.84
CA GLY F 112 -5.87 18.84 29.54
C GLY F 112 -4.88 17.73 29.35
N ARG F 113 -3.94 17.65 30.29
CA ARG F 113 -2.87 16.67 30.27
C ARG F 113 -2.69 16.09 31.66
N ILE F 114 -2.27 14.83 31.72
CA ILE F 114 -1.80 14.21 32.94
C ILE F 114 -0.37 13.76 32.65
N ASN F 115 0.58 14.35 33.39
CA ASN F 115 2.02 14.14 33.22
C ASN F 115 2.48 14.42 31.79
N GLY F 116 1.94 15.46 31.18
CA GLY F 116 2.31 15.79 29.83
C GLY F 116 1.53 15.07 28.75
N ARG F 117 0.67 14.13 29.10
CA ARG F 117 -0.02 13.35 28.08
C ARG F 117 -1.45 13.84 27.93
N LEU F 118 -1.87 14.03 26.69
CA LEU F 118 -3.18 14.59 26.38
C LEU F 118 -4.29 13.67 26.84
N VAL F 119 -5.29 14.25 27.51
CA VAL F 119 -6.48 13.51 27.89
C VAL F 119 -7.66 14.47 27.87
N TYR F 120 -8.83 13.95 27.52
CA TYR F 120 -10.08 14.69 27.55
C TYR F 120 -10.86 14.28 28.79
N VAL F 121 -11.54 15.22 29.42
CA VAL F 121 -12.34 14.95 30.60
C VAL F 121 -13.69 15.62 30.50
N PHE F 122 -14.62 15.13 31.30
CA PHE F 122 -15.82 15.86 31.64
C PHE F 122 -16.25 15.45 33.03
N SER F 123 -16.96 16.33 33.70
CA SER F 123 -17.41 16.04 35.05
C SER F 123 -18.82 16.57 35.22
N GLN F 124 -19.71 15.76 35.76
CA GLN F 124 -21.08 16.17 35.99
C GLN F 124 -21.20 16.91 37.32
N ASP F 125 -21.96 18.00 37.31
CA ASP F 125 -22.10 18.88 38.46
C ASP F 125 -23.44 18.63 39.12
N PHE F 126 -23.42 18.02 40.31
CA PHE F 126 -24.65 17.64 41.00
C PHE F 126 -25.43 18.83 41.54
N THR F 127 -24.81 20.00 41.63
CA THR F 127 -25.48 21.12 42.30
C THR F 127 -26.42 21.86 41.35
N VAL F 128 -26.42 21.50 40.07
CA VAL F 128 -27.26 22.18 39.09
C VAL F 128 -28.31 21.20 38.58
N PHE F 129 -29.56 21.41 38.99
CA PHE F 129 -30.70 20.51 38.78
C PHE F 129 -30.42 19.08 39.21
N GLY F 130 -29.60 18.88 40.24
CA GLY F 130 -29.32 17.54 40.70
C GLY F 130 -28.39 16.74 39.81
N GLY F 131 -27.76 17.41 38.83
CA GLY F 131 -26.87 16.73 37.92
C GLY F 131 -27.62 15.99 36.83
N SER F 132 -28.91 16.28 36.69
CA SER F 132 -29.75 15.60 35.73
C SER F 132 -29.32 15.89 34.30
N LEU F 133 -29.63 14.99 33.38
CA LEU F 133 -29.16 15.10 32.00
C LEU F 133 -30.19 15.82 31.13
N SER F 134 -29.74 16.85 30.43
CA SER F 134 -30.58 17.55 29.48
C SER F 134 -30.10 17.25 28.06
N GLY F 135 -30.83 17.76 27.08
CA GLY F 135 -30.37 17.67 25.71
C GLY F 135 -29.01 18.30 25.55
N ALA F 136 -28.89 19.57 25.92
CA ALA F 136 -27.62 20.30 25.80
C ALA F 136 -26.52 19.65 26.63
N HIS F 137 -26.87 19.09 27.79
CA HIS F 137 -25.93 18.35 28.63
C HIS F 137 -25.22 17.27 27.83
N ALA F 138 -26.00 16.42 27.17
CA ALA F 138 -25.44 15.32 26.41
C ALA F 138 -24.63 15.82 25.23
N GLN F 139 -25.10 16.90 24.63
CA GLN F 139 -24.46 17.41 23.44
C GLN F 139 -23.02 17.77 23.73
N LYS F 140 -22.80 18.41 24.87
CA LYS F 140 -21.45 18.81 25.28
C LYS F 140 -20.57 17.61 25.54
N ILE F 141 -21.13 16.58 26.18
CA ILE F 141 -20.37 15.35 26.40
C ILE F 141 -20.04 14.70 25.07
N CYS F 142 -20.99 14.66 24.13
CA CYS F 142 -20.74 14.06 22.82
C CYS F 142 -19.64 14.77 22.05
N LYS F 143 -19.63 16.09 22.16
CA LYS F 143 -18.61 16.91 21.54
C LYS F 143 -17.24 16.43 22.03
N ILE F 144 -17.09 16.20 23.33
CA ILE F 144 -15.79 15.73 23.82
C ILE F 144 -15.47 14.35 23.28
N MET F 145 -16.48 13.49 23.22
CA MET F 145 -16.36 12.14 22.71
C MET F 145 -15.89 12.11 21.25
N ASP F 146 -16.33 13.08 20.46
CA ASP F 146 -15.94 13.18 19.06
C ASP F 146 -14.53 13.74 18.89
N GLN F 147 -14.12 14.71 19.70
CA GLN F 147 -12.78 15.22 19.52
C GLN F 147 -11.78 14.16 19.96
N ALA F 148 -12.06 13.47 21.05
CA ALA F 148 -11.13 12.46 21.52
C ALA F 148 -10.96 11.33 20.52
N ILE F 149 -12.05 10.90 19.88
CA ILE F 149 -11.92 9.82 18.92
C ILE F 149 -11.11 10.29 17.72
N THR F 150 -11.36 11.51 17.23
CA THR F 150 -10.65 12.01 16.07
C THR F 150 -9.15 12.12 16.31
N VAL F 151 -8.73 12.66 17.46
CA VAL F 151 -7.29 12.77 17.67
C VAL F 151 -6.67 11.51 18.23
N GLY F 152 -7.41 10.71 18.97
CA GLY F 152 -6.85 9.53 19.59
C GLY F 152 -6.31 9.76 20.98
N ALA F 153 -7.14 10.26 21.88
CA ALA F 153 -6.80 10.58 23.26
C ALA F 153 -7.84 9.93 24.16
N PRO F 154 -7.46 9.47 25.35
CA PRO F 154 -8.45 8.86 26.24
C PRO F 154 -9.45 9.89 26.72
N VAL F 155 -10.59 9.38 27.19
CA VAL F 155 -11.61 10.20 27.83
C VAL F 155 -11.82 9.64 29.23
N ILE F 156 -11.77 10.51 30.23
CA ILE F 156 -12.07 10.16 31.61
C ILE F 156 -13.30 10.94 32.02
N GLY F 157 -14.36 10.23 32.39
CA GLY F 157 -15.59 10.85 32.85
C GLY F 157 -15.69 10.74 34.37
N LEU F 158 -16.20 11.79 35.00
CA LEU F 158 -16.51 11.79 36.42
C LEU F 158 -18.02 11.90 36.53
N ASN F 159 -18.68 10.81 36.85
CA ASN F 159 -20.12 10.77 36.76
C ASN F 159 -20.78 10.94 38.12
N ASP F 160 -21.88 11.69 38.11
CA ASP F 160 -22.71 12.01 39.25
C ASP F 160 -24.00 12.63 38.73
N SER F 161 -25.10 11.90 38.80
CA SER F 161 -26.33 12.38 38.16
C SER F 161 -27.55 11.78 38.85
N GLY F 162 -28.67 12.50 38.77
CA GLY F 162 -29.88 12.04 39.40
C GLY F 162 -30.76 11.38 38.36
N GLY F 163 -30.25 11.31 37.14
CA GLY F 163 -30.98 10.74 36.04
C GLY F 163 -31.45 11.78 35.04
N ALA F 164 -32.45 11.41 34.25
CA ALA F 164 -32.95 12.27 33.19
C ALA F 164 -33.63 13.49 33.78
N ARG F 165 -33.55 14.61 33.06
CA ARG F 165 -34.23 15.84 33.43
C ARG F 165 -35.64 15.77 32.85
N ILE F 166 -36.62 15.50 33.71
CA ILE F 166 -37.99 15.26 33.27
C ILE F 166 -38.68 16.49 32.73
N GLN F 167 -38.15 17.67 33.00
CA GLN F 167 -38.79 18.87 32.49
C GLN F 167 -38.69 18.95 30.97
N GLU F 168 -37.65 18.35 30.39
CA GLU F 168 -37.51 18.36 28.94
C GLU F 168 -38.19 17.15 28.31
N GLY F 169 -38.34 16.08 29.05
CA GLY F 169 -39.08 14.92 28.57
C GLY F 169 -38.21 13.98 27.75
N VAL F 170 -38.46 13.95 26.44
CA VAL F 170 -37.83 12.98 25.55
C VAL F 170 -36.52 13.47 24.98
N GLU F 171 -36.20 14.74 25.19
CA GLU F 171 -34.96 15.31 24.72
C GLU F 171 -33.78 14.65 25.43
N SER F 172 -33.93 14.36 26.72
CA SER F 172 -32.86 13.74 27.49
C SER F 172 -32.68 12.28 27.10
N LEU F 173 -33.74 11.62 26.62
CA LEU F 173 -33.61 10.24 26.17
C LEU F 173 -32.77 10.15 24.91
N ALA F 174 -32.96 11.10 23.99
CA ALA F 174 -32.05 11.21 22.85
C ALA F 174 -30.62 11.51 23.29
N GLY F 175 -30.46 12.32 24.34
CA GLY F 175 -29.13 12.58 24.88
C GLY F 175 -28.39 11.31 25.24
N TYR F 176 -29.04 10.42 26.01
CA TYR F 176 -28.46 9.13 26.37
C TYR F 176 -28.10 8.28 25.16
N ALA F 177 -28.99 8.23 24.17
CA ALA F 177 -28.73 7.44 22.98
C ALA F 177 -27.50 7.93 22.25
N ASP F 178 -27.32 9.25 22.13
CA ASP F 178 -26.15 9.77 21.44
C ASP F 178 -24.86 9.47 22.20
N ILE F 179 -24.91 9.56 23.54
CA ILE F 179 -23.73 9.22 24.35
C ILE F 179 -23.39 7.75 24.20
N PHE F 180 -24.42 6.90 24.24
CA PHE F 180 -24.20 5.46 24.10
C PHE F 180 -23.56 5.12 22.76
N LEU F 181 -24.02 5.79 21.70
CA LEU F 181 -23.45 5.56 20.38
C LEU F 181 -21.97 5.94 20.34
N ARG F 182 -21.59 7.05 20.98
CA ARG F 182 -20.17 7.38 21.00
C ARG F 182 -19.36 6.40 21.83
N ASN F 183 -19.91 5.93 22.96
CA ASN F 183 -19.19 5.00 23.82
C ASN F 183 -18.95 3.68 23.15
N VAL F 184 -19.90 3.26 22.31
CA VAL F 184 -19.69 2.04 21.55
C VAL F 184 -18.69 2.28 20.43
N THR F 185 -18.83 3.39 19.71
CA THR F 185 -17.90 3.70 18.64
C THR F 185 -16.46 3.79 19.13
N ALA F 186 -16.25 4.38 20.31
CA ALA F 186 -14.89 4.54 20.82
C ALA F 186 -14.27 3.24 21.32
N SER F 187 -15.04 2.17 21.45
CA SER F 187 -14.51 0.93 22.04
C SER F 187 -13.40 0.36 21.18
N GLY F 188 -12.26 0.09 21.78
CA GLY F 188 -11.13 -0.44 21.07
C GLY F 188 -10.35 0.60 20.31
N VAL F 189 -10.73 1.87 20.43
CA VAL F 189 -10.08 2.97 19.74
C VAL F 189 -9.33 3.86 20.73
N ILE F 190 -10.01 4.29 21.78
CA ILE F 190 -9.39 5.07 22.84
C ILE F 190 -9.79 4.44 24.17
N PRO F 191 -8.97 4.48 25.21
CA PRO F 191 -9.42 3.98 26.51
C PRO F 191 -10.56 4.82 27.02
N GLN F 192 -11.52 4.20 27.67
CA GLN F 192 -12.61 4.92 28.31
C GLN F 192 -12.68 4.53 29.77
N ILE F 193 -12.47 5.51 30.65
CA ILE F 193 -12.45 5.32 32.08
C ILE F 193 -13.59 6.11 32.68
N SER F 194 -14.36 5.48 33.56
CA SER F 194 -15.45 6.17 34.22
C SER F 194 -15.32 6.02 35.72
N LEU F 195 -15.17 7.15 36.40
CA LEU F 195 -15.08 7.18 37.86
C LEU F 195 -16.39 7.75 38.39
N ILE F 196 -17.04 7.02 39.27
CA ILE F 196 -18.32 7.43 39.83
C ILE F 196 -18.04 8.16 41.13
N MET F 197 -18.57 9.37 41.25
CA MET F 197 -18.25 10.20 42.41
C MET F 197 -19.50 10.56 43.20
N GLY F 198 -20.59 9.85 42.95
CA GLY F 198 -21.85 10.13 43.63
C GLY F 198 -22.93 9.18 43.13
N PRO F 199 -24.18 9.49 43.42
CA PRO F 199 -25.25 8.59 42.96
C PRO F 199 -25.41 8.66 41.46
N CYS F 200 -26.01 7.62 40.88
CA CYS F 200 -26.25 7.54 39.45
C CYS F 200 -27.50 6.70 39.24
N ALA F 201 -28.47 7.25 38.54
CA ALA F 201 -29.77 6.61 38.41
C ALA F 201 -30.29 6.81 37.00
N GLY F 202 -31.25 5.96 36.63
CA GLY F 202 -31.78 6.00 35.29
C GLY F 202 -30.78 5.55 34.25
N GLY F 203 -30.95 6.08 33.05
CA GLY F 203 -30.12 5.71 31.91
C GLY F 203 -28.65 5.98 32.09
N ALA F 204 -28.30 6.92 33.00
CA ALA F 204 -26.90 7.28 33.20
C ALA F 204 -26.07 6.09 33.66
N VAL F 205 -26.71 5.14 34.36
CA VAL F 205 -26.05 3.99 34.97
C VAL F 205 -25.52 3.01 33.93
N TYR F 206 -25.91 3.19 32.67
CA TYR F 206 -25.39 2.32 31.63
C TYR F 206 -24.10 2.81 31.01
N SER F 207 -23.76 4.11 31.10
CA SER F 207 -22.46 4.45 30.49
C SER F 207 -21.27 3.69 31.08
N PRO F 208 -21.11 3.50 32.39
CA PRO F 208 -19.99 2.69 32.85
C PRO F 208 -19.99 1.26 32.35
N ALA F 209 -21.11 0.76 31.84
CA ALA F 209 -21.14 -0.57 31.28
C ALA F 209 -20.51 -0.61 29.90
N LEU F 210 -20.40 0.53 29.23
CA LEU F 210 -19.79 0.56 27.93
C LEU F 210 -18.32 0.96 27.97
N THR F 211 -17.89 1.68 29.01
CA THR F 211 -16.49 2.00 29.14
C THR F 211 -15.69 0.81 29.65
N ASP F 212 -14.37 0.98 29.64
CA ASP F 212 -13.44 -0.10 29.98
C ASP F 212 -13.23 -0.39 31.45
N PHE F 213 -13.20 0.65 32.27
CA PHE F 213 -13.05 0.45 33.70
C PHE F 213 -14.03 1.36 34.42
N THR F 214 -14.60 0.85 35.50
CA THR F 214 -15.49 1.62 36.35
C THR F 214 -14.92 1.66 37.75
N PHE F 215 -14.78 2.84 38.32
CA PHE F 215 -14.28 2.96 39.68
C PHE F 215 -15.29 3.71 40.51
N MET F 216 -15.28 3.49 41.83
CA MET F 216 -16.24 4.13 42.71
C MET F 216 -15.54 4.68 43.94
N VAL F 217 -16.30 5.43 44.73
CA VAL F 217 -15.84 5.99 45.99
C VAL F 217 -16.70 5.40 47.10
N LYS F 218 -16.04 4.81 48.09
CA LYS F 218 -16.75 4.08 49.14
C LYS F 218 -17.69 5.01 49.88
N ASP F 219 -18.92 4.54 50.08
CA ASP F 219 -19.97 5.19 50.88
C ASP F 219 -20.43 6.53 50.31
N THR F 220 -19.99 6.86 49.09
CA THR F 220 -20.38 8.12 48.46
C THR F 220 -21.07 7.87 47.13
N SER F 221 -20.62 6.89 46.37
CA SER F 221 -21.10 6.65 45.02
C SER F 221 -22.06 5.47 45.02
N TYR F 222 -23.02 5.51 44.10
CA TYR F 222 -24.01 4.45 43.95
C TYR F 222 -24.20 4.16 42.47
N LEU F 223 -24.57 2.92 42.16
CA LEU F 223 -25.00 2.57 40.82
C LEU F 223 -26.26 1.72 40.90
N PHE F 224 -27.35 2.27 40.37
CA PHE F 224 -28.63 1.58 40.32
C PHE F 224 -29.48 2.16 39.19
N ILE F 225 -30.50 1.42 38.75
CA ILE F 225 -31.43 1.96 37.76
C ILE F 225 -32.59 2.66 38.47
N THR F 226 -33.21 1.97 39.41
CA THR F 226 -34.27 2.51 40.23
C THR F 226 -33.86 2.48 41.70
N GLY F 227 -34.41 3.41 42.48
CA GLY F 227 -34.07 3.53 43.87
C GLY F 227 -34.87 2.57 44.74
N PRO F 228 -34.53 2.54 46.04
CA PRO F 228 -35.25 1.68 46.97
C PRO F 228 -36.76 1.94 47.00
N ASP F 229 -37.16 3.17 46.65
CA ASP F 229 -38.57 3.55 46.65
C ASP F 229 -39.37 2.69 45.66
N VAL F 230 -38.76 2.37 44.52
CA VAL F 230 -39.42 1.54 43.53
C VAL F 230 -39.41 0.08 43.97
N VAL F 231 -38.27 -0.39 44.51
CA VAL F 231 -38.23 -1.78 44.94
C VAL F 231 -39.33 -2.05 45.97
N LYS F 232 -39.51 -1.15 46.95
CA LYS F 232 -40.53 -1.35 47.96
C LYS F 232 -41.93 -1.28 47.37
N SER F 233 -42.13 -0.44 46.36
CA SER F 233 -43.46 -0.26 45.79
C SER F 233 -43.84 -1.43 44.88
N VAL F 234 -42.85 -2.04 44.25
CA VAL F 234 -43.14 -3.09 43.27
C VAL F 234 -43.22 -4.45 43.93
N THR F 235 -42.28 -4.76 44.81
CA THR F 235 -42.18 -6.07 45.43
C THR F 235 -42.01 -5.91 46.94
N ASN F 236 -42.38 -6.94 47.69
CA ASN F 236 -42.32 -6.86 49.15
C ASN F 236 -40.93 -7.20 49.68
N GLU F 237 -39.97 -6.32 49.37
CA GLU F 237 -38.58 -6.49 49.77
C GLU F 237 -38.11 -5.21 50.43
N ASP F 238 -37.39 -5.32 51.54
CA ASP F 238 -36.82 -4.16 52.23
C ASP F 238 -35.34 -3.91 52.00
N VAL F 239 -35.01 -2.79 51.37
CA VAL F 239 -33.61 -2.44 51.05
C VAL F 239 -33.31 -0.95 51.19
N THR F 240 -32.09 -0.64 51.63
CA THR F 240 -31.60 0.74 51.70
C THR F 240 -30.67 1.11 50.56
N GLN F 241 -30.22 2.38 50.55
CA GLN F 241 -29.52 2.90 49.39
C GLN F 241 -28.19 2.20 49.17
N GLU F 242 -27.50 1.92 50.27
CA GLU F 242 -26.18 1.29 50.21
C GLU F 242 -26.30 -0.17 49.80
N GLU F 243 -27.32 -0.86 50.31
CA GLU F 243 -27.52 -2.27 50.00
C GLU F 243 -27.92 -2.47 48.55
N LEU F 244 -28.68 -1.54 47.99
CA LEU F 244 -29.21 -1.69 46.64
C LEU F 244 -28.12 -1.43 45.61
N GLY F 245 -27.37 -0.35 45.78
CA GLY F 245 -26.40 0.01 44.77
C GLY F 245 -25.13 0.66 45.29
N GLY F 246 -24.73 0.36 46.52
CA GLY F 246 -23.54 0.94 47.09
C GLY F 246 -22.26 0.40 46.49
N ALA F 247 -21.18 1.15 46.71
CA ALA F 247 -19.86 0.78 46.20
C ALA F 247 -19.38 -0.56 46.71
N LYS F 248 -19.69 -0.92 47.95
CA LYS F 248 -19.24 -2.18 48.51
C LYS F 248 -19.89 -3.37 47.81
N THR F 249 -21.17 -3.20 47.43
CA THR F 249 -21.89 -4.26 46.72
C THR F 249 -21.28 -4.55 45.36
N HIS F 250 -20.99 -3.49 44.62
CA HIS F 250 -20.53 -3.62 43.24
C HIS F 250 -19.05 -4.02 43.12
N THR F 251 -18.25 -3.69 44.12
CA THR F 251 -16.88 -4.17 44.15
C THR F 251 -16.71 -5.53 44.83
N THR F 252 -17.68 -5.97 45.64
CA THR F 252 -17.48 -7.26 46.28
C THR F 252 -18.36 -8.37 45.71
N MET F 253 -19.58 -8.05 45.33
CA MET F 253 -20.50 -9.11 44.92
C MET F 253 -21.02 -9.17 43.49
N SER F 254 -21.36 -8.04 42.89
CA SER F 254 -21.95 -8.08 41.56
C SER F 254 -20.90 -8.09 40.46
N GLY F 255 -19.68 -7.66 40.79
CA GLY F 255 -18.65 -7.62 39.78
C GLY F 255 -18.81 -6.50 38.78
N VAL F 256 -19.36 -5.38 39.19
CA VAL F 256 -19.61 -4.29 38.25
C VAL F 256 -18.51 -3.24 38.35
N ALA F 257 -18.09 -2.92 39.56
CA ALA F 257 -17.08 -1.89 39.75
C ALA F 257 -15.71 -2.52 39.99
N HIS F 258 -14.71 -1.97 39.31
CA HIS F 258 -13.37 -2.54 39.34
C HIS F 258 -12.60 -2.24 40.61
N ARG F 259 -12.90 -1.14 41.26
CA ARG F 259 -12.33 -0.82 42.55
C ARG F 259 -12.94 0.40 43.19
N ALA F 260 -13.12 0.39 44.50
CA ALA F 260 -13.60 1.56 45.21
C ALA F 260 -12.47 2.14 46.05
N PHE F 261 -12.43 3.46 46.13
CA PHE F 261 -11.41 4.17 46.88
C PHE F 261 -12.08 4.89 48.04
N GLU F 262 -11.28 5.16 49.08
CA GLU F 262 -11.86 5.60 50.36
C GLU F 262 -12.54 6.96 50.25
N ASN F 263 -11.96 7.89 49.51
CA ASN F 263 -12.52 9.23 49.44
C ASN F 263 -12.15 9.88 48.11
N ASP F 264 -12.63 11.10 47.91
CA ASP F 264 -12.45 11.78 46.63
C ASP F 264 -10.99 12.07 46.32
N VAL F 265 -10.19 12.43 47.32
CA VAL F 265 -8.82 12.87 47.08
C VAL F 265 -7.94 11.68 46.72
N ASP F 266 -8.10 10.58 47.45
CA ASP F 266 -7.37 9.35 47.19
C ASP F 266 -7.80 8.70 45.88
N ALA F 267 -9.09 8.82 45.54
CA ALA F 267 -9.60 8.28 44.31
C ALA F 267 -8.96 8.93 43.09
N LEU F 268 -8.78 10.24 43.12
CA LEU F 268 -8.15 10.88 41.98
C LEU F 268 -6.63 10.70 41.97
N CYS F 269 -6.01 10.58 43.14
CA CYS F 269 -4.57 10.29 43.16
C CYS F 269 -4.27 8.93 42.55
N ASN F 270 -5.08 7.92 42.88
CA ASN F 270 -4.89 6.62 42.27
C ASN F 270 -5.27 6.61 40.80
N LEU F 271 -6.22 7.46 40.41
CA LEU F 271 -6.60 7.53 39.00
C LEU F 271 -5.47 8.08 38.15
N ARG F 272 -4.73 9.09 38.64
CA ARG F 272 -3.57 9.57 37.90
C ARG F 272 -2.55 8.46 37.69
N ASP F 273 -2.29 7.67 38.75
CA ASP F 273 -1.36 6.56 38.65
C ASP F 273 -1.84 5.49 37.67
N PHE F 274 -3.14 5.16 37.72
CA PHE F 274 -3.68 4.21 36.76
C PHE F 274 -3.54 4.72 35.33
N PHE F 275 -3.88 5.98 35.10
CA PHE F 275 -3.75 6.56 33.77
C PHE F 275 -2.39 6.31 33.18
N ASN F 276 -1.33 6.42 33.99
CA ASN F 276 0.01 6.30 33.42
C ASN F 276 0.33 4.93 32.82
N TYR F 277 -0.51 3.92 33.00
CA TYR F 277 -0.24 2.60 32.46
C TYR F 277 -0.62 2.45 31.00
N LEU F 278 -1.65 3.16 30.53
CA LEU F 278 -2.39 2.89 29.31
C LEU F 278 -1.87 3.73 28.15
N PRO F 279 -1.95 3.21 26.92
CA PRO F 279 -1.62 4.04 25.76
C PRO F 279 -2.71 5.06 25.52
N LEU F 280 -2.41 6.06 24.69
CA LEU F 280 -3.42 7.06 24.41
C LEU F 280 -4.48 6.55 23.45
N SER F 281 -4.12 5.64 22.55
CA SER F 281 -5.05 5.09 21.57
C SER F 281 -4.63 3.68 21.26
N SER F 282 -5.53 2.92 20.63
CA SER F 282 -5.20 1.56 20.27
C SER F 282 -4.21 1.50 19.12
N GLN F 283 -3.90 2.63 18.50
CA GLN F 283 -2.93 2.64 17.42
C GLN F 283 -1.52 2.72 17.97
N ASP F 284 -1.38 2.92 19.26
CA ASP F 284 -0.10 3.12 19.89
C ASP F 284 0.36 1.85 20.58
N PRO F 285 1.67 1.62 20.67
CA PRO F 285 2.17 0.49 21.44
C PRO F 285 2.05 0.75 22.93
N ALA F 286 2.12 -0.29 23.74
CA ALA F 286 2.13 -0.11 25.19
C ALA F 286 3.20 0.89 25.57
N PRO F 287 2.88 1.89 26.39
CA PRO F 287 3.89 2.89 26.77
C PRO F 287 5.09 2.26 27.44
N VAL F 288 6.25 2.86 27.23
CA VAL F 288 7.50 2.46 27.85
C VAL F 288 8.00 3.65 28.65
N ARG F 289 8.31 3.44 29.92
CA ARG F 289 8.79 4.51 30.76
C ARG F 289 10.16 4.25 31.34
N GLU F 290 10.86 5.31 31.71
CA GLU F 290 12.14 5.21 32.38
C GLU F 290 12.05 4.23 33.54
N CYS F 291 13.01 3.32 33.64
CA CYS F 291 13.02 2.31 34.67
C CYS F 291 14.43 2.11 35.19
N HIS F 292 14.56 2.05 36.51
CA HIS F 292 15.85 1.84 37.16
C HIS F 292 16.08 0.41 37.62
N ASP F 293 15.11 -0.47 37.42
CA ASP F 293 15.16 -1.82 37.95
C ASP F 293 15.89 -2.71 36.95
N PRO F 294 17.08 -3.23 37.26
CA PRO F 294 17.81 -4.00 36.27
C PRO F 294 16.97 -5.15 35.75
N SER F 295 17.02 -5.34 34.44
CA SER F 295 16.18 -6.34 33.78
C SER F 295 16.72 -7.75 33.92
N ASP F 296 17.97 -7.90 34.35
CA ASP F 296 18.65 -9.18 34.34
C ASP F 296 18.90 -9.71 35.75
N ARG F 297 18.23 -9.18 36.76
CA ARG F 297 18.46 -9.63 38.11
C ARG F 297 17.65 -10.90 38.38
N LEU F 298 18.12 -11.69 39.33
CA LEU F 298 17.45 -12.92 39.71
C LEU F 298 16.57 -12.66 40.92
N VAL F 299 15.62 -13.56 41.12
CA VAL F 299 14.73 -13.47 42.27
C VAL F 299 14.77 -14.80 43.03
N PRO F 300 15.78 -15.00 43.88
CA PRO F 300 15.91 -16.30 44.57
C PRO F 300 14.70 -16.67 45.40
N GLU F 301 13.88 -15.68 45.77
CA GLU F 301 12.72 -15.87 46.63
C GLU F 301 11.69 -16.79 46.01
N LEU F 302 11.73 -17.00 44.71
CA LEU F 302 10.76 -17.82 44.00
C LEU F 302 11.02 -19.31 44.15
N ASP F 303 12.27 -19.73 44.38
CA ASP F 303 12.55 -21.16 44.33
C ASP F 303 11.77 -21.97 45.35
N THR F 304 11.35 -21.38 46.46
CA THR F 304 10.71 -22.15 47.51
C THR F 304 9.27 -21.74 47.76
N ILE F 305 8.67 -20.96 46.87
CA ILE F 305 7.30 -20.51 47.13
C ILE F 305 6.33 -21.68 46.99
N VAL F 306 6.50 -22.48 45.95
CA VAL F 306 5.55 -23.53 45.62
C VAL F 306 5.85 -24.78 46.44
N PRO F 307 4.95 -25.20 47.32
CA PRO F 307 5.22 -26.39 48.13
C PRO F 307 5.31 -27.64 47.29
N LEU F 308 6.06 -28.62 47.80
CA LEU F 308 6.08 -29.94 47.18
C LEU F 308 4.81 -30.73 47.45
N GLU F 309 4.14 -30.44 48.56
CA GLU F 309 2.89 -31.12 48.90
C GLU F 309 1.76 -30.47 48.12
N SER F 310 0.96 -31.28 47.44
CA SER F 310 -0.08 -30.80 46.52
C SER F 310 -1.27 -30.16 47.21
N THR F 311 -1.41 -30.30 48.53
CA THR F 311 -2.60 -29.83 49.22
C THR F 311 -2.32 -28.55 49.98
N LYS F 312 -1.11 -28.03 49.83
CA LYS F 312 -0.70 -26.81 50.51
C LYS F 312 -0.79 -25.62 49.56
N ALA F 313 -1.58 -24.63 49.94
CA ALA F 313 -1.75 -23.43 49.15
C ALA F 313 -0.62 -22.45 49.37
N TYR F 314 -0.46 -21.53 48.44
CA TYR F 314 0.51 -20.46 48.54
C TYR F 314 -0.09 -19.22 47.89
N ASN F 315 0.48 -18.07 48.19
CA ASN F 315 -0.05 -16.79 47.71
C ASN F 315 0.59 -16.45 46.39
N MET F 316 -0.19 -16.48 45.32
CA MET F 316 0.35 -16.18 43.99
C MET F 316 0.89 -14.76 43.92
N VAL F 317 0.36 -13.85 44.74
CA VAL F 317 0.79 -12.46 44.68
C VAL F 317 2.26 -12.30 45.02
N ASP F 318 2.82 -13.20 45.82
CA ASP F 318 4.24 -13.13 46.16
C ASP F 318 5.11 -13.27 44.93
N ILE F 319 4.66 -14.09 43.97
CA ILE F 319 5.40 -14.29 42.73
C ILE F 319 5.27 -13.06 41.83
N ILE F 320 4.05 -12.54 41.72
CA ILE F 320 3.77 -11.40 40.86
C ILE F 320 4.57 -10.19 41.32
N HIS F 321 4.57 -9.92 42.62
CA HIS F 321 5.27 -8.75 43.13
C HIS F 321 6.77 -8.87 42.96
N SER F 322 7.34 -10.07 43.07
CA SER F 322 8.78 -10.21 42.94
C SER F 322 9.25 -10.10 41.49
N VAL F 323 8.39 -10.36 40.51
CA VAL F 323 8.83 -10.31 39.12
C VAL F 323 8.72 -8.90 38.54
N VAL F 324 7.64 -8.20 38.85
CA VAL F 324 7.35 -6.91 38.23
C VAL F 324 8.32 -5.82 38.67
N ASP F 325 8.54 -4.84 37.79
CA ASP F 325 9.45 -3.74 38.08
C ASP F 325 9.15 -3.14 39.45
N GLU F 326 10.19 -3.02 40.28
CA GLU F 326 10.18 -2.32 41.56
C GLU F 326 9.04 -2.74 42.48
N ARG F 327 8.52 -3.94 42.24
CA ARG F 327 7.48 -4.56 43.05
C ARG F 327 6.17 -3.80 43.16
N GLU F 328 5.86 -3.05 42.13
CA GLU F 328 4.62 -2.30 42.01
C GLU F 328 3.63 -3.12 41.19
N PHE F 329 2.44 -3.35 41.76
CA PHE F 329 1.40 -4.08 41.03
C PHE F 329 0.07 -3.40 41.29
N PHE F 330 -0.71 -3.19 40.24
CA PHE F 330 -2.02 -2.56 40.37
C PHE F 330 -3.09 -3.63 40.27
N GLU F 331 -3.74 -3.94 41.39
CA GLU F 331 -4.69 -5.04 41.37
C GLU F 331 -6.09 -4.54 41.08
N ILE F 332 -6.79 -5.28 40.24
CA ILE F 332 -8.15 -4.97 39.80
C ILE F 332 -9.09 -5.91 40.53
N MET F 333 -10.20 -5.36 41.06
CA MET F 333 -11.25 -6.05 41.80
C MET F 333 -10.66 -6.92 42.89
N PRO F 334 -9.96 -6.36 43.87
CA PRO F 334 -9.33 -7.17 44.90
C PRO F 334 -10.30 -8.02 45.69
N ASN F 335 -11.57 -7.66 45.74
CA ASN F 335 -12.53 -8.33 46.60
C ASN F 335 -13.55 -9.16 45.84
N TYR F 336 -13.43 -9.26 44.52
CA TYR F 336 -14.38 -9.98 43.69
C TYR F 336 -13.63 -11.03 42.90
N ALA F 337 -14.18 -12.25 42.88
CA ALA F 337 -13.61 -13.42 42.21
C ALA F 337 -12.15 -13.63 42.59
N LYS F 338 -11.93 -13.72 43.90
CA LYS F 338 -10.58 -13.79 44.44
C LYS F 338 -9.77 -14.99 43.95
N ASN F 339 -10.39 -15.98 43.31
CA ASN F 339 -9.63 -17.12 42.85
C ASN F 339 -8.83 -16.85 41.58
N ILE F 340 -8.99 -15.68 40.97
CA ILE F 340 -8.20 -15.30 39.82
C ILE F 340 -7.73 -13.87 40.03
N ILE F 341 -6.46 -13.64 39.71
CA ILE F 341 -5.80 -12.35 39.91
C ILE F 341 -5.54 -11.75 38.54
N VAL F 342 -5.96 -10.50 38.35
CA VAL F 342 -5.65 -9.76 37.16
C VAL F 342 -5.20 -8.36 37.55
N GLY F 343 -4.27 -7.81 36.79
CA GLY F 343 -3.87 -6.45 37.05
C GLY F 343 -2.78 -5.98 36.13
N PHE F 344 -2.34 -4.76 36.37
CA PHE F 344 -1.34 -4.09 35.55
C PHE F 344 -0.02 -4.03 36.30
N ALA F 345 1.06 -4.09 35.53
CA ALA F 345 2.40 -3.88 36.07
C ALA F 345 3.31 -3.52 34.92
N ARG F 346 4.54 -3.19 35.24
CA ARG F 346 5.57 -2.93 34.26
C ARG F 346 6.69 -3.92 34.34
N MET F 347 7.29 -4.27 33.23
CA MET F 347 8.52 -5.04 33.24
C MET F 347 9.46 -4.43 32.23
N ASN F 348 10.63 -4.03 32.70
CA ASN F 348 11.63 -3.27 31.95
C ASN F 348 11.07 -1.99 31.35
N GLY F 349 10.18 -1.32 32.07
CA GLY F 349 9.60 -0.09 31.63
C GLY F 349 8.31 -0.24 30.86
N ARG F 350 8.01 -1.41 30.31
CA ARG F 350 6.86 -1.57 29.44
C ARG F 350 5.67 -2.04 30.24
N THR F 351 4.51 -1.45 29.97
CA THR F 351 3.28 -1.88 30.62
C THR F 351 2.91 -3.27 30.14
N VAL F 352 2.59 -4.16 31.08
CA VAL F 352 2.08 -5.48 30.75
C VAL F 352 0.85 -5.76 31.60
N GLY F 353 0.03 -6.68 31.12
CA GLY F 353 -1.08 -7.19 31.89
C GLY F 353 -0.74 -8.57 32.42
N ILE F 354 -1.16 -8.84 33.64
CA ILE F 354 -0.85 -10.08 34.32
C ILE F 354 -2.15 -10.77 34.69
N VAL F 355 -2.25 -12.06 34.39
CA VAL F 355 -3.36 -12.90 34.77
C VAL F 355 -2.78 -14.15 35.42
N GLY F 356 -3.37 -14.58 36.52
CA GLY F 356 -2.92 -15.79 37.16
C GLY F 356 -3.91 -16.37 38.13
N ASN F 357 -3.67 -17.58 38.62
CA ASN F 357 -4.58 -18.19 39.56
C ASN F 357 -4.19 -17.84 40.98
N GLN F 358 -5.14 -17.94 41.89
CA GLN F 358 -4.84 -17.79 43.32
C GLN F 358 -5.17 -19.09 44.03
N PRO F 359 -4.20 -19.96 44.26
CA PRO F 359 -4.51 -21.28 44.83
C PRO F 359 -5.13 -21.22 46.21
N LYS F 360 -4.99 -20.09 46.91
CA LYS F 360 -5.53 -19.98 48.26
C LYS F 360 -7.05 -20.02 48.28
N VAL F 361 -7.70 -19.64 47.18
CA VAL F 361 -9.15 -19.48 47.13
C VAL F 361 -9.71 -20.53 46.19
N ALA F 362 -10.64 -21.35 46.71
CA ALA F 362 -11.32 -22.42 45.99
C ALA F 362 -10.36 -23.32 45.23
N SER F 363 -9.22 -23.63 45.85
CA SER F 363 -8.12 -24.45 45.30
C SER F 363 -7.58 -23.93 43.97
N GLY F 364 -7.94 -22.71 43.56
CA GLY F 364 -7.44 -22.19 42.31
C GLY F 364 -8.23 -22.60 41.09
N CYS F 365 -9.44 -23.10 41.33
CA CYS F 365 -10.38 -23.56 40.32
C CYS F 365 -11.03 -22.45 39.51
N LEU F 366 -11.46 -22.74 38.29
CA LEU F 366 -12.20 -21.75 37.52
C LEU F 366 -13.69 -21.88 37.77
N ASP F 367 -14.39 -20.74 37.78
CA ASP F 367 -15.81 -20.71 38.01
C ASP F 367 -16.37 -19.58 37.15
N ILE F 368 -17.66 -19.33 37.29
CA ILE F 368 -18.34 -18.34 36.44
C ILE F 368 -17.73 -16.96 36.64
N ASN F 369 -17.59 -16.55 37.90
CA ASN F 369 -17.19 -15.18 38.23
C ASN F 369 -15.77 -14.89 37.77
N SER F 370 -14.88 -15.86 37.92
CA SER F 370 -13.49 -15.69 37.53
C SER F 370 -13.35 -15.61 36.02
N SER F 371 -14.15 -16.37 35.29
CA SER F 371 -14.09 -16.31 33.83
C SER F 371 -14.55 -14.97 33.31
N VAL F 372 -15.55 -14.36 33.95
CA VAL F 372 -16.06 -13.07 33.49
C VAL F 372 -15.01 -11.99 33.64
N LYS F 373 -14.40 -11.91 34.83
CA LYS F 373 -13.36 -10.92 35.10
C LYS F 373 -12.13 -11.13 34.22
N GLY F 374 -11.70 -12.38 34.09
CA GLY F 374 -10.56 -12.68 33.24
C GLY F 374 -10.76 -12.31 31.79
N ALA F 375 -11.87 -12.75 31.18
CA ALA F 375 -12.08 -12.52 29.75
C ALA F 375 -12.11 -11.04 29.44
N ARG F 376 -12.76 -10.27 30.28
CA ARG F 376 -12.87 -8.83 30.10
C ARG F 376 -11.50 -8.18 30.13
N PHE F 377 -10.69 -8.53 31.11
CA PHE F 377 -9.35 -7.96 31.20
C PHE F 377 -8.48 -8.34 30.00
N VAL F 378 -8.48 -9.61 29.61
CA VAL F 378 -7.62 -10.08 28.52
C VAL F 378 -7.95 -9.34 27.24
N ARG F 379 -9.24 -9.20 26.94
CA ARG F 379 -9.70 -8.52 25.73
C ARG F 379 -9.31 -7.06 25.67
N PHE F 380 -9.41 -6.33 26.76
CA PHE F 380 -8.95 -4.94 26.77
C PHE F 380 -7.47 -4.86 26.45
N CYS F 381 -6.64 -5.64 27.16
CA CYS F 381 -5.19 -5.60 26.93
C CYS F 381 -4.82 -5.95 25.50
N ASP F 382 -5.49 -6.94 24.91
CA ASP F 382 -5.25 -7.25 23.51
C ASP F 382 -5.60 -6.09 22.59
N ALA F 383 -6.76 -5.47 22.79
CA ALA F 383 -7.17 -4.35 21.95
C ALA F 383 -6.20 -3.19 21.97
N PHE F 384 -5.53 -2.93 23.09
CA PHE F 384 -4.63 -1.81 23.20
C PHE F 384 -3.17 -2.22 23.30
N ASN F 385 -2.81 -3.37 22.70
CA ASN F 385 -1.43 -3.80 22.44
C ASN F 385 -0.59 -3.89 23.71
N ILE F 386 -1.18 -4.42 24.77
CA ILE F 386 -0.51 -4.60 26.05
C ILE F 386 -0.20 -6.09 26.20
N PRO F 387 1.06 -6.48 26.30
CA PRO F 387 1.40 -7.91 26.41
C PRO F 387 0.76 -8.57 27.62
N LEU F 388 0.57 -9.88 27.52
CA LEU F 388 -0.03 -10.67 28.58
C LEU F 388 0.99 -11.64 29.16
N ILE F 389 1.01 -11.71 30.49
CA ILE F 389 1.76 -12.71 31.23
C ILE F 389 0.78 -13.52 32.04
N THR F 390 0.88 -14.84 31.94
CA THR F 390 -0.05 -15.76 32.57
C THR F 390 0.71 -16.61 33.57
N PHE F 391 0.21 -16.70 34.79
CA PHE F 391 0.75 -17.58 35.83
C PHE F 391 -0.27 -18.66 36.11
N VAL F 392 0.01 -19.88 35.66
CA VAL F 392 -0.97 -20.95 35.65
C VAL F 392 -0.78 -21.83 36.87
N ASP F 393 -1.87 -22.07 37.61
CA ASP F 393 -1.90 -23.07 38.67
C ASP F 393 -3.36 -23.42 38.93
N VAL F 394 -3.92 -24.25 38.06
CA VAL F 394 -5.36 -24.45 38.08
C VAL F 394 -5.68 -25.94 38.03
N PRO F 395 -6.35 -26.48 39.05
CA PRO F 395 -6.62 -27.91 39.10
C PRO F 395 -7.84 -28.37 38.30
N GLY F 396 -8.59 -27.45 37.72
CA GLY F 396 -9.83 -27.80 37.05
C GLY F 396 -10.89 -26.75 37.25
N PHE F 397 -12.15 -27.15 37.22
CA PHE F 397 -13.27 -26.23 37.34
C PHE F 397 -14.00 -26.48 38.64
N LEU F 398 -14.61 -25.44 39.17
CA LEU F 398 -15.40 -25.57 40.39
C LEU F 398 -16.62 -26.43 40.13
N PRO F 399 -16.74 -27.60 40.76
CA PRO F 399 -17.90 -28.47 40.50
C PRO F 399 -19.15 -28.03 41.26
N GLY F 400 -20.30 -28.53 40.84
CA GLY F 400 -21.52 -28.43 41.62
C GLY F 400 -22.64 -27.79 40.82
N THR F 401 -23.86 -28.04 41.29
CA THR F 401 -25.05 -27.57 40.58
C THR F 401 -25.12 -26.05 40.57
N ALA F 402 -24.53 -25.38 41.54
CA ALA F 402 -24.50 -23.93 41.55
C ALA F 402 -23.84 -23.37 40.29
N GLN F 403 -22.88 -24.09 39.74
CA GLN F 403 -22.17 -23.66 38.55
C GLN F 403 -22.76 -24.23 37.28
N GLU F 404 -23.25 -25.47 37.34
CA GLU F 404 -23.86 -26.10 36.17
C GLU F 404 -25.09 -25.33 35.70
N TYR F 405 -25.99 -25.03 36.64
CA TYR F 405 -27.21 -24.29 36.34
C TYR F 405 -26.94 -22.82 36.06
N GLY F 406 -25.77 -22.35 36.43
CA GLY F 406 -25.39 -20.99 36.17
C GLY F 406 -24.76 -20.75 34.82
N GLY F 407 -24.60 -21.80 34.02
CA GLY F 407 -24.01 -21.67 32.71
C GLY F 407 -22.50 -21.64 32.71
N ILE F 408 -21.88 -22.40 33.60
CA ILE F 408 -20.42 -22.45 33.69
C ILE F 408 -19.78 -22.77 32.33
N ILE F 409 -20.45 -23.57 31.50
CA ILE F 409 -19.92 -23.91 30.19
C ILE F 409 -19.88 -22.68 29.29
N ARG F 410 -21.01 -21.99 29.24
CA ARG F 410 -21.13 -20.78 28.42
C ARG F 410 -20.18 -19.68 28.91
N HIS F 411 -20.02 -19.57 30.23
CA HIS F 411 -19.14 -18.55 30.77
C HIS F 411 -17.67 -18.91 30.67
N GLY F 412 -17.30 -20.18 30.86
CA GLY F 412 -15.91 -20.55 30.71
C GLY F 412 -15.39 -20.31 29.31
N ALA F 413 -16.26 -20.44 28.30
CA ALA F 413 -15.86 -20.19 26.93
C ALA F 413 -15.38 -18.76 26.73
N LYS F 414 -15.78 -17.84 27.62
CA LYS F 414 -15.39 -16.45 27.48
C LYS F 414 -13.90 -16.26 27.67
N LEU F 415 -13.29 -16.97 28.63
CA LEU F 415 -11.87 -16.80 28.89
C LEU F 415 -11.05 -17.52 27.83
N LEU F 416 -11.49 -18.71 27.41
CA LEU F 416 -10.79 -19.40 26.33
C LEU F 416 -10.81 -18.58 25.05
N TYR F 417 -11.97 -17.99 24.72
CA TYR F 417 -12.08 -17.16 23.54
C TYR F 417 -11.17 -15.95 23.62
N ALA F 418 -11.17 -15.27 24.75
CA ALA F 418 -10.36 -14.07 24.91
C ALA F 418 -8.88 -14.35 24.69
N PHE F 419 -8.38 -15.47 25.20
CA PHE F 419 -7.00 -15.80 24.90
C PHE F 419 -6.79 -16.28 23.47
N ALA F 420 -7.65 -17.14 22.94
CA ALA F 420 -7.38 -17.72 21.64
C ALA F 420 -7.31 -16.69 20.53
N GLU F 421 -8.12 -15.64 20.61
CA GLU F 421 -8.15 -14.61 19.57
C GLU F 421 -7.13 -13.50 19.74
N ALA F 422 -6.34 -13.56 20.79
CA ALA F 422 -5.35 -12.53 21.05
C ALA F 422 -4.24 -12.53 20.02
N THR F 423 -3.77 -11.33 19.68
CA THR F 423 -2.69 -11.15 18.71
C THR F 423 -1.49 -10.42 19.31
N VAL F 424 -1.46 -10.25 20.62
CA VAL F 424 -0.39 -9.52 21.29
C VAL F 424 0.51 -10.57 21.95
N PRO F 425 1.75 -10.24 22.34
CA PRO F 425 2.61 -11.25 22.94
C PRO F 425 1.98 -11.90 24.15
N LYS F 426 2.12 -13.22 24.25
CA LYS F 426 1.58 -14.00 25.35
C LYS F 426 2.69 -14.87 25.92
N VAL F 427 3.06 -14.62 27.17
CA VAL F 427 4.10 -15.39 27.83
C VAL F 427 3.50 -16.10 29.02
N THR F 428 3.49 -17.43 28.97
CA THR F 428 2.86 -18.24 30.01
C THR F 428 3.94 -19.00 30.78
N VAL F 429 3.83 -18.96 32.11
CA VAL F 429 4.66 -19.75 33.00
C VAL F 429 3.74 -20.58 33.88
N ILE F 430 4.01 -21.87 33.99
CA ILE F 430 3.21 -22.78 34.79
C ILE F 430 3.95 -23.03 36.09
N THR F 431 3.34 -22.64 37.21
CA THR F 431 4.04 -22.73 38.49
C THR F 431 3.76 -24.05 39.19
N ARG F 432 2.56 -24.62 39.01
CA ARG F 432 2.30 -25.95 39.57
C ARG F 432 1.24 -26.74 38.82
N LYS F 433 -0.05 -26.66 39.19
CA LYS F 433 -1.05 -27.53 38.60
C LYS F 433 -1.55 -26.98 37.27
N ALA F 434 -1.80 -27.90 36.34
CA ALA F 434 -2.55 -27.58 35.12
C ALA F 434 -3.24 -28.87 34.67
N TYR F 435 -4.40 -29.15 35.25
CA TYR F 435 -5.14 -30.37 34.96
C TYR F 435 -6.30 -30.09 34.02
N GLY F 436 -6.55 -31.02 33.11
CA GLY F 436 -7.81 -31.00 32.37
C GLY F 436 -7.88 -29.86 31.38
N GLY F 437 -9.13 -29.50 31.03
CA GLY F 437 -9.35 -28.49 30.02
C GLY F 437 -8.87 -27.12 30.45
N ALA F 438 -8.67 -26.92 31.74
CA ALA F 438 -8.15 -25.66 32.25
C ALA F 438 -6.76 -25.37 31.72
N TYR F 439 -6.00 -26.38 31.33
CA TYR F 439 -4.68 -26.14 30.76
C TYR F 439 -4.79 -25.24 29.54
N ASP F 440 -5.73 -25.53 28.65
CA ASP F 440 -5.86 -24.76 27.42
C ASP F 440 -6.54 -23.43 27.65
N VAL F 441 -7.49 -23.37 28.58
CA VAL F 441 -8.19 -22.13 28.89
C VAL F 441 -7.21 -21.08 29.38
N MET F 442 -6.27 -21.47 30.24
CA MET F 442 -5.26 -20.55 30.75
C MET F 442 -4.09 -20.40 29.78
N SER F 443 -4.43 -19.97 28.56
CA SER F 443 -3.48 -19.51 27.53
C SER F 443 -2.33 -20.49 27.35
N SER F 444 -2.68 -21.68 26.90
CA SER F 444 -1.69 -22.68 26.50
C SER F 444 -1.04 -22.31 25.17
N LYS F 445 0.13 -22.87 24.91
CA LYS F 445 0.87 -22.55 23.71
C LYS F 445 0.16 -22.82 22.39
N HIS F 446 -0.72 -23.80 22.36
CA HIS F 446 -1.39 -24.16 21.13
C HIS F 446 -2.50 -23.18 20.77
N LEU F 447 -2.68 -22.13 21.55
CA LEU F 447 -3.58 -21.03 21.22
C LEU F 447 -2.82 -19.83 20.69
N CYS F 448 -1.80 -20.08 19.87
CA CYS F 448 -0.90 -19.08 19.30
C CYS F 448 -0.14 -18.30 20.36
N GLY F 449 0.37 -19.02 21.37
CA GLY F 449 1.22 -18.41 22.37
C GLY F 449 2.63 -18.27 21.85
N ASP F 450 3.40 -17.42 22.52
CA ASP F 450 4.77 -17.19 22.07
C ASP F 450 5.77 -18.06 22.80
N THR F 451 5.70 -18.11 24.12
CA THR F 451 6.58 -18.98 24.90
C THR F 451 5.79 -19.59 26.04
N ASN F 452 6.21 -20.75 26.51
CA ASN F 452 5.56 -21.43 27.61
C ASN F 452 6.61 -22.08 28.46
N TYR F 453 6.77 -21.61 29.68
CA TYR F 453 7.76 -22.09 30.62
C TYR F 453 7.08 -22.88 31.73
N ALA F 454 7.79 -23.88 32.21
CA ALA F 454 7.35 -24.65 33.36
C ALA F 454 8.40 -24.53 34.46
N TRP F 455 7.94 -24.50 35.71
CA TRP F 455 8.83 -24.65 36.83
C TRP F 455 8.98 -26.14 37.12
N PRO F 456 10.06 -26.56 37.80
CA PRO F 456 10.19 -27.98 38.14
C PRO F 456 9.00 -28.57 38.89
N THR F 457 8.16 -27.76 39.53
CA THR F 457 7.02 -28.28 40.26
C THR F 457 5.76 -28.39 39.40
N ALA F 458 5.83 -28.03 38.12
CA ALA F 458 4.67 -28.07 37.26
C ALA F 458 4.27 -29.51 36.97
N GLU F 459 2.96 -29.73 36.83
CA GLU F 459 2.48 -31.03 36.37
C GLU F 459 1.32 -30.82 35.42
N ILE F 460 1.46 -31.32 34.20
CA ILE F 460 0.47 -31.15 33.13
C ILE F 460 -0.12 -32.51 32.81
N ALA F 461 -1.43 -32.65 32.98
CA ALA F 461 -2.09 -33.92 32.75
C ALA F 461 -3.57 -33.67 32.52
N VAL F 462 -4.24 -34.68 31.94
CA VAL F 462 -5.68 -34.61 31.76
C VAL F 462 -6.39 -34.65 33.11
N MET F 463 -5.80 -35.34 34.07
CA MET F 463 -6.32 -35.37 35.42
C MET F 463 -5.22 -35.92 36.31
N GLY F 464 -5.45 -35.89 37.63
CA GLY F 464 -4.48 -36.38 38.58
C GLY F 464 -4.35 -37.90 38.54
N ALA F 465 -3.33 -38.38 39.23
CA ALA F 465 -2.97 -39.79 39.18
C ALA F 465 -4.11 -40.70 39.64
N LYS F 466 -4.84 -40.28 40.69
CA LYS F 466 -5.92 -41.08 41.22
C LYS F 466 -7.00 -41.35 40.19
N GLY F 467 -7.53 -40.29 39.55
CA GLY F 467 -8.55 -40.49 38.54
C GLY F 467 -8.02 -41.27 37.35
N ALA F 468 -6.89 -40.85 36.82
CA ALA F 468 -6.37 -41.46 35.60
C ALA F 468 -6.06 -42.94 35.79
N VAL F 469 -5.45 -43.33 36.91
CA VAL F 469 -5.06 -44.73 37.07
C VAL F 469 -6.27 -45.61 37.37
N GLU F 470 -7.19 -45.15 38.23
CA GLU F 470 -8.36 -45.98 38.51
C GLU F 470 -9.23 -46.14 37.26
N ILE F 471 -9.25 -45.13 36.38
CA ILE F 471 -10.02 -45.29 35.15
C ILE F 471 -9.30 -46.20 34.16
N ILE F 472 -7.98 -46.02 33.98
CA ILE F 472 -7.23 -46.84 33.03
C ILE F 472 -7.25 -48.30 33.44
N PHE F 473 -7.00 -48.58 34.72
CA PHE F 473 -6.93 -49.94 35.24
C PHE F 473 -8.22 -50.25 35.99
N LYS F 474 -9.36 -50.07 35.34
CA LYS F 474 -10.66 -50.22 35.97
C LYS F 474 -11.05 -51.69 36.03
N GLY F 475 -11.23 -52.19 37.26
CA GLY F 475 -11.47 -53.60 37.48
C GLY F 475 -10.25 -54.48 37.55
N HIS F 476 -9.04 -53.91 37.53
CA HIS F 476 -7.84 -54.71 37.54
C HIS F 476 -7.31 -54.86 38.97
N GLU F 477 -6.55 -55.93 39.20
CA GLU F 477 -5.87 -56.12 40.48
C GLU F 477 -4.61 -55.26 40.50
N ASN F 478 -4.12 -55.00 41.72
CA ASN F 478 -2.85 -54.32 41.99
C ASN F 478 -2.80 -52.93 41.33
N VAL F 479 -3.92 -52.23 41.43
CA VAL F 479 -4.03 -50.89 40.88
C VAL F 479 -3.05 -49.95 41.56
N GLU F 480 -2.89 -50.07 42.88
CA GLU F 480 -1.97 -49.23 43.62
C GLU F 480 -0.53 -49.42 43.15
N ALA F 481 -0.14 -50.66 42.80
CA ALA F 481 1.19 -50.87 42.23
C ALA F 481 1.34 -50.21 40.88
N ALA F 482 0.30 -50.32 40.04
CA ALA F 482 0.31 -49.61 38.77
C ALA F 482 0.33 -48.10 38.96
N GLN F 483 -0.34 -47.60 40.01
CA GLN F 483 -0.35 -46.18 40.28
C GLN F 483 1.05 -45.66 40.62
N ALA F 484 1.84 -46.45 41.36
CA ALA F 484 3.19 -46.05 41.68
C ALA F 484 4.03 -45.87 40.42
N GLU F 485 3.89 -46.77 39.45
CA GLU F 485 4.61 -46.64 38.20
C GLU F 485 4.10 -45.45 37.40
N TYR F 486 2.77 -45.26 37.37
CA TYR F 486 2.18 -44.12 36.69
C TYR F 486 2.67 -42.79 37.27
N ILE F 487 2.68 -42.67 38.60
CA ILE F 487 3.11 -41.42 39.22
C ILE F 487 4.57 -41.13 38.86
N GLU F 488 5.45 -42.13 38.96
CA GLU F 488 6.84 -41.91 38.63
C GLU F 488 7.03 -41.42 37.19
N LYS F 489 6.21 -41.91 36.26
CA LYS F 489 6.43 -41.48 34.88
C LYS F 489 5.67 -40.20 34.50
N PHE F 490 4.44 -40.01 34.97
CA PHE F 490 3.61 -38.94 34.47
C PHE F 490 3.39 -37.78 35.44
N ALA F 491 3.66 -37.95 36.72
CA ALA F 491 3.39 -36.88 37.70
C ALA F 491 4.54 -35.88 37.73
N ASN F 492 4.73 -35.17 36.62
CA ASN F 492 5.88 -34.30 36.40
C ASN F 492 5.68 -33.53 35.11
N PRO F 493 6.49 -32.52 34.80
CA PRO F 493 6.16 -31.73 33.61
C PRO F 493 6.73 -32.29 32.32
N PHE F 494 7.43 -33.40 32.36
CA PHE F 494 8.13 -33.98 31.23
C PHE F 494 7.32 -34.63 30.11
N PRO F 495 6.27 -35.44 30.34
CA PRO F 495 5.54 -35.97 29.18
C PRO F 495 4.90 -34.93 28.29
N ALA F 496 4.63 -33.73 28.81
CA ALA F 496 4.19 -32.61 27.99
C ALA F 496 5.35 -31.88 27.33
N ALA F 497 6.43 -31.60 28.06
CA ALA F 497 7.58 -30.91 27.51
C ALA F 497 8.22 -31.64 26.35
N VAL F 498 8.31 -32.98 26.42
CA VAL F 498 8.99 -33.71 25.35
C VAL F 498 8.14 -33.74 24.10
N ARG F 499 6.90 -33.30 24.19
CA ARG F 499 6.08 -33.30 23.00
C ARG F 499 5.99 -31.93 22.38
N GLY F 500 6.62 -30.93 23.00
CA GLY F 500 6.59 -29.58 22.47
C GLY F 500 5.56 -28.69 23.12
N PHE F 501 5.00 -29.12 24.24
CA PHE F 501 4.01 -28.28 24.91
C PHE F 501 4.69 -27.18 25.70
N VAL F 502 5.91 -27.44 26.17
CA VAL F 502 6.65 -26.52 27.04
C VAL F 502 7.98 -26.25 26.36
N ASP F 503 8.40 -24.98 26.38
CA ASP F 503 9.63 -24.65 25.69
C ASP F 503 10.87 -24.89 26.54
N ASP F 504 10.77 -24.74 27.84
CA ASP F 504 11.91 -24.94 28.70
C ASP F 504 11.38 -25.15 30.11
N ILE F 505 12.21 -25.75 30.95
CA ILE F 505 11.91 -25.86 32.36
C ILE F 505 12.99 -25.10 33.08
N ILE F 506 12.60 -24.05 33.79
CA ILE F 506 13.52 -23.04 34.24
C ILE F 506 13.57 -23.04 35.76
N GLN F 507 14.69 -22.61 36.31
CA GLN F 507 14.78 -22.48 37.75
C GLN F 507 13.90 -21.29 38.02
N PRO F 508 13.00 -21.38 39.00
CA PRO F 508 12.08 -20.27 39.27
C PRO F 508 12.76 -18.93 39.46
N SER F 509 13.95 -18.92 40.04
CA SER F 509 14.68 -17.67 40.27
C SER F 509 14.97 -16.93 38.97
N SER F 510 14.97 -17.61 37.84
CA SER F 510 15.26 -16.95 36.58
C SER F 510 14.01 -16.47 35.87
N THR F 511 12.81 -16.68 36.42
CA THR F 511 11.59 -16.35 35.71
C THR F 511 11.61 -14.92 35.17
N ARG F 512 12.04 -13.94 35.97
CA ARG F 512 11.95 -12.55 35.55
C ARG F 512 12.83 -12.32 34.34
N ALA F 513 14.04 -12.86 34.37
CA ALA F 513 14.98 -12.70 33.29
C ALA F 513 14.48 -13.27 31.98
N ARG F 514 13.79 -14.40 32.03
CA ARG F 514 13.28 -15.06 30.85
C ARG F 514 12.16 -14.30 30.19
N ILE F 515 11.26 -13.78 31.01
CA ILE F 515 10.11 -12.99 30.59
C ILE F 515 10.55 -11.69 29.96
N CYS F 516 11.51 -11.01 30.60
CA CYS F 516 12.07 -9.75 30.12
C CYS F 516 12.67 -9.91 28.75
N CYS F 517 13.41 -11.02 28.56
CA CYS F 517 14.01 -11.32 27.27
C CYS F 517 12.94 -11.53 26.20
N ASP F 518 11.86 -12.24 26.51
CA ASP F 518 10.82 -12.49 25.54
C ASP F 518 10.05 -11.21 25.21
N LEU F 519 9.76 -10.38 26.21
CA LEU F 519 8.98 -9.19 25.96
C LEU F 519 9.70 -8.22 25.03
N ASP F 520 11.03 -8.15 25.13
CA ASP F 520 11.76 -7.18 24.36
C ASP F 520 12.04 -7.66 22.95
N VAL F 521 11.65 -8.89 22.61
CA VAL F 521 11.79 -9.35 21.24
C VAL F 521 10.46 -9.70 20.59
N LEU F 522 9.41 -9.89 21.38
CA LEU F 522 8.09 -10.12 20.83
C LEU F 522 7.34 -8.83 20.59
N ALA F 523 7.92 -7.69 20.96
CA ALA F 523 7.21 -6.43 20.87
C ALA F 523 6.99 -5.99 19.43
N SER F 524 7.71 -6.60 18.49
CA SER F 524 7.61 -6.23 17.09
C SER F 524 6.75 -7.24 16.30
N LYS F 525 6.09 -8.11 17.03
CA LYS F 525 5.26 -9.15 16.47
C LYS F 525 4.06 -8.67 15.69
N LYS F 526 3.86 -9.18 14.48
CA LYS F 526 2.62 -8.90 13.76
C LYS F 526 2.13 -10.19 13.12
N VAL F 527 0.82 -10.40 13.19
CA VAL F 527 0.17 -11.59 12.64
C VAL F 527 -1.03 -11.13 11.82
N GLN F 528 -1.49 -11.99 10.92
CA GLN F 528 -2.71 -11.73 10.16
C GLN F 528 -3.77 -12.76 10.54
N ARG F 529 -5.04 -12.37 10.38
CA ARG F 529 -6.19 -13.24 10.62
C ARG F 529 -7.17 -13.03 9.46
N PRO F 530 -7.97 -14.03 9.11
CA PRO F 530 -9.00 -13.83 8.10
C PRO F 530 -9.92 -12.67 8.44
N TRP F 531 -10.36 -11.98 7.40
CA TRP F 531 -11.20 -10.81 7.61
C TRP F 531 -12.56 -11.23 8.11
N ARG F 532 -13.08 -10.47 9.08
CA ARG F 532 -14.43 -10.70 9.58
C ARG F 532 -15.02 -9.35 9.95
N LYS F 533 -16.29 -9.15 9.64
CA LYS F 533 -16.96 -7.88 9.89
C LYS F 533 -16.68 -7.54 11.36
N HIS F 534 -16.92 -8.53 12.22
CA HIS F 534 -16.68 -8.40 13.64
C HIS F 534 -16.54 -9.77 14.27
N ALA F 535 -16.03 -9.79 15.49
CA ALA F 535 -15.92 -11.02 16.23
C ALA F 535 -17.28 -11.44 16.77
N ASN F 536 -17.41 -12.73 17.04
CA ASN F 536 -18.63 -13.31 17.60
C ASN F 536 -18.31 -14.09 18.86
N ILE F 537 -18.20 -13.37 19.97
CA ILE F 537 -17.88 -13.90 21.31
C ILE F 537 -19.04 -14.75 21.82
N PRO F 538 -18.77 -15.92 22.42
CA PRO F 538 -19.85 -16.82 22.87
C PRO F 538 -20.91 -16.21 23.79
N LEU F 539 -20.61 -15.14 24.51
CA LEU F 539 -21.51 -14.51 25.49
C LEU F 539 -22.04 -15.42 26.59
N HIS G 515 -65.65 -36.81 8.61
CA HIS G 515 -65.91 -37.41 7.30
C HIS G 515 -65.14 -38.71 7.18
N MET G 516 -65.82 -39.75 6.71
CA MET G 516 -65.21 -41.06 6.54
C MET G 516 -64.80 -41.24 5.09
N LEU G 517 -63.56 -41.62 4.87
CA LEU G 517 -63.05 -41.76 3.52
C LEU G 517 -63.26 -43.17 2.98
N THR G 518 -63.56 -43.25 1.70
CA THR G 518 -63.63 -44.52 0.97
C THR G 518 -62.32 -44.79 0.26
N LYS G 519 -62.26 -45.89 -0.47
CA LYS G 519 -60.98 -46.31 -1.05
C LYS G 519 -60.42 -45.24 -1.98
N SER G 520 -61.24 -44.75 -2.91
CA SER G 520 -60.78 -43.77 -3.89
C SER G 520 -60.46 -42.44 -3.25
N GLU G 521 -61.19 -42.07 -2.20
CA GLU G 521 -60.90 -40.82 -1.53
C GLU G 521 -59.60 -40.90 -0.74
N LYS G 522 -59.31 -42.04 -0.12
CA LYS G 522 -58.02 -42.18 0.54
C LYS G 522 -56.88 -42.09 -0.45
N ASN G 523 -57.03 -42.66 -1.64
CA ASN G 523 -55.98 -42.57 -2.64
C ASN G 523 -55.76 -41.14 -3.10
N GLN G 524 -56.85 -40.38 -3.24
CA GLN G 524 -56.73 -38.98 -3.63
C GLN G 524 -56.09 -38.15 -2.52
N LEU G 525 -56.45 -38.41 -1.26
CA LEU G 525 -55.85 -37.69 -0.16
C LEU G 525 -54.37 -38.01 -0.02
N LEU G 526 -54.00 -39.28 -0.18
CA LEU G 526 -52.59 -39.65 -0.12
C LEU G 526 -51.80 -39.05 -1.26
N ALA G 527 -52.37 -39.05 -2.47
CA ALA G 527 -51.68 -38.47 -3.63
C ALA G 527 -51.51 -36.97 -3.50
N ILE G 528 -52.54 -36.28 -2.98
CA ILE G 528 -52.46 -34.83 -2.79
C ILE G 528 -51.43 -34.48 -1.72
N ALA G 529 -51.49 -35.15 -0.57
CA ALA G 529 -50.56 -34.89 0.52
C ALA G 529 -49.12 -35.18 0.12
N SER G 530 -48.92 -36.26 -0.65
CA SER G 530 -47.58 -36.61 -1.09
C SER G 530 -47.03 -35.64 -2.12
N SER G 531 -47.88 -35.23 -3.07
CA SER G 531 -47.44 -34.27 -4.07
C SER G 531 -47.17 -32.90 -3.45
N LEU G 532 -48.00 -32.50 -2.49
CA LEU G 532 -47.74 -31.22 -1.81
C LEU G 532 -46.47 -31.26 -0.99
N PHE G 533 -46.23 -32.38 -0.30
CA PHE G 533 -44.97 -32.56 0.42
C PHE G 533 -43.76 -32.34 -0.50
N VAL G 534 -43.76 -33.00 -1.66
CA VAL G 534 -42.65 -32.86 -2.61
C VAL G 534 -42.57 -31.43 -3.14
N ALA G 535 -43.71 -30.81 -3.44
CA ALA G 535 -43.69 -29.43 -3.92
C ALA G 535 -42.93 -28.50 -2.99
N PHE G 536 -43.08 -28.70 -1.68
CA PHE G 536 -42.32 -27.89 -0.73
C PHE G 536 -40.85 -28.28 -0.76
N GLN G 537 -40.57 -29.57 -0.91
CA GLN G 537 -39.18 -30.02 -0.97
C GLN G 537 -38.48 -29.48 -2.20
N LEU G 538 -39.20 -29.31 -3.31
CA LEU G 538 -38.55 -28.75 -4.51
C LEU G 538 -38.38 -27.25 -4.40
N ARG G 539 -39.38 -26.55 -3.87
CA ARG G 539 -39.25 -25.12 -3.67
C ARG G 539 -38.06 -24.80 -2.78
N ALA G 540 -37.81 -25.63 -1.76
CA ALA G 540 -36.67 -25.40 -0.87
C ALA G 540 -35.32 -25.38 -1.58
N GLN G 541 -35.20 -25.90 -2.79
CA GLN G 541 -33.92 -25.98 -3.48
C GLN G 541 -33.67 -24.86 -4.48
N HIS G 542 -34.60 -23.93 -4.64
CA HIS G 542 -34.49 -22.93 -5.69
C HIS G 542 -33.97 -21.64 -5.08
N PHE G 543 -32.66 -21.47 -5.10
CA PHE G 543 -32.02 -20.28 -4.57
C PHE G 543 -31.57 -19.37 -5.71
N GLN G 544 -31.41 -18.10 -5.41
CA GLN G 544 -30.79 -17.19 -6.34
C GLN G 544 -29.39 -17.70 -6.40
N GLU G 545 -28.78 -17.72 -7.56
CA GLU G 545 -27.45 -18.33 -7.72
C GLU G 545 -26.41 -17.44 -7.07
N ASN G 546 -25.54 -18.04 -6.28
CA ASN G 546 -24.43 -17.29 -5.71
C ASN G 546 -23.19 -17.52 -6.55
N SER G 547 -22.70 -16.45 -7.16
CA SER G 547 -21.60 -16.59 -8.10
C SER G 547 -20.33 -17.10 -7.44
N ARG G 548 -20.24 -17.02 -6.12
CA ARG G 548 -19.05 -17.50 -5.45
C ARG G 548 -19.16 -19.00 -5.14
N MET G 549 -20.36 -19.48 -4.88
CA MET G 549 -20.57 -20.84 -4.39
C MET G 549 -21.67 -21.51 -5.22
N PRO G 550 -21.34 -22.12 -6.36
CA PRO G 550 -22.38 -22.69 -7.23
C PRO G 550 -23.24 -23.70 -6.47
N VAL G 551 -24.54 -23.66 -6.74
CA VAL G 551 -25.51 -24.55 -6.12
C VAL G 551 -26.01 -25.53 -7.17
N ILE G 552 -25.93 -26.82 -6.86
CA ILE G 552 -26.28 -27.86 -7.83
C ILE G 552 -27.52 -28.59 -7.34
N LYS G 553 -28.62 -28.44 -8.08
CA LYS G 553 -29.89 -29.04 -7.68
C LYS G 553 -29.81 -30.56 -7.77
N PRO G 554 -30.09 -31.27 -6.68
CA PRO G 554 -30.02 -32.74 -6.70
C PRO G 554 -30.95 -33.30 -7.77
N ASP G 555 -30.46 -34.27 -8.53
CA ASP G 555 -31.24 -34.89 -9.60
C ASP G 555 -32.07 -36.02 -9.00
N ILE G 556 -33.18 -35.63 -8.38
CA ILE G 556 -34.08 -36.58 -7.74
C ILE G 556 -35.21 -36.93 -8.70
N ALA G 557 -35.11 -38.12 -9.31
CA ALA G 557 -36.13 -38.52 -10.28
C ALA G 557 -37.37 -39.06 -9.58
N ASN G 558 -37.20 -39.67 -8.42
CA ASN G 558 -38.31 -40.28 -7.72
C ASN G 558 -38.23 -39.99 -6.23
N TRP G 559 -39.37 -39.70 -5.65
CA TRP G 559 -39.51 -39.46 -4.23
C TRP G 559 -40.19 -40.67 -3.63
N GLU G 560 -39.48 -41.41 -2.80
CA GLU G 560 -40.04 -42.61 -2.17
C GLU G 560 -40.44 -42.25 -0.76
N LEU G 561 -41.74 -42.26 -0.50
CA LEU G 561 -42.29 -41.79 0.76
C LEU G 561 -43.02 -42.91 1.49
N SER G 562 -43.01 -42.80 2.80
CA SER G 562 -43.80 -43.63 3.69
C SER G 562 -44.81 -42.71 4.37
N VAL G 563 -46.08 -42.88 4.04
CA VAL G 563 -47.10 -41.93 4.44
C VAL G 563 -48.01 -42.59 5.45
N LYS G 564 -47.94 -42.13 6.69
CA LYS G 564 -48.71 -42.70 7.76
C LYS G 564 -49.96 -41.86 7.97
N LEU G 565 -51.10 -42.51 7.98
CA LEU G 565 -52.39 -41.87 8.26
C LEU G 565 -52.72 -42.27 9.69
N HIS G 566 -53.99 -42.57 9.93
CA HIS G 566 -54.47 -42.91 11.25
C HIS G 566 -53.68 -44.06 11.79
N ASP G 567 -53.98 -45.25 11.32
CA ASP G 567 -53.25 -46.40 11.86
C ASP G 567 -52.63 -47.24 10.75
N LYS G 568 -52.52 -46.73 9.54
CA LYS G 568 -51.99 -47.48 8.43
C LYS G 568 -50.80 -46.73 7.85
N VAL G 569 -49.84 -47.47 7.31
CA VAL G 569 -48.71 -46.86 6.62
C VAL G 569 -48.77 -47.28 5.17
N HIS G 570 -48.83 -46.30 4.27
CA HIS G 570 -48.95 -46.55 2.86
C HIS G 570 -47.64 -46.27 2.13
N THR G 571 -47.42 -47.00 1.06
CA THR G 571 -46.23 -46.85 0.23
C THR G 571 -46.57 -46.00 -0.98
N VAL G 572 -45.91 -44.85 -1.10
CA VAL G 572 -46.21 -43.88 -2.14
C VAL G 572 -44.91 -43.51 -2.83
N VAL G 573 -44.90 -43.54 -4.15
CA VAL G 573 -43.76 -43.10 -4.95
C VAL G 573 -44.24 -42.04 -5.90
N ALA G 574 -43.60 -40.88 -5.90
CA ALA G 574 -44.00 -39.76 -6.72
C ALA G 574 -42.85 -39.32 -7.60
N SER G 575 -43.20 -38.78 -8.76
CA SER G 575 -42.23 -38.13 -9.63
C SER G 575 -42.86 -36.87 -10.20
N ASN G 576 -42.02 -35.89 -10.48
CA ASN G 576 -42.45 -34.61 -11.01
C ASN G 576 -42.30 -34.58 -12.53
N ASN G 577 -43.34 -34.11 -13.21
CA ASN G 577 -43.28 -33.87 -14.65
C ASN G 577 -43.70 -32.43 -14.96
N GLY G 578 -43.22 -31.50 -14.16
CA GLY G 578 -43.59 -30.11 -14.33
C GLY G 578 -44.69 -29.76 -13.36
N SER G 579 -45.84 -29.36 -13.88
CA SER G 579 -46.95 -28.96 -13.05
C SER G 579 -47.74 -30.12 -12.50
N VAL G 580 -47.48 -31.32 -12.98
CA VAL G 580 -48.24 -32.50 -12.58
C VAL G 580 -47.31 -33.50 -11.92
N PHE G 581 -47.74 -34.06 -10.80
CA PHE G 581 -47.01 -35.11 -10.12
C PHE G 581 -47.69 -36.42 -10.43
N SER G 582 -46.90 -37.40 -10.87
CA SER G 582 -47.39 -38.74 -11.08
C SER G 582 -47.12 -39.53 -9.82
N VAL G 583 -48.18 -39.97 -9.15
CA VAL G 583 -48.04 -40.55 -7.83
C VAL G 583 -48.63 -41.94 -7.89
N GLU G 584 -47.88 -42.92 -7.41
CA GLU G 584 -48.37 -44.29 -7.29
C GLU G 584 -48.65 -44.53 -5.82
N VAL G 585 -49.91 -44.78 -5.51
CA VAL G 585 -50.32 -45.02 -4.13
C VAL G 585 -50.76 -46.47 -4.01
N ASP G 586 -49.86 -47.28 -3.40
CA ASP G 586 -50.01 -48.73 -3.25
C ASP G 586 -50.41 -49.42 -4.56
N GLY G 587 -49.82 -49.01 -5.67
CA GLY G 587 -50.13 -49.59 -6.96
C GLY G 587 -51.13 -48.82 -7.80
N SER G 588 -51.85 -47.87 -7.22
CA SER G 588 -52.83 -47.07 -7.96
C SER G 588 -52.14 -45.85 -8.52
N LYS G 589 -52.38 -45.56 -9.80
CA LYS G 589 -51.78 -44.42 -10.47
C LYS G 589 -52.72 -43.23 -10.43
N LEU G 590 -52.22 -42.11 -9.89
CA LEU G 590 -52.96 -40.86 -9.83
C LEU G 590 -52.09 -39.77 -10.44
N ASN G 591 -52.73 -38.79 -11.07
CA ASN G 591 -52.02 -37.62 -11.60
C ASN G 591 -52.59 -36.36 -10.99
N VAL G 592 -51.77 -35.66 -10.22
CA VAL G 592 -52.21 -34.47 -9.49
C VAL G 592 -51.64 -33.25 -10.20
N THR G 593 -52.52 -32.45 -10.79
CA THR G 593 -52.11 -31.28 -11.56
C THR G 593 -52.54 -30.05 -10.79
N SER G 594 -51.65 -29.06 -10.71
CA SER G 594 -51.98 -27.81 -10.06
C SER G 594 -50.97 -26.76 -10.49
N THR G 595 -51.21 -25.53 -10.06
CA THR G 595 -50.21 -24.49 -10.16
C THR G 595 -49.27 -24.44 -8.97
N TRP G 596 -49.66 -25.08 -7.86
CA TRP G 596 -48.85 -25.24 -6.65
C TRP G 596 -48.33 -23.92 -6.12
N ASN G 597 -49.23 -22.95 -5.98
CA ASN G 597 -48.92 -21.72 -5.25
C ASN G 597 -49.00 -22.03 -3.77
N LEU G 598 -47.84 -22.07 -3.14
CA LEU G 598 -47.71 -22.60 -1.78
C LEU G 598 -48.03 -21.61 -0.70
N ALA G 599 -48.35 -20.36 -1.03
CA ALA G 599 -48.64 -19.35 -0.03
C ALA G 599 -50.13 -19.16 0.19
N SER G 600 -50.95 -19.52 -0.79
CA SER G 600 -52.37 -19.25 -0.73
C SER G 600 -53.04 -20.15 0.31
N PRO G 601 -54.02 -19.62 1.05
CA PRO G 601 -54.77 -20.50 1.97
C PRO G 601 -55.61 -21.53 1.26
N LEU G 602 -55.92 -21.34 -0.02
CA LEU G 602 -56.75 -22.27 -0.76
C LEU G 602 -55.94 -22.85 -1.91
N LEU G 603 -55.68 -24.14 -1.88
CA LEU G 603 -54.93 -24.76 -2.97
C LEU G 603 -55.86 -25.59 -3.80
N SER G 604 -55.95 -25.27 -5.08
CA SER G 604 -56.82 -25.95 -6.01
C SER G 604 -56.02 -26.98 -6.79
N VAL G 605 -56.45 -28.24 -6.74
CA VAL G 605 -55.75 -29.31 -7.41
C VAL G 605 -56.75 -30.09 -8.24
N SER G 606 -56.25 -30.79 -9.24
CA SER G 606 -57.05 -31.68 -10.08
C SER G 606 -56.40 -33.04 -10.03
N VAL G 607 -57.14 -34.02 -9.54
CA VAL G 607 -56.62 -35.37 -9.37
C VAL G 607 -57.41 -36.31 -10.27
N ASP G 608 -56.75 -36.73 -11.37
CA ASP G 608 -57.33 -37.58 -12.41
C ASP G 608 -58.65 -37.04 -12.95
N GLY G 609 -58.70 -35.72 -13.12
CA GLY G 609 -59.88 -35.09 -13.68
C GLY G 609 -60.86 -34.65 -12.62
N THR G 610 -60.63 -35.06 -11.37
CA THR G 610 -61.50 -34.70 -10.27
C THR G 610 -61.02 -33.41 -9.63
N GLN G 611 -61.88 -32.41 -9.56
CA GLN G 611 -61.49 -31.11 -9.02
C GLN G 611 -61.66 -31.09 -7.52
N ARG G 612 -60.58 -30.80 -6.80
CA ARG G 612 -60.59 -30.74 -5.35
C ARG G 612 -60.04 -29.40 -4.90
N THR G 613 -60.53 -28.93 -3.75
CA THR G 613 -59.94 -27.82 -3.02
C THR G 613 -59.51 -28.32 -1.67
N VAL G 614 -58.26 -28.04 -1.30
CA VAL G 614 -57.73 -28.47 -0.02
C VAL G 614 -57.09 -27.28 0.66
N GLN G 615 -56.91 -27.40 1.98
CA GLN G 615 -56.22 -26.38 2.74
C GLN G 615 -55.11 -27.04 3.55
N CYS G 616 -53.91 -26.48 3.51
CA CYS G 616 -52.82 -26.95 4.37
C CYS G 616 -52.75 -26.04 5.58
N LEU G 617 -52.99 -26.59 6.77
CA LEU G 617 -53.17 -25.73 7.92
C LEU G 617 -51.87 -25.56 8.69
N SER G 618 -51.03 -26.57 8.69
CA SER G 618 -49.77 -26.56 9.40
C SER G 618 -48.81 -27.53 8.75
N ARG G 619 -47.51 -27.28 8.93
CA ARG G 619 -46.48 -28.17 8.42
C ARG G 619 -45.37 -28.23 9.45
N GLU G 620 -44.77 -29.41 9.61
CA GLU G 620 -43.59 -29.53 10.44
C GLU G 620 -42.47 -30.17 9.66
N ALA G 621 -41.25 -29.86 10.07
CA ALA G 621 -40.08 -30.45 9.45
C ALA G 621 -40.04 -31.95 9.62
N GLY G 622 -40.68 -32.49 10.67
CA GLY G 622 -40.66 -33.91 10.94
C GLY G 622 -41.58 -34.74 10.08
N GLY G 623 -42.26 -34.11 9.13
CA GLY G 623 -43.12 -34.76 8.20
C GLY G 623 -44.60 -34.62 8.51
N ASN G 624 -44.93 -34.10 9.69
CA ASN G 624 -46.32 -33.90 10.07
C ASN G 624 -46.94 -32.81 9.23
N MET G 625 -48.11 -33.09 8.67
CA MET G 625 -48.84 -32.08 7.94
C MET G 625 -50.29 -32.16 8.39
N SER G 626 -50.95 -31.02 8.50
CA SER G 626 -52.39 -30.99 8.77
C SER G 626 -53.09 -30.47 7.52
N ILE G 627 -53.89 -31.32 6.90
CA ILE G 627 -54.52 -31.02 5.63
C ILE G 627 -56.01 -31.17 5.80
N GLN G 628 -56.77 -30.17 5.37
CA GLN G 628 -58.21 -30.26 5.44
C GLN G 628 -58.69 -30.73 4.08
N PHE G 629 -59.42 -31.84 4.08
CA PHE G 629 -59.89 -32.53 2.90
C PHE G 629 -61.36 -32.82 3.13
N LEU G 630 -62.21 -32.26 2.27
CA LEU G 630 -63.67 -32.35 2.36
C LEU G 630 -64.20 -31.88 3.71
N GLY G 631 -63.60 -30.83 4.24
CA GLY G 631 -64.05 -30.29 5.50
C GLY G 631 -63.41 -30.89 6.73
N THR G 632 -62.78 -32.06 6.64
CA THR G 632 -62.26 -32.73 7.82
C THR G 632 -60.74 -32.60 7.84
N VAL G 633 -60.18 -32.32 8.98
CA VAL G 633 -58.75 -32.20 9.07
C VAL G 633 -58.15 -33.57 9.35
N TYR G 634 -57.23 -33.98 8.50
CA TYR G 634 -56.56 -35.25 8.62
C TYR G 634 -55.12 -34.99 8.97
N LYS G 635 -54.56 -35.83 9.83
CA LYS G 635 -53.17 -35.73 10.24
C LYS G 635 -52.36 -36.75 9.48
N VAL G 636 -51.36 -36.30 8.73
CA VAL G 636 -50.54 -37.23 7.99
C VAL G 636 -49.07 -36.95 8.29
N ASN G 637 -48.31 -38.02 8.48
CA ASN G 637 -46.89 -37.91 8.77
C ASN G 637 -46.15 -38.51 7.57
N ILE G 638 -45.46 -37.67 6.82
CA ILE G 638 -44.77 -38.10 5.61
C ILE G 638 -43.29 -38.13 5.88
N LEU G 639 -42.70 -39.32 5.85
CA LEU G 639 -41.28 -39.47 6.00
C LEU G 639 -40.72 -39.98 4.68
N THR G 640 -39.44 -39.72 4.46
CA THR G 640 -38.78 -40.33 3.34
C THR G 640 -38.51 -41.80 3.68
N ARG G 641 -38.28 -42.59 2.65
CA ARG G 641 -38.01 -44.02 2.87
C ARG G 641 -36.94 -44.21 3.95
N LEU G 642 -35.85 -43.45 3.87
CA LEU G 642 -34.74 -43.64 4.79
C LEU G 642 -35.12 -43.26 6.21
N ALA G 643 -35.80 -42.11 6.38
CA ALA G 643 -36.22 -41.69 7.70
C ALA G 643 -37.20 -42.67 8.32
N ALA G 644 -38.12 -43.21 7.52
CA ALA G 644 -39.07 -44.16 8.05
C ALA G 644 -38.40 -45.48 8.43
N GLU G 645 -37.42 -45.93 7.64
CA GLU G 645 -36.76 -47.17 8.01
C GLU G 645 -35.94 -47.05 9.29
N LEU G 646 -35.29 -45.91 9.52
CA LEU G 646 -34.49 -45.75 10.73
C LEU G 646 -35.33 -45.33 11.93
N ASN G 647 -36.46 -44.66 11.71
CA ASN G 647 -37.28 -44.20 12.81
C ASN G 647 -37.78 -45.33 13.70
N LYS G 648 -37.79 -46.56 13.19
CA LYS G 648 -38.25 -47.70 13.99
C LYS G 648 -37.35 -47.97 15.18
N PHE G 649 -36.16 -47.38 15.20
CA PHE G 649 -35.22 -47.61 16.28
C PHE G 649 -35.40 -46.63 17.42
N MET G 650 -36.37 -45.73 17.32
CA MET G 650 -36.57 -44.73 18.35
C MET G 650 -37.44 -45.32 19.46
N LEU G 651 -37.17 -44.93 20.69
CA LEU G 651 -37.94 -45.45 21.80
C LEU G 651 -39.28 -44.71 21.89
N GLU G 652 -40.35 -45.48 22.07
CA GLU G 652 -41.69 -44.91 22.10
C GLU G 652 -41.96 -44.44 23.52
N LYS G 653 -41.32 -43.35 23.90
CA LYS G 653 -41.57 -42.78 25.21
C LYS G 653 -42.88 -42.01 25.18
N THR H 33 -2.37 -62.69 0.35
CA THR H 33 -3.36 -61.61 0.41
C THR H 33 -2.93 -60.41 -0.42
N SER H 34 -3.77 -60.02 -1.38
CA SER H 34 -3.46 -58.89 -2.23
C SER H 34 -3.78 -57.59 -1.50
N VAL H 35 -3.27 -56.48 -2.02
CA VAL H 35 -3.57 -55.18 -1.44
C VAL H 35 -5.04 -54.84 -1.55
N ASN H 36 -5.70 -55.27 -2.63
CA ASN H 36 -7.12 -55.00 -2.82
C ASN H 36 -7.96 -55.71 -1.77
N GLU H 37 -7.54 -56.90 -1.35
CA GLU H 37 -8.29 -57.62 -0.33
C GLU H 37 -8.19 -56.92 1.01
N ARG H 38 -6.99 -56.42 1.32
CA ARG H 38 -6.76 -55.70 2.56
C ARG H 38 -7.57 -54.41 2.60
N ILE H 39 -7.64 -53.73 1.47
CA ILE H 39 -8.40 -52.50 1.33
C ILE H 39 -9.89 -52.75 1.55
N GLU H 40 -10.42 -53.79 0.93
CA GLU H 40 -11.82 -54.16 1.11
C GLU H 40 -12.12 -54.51 2.56
N ASN H 41 -11.20 -55.22 3.22
CA ASN H 41 -11.41 -55.57 4.61
C ASN H 41 -11.42 -54.35 5.53
N LYS H 42 -10.62 -53.35 5.19
CA LYS H 42 -10.60 -52.11 5.98
C LYS H 42 -11.87 -51.29 5.76
N ARG H 43 -12.40 -51.32 4.54
CA ARG H 43 -13.61 -50.59 4.18
C ARG H 43 -14.77 -51.18 5.00
N ARG H 44 -14.88 -52.51 5.04
CA ARG H 44 -15.94 -53.18 5.78
C ARG H 44 -15.85 -52.89 7.28
N THR H 45 -14.65 -52.92 7.84
CA THR H 45 -14.51 -52.55 9.25
C THR H 45 -14.82 -51.08 9.51
N ALA H 46 -14.37 -50.17 8.63
CA ALA H 46 -14.67 -48.76 8.85
C ALA H 46 -16.16 -48.51 8.90
N LEU H 47 -16.93 -49.23 8.08
CA LEU H 47 -18.37 -49.07 8.10
C LEU H 47 -18.98 -49.62 9.38
N LEU H 48 -18.47 -50.76 9.86
CA LEU H 48 -18.98 -51.27 11.13
C LEU H 48 -18.51 -50.44 12.31
N GLY H 49 -17.35 -49.81 12.19
CA GLY H 49 -16.84 -48.98 13.29
C GLY H 49 -16.49 -49.82 14.50
N GLY H 50 -17.24 -49.64 15.58
CA GLY H 50 -17.03 -50.40 16.80
C GLY H 50 -17.51 -51.83 16.75
N GLY H 51 -18.15 -52.25 15.68
CA GLY H 51 -18.62 -53.61 15.55
C GLY H 51 -20.13 -53.70 15.65
N GLN H 52 -20.67 -54.79 15.08
CA GLN H 52 -22.10 -54.98 14.97
C GLN H 52 -22.78 -55.08 16.33
N ARG H 53 -22.11 -55.65 17.33
CA ARG H 53 -22.73 -55.80 18.64
C ARG H 53 -22.89 -54.45 19.32
N ARG H 54 -21.92 -53.57 19.09
CA ARG H 54 -21.98 -52.21 19.62
C ARG H 54 -23.12 -51.50 18.91
N ILE H 55 -23.18 -51.64 17.58
CA ILE H 55 -24.25 -51.02 16.80
C ILE H 55 -25.61 -51.49 17.29
N ASP H 56 -25.74 -52.79 17.54
CA ASP H 56 -26.98 -53.30 18.12
C ASP H 56 -27.34 -52.59 19.41
N ALA H 57 -26.38 -52.42 20.31
CA ALA H 57 -26.63 -51.68 21.55
C ALA H 57 -26.99 -50.23 21.28
N GLN H 58 -26.35 -49.62 20.28
CA GLN H 58 -26.63 -48.24 19.89
C GLN H 58 -28.11 -48.06 19.57
N HIS H 59 -28.68 -49.01 18.83
CA HIS H 59 -30.10 -48.96 18.50
C HIS H 59 -30.99 -49.30 19.69
N LYS H 60 -30.55 -50.21 20.55
CA LYS H 60 -31.32 -50.57 21.74
C LYS H 60 -31.56 -49.36 22.62
N ARG H 61 -30.57 -48.52 22.71
CA ARG H 61 -30.71 -47.33 23.53
C ARG H 61 -31.58 -46.27 22.85
N GLY H 62 -31.87 -46.45 21.56
CA GLY H 62 -32.68 -45.47 20.84
C GLY H 62 -31.87 -44.42 20.12
N LYS H 63 -30.64 -44.74 19.72
CA LYS H 63 -29.75 -43.82 19.05
C LYS H 63 -29.40 -44.37 17.67
N LEU H 64 -29.11 -43.48 16.74
CA LEU H 64 -28.64 -43.85 15.41
C LEU H 64 -27.13 -43.86 15.42
N THR H 65 -26.53 -44.54 14.44
CA THR H 65 -25.09 -44.46 14.41
C THR H 65 -24.66 -43.16 13.74
N ALA H 66 -23.37 -42.85 13.86
CA ALA H 66 -22.80 -41.65 13.25
C ALA H 66 -22.97 -41.61 11.74
N ARG H 67 -22.84 -42.76 11.07
CA ARG H 67 -23.04 -42.79 9.63
C ARG H 67 -24.53 -42.71 9.27
N GLU H 68 -25.42 -43.31 10.05
CA GLU H 68 -26.84 -43.19 9.75
C GLU H 68 -27.29 -41.75 9.91
N ARG H 69 -26.76 -41.04 10.91
CA ARG H 69 -27.11 -39.64 11.10
C ARG H 69 -26.67 -38.81 9.91
N ILE H 70 -25.46 -39.04 9.38
CA ILE H 70 -25.10 -38.24 8.22
C ILE H 70 -25.99 -38.53 7.02
N SER H 71 -26.31 -39.80 6.76
CA SER H 71 -27.14 -40.13 5.61
C SER H 71 -28.48 -39.39 5.66
N LEU H 72 -29.03 -39.23 6.85
CA LEU H 72 -30.27 -38.47 7.00
C LEU H 72 -30.05 -36.98 6.77
N LEU H 73 -28.92 -36.44 7.23
CA LEU H 73 -28.73 -35.00 7.22
C LEU H 73 -28.51 -34.47 5.81
N LEU H 74 -27.68 -35.13 5.02
CA LEU H 74 -27.24 -34.59 3.76
C LEU H 74 -28.04 -35.14 2.61
N ASP H 75 -28.04 -34.39 1.51
CA ASP H 75 -28.66 -34.82 0.27
C ASP H 75 -28.17 -36.23 -0.09
N PRO H 76 -29.07 -37.13 -0.48
CA PRO H 76 -28.65 -38.49 -0.82
C PRO H 76 -27.53 -38.51 -1.85
N GLY H 77 -26.46 -39.24 -1.52
CA GLY H 77 -25.40 -39.45 -2.47
C GLY H 77 -24.39 -38.33 -2.53
N SER H 78 -24.62 -37.25 -1.79
CA SER H 78 -23.75 -36.09 -1.84
C SER H 78 -22.54 -36.18 -0.91
N PHE H 79 -22.52 -37.13 0.00
CA PHE H 79 -21.48 -37.20 1.02
C PHE H 79 -20.24 -37.89 0.49
N VAL H 80 -19.08 -37.25 0.68
CA VAL H 80 -17.80 -37.86 0.35
C VAL H 80 -16.96 -37.92 1.61
N GLU H 81 -16.60 -39.14 2.01
CA GLU H 81 -15.83 -39.40 3.21
C GLU H 81 -14.34 -39.20 2.96
N SER H 82 -13.68 -38.58 3.93
CA SER H 82 -12.25 -38.32 3.87
C SER H 82 -11.57 -39.12 4.95
N ASP H 83 -10.31 -39.50 4.70
CA ASP H 83 -9.40 -40.11 5.68
C ASP H 83 -10.03 -41.32 6.37
N MET H 84 -10.71 -42.14 5.59
CA MET H 84 -11.40 -43.28 6.20
C MET H 84 -10.42 -44.33 6.70
N PHE H 85 -9.17 -44.30 6.23
CA PHE H 85 -8.20 -45.34 6.58
C PHE H 85 -7.20 -44.89 7.62
N VAL H 86 -7.43 -43.78 8.27
CA VAL H 86 -6.49 -43.29 9.27
C VAL H 86 -6.72 -44.01 10.59
N GLU H 87 -5.62 -44.44 11.20
CA GLU H 87 -5.65 -45.09 12.50
C GLU H 87 -4.70 -44.40 13.46
N HIS H 88 -4.94 -44.60 14.74
CA HIS H 88 -4.09 -44.03 15.78
C HIS H 88 -2.68 -44.60 15.71
N ARG H 89 -1.73 -43.82 16.21
CA ARG H 89 -0.33 -44.23 16.22
C ARG H 89 0.18 -44.52 17.62
N CYS H 90 -0.71 -44.49 18.61
CA CYS H 90 -0.29 -44.75 19.98
C CYS H 90 -0.08 -46.24 20.18
N ALA H 91 1.09 -46.59 20.73
CA ALA H 91 1.43 -47.98 20.96
C ALA H 91 1.45 -48.35 22.42
N ASP H 92 1.30 -47.40 23.34
CA ASP H 92 1.43 -47.63 24.76
C ASP H 92 0.13 -48.17 25.32
N PHE H 93 0.21 -48.81 26.49
CA PHE H 93 -0.92 -49.36 27.25
C PHE H 93 -1.74 -50.36 26.42
N GLY H 94 -1.09 -51.07 25.52
CA GLY H 94 -1.77 -52.07 24.73
C GLY H 94 -2.48 -51.53 23.51
N MET H 95 -2.34 -50.24 23.23
CA MET H 95 -2.98 -49.61 22.10
C MET H 95 -2.44 -50.13 20.77
N ALA H 96 -1.33 -50.85 20.81
CA ALA H 96 -0.75 -51.45 19.63
C ALA H 96 -1.43 -52.75 19.24
N ALA H 97 -2.37 -53.22 20.06
CA ALA H 97 -3.03 -54.48 19.80
C ALA H 97 -3.97 -54.34 18.62
N ASP H 98 -4.10 -55.42 17.87
CA ASP H 98 -4.97 -55.41 16.71
C ASP H 98 -6.42 -55.11 17.11
N LYS H 99 -6.84 -55.51 18.31
CA LYS H 99 -8.20 -55.30 18.78
C LYS H 99 -8.56 -53.82 18.91
N ASN H 100 -7.57 -52.93 18.95
CA ASN H 100 -7.79 -51.51 19.14
C ASN H 100 -7.72 -50.73 17.84
N LYS H 101 -7.40 -51.39 16.72
CA LYS H 101 -7.14 -50.71 15.46
C LYS H 101 -8.47 -50.55 14.73
N PHE H 102 -9.17 -49.46 15.04
CA PHE H 102 -10.45 -49.15 14.41
C PHE H 102 -10.26 -48.09 13.33
N PRO H 103 -10.35 -48.45 12.06
CA PRO H 103 -10.21 -47.43 11.02
C PRO H 103 -11.22 -46.31 11.23
N GLY H 104 -10.78 -45.10 11.06
CA GLY H 104 -11.64 -43.95 11.26
C GLY H 104 -11.45 -43.28 12.58
N ASP H 105 -10.90 -44.02 13.56
CA ASP H 105 -10.55 -43.53 14.89
C ASP H 105 -11.64 -42.62 15.47
N SER H 106 -12.85 -43.18 15.47
CA SER H 106 -14.02 -42.68 16.20
C SER H 106 -14.65 -41.41 15.63
N VAL H 107 -14.32 -40.98 14.42
CA VAL H 107 -15.01 -39.86 13.81
C VAL H 107 -15.24 -40.19 12.34
N VAL H 108 -16.38 -39.75 11.83
CA VAL H 108 -16.68 -39.78 10.41
C VAL H 108 -16.64 -38.34 9.91
N THR H 109 -15.77 -38.08 8.94
CA THR H 109 -15.58 -36.74 8.42
C THR H 109 -15.81 -36.74 6.91
N GLY H 110 -16.27 -35.61 6.39
CA GLY H 110 -16.41 -35.51 4.96
C GLY H 110 -17.21 -34.29 4.58
N ARG H 111 -17.56 -34.23 3.30
CA ARG H 111 -18.30 -33.07 2.80
C ARG H 111 -19.51 -33.51 2.00
N GLY H 112 -20.48 -32.60 1.91
CA GLY H 112 -21.64 -32.85 1.08
C GLY H 112 -22.41 -31.58 0.85
N ARG H 113 -23.69 -31.75 0.54
CA ARG H 113 -24.59 -30.64 0.25
C ARG H 113 -25.92 -30.87 0.95
N ILE H 114 -26.57 -29.78 1.31
CA ILE H 114 -27.95 -29.79 1.76
C ILE H 114 -28.70 -28.88 0.81
N ASN H 115 -29.65 -29.46 0.06
CA ASN H 115 -30.42 -28.79 -0.99
C ASN H 115 -29.53 -28.11 -2.03
N GLY H 116 -28.45 -28.78 -2.41
CA GLY H 116 -27.54 -28.23 -3.38
C GLY H 116 -26.49 -27.30 -2.83
N ARG H 117 -26.52 -26.98 -1.53
CA ARG H 117 -25.56 -26.02 -0.99
C ARG H 117 -24.48 -26.74 -0.23
N LEU H 118 -23.24 -26.35 -0.49
CA LEU H 118 -22.07 -27.02 0.08
C LEU H 118 -22.04 -26.85 1.59
N VAL H 119 -21.78 -27.95 2.30
CA VAL H 119 -21.59 -27.91 3.73
C VAL H 119 -20.60 -29.00 4.10
N TYR H 120 -19.80 -28.73 5.13
CA TYR H 120 -18.88 -29.71 5.71
C TYR H 120 -19.48 -30.26 6.99
N VAL H 121 -19.28 -31.55 7.24
CA VAL H 121 -19.79 -32.18 8.45
C VAL H 121 -18.71 -33.04 9.08
N PHE H 122 -18.92 -33.35 10.34
CA PHE H 122 -18.25 -34.46 11.00
C PHE H 122 -19.17 -34.99 12.07
N SER H 123 -19.01 -36.26 12.41
CA SER H 123 -19.86 -36.87 13.42
C SER H 123 -18.99 -37.79 14.26
N GLN H 124 -19.13 -37.68 15.58
CA GLN H 124 -18.37 -38.52 16.49
C GLN H 124 -19.08 -39.85 16.70
N ASP H 125 -18.31 -40.94 16.69
CA ASP H 125 -18.85 -42.29 16.78
C ASP H 125 -18.63 -42.83 18.18
N PHE H 126 -19.71 -42.97 18.94
CA PHE H 126 -19.63 -43.38 20.34
C PHE H 126 -19.23 -44.84 20.50
N THR H 127 -19.32 -45.65 19.45
CA THR H 127 -19.11 -47.09 19.62
C THR H 127 -17.63 -47.44 19.58
N VAL H 128 -16.77 -46.48 19.27
CA VAL H 128 -15.34 -46.74 19.18
C VAL H 128 -14.63 -45.99 20.29
N PHE H 129 -14.13 -46.74 21.29
CA PHE H 129 -13.57 -46.24 22.54
C PHE H 129 -14.47 -45.25 23.26
N GLY H 130 -15.78 -45.40 23.13
CA GLY H 130 -16.69 -44.49 23.81
C GLY H 130 -16.79 -43.12 23.18
N GLY H 131 -16.24 -42.95 21.99
CA GLY H 131 -16.26 -41.66 21.32
C GLY H 131 -15.21 -40.71 21.85
N SER H 132 -14.28 -41.24 22.63
CA SER H 132 -13.24 -40.43 23.26
C SER H 132 -12.33 -39.79 22.22
N LEU H 133 -11.72 -38.66 22.58
CA LEU H 133 -10.92 -37.89 21.63
C LEU H 133 -9.44 -38.29 21.69
N SER H 134 -8.89 -38.62 20.54
CA SER H 134 -7.47 -38.91 20.44
C SER H 134 -6.77 -37.79 19.69
N GLY H 135 -5.45 -37.87 19.59
CA GLY H 135 -4.71 -36.94 18.77
C GLY H 135 -5.20 -36.96 17.35
N ALA H 136 -5.18 -38.16 16.72
CA ALA H 136 -5.63 -38.29 15.34
C ALA H 136 -7.09 -37.90 15.17
N HIS H 137 -7.92 -38.18 16.16
CA HIS H 137 -9.32 -37.76 16.17
C HIS H 137 -9.46 -36.27 15.90
N ALA H 138 -8.74 -35.46 16.69
CA ALA H 138 -8.81 -34.02 16.55
C ALA H 138 -8.25 -33.56 15.22
N GLN H 139 -7.21 -34.24 14.78
CA GLN H 139 -6.53 -33.84 13.57
C GLN H 139 -7.49 -33.85 12.40
N LYS H 140 -8.30 -34.90 12.33
CA LYS H 140 -9.29 -35.06 11.26
C LYS H 140 -10.36 -33.98 11.32
N ILE H 141 -10.81 -33.67 12.54
CA ILE H 141 -11.78 -32.59 12.69
C ILE H 141 -11.16 -31.26 12.28
N CYS H 142 -9.89 -31.00 12.66
CA CYS H 142 -9.23 -29.76 12.28
C CYS H 142 -9.09 -29.61 10.78
N LYS H 143 -8.80 -30.72 10.12
CA LYS H 143 -8.69 -30.75 8.67
C LYS H 143 -9.99 -30.23 8.07
N ILE H 144 -11.13 -30.69 8.59
CA ILE H 144 -12.41 -30.20 8.04
C ILE H 144 -12.59 -28.71 8.31
N MET H 145 -12.20 -28.30 9.52
CA MET H 145 -12.27 -26.90 9.94
C MET H 145 -11.46 -25.99 9.04
N ASP H 146 -10.31 -26.45 8.56
CA ASP H 146 -9.46 -25.69 7.67
C ASP H 146 -9.99 -25.64 6.25
N GLN H 147 -10.56 -26.72 5.73
CA GLN H 147 -11.08 -26.65 4.37
C GLN H 147 -12.29 -25.75 4.35
N ALA H 148 -13.15 -25.85 5.34
CA ALA H 148 -14.35 -25.03 5.36
C ALA H 148 -14.02 -23.55 5.45
N ILE H 149 -13.04 -23.18 6.25
CA ILE H 149 -12.69 -21.78 6.35
C ILE H 149 -12.13 -21.27 5.02
N THR H 150 -11.25 -22.07 4.39
CA THR H 150 -10.64 -21.64 3.14
C THR H 150 -11.68 -21.43 2.04
N VAL H 151 -12.63 -22.35 1.88
CA VAL H 151 -13.61 -22.14 0.81
C VAL H 151 -14.76 -21.23 1.22
N GLY H 152 -15.12 -21.21 2.49
CA GLY H 152 -16.26 -20.43 2.92
C GLY H 152 -17.56 -21.20 2.93
N ALA H 153 -17.60 -22.32 3.64
CA ALA H 153 -18.75 -23.20 3.74
C ALA H 153 -19.01 -23.46 5.22
N PRO H 154 -20.27 -23.61 5.64
CA PRO H 154 -20.54 -23.89 7.05
C PRO H 154 -20.01 -25.26 7.45
N VAL H 155 -19.84 -25.43 8.75
CA VAL H 155 -19.50 -26.71 9.35
C VAL H 155 -20.59 -27.07 10.34
N ILE H 156 -21.12 -28.28 10.22
CA ILE H 156 -22.10 -28.81 11.17
C ILE H 156 -21.46 -30.02 11.84
N GLY H 157 -21.32 -29.95 13.16
CA GLY H 157 -20.77 -31.04 13.94
C GLY H 157 -21.88 -31.78 14.66
N LEU H 158 -21.75 -33.10 14.74
CA LEU H 158 -22.65 -33.95 15.51
C LEU H 158 -21.82 -34.53 16.63
N ASN H 159 -21.98 -34.02 17.84
CA ASN H 159 -21.08 -34.35 18.92
C ASN H 159 -21.67 -35.40 19.85
N ASP H 160 -20.80 -36.31 20.27
CA ASP H 160 -21.09 -37.41 21.18
C ASP H 160 -19.75 -38.00 21.62
N SER H 161 -19.37 -37.78 22.87
CA SER H 161 -18.03 -38.16 23.31
C SER H 161 -18.00 -38.41 24.80
N GLY H 162 -17.08 -39.26 25.24
CA GLY H 162 -16.98 -39.57 26.65
C GLY H 162 -15.88 -38.75 27.26
N GLY H 163 -15.28 -37.91 26.44
CA GLY H 163 -14.16 -37.08 26.87
C GLY H 163 -12.84 -37.50 26.29
N ALA H 164 -11.76 -37.08 26.93
CA ALA H 164 -10.42 -37.35 26.46
C ALA H 164 -10.10 -38.83 26.55
N ARG H 165 -9.29 -39.32 25.62
CA ARG H 165 -8.81 -40.70 25.63
C ARG H 165 -7.57 -40.73 26.50
N ILE H 166 -7.72 -41.26 27.72
CA ILE H 166 -6.65 -41.23 28.73
C ILE H 166 -5.47 -42.12 28.39
N GLN H 167 -5.65 -43.05 27.47
CA GLN H 167 -4.54 -43.92 27.12
C GLN H 167 -3.43 -43.15 26.41
N GLU H 168 -3.78 -42.07 25.72
CA GLU H 168 -2.75 -41.27 25.06
C GLU H 168 -2.23 -40.16 25.97
N GLY H 169 -3.02 -39.74 26.93
CA GLY H 169 -2.56 -38.78 27.93
C GLY H 169 -2.72 -37.34 27.45
N VAL H 170 -1.60 -36.70 27.14
CA VAL H 170 -1.57 -35.27 26.83
C VAL H 170 -1.76 -34.98 25.37
N GLU H 171 -1.74 -36.02 24.54
CA GLU H 171 -1.95 -35.86 23.11
C GLU H 171 -3.38 -35.37 22.84
N SER H 172 -4.35 -35.87 23.60
CA SER H 172 -5.74 -35.47 23.43
C SER H 172 -5.97 -34.05 23.91
N LEU H 173 -5.18 -33.58 24.88
CA LEU H 173 -5.32 -32.20 25.33
C LEU H 173 -4.88 -31.22 24.26
N ALA H 174 -3.80 -31.53 23.54
CA ALA H 174 -3.44 -30.76 22.35
C ALA H 174 -4.52 -30.83 21.29
N GLY H 175 -5.18 -31.98 21.15
CA GLY H 175 -6.28 -32.09 20.21
C GLY H 175 -7.36 -31.05 20.46
N TYR H 176 -7.82 -30.93 21.71
CA TYR H 176 -8.81 -29.93 22.10
C TYR H 176 -8.36 -28.52 21.81
N ALA H 177 -7.10 -28.20 22.14
CA ALA H 177 -6.59 -26.87 21.90
C ALA H 177 -6.61 -26.51 20.43
N ASP H 178 -6.24 -27.45 19.55
CA ASP H 178 -6.27 -27.16 18.11
C ASP H 178 -7.68 -26.96 17.60
N ILE H 179 -8.63 -27.76 18.10
CA ILE H 179 -10.04 -27.58 17.69
C ILE H 179 -10.55 -26.23 18.16
N PHE H 180 -10.23 -25.86 19.40
CA PHE H 180 -10.67 -24.58 19.94
C PHE H 180 -10.14 -23.42 19.12
N LEU H 181 -8.87 -23.51 18.71
CA LEU H 181 -8.27 -22.48 17.89
C LEU H 181 -8.99 -22.33 16.56
N ARG H 182 -9.37 -23.45 15.94
CA ARG H 182 -10.13 -23.31 14.68
C ARG H 182 -11.51 -22.73 14.92
N ASN H 183 -12.18 -23.12 16.00
CA ASN H 183 -13.53 -22.63 16.28
C ASN H 183 -13.54 -21.15 16.55
N VAL H 184 -12.48 -20.64 17.16
CA VAL H 184 -12.39 -19.20 17.36
C VAL H 184 -12.06 -18.51 16.05
N THR H 185 -11.10 -19.05 15.29
CA THR H 185 -10.75 -18.46 14.00
C THR H 185 -11.93 -18.38 13.06
N ALA H 186 -12.77 -19.42 13.04
CA ALA H 186 -13.91 -19.42 12.13
C ALA H 186 -15.03 -18.48 12.54
N SER H 187 -15.00 -17.90 13.74
CA SER H 187 -16.11 -17.09 14.22
C SER H 187 -16.28 -15.85 13.35
N GLY H 188 -17.48 -15.63 12.85
CA GLY H 188 -17.76 -14.50 12.00
C GLY H 188 -17.34 -14.71 10.57
N VAL H 189 -16.84 -15.88 10.24
CA VAL H 189 -16.39 -16.22 8.90
C VAL H 189 -17.31 -17.24 8.24
N ILE H 190 -17.58 -18.33 8.94
CA ILE H 190 -18.52 -19.34 8.46
C ILE H 190 -19.47 -19.66 9.61
N PRO H 191 -20.73 -20.01 9.36
CA PRO H 191 -21.59 -20.42 10.47
C PRO H 191 -21.06 -21.70 11.07
N GLN H 192 -21.17 -21.81 12.39
CA GLN H 192 -20.80 -23.04 13.07
C GLN H 192 -21.98 -23.53 13.90
N ILE H 193 -22.47 -24.71 13.56
CA ILE H 193 -23.63 -25.32 14.19
C ILE H 193 -23.18 -26.59 14.87
N SER H 194 -23.58 -26.78 16.12
CA SER H 194 -23.24 -27.99 16.84
C SER H 194 -24.50 -28.63 17.40
N LEU H 195 -24.77 -29.85 16.95
CA LEU H 195 -25.91 -30.63 17.42
C LEU H 195 -25.39 -31.74 18.31
N ILE H 196 -25.89 -31.81 19.53
CA ILE H 196 -25.43 -32.80 20.50
C ILE H 196 -26.37 -33.99 20.40
N MET H 197 -25.79 -35.17 20.21
CA MET H 197 -26.61 -36.35 19.97
C MET H 197 -26.38 -37.42 21.03
N GLY H 198 -25.75 -37.04 22.14
CA GLY H 198 -25.44 -37.97 23.20
C GLY H 198 -24.71 -37.28 24.32
N PRO H 199 -24.09 -38.03 25.22
CA PRO H 199 -23.39 -37.39 26.32
C PRO H 199 -22.13 -36.69 25.84
N CYS H 200 -21.65 -35.73 26.62
CA CYS H 200 -20.45 -34.97 26.30
C CYS H 200 -19.81 -34.55 27.60
N ALA H 201 -18.54 -34.90 27.77
CA ALA H 201 -17.87 -34.70 29.05
C ALA H 201 -16.44 -34.25 28.80
N GLY H 202 -15.85 -33.66 29.82
CA GLY H 202 -14.51 -33.12 29.69
C GLY H 202 -14.45 -31.92 28.77
N GLY H 203 -13.28 -31.77 28.16
CA GLY H 203 -13.01 -30.63 27.29
C GLY H 203 -13.94 -30.52 26.10
N ALA H 204 -14.56 -31.64 25.69
CA ALA H 204 -15.43 -31.64 24.53
C ALA H 204 -16.61 -30.69 24.70
N VAL H 205 -17.03 -30.48 25.96
CA VAL H 205 -18.22 -29.71 26.30
C VAL H 205 -18.02 -28.22 26.01
N TYR H 206 -16.79 -27.80 25.74
CA TYR H 206 -16.57 -26.41 25.40
C TYR H 206 -16.72 -26.10 23.92
N SER H 207 -16.62 -27.09 23.02
CA SER H 207 -16.80 -26.66 21.62
C SER H 207 -18.17 -26.02 21.34
N PRO H 208 -19.32 -26.53 21.82
CA PRO H 208 -20.55 -25.79 21.59
C PRO H 208 -20.59 -24.39 22.14
N ALA H 209 -19.69 -24.06 23.06
CA ALA H 209 -19.63 -22.70 23.57
C ALA H 209 -18.98 -21.76 22.59
N LEU H 210 -18.20 -22.27 21.65
CA LEU H 210 -17.56 -21.43 20.66
C LEU H 210 -18.35 -21.35 19.37
N THR H 211 -19.18 -22.35 19.06
CA THR H 211 -20.01 -22.28 17.87
C THR H 211 -21.20 -21.37 18.10
N ASP H 212 -21.93 -21.12 17.01
CA ASP H 212 -23.04 -20.16 17.01
C ASP H 212 -24.36 -20.66 17.56
N PHE H 213 -24.69 -21.91 17.30
CA PHE H 213 -25.92 -22.47 17.85
C PHE H 213 -25.62 -23.84 18.38
N THR H 214 -26.26 -24.18 19.49
CA THR H 214 -26.15 -25.50 20.08
C THR H 214 -27.53 -26.12 20.17
N PHE H 215 -27.70 -27.33 19.67
CA PHE H 215 -28.99 -28.00 19.74
C PHE H 215 -28.81 -29.33 20.44
N MET H 216 -29.87 -29.84 21.05
CA MET H 216 -29.79 -31.09 21.77
C MET H 216 -30.96 -31.98 21.42
N VAL H 217 -30.90 -33.22 21.91
CA VAL H 217 -31.96 -34.21 21.75
C VAL H 217 -32.46 -34.57 23.14
N LYS H 218 -33.77 -34.43 23.34
CA LYS H 218 -34.36 -34.62 24.66
C LYS H 218 -34.10 -36.02 25.16
N ASP H 219 -33.66 -36.09 26.43
CA ASP H 219 -33.45 -37.34 27.18
C ASP H 219 -32.36 -38.24 26.59
N THR H 220 -31.61 -37.75 25.62
CA THR H 220 -30.54 -38.52 25.00
C THR H 220 -29.20 -37.82 25.15
N SER H 221 -29.17 -36.50 25.03
CA SER H 221 -27.94 -35.73 25.01
C SER H 221 -27.72 -35.07 26.36
N TYR H 222 -26.45 -34.89 26.71
CA TYR H 222 -26.07 -34.25 27.96
C TYR H 222 -24.92 -33.28 27.69
N LEU H 223 -24.83 -32.25 28.51
CA LEU H 223 -23.67 -31.37 28.49
C LEU H 223 -23.23 -31.10 29.93
N PHE H 224 -22.04 -31.58 30.27
CA PHE H 224 -21.45 -31.36 31.58
C PHE H 224 -19.93 -31.48 31.48
N ILE H 225 -19.21 -30.94 32.47
CA ILE H 225 -17.77 -31.11 32.52
C ILE H 225 -17.41 -32.38 33.29
N THR H 226 -17.96 -32.51 34.50
CA THR H 226 -17.80 -33.70 35.33
C THR H 226 -19.15 -34.32 35.59
N GLY H 227 -19.16 -35.64 35.81
CA GLY H 227 -20.37 -36.36 36.04
C GLY H 227 -20.85 -36.30 37.47
N PRO H 228 -22.03 -36.86 37.73
CA PRO H 228 -22.56 -36.87 39.11
C PRO H 228 -21.62 -37.54 40.10
N ASP H 229 -20.76 -38.45 39.63
CA ASP H 229 -19.83 -39.14 40.50
C ASP H 229 -18.86 -38.17 41.16
N VAL H 230 -18.45 -37.14 40.43
CA VAL H 230 -17.56 -36.14 41.00
C VAL H 230 -18.32 -35.20 41.93
N VAL H 231 -19.52 -34.79 41.53
CA VAL H 231 -20.29 -33.90 42.41
C VAL H 231 -20.50 -34.54 43.77
N LYS H 232 -20.86 -35.84 43.81
CA LYS H 232 -21.09 -36.52 45.07
C LYS H 232 -19.80 -36.65 45.87
N SER H 233 -18.67 -36.85 45.18
CA SER H 233 -17.41 -37.07 45.88
C SER H 233 -16.84 -35.77 46.43
N VAL H 234 -17.12 -34.65 45.77
CA VAL H 234 -16.52 -33.38 46.15
C VAL H 234 -17.37 -32.67 47.21
N THR H 235 -18.68 -32.62 46.98
CA THR H 235 -19.58 -31.88 47.85
C THR H 235 -20.77 -32.75 48.21
N ASN H 236 -21.42 -32.44 49.33
CA ASN H 236 -22.54 -33.26 49.80
C ASN H 236 -23.85 -32.87 49.12
N GLU H 237 -23.93 -33.13 47.82
CA GLU H 237 -25.09 -32.80 47.01
C GLU H 237 -25.50 -34.05 46.23
N ASP H 238 -26.79 -34.33 46.16
CA ASP H 238 -27.31 -35.46 45.39
C ASP H 238 -27.94 -35.11 44.05
N VAL H 239 -27.33 -35.58 42.96
CA VAL H 239 -27.80 -35.28 41.61
C VAL H 239 -27.65 -36.46 40.63
N THR H 240 -28.61 -36.60 39.72
CA THR H 240 -28.55 -37.58 38.64
C THR H 240 -28.12 -37.02 37.30
N GLN H 241 -28.01 -37.88 36.30
CA GLN H 241 -27.40 -37.48 35.03
C GLN H 241 -28.22 -36.43 34.32
N GLU H 242 -29.53 -36.58 34.37
CA GLU H 242 -30.45 -35.67 33.68
C GLU H 242 -30.48 -34.32 34.39
N GLU H 243 -30.48 -34.34 35.72
CA GLU H 243 -30.53 -33.11 36.50
C GLU H 243 -29.26 -32.30 36.34
N LEU H 244 -28.13 -32.96 36.23
CA LEU H 244 -26.84 -32.28 36.18
C LEU H 244 -26.62 -31.62 34.82
N GLY H 245 -26.88 -32.35 33.75
CA GLY H 245 -26.59 -31.83 32.44
C GLY H 245 -27.52 -32.26 31.33
N GLY H 246 -28.78 -32.55 31.65
CA GLY H 246 -29.74 -32.99 30.67
C GLY H 246 -30.20 -31.86 29.76
N ALA H 247 -30.77 -32.27 28.62
CA ALA H 247 -31.27 -31.32 27.62
C ALA H 247 -32.33 -30.37 28.17
N LYS H 248 -33.18 -30.85 29.07
CA LYS H 248 -34.24 -30.01 29.61
C LYS H 248 -33.68 -28.89 30.46
N THR H 249 -32.59 -29.17 31.19
CA THR H 249 -31.95 -28.17 32.04
C THR H 249 -31.35 -27.04 31.20
N HIS H 250 -30.65 -27.39 30.14
CA HIS H 250 -29.93 -26.43 29.32
C HIS H 250 -30.81 -25.63 28.36
N THR H 251 -31.95 -26.19 27.98
CA THR H 251 -32.91 -25.43 27.20
C THR H 251 -33.92 -24.66 28.06
N THR H 252 -34.09 -25.01 29.33
CA THR H 252 -35.07 -24.26 30.12
C THR H 252 -34.44 -23.33 31.14
N MET H 253 -33.34 -23.74 31.76
CA MET H 253 -32.80 -22.94 32.84
C MET H 253 -31.43 -22.28 32.71
N SER H 254 -30.45 -22.97 32.15
CA SER H 254 -29.11 -22.39 32.12
C SER H 254 -28.91 -21.50 30.90
N GLY H 255 -29.74 -21.67 29.87
CA GLY H 255 -29.57 -20.87 28.68
C GLY H 255 -28.40 -21.26 27.83
N VAL H 256 -28.06 -22.55 27.81
CA VAL H 256 -26.88 -22.99 27.07
C VAL H 256 -27.30 -23.55 25.71
N ALA H 257 -28.36 -24.33 25.69
CA ALA H 257 -28.80 -24.97 24.46
C ALA H 257 -29.97 -24.20 23.85
N HIS H 258 -29.89 -24.00 22.54
CA HIS H 258 -30.86 -23.17 21.83
C HIS H 258 -32.18 -23.85 21.58
N ARG H 259 -32.19 -25.17 21.47
CA ARG H 259 -33.41 -25.94 21.38
C ARG H 259 -33.16 -27.43 21.43
N ALA H 260 -34.06 -28.17 22.08
CA ALA H 260 -33.97 -29.62 22.10
C ALA H 260 -35.09 -30.19 21.26
N PHE H 261 -34.79 -31.28 20.56
CA PHE H 261 -35.75 -31.95 19.71
C PHE H 261 -36.04 -33.34 20.27
N GLU H 262 -37.21 -33.87 19.93
CA GLU H 262 -37.71 -35.07 20.62
C GLU H 262 -36.82 -36.28 20.38
N ASN H 263 -36.34 -36.47 19.17
CA ASN H 263 -35.57 -37.67 18.85
C ASN H 263 -34.59 -37.37 17.73
N ASP H 264 -33.80 -38.38 17.36
CA ASP H 264 -32.74 -38.19 16.37
C ASP H 264 -33.28 -37.84 14.98
N VAL H 265 -34.41 -38.42 14.58
CA VAL H 265 -34.90 -38.25 13.22
C VAL H 265 -35.49 -36.85 13.04
N ASP H 266 -36.27 -36.42 14.02
CA ASP H 266 -36.86 -35.08 14.03
C ASP H 266 -35.81 -34.00 14.19
N ALA H 267 -34.76 -34.28 14.97
CA ALA H 267 -33.67 -33.34 15.18
C ALA H 267 -32.96 -33.03 13.88
N LEU H 268 -32.70 -34.04 13.06
CA LEU H 268 -32.01 -33.76 11.80
C LEU H 268 -32.95 -33.19 10.74
N CYS H 269 -34.25 -33.52 10.79
CA CYS H 269 -35.18 -32.89 9.87
C CYS H 269 -35.29 -31.39 10.12
N ASN H 270 -35.36 -31.00 11.39
CA ASN H 270 -35.40 -29.57 11.70
C ASN H 270 -34.05 -28.90 11.43
N LEU H 271 -32.96 -29.64 11.54
CA LEU H 271 -31.65 -29.07 11.25
C LEU H 271 -31.51 -28.73 9.78
N ARG H 272 -32.01 -29.58 8.88
CA ARG H 272 -32.00 -29.24 7.46
C ARG H 272 -32.77 -27.95 7.19
N ASP H 273 -33.95 -27.81 7.82
CA ASP H 273 -34.75 -26.59 7.67
C ASP H 273 -34.03 -25.36 8.23
N PHE H 274 -33.41 -25.50 9.40
CA PHE H 274 -32.64 -24.39 9.94
C PHE H 274 -31.49 -24.00 9.02
N PHE H 275 -30.75 -24.99 8.52
CA PHE H 275 -29.66 -24.70 7.61
C PHE H 275 -30.08 -23.79 6.48
N ASN H 276 -31.28 -24.01 5.93
CA ASN H 276 -31.68 -23.22 4.76
C ASN H 276 -31.80 -21.72 5.01
N TYR H 277 -31.74 -21.26 6.25
CA TYR H 277 -31.87 -19.84 6.53
C TYR H 277 -30.58 -19.05 6.35
N LEU H 278 -29.43 -19.66 6.56
CA LEU H 278 -28.15 -19.01 6.79
C LEU H 278 -27.34 -18.91 5.51
N PRO H 279 -26.51 -17.88 5.38
CA PRO H 279 -25.58 -17.83 4.25
C PRO H 279 -24.46 -18.84 4.44
N LEU H 280 -23.73 -19.09 3.36
CA LEU H 280 -22.63 -20.04 3.48
C LEU H 280 -21.43 -19.43 4.19
N SER H 281 -21.23 -18.12 4.06
CA SER H 281 -20.09 -17.43 4.67
C SER H 281 -20.52 -16.01 4.98
N SER H 282 -19.74 -15.34 5.82
CA SER H 282 -20.06 -13.96 6.16
C SER H 282 -19.78 -13.02 5.00
N GLN H 283 -19.17 -13.50 3.93
CA GLN H 283 -18.92 -12.66 2.77
C GLN H 283 -20.14 -12.61 1.87
N ASP H 284 -21.14 -13.43 2.16
CA ASP H 284 -22.31 -13.54 1.32
C ASP H 284 -23.48 -12.77 1.92
N PRO H 285 -24.37 -12.25 1.08
CA PRO H 285 -25.59 -11.62 1.59
C PRO H 285 -26.56 -12.66 2.13
N ALA H 286 -27.52 -12.23 2.93
CA ALA H 286 -28.56 -13.12 3.39
C ALA H 286 -29.19 -13.83 2.19
N PRO H 287 -29.33 -15.15 2.23
CA PRO H 287 -29.91 -15.86 1.07
C PRO H 287 -31.32 -15.36 0.76
N VAL H 288 -31.65 -15.40 -0.52
CA VAL H 288 -32.98 -15.05 -1.01
C VAL H 288 -33.53 -16.28 -1.72
N ARG H 289 -34.73 -16.69 -1.36
CA ARG H 289 -35.34 -17.85 -1.95
C ARG H 289 -36.65 -17.56 -2.63
N GLU H 290 -37.03 -18.41 -3.58
CA GLU H 290 -38.33 -18.31 -4.24
C GLU H 290 -39.44 -18.16 -3.20
N CYS H 291 -40.33 -17.21 -3.42
CA CYS H 291 -41.42 -16.95 -2.49
C CYS H 291 -42.70 -16.67 -3.26
N HIS H 292 -43.79 -17.29 -2.81
CA HIS H 292 -45.10 -17.09 -3.43
C HIS H 292 -45.99 -16.13 -2.67
N ASP H 293 -45.53 -15.60 -1.55
CA ASP H 293 -46.36 -14.79 -0.67
C ASP H 293 -46.28 -13.35 -1.13
N PRO H 294 -47.36 -12.75 -1.64
CA PRO H 294 -47.26 -11.39 -2.17
C PRO H 294 -46.72 -10.44 -1.12
N SER H 295 -45.80 -9.58 -1.56
CA SER H 295 -45.12 -8.68 -0.66
C SER H 295 -45.94 -7.47 -0.27
N ASP H 296 -47.05 -7.22 -0.97
CA ASP H 296 -47.81 -6.00 -0.79
C ASP H 296 -49.17 -6.25 -0.17
N ARG H 297 -49.39 -7.41 0.44
CA ARG H 297 -50.68 -7.69 1.04
C ARG H 297 -50.77 -7.06 2.41
N LEU H 298 -52.00 -6.80 2.84
CA LEU H 298 -52.25 -6.21 4.15
C LEU H 298 -52.57 -7.31 5.14
N VAL H 299 -52.42 -6.98 6.41
CA VAL H 299 -52.75 -7.91 7.48
C VAL H 299 -53.73 -7.25 8.43
N PRO H 300 -55.03 -7.25 8.13
CA PRO H 300 -56.00 -6.53 8.97
C PRO H 300 -56.03 -7.04 10.39
N GLU H 301 -55.54 -8.25 10.64
CA GLU H 301 -55.57 -8.89 11.95
C GLU H 301 -54.76 -8.13 12.98
N LEU H 302 -53.86 -7.26 12.55
CA LEU H 302 -52.99 -6.51 13.45
C LEU H 302 -53.69 -5.33 14.09
N ASP H 303 -54.71 -4.76 13.46
CA ASP H 303 -55.27 -3.51 13.98
C ASP H 303 -55.81 -3.62 15.40
N THR H 304 -56.23 -4.80 15.83
CA THR H 304 -56.88 -4.93 17.13
C THR H 304 -56.10 -5.81 18.10
N ILE H 305 -54.84 -6.13 17.79
CA ILE H 305 -54.11 -7.02 18.70
C ILE H 305 -53.76 -6.30 19.99
N VAL H 306 -53.32 -5.05 19.89
CA VAL H 306 -52.81 -4.31 21.04
C VAL H 306 -53.97 -3.67 21.77
N PRO H 307 -54.24 -4.04 23.02
CA PRO H 307 -55.35 -3.46 23.77
C PRO H 307 -55.13 -1.98 24.03
N LEU H 308 -56.24 -1.27 24.18
CA LEU H 308 -56.17 0.12 24.62
C LEU H 308 -55.86 0.23 26.10
N GLU H 309 -56.22 -0.77 26.89
CA GLU H 309 -55.94 -0.76 28.32
C GLU H 309 -54.49 -1.20 28.53
N SER H 310 -53.74 -0.41 29.30
CA SER H 310 -52.31 -0.61 29.48
C SER H 310 -51.94 -1.83 30.30
N THR H 311 -52.89 -2.46 30.98
CA THR H 311 -52.58 -3.54 31.91
C THR H 311 -52.95 -4.89 31.32
N LYS H 312 -53.40 -4.87 30.07
CA LYS H 312 -53.79 -6.09 29.37
C LYS H 312 -52.68 -6.56 28.44
N ALA H 313 -52.22 -7.79 28.67
CA ALA H 313 -51.16 -8.37 27.86
C ALA H 313 -51.72 -8.94 26.57
N TYR H 314 -50.83 -9.13 25.61
CA TYR H 314 -51.17 -9.76 24.34
C TYR H 314 -49.97 -10.58 23.90
N ASN H 315 -50.19 -11.49 22.97
CA ASN H 315 -49.15 -12.40 22.51
C ASN H 315 -48.43 -11.79 21.33
N MET H 316 -47.17 -11.42 21.53
CA MET H 316 -46.40 -10.81 20.45
C MET H 316 -46.24 -11.75 19.27
N VAL H 317 -46.28 -13.05 19.50
CA VAL H 317 -46.09 -14.01 18.42
C VAL H 317 -47.17 -13.89 17.35
N ASP H 318 -48.37 -13.44 17.72
CA ASP H 318 -49.44 -13.27 16.73
C ASP H 318 -49.05 -12.25 15.68
N ILE H 319 -48.30 -11.22 16.07
CA ILE H 319 -47.86 -10.19 15.14
C ILE H 319 -46.74 -10.73 14.25
N ILE H 320 -45.80 -11.43 14.86
CA ILE H 320 -44.65 -11.98 14.14
C ILE H 320 -45.11 -12.95 13.06
N HIS H 321 -46.02 -13.86 13.42
CA HIS H 321 -46.48 -14.86 12.48
C HIS H 321 -47.26 -14.23 11.33
N SER H 322 -48.02 -13.18 11.58
CA SER H 322 -48.81 -12.59 10.51
C SER H 322 -47.97 -11.77 9.54
N VAL H 323 -46.80 -11.29 9.95
CA VAL H 323 -45.99 -10.46 9.06
C VAL H 323 -45.08 -11.31 8.18
N VAL H 324 -44.46 -12.35 8.74
CA VAL H 324 -43.46 -13.13 8.04
C VAL H 324 -44.04 -13.95 6.89
N ASP H 325 -43.23 -14.21 5.87
CA ASP H 325 -43.66 -14.97 4.72
C ASP H 325 -44.34 -16.26 5.16
N GLU H 326 -45.54 -16.50 4.62
CA GLU H 326 -46.30 -17.74 4.75
C GLU H 326 -46.44 -18.23 6.19
N ARG H 327 -46.31 -17.29 7.13
CA ARG H 327 -46.49 -17.52 8.55
C ARG H 327 -45.59 -18.57 9.20
N GLU H 328 -44.41 -18.70 8.63
CA GLU H 328 -43.37 -19.60 9.12
C GLU H 328 -42.41 -18.80 9.99
N PHE H 329 -42.20 -19.25 11.23
CA PHE H 329 -41.27 -18.59 12.12
C PHE H 329 -40.48 -19.65 12.87
N PHE H 330 -39.16 -19.47 12.95
CA PHE H 330 -38.30 -20.42 13.65
C PHE H 330 -37.92 -19.83 15.00
N GLU H 331 -38.48 -20.36 16.08
CA GLU H 331 -38.22 -19.76 17.37
C GLU H 331 -37.03 -20.40 18.05
N ILE H 332 -36.19 -19.57 18.65
CA ILE H 332 -34.98 -19.98 19.35
C ILE H 332 -35.25 -19.89 20.84
N MET H 333 -34.84 -20.91 21.58
CA MET H 333 -34.99 -21.06 23.03
C MET H 333 -36.41 -20.77 23.47
N PRO H 334 -37.39 -21.55 23.00
CA PRO H 334 -38.78 -21.25 23.37
C PRO H 334 -39.06 -21.28 24.85
N ASN H 335 -38.24 -21.95 25.64
CA ASN H 335 -38.53 -22.16 27.05
C ASN H 335 -37.59 -21.39 27.97
N TYR H 336 -36.70 -20.58 27.43
CA TYR H 336 -35.73 -19.83 28.21
C TYR H 336 -35.86 -18.36 27.90
N ALA H 337 -35.89 -17.53 28.95
CA ALA H 337 -36.05 -16.08 28.87
C ALA H 337 -37.25 -15.70 28.03
N LYS H 338 -38.41 -16.26 28.40
CA LYS H 338 -39.63 -16.09 27.63
C LYS H 338 -40.08 -14.65 27.46
N ASN H 339 -39.52 -13.71 28.20
CA ASN H 339 -39.95 -12.32 28.06
C ASN H 339 -39.38 -11.64 26.83
N ILE H 340 -38.48 -12.29 26.10
CA ILE H 340 -37.97 -11.75 24.86
C ILE H 340 -37.99 -12.87 23.82
N ILE H 341 -38.42 -12.53 22.62
CA ILE H 341 -38.58 -13.47 21.52
C ILE H 341 -37.54 -13.15 20.47
N VAL H 342 -36.78 -14.16 20.06
CA VAL H 342 -35.84 -14.02 18.97
C VAL H 342 -36.00 -15.22 18.04
N GLY H 343 -35.81 -14.99 16.75
CA GLY H 343 -35.83 -16.10 15.84
C GLY H 343 -35.65 -15.67 14.41
N PHE H 344 -35.75 -16.65 13.52
CA PHE H 344 -35.52 -16.46 12.10
C PHE H 344 -36.83 -16.52 11.35
N ALA H 345 -36.91 -15.75 10.27
CA ALA H 345 -38.03 -15.82 9.37
C ALA H 345 -37.59 -15.23 8.04
N ARG H 346 -38.47 -15.32 7.05
CA ARG H 346 -38.25 -14.71 5.76
C ARG H 346 -39.26 -13.65 5.46
N MET H 347 -38.87 -12.59 4.78
CA MET H 347 -39.83 -11.63 4.25
C MET H 347 -39.44 -11.32 2.83
N ASN H 348 -40.37 -11.55 1.90
CA ASN H 348 -40.17 -11.46 0.46
C ASN H 348 -39.00 -12.33 -0.02
N GLY H 349 -38.84 -13.50 0.58
CA GLY H 349 -37.80 -14.41 0.20
C GLY H 349 -36.51 -14.26 0.96
N ARG H 350 -36.26 -13.12 1.58
CA ARG H 350 -34.98 -12.87 2.21
C ARG H 350 -35.01 -13.26 3.67
N THR H 351 -33.96 -13.92 4.12
CA THR H 351 -33.85 -14.28 5.53
C THR H 351 -33.68 -13.03 6.37
N VAL H 352 -34.46 -12.90 7.44
CA VAL H 352 -34.29 -11.82 8.40
C VAL H 352 -34.30 -12.41 9.80
N GLY H 353 -33.72 -11.65 10.73
CA GLY H 353 -33.79 -11.97 12.14
C GLY H 353 -34.80 -11.05 12.80
N ILE H 354 -35.55 -11.60 13.74
CA ILE H 354 -36.61 -10.88 14.42
C ILE H 354 -36.32 -10.91 15.92
N VAL H 355 -36.41 -9.75 16.54
CA VAL H 355 -36.30 -9.61 17.98
C VAL H 355 -37.50 -8.77 18.46
N GLY H 356 -38.10 -9.19 19.55
CA GLY H 356 -39.20 -8.42 20.10
C GLY H 356 -39.53 -8.77 21.53
N ASN H 357 -40.39 -7.99 22.17
CA ASN H 357 -40.74 -8.27 23.56
C ASN H 357 -41.95 -9.19 23.61
N GLN H 358 -42.10 -9.87 24.73
CA GLN H 358 -43.31 -10.66 24.98
C GLN H 358 -44.03 -10.10 26.19
N PRO H 359 -45.02 -9.24 26.01
CA PRO H 359 -45.66 -8.59 27.16
C PRO H 359 -46.32 -9.55 28.12
N LYS H 360 -46.61 -10.78 27.69
CA LYS H 360 -47.27 -11.74 28.55
C LYS H 360 -46.41 -12.15 29.72
N VAL H 361 -45.09 -12.06 29.60
CA VAL H 361 -44.15 -12.58 30.59
C VAL H 361 -43.41 -11.41 31.22
N ALA H 362 -43.50 -11.30 32.54
CA ALA H 362 -42.86 -10.25 33.35
C ALA H 362 -43.12 -8.85 32.82
N SER H 363 -44.35 -8.61 32.35
CA SER H 363 -44.81 -7.35 31.75
C SER H 363 -43.97 -6.90 30.54
N GLY H 364 -43.10 -7.76 30.01
CA GLY H 364 -42.30 -7.37 28.88
C GLY H 364 -41.03 -6.62 29.23
N CYS H 365 -40.64 -6.71 30.50
CA CYS H 365 -39.47 -6.07 31.06
C CYS H 365 -38.15 -6.71 30.66
N LEU H 366 -37.06 -5.95 30.67
CA LEU H 366 -35.76 -6.55 30.42
C LEU H 366 -35.11 -7.01 31.70
N ASP H 367 -34.38 -8.12 31.63
CA ASP H 367 -33.71 -8.69 32.78
C ASP H 367 -32.41 -9.28 32.27
N ILE H 368 -31.68 -9.93 33.17
CA ILE H 368 -30.35 -10.45 32.84
C ILE H 368 -30.46 -11.50 31.72
N ASN H 369 -31.37 -12.45 31.89
CA ASN H 369 -31.46 -13.59 30.99
C ASN H 369 -31.85 -13.18 29.58
N SER H 370 -32.78 -12.22 29.48
CA SER H 370 -33.24 -11.75 28.19
C SER H 370 -32.17 -10.98 27.45
N SER H 371 -31.35 -10.21 28.18
CA SER H 371 -30.29 -9.47 27.55
C SER H 371 -29.23 -10.39 26.99
N VAL H 372 -28.95 -11.51 27.67
CA VAL H 372 -27.92 -12.43 27.20
C VAL H 372 -28.34 -13.08 25.88
N LYS H 373 -29.58 -13.60 25.83
CA LYS H 373 -30.10 -14.24 24.62
C LYS H 373 -30.22 -13.24 23.47
N GLY H 374 -30.73 -12.04 23.75
CA GLY H 374 -30.84 -11.04 22.73
C GLY H 374 -29.53 -10.61 22.13
N ALA H 375 -28.55 -10.26 22.96
CA ALA H 375 -27.28 -9.75 22.45
C ALA H 375 -26.59 -10.77 21.57
N ARG H 376 -26.62 -12.04 21.98
CA ARG H 376 -26.00 -13.11 21.23
C ARG H 376 -26.64 -13.25 19.86
N PHE H 377 -27.96 -13.25 19.81
CA PHE H 377 -28.64 -13.36 18.53
C PHE H 377 -28.36 -12.17 17.61
N VAL H 378 -28.44 -10.95 18.14
CA VAL H 378 -28.25 -9.76 17.31
C VAL H 378 -26.88 -9.76 16.67
N ARG H 379 -25.86 -10.09 17.47
CA ARG H 379 -24.48 -10.12 16.98
C ARG H 379 -24.23 -11.14 15.89
N PHE H 380 -24.79 -12.34 16.01
CA PHE H 380 -24.65 -13.30 14.93
C PHE H 380 -25.26 -12.77 13.64
N CYS H 381 -26.51 -12.28 13.70
CA CYS H 381 -27.17 -11.79 12.49
C CYS H 381 -26.43 -10.64 11.86
N ASP H 382 -25.86 -9.74 12.66
CA ASP H 382 -25.03 -8.68 12.09
C ASP H 382 -23.79 -9.21 11.40
N ALA H 383 -23.08 -10.15 12.02
CA ALA H 383 -21.89 -10.71 11.42
C ALA H 383 -22.13 -11.37 10.08
N PHE H 384 -23.30 -11.97 9.86
CA PHE H 384 -23.58 -12.68 8.62
C PHE H 384 -24.64 -11.96 7.78
N ASN H 385 -24.72 -10.64 7.89
CA ASN H 385 -25.47 -9.76 6.98
C ASN H 385 -26.94 -10.12 6.88
N ILE H 386 -27.56 -10.42 8.01
CA ILE H 386 -28.97 -10.77 8.09
C ILE H 386 -29.70 -9.58 8.69
N PRO H 387 -30.64 -8.95 7.98
CA PRO H 387 -31.32 -7.78 8.53
C PRO H 387 -32.06 -8.07 9.83
N LEU H 388 -32.24 -7.02 10.62
CA LEU H 388 -32.93 -7.13 11.91
C LEU H 388 -34.25 -6.38 11.87
N ILE H 389 -35.28 -7.02 12.40
CA ILE H 389 -36.57 -6.39 12.64
C ILE H 389 -36.84 -6.47 14.13
N THR H 390 -37.21 -5.33 14.72
CA THR H 390 -37.41 -5.20 16.14
C THR H 390 -38.86 -4.83 16.39
N PHE H 391 -39.52 -5.56 17.30
CA PHE H 391 -40.86 -5.25 17.75
C PHE H 391 -40.80 -4.82 19.20
N VAL H 392 -40.98 -3.54 19.47
CA VAL H 392 -40.70 -2.96 20.78
C VAL H 392 -42.00 -2.85 21.56
N ASP H 393 -41.99 -3.36 22.79
CA ASP H 393 -43.07 -3.13 23.76
C ASP H 393 -42.50 -3.42 25.14
N VAL H 394 -41.76 -2.46 25.68
CA VAL H 394 -40.97 -2.72 26.88
C VAL H 394 -41.19 -1.60 27.89
N PRO H 395 -41.72 -1.90 29.08
CA PRO H 395 -42.01 -0.86 30.05
C PRO H 395 -40.83 -0.43 30.91
N GLY H 396 -39.69 -1.07 30.77
CA GLY H 396 -38.56 -0.79 31.63
C GLY H 396 -37.78 -2.04 31.97
N PHE H 397 -37.13 -2.07 33.12
CA PHE H 397 -36.29 -3.18 33.52
C PHE H 397 -36.92 -3.88 34.71
N LEU H 398 -36.67 -5.17 34.83
CA LEU H 398 -37.16 -5.94 35.95
C LEU H 398 -36.49 -5.46 37.24
N PRO H 399 -37.24 -4.91 38.19
CA PRO H 399 -36.62 -4.41 39.43
C PRO H 399 -36.33 -5.53 40.43
N GLY H 400 -35.48 -5.24 41.40
CA GLY H 400 -35.33 -6.08 42.56
C GLY H 400 -33.88 -6.48 42.78
N THR H 401 -33.59 -6.89 44.02
CA THR H 401 -32.22 -7.23 44.38
C THR H 401 -31.72 -8.44 43.63
N ALA H 402 -32.61 -9.34 43.21
CA ALA H 402 -32.22 -10.48 42.41
C ALA H 402 -31.50 -10.08 41.14
N GLN H 403 -31.85 -8.93 40.58
CA GLN H 403 -31.24 -8.44 39.36
C GLN H 403 -30.10 -7.48 39.62
N GLU H 404 -30.22 -6.67 40.67
CA GLU H 404 -29.17 -5.72 41.01
C GLU H 404 -27.86 -6.44 41.36
N TYR H 405 -27.95 -7.44 42.23
CA TYR H 405 -26.79 -8.22 42.66
C TYR H 405 -26.31 -9.16 41.57
N GLY H 406 -27.15 -9.40 40.58
CA GLY H 406 -26.78 -10.24 39.47
C GLY H 406 -26.05 -9.54 38.35
N GLY H 407 -25.85 -8.23 38.48
CA GLY H 407 -25.17 -7.46 37.45
C GLY H 407 -26.05 -7.06 36.29
N ILE H 408 -27.31 -6.74 36.57
CA ILE H 408 -28.24 -6.32 35.53
C ILE H 408 -27.69 -5.16 34.70
N ILE H 409 -26.89 -4.28 35.30
CA ILE H 409 -26.32 -3.16 34.57
C ILE H 409 -25.30 -3.64 33.56
N ARG H 410 -24.39 -4.49 34.02
CA ARG H 410 -23.36 -5.07 33.16
C ARG H 410 -23.97 -5.93 32.05
N HIS H 411 -25.02 -6.67 32.37
CA HIS H 411 -25.66 -7.52 31.38
C HIS H 411 -26.55 -6.75 30.43
N GLY H 412 -27.28 -5.75 30.88
CA GLY H 412 -28.09 -4.96 29.97
C GLY H 412 -27.27 -4.25 28.91
N ALA H 413 -26.03 -3.87 29.25
CA ALA H 413 -25.16 -3.23 28.29
C ALA H 413 -24.86 -4.13 27.10
N LYS H 414 -25.04 -5.45 27.25
CA LYS H 414 -24.76 -6.37 26.16
C LYS H 414 -25.73 -6.18 25.00
N LEU H 415 -27.01 -5.97 25.30
CA LEU H 415 -27.99 -5.82 24.23
C LEU H 415 -27.89 -4.46 23.57
N LEU H 416 -27.67 -3.41 24.37
CA LEU H 416 -27.45 -2.08 23.80
C LEU H 416 -26.24 -2.06 22.89
N TYR H 417 -25.14 -2.69 23.32
CA TYR H 417 -23.92 -2.75 22.52
C TYR H 417 -24.17 -3.50 21.22
N ALA H 418 -24.83 -4.65 21.29
CA ALA H 418 -25.08 -5.45 20.11
C ALA H 418 -25.87 -4.70 19.06
N PHE H 419 -26.86 -3.92 19.46
CA PHE H 419 -27.55 -3.09 18.47
C PHE H 419 -26.73 -1.90 18.02
N ALA H 420 -26.08 -1.18 18.93
CA ALA H 420 -25.42 0.05 18.53
C ALA H 420 -24.33 -0.16 17.51
N GLU H 421 -23.60 -1.27 17.59
CA GLU H 421 -22.51 -1.56 16.67
C GLU H 421 -22.90 -2.24 15.38
N ALA H 422 -24.18 -2.52 15.22
CA ALA H 422 -24.66 -3.19 14.02
C ALA H 422 -24.53 -2.32 12.77
N THR H 423 -24.21 -2.96 11.66
CA THR H 423 -24.05 -2.28 10.38
C THR H 423 -24.99 -2.84 9.32
N VAL H 424 -25.96 -3.66 9.71
CA VAL H 424 -26.88 -4.28 8.77
C VAL H 424 -28.20 -3.55 8.89
N PRO H 425 -29.13 -3.66 7.94
CA PRO H 425 -30.38 -2.92 8.05
C PRO H 425 -31.12 -3.23 9.34
N LYS H 426 -31.65 -2.19 9.97
CA LYS H 426 -32.40 -2.30 11.21
C LYS H 426 -33.73 -1.60 11.04
N VAL H 427 -34.82 -2.34 11.11
CA VAL H 427 -36.16 -1.80 10.98
C VAL H 427 -36.91 -2.03 12.29
N THR H 428 -37.26 -0.95 12.97
CA THR H 428 -37.90 -1.03 14.27
C THR H 428 -39.34 -0.53 14.16
N VAL H 429 -40.27 -1.28 14.72
CA VAL H 429 -41.67 -0.89 14.86
C VAL H 429 -42.02 -0.96 16.33
N ILE H 430 -42.64 0.08 16.85
CA ILE H 430 -43.04 0.16 18.25
C ILE H 430 -44.53 -0.11 18.32
N THR H 431 -44.91 -1.20 18.99
CA THR H 431 -46.30 -1.60 19.01
C THR H 431 -47.05 -1.01 20.20
N ARG H 432 -46.39 -0.81 21.33
CA ARG H 432 -47.03 -0.11 22.44
C ARG H 432 -46.08 0.61 23.38
N LYS H 433 -45.58 -0.02 24.45
CA LYS H 433 -44.80 0.69 25.44
C LYS H 433 -43.34 0.83 25.03
N ALA H 434 -42.76 1.98 25.34
CA ALA H 434 -41.30 2.16 25.27
C ALA H 434 -40.94 3.22 26.30
N TYR H 435 -40.77 2.80 27.55
CA TYR H 435 -40.47 3.71 28.65
C TYR H 435 -38.99 3.65 29.01
N GLY H 436 -38.44 4.81 29.35
CA GLY H 436 -37.14 4.83 30.00
C GLY H 436 -36.01 4.42 29.08
N GLY H 437 -34.91 3.97 29.70
CA GLY H 437 -33.73 3.63 28.94
C GLY H 437 -33.94 2.45 28.01
N ALA H 438 -34.98 1.66 28.26
CA ALA H 438 -35.30 0.53 27.39
C ALA H 438 -35.63 0.98 25.97
N TYR H 439 -36.08 2.22 25.79
CA TYR H 439 -36.34 2.71 24.44
C TYR H 439 -35.10 2.60 23.58
N ASP H 440 -33.95 3.03 24.10
CA ASP H 440 -32.72 3.04 23.32
C ASP H 440 -32.10 1.66 23.22
N VAL H 441 -32.24 0.85 24.27
CA VAL H 441 -31.70 -0.51 24.26
C VAL H 441 -32.34 -1.33 23.15
N MET H 442 -33.66 -1.19 22.98
CA MET H 442 -34.36 -1.92 21.92
C MET H 442 -34.27 -1.18 20.58
N SER H 443 -33.03 -0.98 20.15
CA SER H 443 -32.67 -0.53 18.80
C SER H 443 -33.50 0.69 18.36
N SER H 444 -33.30 1.78 19.08
CA SER H 444 -33.87 3.07 18.72
C SER H 444 -33.14 3.67 17.52
N LYS H 445 -33.80 4.58 16.83
CA LYS H 445 -33.22 5.18 15.63
C LYS H 445 -31.88 5.88 15.81
N HIS H 446 -31.65 6.43 16.98
CA HIS H 446 -30.41 7.18 17.20
C HIS H 446 -29.21 6.27 17.39
N LEU H 447 -29.39 4.96 17.27
CA LEU H 447 -28.29 4.01 17.25
C LEU H 447 -27.98 3.55 15.83
N CYS H 448 -28.04 4.48 14.87
CA CYS H 448 -27.84 4.24 13.44
C CYS H 448 -28.87 3.28 12.86
N GLY H 449 -30.13 3.46 13.26
CA GLY H 449 -31.22 2.69 12.67
C GLY H 449 -31.61 3.26 11.33
N ASP H 450 -32.32 2.45 10.56
CA ASP H 450 -32.72 2.89 9.22
C ASP H 450 -34.11 3.50 9.20
N THR H 451 -35.08 2.82 9.79
CA THR H 451 -36.43 3.34 9.88
C THR H 451 -37.01 2.99 11.24
N ASN H 452 -37.95 3.79 11.72
CA ASN H 452 -38.59 3.57 13.00
C ASN H 452 -40.04 3.94 12.87
N TYR H 453 -40.93 2.96 12.96
CA TYR H 453 -42.36 3.13 12.84
C TYR H 453 -43.03 2.97 14.20
N ALA H 454 -44.10 3.73 14.38
CA ALA H 454 -44.94 3.60 15.56
C ALA H 454 -46.34 3.22 15.11
N TRP H 455 -47.01 2.41 15.92
CA TRP H 455 -48.42 2.19 15.76
C TRP H 455 -49.17 3.27 16.55
N PRO H 456 -50.43 3.55 16.22
CA PRO H 456 -51.17 4.53 17.00
C PRO H 456 -51.22 4.27 18.49
N THR H 457 -50.98 3.05 18.95
CA THR H 457 -51.01 2.74 20.38
C THR H 457 -49.65 2.92 21.05
N ALA H 458 -48.63 3.35 20.31
CA ALA H 458 -47.30 3.50 20.89
C ALA H 458 -47.26 4.67 21.84
N GLU H 459 -46.45 4.55 22.89
CA GLU H 459 -46.21 5.69 23.77
C GLU H 459 -44.75 5.69 24.17
N ILE H 460 -44.05 6.78 23.86
CA ILE H 460 -42.62 6.93 24.11
C ILE H 460 -42.42 8.02 25.15
N ALA H 461 -41.82 7.65 26.28
CA ALA H 461 -41.64 8.60 27.37
C ALA H 461 -40.51 8.10 28.26
N VAL H 462 -39.97 9.02 29.08
CA VAL H 462 -38.97 8.64 30.07
C VAL H 462 -39.58 7.76 31.14
N MET H 463 -40.86 7.96 31.42
CA MET H 463 -41.59 7.11 32.35
C MET H 463 -43.06 7.41 32.16
N GLY H 464 -43.91 6.62 32.82
CA GLY H 464 -45.34 6.79 32.71
C GLY H 464 -45.84 8.04 33.40
N ALA H 465 -47.11 8.37 33.16
CA ALA H 465 -47.67 9.62 33.61
C ALA H 465 -47.62 9.77 35.12
N LYS H 466 -47.86 8.67 35.85
CA LYS H 466 -47.86 8.72 37.31
C LYS H 466 -46.52 9.16 37.87
N GLY H 467 -45.42 8.50 37.46
CA GLY H 467 -44.12 8.91 37.95
C GLY H 467 -43.75 10.30 37.51
N ALA H 468 -43.90 10.59 36.22
CA ALA H 468 -43.46 11.87 35.68
C ALA H 468 -44.22 13.04 36.31
N VAL H 469 -45.53 12.92 36.48
CA VAL H 469 -46.30 14.07 36.99
C VAL H 469 -46.06 14.27 38.48
N GLU H 470 -46.04 13.18 39.27
CA GLU H 470 -45.80 13.36 40.69
C GLU H 470 -44.39 13.89 40.96
N ILE H 471 -43.43 13.55 40.11
CA ILE H 471 -42.09 14.11 40.29
C ILE H 471 -42.03 15.56 39.86
N ILE H 472 -42.61 15.90 38.69
CA ILE H 472 -42.57 17.27 38.19
C ILE H 472 -43.30 18.21 39.14
N PHE H 473 -44.49 17.82 39.60
CA PHE H 473 -45.32 18.66 40.45
C PHE H 473 -45.23 18.13 41.88
N LYS H 474 -44.02 18.00 42.40
CA LYS H 474 -43.77 17.41 43.70
C LYS H 474 -44.01 18.45 44.81
N GLY H 475 -44.98 18.16 45.67
CA GLY H 475 -45.42 19.08 46.69
C GLY H 475 -46.45 20.10 46.25
N HIS H 476 -46.97 20.00 45.03
CA HIS H 476 -47.93 20.98 44.56
C HIS H 476 -49.35 20.49 44.78
N GLU H 477 -50.28 21.44 44.85
CA GLU H 477 -51.70 21.11 44.92
C GLU H 477 -52.20 20.79 43.54
N ASN H 478 -53.33 20.07 43.49
CA ASN H 478 -54.09 19.74 42.27
C ASN H 478 -53.22 19.01 41.25
N VAL H 479 -52.44 18.07 41.76
CA VAL H 479 -51.57 17.26 40.93
C VAL H 479 -52.38 16.43 39.95
N GLU H 480 -53.51 15.88 40.41
CA GLU H 480 -54.37 15.07 39.54
C GLU H 480 -54.91 15.89 38.37
N ALA H 481 -55.23 17.17 38.60
CA ALA H 481 -55.65 18.03 37.49
C ALA H 481 -54.52 18.26 36.51
N ALA H 482 -53.31 18.49 37.02
CA ALA H 482 -52.14 18.60 36.16
C ALA H 482 -51.87 17.31 35.42
N GLN H 483 -52.11 16.17 36.06
CA GLN H 483 -51.91 14.87 35.41
C GLN H 483 -52.83 14.69 34.22
N ALA H 484 -54.08 15.16 34.33
CA ALA H 484 -55.01 15.06 33.21
C ALA H 484 -54.48 15.81 32.00
N GLU H 485 -53.94 17.00 32.22
CA GLU H 485 -53.37 17.78 31.12
C GLU H 485 -52.12 17.11 30.57
N TYR H 486 -51.27 16.60 31.46
CA TYR H 486 -50.07 15.87 31.04
C TYR H 486 -50.42 14.65 30.20
N ILE H 487 -51.40 13.85 30.63
CA ILE H 487 -51.75 12.65 29.88
C ILE H 487 -52.25 13.02 28.48
N GLU H 488 -53.13 14.02 28.39
CA GLU H 488 -53.63 14.42 27.09
C GLU H 488 -52.52 14.85 26.14
N LYS H 489 -51.47 15.49 26.65
CA LYS H 489 -50.43 15.95 25.74
C LYS H 489 -49.33 14.92 25.48
N PHE H 490 -48.92 14.16 26.50
CA PHE H 490 -47.73 13.33 26.36
C PHE H 490 -48.00 11.83 26.29
N ALA H 491 -49.18 11.35 26.67
CA ALA H 491 -49.45 9.91 26.69
C ALA H 491 -49.86 9.42 25.30
N ASN H 492 -48.92 9.51 24.35
CA ASN H 492 -49.17 9.25 22.93
C ASN H 492 -47.86 9.27 22.19
N PRO H 493 -47.81 8.86 20.92
CA PRO H 493 -46.49 8.77 20.29
C PRO H 493 -46.01 10.06 19.66
N PHE H 494 -46.77 11.13 19.74
CA PHE H 494 -46.50 12.39 19.07
C PHE H 494 -45.36 13.28 19.59
N PRO H 495 -45.15 13.50 20.91
CA PRO H 495 -44.00 14.34 21.30
C PRO H 495 -42.65 13.78 20.88
N ALA H 496 -42.54 12.47 20.66
CA ALA H 496 -41.34 11.89 20.09
C ALA H 496 -41.30 11.99 18.57
N ALA H 497 -42.40 11.69 17.90
CA ALA H 497 -42.46 11.76 16.45
C ALA H 497 -42.18 13.15 15.90
N VAL H 498 -42.67 14.20 16.56
CA VAL H 498 -42.47 15.54 16.02
C VAL H 498 -41.04 15.98 16.20
N ARG H 499 -40.26 15.23 16.94
CA ARG H 499 -38.88 15.63 17.10
C ARG H 499 -37.95 14.83 16.21
N GLY H 500 -38.50 13.89 15.45
CA GLY H 500 -37.69 13.09 14.55
C GLY H 500 -37.32 11.75 15.11
N PHE H 501 -37.97 11.32 16.19
CA PHE H 501 -37.64 10.01 16.75
C PHE H 501 -38.32 8.91 15.96
N VAL H 502 -39.47 9.21 15.35
CA VAL H 502 -40.29 8.25 14.64
C VAL H 502 -40.48 8.76 13.22
N ASP H 503 -40.37 7.87 12.25
CA ASP H 503 -40.48 8.33 10.87
C ASP H 503 -41.91 8.43 10.39
N ASP H 504 -42.80 7.57 10.89
CA ASP H 504 -44.17 7.60 10.46
C ASP H 504 -44.99 6.89 11.51
N ILE H 505 -46.28 7.15 11.52
CA ILE H 505 -47.20 6.40 12.36
C ILE H 505 -48.17 5.73 11.41
N ILE H 506 -48.16 4.41 11.44
CA ILE H 506 -48.75 3.63 10.37
C ILE H 506 -49.93 2.84 10.91
N GLN H 507 -50.88 2.52 10.06
CA GLN H 507 -51.98 1.68 10.47
C GLN H 507 -51.32 0.33 10.61
N PRO H 508 -51.56 -0.38 11.71
CA PRO H 508 -50.91 -1.66 11.93
C PRO H 508 -51.05 -2.64 10.78
N SER H 509 -52.19 -2.61 10.09
CA SER H 509 -52.42 -3.52 8.96
C SER H 509 -51.40 -3.35 7.86
N SER H 510 -50.74 -2.20 7.78
CA SER H 510 -49.77 -1.97 6.73
C SER H 510 -48.35 -2.33 7.15
N THR H 511 -48.14 -2.80 8.38
CA THR H 511 -46.78 -3.04 8.86
C THR H 511 -45.96 -3.89 7.88
N ARG H 512 -46.55 -4.97 7.35
CA ARG H 512 -45.77 -5.88 6.51
C ARG H 512 -45.30 -5.19 5.26
N ALA H 513 -46.20 -4.41 4.65
CA ALA H 513 -45.88 -3.69 3.43
C ALA H 513 -44.76 -2.70 3.61
N ARG H 514 -44.74 -2.02 4.74
CA ARG H 514 -43.73 -1.01 5.03
C ARG H 514 -42.36 -1.59 5.23
N ILE H 515 -42.30 -2.69 5.94
CA ILE H 515 -41.06 -3.43 6.23
C ILE H 515 -40.47 -4.01 4.97
N CYS H 516 -41.32 -4.61 4.13
CA CYS H 516 -40.92 -5.20 2.86
C CYS H 516 -40.29 -4.17 1.96
N CYS H 517 -40.89 -2.98 1.91
CA CYS H 517 -40.36 -1.88 1.12
C CYS H 517 -38.99 -1.45 1.63
N ASP H 518 -38.80 -1.37 2.95
CA ASP H 518 -37.52 -0.95 3.49
C ASP H 518 -36.45 -2.01 3.26
N LEU H 519 -36.80 -3.29 3.43
CA LEU H 519 -35.80 -4.34 3.29
C LEU H 519 -35.24 -4.40 1.89
N ASP H 520 -36.07 -4.13 0.88
CA ASP H 520 -35.65 -4.28 -0.48
C ASP H 520 -34.88 -3.08 -0.97
N VAL H 521 -34.75 -2.03 -0.17
CA VAL H 521 -33.94 -0.89 -0.55
C VAL H 521 -32.78 -0.65 0.39
N LEU H 522 -32.80 -1.22 1.58
CA LEU H 522 -31.68 -1.12 2.49
C LEU H 522 -30.68 -2.25 2.29
N ALA H 523 -30.97 -3.18 1.40
CA ALA H 523 -30.11 -4.35 1.22
C ALA H 523 -28.77 -4.00 0.60
N SER H 524 -28.66 -2.80 0.02
CA SER H 524 -27.43 -2.38 -0.64
C SER H 524 -26.63 -1.41 0.24
N LYS H 525 -27.05 -1.28 1.48
CA LYS H 525 -26.44 -0.41 2.44
C LYS H 525 -25.00 -0.72 2.80
N LYS H 526 -24.12 0.27 2.76
CA LYS H 526 -22.77 0.08 3.27
C LYS H 526 -22.37 1.30 4.08
N VAL H 527 -21.71 1.06 5.21
CA VAL H 527 -21.26 2.11 6.10
C VAL H 527 -19.81 1.83 6.47
N GLN H 528 -19.10 2.86 6.92
CA GLN H 528 -17.75 2.71 7.42
C GLN H 528 -17.71 3.02 8.91
N ARG H 529 -16.73 2.43 9.59
CA ARG H 529 -16.48 2.66 11.02
C ARG H 529 -14.97 2.83 11.21
N PRO H 530 -14.54 3.58 12.21
CA PRO H 530 -13.11 3.67 12.49
C PRO H 530 -12.49 2.31 12.70
N TRP H 531 -11.24 2.17 12.27
CA TRP H 531 -10.56 0.89 12.36
C TRP H 531 -10.27 0.55 13.82
N ARG H 532 -10.48 -0.71 14.19
CA ARG H 532 -10.13 -1.18 15.51
C ARG H 532 -9.66 -2.62 15.39
N LYS H 533 -8.62 -2.99 16.13
CA LYS H 533 -8.06 -4.32 16.06
C LYS H 533 -9.23 -5.28 16.24
N HIS H 534 -10.02 -5.04 17.27
CA HIS H 534 -11.21 -5.81 17.57
C HIS H 534 -12.16 -5.03 18.43
N ALA H 535 -13.38 -5.50 18.51
CA ALA H 535 -14.37 -4.88 19.37
C ALA H 535 -14.11 -5.22 20.83
N ASN H 536 -14.60 -4.38 21.71
CA ASN H 536 -14.48 -4.55 23.16
C ASN H 536 -15.84 -4.52 23.82
N ILE H 537 -16.55 -5.65 23.77
CA ILE H 537 -17.89 -5.85 24.32
C ILE H 537 -17.85 -5.77 25.85
N PRO H 538 -18.80 -5.08 26.50
CA PRO H 538 -18.77 -4.92 27.96
C PRO H 538 -18.65 -6.19 28.79
N LEU H 539 -19.07 -7.34 28.27
CA LEU H 539 -19.10 -8.62 29.00
C LEU H 539 -19.88 -8.63 30.31
N LYS I 61 65.70 38.47 -21.51
CA LYS I 61 66.02 37.94 -20.20
C LYS I 61 66.47 36.48 -20.29
N THR I 62 65.53 35.58 -20.57
CA THR I 62 65.83 34.15 -20.60
C THR I 62 65.12 33.52 -21.80
N PHE I 63 65.03 32.20 -21.80
CA PHE I 63 64.49 31.45 -22.92
C PHE I 63 62.98 31.60 -22.93
N ASP I 64 62.37 31.56 -24.10
CA ASP I 64 60.92 31.49 -24.17
C ASP I 64 60.39 30.06 -24.07
N LYS I 65 61.09 29.07 -24.60
CA LYS I 65 60.57 27.71 -24.58
C LYS I 65 61.69 26.69 -24.55
N ILE I 66 61.62 25.77 -23.60
CA ILE I 66 62.62 24.73 -23.41
C ILE I 66 61.95 23.38 -23.53
N LEU I 67 62.59 22.48 -24.27
CA LEU I 67 62.10 21.12 -24.37
C LEU I 67 62.87 20.22 -23.41
N VAL I 68 62.16 19.33 -22.74
CA VAL I 68 62.78 18.37 -21.84
C VAL I 68 62.76 17.02 -22.53
N ALA I 69 63.91 16.35 -22.58
CA ALA I 69 64.00 15.06 -23.25
C ALA I 69 64.07 13.89 -22.28
N ASN I 70 63.23 13.89 -21.26
CA ASN I 70 63.27 12.87 -20.23
C ASN I 70 61.86 12.68 -19.68
N ARG I 71 61.73 11.77 -18.72
CA ARG I 71 60.44 11.46 -18.16
C ARG I 71 60.56 11.32 -16.67
N GLY I 72 59.45 11.51 -15.97
CA GLY I 72 59.43 11.27 -14.55
C GLY I 72 59.77 12.47 -13.73
N GLU I 73 60.32 12.25 -12.54
CA GLU I 73 60.49 13.33 -11.57
C GLU I 73 61.53 14.33 -12.04
N ILE I 74 62.47 13.89 -12.88
CA ILE I 74 63.49 14.81 -13.36
C ILE I 74 62.87 15.79 -14.35
N ALA I 75 61.93 15.32 -15.17
CA ALA I 75 61.17 16.21 -16.02
C ALA I 75 60.28 17.12 -15.19
N CYS I 76 59.72 16.60 -14.10
CA CYS I 76 58.89 17.46 -13.26
C CYS I 76 59.69 18.57 -12.62
N ARG I 77 60.91 18.26 -12.20
CA ARG I 77 61.75 19.27 -11.61
C ARG I 77 61.99 20.43 -12.58
N VAL I 78 62.26 20.14 -13.84
CA VAL I 78 62.51 21.19 -14.83
C VAL I 78 61.23 21.97 -15.11
N ILE I 79 60.09 21.28 -15.23
CA ILE I 79 58.82 21.96 -15.50
C ILE I 79 58.49 22.96 -14.41
N ARG I 80 58.67 22.57 -13.15
CA ARG I 80 58.41 23.45 -12.02
C ARG I 80 59.35 24.65 -12.04
N THR I 81 60.64 24.41 -12.29
CA THR I 81 61.57 25.53 -12.36
C THR I 81 61.24 26.48 -13.50
N CYS I 82 60.91 25.95 -14.68
CA CYS I 82 60.57 26.81 -15.81
C CYS I 82 59.35 27.66 -15.49
N LYS I 83 58.33 27.06 -14.90
CA LYS I 83 57.15 27.82 -14.54
C LYS I 83 57.46 28.94 -13.55
N LYS I 84 58.41 28.69 -12.67
CA LYS I 84 58.84 29.71 -11.73
C LYS I 84 59.55 30.81 -12.50
N MET I 85 60.24 30.44 -13.57
CA MET I 85 60.98 31.38 -14.39
C MET I 85 60.12 32.02 -15.47
N GLY I 86 58.93 31.50 -15.71
CA GLY I 86 58.09 32.04 -16.76
C GLY I 86 58.41 31.52 -18.14
N ILE I 87 58.93 30.30 -18.22
CA ILE I 87 59.37 29.69 -19.46
C ILE I 87 58.39 28.57 -19.78
N LYS I 88 57.97 28.47 -21.03
CA LYS I 88 57.11 27.36 -21.43
C LYS I 88 57.93 26.10 -21.56
N THR I 89 57.38 24.97 -21.15
CA THR I 89 58.12 23.73 -21.17
C THR I 89 57.42 22.71 -22.05
N VAL I 90 58.18 22.06 -22.92
CA VAL I 90 57.63 21.02 -23.78
C VAL I 90 58.11 19.69 -23.25
N ALA I 91 57.20 18.73 -23.18
CA ALA I 91 57.54 17.39 -22.75
C ALA I 91 57.50 16.46 -23.95
N ILE I 92 58.21 15.34 -23.83
CA ILE I 92 58.06 14.22 -24.75
C ILE I 92 57.69 13.01 -23.92
N HIS I 93 56.98 12.08 -24.54
CA HIS I 93 56.57 10.87 -23.86
C HIS I 93 56.37 9.74 -24.85
N SER I 94 56.42 8.52 -24.33
CA SER I 94 56.05 7.32 -25.05
C SER I 94 54.54 7.15 -24.99
N ASP I 95 54.00 6.18 -25.73
CA ASP I 95 52.57 5.91 -25.71
C ASP I 95 52.07 5.49 -24.32
N VAL I 96 52.91 4.83 -23.53
CA VAL I 96 52.45 4.39 -22.22
C VAL I 96 52.62 5.50 -21.20
N ASP I 97 53.55 6.42 -21.44
CA ASP I 97 53.78 7.56 -20.55
C ASP I 97 52.87 8.74 -20.84
N ALA I 98 51.90 8.59 -21.75
CA ALA I 98 51.03 9.69 -22.12
C ALA I 98 50.23 10.25 -20.96
N SER I 99 49.99 9.47 -19.89
CA SER I 99 49.27 10.01 -18.74
C SER I 99 50.17 10.24 -17.53
N SER I 100 51.48 10.27 -17.72
CA SER I 100 52.39 10.44 -16.60
C SER I 100 52.34 11.88 -16.11
N VAL I 101 52.94 12.13 -14.95
CA VAL I 101 52.77 13.44 -14.35
C VAL I 101 53.44 14.53 -15.18
N HIS I 102 54.66 14.31 -15.65
CA HIS I 102 55.36 15.38 -16.33
C HIS I 102 54.68 15.78 -17.64
N VAL I 103 53.93 14.86 -18.24
CA VAL I 103 53.20 15.22 -19.45
C VAL I 103 52.08 16.20 -19.13
N LYS I 104 51.38 15.97 -18.02
CA LYS I 104 50.28 16.85 -17.64
C LYS I 104 50.78 18.18 -17.12
N MET I 105 51.93 18.19 -16.45
CA MET I 105 52.47 19.44 -15.94
C MET I 105 53.03 20.32 -17.04
N ALA I 106 53.53 19.73 -18.12
CA ALA I 106 54.13 20.52 -19.17
C ALA I 106 53.05 21.31 -19.91
N ASP I 107 53.48 22.33 -20.65
CA ASP I 107 52.57 23.17 -21.41
C ASP I 107 52.21 22.56 -22.74
N GLU I 108 53.17 21.91 -23.38
CA GLU I 108 52.95 21.19 -24.63
C GLU I 108 53.66 19.86 -24.52
N ALA I 109 53.20 18.88 -25.28
CA ALA I 109 53.79 17.55 -25.26
C ALA I 109 53.74 16.97 -26.66
N VAL I 110 54.74 16.17 -26.99
CA VAL I 110 54.81 15.45 -28.25
C VAL I 110 55.02 13.99 -27.96
N CYS I 111 54.23 13.13 -28.59
CA CYS I 111 54.47 11.71 -28.47
C CYS I 111 55.55 11.33 -29.47
N VAL I 112 56.55 10.59 -29.01
CA VAL I 112 57.71 10.24 -29.83
C VAL I 112 57.64 8.81 -30.32
N GLY I 113 57.25 7.87 -29.47
CA GLY I 113 57.33 6.49 -29.84
C GLY I 113 56.67 5.54 -28.86
N PRO I 114 56.87 4.26 -29.06
CA PRO I 114 56.23 3.25 -28.21
C PRO I 114 56.91 3.05 -26.88
N ALA I 115 56.37 2.11 -26.09
CA ALA I 115 56.89 1.84 -24.75
C ALA I 115 58.41 1.66 -24.61
N PRO I 116 59.11 0.84 -25.40
CA PRO I 116 60.54 0.67 -25.13
C PRO I 116 61.32 1.96 -25.39
N THR I 117 62.22 2.26 -24.47
CA THR I 117 62.91 3.54 -24.48
C THR I 117 63.75 3.74 -25.73
N SER I 118 64.23 2.66 -26.34
CA SER I 118 65.14 2.79 -27.47
C SER I 118 64.45 3.45 -28.64
N LYS I 119 63.13 3.50 -28.64
CA LYS I 119 62.37 4.01 -29.75
C LYS I 119 61.59 5.27 -29.39
N SER I 120 61.70 5.73 -28.16
CA SER I 120 60.90 6.83 -27.63
C SER I 120 61.73 7.90 -26.94
N TYR I 121 62.75 7.52 -26.18
CA TYR I 121 63.57 8.49 -25.48
C TYR I 121 65.01 8.48 -25.97
N LEU I 122 65.44 7.39 -26.61
CA LEU I 122 66.73 7.37 -27.27
C LEU I 122 66.64 7.53 -28.78
N ASN I 123 65.46 7.85 -29.32
CA ASN I 123 65.29 8.06 -30.75
C ASN I 123 65.54 9.53 -31.07
N MET I 124 66.81 9.87 -31.31
CA MET I 124 67.19 11.27 -31.41
C MET I 124 66.58 11.94 -32.65
N ASP I 125 66.32 11.17 -33.70
CA ASP I 125 65.74 11.73 -34.93
C ASP I 125 64.30 12.15 -34.71
N ALA I 126 63.51 11.31 -34.04
CA ALA I 126 62.13 11.65 -33.72
C ALA I 126 62.05 12.80 -32.74
N ILE I 127 63.03 12.88 -31.83
CA ILE I 127 63.10 13.98 -30.88
C ILE I 127 63.44 15.28 -31.59
N MET I 128 64.38 15.25 -32.53
CA MET I 128 64.72 16.45 -33.29
C MET I 128 63.50 17.01 -34.02
N GLU I 129 62.65 16.11 -34.53
CA GLU I 129 61.42 16.54 -35.16
C GLU I 129 60.52 17.24 -34.17
N ALA I 130 60.40 16.71 -32.96
CA ALA I 130 59.62 17.36 -31.92
C ALA I 130 60.20 18.72 -31.53
N ILE I 131 61.53 18.81 -31.49
CA ILE I 131 62.19 20.05 -31.07
C ILE I 131 61.87 21.18 -32.05
N LYS I 132 61.96 20.89 -33.35
CA LYS I 132 61.63 21.91 -34.33
C LYS I 132 60.13 22.09 -34.50
N LYS I 133 59.35 21.02 -34.35
CA LYS I 133 57.90 21.14 -34.51
C LYS I 133 57.34 22.15 -33.52
N THR I 134 57.83 22.14 -32.28
CA THR I 134 57.31 23.06 -31.28
C THR I 134 58.08 24.35 -31.21
N ARG I 135 59.10 24.53 -32.08
CA ARG I 135 59.96 25.71 -32.12
C ARG I 135 60.58 25.97 -30.74
N ALA I 136 61.13 24.89 -30.19
CA ALA I 136 61.87 24.98 -28.94
C ALA I 136 63.22 25.64 -29.16
N GLN I 137 63.68 26.38 -28.16
CA GLN I 137 64.91 27.15 -28.27
C GLN I 137 66.09 26.40 -27.63
N ALA I 138 65.84 25.72 -26.52
CA ALA I 138 66.89 25.00 -25.77
C ALA I 138 66.35 23.62 -25.38
N VAL I 139 67.24 22.65 -25.19
CA VAL I 139 66.86 21.30 -24.74
C VAL I 139 67.58 20.95 -23.43
N HIS I 140 66.85 20.45 -22.43
CA HIS I 140 67.45 19.96 -21.17
C HIS I 140 67.16 18.45 -21.01
N PRO I 141 68.15 17.59 -21.26
CA PRO I 141 67.85 16.16 -21.22
C PRO I 141 67.82 15.55 -19.83
N GLY I 142 68.13 16.31 -18.79
CA GLY I 142 68.27 15.78 -17.46
C GLY I 142 69.45 14.85 -17.37
N TYR I 143 69.20 13.59 -17.03
CA TYR I 143 70.26 12.61 -16.92
C TYR I 143 69.77 11.31 -17.54
N GLY I 144 70.70 10.39 -17.73
CA GLY I 144 70.34 9.06 -18.17
C GLY I 144 70.39 8.83 -19.66
N PHE I 145 69.34 9.28 -20.37
CA PHE I 145 69.07 8.92 -21.75
C PHE I 145 70.06 9.46 -22.77
N LEU I 146 70.06 10.76 -22.99
CA LEU I 146 70.89 11.32 -24.05
C LEU I 146 71.79 12.41 -23.48
N SER I 147 72.08 12.32 -22.19
CA SER I 147 72.88 13.34 -21.53
C SER I 147 74.35 13.25 -21.90
N GLU I 148 74.82 12.07 -22.31
CA GLU I 148 76.18 11.87 -22.78
C GLU I 148 76.25 11.38 -24.21
N ASN I 149 75.18 11.55 -24.97
CA ASN I 149 75.11 11.06 -26.35
C ASN I 149 75.65 12.13 -27.27
N LYS I 150 76.85 11.92 -27.81
CA LYS I 150 77.52 12.98 -28.56
C LYS I 150 76.83 13.22 -29.89
N GLU I 151 76.35 12.16 -30.54
CA GLU I 151 75.70 12.31 -31.83
C GLU I 151 74.43 13.14 -31.71
N PHE I 152 73.71 12.99 -30.60
CA PHE I 152 72.55 13.84 -30.33
C PHE I 152 72.96 15.30 -30.15
N ALA I 153 73.96 15.55 -29.31
CA ALA I 153 74.40 16.92 -29.10
C ALA I 153 74.96 17.53 -30.38
N ARG I 154 75.63 16.73 -31.20
CA ARG I 154 76.22 17.24 -32.44
C ARG I 154 75.13 17.66 -33.41
N CYS I 155 74.18 16.75 -33.70
CA CYS I 155 73.09 17.07 -34.60
C CYS I 155 72.11 18.08 -34.03
N LEU I 156 72.03 18.20 -32.72
CA LEU I 156 71.24 19.24 -32.09
C LEU I 156 71.90 20.60 -32.25
N ALA I 157 73.19 20.70 -31.99
CA ALA I 157 73.89 21.95 -32.19
C ALA I 157 73.91 22.36 -33.65
N ALA I 158 73.96 21.39 -34.56
CA ALA I 158 73.98 21.70 -35.98
C ALA I 158 72.76 22.50 -36.37
N GLU I 159 71.68 22.41 -35.60
CA GLU I 159 70.43 23.07 -35.91
C GLU I 159 70.24 24.33 -35.07
N ASP I 160 71.31 24.78 -34.41
CA ASP I 160 71.39 25.97 -33.53
C ASP I 160 70.40 25.94 -32.36
N VAL I 161 70.25 24.77 -31.76
CA VAL I 161 69.40 24.66 -30.59
C VAL I 161 70.37 24.62 -29.42
N VAL I 162 70.07 25.36 -28.37
CA VAL I 162 70.99 25.50 -27.24
C VAL I 162 70.83 24.21 -26.46
N PHE I 163 71.96 23.58 -26.19
CA PHE I 163 71.97 22.40 -25.36
C PHE I 163 72.38 22.71 -23.93
N ILE I 164 71.56 22.27 -23.01
CA ILE I 164 71.82 22.48 -21.59
C ILE I 164 72.46 21.29 -20.92
N GLY I 165 73.77 21.38 -20.69
CA GLY I 165 74.49 20.21 -20.24
C GLY I 165 75.90 20.37 -20.74
N PRO I 166 76.68 19.22 -20.75
CA PRO I 166 78.06 19.45 -21.21
C PRO I 166 78.05 19.67 -22.70
N ASP I 167 79.17 20.17 -23.22
CA ASP I 167 79.38 20.32 -24.63
C ASP I 167 80.00 19.00 -24.99
N THR I 168 80.35 18.77 -26.25
CA THR I 168 80.86 17.46 -26.61
C THR I 168 82.33 17.29 -26.27
N HIS I 169 83.06 18.40 -26.09
CA HIS I 169 84.44 18.30 -25.66
C HIS I 169 84.55 17.67 -24.27
N ALA I 170 83.75 18.14 -23.32
CA ALA I 170 83.79 17.56 -21.98
C ALA I 170 83.38 16.09 -21.98
N ILE I 171 82.39 15.72 -22.80
CA ILE I 171 81.97 14.33 -22.85
C ILE I 171 83.10 13.45 -23.36
N GLN I 172 83.77 13.86 -24.44
CA GLN I 172 84.90 13.09 -24.95
C GLN I 172 86.13 13.18 -24.06
N ALA I 173 86.37 14.33 -23.43
CA ALA I 173 87.55 14.49 -22.59
C ALA I 173 87.59 13.44 -21.49
N MET I 174 86.42 13.13 -20.92
CA MET I 174 86.33 12.13 -19.88
C MET I 174 85.83 10.80 -20.47
N GLY I 175 86.05 10.62 -21.77
CA GLY I 175 85.44 9.49 -22.45
C GLY I 175 85.96 8.17 -21.90
N ASP I 176 87.22 8.16 -21.48
CA ASP I 176 87.92 6.96 -21.05
C ASP I 176 88.76 7.28 -19.82
N LYS I 177 89.38 6.25 -19.26
CA LYS I 177 90.18 6.39 -18.05
C LYS I 177 91.55 7.04 -18.23
N ILE I 178 92.11 6.95 -19.43
CA ILE I 178 93.43 7.55 -19.67
C ILE I 178 93.37 9.08 -19.60
N GLU I 179 92.40 9.69 -20.28
CA GLU I 179 92.30 11.15 -20.23
C GLU I 179 91.92 11.63 -18.85
N SER I 180 91.07 10.88 -18.15
CA SER I 180 90.70 11.27 -16.79
C SER I 180 91.90 11.25 -15.86
N LYS I 181 92.72 10.20 -15.93
CA LYS I 181 93.91 10.12 -15.10
C LYS I 181 94.89 11.22 -15.45
N LEU I 182 95.05 11.48 -16.75
CA LEU I 182 95.96 12.54 -17.15
C LEU I 182 95.50 13.89 -16.64
N LEU I 183 94.19 14.16 -16.66
CA LEU I 183 93.68 15.41 -16.11
C LEU I 183 93.98 15.53 -14.63
N ALA I 184 93.77 14.45 -13.85
CA ALA I 184 94.06 14.49 -12.43
C ALA I 184 95.53 14.76 -12.14
N LYS I 185 96.41 14.38 -13.06
CA LYS I 185 97.84 14.62 -12.87
C LYS I 185 98.18 16.06 -13.17
N LYS I 186 97.50 16.64 -14.15
CA LYS I 186 97.73 18.01 -14.59
C LYS I 186 97.08 19.04 -13.69
N ALA I 187 95.91 18.68 -13.19
CA ALA I 187 95.10 19.56 -12.40
C ALA I 187 95.76 19.44 -11.02
N GLU I 188 96.62 18.43 -10.89
CA GLU I 188 97.28 18.09 -9.65
C GLU I 188 96.31 17.69 -8.54
N VAL I 189 95.72 16.52 -8.63
CA VAL I 189 94.82 16.17 -7.55
C VAL I 189 95.41 15.14 -6.59
N ASN I 190 95.58 13.93 -7.13
CA ASN I 190 96.26 12.81 -6.48
C ASN I 190 96.69 11.64 -7.42
N THR I 191 95.80 10.71 -7.72
CA THR I 191 96.19 9.57 -8.55
C THR I 191 97.54 8.91 -8.21
N ILE I 192 97.55 8.21 -7.08
CA ILE I 192 98.73 7.60 -6.45
C ILE I 192 99.48 6.67 -7.41
N PRO I 193 100.79 6.83 -7.54
CA PRO I 193 101.55 6.01 -8.49
C PRO I 193 101.51 4.53 -8.16
N GLY I 194 101.63 3.73 -9.21
CA GLY I 194 101.91 2.31 -9.07
C GLY I 194 103.28 2.01 -9.64
N PHE I 195 103.50 0.75 -9.96
CA PHE I 195 104.77 0.32 -10.53
C PHE I 195 104.61 0.20 -12.04
N ASP I 196 105.32 1.06 -12.77
CA ASP I 196 105.25 1.07 -14.23
C ASP I 196 106.27 0.06 -14.74
N GLY I 197 105.95 -1.22 -14.53
CA GLY I 197 106.79 -2.31 -14.95
C GLY I 197 106.28 -3.59 -14.36
N VAL I 198 106.85 -4.72 -14.79
CA VAL I 198 106.41 -6.01 -14.28
C VAL I 198 107.33 -6.45 -13.15
N VAL I 199 106.72 -6.93 -12.07
CA VAL I 199 107.53 -7.45 -10.96
C VAL I 199 107.87 -8.91 -11.26
N LYS I 200 109.16 -9.21 -11.24
CA LYS I 200 109.65 -10.51 -11.65
C LYS I 200 110.28 -11.27 -10.50
N ASP I 201 111.08 -10.60 -9.70
CA ASP I 201 111.86 -11.23 -8.64
C ASP I 201 111.01 -11.30 -7.37
N ALA I 202 111.58 -11.95 -6.35
CA ALA I 202 110.91 -12.11 -5.08
C ALA I 202 111.11 -10.90 -4.19
N GLU I 203 112.21 -10.16 -4.38
CA GLU I 203 112.51 -8.98 -3.60
C GLU I 203 111.99 -7.69 -4.21
N GLU I 204 111.69 -7.67 -5.50
CA GLU I 204 111.08 -6.51 -6.12
C GLU I 204 109.69 -6.21 -5.57
N ALA I 205 108.92 -7.25 -5.25
CA ALA I 205 107.57 -7.03 -4.73
C ALA I 205 107.61 -6.16 -3.47
N VAL I 206 108.64 -6.33 -2.63
CA VAL I 206 108.71 -5.50 -1.43
C VAL I 206 109.55 -4.24 -1.66
N ARG I 207 110.64 -4.34 -2.42
CA ARG I 207 111.47 -3.16 -2.60
C ARG I 207 110.70 -2.03 -3.28
N ILE I 208 109.90 -2.35 -4.32
CA ILE I 208 109.18 -1.27 -4.98
C ILE I 208 108.13 -0.67 -4.04
N ALA I 209 107.42 -1.50 -3.27
CA ALA I 209 106.45 -0.99 -2.31
C ALA I 209 107.09 -0.05 -1.30
N ARG I 210 108.30 -0.38 -0.83
CA ARG I 210 108.98 0.47 0.12
C ARG I 210 109.22 1.86 -0.43
N GLU I 211 109.50 1.97 -1.74
CA GLU I 211 109.72 3.27 -2.33
C GLU I 211 108.44 4.09 -2.49
N ILE I 212 107.29 3.46 -2.75
CA ILE I 212 106.09 4.25 -3.00
C ILE I 212 105.21 4.39 -1.75
N GLY I 213 105.01 3.31 -0.99
CA GLY I 213 104.08 3.37 0.12
C GLY I 213 103.92 2.12 0.97
N TYR I 214 102.85 2.05 1.75
CA TYR I 214 102.64 0.90 2.63
C TYR I 214 101.57 -0.13 2.25
N PRO I 215 100.26 0.35 2.20
CA PRO I 215 99.26 -0.65 1.81
C PRO I 215 99.57 -0.89 0.34
N VAL I 216 99.85 -2.16 0.02
CA VAL I 216 100.19 -2.54 -1.35
C VAL I 216 99.34 -3.72 -1.78
N MET I 217 98.83 -3.62 -3.00
CA MET I 217 98.01 -4.66 -3.62
C MET I 217 98.81 -5.35 -4.71
N ILE I 218 98.69 -6.68 -4.78
CA ILE I 218 99.28 -7.47 -5.86
C ILE I 218 98.17 -8.00 -6.75
N LYS I 219 98.25 -7.73 -8.05
CA LYS I 219 97.24 -8.13 -9.02
C LYS I 219 97.94 -8.53 -10.32
N ALA I 220 97.20 -9.26 -11.16
CA ALA I 220 97.64 -9.64 -12.50
C ALA I 220 97.81 -8.41 -13.39
N SER I 221 98.77 -8.47 -14.32
CA SER I 221 98.98 -7.40 -15.27
C SER I 221 97.78 -7.20 -16.19
N ALA I 222 97.02 -8.26 -16.41
CA ALA I 222 95.77 -8.19 -17.17
C ALA I 222 94.83 -9.30 -16.70
N GLY I 223 93.59 -8.93 -16.41
CA GLY I 223 92.59 -9.86 -15.95
C GLY I 223 91.87 -9.32 -14.74
N GLY I 224 91.12 -10.21 -14.09
CA GLY I 224 90.35 -9.82 -12.93
C GLY I 224 89.60 -11.01 -12.37
N GLY I 225 88.79 -10.73 -11.35
CA GLY I 225 88.01 -11.76 -10.70
C GLY I 225 88.84 -12.63 -9.78
N GLY I 226 89.84 -12.04 -9.15
CA GLY I 226 90.72 -12.79 -8.26
C GLY I 226 91.84 -13.49 -8.98
N LYS I 227 92.27 -12.96 -10.13
CA LYS I 227 93.32 -13.60 -10.92
C LYS I 227 94.65 -13.37 -10.22
N GLY I 228 94.87 -14.12 -9.13
CA GLY I 228 96.08 -13.99 -8.34
C GLY I 228 96.16 -12.76 -7.47
N MET I 229 95.03 -12.18 -7.07
CA MET I 229 95.01 -10.95 -6.30
C MET I 229 95.15 -11.31 -4.82
N ARG I 230 95.91 -10.49 -4.10
CA ARG I 230 96.02 -10.59 -2.65
C ARG I 230 96.30 -9.20 -2.10
N ILE I 231 95.87 -8.95 -0.86
CA ILE I 231 96.10 -7.67 -0.20
C ILE I 231 97.23 -7.86 0.80
N ALA I 232 98.21 -6.97 0.73
CA ALA I 232 99.36 -7.04 1.64
C ALA I 232 99.60 -5.69 2.28
N TRP I 233 100.18 -5.74 3.49
CA TRP I 233 100.56 -4.57 4.26
C TRP I 233 102.05 -4.53 4.59
N ASP I 234 102.57 -5.59 5.22
CA ASP I 234 103.97 -5.65 5.57
C ASP I 234 104.73 -6.35 4.45
N ASP I 235 106.05 -6.45 4.63
CA ASP I 235 106.89 -7.08 3.62
C ASP I 235 106.79 -8.60 3.58
N GLU I 236 106.46 -9.25 4.70
CA GLU I 236 106.45 -10.71 4.74
C GLU I 236 105.33 -11.29 3.87
N GLU I 237 104.11 -10.78 4.02
CA GLU I 237 103.08 -11.27 3.13
C GLU I 237 103.08 -10.60 1.76
N THR I 238 103.73 -9.44 1.58
CA THR I 238 103.89 -9.00 0.20
C THR I 238 104.80 -9.96 -0.58
N ARG I 239 105.92 -10.39 0.02
CA ARG I 239 106.80 -11.33 -0.68
C ARG I 239 106.08 -12.64 -0.94
N ASP I 240 105.33 -13.12 0.06
CA ASP I 240 104.61 -14.38 -0.03
C ASP I 240 103.49 -14.31 -1.08
N GLY I 241 102.73 -13.21 -1.08
CA GLY I 241 101.67 -13.04 -2.06
C GLY I 241 102.18 -13.05 -3.50
N PHE I 242 103.28 -12.34 -3.75
CA PHE I 242 103.81 -12.32 -5.12
C PHE I 242 104.23 -13.71 -5.57
N ARG I 243 105.04 -14.40 -4.77
CA ARG I 243 105.60 -15.65 -5.26
C ARG I 243 104.53 -16.72 -5.46
N LEU I 244 103.45 -16.65 -4.67
CA LEU I 244 102.32 -17.56 -4.84
C LEU I 244 101.61 -17.31 -6.15
N SER I 245 101.36 -16.03 -6.46
CA SER I 245 100.66 -15.65 -7.67
C SER I 245 101.52 -15.88 -8.91
N SER I 246 102.81 -15.59 -8.80
CA SER I 246 103.73 -15.73 -9.92
C SER I 246 104.03 -17.20 -10.24
N GLN I 247 103.85 -18.12 -9.30
CA GLN I 247 103.98 -19.54 -9.61
C GLN I 247 102.67 -20.26 -9.90
N GLU I 248 101.53 -19.80 -9.40
CA GLU I 248 100.28 -20.50 -9.70
C GLU I 248 99.44 -19.85 -10.79
N ALA I 249 99.56 -18.54 -11.03
CA ALA I 249 98.70 -17.87 -12.01
C ALA I 249 98.87 -18.45 -13.40
N ALA I 250 100.05 -18.98 -13.73
CA ALA I 250 100.31 -19.54 -15.04
C ALA I 250 99.38 -20.72 -15.35
N SER I 251 98.82 -21.34 -14.32
CA SER I 251 97.92 -22.48 -14.50
C SER I 251 96.48 -22.05 -14.76
N SER I 252 96.16 -20.76 -14.65
CA SER I 252 94.78 -20.34 -14.86
C SER I 252 94.58 -19.92 -16.31
N PHE I 253 95.09 -18.74 -16.67
CA PHE I 253 94.90 -18.20 -18.01
C PHE I 253 96.23 -18.08 -18.76
N GLY I 254 97.30 -18.72 -18.28
CA GLY I 254 98.59 -18.72 -18.96
C GLY I 254 99.41 -17.46 -18.80
N ASP I 255 99.22 -16.70 -17.73
CA ASP I 255 99.93 -15.44 -17.53
C ASP I 255 100.27 -15.27 -16.06
N ASP I 256 101.54 -15.01 -15.78
CA ASP I 256 102.03 -14.98 -14.40
C ASP I 256 102.80 -13.69 -14.15
N ARG I 257 102.52 -12.67 -14.96
CA ARG I 257 103.11 -11.35 -14.76
C ARG I 257 102.25 -10.58 -13.76
N LEU I 258 102.89 -10.14 -12.67
CA LEU I 258 102.21 -9.42 -11.59
C LEU I 258 102.61 -7.95 -11.56
N LEU I 259 101.66 -7.08 -11.25
CA LEU I 259 101.89 -5.67 -11.02
C LEU I 259 101.57 -5.34 -9.57
N ILE I 260 102.16 -4.27 -9.04
CA ILE I 260 101.77 -3.78 -7.74
C ILE I 260 101.35 -2.32 -7.87
N GLU I 261 100.35 -1.95 -7.07
CA GLU I 261 99.75 -0.62 -6.94
C GLU I 261 99.41 -0.45 -5.47
N LYS I 262 98.83 0.70 -5.10
CA LYS I 262 98.54 1.00 -3.70
C LYS I 262 97.02 1.09 -3.45
N PHE I 263 96.54 0.68 -2.27
CA PHE I 263 95.10 0.60 -2.06
C PHE I 263 94.77 1.35 -0.78
N ILE I 264 93.48 1.39 -0.47
CA ILE I 264 92.96 1.95 0.77
C ILE I 264 92.05 0.95 1.45
N ASP I 265 91.91 1.10 2.78
CA ASP I 265 91.00 0.31 3.61
C ASP I 265 89.64 0.99 3.63
N ASN I 266 88.67 0.41 4.39
CA ASN I 266 87.27 0.78 4.50
C ASN I 266 86.92 2.11 3.83
N PRO I 267 86.71 2.09 2.52
CA PRO I 267 86.54 3.35 1.79
C PRO I 267 85.20 3.98 2.05
N ARG I 268 85.16 5.30 1.95
CA ARG I 268 83.90 6.04 1.88
C ARG I 268 83.83 6.80 0.56
N HIS I 269 82.66 6.80 -0.06
CA HIS I 269 82.45 7.44 -1.35
C HIS I 269 81.92 8.85 -1.12
N ILE I 270 82.66 9.86 -1.55
CA ILE I 270 82.31 11.24 -1.25
C ILE I 270 82.33 12.03 -2.54
N GLU I 271 81.26 12.78 -2.79
CA GLU I 271 81.14 13.56 -4.01
C GLU I 271 81.30 15.03 -3.66
N ILE I 272 81.86 15.78 -4.60
CA ILE I 272 81.85 17.24 -4.53
C ILE I 272 81.28 17.74 -5.85
N GLN I 273 80.29 18.61 -5.77
CA GLN I 273 79.65 19.16 -6.96
C GLN I 273 80.30 20.47 -7.38
N VAL I 274 80.45 20.67 -8.68
CA VAL I 274 81.04 21.89 -9.22
C VAL I 274 80.10 22.50 -10.25
N LEU I 275 79.96 23.81 -10.17
CA LEU I 275 79.16 24.60 -11.10
C LEU I 275 80.14 25.39 -11.95
N GLY I 276 80.21 25.06 -13.23
CA GLY I 276 81.10 25.74 -14.16
C GLY I 276 80.44 26.97 -14.75
N ASP I 277 81.27 27.93 -15.17
CA ASP I 277 80.82 29.14 -15.84
C ASP I 277 81.43 29.22 -17.23
N LYS I 278 80.62 29.67 -18.19
CA LYS I 278 81.12 29.89 -19.55
C LYS I 278 82.21 30.94 -19.61
N HIS I 279 82.35 31.78 -18.59
CA HIS I 279 83.36 32.83 -18.58
C HIS I 279 84.66 32.39 -17.93
N GLY I 280 84.76 31.13 -17.52
CA GLY I 280 85.98 30.62 -16.92
C GLY I 280 85.90 30.44 -15.43
N ASN I 281 84.85 30.94 -14.78
CA ASN I 281 84.70 30.75 -13.35
C ASN I 281 84.16 29.36 -13.04
N ALA I 282 84.35 28.91 -11.80
CA ALA I 282 83.77 27.66 -11.34
C ALA I 282 83.75 27.68 -9.83
N LEU I 283 82.63 27.26 -9.24
CA LEU I 283 82.53 27.16 -7.79
C LEU I 283 82.25 25.72 -7.40
N TRP I 284 82.63 25.38 -6.18
CA TRP I 284 82.39 24.06 -5.64
C TRP I 284 81.38 24.17 -4.51
N LEU I 285 80.52 23.16 -4.42
CA LEU I 285 79.46 23.16 -3.42
C LEU I 285 79.83 22.15 -2.33
N ASN I 286 79.03 22.14 -1.26
CA ASN I 286 79.26 21.16 -0.21
C ASN I 286 79.22 19.75 -0.76
N GLU I 287 79.97 18.87 -0.12
CA GLU I 287 80.09 17.49 -0.56
C GLU I 287 78.81 16.68 -0.33
N ARG I 288 78.85 15.41 -0.73
CA ARG I 288 77.83 14.42 -0.42
C ARG I 288 78.50 13.11 -0.03
N GLU I 289 77.98 12.50 1.04
CA GLU I 289 78.39 11.16 1.45
C GLU I 289 77.42 10.16 0.85
N CYS I 290 77.92 9.27 0.01
CA CYS I 290 77.09 8.35 -0.76
C CYS I 290 77.55 6.92 -0.57
N SER I 291 77.54 6.44 0.67
CA SER I 291 78.12 5.12 0.90
C SER I 291 77.09 4.01 0.99
N ILE I 292 75.83 4.33 1.25
CA ILE I 292 74.81 3.29 1.38
C ILE I 292 74.28 2.96 0.00
N GLN I 293 74.54 1.74 -0.47
CA GLN I 293 74.25 1.41 -1.86
C GLN I 293 73.99 -0.09 -1.97
N ARG I 294 73.27 -0.48 -3.03
CA ARG I 294 73.22 -1.89 -3.39
C ARG I 294 73.19 -1.99 -4.91
N ARG I 295 73.84 -3.05 -5.41
CA ARG I 295 74.03 -3.40 -6.82
C ARG I 295 74.63 -2.26 -7.65
N ASN I 296 75.59 -1.57 -7.00
CA ASN I 296 76.33 -0.38 -7.47
C ASN I 296 75.41 0.80 -7.78
N GLN I 297 74.34 0.92 -7.01
CA GLN I 297 73.43 2.05 -7.16
C GLN I 297 73.12 2.62 -5.79
N LYS I 298 73.20 3.92 -5.66
CA LYS I 298 73.04 4.54 -4.36
C LYS I 298 71.57 4.55 -3.94
N VAL I 299 71.33 4.48 -2.64
CA VAL I 299 69.96 4.57 -2.14
C VAL I 299 69.82 5.65 -1.09
N VAL I 300 70.85 5.89 -0.28
CA VAL I 300 70.79 6.92 0.75
C VAL I 300 72.07 7.74 0.70
N GLU I 301 71.89 9.06 0.74
CA GLU I 301 72.98 10.01 0.70
C GLU I 301 72.78 11.06 1.78
N GLU I 302 73.88 11.64 2.21
CA GLU I 302 73.90 12.70 3.22
C GLU I 302 74.78 13.79 2.62
N ALA I 303 74.39 15.05 2.79
CA ALA I 303 75.18 16.12 2.21
C ALA I 303 76.38 16.58 3.00
N PRO I 304 76.15 16.99 4.24
CA PRO I 304 77.22 17.47 5.14
C PRO I 304 77.96 16.29 5.74
N SER I 305 78.52 15.47 4.86
CA SER I 305 79.26 14.27 5.26
C SER I 305 79.37 13.97 6.77
N ILE I 306 80.59 14.09 7.29
CA ILE I 306 80.99 13.89 8.69
C ILE I 306 82.48 13.61 8.71
N PHE I 307 83.03 13.28 7.54
CA PHE I 307 84.40 12.84 7.43
C PHE I 307 85.26 14.01 7.01
N LEU I 308 84.69 15.21 7.04
CA LEU I 308 85.39 16.41 6.66
C LEU I 308 85.27 17.54 7.67
N ASP I 309 86.38 18.21 7.94
CA ASP I 309 86.37 19.46 8.68
C ASP I 309 86.46 20.61 7.69
N ALA I 310 86.54 21.85 8.19
CA ALA I 310 86.49 22.98 7.29
C ALA I 310 87.67 23.01 6.32
N GLU I 311 88.86 22.63 6.79
CA GLU I 311 90.04 22.68 5.93
C GLU I 311 90.00 21.60 4.86
N THR I 312 89.56 20.39 5.21
CA THR I 312 89.47 19.33 4.21
C THR I 312 88.49 19.68 3.11
N ARG I 313 87.35 20.27 3.47
CA ARG I 313 86.36 20.68 2.47
C ARG I 313 86.96 21.67 1.48
N ARG I 314 87.71 22.65 1.98
CA ARG I 314 88.34 23.62 1.08
C ARG I 314 89.38 22.95 0.21
N ALA I 315 90.21 22.09 0.81
CA ALA I 315 91.29 21.45 0.07
C ALA I 315 90.76 20.60 -1.07
N MET I 316 89.70 19.84 -0.81
CA MET I 316 89.15 18.97 -1.85
C MET I 316 88.27 19.75 -2.82
N GLY I 317 87.58 20.79 -2.33
CA GLY I 317 86.79 21.62 -3.24
C GLY I 317 87.64 22.30 -4.29
N GLU I 318 88.81 22.81 -3.88
CA GLU I 318 89.72 23.44 -4.81
C GLU I 318 90.24 22.45 -5.86
N GLN I 319 90.53 21.21 -5.46
CA GLN I 319 90.93 20.22 -6.45
C GLN I 319 89.81 19.85 -7.43
N ALA I 320 88.57 19.75 -6.96
CA ALA I 320 87.46 19.51 -7.88
C ALA I 320 87.32 20.66 -8.86
N VAL I 321 87.55 21.90 -8.40
CA VAL I 321 87.52 23.03 -9.33
C VAL I 321 88.68 22.96 -10.31
N ALA I 322 89.88 22.59 -9.83
CA ALA I 322 91.05 22.45 -10.69
C ALA I 322 90.81 21.48 -11.83
N LEU I 323 90.04 20.43 -11.59
CA LEU I 323 89.67 19.57 -12.70
C LEU I 323 88.75 20.30 -13.67
N ALA I 324 87.71 20.94 -13.17
CA ALA I 324 86.74 21.60 -14.06
C ALA I 324 87.34 22.73 -14.88
N ARG I 325 88.27 23.50 -14.32
CA ARG I 325 88.84 24.63 -15.04
C ARG I 325 89.91 24.24 -16.04
N ALA I 326 90.29 22.98 -16.10
CA ALA I 326 91.35 22.54 -17.00
C ALA I 326 90.80 21.80 -18.22
N VAL I 327 89.48 21.66 -18.33
CA VAL I 327 88.86 21.04 -19.49
C VAL I 327 87.78 22.03 -19.93
N LYS I 328 87.70 23.11 -19.15
CA LYS I 328 86.73 24.16 -19.32
C LYS I 328 85.32 23.61 -19.23
N TYR I 329 85.05 22.91 -18.13
CA TYR I 329 83.74 22.30 -17.90
C TYR I 329 82.70 23.31 -17.46
N SER I 330 82.17 24.06 -18.44
CA SER I 330 81.25 25.16 -18.21
C SER I 330 79.86 24.54 -18.24
N SER I 331 79.60 23.69 -17.25
CA SER I 331 78.37 22.94 -17.00
C SER I 331 78.38 22.54 -15.53
N ALA I 332 77.30 21.93 -15.06
CA ALA I 332 77.29 21.40 -13.71
C ALA I 332 77.62 19.92 -13.73
N GLY I 333 78.43 19.49 -12.75
CA GLY I 333 78.84 18.10 -12.70
C GLY I 333 79.37 17.75 -11.34
N THR I 334 79.90 16.54 -11.24
CA THR I 334 80.31 16.00 -9.96
C THR I 334 81.67 15.34 -10.07
N VAL I 335 82.48 15.51 -9.03
CA VAL I 335 83.76 14.85 -8.92
C VAL I 335 83.70 13.88 -7.75
N GLU I 336 84.10 12.63 -8.02
CA GLU I 336 84.06 11.59 -7.00
C GLU I 336 85.42 11.27 -6.39
N PHE I 337 85.46 11.29 -5.07
CA PHE I 337 86.66 10.97 -4.31
C PHE I 337 86.39 9.75 -3.45
N LEU I 338 87.46 9.01 -3.15
CA LEU I 338 87.44 7.98 -2.14
C LEU I 338 88.36 8.44 -1.01
N VAL I 339 87.92 8.25 0.22
CA VAL I 339 88.70 8.58 1.40
C VAL I 339 88.90 7.31 2.21
N ASP I 340 90.12 7.12 2.73
CA ASP I 340 90.45 5.97 3.56
C ASP I 340 90.18 6.31 5.02
N SER I 341 90.54 5.38 5.90
CA SER I 341 90.25 5.56 7.32
C SER I 341 91.08 6.67 7.94
N LYS I 342 92.11 7.12 7.22
CA LYS I 342 93.03 8.11 7.77
C LYS I 342 92.77 9.50 7.18
N LYS I 343 91.65 9.65 6.50
CA LYS I 343 91.30 10.93 5.86
C LYS I 343 92.24 11.28 4.69
N ASN I 344 92.79 10.28 4.03
CA ASN I 344 93.49 10.53 2.77
C ASN I 344 92.51 10.36 1.63
N PHE I 345 92.43 11.41 0.82
CA PHE I 345 91.48 11.52 -0.28
C PHE I 345 92.17 11.26 -1.61
N TYR I 346 91.56 10.38 -2.41
CA TYR I 346 92.10 10.00 -3.71
C TYR I 346 91.05 10.27 -4.79
N PHE I 347 91.50 10.71 -5.96
CA PHE I 347 90.61 10.95 -7.08
C PHE I 347 90.04 9.65 -7.61
N LEU I 348 88.73 9.64 -7.90
CA LEU I 348 88.16 8.47 -8.55
C LEU I 348 87.65 8.74 -9.97
N GLU I 349 86.76 9.70 -10.12
CA GLU I 349 86.24 9.98 -11.45
C GLU I 349 85.47 11.29 -11.54
N MET I 350 85.45 11.85 -12.73
CA MET I 350 84.74 13.10 -12.98
C MET I 350 83.52 12.79 -13.83
N ASN I 351 82.36 13.22 -13.33
CA ASN I 351 81.05 13.06 -13.97
C ASN I 351 80.50 14.32 -14.61
N THR I 352 79.95 14.18 -15.81
CA THR I 352 79.39 15.33 -16.52
C THR I 352 77.90 15.21 -16.76
N ARG I 353 77.11 15.57 -15.76
CA ARG I 353 75.67 15.50 -15.88
C ARG I 353 75.04 15.75 -14.52
N LEU I 354 73.85 16.32 -14.51
CA LEU I 354 73.16 16.56 -13.26
C LEU I 354 72.99 15.21 -12.62
N GLN I 355 73.47 15.08 -11.39
CA GLN I 355 73.37 13.81 -10.71
C GLN I 355 72.01 13.56 -10.10
N VAL I 356 71.74 12.32 -9.76
CA VAL I 356 70.48 11.98 -9.15
C VAL I 356 70.58 12.37 -7.70
N GLU I 357 71.78 12.80 -7.29
CA GLU I 357 72.02 13.21 -5.91
C GLU I 357 72.23 14.72 -5.82
N HIS I 358 71.39 15.45 -6.54
CA HIS I 358 71.47 16.90 -6.55
C HIS I 358 70.32 17.54 -5.80
N PRO I 359 69.43 16.75 -5.18
CA PRO I 359 68.34 17.45 -4.47
C PRO I 359 68.61 17.50 -2.96
N VAL I 360 69.74 16.95 -2.53
CA VAL I 360 70.10 16.94 -1.12
C VAL I 360 71.09 18.04 -0.79
N THR I 361 71.95 18.41 -1.74
CA THR I 361 72.86 19.53 -1.53
C THR I 361 72.10 20.83 -1.49
N GLU I 362 71.09 20.98 -2.35
CA GLU I 362 70.30 22.21 -2.42
C GLU I 362 69.68 22.59 -1.08
N CYS I 363 69.33 21.63 -0.23
CA CYS I 363 68.72 21.97 1.03
C CYS I 363 69.69 22.55 2.03
N ILE I 364 71.01 22.49 1.78
CA ILE I 364 71.91 23.12 2.74
C ILE I 364 72.67 24.28 2.09
N THR I 365 72.68 24.35 0.77
CA THR I 365 73.31 25.48 0.10
C THR I 365 72.33 26.57 -0.24
N GLY I 366 71.04 26.25 -0.33
CA GLY I 366 70.04 27.25 -0.67
C GLY I 366 69.99 27.63 -2.14
N LEU I 367 70.44 26.76 -3.01
CA LEU I 367 70.51 27.05 -4.44
C LEU I 367 69.41 26.30 -5.18
N ASP I 368 69.26 26.63 -6.45
CA ASP I 368 68.33 25.94 -7.35
C ASP I 368 69.14 25.56 -8.58
N LEU I 369 69.52 24.29 -8.67
CA LEU I 369 70.46 23.87 -9.70
C LEU I 369 69.90 24.00 -11.11
N VAL I 370 68.62 23.71 -11.32
CA VAL I 370 68.05 23.81 -12.66
C VAL I 370 67.96 25.26 -13.12
N GLN I 371 67.57 26.16 -12.21
CA GLN I 371 67.52 27.58 -12.54
C GLN I 371 68.89 28.10 -12.93
N GLU I 372 69.93 27.64 -12.24
CA GLU I 372 71.28 28.11 -12.52
C GLU I 372 71.79 27.56 -13.84
N MET I 373 71.54 26.28 -14.11
CA MET I 373 71.95 25.68 -15.38
C MET I 373 71.31 26.36 -16.57
N ILE I 374 70.03 26.73 -16.45
CA ILE I 374 69.40 27.44 -17.55
C ILE I 374 70.02 28.82 -17.76
N ARG I 375 70.28 29.58 -16.70
CA ARG I 375 70.91 30.88 -16.96
C ARG I 375 72.31 30.75 -17.54
N VAL I 376 73.09 29.78 -17.08
CA VAL I 376 74.45 29.60 -17.62
C VAL I 376 74.37 29.25 -19.09
N ALA I 377 73.47 28.34 -19.45
CA ALA I 377 73.27 27.99 -20.86
C ALA I 377 72.85 29.20 -21.69
N LYS I 378 72.05 30.10 -21.13
CA LYS I 378 71.70 31.31 -21.87
C LYS I 378 72.94 32.17 -22.10
N GLY I 379 73.86 32.18 -21.15
CA GLY I 379 75.09 32.93 -21.27
C GLY I 379 75.36 33.87 -20.12
N TYR I 380 74.67 33.73 -19.00
CA TYR I 380 74.91 34.59 -17.85
C TYR I 380 76.04 34.00 -17.01
N PRO I 381 76.81 34.86 -16.32
CA PRO I 381 77.80 34.33 -15.37
C PRO I 381 77.12 33.80 -14.12
N LEU I 382 77.90 33.08 -13.31
CA LEU I 382 77.41 32.57 -12.03
C LEU I 382 76.99 33.74 -11.13
N ARG I 383 75.85 33.59 -10.46
CA ARG I 383 75.32 34.65 -9.60
C ARG I 383 75.92 34.68 -8.21
N HIS I 384 76.83 33.76 -7.88
CA HIS I 384 77.34 33.65 -6.52
C HIS I 384 78.86 33.63 -6.57
N LYS I 385 79.46 33.88 -5.42
CA LYS I 385 80.89 33.73 -5.22
C LYS I 385 81.12 32.69 -4.12
N GLN I 386 82.32 32.14 -4.07
CA GLN I 386 82.57 31.03 -3.17
C GLN I 386 82.34 31.38 -1.70
N ALA I 387 82.57 32.63 -1.31
CA ALA I 387 82.42 33.00 0.09
C ALA I 387 80.98 32.90 0.57
N ASP I 388 80.01 32.83 -0.34
CA ASP I 388 78.59 32.79 0.01
C ASP I 388 78.03 31.38 0.06
N ILE I 389 78.87 30.37 -0.12
CA ILE I 389 78.44 28.98 -0.14
C ILE I 389 78.80 28.36 1.20
N ARG I 390 77.78 27.93 1.94
CA ARG I 390 77.98 27.43 3.29
C ARG I 390 76.97 26.32 3.55
N ILE I 391 77.12 25.69 4.70
CA ILE I 391 76.24 24.61 5.14
C ILE I 391 75.19 25.24 6.06
N ASN I 392 73.98 25.39 5.57
CA ASN I 392 72.88 25.87 6.42
C ASN I 392 72.06 24.70 6.97
N GLY I 393 72.65 23.92 7.88
CA GLY I 393 71.91 22.77 8.33
C GLY I 393 72.31 21.44 7.72
N TRP I 394 71.48 20.43 7.93
CA TRP I 394 71.79 19.08 7.47
C TRP I 394 70.65 18.53 6.64
N ALA I 395 70.98 17.73 5.62
CA ALA I 395 69.96 17.14 4.77
C ALA I 395 70.33 15.72 4.39
N VAL I 396 69.36 14.82 4.43
CA VAL I 396 69.56 13.42 4.10
C VAL I 396 68.49 13.02 3.10
N GLU I 397 68.85 12.17 2.13
CA GLU I 397 67.92 11.78 1.08
C GLU I 397 67.88 10.26 0.96
N CYS I 398 66.67 9.76 0.74
CA CYS I 398 66.42 8.33 0.55
C CYS I 398 65.67 8.10 -0.75
N ARG I 399 66.13 7.14 -1.54
CA ARG I 399 65.50 6.80 -2.80
C ARG I 399 64.54 5.65 -2.56
N VAL I 400 63.30 5.81 -2.99
CA VAL I 400 62.29 4.77 -2.82
C VAL I 400 62.02 4.16 -4.18
N TYR I 401 62.22 2.85 -4.27
CA TYR I 401 62.08 2.02 -5.46
C TYR I 401 60.92 1.06 -5.29
N ALA I 402 60.33 0.68 -6.42
CA ALA I 402 59.33 -0.38 -6.42
C ALA I 402 60.00 -1.75 -6.50
N GLU I 403 60.65 -2.13 -5.42
CA GLU I 403 61.49 -3.32 -5.37
C GLU I 403 61.26 -4.07 -4.08
N ASP I 404 61.48 -5.38 -4.13
CA ASP I 404 61.40 -6.22 -2.96
C ASP I 404 62.78 -6.27 -2.32
N PRO I 405 62.98 -5.67 -1.14
CA PRO I 405 64.29 -5.67 -0.52
C PRO I 405 64.74 -7.04 -0.03
N TYR I 406 63.85 -8.02 0.07
CA TYR I 406 64.25 -9.32 0.59
C TYR I 406 64.95 -10.16 -0.46
N LYS I 407 64.60 -9.97 -1.73
CA LYS I 407 65.05 -10.83 -2.82
C LYS I 407 66.36 -10.30 -3.35
N SER I 408 67.45 -10.59 -2.61
CA SER I 408 68.82 -10.16 -2.92
C SER I 408 68.94 -8.64 -3.05
N PHE I 409 68.29 -7.92 -2.11
CA PHE I 409 68.35 -6.46 -1.98
C PHE I 409 67.87 -5.77 -3.25
N GLY I 410 66.56 -5.82 -3.45
CA GLY I 410 65.96 -4.99 -4.48
C GLY I 410 65.61 -5.64 -5.80
N LEU I 411 64.71 -6.63 -5.77
CA LEU I 411 64.26 -7.22 -7.02
C LEU I 411 63.02 -6.50 -7.53
N PRO I 412 63.04 -5.99 -8.77
CA PRO I 412 61.91 -5.19 -9.26
C PRO I 412 60.57 -5.88 -9.20
N SER I 413 59.57 -5.12 -8.79
CA SER I 413 58.18 -5.54 -8.79
C SER I 413 57.45 -4.85 -9.93
N ILE I 414 56.31 -5.41 -10.31
CA ILE I 414 55.50 -4.87 -11.40
C ILE I 414 54.09 -4.64 -10.87
N GLY I 415 53.55 -3.47 -11.14
CA GLY I 415 52.21 -3.18 -10.69
C GLY I 415 51.72 -1.77 -10.83
N ARG I 416 50.48 -1.64 -10.34
CA ARG I 416 49.73 -0.40 -10.38
C ARG I 416 49.47 0.09 -8.96
N LEU I 417 49.54 1.40 -8.82
CA LEU I 417 49.27 2.11 -7.61
C LEU I 417 47.90 2.63 -7.38
N SER I 418 47.37 1.97 -6.34
CA SER I 418 46.08 2.12 -5.71
C SER I 418 45.96 3.04 -4.56
N GLN I 419 47.02 3.24 -3.79
CA GLN I 419 46.95 4.32 -2.82
C GLN I 419 48.30 5.00 -2.76
N TYR I 420 48.31 6.31 -2.67
CA TYR I 420 49.56 7.05 -2.69
C TYR I 420 49.37 8.37 -1.98
N GLN I 421 50.18 8.62 -0.98
CA GLN I 421 50.05 9.84 -0.19
C GLN I 421 51.41 10.22 0.33
N GLU I 422 51.88 11.37 -0.04
CA GLU I 422 53.21 11.85 0.29
C GLU I 422 53.20 12.58 1.63
N PRO I 423 54.22 12.40 2.46
CA PRO I 423 54.22 13.06 3.77
C PRO I 423 54.58 14.55 3.72
N LEU I 424 53.72 15.37 3.11
CA LEU I 424 54.03 16.77 2.93
C LEU I 424 53.50 17.65 4.05
N HIS I 425 52.82 17.07 5.03
CA HIS I 425 52.35 17.84 6.17
C HIS I 425 53.38 17.94 7.29
N LEU I 426 54.47 17.20 7.19
CA LEU I 426 55.47 17.15 8.25
C LEU I 426 56.51 18.25 8.02
N PRO I 427 57.08 18.79 9.09
CA PRO I 427 58.12 19.82 8.92
C PRO I 427 59.42 19.25 8.35
N GLY I 428 60.06 20.04 7.49
CA GLY I 428 61.37 19.74 6.96
C GLY I 428 61.42 18.64 5.92
N VAL I 429 60.29 18.34 5.27
CA VAL I 429 60.17 17.22 4.36
C VAL I 429 59.85 17.77 2.97
N ARG I 430 60.58 17.27 1.96
CA ARG I 430 60.41 17.62 0.55
C ARG I 430 60.38 16.33 -0.25
N VAL I 431 59.30 16.07 -0.98
CA VAL I 431 59.15 14.83 -1.74
C VAL I 431 59.20 15.20 -3.21
N ASP I 432 60.12 14.60 -3.96
CA ASP I 432 60.24 14.87 -5.38
C ASP I 432 59.85 13.62 -6.12
N SER I 433 58.65 13.61 -6.69
CA SER I 433 58.08 12.41 -7.28
C SER I 433 57.59 12.71 -8.68
N GLY I 434 57.70 11.70 -9.54
CA GLY I 434 57.15 11.79 -10.87
C GLY I 434 55.88 11.00 -11.08
N ILE I 435 55.24 10.52 -10.02
CA ILE I 435 54.08 9.66 -10.17
C ILE I 435 52.89 10.28 -9.45
N GLN I 436 51.72 9.79 -9.81
CA GLN I 436 50.46 10.20 -9.22
C GLN I 436 49.65 8.93 -9.04
N PRO I 437 48.61 8.90 -8.21
CA PRO I 437 47.81 7.69 -8.10
C PRO I 437 47.30 7.27 -9.47
N GLY I 438 47.34 5.97 -9.73
CA GLY I 438 46.80 5.48 -10.96
C GLY I 438 47.90 5.46 -11.98
N SER I 439 49.11 5.38 -11.46
CA SER I 439 50.27 5.25 -12.28
C SER I 439 50.69 3.81 -12.20
N ASP I 440 51.25 3.36 -13.30
CA ASP I 440 51.78 2.03 -13.45
C ASP I 440 53.29 2.13 -13.42
N ILE I 441 53.92 1.09 -12.88
CA ILE I 441 55.36 0.93 -12.91
C ILE I 441 55.70 -0.34 -13.66
N SER I 442 56.56 -0.25 -14.67
CA SER I 442 56.82 -1.43 -15.50
C SER I 442 58.25 -1.75 -15.80
N ILE I 443 58.42 -2.88 -16.45
CA ILE I 443 59.76 -3.40 -16.66
C ILE I 443 60.61 -2.54 -17.59
N TYR I 444 60.01 -1.57 -18.29
CA TYR I 444 60.76 -0.81 -19.27
C TYR I 444 61.64 0.27 -18.66
N TYR I 445 61.41 0.65 -17.41
CA TYR I 445 62.06 1.80 -16.81
C TYR I 445 62.56 1.39 -15.45
N ASP I 446 63.61 2.07 -14.99
CA ASP I 446 64.06 1.89 -13.62
C ASP I 446 62.89 2.10 -12.67
N PRO I 447 62.55 1.13 -11.86
CA PRO I 447 61.39 1.27 -10.99
C PRO I 447 61.48 2.34 -9.91
N MET I 448 61.73 3.60 -10.23
CA MET I 448 61.74 4.64 -9.21
C MET I 448 60.32 5.07 -8.84
N ILE I 449 60.10 5.24 -7.54
CA ILE I 449 58.84 5.77 -7.02
C ILE I 449 59.00 7.24 -6.65
N SER I 450 59.98 7.54 -5.81
CA SER I 450 60.19 8.93 -5.41
C SER I 450 61.55 9.07 -4.76
N LYS I 451 61.95 10.31 -4.56
CA LYS I 451 63.08 10.62 -3.69
C LYS I 451 62.59 11.47 -2.54
N LEU I 452 62.83 10.99 -1.34
CA LEU I 452 62.36 11.62 -0.12
C LEU I 452 63.52 12.38 0.51
N ILE I 453 63.36 13.68 0.69
CA ILE I 453 64.42 14.55 1.17
C ILE I 453 63.96 15.15 2.48
N THR I 454 64.81 15.04 3.51
CA THR I 454 64.51 15.62 4.80
C THR I 454 65.69 16.46 5.26
N TYR I 455 65.41 17.64 5.81
CA TYR I 455 66.46 18.50 6.32
C TYR I 455 66.10 19.02 7.70
N GLY I 456 67.13 19.44 8.43
CA GLY I 456 66.97 19.97 9.76
C GLY I 456 68.20 20.76 10.17
N SER I 457 68.18 21.23 11.42
CA SER I 457 69.25 22.12 11.86
C SER I 457 70.47 21.34 12.31
N ASP I 458 70.30 20.06 12.60
CA ASP I 458 71.36 19.24 13.15
C ASP I 458 71.21 17.83 12.59
N ARG I 459 72.16 16.96 12.92
CA ARG I 459 72.11 15.60 12.41
C ARG I 459 71.00 14.75 13.00
N THR I 460 70.65 14.97 14.26
CA THR I 460 69.60 14.18 14.87
C THR I 460 68.22 14.64 14.43
N GLU I 461 68.05 15.94 14.17
CA GLU I 461 66.75 16.43 13.75
C GLU I 461 66.39 15.95 12.35
N ALA I 462 67.36 16.02 11.43
CA ALA I 462 67.11 15.53 10.07
C ALA I 462 66.84 14.04 10.05
N LEU I 463 67.54 13.25 10.87
CA LEU I 463 67.29 11.82 10.87
C LEU I 463 65.95 11.46 11.51
N LYS I 464 65.57 12.14 12.59
CA LYS I 464 64.28 11.88 13.22
C LYS I 464 63.14 12.26 12.29
N ARG I 465 63.26 13.40 11.62
CA ARG I 465 62.24 13.81 10.67
C ARG I 465 62.13 12.84 9.50
N MET I 466 63.26 12.29 9.05
CA MET I 466 63.22 11.26 8.01
C MET I 466 62.49 10.03 8.48
N ALA I 467 62.76 9.58 9.70
CA ALA I 467 62.06 8.42 10.23
C ALA I 467 60.56 8.65 10.25
N ASP I 468 60.14 9.85 10.65
CA ASP I 468 58.72 10.17 10.66
C ASP I 468 58.13 10.20 9.26
N ALA I 469 58.84 10.78 8.29
CA ALA I 469 58.30 10.85 6.95
C ALA I 469 58.10 9.47 6.35
N LEU I 470 59.02 8.55 6.63
CA LEU I 470 58.90 7.21 6.08
C LEU I 470 57.68 6.47 6.62
N ASP I 471 57.32 6.70 7.89
CA ASP I 471 56.17 5.99 8.45
C ASP I 471 54.86 6.60 8.00
N ASN I 472 54.87 7.87 7.61
CA ASN I 472 53.68 8.55 7.11
C ASN I 472 53.63 8.56 5.58
N TYR I 473 54.41 7.71 4.93
CA TYR I 473 54.50 7.71 3.47
C TYR I 473 53.78 6.48 2.95
N VAL I 474 52.65 6.69 2.29
CA VAL I 474 51.75 5.61 1.90
C VAL I 474 52.05 5.22 0.47
N ILE I 475 52.52 3.98 0.28
CA ILE I 475 52.69 3.39 -1.03
C ILE I 475 52.02 2.03 -0.99
N ARG I 476 50.99 1.81 -1.81
CA ARG I 476 50.29 0.55 -1.86
C ARG I 476 49.93 0.24 -3.30
N GLY I 477 50.12 -1.01 -3.69
CA GLY I 477 49.87 -1.46 -5.05
C GLY I 477 51.08 -2.13 -5.63
N VAL I 478 52.24 -1.78 -5.11
CA VAL I 478 53.52 -2.37 -5.50
C VAL I 478 54.29 -2.72 -4.24
N THR I 479 55.36 -3.49 -4.39
CA THR I 479 56.31 -3.74 -3.32
C THR I 479 57.37 -2.66 -3.32
N HIS I 480 57.62 -2.09 -2.15
CA HIS I 480 58.55 -0.99 -2.01
C HIS I 480 59.64 -1.35 -1.01
N ASN I 481 60.58 -0.43 -0.82
CA ASN I 481 61.76 -0.68 -0.02
C ASN I 481 61.80 0.18 1.24
N ILE I 482 60.64 0.62 1.73
CA ILE I 482 60.62 1.47 2.90
C ILE I 482 61.15 0.77 4.14
N ALA I 483 60.88 -0.52 4.30
CA ALA I 483 61.37 -1.23 5.46
C ALA I 483 62.88 -1.17 5.56
N LEU I 484 63.57 -1.25 4.43
CA LEU I 484 65.02 -1.19 4.42
C LEU I 484 65.52 0.19 4.77
N LEU I 485 64.90 1.23 4.19
CA LEU I 485 65.30 2.60 4.47
C LEU I 485 65.06 2.96 5.93
N ARG I 486 63.93 2.52 6.48
CA ARG I 486 63.56 2.85 7.86
C ARG I 486 64.50 2.19 8.86
N GLU I 487 64.97 0.98 8.57
CA GLU I 487 65.92 0.40 9.48
C GLU I 487 67.34 0.93 9.31
N VAL I 488 67.80 1.19 8.08
CA VAL I 488 69.19 1.64 8.00
C VAL I 488 69.39 2.96 8.71
N ILE I 489 68.48 3.92 8.57
CA ILE I 489 68.72 5.25 9.10
C ILE I 489 68.78 5.24 10.63
N ILE I 490 68.28 4.18 11.25
CA ILE I 490 68.24 4.13 12.71
C ILE I 490 69.33 3.20 13.24
N ASN I 491 70.14 2.65 12.36
CA ASN I 491 71.22 1.77 12.75
C ASN I 491 72.29 2.54 13.52
N SER I 492 72.77 1.93 14.60
CA SER I 492 73.72 2.60 15.47
C SER I 492 74.99 3.01 14.73
N ARG I 493 75.40 2.25 13.71
CA ARG I 493 76.58 2.62 12.95
C ARG I 493 76.29 3.81 12.04
N PHE I 494 75.06 3.89 11.52
CA PHE I 494 74.68 5.00 10.65
C PHE I 494 74.56 6.28 11.44
N VAL I 495 73.95 6.24 12.63
CA VAL I 495 73.83 7.44 13.44
C VAL I 495 75.20 7.93 13.89
N LYS I 496 76.07 7.01 14.30
CA LYS I 496 77.43 7.42 14.64
C LYS I 496 78.24 7.79 13.41
N GLY I 497 77.98 7.16 12.27
CA GLY I 497 78.70 7.46 11.06
C GLY I 497 79.75 6.46 10.62
N ASP I 498 79.79 5.25 11.20
CA ASP I 498 80.79 4.27 10.83
C ASP I 498 80.31 3.51 9.60
N ILE I 499 80.25 4.21 8.49
CA ILE I 499 79.66 3.68 7.27
C ILE I 499 80.74 3.60 6.21
N SER I 500 80.83 2.44 5.58
CA SER I 500 81.70 2.23 4.44
C SER I 500 80.86 1.87 3.23
N THR I 501 81.52 1.80 2.08
CA THR I 501 80.80 1.58 0.83
C THR I 501 80.25 0.17 0.77
N LYS I 502 80.63 -0.68 1.72
CA LYS I 502 80.16 -2.06 1.81
C LYS I 502 79.35 -2.27 3.08
N PHE I 503 78.84 -1.17 3.63
CA PHE I 503 78.10 -1.19 4.90
C PHE I 503 77.04 -2.27 4.89
N LEU I 504 76.15 -2.25 3.89
CA LEU I 504 74.99 -3.12 3.91
C LEU I 504 75.38 -4.58 3.77
N SER I 505 76.51 -4.85 3.12
CA SER I 505 76.92 -6.22 2.92
C SER I 505 77.41 -6.89 4.21
N ASP I 506 77.93 -6.11 5.16
CA ASP I 506 78.34 -6.61 6.46
C ASP I 506 77.21 -6.60 7.48
N VAL I 507 76.28 -5.66 7.38
CA VAL I 507 75.15 -5.66 8.31
C VAL I 507 74.18 -6.78 7.96
N TYR I 508 73.96 -7.05 6.68
CA TYR I 508 72.99 -8.04 6.24
C TYR I 508 73.71 -9.13 5.45
N PRO I 509 74.55 -9.93 6.12
CA PRO I 509 75.35 -10.92 5.37
C PRO I 509 74.52 -12.05 4.80
N ASP I 510 73.31 -12.27 5.32
CA ASP I 510 72.42 -13.31 4.86
C ASP I 510 71.18 -12.76 4.19
N GLY I 511 71.20 -11.50 3.78
CA GLY I 511 70.05 -10.87 3.16
C GLY I 511 69.30 -10.01 4.16
N PHE I 512 68.35 -9.24 3.64
CA PHE I 512 67.51 -8.38 4.45
C PHE I 512 66.41 -9.23 5.09
N LYS I 513 66.23 -9.07 6.40
CA LYS I 513 65.22 -9.84 7.12
C LYS I 513 64.06 -9.02 7.64
N GLY I 514 64.13 -7.68 7.70
CA GLY I 514 63.10 -6.85 8.28
C GLY I 514 63.47 -6.38 9.67
N HIS I 515 62.67 -5.42 10.15
CA HIS I 515 62.93 -4.81 11.45
C HIS I 515 62.71 -5.84 12.54
N MET I 516 63.66 -5.93 13.46
CA MET I 516 63.60 -6.87 14.56
C MET I 516 63.07 -6.16 15.81
N LEU I 517 62.04 -6.74 16.42
CA LEU I 517 61.42 -6.12 17.57
C LEU I 517 62.08 -6.56 18.87
N THR I 518 62.18 -5.63 19.80
CA THR I 518 62.62 -5.91 21.16
C THR I 518 61.42 -6.11 22.08
N LYS I 519 61.67 -6.33 23.35
CA LYS I 519 60.58 -6.70 24.25
C LYS I 519 59.51 -5.63 24.31
N SER I 520 59.92 -4.37 24.52
CA SER I 520 58.97 -3.27 24.64
C SER I 520 58.26 -3.00 23.33
N GLU I 521 58.94 -3.19 22.21
CA GLU I 521 58.30 -2.96 20.92
C GLU I 521 57.28 -4.05 20.62
N LYS I 522 57.56 -5.30 20.99
CA LYS I 522 56.56 -6.33 20.82
C LYS I 522 55.32 -6.06 21.65
N ASN I 523 55.50 -5.55 22.87
CA ASN I 523 54.34 -5.24 23.71
C ASN I 523 53.51 -4.11 23.12
N GLN I 524 54.18 -3.11 22.53
CA GLN I 524 53.47 -2.02 21.88
C GLN I 524 52.74 -2.50 20.63
N LEU I 525 53.37 -3.35 19.84
CA LEU I 525 52.71 -3.89 18.64
C LEU I 525 51.52 -4.75 19.01
N LEU I 526 51.66 -5.59 20.04
CA LEU I 526 50.53 -6.41 20.46
C LEU I 526 49.40 -5.57 21.02
N ALA I 527 49.72 -4.54 21.80
CA ALA I 527 48.68 -3.67 22.35
C ALA I 527 47.98 -2.87 21.27
N ILE I 528 48.71 -2.39 20.26
CA ILE I 528 48.10 -1.63 19.17
C ILE I 528 47.21 -2.54 18.33
N ALA I 529 47.71 -3.71 17.94
CA ALA I 529 46.93 -4.64 17.12
C ALA I 529 45.68 -5.12 17.85
N SER I 530 45.80 -5.35 19.17
CA SER I 530 44.65 -5.80 19.93
C SER I 530 43.62 -4.70 20.11
N SER I 531 44.07 -3.48 20.39
CA SER I 531 43.13 -2.37 20.53
C SER I 531 42.46 -2.04 19.21
N LEU I 532 43.20 -2.10 18.10
CA LEU I 532 42.58 -1.86 16.80
C LEU I 532 41.58 -2.94 16.44
N PHE I 533 41.90 -4.20 16.73
CA PHE I 533 40.94 -5.28 16.54
C PHE I 533 39.62 -5.00 17.25
N VAL I 534 39.69 -4.64 18.53
CA VAL I 534 38.48 -4.34 19.30
C VAL I 534 37.75 -3.12 18.74
N ALA I 535 38.50 -2.08 18.34
CA ALA I 535 37.87 -0.89 17.78
C ALA I 535 36.97 -1.22 16.60
N PHE I 536 37.39 -2.18 15.75
CA PHE I 536 36.54 -2.61 14.66
C PHE I 536 35.35 -3.40 15.17
N GLN I 537 35.57 -4.23 16.19
CA GLN I 537 34.49 -5.00 16.77
C GLN I 537 33.43 -4.11 17.42
N LEU I 538 33.83 -2.97 17.97
CA LEU I 538 32.86 -2.07 18.56
C LEU I 538 32.13 -1.27 17.51
N ARG I 539 32.85 -0.80 16.49
CA ARG I 539 32.20 -0.08 15.41
C ARG I 539 31.14 -0.94 14.74
N ALA I 540 31.40 -2.24 14.60
CA ALA I 540 30.42 -3.14 13.99
C ALA I 540 29.08 -3.19 14.70
N GLN I 541 28.98 -2.75 15.95
CA GLN I 541 27.73 -2.82 16.71
C GLN I 541 26.92 -1.55 16.71
N HIS I 542 27.37 -0.49 16.06
CA HIS I 542 26.71 0.81 16.16
C HIS I 542 25.83 1.00 14.93
N PHE I 543 24.58 0.62 15.04
CA PHE I 543 23.61 0.75 13.97
C PHE I 543 22.68 1.92 14.26
N GLN I 544 22.07 2.44 13.20
CA GLN I 544 21.02 3.42 13.37
C GLN I 544 19.92 2.58 13.97
N GLU I 545 19.19 3.12 14.93
CA GLU I 545 18.21 2.33 15.67
C GLU I 545 17.02 2.04 14.77
N ASN I 546 16.59 0.79 14.73
CA ASN I 546 15.39 0.45 14.00
C ASN I 546 14.21 0.38 14.96
N SER I 547 13.26 1.27 14.76
CA SER I 547 12.17 1.39 15.72
C SER I 547 11.31 0.14 15.78
N ARG I 548 11.42 -0.75 14.80
CA ARG I 548 10.63 -1.96 14.83
C ARG I 548 11.35 -3.07 15.59
N MET I 549 12.68 -3.08 15.54
CA MET I 549 13.48 -4.18 16.07
C MET I 549 14.61 -3.62 16.93
N PRO I 550 14.36 -3.37 18.22
CA PRO I 550 15.38 -2.74 19.06
C PRO I 550 16.68 -3.54 19.06
N VAL I 551 17.80 -2.82 19.01
CA VAL I 551 19.13 -3.42 19.01
C VAL I 551 19.79 -3.14 20.35
N ILE I 552 20.27 -4.19 21.01
CA ILE I 552 20.84 -4.06 22.34
C ILE I 552 22.33 -4.36 22.27
N LYS I 553 23.15 -3.34 22.54
CA LYS I 553 24.59 -3.49 22.46
C LYS I 553 25.11 -4.42 23.55
N PRO I 554 25.81 -5.50 23.20
CA PRO I 554 26.31 -6.43 24.22
C PRO I 554 27.20 -5.70 25.21
N ASP I 555 27.01 -5.99 26.49
CA ASP I 555 27.79 -5.35 27.55
C ASP I 555 29.08 -6.13 27.75
N ILE I 556 30.04 -5.88 26.86
CA ILE I 556 31.33 -6.57 26.89
C ILE I 556 32.33 -5.70 27.64
N ALA I 557 32.62 -6.07 28.89
CA ALA I 557 33.53 -5.28 29.70
C ALA I 557 34.97 -5.60 29.36
N ASN I 558 35.25 -6.83 28.95
CA ASN I 558 36.60 -7.26 28.68
C ASN I 558 36.66 -8.11 27.43
N TRP I 559 37.69 -7.86 26.62
CA TRP I 559 37.94 -8.61 25.42
C TRP I 559 39.13 -9.53 25.69
N GLU I 560 38.90 -10.82 25.70
CA GLU I 560 39.98 -11.78 25.96
C GLU I 560 40.43 -12.35 24.63
N LEU I 561 41.66 -12.02 24.24
CA LEU I 561 42.17 -12.36 22.93
C LEU I 561 43.39 -13.27 23.03
N SER I 562 43.54 -14.10 22.02
CA SER I 562 44.73 -14.90 21.81
C SER I 562 45.39 -14.39 20.55
N VAL I 563 46.56 -13.78 20.69
CA VAL I 563 47.17 -13.05 19.60
C VAL I 563 48.41 -13.79 19.16
N LYS I 564 48.37 -14.37 17.97
CA LYS I 564 49.47 -15.15 17.46
C LYS I 564 50.30 -14.26 16.53
N LEU I 565 51.60 -14.23 16.78
CA LEU I 565 52.56 -13.53 15.94
C LEU I 565 53.24 -14.61 15.12
N HIS I 566 54.55 -14.46 14.95
CA HIS I 566 55.33 -15.38 14.15
C HIS I 566 55.14 -16.78 14.65
N ASP I 567 55.81 -17.10 15.75
CA ASP I 567 55.69 -18.46 16.25
C ASP I 567 55.27 -18.49 17.72
N LYS I 568 54.78 -17.39 18.26
CA LYS I 568 54.41 -17.32 19.66
C LYS I 568 52.96 -16.92 19.76
N VAL I 569 52.28 -17.39 20.79
CA VAL I 569 50.90 -17.00 21.08
C VAL I 569 50.88 -16.26 22.40
N HIS I 570 50.41 -15.02 22.37
CA HIS I 570 50.40 -14.17 23.55
C HIS I 570 48.99 -14.02 24.09
N THR I 571 48.90 -13.83 25.40
CA THR I 571 47.63 -13.65 26.08
C THR I 571 47.41 -12.17 26.34
N VAL I 572 46.35 -11.62 25.75
CA VAL I 572 46.06 -10.20 25.80
C VAL I 572 44.63 -10.02 26.26
N VAL I 573 44.43 -9.14 27.24
CA VAL I 573 43.09 -8.78 27.70
C VAL I 573 42.96 -7.26 27.59
N ALA I 574 41.94 -6.80 26.91
CA ALA I 574 41.73 -5.38 26.68
C ALA I 574 40.38 -4.96 27.22
N SER I 575 40.28 -3.70 27.63
CA SER I 575 39.02 -3.09 27.99
C SER I 575 39.01 -1.67 27.45
N ASN I 576 37.82 -1.18 27.12
CA ASN I 576 37.62 0.14 26.58
C ASN I 576 37.23 1.12 27.67
N ASN I 577 37.89 2.28 27.69
CA ASN I 577 37.51 3.37 28.57
C ASN I 577 37.27 4.65 27.76
N GLY I 578 36.60 4.50 26.63
CA GLY I 578 36.38 5.64 25.76
C GLY I 578 37.39 5.64 24.64
N SER I 579 38.19 6.69 24.58
CA SER I 579 39.17 6.82 23.51
C SER I 579 40.44 6.03 23.78
N VAL I 580 40.59 5.48 24.97
CA VAL I 580 41.80 4.77 25.35
C VAL I 580 41.45 3.34 25.70
N PHE I 581 42.24 2.40 25.20
CA PHE I 581 42.09 1.01 25.53
C PHE I 581 43.17 0.65 26.53
N SER I 582 42.76 0.02 27.62
CA SER I 582 43.70 -0.49 28.61
C SER I 582 43.97 -1.94 28.27
N VAL I 583 45.21 -2.26 27.91
CA VAL I 583 45.52 -3.56 27.37
C VAL I 583 46.59 -4.17 28.26
N GLU I 584 46.37 -5.40 28.70
CA GLU I 584 47.35 -6.14 29.45
C GLU I 584 47.95 -7.18 28.50
N VAL I 585 49.24 -7.05 28.23
CA VAL I 585 49.93 -7.98 27.34
C VAL I 585 50.90 -8.80 28.16
N ASP I 586 50.51 -10.06 28.42
CA ASP I 586 51.23 -11.02 29.25
C ASP I 586 51.66 -10.41 30.59
N GLY I 587 50.78 -9.64 31.21
CA GLY I 587 51.07 -9.02 32.49
C GLY I 587 51.54 -7.58 32.42
N SER I 588 51.93 -7.09 31.24
CA SER I 588 52.39 -5.71 31.08
C SER I 588 51.19 -4.82 30.77
N LYS I 589 51.09 -3.70 31.47
CA LYS I 589 50.00 -2.76 31.28
C LYS I 589 50.38 -1.67 30.30
N LEU I 590 49.59 -1.53 29.23
CA LEU I 590 49.78 -0.49 28.23
C LEU I 590 48.47 0.26 28.07
N ASN I 591 48.56 1.55 27.76
CA ASN I 591 47.38 2.36 27.49
C ASN I 591 47.51 2.97 26.10
N VAL I 592 46.62 2.57 25.20
CA VAL I 592 46.66 3.01 23.82
C VAL I 592 45.57 4.04 23.59
N THR I 593 45.95 5.27 23.33
CA THR I 593 45.00 6.36 23.17
C THR I 593 45.03 6.79 21.72
N SER I 594 43.86 7.01 21.14
CA SER I 594 43.77 7.49 19.77
C SER I 594 42.37 8.04 19.54
N THR I 595 42.18 8.62 18.36
CA THR I 595 40.85 8.95 17.90
C THR I 595 40.17 7.82 17.16
N TRP I 596 40.96 6.82 16.73
CA TRP I 596 40.48 5.59 16.09
C TRP I 596 39.57 5.86 14.90
N ASN I 597 40.03 6.73 14.00
CA ASN I 597 39.40 6.89 12.71
C ASN I 597 39.82 5.73 11.83
N LEU I 598 38.89 4.82 11.58
CA LEU I 598 39.19 3.53 10.99
C LEU I 598 39.27 3.54 9.47
N ALA I 599 39.02 4.67 8.83
CA ALA I 599 39.05 4.75 7.39
C ALA I 599 40.36 5.31 6.86
N SER I 600 41.08 6.05 7.67
CA SER I 600 42.28 6.74 7.21
C SER I 600 43.40 5.73 6.96
N PRO I 601 44.20 5.95 5.91
CA PRO I 601 45.37 5.08 5.72
C PRO I 601 46.44 5.23 6.80
N LEU I 602 46.43 6.34 7.54
CA LEU I 602 47.42 6.57 8.57
C LEU I 602 46.73 6.67 9.92
N LEU I 603 47.01 5.73 10.81
CA LEU I 603 46.39 5.78 12.12
C LEU I 603 47.43 6.17 13.14
N SER I 604 47.18 7.28 13.82
CA SER I 604 48.09 7.83 14.82
C SER I 604 47.63 7.38 16.20
N VAL I 605 48.51 6.73 16.94
CA VAL I 605 48.20 6.22 18.26
C VAL I 605 49.28 6.68 19.23
N SER I 606 48.93 6.72 20.51
CA SER I 606 49.87 7.04 21.58
C SER I 606 49.82 5.90 22.56
N VAL I 607 50.95 5.23 22.74
CA VAL I 607 51.03 4.08 23.61
C VAL I 607 51.97 4.39 24.77
N ASP I 608 51.36 4.61 25.96
CA ASP I 608 52.06 5.01 27.19
C ASP I 608 52.96 6.22 26.99
N GLY I 609 52.46 7.18 26.23
CA GLY I 609 53.18 8.42 26.01
C GLY I 609 54.07 8.37 24.79
N THR I 610 54.23 7.17 24.21
CA THR I 610 55.06 7.01 23.02
C THR I 610 54.21 7.20 21.78
N GLN I 611 54.62 8.11 20.91
CA GLN I 611 53.85 8.42 19.72
C GLN I 611 54.24 7.48 18.59
N ARG I 612 53.26 6.76 18.05
CA ARG I 612 53.48 5.83 16.95
C ARG I 612 52.51 6.15 15.81
N THR I 613 52.97 5.87 14.60
CA THR I 613 52.12 5.85 13.41
C THR I 613 52.13 4.45 12.83
N VAL I 614 50.96 3.89 12.59
CA VAL I 614 50.85 2.54 12.05
C VAL I 614 49.91 2.60 10.85
N GLN I 615 50.01 1.56 10.01
CA GLN I 615 49.10 1.42 8.88
C GLN I 615 48.50 0.03 8.92
N CYS I 616 47.17 -0.05 8.77
CA CYS I 616 46.52 -1.36 8.65
C CYS I 616 46.29 -1.63 7.17
N LEU I 617 46.91 -2.68 6.64
CA LEU I 617 46.93 -2.85 5.20
C LEU I 617 45.80 -3.75 4.74
N SER I 618 45.43 -4.72 5.56
CA SER I 618 44.39 -5.68 5.24
C SER I 618 43.80 -6.23 6.52
N ARG I 619 42.55 -6.70 6.43
CA ARG I 619 41.88 -7.32 7.55
C ARG I 619 41.07 -8.49 7.04
N GLU I 620 41.01 -9.56 7.81
CA GLU I 620 40.12 -10.66 7.48
C GLU I 620 39.23 -10.97 8.67
N ALA I 621 38.07 -11.52 8.35
CA ALA I 621 37.14 -11.93 9.39
C ALA I 621 37.72 -13.03 10.28
N GLY I 622 38.68 -13.80 9.78
CA GLY I 622 39.25 -14.89 10.54
C GLY I 622 40.27 -14.48 11.57
N GLY I 623 40.49 -13.17 11.73
CA GLY I 623 41.38 -12.61 12.70
C GLY I 623 42.71 -12.16 12.13
N ASN I 624 43.00 -12.51 10.88
CA ASN I 624 44.24 -12.11 10.25
C ASN I 624 44.24 -10.60 10.02
N MET I 625 45.33 -9.96 10.43
CA MET I 625 45.49 -8.54 10.16
C MET I 625 46.90 -8.32 9.66
N SER I 626 47.07 -7.43 8.70
CA SER I 626 48.40 -7.03 8.25
C SER I 626 48.63 -5.59 8.68
N ILE I 627 49.59 -5.39 9.58
CA ILE I 627 49.84 -4.10 10.20
C ILE I 627 51.28 -3.73 9.93
N GLN I 628 51.50 -2.52 9.44
CA GLN I 628 52.86 -2.06 9.23
C GLN I 628 53.26 -1.25 10.44
N PHE I 629 54.35 -1.67 11.07
CA PHE I 629 54.86 -1.12 12.31
C PHE I 629 56.35 -0.89 12.11
N LEU I 630 56.76 0.37 12.22
CA LEU I 630 58.14 0.83 11.98
C LEU I 630 58.65 0.42 10.60
N GLY I 631 57.78 0.48 9.61
CA GLY I 631 58.17 0.15 8.26
C GLY I 631 58.02 -1.30 7.88
N THR I 632 57.90 -2.21 8.84
CA THR I 632 57.87 -3.63 8.52
C THR I 632 56.45 -4.16 8.66
N VAL I 633 56.02 -4.96 7.74
CA VAL I 633 54.68 -5.52 7.82
C VAL I 633 54.73 -6.80 8.64
N TYR I 634 53.92 -6.83 9.68
CA TYR I 634 53.82 -7.98 10.57
C TYR I 634 52.46 -8.61 10.36
N LYS I 635 52.43 -9.93 10.39
CA LYS I 635 51.18 -10.68 10.25
C LYS I 635 50.73 -11.14 11.64
N VAL I 636 49.53 -10.73 12.02
CA VAL I 636 49.03 -11.15 13.31
C VAL I 636 47.63 -11.75 13.13
N ASN I 637 47.39 -12.84 13.85
CA ASN I 637 46.10 -13.52 13.80
C ASN I 637 45.48 -13.38 15.18
N ILE I 638 44.42 -12.61 15.27
CA ILE I 638 43.76 -12.34 16.54
C ILE I 638 42.47 -13.12 16.61
N LEU I 639 42.40 -14.07 17.52
CA LEU I 639 41.19 -14.82 17.75
C LEU I 639 40.66 -14.48 19.13
N THR I 640 39.37 -14.66 19.32
CA THR I 640 38.83 -14.55 20.66
C THR I 640 39.21 -15.80 21.43
N ARG I 641 39.15 -15.70 22.76
CA ARG I 641 39.49 -16.85 23.59
C ARG I 641 38.78 -18.11 23.12
N LEU I 642 37.47 -18.00 22.84
CA LEU I 642 36.69 -19.17 22.48
C LEU I 642 37.13 -19.74 21.14
N ALA I 643 37.31 -18.87 20.14
CA ALA I 643 37.74 -19.33 18.82
C ALA I 643 39.11 -19.99 18.88
N ALA I 644 40.02 -19.42 19.67
CA ALA I 644 41.34 -20.01 19.79
C ALA I 644 41.30 -21.35 20.50
N GLU I 645 40.47 -21.49 21.53
CA GLU I 645 40.42 -22.77 22.21
C GLU I 645 39.83 -23.89 21.33
N LEU I 646 38.83 -23.58 20.51
CA LEU I 646 38.24 -24.60 19.65
C LEU I 646 39.04 -24.81 18.37
N ASN I 647 39.76 -23.81 17.90
CA ASN I 647 40.50 -23.94 16.66
C ASN I 647 41.54 -25.04 16.70
N LYS I 648 41.95 -25.48 17.90
CA LYS I 648 42.93 -26.55 18.01
C LYS I 648 42.40 -27.87 17.47
N PHE I 649 41.10 -27.97 17.25
CA PHE I 649 40.52 -29.22 16.79
C PHE I 649 40.49 -29.31 15.27
N MET I 650 40.99 -28.29 14.59
CA MET I 650 40.95 -28.28 13.13
C MET I 650 42.15 -29.05 12.59
N LEU I 651 41.95 -29.74 11.48
CA LEU I 651 43.03 -30.52 10.89
C LEU I 651 43.96 -29.59 10.13
N GLU I 652 45.25 -29.78 10.34
CA GLU I 652 46.26 -28.92 9.71
C GLU I 652 46.56 -29.47 8.33
N LYS I 653 45.61 -29.30 7.42
CA LYS I 653 45.83 -29.72 6.06
C LYS I 653 46.71 -28.71 5.34
N VAL I 654 47.67 -29.21 4.56
CA VAL I 654 48.54 -28.35 3.79
C VAL I 654 48.46 -28.68 2.30
N THR I 655 48.27 -27.66 1.49
CA THR I 655 48.18 -27.82 0.04
C THR I 655 49.51 -27.42 -0.62
N GLU I 656 49.68 -27.76 -1.90
CA GLU I 656 50.90 -27.45 -2.62
C GLU I 656 50.85 -26.09 -3.29
N ASP I 657 51.96 -25.36 -3.21
CA ASP I 657 52.10 -24.07 -3.88
C ASP I 657 52.67 -24.36 -5.27
N THR I 658 51.86 -24.17 -6.31
CA THR I 658 52.23 -24.53 -7.67
C THR I 658 52.31 -23.25 -8.48
N SER I 659 52.97 -22.25 -7.91
CA SER I 659 53.08 -20.95 -8.55
C SER I 659 54.08 -20.94 -9.68
N SER I 660 54.85 -22.02 -9.86
CA SER I 660 55.76 -22.12 -10.99
C SER I 660 55.08 -22.66 -12.25
N VAL I 661 53.84 -23.10 -12.15
CA VAL I 661 53.16 -23.74 -13.29
C VAL I 661 52.13 -22.78 -13.84
N LEU I 662 52.43 -22.18 -14.99
CA LEU I 662 51.62 -21.11 -15.56
C LEU I 662 50.78 -21.69 -16.69
N ARG I 663 49.47 -21.70 -16.51
CA ARG I 663 48.55 -22.33 -17.44
C ARG I 663 47.65 -21.28 -18.06
N SER I 664 47.10 -21.60 -19.23
CA SER I 664 46.23 -20.67 -19.94
C SER I 664 44.91 -20.51 -19.21
N PRO I 665 44.51 -19.29 -18.86
CA PRO I 665 43.22 -19.11 -18.19
C PRO I 665 42.04 -19.06 -19.14
N MET I 666 42.31 -19.08 -20.45
CA MET I 666 41.30 -18.77 -21.45
C MET I 666 41.76 -19.34 -22.79
N PRO I 667 40.89 -20.03 -23.52
CA PRO I 667 41.25 -20.57 -24.82
C PRO I 667 41.47 -19.47 -25.85
N GLY I 668 42.33 -19.76 -26.81
CA GLY I 668 42.63 -18.81 -27.88
C GLY I 668 44.01 -19.01 -28.48
N VAL I 669 44.46 -18.07 -29.30
CA VAL I 669 45.75 -18.19 -29.97
C VAL I 669 46.79 -17.35 -29.24
N VAL I 670 47.97 -17.94 -29.04
CA VAL I 670 49.11 -17.27 -28.42
C VAL I 670 49.74 -16.31 -29.42
N VAL I 671 49.77 -15.03 -29.07
CA VAL I 671 50.27 -13.98 -29.96
C VAL I 671 51.62 -13.43 -29.52
N ALA I 672 51.97 -13.58 -28.24
CA ALA I 672 53.28 -13.15 -27.77
C ALA I 672 53.75 -13.99 -26.60
N VAL I 673 55.05 -14.26 -26.53
CA VAL I 673 55.69 -14.80 -25.34
C VAL I 673 56.89 -13.92 -25.06
N SER I 674 56.95 -13.39 -23.84
CA SER I 674 57.96 -12.38 -23.53
C SER I 674 59.29 -13.01 -23.16
N VAL I 675 59.23 -14.33 -22.99
CA VAL I 675 60.33 -15.13 -22.52
C VAL I 675 60.71 -16.36 -23.35
N LYS I 676 61.93 -16.76 -23.05
CA LYS I 676 62.65 -17.98 -23.36
C LYS I 676 63.29 -18.54 -22.09
N PRO I 677 63.64 -19.84 -22.04
CA PRO I 677 64.31 -20.38 -20.85
C PRO I 677 65.53 -19.61 -20.43
N GLY I 678 65.65 -19.32 -19.14
CA GLY I 678 66.75 -18.54 -18.61
C GLY I 678 66.41 -17.09 -18.40
N ASP I 679 65.32 -16.60 -18.98
CA ASP I 679 64.91 -15.22 -18.80
C ASP I 679 64.49 -14.99 -17.36
N ALA I 680 64.81 -13.82 -16.85
CA ALA I 680 64.38 -13.43 -15.52
C ALA I 680 62.90 -13.13 -15.51
N VAL I 681 62.24 -13.46 -14.41
CA VAL I 681 60.82 -13.21 -14.23
C VAL I 681 60.62 -12.52 -12.88
N ALA I 682 59.90 -11.41 -12.91
CA ALA I 682 59.44 -10.73 -11.70
C ALA I 682 57.99 -11.10 -11.42
N GLU I 683 57.60 -10.95 -10.14
CA GLU I 683 56.21 -11.12 -9.75
C GLU I 683 55.35 -10.06 -10.43
N GLY I 684 54.28 -10.50 -11.09
CA GLY I 684 53.42 -9.63 -11.85
C GLY I 684 53.90 -9.38 -13.26
N GLN I 685 55.00 -10.01 -13.66
CA GLN I 685 55.57 -9.81 -14.98
C GLN I 685 54.72 -10.52 -16.03
N GLU I 686 54.43 -9.83 -17.12
CA GLU I 686 53.74 -10.45 -18.24
C GLU I 686 54.62 -11.52 -18.87
N ILE I 687 54.03 -12.69 -19.09
CA ILE I 687 54.76 -13.81 -19.67
C ILE I 687 54.20 -14.10 -21.05
N CYS I 688 52.88 -14.34 -21.12
CA CYS I 688 52.24 -14.72 -22.36
C CYS I 688 51.01 -13.86 -22.59
N VAL I 689 50.68 -13.66 -23.86
CA VAL I 689 49.44 -13.01 -24.26
C VAL I 689 48.66 -13.93 -25.18
N ILE I 690 47.40 -14.20 -24.83
CA ILE I 690 46.54 -15.06 -25.61
C ILE I 690 45.34 -14.23 -26.07
N GLU I 691 45.08 -14.21 -27.36
CA GLU I 691 43.99 -13.40 -27.87
C GLU I 691 42.83 -14.16 -28.52
N ALA I 692 41.63 -13.87 -28.01
CA ALA I 692 40.37 -14.42 -28.52
C ALA I 692 39.26 -13.47 -28.11
N MET I 693 38.09 -13.64 -28.73
CA MET I 693 36.94 -12.79 -28.41
C MET I 693 37.35 -11.33 -28.42
N LYS I 694 38.01 -10.92 -29.49
CA LYS I 694 38.48 -9.54 -29.65
C LYS I 694 39.05 -8.98 -28.35
N MET I 695 39.83 -9.79 -27.63
CA MET I 695 40.41 -9.34 -26.38
C MET I 695 41.74 -10.07 -26.17
N GLN I 696 42.71 -9.35 -25.65
CA GLN I 696 44.02 -9.92 -25.35
C GLN I 696 44.09 -10.17 -23.85
N ASN I 697 44.16 -11.44 -23.45
CA ASN I 697 44.23 -11.83 -22.04
C ASN I 697 45.70 -12.03 -21.65
N SER I 698 46.21 -11.11 -20.83
CA SER I 698 47.60 -11.17 -20.44
C SER I 698 47.78 -12.08 -19.23
N MET I 699 48.68 -13.05 -19.36
CA MET I 699 49.01 -13.98 -18.28
C MET I 699 50.33 -13.56 -17.65
N THR I 700 50.30 -13.37 -16.34
CA THR I 700 51.47 -12.91 -15.60
C THR I 700 51.99 -14.00 -14.68
N ALA I 701 53.26 -13.87 -14.27
CA ALA I 701 53.88 -14.82 -13.34
C ALA I 701 53.51 -14.50 -11.91
N GLY I 702 53.33 -15.55 -11.11
CA GLY I 702 53.21 -15.38 -9.67
C GLY I 702 54.44 -15.69 -8.87
N LYS I 703 55.58 -15.87 -9.53
CA LYS I 703 56.80 -16.29 -8.85
C LYS I 703 57.98 -15.55 -9.45
N THR I 704 58.92 -15.16 -8.59
CA THR I 704 60.16 -14.55 -9.05
C THR I 704 61.15 -15.67 -9.31
N GLY I 705 61.93 -15.55 -10.37
CA GLY I 705 62.90 -16.56 -10.73
C GLY I 705 63.31 -16.41 -12.17
N THR I 706 63.59 -17.54 -12.80
CA THR I 706 63.91 -17.60 -14.22
C THR I 706 63.00 -18.64 -14.86
N VAL I 707 62.86 -18.58 -16.18
CA VAL I 707 62.02 -19.55 -16.86
C VAL I 707 62.78 -20.86 -17.07
N LYS I 708 62.10 -21.98 -16.78
CA LYS I 708 62.72 -23.29 -17.01
C LYS I 708 62.38 -23.82 -18.40
N SER I 709 61.13 -23.65 -18.82
CA SER I 709 60.71 -24.13 -20.13
C SER I 709 59.54 -23.30 -20.62
N VAL I 710 59.53 -23.06 -21.93
CA VAL I 710 58.41 -22.41 -22.59
C VAL I 710 57.72 -23.49 -23.42
N HIS I 711 56.49 -23.83 -23.05
CA HIS I 711 55.80 -24.96 -23.63
C HIS I 711 54.95 -24.62 -24.83
N CYS I 712 54.41 -23.40 -24.89
CA CYS I 712 53.62 -22.95 -26.03
C CYS I 712 54.24 -21.70 -26.62
N GLN I 713 54.34 -21.67 -27.96
CA GLN I 713 54.97 -20.58 -28.66
C GLN I 713 53.92 -19.71 -29.36
N ALA I 714 54.30 -18.49 -29.73
CA ALA I 714 53.43 -17.61 -30.51
C ALA I 714 53.02 -18.31 -31.80
N GLY I 715 51.73 -18.27 -32.13
CA GLY I 715 51.24 -18.95 -33.31
C GLY I 715 50.54 -20.26 -32.99
N ASP I 716 50.79 -20.77 -31.79
CA ASP I 716 50.16 -22.01 -31.34
C ASP I 716 48.75 -21.69 -30.84
N THR I 717 47.86 -22.67 -30.90
CA THR I 717 46.52 -22.51 -30.34
C THR I 717 46.39 -23.34 -29.07
N VAL I 718 45.86 -22.73 -27.99
CA VAL I 718 45.82 -23.41 -26.71
C VAL I 718 44.39 -23.36 -26.18
N GLY I 719 44.05 -24.32 -25.31
CA GLY I 719 42.77 -24.34 -24.64
C GLY I 719 42.88 -23.94 -23.18
N GLU I 720 41.76 -24.05 -22.48
CA GLU I 720 41.72 -23.71 -21.07
C GLU I 720 42.45 -24.77 -20.25
N GLY I 721 43.39 -24.32 -19.42
CA GLY I 721 44.17 -25.22 -18.60
C GLY I 721 45.46 -25.73 -19.20
N ASP I 722 45.71 -25.46 -20.48
CA ASP I 722 46.95 -25.92 -21.11
C ASP I 722 48.15 -25.18 -20.52
N LEU I 723 49.26 -25.89 -20.43
CA LEU I 723 50.48 -25.35 -19.86
C LEU I 723 51.18 -24.46 -20.88
N LEU I 724 51.47 -23.23 -20.48
CA LEU I 724 52.16 -22.27 -21.33
C LEU I 724 53.63 -22.17 -21.02
N VAL I 725 53.99 -21.92 -19.76
CA VAL I 725 55.37 -21.71 -19.36
C VAL I 725 55.59 -22.34 -17.98
N GLU I 726 56.77 -22.88 -17.75
CA GLU I 726 57.12 -23.47 -16.47
C GLU I 726 58.35 -22.78 -15.91
N LEU I 727 58.21 -22.29 -14.67
CA LEU I 727 59.27 -21.54 -14.01
C LEU I 727 60.10 -22.48 -13.16
N GLU I 728 61.31 -22.03 -12.84
CA GLU I 728 62.16 -22.71 -11.87
C GLU I 728 61.71 -22.38 -10.46
N THR J 33 14.05 -40.77 43.73
CA THR J 33 14.53 -39.75 42.80
C THR J 33 13.54 -38.60 42.66
N SER J 34 14.00 -37.39 42.96
CA SER J 34 13.15 -36.23 42.86
C SER J 34 13.05 -35.77 41.41
N VAL J 35 12.07 -34.93 41.12
CA VAL J 35 11.93 -34.39 39.78
C VAL J 35 13.12 -33.52 39.40
N ASN J 36 13.70 -32.81 40.35
CA ASN J 36 14.85 -31.96 40.08
C ASN J 36 16.06 -32.78 39.66
N GLU J 37 16.22 -33.98 40.23
CA GLU J 37 17.33 -34.82 39.86
C GLU J 37 17.18 -35.32 38.43
N ARG J 38 15.96 -35.69 38.07
CA ARG J 38 15.67 -36.17 36.73
C ARG J 38 15.90 -35.06 35.70
N ILE J 39 15.51 -33.84 36.06
CA ILE J 39 15.70 -32.67 35.20
C ILE J 39 17.18 -32.41 34.96
N GLU J 40 17.98 -32.43 36.03
CA GLU J 40 19.41 -32.24 35.91
C GLU J 40 20.06 -33.33 35.06
N ASN J 41 19.61 -34.57 35.20
CA ASN J 41 20.16 -35.65 34.40
C ASN J 41 19.84 -35.49 32.93
N LYS J 42 18.66 -34.94 32.61
CA LYS J 42 18.29 -34.71 31.23
C LYS J 42 19.08 -33.55 30.62
N ARG J 43 19.39 -32.54 31.43
CA ARG J 43 20.14 -31.37 31.01
C ARG J 43 21.56 -31.83 30.62
N ARG J 44 22.18 -32.66 31.48
CA ARG J 44 23.52 -33.17 31.22
C ARG J 44 23.57 -34.02 29.96
N THR J 45 22.58 -34.89 29.77
CA THR J 45 22.54 -35.66 28.53
C THR J 45 22.28 -34.79 27.30
N ALA J 46 21.38 -33.81 27.39
CA ALA J 46 21.13 -32.95 26.24
C ALA J 46 22.39 -32.24 25.80
N LEU J 47 23.24 -31.84 26.74
CA LEU J 47 24.49 -31.19 26.39
C LEU J 47 25.46 -32.17 25.74
N LEU J 48 25.53 -33.41 26.24
CA LEU J 48 26.39 -34.37 25.59
C LEU J 48 25.82 -34.83 24.25
N GLY J 49 24.52 -34.80 24.09
CA GLY J 49 23.91 -35.22 22.83
C GLY J 49 24.11 -36.71 22.57
N GLY J 50 24.90 -37.03 21.55
CA GLY J 50 25.19 -38.40 21.22
C GLY J 50 26.17 -39.09 22.14
N GLY J 51 26.75 -38.37 23.10
CA GLY J 51 27.69 -38.96 24.03
C GLY J 51 29.11 -38.50 23.77
N GLN J 52 29.92 -38.59 24.82
CA GLN J 52 31.28 -38.08 24.81
C GLN J 52 32.16 -38.78 23.78
N ARG J 53 31.94 -40.09 23.55
CA ARG J 53 32.76 -40.82 22.60
C ARG J 53 32.48 -40.37 21.17
N ARG J 54 31.23 -40.04 20.91
CA ARG J 54 30.83 -39.52 19.61
C ARG J 54 31.48 -38.15 19.45
N ILE J 55 31.37 -37.32 20.50
CA ILE J 55 31.98 -35.98 20.47
C ILE J 55 33.48 -36.08 20.22
N ASP J 56 34.15 -37.02 20.89
CA ASP J 56 35.56 -37.24 20.62
C ASP J 56 35.82 -37.54 19.15
N ALA J 57 35.02 -38.40 18.54
CA ALA J 57 35.17 -38.67 17.11
C ALA J 57 34.88 -37.43 16.26
N GLN J 58 33.90 -36.63 16.68
CA GLN J 58 33.56 -35.39 15.99
C GLN J 58 34.77 -34.48 15.86
N HIS J 59 35.55 -34.37 16.94
CA HIS J 59 36.76 -33.57 16.91
C HIS J 59 37.89 -34.22 16.14
N LYS J 60 37.98 -35.54 16.20
CA LYS J 60 39.02 -36.26 15.47
C LYS J 60 38.91 -36.01 13.98
N ARG J 61 37.68 -35.93 13.49
CA ARG J 61 37.47 -35.67 12.08
C ARG J 61 37.75 -34.22 11.72
N GLY J 62 37.89 -33.35 12.73
CA GLY J 62 38.10 -31.94 12.46
C GLY J 62 36.85 -31.10 12.41
N LYS J 63 35.80 -31.51 13.12
CA LYS J 63 34.52 -30.83 13.12
C LYS J 63 34.20 -30.39 14.53
N LEU J 64 33.44 -29.30 14.66
CA LEU J 64 32.95 -28.83 15.94
C LEU J 64 31.58 -29.44 16.19
N THR J 65 31.15 -29.44 17.44
CA THR J 65 29.81 -29.94 17.65
C THR J 65 28.81 -28.82 17.32
N ALA J 66 27.53 -29.20 17.24
CA ALA J 66 26.44 -28.27 16.97
C ALA J 66 26.34 -27.17 18.01
N ARG J 67 26.55 -27.49 19.28
CA ARG J 67 26.53 -26.46 20.29
C ARG J 67 27.78 -25.58 20.27
N GLU J 68 28.95 -26.15 19.97
CA GLU J 68 30.14 -25.31 19.87
C GLU J 68 30.02 -24.34 18.71
N ARG J 69 29.42 -24.77 17.60
CA ARG J 69 29.23 -23.87 16.47
C ARG J 69 28.31 -22.73 16.84
N ILE J 70 27.22 -22.98 17.57
CA ILE J 70 26.39 -21.84 17.94
C ILE J 70 27.12 -20.88 18.85
N SER J 71 27.86 -21.37 19.84
CA SER J 71 28.56 -20.47 20.76
C SER J 71 29.49 -19.54 20.01
N LEU J 72 30.14 -20.01 18.96
CA LEU J 72 30.97 -19.16 18.14
C LEU J 72 30.16 -18.15 17.33
N LEU J 73 29.00 -18.56 16.82
CA LEU J 73 28.26 -17.72 15.89
C LEU J 73 27.62 -16.52 16.58
N LEU J 74 27.01 -16.73 17.73
CA LEU J 74 26.19 -15.72 18.35
C LEU J 74 26.96 -14.96 19.42
N ASP J 75 26.48 -13.76 19.71
CA ASP J 75 27.01 -12.97 20.80
C ASP J 75 27.06 -13.79 22.08
N PRO J 76 28.16 -13.74 22.82
CA PRO J 76 28.26 -14.53 24.06
C PRO J 76 27.09 -14.29 24.99
N GLY J 77 26.45 -15.38 25.41
CA GLY J 77 25.41 -15.30 26.41
C GLY J 77 24.06 -14.94 25.87
N SER J 78 23.97 -14.67 24.57
CA SER J 78 22.72 -14.25 23.97
C SER J 78 21.81 -15.39 23.56
N PHE J 79 22.30 -16.62 23.55
CA PHE J 79 21.55 -17.76 23.01
C PHE J 79 20.60 -18.31 24.06
N VAL J 80 19.34 -18.50 23.68
CA VAL J 80 18.36 -19.15 24.54
C VAL J 80 17.83 -20.37 23.79
N GLU J 81 18.03 -21.54 24.39
CA GLU J 81 17.64 -22.81 23.83
C GLU J 81 16.17 -23.10 24.11
N SER J 82 15.48 -23.61 23.10
CA SER J 82 14.08 -23.96 23.20
C SER J 82 13.94 -25.47 23.07
N ASP J 83 12.90 -26.03 23.70
CA ASP J 83 12.48 -27.42 23.56
C ASP J 83 13.62 -28.41 23.77
N MET J 84 14.45 -28.14 24.78
CA MET J 84 15.61 -28.99 25.00
C MET J 84 15.21 -30.37 25.50
N PHE J 85 13.99 -30.53 26.02
CA PHE J 85 13.58 -31.78 26.62
C PHE J 85 12.67 -32.60 25.72
N VAL J 86 12.53 -32.24 24.47
CA VAL J 86 11.66 -32.97 23.57
C VAL J 86 12.36 -34.22 23.07
N GLU J 87 11.63 -35.34 23.08
CA GLU J 87 12.12 -36.61 22.60
C GLU J 87 11.14 -37.18 21.58
N HIS J 88 11.64 -38.08 20.76
CA HIS J 88 10.81 -38.75 19.76
C HIS J 88 9.75 -39.62 20.42
N ARG J 89 8.66 -39.83 19.69
CA ARG J 89 7.55 -40.65 20.19
C ARG J 89 7.43 -41.96 19.44
N CYS J 90 8.38 -42.27 18.56
CA CYS J 90 8.32 -43.51 17.82
C CYS J 90 8.74 -44.67 18.70
N ALA J 91 7.91 -45.71 18.74
CA ALA J 91 8.17 -46.87 19.57
C ALA J 91 8.54 -48.11 18.76
N ASP J 92 8.45 -48.06 17.45
CA ASP J 92 8.65 -49.22 16.59
C ASP J 92 10.13 -49.42 16.34
N PHE J 93 10.49 -50.65 15.93
CA PHE J 93 11.86 -51.06 15.58
C PHE J 93 12.86 -50.82 16.71
N GLY J 94 12.40 -50.91 17.95
CA GLY J 94 13.28 -50.74 19.09
C GLY J 94 13.53 -49.30 19.48
N MET J 95 12.84 -48.35 18.84
CA MET J 95 13.00 -46.95 19.13
C MET J 95 12.49 -46.59 20.52
N ALA J 96 11.78 -47.52 21.16
CA ALA J 96 11.29 -47.31 22.52
C ALA J 96 12.36 -47.60 23.55
N ALA J 97 13.52 -48.10 23.12
CA ALA J 97 14.57 -48.44 24.05
C ALA J 97 15.18 -47.19 24.66
N ASP J 98 15.60 -47.32 25.91
CA ASP J 98 16.20 -46.20 26.59
C ASP J 98 17.45 -45.71 25.88
N LYS J 99 18.17 -46.60 25.21
CA LYS J 99 19.41 -46.26 24.51
C LYS J 99 19.19 -45.28 23.37
N ASN J 100 17.95 -45.14 22.90
CA ASN J 100 17.62 -44.28 21.77
C ASN J 100 17.05 -42.94 22.20
N LYS J 101 16.83 -42.73 23.50
CA LYS J 101 16.14 -41.55 24.00
C LYS J 101 17.16 -40.44 24.20
N PHE J 102 17.41 -39.69 23.13
CA PHE J 102 18.36 -38.58 23.16
C PHE J 102 17.61 -37.26 23.26
N PRO J 103 17.61 -36.59 24.40
CA PRO J 103 16.92 -35.30 24.49
C PRO J 103 17.45 -34.35 23.43
N GLY J 104 16.53 -33.64 22.80
CA GLY J 104 16.90 -32.72 21.75
C GLY J 104 16.68 -33.26 20.37
N ASP J 105 16.64 -34.60 20.26
CA ASP J 105 16.33 -35.33 19.02
C ASP J 105 17.06 -34.72 17.82
N SER J 106 18.37 -34.60 17.99
CA SER J 106 19.36 -34.31 16.96
C SER J 106 19.34 -32.89 16.40
N VAL J 107 18.68 -31.94 17.04
CA VAL J 107 18.77 -30.55 16.61
C VAL J 107 18.87 -29.68 17.86
N VAL J 108 19.66 -28.62 17.74
CA VAL J 108 19.71 -27.56 18.74
C VAL J 108 19.03 -26.35 18.15
N THR J 109 17.99 -25.86 18.80
CA THR J 109 17.21 -24.74 18.31
C THR J 109 17.18 -23.64 19.36
N GLY J 110 17.07 -22.39 18.91
CA GLY J 110 16.92 -21.31 19.85
C GLY J 110 17.12 -19.98 19.18
N ARG J 111 17.20 -18.94 20.00
CA ARG J 111 17.34 -17.59 19.46
C ARG J 111 18.49 -16.87 20.14
N GLY J 112 18.99 -15.85 19.44
CA GLY J 112 20.01 -15.00 20.01
C GLY J 112 20.18 -13.74 19.21
N ARG J 113 21.35 -13.15 19.34
CA ARG J 113 21.70 -11.91 18.66
C ARG J 113 23.09 -11.99 18.09
N ILE J 114 23.32 -11.30 16.99
CA ILE J 114 24.65 -11.08 16.45
C ILE J 114 24.82 -9.57 16.40
N ASN J 115 25.78 -9.06 17.18
CA ASN J 115 26.06 -7.63 17.36
C ASN J 115 24.83 -6.85 17.80
N GLY J 116 24.04 -7.44 18.70
CA GLY J 116 22.85 -6.80 19.17
C GLY J 116 21.62 -6.99 18.32
N ARG J 117 21.73 -7.64 17.18
CA ARG J 117 20.57 -7.78 16.29
C ARG J 117 19.98 -9.17 16.40
N LEU J 118 18.67 -9.23 16.53
CA LEU J 118 17.97 -10.49 16.74
C LEU J 118 18.11 -11.41 15.55
N VAL J 119 18.43 -12.67 15.82
CA VAL J 119 18.46 -13.69 14.78
C VAL J 119 18.05 -15.01 15.41
N TYR J 120 17.38 -15.86 14.62
CA TYR J 120 17.02 -17.21 15.01
C TYR J 120 17.99 -18.18 14.36
N VAL J 121 18.34 -19.24 15.08
CA VAL J 121 19.25 -20.25 14.56
C VAL J 121 18.72 -21.64 14.85
N PHE J 122 19.23 -22.61 14.11
CA PHE J 122 19.15 -24.01 14.49
C PHE J 122 20.37 -24.70 13.92
N SER J 123 20.77 -25.79 14.55
CA SER J 123 21.93 -26.52 14.10
C SER J 123 21.65 -28.00 14.25
N GLN J 124 21.94 -28.78 13.21
CA GLN J 124 21.73 -30.21 13.24
C GLN J 124 22.92 -30.90 13.87
N ASP J 125 22.65 -31.89 14.73
CA ASP J 125 23.68 -32.59 15.49
C ASP J 125 23.92 -33.95 14.87
N PHE J 126 25.08 -34.13 14.24
CA PHE J 126 25.39 -35.36 13.52
C PHE J 126 25.62 -36.55 14.45
N THR J 127 25.85 -36.31 15.74
CA THR J 127 26.24 -37.41 16.62
C THR J 127 25.03 -38.18 17.13
N VAL J 128 23.82 -37.71 16.84
CA VAL J 128 22.62 -38.37 17.31
C VAL J 128 21.86 -38.93 16.12
N PHE J 129 21.86 -40.26 15.98
CA PHE J 129 21.36 -41.00 14.83
C PHE J 129 21.91 -40.51 13.50
N GLY J 130 23.13 -40.00 13.48
CA GLY J 130 23.71 -39.53 12.24
C GLY J 130 23.17 -38.21 11.75
N GLY J 131 22.41 -37.52 12.59
CA GLY J 131 21.82 -36.25 12.20
C GLY J 131 20.58 -36.42 11.34
N SER J 132 20.06 -37.64 11.29
CA SER J 132 18.90 -37.96 10.46
C SER J 132 17.67 -37.21 10.93
N LEU J 133 16.73 -36.99 10.01
CA LEU J 133 15.55 -36.17 10.30
C LEU J 133 14.38 -37.04 10.76
N SER J 134 13.81 -36.69 11.91
CA SER J 134 12.63 -37.35 12.41
C SER J 134 11.44 -36.42 12.30
N GLY J 135 10.26 -36.93 12.64
CA GLY J 135 9.10 -36.07 12.73
C GLY J 135 9.32 -34.93 13.69
N ALA J 136 9.66 -35.27 14.94
CA ALA J 136 9.90 -34.25 15.96
C ALA J 136 11.05 -33.31 15.59
N HIS J 137 12.07 -33.84 14.92
CA HIS J 137 13.17 -33.04 14.42
C HIS J 137 12.67 -31.87 13.59
N ALA J 138 11.84 -32.16 12.59
CA ALA J 138 11.31 -31.14 11.71
C ALA J 138 10.42 -30.18 12.45
N GLN J 139 9.66 -30.71 13.40
CA GLN J 139 8.70 -29.91 14.10
C GLN J 139 9.40 -28.75 14.80
N LYS J 140 10.52 -29.05 15.42
CA LYS J 140 11.30 -28.05 16.15
C LYS J 140 11.86 -27.00 15.20
N ILE J 141 12.35 -27.45 14.04
CA ILE J 141 12.82 -26.49 13.05
C ILE J 141 11.68 -25.61 12.55
N CYS J 142 10.50 -26.20 12.31
CA CYS J 142 9.35 -25.42 11.85
C CYS J 142 8.92 -24.37 12.86
N LYS J 143 8.98 -24.74 14.13
CA LYS J 143 8.66 -23.83 15.21
C LYS J 143 9.55 -22.59 15.09
N ILE J 144 10.85 -22.78 14.84
CA ILE J 144 11.72 -21.61 14.70
C ILE J 144 11.36 -20.80 13.47
N MET J 145 11.03 -21.49 12.39
CA MET J 145 10.62 -20.87 11.14
C MET J 145 9.38 -20.00 11.30
N ASP J 146 8.45 -20.43 12.14
CA ASP J 146 7.23 -19.67 12.41
C ASP J 146 7.47 -18.47 13.31
N GLN J 147 8.31 -18.58 14.32
CA GLN J 147 8.54 -17.43 15.17
C GLN J 147 9.30 -16.37 14.39
N ALA J 148 10.27 -16.78 13.60
CA ALA J 148 11.03 -15.79 12.85
C ALA J 148 10.17 -15.06 11.83
N ILE J 149 9.27 -15.75 11.17
CA ILE J 149 8.42 -15.07 10.20
C ILE J 149 7.51 -14.08 10.91
N THR J 150 6.92 -14.48 12.04
CA THR J 150 6.00 -13.62 12.77
C THR J 150 6.68 -12.34 13.25
N VAL J 151 7.88 -12.44 13.83
CA VAL J 151 8.51 -11.21 14.30
C VAL J 151 9.26 -10.47 13.22
N GLY J 152 9.79 -11.17 12.22
CA GLY J 152 10.58 -10.52 11.20
C GLY J 152 12.07 -10.50 11.50
N ALA J 153 12.66 -11.67 11.74
CA ALA J 153 14.06 -11.85 12.07
C ALA J 153 14.63 -12.90 11.14
N PRO J 154 15.89 -12.79 10.74
CA PRO J 154 16.48 -13.81 9.86
C PRO J 154 16.59 -15.14 10.58
N VAL J 155 16.71 -16.19 9.77
CA VAL J 155 17.00 -17.53 10.27
C VAL J 155 18.29 -17.99 9.62
N ILE J 156 19.23 -18.48 10.42
CA ILE J 156 20.47 -19.07 9.95
C ILE J 156 20.46 -20.53 10.37
N GLY J 157 20.53 -21.43 9.40
CA GLY J 157 20.58 -22.85 9.66
C GLY J 157 22.00 -23.37 9.46
N LEU J 158 22.41 -24.30 10.30
CA LEU J 158 23.67 -25.01 10.17
C LEU J 158 23.32 -26.45 9.89
N ASN J 159 23.47 -26.87 8.65
CA ASN J 159 22.95 -28.16 8.24
C ASN J 159 24.04 -29.22 8.19
N ASP J 160 23.68 -30.42 8.63
CA ASP J 160 24.51 -31.61 8.67
C ASP J 160 23.60 -32.79 8.96
N SER J 161 23.37 -33.64 7.97
CA SER J 161 22.38 -34.70 8.13
C SER J 161 22.68 -35.88 7.22
N GLY J 162 22.25 -37.07 7.62
CA GLY J 162 22.51 -38.24 6.84
C GLY J 162 21.28 -38.57 6.02
N GLY J 163 20.28 -37.72 6.15
CA GLY J 163 19.02 -37.93 5.44
C GLY J 163 17.89 -38.31 6.37
N ALA J 164 16.85 -38.91 5.79
CA ALA J 164 15.66 -39.27 6.54
C ALA J 164 15.96 -40.39 7.52
N ARG J 165 15.26 -40.38 8.65
CA ARG J 165 15.38 -41.45 9.65
C ARG J 165 14.40 -42.54 9.24
N ILE J 166 14.94 -43.64 8.69
CA ILE J 166 14.13 -44.70 8.11
C ILE J 166 13.35 -45.50 9.15
N GLN J 167 13.72 -45.39 10.40
CA GLN J 167 13.00 -46.15 11.42
C GLN J 167 11.58 -45.62 11.59
N GLU J 168 11.36 -44.33 11.32
CA GLU J 168 10.01 -43.78 11.41
C GLU J 168 9.25 -43.91 10.11
N GLY J 169 9.96 -43.98 9.00
CA GLY J 169 9.33 -44.22 7.71
C GLY J 169 8.84 -42.93 7.05
N VAL J 170 7.51 -42.76 7.03
CA VAL J 170 6.89 -41.67 6.28
C VAL J 170 6.72 -40.41 7.12
N GLU J 171 6.96 -40.53 8.43
CA GLU J 171 6.87 -39.39 9.31
C GLU J 171 7.92 -38.34 8.95
N SER J 172 9.12 -38.79 8.58
CA SER J 172 10.20 -37.88 8.22
C SER J 172 9.94 -37.21 6.86
N LEU J 173 9.19 -37.88 5.98
CA LEU J 173 8.85 -37.26 4.70
C LEU J 173 7.90 -36.10 4.89
N ALA J 174 6.93 -36.23 5.79
CA ALA J 174 6.11 -35.09 6.18
C ALA J 174 6.95 -33.99 6.83
N GLY J 175 7.96 -34.36 7.61
CA GLY J 175 8.86 -33.37 8.17
C GLY J 175 9.48 -32.47 7.12
N TYR J 176 10.05 -33.06 6.06
CA TYR J 176 10.61 -32.31 4.95
C TYR J 176 9.60 -31.39 4.28
N ALA J 177 8.40 -31.91 4.04
CA ALA J 177 7.37 -31.10 3.40
C ALA J 177 7.01 -29.88 4.21
N ASP J 178 6.90 -30.03 5.54
CA ASP J 178 6.58 -28.88 6.37
C ASP J 178 7.70 -27.84 6.39
N ILE J 179 8.96 -28.31 6.41
CA ILE J 179 10.10 -27.38 6.34
C ILE J 179 10.11 -26.66 5.02
N PHE J 180 9.88 -27.37 3.93
CA PHE J 180 9.86 -26.76 2.60
C PHE J 180 8.79 -25.69 2.50
N LEU J 181 7.62 -25.97 3.07
CA LEU J 181 6.54 -24.99 3.06
C LEU J 181 6.93 -23.72 3.80
N ARG J 182 7.60 -23.85 4.95
CA ARG J 182 8.04 -22.64 5.64
C ARG J 182 9.10 -21.88 4.86
N ASN J 183 10.04 -22.60 4.22
CA ASN J 183 11.11 -21.96 3.48
C ASN J 183 10.58 -21.20 2.28
N VAL J 184 9.53 -21.71 1.67
CA VAL J 184 8.91 -20.98 0.58
C VAL J 184 8.13 -19.79 1.12
N THR J 185 7.35 -19.99 2.17
CA THR J 185 6.60 -18.89 2.76
C THR J 185 7.50 -17.74 3.21
N ALA J 186 8.66 -18.05 3.78
CA ALA J 186 9.54 -16.99 4.25
C ALA J 186 10.26 -16.23 3.14
N SER J 187 10.20 -16.69 1.90
CA SER J 187 10.96 -16.08 0.82
C SER J 187 10.49 -14.65 0.59
N GLY J 188 11.41 -13.71 0.61
CA GLY J 188 11.09 -12.31 0.42
C GLY J 188 10.57 -11.64 1.65
N VAL J 189 10.51 -12.36 2.77
CA VAL J 189 10.01 -11.85 4.03
C VAL J 189 11.15 -11.68 5.04
N ILE J 190 11.93 -12.73 5.24
CA ILE J 190 13.10 -12.68 6.11
C ILE J 190 14.27 -13.29 5.33
N PRO J 191 15.50 -12.85 5.54
CA PRO J 191 16.62 -13.52 4.88
C PRO J 191 16.74 -14.93 5.39
N GLN J 192 17.10 -15.85 4.50
CA GLN J 192 17.35 -17.23 4.90
C GLN J 192 18.74 -17.63 4.44
N ILE J 193 19.60 -17.96 5.40
CA ILE J 193 20.99 -18.31 5.16
C ILE J 193 21.19 -19.74 5.60
N SER J 194 21.82 -20.54 4.76
CA SER J 194 22.10 -21.93 5.11
C SER J 194 23.58 -22.21 4.94
N LEU J 195 24.23 -22.57 6.04
CA LEU J 195 25.64 -22.94 6.04
C LEU J 195 25.74 -24.44 6.23
N ILE J 196 26.41 -25.11 5.31
CA ILE J 196 26.55 -26.56 5.35
C ILE J 196 27.84 -26.88 6.07
N MET J 197 27.75 -27.71 7.11
CA MET J 197 28.91 -27.98 7.94
C MET J 197 29.29 -29.45 7.92
N GLY J 198 28.75 -30.21 6.97
CA GLY J 198 29.01 -31.62 6.88
C GLY J 198 28.25 -32.23 5.72
N PRO J 199 28.13 -33.54 5.67
CA PRO J 199 27.41 -34.16 4.57
C PRO J 199 25.93 -33.88 4.64
N CYS J 200 25.25 -33.98 3.52
CA CYS J 200 23.81 -33.76 3.42
C CYS J 200 23.27 -34.63 2.31
N ALA J 201 22.28 -35.46 2.62
CA ALA J 201 21.80 -36.45 1.67
C ALA J 201 20.29 -36.55 1.79
N GLY J 202 19.68 -37.10 0.75
CA GLY J 202 18.25 -37.20 0.69
C GLY J 202 17.57 -35.85 0.56
N GLY J 203 16.35 -35.79 1.09
CA GLY J 203 15.53 -34.61 0.99
C GLY J 203 16.13 -33.37 1.63
N ALA J 204 17.07 -33.55 2.58
CA ALA J 204 17.67 -32.43 3.28
C ALA J 204 18.41 -31.50 2.33
N VAL J 205 18.91 -32.05 1.21
CA VAL J 205 19.73 -31.33 0.24
C VAL J 205 18.92 -30.27 -0.52
N TYR J 206 17.60 -30.31 -0.39
CA TYR J 206 16.80 -29.29 -1.05
C TYR J 206 16.58 -28.04 -0.21
N SER J 207 16.73 -28.09 1.11
CA SER J 207 16.50 -26.81 1.80
C SER J 207 17.45 -25.69 1.35
N PRO J 208 18.77 -25.89 1.16
CA PRO J 208 19.57 -24.78 0.64
C PRO J 208 19.14 -24.27 -0.71
N ALA J 209 18.34 -25.02 -1.46
CA ALA J 209 17.85 -24.53 -2.73
C ALA J 209 16.72 -23.53 -2.55
N LEU J 210 16.07 -23.53 -1.39
CA LEU J 210 15.01 -22.58 -1.14
C LEU J 210 15.48 -21.35 -0.39
N THR J 211 16.57 -21.45 0.37
CA THR J 211 17.10 -20.28 1.05
C THR J 211 17.87 -19.40 0.08
N ASP J 212 18.25 -18.23 0.58
CA ASP J 212 18.88 -17.19 -0.24
C ASP J 212 20.37 -17.36 -0.52
N PHE J 213 21.12 -17.84 0.46
CA PHE J 213 22.53 -18.08 0.24
C PHE J 213 22.89 -19.43 0.83
N THR J 214 23.78 -20.14 0.15
CA THR J 214 24.29 -21.41 0.62
C THR J 214 25.79 -21.32 0.75
N PHE J 215 26.33 -21.67 1.90
CA PHE J 215 27.78 -21.64 2.09
C PHE J 215 28.24 -23.02 2.51
N MET J 216 29.50 -23.34 2.25
CA MET J 216 30.03 -24.64 2.59
C MET J 216 31.39 -24.50 3.24
N VAL J 217 31.89 -25.63 3.73
CA VAL J 217 33.21 -25.74 4.34
C VAL J 217 34.03 -26.70 3.50
N LYS J 218 35.20 -26.25 3.05
CA LYS J 218 36.01 -27.02 2.13
C LYS J 218 36.40 -28.34 2.75
N ASP J 219 36.24 -29.42 1.97
CA ASP J 219 36.67 -30.78 2.29
C ASP J 219 35.94 -31.38 3.50
N THR J 220 34.90 -30.70 3.98
CA THR J 220 34.13 -31.19 5.12
C THR J 220 32.67 -31.37 4.76
N SER J 221 32.10 -30.48 3.97
CA SER J 221 30.69 -30.46 3.65
C SER J 221 30.45 -31.04 2.27
N TYR J 222 29.28 -31.65 2.10
CA TYR J 222 28.88 -32.24 0.83
C TYR J 222 27.42 -31.91 0.57
N LEU J 223 27.07 -31.83 -0.71
CA LEU J 223 25.68 -31.73 -1.11
C LEU J 223 25.40 -32.70 -2.25
N PHE J 224 24.56 -33.68 -1.98
CA PHE J 224 24.16 -34.66 -2.98
C PHE J 224 22.81 -35.26 -2.59
N ILE J 225 22.10 -35.86 -3.55
CA ILE J 225 20.86 -36.57 -3.22
C ILE J 225 21.16 -38.02 -2.87
N THR J 226 21.90 -38.71 -3.74
CA THR J 226 22.35 -40.07 -3.52
C THR J 226 23.87 -40.11 -3.51
N GLY J 227 24.42 -41.09 -2.79
CA GLY J 227 25.84 -41.22 -2.64
C GLY J 227 26.48 -41.96 -3.81
N PRO J 228 27.81 -42.03 -3.80
CA PRO J 228 28.51 -42.76 -4.88
C PRO J 228 28.09 -44.21 -5.00
N ASP J 229 27.58 -44.79 -3.91
CA ASP J 229 27.14 -46.19 -3.91
C ASP J 229 26.00 -46.40 -4.89
N VAL J 230 25.10 -45.42 -5.00
CA VAL J 230 23.99 -45.53 -5.93
C VAL J 230 24.47 -45.26 -7.36
N VAL J 231 25.34 -44.27 -7.55
CA VAL J 231 25.82 -44.00 -8.89
C VAL J 231 26.48 -45.23 -9.48
N LYS J 232 27.33 -45.93 -8.70
CA LYS J 232 27.99 -47.12 -9.20
C LYS J 232 27.01 -48.24 -9.47
N SER J 233 25.96 -48.35 -8.65
CA SER J 233 25.02 -49.45 -8.81
C SER J 233 24.07 -49.22 -9.99
N VAL J 234 23.79 -47.96 -10.30
CA VAL J 234 22.81 -47.66 -11.35
C VAL J 234 23.47 -47.58 -12.72
N THR J 235 24.60 -46.90 -12.80
CA THR J 235 25.27 -46.65 -14.07
C THR J 235 26.76 -46.98 -13.94
N ASN J 236 27.39 -47.29 -15.06
CA ASN J 236 28.80 -47.69 -15.03
C ASN J 236 29.74 -46.48 -15.01
N GLU J 237 29.69 -45.73 -13.91
CA GLU J 237 30.50 -44.53 -13.73
C GLU J 237 31.22 -44.63 -12.39
N ASP J 238 32.50 -44.26 -12.37
CA ASP J 238 33.28 -44.25 -11.14
C ASP J 238 33.50 -42.88 -10.50
N VAL J 239 32.95 -42.68 -9.30
CA VAL J 239 33.05 -41.40 -8.59
C VAL J 239 33.22 -41.54 -7.09
N THR J 240 33.99 -40.64 -6.49
CA THR J 240 34.15 -40.56 -5.03
C THR J 240 33.33 -39.46 -4.38
N GLN J 241 33.40 -39.38 -3.05
CA GLN J 241 32.49 -38.52 -2.31
C GLN J 241 32.70 -37.05 -2.65
N GLU J 242 33.96 -36.67 -2.78
CA GLU J 242 34.32 -35.28 -3.04
C GLU J 242 33.95 -34.90 -4.47
N GLU J 243 34.16 -35.81 -5.42
CA GLU J 243 33.86 -35.53 -6.82
C GLU J 243 32.37 -35.41 -7.05
N LEU J 244 31.58 -36.20 -6.33
CA LEU J 244 30.14 -36.23 -6.55
C LEU J 244 29.47 -34.99 -5.97
N GLY J 245 29.81 -34.63 -4.74
CA GLY J 245 29.13 -33.53 -4.11
C GLY J 245 29.97 -32.69 -3.18
N GLY J 246 31.28 -32.60 -3.41
CA GLY J 246 32.16 -31.84 -2.56
C GLY J 246 31.98 -30.34 -2.74
N ALA J 247 32.48 -29.61 -1.74
CA ALA J 247 32.41 -28.14 -1.73
C ALA J 247 33.09 -27.50 -2.93
N LYS J 248 34.19 -28.08 -3.40
CA LYS J 248 34.91 -27.50 -4.53
C LYS J 248 34.09 -27.60 -5.80
N THR J 249 33.34 -28.68 -5.97
CA THR J 249 32.50 -28.87 -7.15
C THR J 249 31.39 -27.82 -7.21
N HIS J 250 30.72 -27.61 -6.09
CA HIS J 250 29.55 -26.74 -6.03
C HIS J 250 29.89 -25.24 -6.03
N THR J 251 31.07 -24.89 -5.55
CA THR J 251 31.54 -23.52 -5.66
C THR J 251 32.27 -23.22 -6.95
N THR J 252 32.78 -24.22 -7.66
CA THR J 252 33.49 -23.91 -8.89
C THR J 252 32.73 -24.26 -10.16
N MET J 253 32.00 -25.35 -10.14
CA MET J 253 31.37 -25.79 -11.39
C MET J 253 29.85 -25.82 -11.51
N SER J 254 29.13 -26.26 -10.50
CA SER J 254 27.69 -26.40 -10.63
C SER J 254 26.97 -25.10 -10.31
N GLY J 255 27.61 -24.19 -9.60
CA GLY J 255 26.96 -22.95 -9.25
C GLY J 255 25.92 -23.07 -8.18
N VAL J 256 26.10 -24.00 -7.25
CA VAL J 256 25.09 -24.24 -6.22
C VAL J 256 25.47 -23.52 -4.93
N ALA J 257 26.74 -23.58 -4.56
CA ALA J 257 27.20 -22.99 -3.32
C ALA J 257 27.85 -21.63 -3.59
N HIS J 258 27.49 -20.65 -2.76
CA HIS J 258 27.93 -19.29 -2.96
C HIS J 258 29.36 -19.03 -2.54
N ARG J 259 29.85 -19.78 -1.57
CA ARG J 259 31.24 -19.73 -1.18
C ARG J 259 31.61 -20.79 -0.18
N ALA J 260 32.82 -21.35 -0.30
CA ALA J 260 33.31 -22.31 0.67
C ALA J 260 34.41 -21.66 1.49
N PHE J 261 34.45 -22.00 2.78
CA PHE J 261 35.45 -21.47 3.69
C PHE J 261 36.33 -22.60 4.17
N GLU J 262 37.55 -22.26 4.58
CA GLU J 262 38.58 -23.28 4.81
C GLU J 262 38.22 -24.23 5.95
N ASN J 263 37.65 -23.72 7.02
CA ASN J 263 37.37 -24.56 8.18
C ASN J 263 36.19 -23.99 8.95
N ASP J 264 35.80 -24.68 10.03
CA ASP J 264 34.61 -24.32 10.77
C ASP J 264 34.74 -22.96 11.45
N VAL J 265 35.93 -22.61 11.96
CA VAL J 265 36.08 -21.40 12.75
C VAL J 265 36.05 -20.17 11.84
N ASP J 266 36.75 -20.26 10.71
CA ASP J 266 36.75 -19.19 9.72
C ASP J 266 35.40 -19.03 9.04
N ALA J 267 34.70 -20.14 8.84
CA ALA J 267 33.38 -20.10 8.23
C ALA J 267 32.40 -19.31 9.07
N LEU J 268 32.43 -19.50 10.39
CA LEU J 268 31.49 -18.74 11.22
C LEU J 268 31.95 -17.30 11.44
N CYS J 269 33.26 -17.04 11.43
CA CYS J 269 33.72 -15.66 11.52
C CYS J 269 33.27 -14.85 10.31
N ASN J 270 33.38 -15.41 9.11
CA ASN J 270 32.91 -14.72 7.93
C ASN J 270 31.40 -14.65 7.88
N LEU J 271 30.71 -15.61 8.48
CA LEU J 271 29.25 -15.57 8.52
C LEU J 271 28.75 -14.41 9.37
N ARG J 272 29.40 -14.15 10.51
CA ARG J 272 29.02 -12.98 11.31
C ARG J 272 29.18 -11.69 10.51
N ASP J 273 30.29 -11.57 9.78
CA ASP J 273 30.51 -10.39 8.93
C ASP J 273 29.48 -10.28 7.83
N PHE J 274 29.15 -11.39 7.17
CA PHE J 274 28.11 -11.36 6.15
C PHE J 274 26.78 -10.94 6.74
N PHE J 275 26.40 -11.51 7.89
CA PHE J 275 25.15 -11.15 8.53
C PHE J 275 25.00 -9.65 8.67
N ASN J 276 26.09 -8.95 9.01
CA ASN J 276 25.95 -7.52 9.27
C ASN J 276 25.52 -6.68 8.06
N TYR J 277 25.48 -7.25 6.86
CA TYR J 277 25.09 -6.50 5.67
C TYR J 277 23.59 -6.38 5.49
N LEU J 278 22.81 -7.36 5.93
CA LEU J 278 21.43 -7.60 5.54
C LEU J 278 20.45 -7.00 6.52
N PRO J 279 19.27 -6.58 6.05
CA PRO J 279 18.23 -6.14 6.99
C PRO J 279 17.65 -7.34 7.71
N LEU J 280 16.91 -7.07 8.78
CA LEU J 280 16.30 -8.17 9.51
C LEU J 280 15.08 -8.73 8.78
N SER J 281 14.37 -7.90 8.03
CA SER J 281 13.18 -8.32 7.31
C SER J 281 13.06 -7.47 6.05
N SER J 282 12.21 -7.92 5.12
CA SER J 282 12.03 -7.16 3.90
C SER J 282 11.22 -5.89 4.15
N GLN J 283 10.68 -5.72 5.35
CA GLN J 283 9.95 -4.49 5.65
C GLN J 283 10.88 -3.39 6.08
N ASP J 284 12.15 -3.70 6.26
CA ASP J 284 13.13 -2.76 6.75
C ASP J 284 13.98 -2.21 5.61
N PRO J 285 14.45 -0.98 5.73
CA PRO J 285 15.39 -0.45 4.73
C PRO J 285 16.77 -1.09 4.89
N ALA J 286 17.59 -0.99 3.86
CA ALA J 286 18.97 -1.45 3.97
C ALA J 286 19.61 -0.84 5.20
N PRO J 287 20.27 -1.64 6.05
CA PRO J 287 20.89 -1.09 7.26
C PRO J 287 21.91 -0.01 6.93
N VAL J 288 22.03 0.96 7.82
CA VAL J 288 23.02 2.02 7.73
C VAL J 288 23.88 1.94 8.97
N ARG J 289 25.19 1.90 8.79
CA ARG J 289 26.09 1.81 9.92
C ARG J 289 27.08 2.95 9.99
N GLU J 290 27.59 3.21 11.19
CA GLU J 290 28.62 4.23 11.39
C GLU J 290 29.73 4.05 10.36
N CYS J 291 30.14 5.14 9.74
CA CYS J 291 31.18 5.11 8.71
C CYS J 291 32.10 6.30 8.87
N HIS J 292 33.41 6.04 8.78
CA HIS J 292 34.41 7.08 8.88
C HIS J 292 34.97 7.52 7.54
N ASP J 293 34.52 6.93 6.45
CA ASP J 293 35.10 7.17 5.14
C ASP J 293 34.39 8.35 4.51
N PRO J 294 35.07 9.49 4.31
CA PRO J 294 34.36 10.67 3.80
C PRO J 294 33.65 10.34 2.49
N SER J 295 32.43 10.82 2.37
CA SER J 295 31.60 10.51 1.22
C SER J 295 31.94 11.32 0.00
N ASP J 296 32.72 12.40 0.16
CA ASP J 296 32.97 13.34 -0.92
C ASP J 296 34.41 13.30 -1.41
N ARG J 297 35.16 12.24 -1.11
CA ARG J 297 36.53 12.16 -1.56
C ARG J 297 36.59 11.67 -3.00
N LEU J 298 37.66 12.02 -3.68
CA LEU J 298 37.88 11.61 -5.05
C LEU J 298 38.76 10.38 -5.09
N VAL J 299 38.69 9.67 -6.20
CA VAL J 299 39.53 8.49 -6.40
C VAL J 299 40.30 8.65 -7.70
N PRO J 300 41.43 9.37 -7.67
CA PRO J 300 42.17 9.62 -8.92
C PRO J 300 42.63 8.36 -9.62
N GLU J 301 42.69 7.24 -8.90
CA GLU J 301 43.18 5.97 -9.41
C GLU J 301 42.32 5.45 -10.55
N LEU J 302 41.09 5.92 -10.68
CA LEU J 302 40.16 5.45 -11.70
C LEU J 302 40.43 6.03 -13.07
N ASP J 303 41.03 7.22 -13.16
CA ASP J 303 41.13 7.87 -14.46
C ASP J 303 41.90 7.05 -15.49
N THR J 304 42.82 6.19 -15.08
CA THR J 304 43.66 5.49 -16.04
C THR J 304 43.45 3.97 -16.02
N ILE J 305 42.39 3.49 -15.38
CA ILE J 305 42.21 2.05 -15.32
C ILE J 305 41.83 1.49 -16.68
N VAL J 306 40.92 2.17 -17.37
CA VAL J 306 40.36 1.67 -18.63
C VAL J 306 41.28 2.02 -19.77
N PRO J 307 41.87 1.04 -20.46
CA PRO J 307 42.77 1.35 -21.58
C PRO J 307 42.03 2.01 -22.72
N LEU J 308 42.78 2.79 -23.50
CA LEU J 308 42.25 3.34 -24.73
C LEU J 308 42.16 2.30 -25.83
N GLU J 309 43.01 1.28 -25.79
CA GLU J 309 42.98 0.20 -26.77
C GLU J 309 41.87 -0.77 -26.39
N SER J 310 41.01 -1.09 -27.36
CA SER J 310 39.81 -1.89 -27.13
C SER J 310 40.08 -3.35 -26.84
N THR J 311 41.30 -3.85 -27.07
CA THR J 311 41.59 -5.26 -26.95
C THR J 311 42.35 -5.58 -25.68
N LYS J 312 42.56 -4.54 -24.86
CA LYS J 312 43.28 -4.69 -23.60
C LYS J 312 42.31 -4.80 -22.44
N ALA J 313 42.40 -5.90 -21.70
CA ALA J 313 41.53 -6.12 -20.55
C ALA J 313 42.06 -5.40 -19.32
N TYR J 314 41.17 -5.22 -18.35
CA TYR J 314 41.53 -4.63 -17.07
C TYR J 314 40.68 -5.32 -16.01
N ASN J 315 41.08 -5.18 -14.76
CA ASN J 315 40.43 -5.85 -13.65
C ASN J 315 39.34 -4.94 -13.10
N MET J 316 38.09 -5.35 -13.28
CA MET J 316 36.98 -4.54 -12.79
C MET J 316 37.01 -4.38 -11.28
N VAL J 317 37.60 -5.35 -10.58
CA VAL J 317 37.62 -5.30 -9.12
C VAL J 317 38.38 -4.09 -8.61
N ASP J 318 39.36 -3.58 -9.37
CA ASP J 318 40.09 -2.40 -8.94
C ASP J 318 39.18 -1.19 -8.80
N ILE J 319 38.16 -1.11 -9.66
CA ILE J 319 37.21 -0.01 -9.60
C ILE J 319 36.26 -0.17 -8.43
N ILE J 320 35.77 -1.40 -8.24
CA ILE J 320 34.83 -1.69 -7.16
C ILE J 320 35.47 -1.41 -5.81
N HIS J 321 36.69 -1.87 -5.61
CA HIS J 321 37.35 -1.67 -4.32
C HIS J 321 37.63 -0.20 -4.04
N SER J 322 37.95 0.58 -5.06
CA SER J 322 38.26 1.98 -4.81
C SER J 322 37.03 2.82 -4.52
N VAL J 323 35.85 2.39 -4.95
CA VAL J 323 34.64 3.20 -4.74
C VAL J 323 34.01 2.90 -3.38
N VAL J 324 33.94 1.63 -2.99
CA VAL J 324 33.22 1.22 -1.79
C VAL J 324 33.89 1.70 -0.51
N ASP J 325 33.08 1.90 0.54
CA ASP J 325 33.60 2.38 1.81
C ASP J 325 34.78 1.54 2.25
N GLU J 326 35.87 2.21 2.60
CA GLU J 326 37.07 1.64 3.23
C GLU J 326 37.62 0.42 2.48
N ARG J 327 37.28 0.33 1.20
CA ARG J 327 37.76 -0.71 0.30
C ARG J 327 37.46 -2.15 0.68
N GLU J 328 36.35 -2.32 1.38
CA GLU J 328 35.84 -3.61 1.79
C GLU J 328 34.79 -4.07 0.78
N PHE J 329 34.98 -5.27 0.23
CA PHE J 329 34.02 -5.81 -0.72
C PHE J 329 33.84 -7.30 -0.41
N PHE J 330 32.59 -7.75 -0.38
CA PHE J 330 32.29 -9.15 -0.11
C PHE J 330 31.93 -9.84 -1.41
N GLU J 331 32.81 -10.68 -1.93
CA GLU J 331 32.55 -11.27 -3.23
C GLU J 331 31.84 -12.60 -3.09
N ILE J 332 30.85 -12.80 -3.95
CA ILE J 332 30.02 -14.00 -3.98
C ILE J 332 30.47 -14.84 -5.17
N MET J 333 30.62 -16.15 -4.94
CA MET J 333 31.04 -17.15 -5.92
C MET J 333 32.29 -16.71 -6.66
N PRO J 334 33.41 -16.51 -5.96
CA PRO J 334 34.61 -16.02 -6.63
C PRO J 334 35.11 -16.94 -7.74
N ASN J 335 34.75 -18.21 -7.73
CA ASN J 335 35.32 -19.17 -8.65
C ASN J 335 34.32 -19.68 -9.68
N TYR J 336 33.11 -19.15 -9.69
CA TYR J 336 32.06 -19.59 -10.60
C TYR J 336 31.56 -18.38 -11.39
N ALA J 337 31.44 -18.57 -12.71
CA ALA J 337 31.00 -17.54 -13.65
C ALA J 337 31.82 -16.26 -13.51
N LYS J 338 33.14 -16.42 -13.58
CA LYS J 338 34.05 -15.32 -13.33
C LYS J 338 33.87 -14.13 -14.25
N ASN J 339 33.11 -14.24 -15.33
CA ASN J 339 32.94 -13.11 -16.23
C ASN J 339 31.96 -12.08 -15.71
N ILE J 340 31.29 -12.34 -14.59
CA ILE J 340 30.42 -11.37 -13.97
C ILE J 340 30.70 -11.37 -12.49
N ILE J 341 30.76 -10.17 -11.91
CA ILE J 341 31.10 -9.97 -10.51
C ILE J 341 29.86 -9.46 -9.80
N VAL J 342 29.50 -10.12 -8.70
CA VAL J 342 28.41 -9.67 -7.85
C VAL J 342 28.88 -9.74 -6.41
N GLY J 343 28.41 -8.80 -5.61
CA GLY J 343 28.73 -8.87 -4.19
C GLY J 343 28.15 -7.71 -3.42
N PHE J 344 28.48 -7.69 -2.15
CA PHE J 344 27.97 -6.71 -1.20
C PHE J 344 29.07 -5.72 -0.83
N ALA J 345 28.67 -4.49 -0.59
CA ALA J 345 29.56 -3.48 -0.06
C ALA J 345 28.72 -2.39 0.57
N ARG J 346 29.40 -1.44 1.20
CA ARG J 346 28.75 -0.27 1.76
C ARG J 346 29.20 1.00 1.09
N MET J 347 28.33 1.97 0.95
CA MET J 347 28.75 3.30 0.52
C MET J 347 28.03 4.30 1.40
N ASN J 348 28.82 5.14 2.07
CA ASN J 348 28.38 6.08 3.09
C ASN J 348 27.58 5.41 4.20
N GLY J 349 27.98 4.21 4.59
CA GLY J 349 27.33 3.49 5.64
C GLY J 349 26.23 2.57 5.20
N ARG J 350 25.66 2.77 4.02
CA ARG J 350 24.49 2.00 3.61
C ARG J 350 24.91 0.79 2.80
N THR J 351 24.29 -0.35 3.10
CA THR J 351 24.56 -1.56 2.34
C THR J 351 24.05 -1.40 0.92
N VAL J 352 24.88 -1.74 -0.06
CA VAL J 352 24.46 -1.77 -1.46
C VAL J 352 24.92 -3.08 -2.07
N GLY J 353 24.25 -3.46 -3.15
CA GLY J 353 24.67 -4.58 -3.97
C GLY J 353 25.32 -4.05 -5.24
N ILE J 354 26.37 -4.74 -5.66
CA ILE J 354 27.16 -4.34 -6.81
C ILE J 354 27.15 -5.47 -7.83
N VAL J 355 26.88 -5.12 -9.07
CA VAL J 355 26.95 -6.04 -10.20
C VAL J 355 27.79 -5.37 -11.28
N GLY J 356 28.68 -6.14 -11.89
CA GLY J 356 29.47 -5.60 -12.98
C GLY J 356 30.13 -6.66 -13.84
N ASN J 357 30.70 -6.26 -14.95
CA ASN J 357 31.36 -7.22 -15.83
C ASN J 357 32.82 -7.37 -15.44
N GLN J 358 33.41 -8.50 -15.82
CA GLN J 358 34.84 -8.68 -15.66
C GLN J 358 35.47 -8.87 -17.03
N PRO J 359 36.01 -7.82 -17.64
CA PRO J 359 36.52 -7.93 -19.01
C PRO J 359 37.64 -8.93 -19.16
N LYS J 360 38.31 -9.30 -18.08
CA LYS J 360 39.43 -10.23 -18.16
C LYS J 360 38.99 -11.61 -18.60
N VAL J 361 37.74 -11.98 -18.35
CA VAL J 361 37.25 -13.34 -18.57
C VAL J 361 36.22 -13.31 -19.68
N ALA J 362 36.48 -14.11 -20.73
CA ALA J 362 35.62 -14.23 -21.92
C ALA J 362 35.22 -12.90 -22.51
N SER J 363 36.17 -11.95 -22.54
CA SER J 363 35.99 -10.57 -23.02
C SER J 363 34.88 -9.81 -22.31
N GLY J 364 34.34 -10.33 -21.22
CA GLY J 364 33.28 -9.64 -20.53
C GLY J 364 31.89 -9.90 -21.08
N CYS J 365 31.77 -10.95 -21.88
CA CYS J 365 30.55 -11.39 -22.53
C CYS J 365 29.55 -12.03 -21.59
N LEU J 366 28.25 -11.99 -21.93
CA LEU J 366 27.27 -12.70 -21.14
C LEU J 366 27.07 -14.11 -21.66
N ASP J 367 26.83 -15.03 -20.74
CA ASP J 367 26.62 -16.43 -21.08
C ASP J 367 25.59 -16.97 -20.10
N ILE J 368 25.33 -18.27 -20.19
CA ILE J 368 24.28 -18.88 -19.38
C ILE J 368 24.59 -18.76 -17.89
N ASN J 369 25.83 -19.11 -17.52
CA ASN J 369 26.20 -19.19 -16.10
C ASN J 369 26.18 -17.83 -15.44
N SER J 370 26.63 -16.80 -16.16
CA SER J 370 26.66 -15.45 -15.62
C SER J 370 25.26 -14.90 -15.44
N SER J 371 24.35 -15.21 -16.34
CA SER J 371 22.99 -14.74 -16.22
C SER J 371 22.29 -15.36 -15.02
N VAL J 372 22.59 -16.63 -14.72
CA VAL J 372 21.94 -17.29 -13.59
C VAL J 372 22.37 -16.65 -12.27
N LYS J 373 23.67 -16.45 -12.09
CA LYS J 373 24.20 -15.85 -10.86
C LYS J 373 23.74 -14.40 -10.72
N GLY J 374 23.79 -13.64 -11.82
CA GLY J 374 23.33 -12.26 -11.78
C GLY J 374 21.88 -12.11 -11.40
N ALA J 375 20.98 -12.83 -12.09
CA ALA J 375 19.55 -12.65 -11.86
C ALA J 375 19.18 -12.97 -10.43
N ARG J 376 19.77 -14.03 -9.89
CA ARG J 376 19.50 -14.43 -8.51
C ARG J 376 19.91 -13.36 -7.54
N PHE J 377 21.11 -12.81 -7.71
CA PHE J 377 21.56 -11.76 -6.82
C PHE J 377 20.70 -10.50 -6.91
N VAL J 378 20.37 -10.05 -8.12
CA VAL J 378 19.61 -8.82 -8.30
C VAL J 378 18.26 -8.93 -7.62
N ARG J 379 17.59 -10.07 -7.80
CA ARG J 379 16.27 -10.30 -7.22
C ARG J 379 16.28 -10.32 -5.70
N PHE J 380 17.26 -10.92 -5.07
CA PHE J 380 17.35 -10.85 -3.62
C PHE J 380 17.49 -9.41 -3.14
N CYS J 381 18.44 -8.66 -3.72
CA CYS J 381 18.65 -7.28 -3.28
C CYS J 381 17.42 -6.42 -3.48
N ASP J 382 16.68 -6.61 -4.57
CA ASP J 382 15.44 -5.88 -4.74
C ASP J 382 14.41 -6.23 -3.69
N ALA J 383 14.23 -7.52 -3.39
CA ALA J 383 13.26 -7.94 -2.38
C ALA J 383 13.53 -7.35 -1.00
N PHE J 384 14.79 -7.13 -0.64
CA PHE J 384 15.12 -6.63 0.69
C PHE J 384 15.66 -5.21 0.65
N ASN J 385 15.24 -4.41 -0.34
CA ASN J 385 15.43 -2.95 -0.39
C ASN J 385 16.90 -2.54 -0.31
N ILE J 386 17.74 -3.26 -1.03
CA ILE J 386 19.17 -2.97 -1.08
C ILE J 386 19.47 -2.35 -2.43
N PRO J 387 19.95 -1.11 -2.49
CA PRO J 387 20.20 -0.48 -3.79
C PRO J 387 21.19 -1.25 -4.64
N LEU J 388 21.09 -1.05 -5.95
CA LEU J 388 21.95 -1.71 -6.92
C LEU J 388 22.86 -0.69 -7.62
N ILE J 389 24.12 -1.06 -7.74
CA ILE J 389 25.09 -0.32 -8.54
C ILE J 389 25.60 -1.26 -9.61
N THR J 390 25.59 -0.80 -10.85
CA THR J 390 25.94 -1.60 -12.01
C THR J 390 27.16 -0.98 -12.67
N PHE J 391 28.18 -1.79 -12.94
CA PHE J 391 29.36 -1.37 -13.69
C PHE J 391 29.37 -2.11 -15.01
N VAL J 392 29.07 -1.41 -16.10
CA VAL J 392 28.80 -2.03 -17.38
C VAL J 392 30.06 -1.99 -18.23
N ASP J 393 30.44 -3.14 -18.78
CA ASP J 393 31.50 -3.22 -19.80
C ASP J 393 31.32 -4.55 -20.52
N VAL J 394 30.35 -4.61 -21.44
CA VAL J 394 29.94 -5.89 -22.00
C VAL J 394 29.86 -5.77 -23.52
N PRO J 395 30.65 -6.55 -24.25
CA PRO J 395 30.67 -6.44 -25.71
C PRO J 395 29.56 -7.20 -26.43
N GLY J 396 28.75 -7.97 -25.71
CA GLY J 396 27.76 -8.81 -26.34
C GLY J 396 27.60 -10.12 -25.61
N PHE J 397 27.21 -11.16 -26.32
CA PHE J 397 26.94 -12.46 -25.73
C PHE J 397 27.98 -13.46 -26.22
N LEU J 398 28.26 -14.44 -25.39
CA LEU J 398 29.19 -15.51 -25.77
C LEU J 398 28.60 -16.32 -26.91
N PRO J 399 29.22 -16.33 -28.09
CA PRO J 399 28.66 -17.09 -29.22
C PRO J 399 28.99 -18.57 -29.14
N GLY J 400 28.27 -19.37 -29.90
CA GLY J 400 28.64 -20.75 -30.15
C GLY J 400 27.53 -21.72 -29.81
N THR J 401 27.61 -22.91 -30.38
CA THR J 401 26.57 -23.91 -30.19
C THR J 401 26.47 -24.36 -28.75
N ALA J 402 27.56 -24.29 -27.99
CA ALA J 402 27.52 -24.63 -26.57
C ALA J 402 26.51 -23.79 -25.82
N GLN J 403 26.29 -22.56 -26.25
CA GLN J 403 25.35 -21.67 -25.59
C GLN J 403 23.98 -21.68 -26.25
N GLU J 404 23.94 -21.84 -27.57
CA GLU J 404 22.67 -21.88 -28.29
C GLU J 404 21.82 -23.07 -27.84
N TYR J 405 22.43 -24.25 -27.81
CA TYR J 405 21.75 -25.48 -27.40
C TYR J 405 21.51 -25.54 -25.91
N GLY J 406 22.20 -24.68 -25.17
CA GLY J 406 22.01 -24.61 -23.74
C GLY J 406 20.90 -23.70 -23.29
N GLY J 407 20.23 -23.04 -24.23
CA GLY J 407 19.16 -22.14 -23.90
C GLY J 407 19.60 -20.76 -23.47
N ILE J 408 20.67 -20.25 -24.09
CA ILE J 408 21.18 -18.92 -23.77
C ILE J 408 20.10 -17.85 -23.86
N ILE J 409 19.13 -18.02 -24.75
CA ILE J 409 18.05 -17.04 -24.90
C ILE J 409 17.16 -17.06 -23.66
N ARG J 410 16.74 -18.26 -23.28
CA ARG J 410 15.89 -18.44 -22.12
C ARG J 410 16.59 -18.00 -20.83
N HIS J 411 17.89 -18.27 -20.73
CA HIS J 411 18.64 -17.89 -19.55
C HIS J 411 18.99 -16.42 -19.51
N GLY J 412 19.34 -15.81 -20.65
CA GLY J 412 19.61 -14.38 -20.64
C GLY J 412 18.43 -13.55 -20.22
N ALA J 413 17.22 -14.02 -20.52
CA ALA J 413 16.02 -13.30 -20.13
C ALA J 413 15.91 -13.19 -18.61
N LYS J 414 16.61 -14.05 -17.87
CA LYS J 414 16.55 -14.01 -16.42
C LYS J 414 17.17 -12.73 -15.85
N LEU J 415 18.29 -12.30 -16.42
CA LEU J 415 18.95 -11.10 -15.90
C LEU J 415 18.22 -9.84 -16.34
N LEU J 416 17.73 -9.81 -17.58
CA LEU J 416 16.93 -8.68 -18.03
C LEU J 416 15.68 -8.52 -17.18
N TYR J 417 14.99 -9.63 -16.90
CA TYR J 417 13.79 -9.61 -16.07
C TYR J 417 14.09 -9.10 -14.68
N ALA J 418 15.15 -9.62 -14.07
CA ALA J 418 15.50 -9.23 -12.71
C ALA J 418 15.75 -7.75 -12.59
N PHE J 419 16.42 -7.15 -13.56
CA PHE J 419 16.57 -5.69 -13.51
C PHE J 419 15.28 -4.95 -13.85
N ALA J 420 14.56 -5.36 -14.89
CA ALA J 420 13.41 -4.58 -15.33
C ALA J 420 12.33 -4.45 -14.26
N GLU J 421 12.13 -5.48 -13.46
CA GLU J 421 11.10 -5.47 -12.43
C GLU J 421 11.52 -4.88 -11.10
N ALA J 422 12.75 -4.44 -11.01
CA ALA J 422 13.26 -3.88 -9.77
C ALA J 422 12.61 -2.55 -9.43
N THR J 423 12.38 -2.32 -8.14
CA THR J 423 11.77 -1.09 -7.65
C THR J 423 12.67 -0.36 -6.66
N VAL J 424 13.93 -0.76 -6.55
CA VAL J 424 14.85 -0.17 -5.59
C VAL J 424 15.79 0.73 -6.39
N PRO J 425 16.52 1.67 -5.78
CA PRO J 425 17.38 2.54 -6.57
C PRO J 425 18.38 1.76 -7.39
N LYS J 426 18.56 2.21 -8.64
CA LYS J 426 19.48 1.59 -9.58
C LYS J 426 20.39 2.66 -10.14
N VAL J 427 21.68 2.57 -9.88
CA VAL J 427 22.67 3.53 -10.37
C VAL J 427 23.64 2.80 -11.27
N THR J 428 23.64 3.15 -12.55
CA THR J 428 24.47 2.48 -13.54
C THR J 428 25.55 3.42 -14.02
N VAL J 429 26.79 2.93 -14.07
CA VAL J 429 27.92 3.64 -14.66
C VAL J 429 28.50 2.73 -15.74
N ILE J 430 28.75 3.28 -16.92
CA ILE J 430 29.30 2.54 -18.04
C ILE J 430 30.78 2.91 -18.14
N THR J 431 31.65 1.92 -17.97
CA THR J 431 33.07 2.20 -17.93
C THR J 431 33.71 2.06 -19.30
N ARG J 432 33.21 1.16 -20.15
CA ARG J 432 33.70 1.10 -21.53
C ARG J 432 32.71 0.55 -22.54
N LYS J 433 32.68 -0.75 -22.81
CA LYS J 433 31.85 -1.28 -23.88
C LYS J 433 30.41 -1.49 -23.43
N ALA J 434 29.47 -1.19 -24.34
CA ALA J 434 28.08 -1.60 -24.17
C ALA J 434 27.49 -1.77 -25.57
N TYR J 435 27.71 -2.94 -26.15
CA TYR J 435 27.26 -3.22 -27.52
C TYR J 435 26.00 -4.07 -27.51
N GLY J 436 25.10 -3.80 -28.43
CA GLY J 436 24.02 -4.73 -28.71
C GLY J 436 23.00 -4.80 -27.59
N GLY J 437 22.28 -5.94 -27.55
CA GLY J 437 21.22 -6.09 -26.58
C GLY J 437 21.72 -6.14 -25.16
N ALA J 438 23.01 -6.40 -24.97
CA ALA J 438 23.61 -6.39 -23.64
C ALA J 438 23.50 -5.03 -22.96
N TYR J 439 23.39 -3.96 -23.75
CA TYR J 439 23.23 -2.63 -23.14
C TYR J 439 22.00 -2.61 -22.24
N ASP J 440 20.88 -3.14 -22.73
CA ASP J 440 19.64 -3.08 -21.98
C ASP J 440 19.60 -4.12 -20.88
N VAL J 441 20.20 -5.29 -21.10
CA VAL J 441 20.25 -6.34 -20.10
C VAL J 441 20.97 -5.86 -18.85
N MET J 442 22.08 -5.16 -19.03
CA MET J 442 22.84 -4.61 -17.89
C MET J 442 22.25 -3.29 -17.40
N SER J 443 20.97 -3.34 -17.03
CA SER J 443 20.25 -2.29 -16.30
C SER J 443 20.46 -0.92 -16.93
N SER J 444 19.98 -0.80 -18.16
CA SER J 444 19.93 0.49 -18.85
C SER J 444 18.84 1.39 -18.28
N LYS J 445 18.97 2.68 -18.51
CA LYS J 445 18.02 3.63 -17.95
C LYS J 445 16.57 3.44 -18.33
N HIS J 446 16.32 2.90 -19.51
CA HIS J 446 14.95 2.74 -19.97
C HIS J 446 14.25 1.58 -19.30
N LEU J 447 14.89 0.91 -18.36
CA LEU J 447 14.27 -0.11 -17.52
C LEU J 447 13.94 0.44 -16.14
N CYS J 448 13.48 1.70 -16.09
CA CYS J 448 13.15 2.42 -14.86
C CYS J 448 14.38 2.61 -13.96
N GLY J 449 15.51 2.95 -14.57
CA GLY J 449 16.69 3.28 -13.81
C GLY J 449 16.61 4.69 -13.28
N ASP J 450 17.45 4.99 -12.29
CA ASP J 450 17.42 6.31 -11.68
C ASP J 450 18.45 7.25 -12.32
N THR J 451 19.69 6.80 -12.43
CA THR J 451 20.74 7.60 -13.08
C THR J 451 21.61 6.70 -13.91
N ASN J 452 22.22 7.24 -14.96
CA ASN J 452 23.10 6.49 -15.82
C ASN J 452 24.25 7.37 -16.22
N TYR J 453 25.45 7.04 -15.77
CA TYR J 453 26.66 7.78 -16.03
C TYR J 453 27.55 7.04 -17.00
N ALA J 454 28.26 7.80 -17.81
CA ALA J 454 29.25 7.26 -18.72
C ALA J 454 30.61 7.86 -18.37
N TRP J 455 31.65 7.06 -18.51
CA TRP J 455 32.99 7.59 -18.47
C TRP J 455 33.37 8.02 -19.89
N PRO J 456 34.35 8.92 -20.05
CA PRO J 456 34.78 9.30 -21.40
C PRO J 456 35.16 8.14 -22.31
N THR J 457 35.49 6.98 -21.78
CA THR J 457 35.86 5.83 -22.60
C THR J 457 34.68 4.97 -22.98
N ALA J 458 33.46 5.33 -22.58
CA ALA J 458 32.29 4.52 -22.87
C ALA J 458 31.94 4.61 -24.36
N GLU J 459 31.43 3.51 -24.90
CA GLU J 459 30.91 3.54 -26.26
C GLU J 459 29.64 2.71 -26.31
N ILE J 460 28.54 3.33 -26.71
CA ILE J 460 27.22 2.70 -26.75
C ILE J 460 26.78 2.60 -28.21
N ALA J 461 26.56 1.39 -28.68
CA ALA J 461 26.20 1.17 -30.07
C ALA J 461 25.52 -0.19 -30.21
N VAL J 462 24.81 -0.37 -31.31
CA VAL J 462 24.21 -1.67 -31.61
C VAL J 462 25.28 -2.70 -31.90
N MET J 463 26.40 -2.26 -32.46
CA MET J 463 27.54 -3.15 -32.67
C MET J 463 28.73 -2.26 -32.96
N GLY J 464 29.92 -2.86 -33.05
CA GLY J 464 31.13 -2.13 -33.31
C GLY J 464 31.20 -1.61 -34.74
N ALA J 465 32.18 -0.75 -34.97
CA ALA J 465 32.29 -0.03 -36.24
C ALA J 465 32.42 -0.99 -37.42
N LYS J 466 33.19 -2.07 -37.25
CA LYS J 466 33.41 -3.02 -38.33
C LYS J 466 32.10 -3.64 -38.82
N GLY J 467 31.30 -4.22 -37.91
CA GLY J 467 30.04 -4.80 -38.32
C GLY J 467 29.09 -3.76 -38.88
N ALA J 468 28.91 -2.66 -38.17
CA ALA J 468 27.92 -1.66 -38.57
C ALA J 468 28.25 -1.06 -39.93
N VAL J 469 29.52 -0.73 -40.19
CA VAL J 469 29.84 -0.05 -41.45
C VAL J 469 29.80 -1.03 -42.63
N GLU J 470 30.32 -2.25 -42.46
CA GLU J 470 30.26 -3.19 -43.58
C GLU J 470 28.82 -3.58 -43.90
N ILE J 471 27.94 -3.60 -42.89
CA ILE J 471 26.55 -3.89 -43.19
C ILE J 471 25.85 -2.70 -43.85
N ILE J 472 26.06 -1.49 -43.32
CA ILE J 472 25.41 -0.30 -43.87
C ILE J 472 25.86 -0.07 -45.31
N PHE J 473 27.16 -0.15 -45.57
CA PHE J 473 27.73 0.13 -46.88
C PHE J 473 28.08 -1.20 -47.55
N LYS J 474 27.10 -2.10 -47.64
CA LYS J 474 27.33 -3.45 -48.15
C LYS J 474 27.32 -3.46 -49.67
N GLY J 475 28.45 -3.83 -50.25
CA GLY J 475 28.65 -3.77 -51.69
C GLY J 475 29.11 -2.44 -52.22
N HIS J 476 29.42 -1.48 -51.36
CA HIS J 476 29.84 -0.17 -51.83
C HIS J 476 31.35 -0.07 -51.90
N GLU J 477 31.84 0.84 -52.73
CA GLU J 477 33.26 1.14 -52.79
C GLU J 477 33.64 2.07 -51.65
N ASN J 478 34.93 2.08 -51.32
CA ASN J 478 35.55 2.98 -50.34
C ASN J 478 34.87 2.87 -48.97
N VAL J 479 34.63 1.64 -48.59
CA VAL J 479 34.01 1.35 -47.29
C VAL J 479 34.91 1.81 -46.16
N GLU J 480 36.22 1.59 -46.30
CA GLU J 480 37.18 2.00 -45.27
C GLU J 480 37.16 3.51 -45.07
N ALA J 481 37.00 4.29 -46.14
CA ALA J 481 36.87 5.75 -45.99
C ALA J 481 35.59 6.10 -45.25
N ALA J 482 34.48 5.44 -45.58
CA ALA J 482 33.24 5.63 -44.85
C ALA J 482 33.38 5.20 -43.40
N GLN J 483 34.16 4.15 -43.14
CA GLN J 483 34.37 3.70 -41.76
C GLN J 483 35.08 4.75 -40.93
N ALA J 484 36.05 5.45 -41.52
CA ALA J 484 36.75 6.49 -40.79
C ALA J 484 35.79 7.59 -40.34
N GLU J 485 34.86 7.98 -41.23
CA GLU J 485 33.87 8.99 -40.86
C GLU J 485 32.90 8.45 -39.80
N TYR J 486 32.48 7.19 -39.96
CA TYR J 486 31.61 6.55 -38.98
C TYR J 486 32.26 6.49 -37.60
N ILE J 487 33.53 6.07 -37.53
CA ILE J 487 34.19 5.96 -36.24
C ILE J 487 34.29 7.32 -35.57
N GLU J 488 34.67 8.37 -36.31
CA GLU J 488 34.77 9.69 -35.72
C GLU J 488 33.44 10.16 -35.15
N LYS J 489 32.32 9.81 -35.79
CA LYS J 489 31.06 10.31 -35.26
C LYS J 489 30.42 9.41 -34.20
N PHE J 490 30.50 8.08 -34.37
CA PHE J 490 29.72 7.19 -33.52
C PHE J 490 30.54 6.40 -32.50
N ALA J 491 31.86 6.31 -32.64
CA ALA J 491 32.66 5.50 -31.73
C ALA J 491 33.00 6.28 -30.46
N ASN J 492 31.97 6.60 -29.69
CA ASN J 492 32.06 7.50 -28.53
C ASN J 492 30.75 7.50 -27.79
N PRO J 493 30.67 8.07 -26.60
CA PRO J 493 29.40 7.92 -25.86
C PRO J 493 28.36 8.98 -26.20
N PHE J 494 28.65 9.89 -27.10
CA PHE J 494 27.80 11.02 -27.42
C PHE J 494 26.51 10.79 -28.22
N PRO J 495 26.44 9.96 -29.27
CA PRO J 495 25.14 9.77 -29.93
C PRO J 495 24.06 9.18 -29.04
N ALA J 496 24.43 8.47 -27.98
CA ALA J 496 23.48 8.01 -26.98
C ALA J 496 23.17 9.09 -25.96
N ALA J 497 24.17 9.78 -25.44
CA ALA J 497 23.96 10.83 -24.45
C ALA J 497 23.08 11.95 -24.94
N VAL J 498 23.23 12.37 -26.21
CA VAL J 498 22.44 13.49 -26.69
C VAL J 498 20.99 13.09 -26.88
N ARG J 499 20.69 11.82 -26.78
CA ARG J 499 19.31 11.42 -26.95
C ARG J 499 18.64 11.16 -25.61
N GLY J 500 19.39 11.29 -24.52
CA GLY J 500 18.82 11.08 -23.21
C GLY J 500 19.11 9.71 -22.64
N PHE J 501 20.02 8.97 -23.24
CA PHE J 501 20.32 7.64 -22.71
C PHE J 501 21.25 7.75 -21.51
N VAL J 502 22.07 8.80 -21.46
CA VAL J 502 23.08 8.99 -20.43
C VAL J 502 22.82 10.34 -19.79
N ASP J 503 22.91 10.39 -18.47
CA ASP J 503 22.61 11.64 -17.79
C ASP J 503 23.79 12.59 -17.74
N ASP J 504 25.01 12.06 -17.68
CA ASP J 504 26.18 12.91 -17.61
C ASP J 504 27.37 12.06 -18.02
N ILE J 505 28.44 12.73 -18.41
CA ILE J 505 29.70 12.05 -18.67
C ILE J 505 30.68 12.64 -17.67
N ILE J 506 31.20 11.79 -16.80
CA ILE J 506 31.86 12.25 -15.61
C ILE J 506 33.33 11.85 -15.66
N GLN J 507 34.17 12.60 -14.97
CA GLN J 507 35.57 12.21 -14.89
C GLN J 507 35.52 11.02 -13.98
N PRO J 508 36.18 9.92 -14.34
CA PRO J 508 36.13 8.70 -13.52
C PRO J 508 36.46 8.93 -12.06
N SER J 509 37.38 9.85 -11.75
CA SER J 509 37.75 10.13 -10.38
C SER J 509 36.59 10.59 -9.53
N SER J 510 35.53 11.10 -10.14
CA SER J 510 34.38 11.57 -9.38
C SER J 510 33.31 10.52 -9.21
N THR J 511 33.49 9.30 -9.75
CA THR J 511 32.43 8.30 -9.71
C THR J 511 31.87 8.11 -8.30
N ARG J 512 32.73 8.02 -7.27
CA ARG J 512 32.25 7.71 -5.94
C ARG J 512 31.35 8.80 -5.43
N ALA J 513 31.76 10.05 -5.65
CA ALA J 513 31.00 11.20 -5.20
C ALA J 513 29.62 11.27 -5.84
N ARG J 514 29.52 10.92 -7.10
CA ARG J 514 28.26 10.98 -7.82
C ARG J 514 27.27 9.93 -7.35
N ILE J 515 27.77 8.74 -7.10
CA ILE J 515 26.98 7.60 -6.63
C ILE J 515 26.46 7.85 -5.23
N CYS J 516 27.34 8.37 -4.35
CA CYS J 516 27.00 8.69 -2.97
C CYS J 516 25.88 9.71 -2.91
N CYS J 517 25.96 10.73 -3.78
CA CYS J 517 24.91 11.74 -3.87
C CYS J 517 23.59 11.14 -4.30
N ASP J 518 23.60 10.23 -5.28
CA ASP J 518 22.36 9.62 -5.75
C ASP J 518 21.76 8.70 -4.70
N LEU J 519 22.61 7.91 -4.01
CA LEU J 519 22.08 6.96 -3.05
C LEU J 519 21.38 7.65 -1.90
N ASP J 520 21.87 8.81 -1.49
CA ASP J 520 21.32 9.47 -0.33
C ASP J 520 20.08 10.27 -0.66
N VAL J 521 19.69 10.33 -1.92
CA VAL J 521 18.43 10.99 -2.28
C VAL J 521 17.44 10.06 -2.93
N LEU J 522 17.88 8.90 -3.42
CA LEU J 522 16.97 7.92 -3.97
C LEU J 522 16.47 6.96 -2.91
N ALA J 523 16.95 7.09 -1.68
CA ALA J 523 16.60 6.14 -0.62
C ALA J 523 15.15 6.24 -0.19
N SER J 524 14.49 7.34 -0.56
CA SER J 524 13.11 7.58 -0.17
C SER J 524 12.15 7.29 -1.33
N LYS J 525 12.67 6.69 -2.38
CA LYS J 525 11.93 6.35 -3.57
C LYS J 525 10.81 5.36 -3.37
N LYS J 526 9.62 5.67 -3.88
CA LYS J 526 8.55 4.68 -3.90
C LYS J 526 7.84 4.75 -5.23
N VAL J 527 7.53 3.58 -5.79
CA VAL J 527 6.85 3.45 -7.07
C VAL J 527 5.70 2.48 -6.91
N GLN J 528 4.72 2.55 -7.81
CA GLN J 528 3.63 1.59 -7.85
C GLN J 528 3.71 0.76 -9.13
N ARG J 529 3.17 -0.45 -9.07
CA ARG J 529 3.08 -1.36 -10.22
C ARG J 529 1.68 -1.97 -10.22
N PRO J 530 1.15 -2.34 -11.39
CA PRO J 530 -0.14 -3.04 -11.41
C PRO J 530 -0.13 -4.28 -10.55
N TRP J 531 -1.28 -4.55 -9.94
CA TRP J 531 -1.37 -5.69 -9.04
C TRP J 531 -1.27 -6.99 -9.81
N ARG J 532 -0.54 -7.95 -9.27
CA ARG J 532 -0.46 -9.28 -9.86
C ARG J 532 -0.35 -10.28 -8.72
N LYS J 533 -1.03 -11.41 -8.84
CA LYS J 533 -1.03 -12.43 -7.80
C LYS J 533 0.44 -12.69 -7.46
N HIS J 534 1.23 -12.92 -8.50
CA HIS J 534 2.66 -13.15 -8.39
C HIS J 534 3.35 -12.87 -9.70
N ALA J 535 4.66 -12.74 -9.64
CA ALA J 535 5.45 -12.55 -10.83
C ALA J 535 5.58 -13.85 -11.61
N ASN J 536 5.84 -13.72 -12.90
CA ASN J 536 6.03 -14.85 -13.80
C ASN J 536 7.36 -14.73 -14.52
N ILE J 537 8.43 -15.15 -13.85
CA ILE J 537 9.81 -15.12 -14.33
C ILE J 537 9.99 -16.11 -15.48
N PRO J 538 10.69 -15.74 -16.55
CA PRO J 538 10.82 -16.64 -17.72
C PRO J 538 11.36 -18.04 -17.45
N LEU J 539 12.10 -18.26 -16.37
CA LEU J 539 12.75 -19.53 -16.03
C LEU J 539 13.66 -20.12 -17.10
N LYS K 61 -30.27 -83.15 -8.31
CA LYS K 61 -30.69 -82.53 -9.56
C LYS K 61 -29.54 -82.45 -10.56
N THR K 62 -28.58 -81.57 -10.29
CA THR K 62 -27.47 -81.35 -11.23
C THR K 62 -26.18 -81.23 -10.43
N PHE K 63 -25.13 -80.73 -11.09
CA PHE K 63 -23.79 -80.65 -10.50
C PHE K 63 -23.77 -79.53 -9.49
N ASP K 64 -22.96 -79.67 -8.45
CA ASP K 64 -22.72 -78.55 -7.56
C ASP K 64 -21.62 -77.62 -8.05
N LYS K 65 -20.58 -78.13 -8.72
CA LYS K 65 -19.48 -77.26 -9.12
C LYS K 65 -18.81 -77.79 -10.38
N ILE K 66 -18.67 -76.92 -11.38
CA ILE K 66 -18.08 -77.27 -12.65
C ILE K 66 -16.88 -76.38 -12.89
N LEU K 67 -15.79 -76.97 -13.35
CA LEU K 67 -14.62 -76.19 -13.72
C LEU K 67 -14.59 -75.99 -15.22
N VAL K 68 -14.24 -74.79 -15.64
CA VAL K 68 -14.11 -74.49 -17.06
C VAL K 68 -12.63 -74.39 -17.37
N ALA K 69 -12.19 -75.09 -18.41
CA ALA K 69 -10.77 -75.11 -18.77
C ALA K 69 -10.46 -74.25 -19.99
N ASN K 70 -11.01 -73.05 -20.07
CA ASN K 70 -10.87 -72.21 -21.23
C ASN K 70 -10.91 -70.75 -20.78
N ARG K 71 -10.79 -69.85 -21.73
CA ARG K 71 -10.76 -68.43 -21.43
C ARG K 71 -11.59 -67.69 -22.45
N GLY K 72 -12.07 -66.52 -22.06
CA GLY K 72 -12.75 -65.67 -23.00
C GLY K 72 -14.24 -65.88 -23.03
N GLU K 73 -14.85 -65.60 -24.19
CA GLU K 73 -16.30 -65.57 -24.27
C GLU K 73 -16.90 -66.96 -24.11
N ILE K 74 -16.14 -68.01 -24.44
CA ILE K 74 -16.64 -69.35 -24.30
C ILE K 74 -16.74 -69.72 -22.83
N ALA K 75 -15.78 -69.26 -22.02
CA ALA K 75 -15.87 -69.41 -20.58
C ALA K 75 -17.00 -68.57 -20.02
N CYS K 76 -17.22 -67.39 -20.58
CA CYS K 76 -18.33 -66.58 -20.10
C CYS K 76 -19.68 -67.22 -20.37
N ARG K 77 -19.80 -67.85 -21.53
CA ARG K 77 -21.04 -68.52 -21.85
C ARG K 77 -21.37 -69.60 -20.81
N VAL K 78 -20.38 -70.40 -20.41
CA VAL K 78 -20.62 -71.45 -19.44
C VAL K 78 -20.93 -70.86 -18.07
N ILE K 79 -20.21 -69.80 -17.67
CA ILE K 79 -20.44 -69.18 -16.36
C ILE K 79 -21.87 -68.66 -16.25
N ARG K 80 -22.36 -68.02 -17.30
CA ARG K 80 -23.72 -67.50 -17.32
C ARG K 80 -24.73 -68.63 -17.25
N THR K 81 -24.52 -69.69 -18.03
CA THR K 81 -25.44 -70.82 -17.97
C THR K 81 -25.45 -71.48 -16.59
N CYS K 82 -24.27 -71.68 -15.99
CA CYS K 82 -24.20 -72.29 -14.67
C CYS K 82 -24.95 -71.46 -13.65
N LYS K 83 -24.75 -70.15 -13.68
CA LYS K 83 -25.45 -69.28 -12.75
C LYS K 83 -26.95 -69.36 -12.92
N LYS K 84 -27.41 -69.55 -14.15
CA LYS K 84 -28.82 -69.71 -14.40
C LYS K 84 -29.28 -71.04 -13.81
N MET K 85 -28.40 -72.03 -13.82
CA MET K 85 -28.69 -73.35 -13.30
C MET K 85 -28.44 -73.46 -11.81
N GLY K 86 -27.76 -72.49 -11.21
CA GLY K 86 -27.46 -72.58 -9.80
C GLY K 86 -26.23 -73.39 -9.48
N ILE K 87 -25.29 -73.43 -10.41
CA ILE K 87 -24.08 -74.24 -10.28
C ILE K 87 -22.91 -73.27 -10.10
N LYS K 88 -22.02 -73.59 -9.17
CA LYS K 88 -20.83 -72.77 -8.99
C LYS K 88 -19.84 -73.07 -10.09
N THR K 89 -19.17 -72.04 -10.60
CA THR K 89 -18.25 -72.23 -11.71
C THR K 89 -16.85 -71.83 -11.32
N VAL K 90 -15.88 -72.67 -11.63
CA VAL K 90 -14.48 -72.37 -11.36
C VAL K 90 -13.81 -72.01 -12.66
N ALA K 91 -13.01 -70.95 -12.65
CA ALA K 91 -12.27 -70.55 -13.82
C ALA K 91 -10.80 -70.86 -13.60
N ILE K 92 -10.08 -70.98 -14.71
CA ILE K 92 -8.62 -70.99 -14.69
C ILE K 92 -8.15 -69.86 -15.59
N HIS K 93 -6.98 -69.34 -15.28
CA HIS K 93 -6.41 -68.25 -16.07
C HIS K 93 -4.90 -68.27 -15.97
N SER K 94 -4.28 -67.62 -16.95
CA SER K 94 -2.86 -67.33 -16.97
C SER K 94 -2.61 -66.05 -16.15
N ASP K 95 -1.35 -65.72 -15.91
CA ASP K 95 -1.02 -64.49 -15.18
C ASP K 95 -1.49 -63.24 -15.90
N VAL K 96 -1.56 -63.26 -17.23
CA VAL K 96 -1.97 -62.05 -17.93
C VAL K 96 -3.49 -62.00 -18.04
N ASP K 97 -4.15 -63.16 -17.97
CA ASP K 97 -5.61 -63.23 -18.03
C ASP K 97 -6.27 -63.06 -16.67
N ALA K 98 -5.50 -62.75 -15.63
CA ALA K 98 -6.04 -62.61 -14.28
C ALA K 98 -7.12 -61.56 -14.16
N SER K 99 -7.14 -60.55 -15.04
CA SER K 99 -8.21 -59.56 -14.98
C SER K 99 -9.22 -59.68 -16.11
N SER K 100 -9.25 -60.81 -16.79
CA SER K 100 -10.16 -60.99 -17.91
C SER K 100 -11.58 -61.17 -17.39
N VAL K 101 -12.56 -61.09 -18.30
CA VAL K 101 -13.93 -61.07 -17.84
C VAL K 101 -14.34 -62.38 -17.19
N HIS K 102 -13.99 -63.52 -17.79
CA HIS K 102 -14.47 -64.78 -17.26
C HIS K 102 -13.91 -65.07 -15.88
N VAL K 103 -12.75 -64.51 -15.55
CA VAL K 103 -12.20 -64.70 -14.21
C VAL K 103 -13.07 -63.97 -13.19
N LYS K 104 -13.50 -62.76 -13.52
CA LYS K 104 -14.31 -61.99 -12.58
C LYS K 104 -15.73 -62.54 -12.48
N MET K 105 -16.26 -63.07 -13.57
CA MET K 105 -17.61 -63.63 -13.54
C MET K 105 -17.66 -64.95 -12.78
N ALA K 106 -16.58 -65.72 -12.78
CA ALA K 106 -16.60 -67.01 -12.11
C ALA K 106 -16.66 -66.81 -10.60
N ASP K 107 -17.04 -67.87 -9.90
CA ASP K 107 -17.14 -67.85 -8.45
C ASP K 107 -15.80 -68.08 -7.78
N GLU K 108 -14.98 -68.95 -8.34
CA GLU K 108 -13.64 -69.21 -7.88
C GLU K 108 -12.73 -69.27 -9.09
N ALA K 109 -11.45 -69.00 -8.88
CA ALA K 109 -10.49 -69.01 -9.97
C ALA K 109 -9.16 -69.53 -9.45
N VAL K 110 -8.44 -70.22 -10.30
CA VAL K 110 -7.10 -70.72 -9.99
C VAL K 110 -6.15 -70.24 -11.08
N CYS K 111 -5.03 -69.68 -10.68
CA CYS K 111 -4.01 -69.35 -11.66
C CYS K 111 -3.20 -70.60 -11.96
N VAL K 112 -3.00 -70.89 -13.23
CA VAL K 112 -2.35 -72.12 -13.67
C VAL K 112 -0.90 -71.87 -14.09
N GLY K 113 -0.67 -70.80 -14.85
CA GLY K 113 0.64 -70.61 -15.42
C GLY K 113 0.83 -69.26 -16.08
N PRO K 114 1.93 -69.11 -16.80
CA PRO K 114 2.26 -67.83 -17.41
C PRO K 114 1.51 -67.58 -18.72
N ALA K 115 1.81 -66.44 -19.34
CA ALA K 115 1.15 -66.03 -20.57
C ALA K 115 1.05 -67.08 -21.69
N PRO K 116 2.11 -67.79 -22.11
CA PRO K 116 1.94 -68.71 -23.24
C PRO K 116 1.04 -69.87 -22.88
N THR K 117 0.13 -70.18 -23.82
CA THR K 117 -0.92 -71.15 -23.53
C THR K 117 -0.39 -72.53 -23.24
N SER K 118 0.79 -72.87 -23.75
CA SER K 118 1.31 -74.23 -23.60
C SER K 118 1.57 -74.55 -22.13
N LYS K 119 1.66 -73.53 -21.30
CA LYS K 119 2.03 -73.69 -19.91
C LYS K 119 0.90 -73.30 -18.96
N SER K 120 -0.24 -72.88 -19.51
CA SER K 120 -1.34 -72.33 -18.73
C SER K 120 -2.68 -72.97 -19.07
N TYR K 121 -2.96 -73.23 -20.33
CA TYR K 121 -4.23 -73.81 -20.72
C TYR K 121 -4.05 -75.19 -21.34
N LEU K 122 -2.85 -75.51 -21.81
CA LEU K 122 -2.56 -76.86 -22.25
C LEU K 122 -1.73 -77.65 -21.23
N ASN K 123 -1.53 -77.12 -20.02
CA ASN K 123 -0.79 -77.81 -18.97
C ASN K 123 -1.76 -78.67 -18.16
N MET K 124 -2.00 -79.89 -18.62
CA MET K 124 -3.07 -80.70 -18.05
C MET K 124 -2.77 -81.11 -16.60
N ASP K 125 -1.49 -81.22 -16.24
CA ASP K 125 -1.13 -81.59 -14.88
C ASP K 125 -1.45 -80.49 -13.89
N ALA K 126 -1.12 -79.24 -14.24
CA ALA K 126 -1.45 -78.11 -13.38
C ALA K 126 -2.95 -77.90 -13.29
N ILE K 127 -3.67 -78.20 -14.38
CA ILE K 127 -5.12 -78.11 -14.39
C ILE K 127 -5.73 -79.18 -13.48
N MET K 128 -5.21 -80.41 -13.55
CA MET K 128 -5.72 -81.46 -12.67
C MET K 128 -5.58 -81.08 -11.21
N GLU K 129 -4.49 -80.41 -10.86
CA GLU K 129 -4.31 -79.92 -9.51
C GLU K 129 -5.38 -78.91 -9.15
N ALA K 130 -5.71 -78.00 -10.06
CA ALA K 130 -6.78 -77.05 -9.83
C ALA K 130 -8.13 -77.74 -9.69
N ILE K 131 -8.36 -78.80 -10.48
CA ILE K 131 -9.65 -79.49 -10.46
C ILE K 131 -9.89 -80.12 -9.11
N LYS K 132 -8.87 -80.80 -8.56
CA LYS K 132 -9.03 -81.40 -7.24
C LYS K 132 -8.92 -80.37 -6.13
N LYS K 133 -8.10 -79.33 -6.31
CA LYS K 133 -7.96 -78.32 -5.26
C LYS K 133 -9.30 -77.69 -4.94
N THR K 134 -10.11 -77.40 -5.96
CA THR K 134 -11.39 -76.77 -5.73
C THR K 134 -12.52 -77.77 -5.55
N ARG K 135 -12.23 -79.07 -5.58
CA ARG K 135 -13.20 -80.15 -5.46
C ARG K 135 -14.31 -79.99 -6.50
N ALA K 136 -13.87 -79.76 -7.73
CA ALA K 136 -14.78 -79.71 -8.87
C ALA K 136 -15.28 -81.09 -9.22
N GLN K 137 -16.52 -81.15 -9.69
CA GLN K 137 -17.18 -82.43 -9.98
C GLN K 137 -17.11 -82.78 -11.47
N ALA K 138 -17.23 -81.76 -12.32
CA ALA K 138 -17.24 -81.95 -13.78
C ALA K 138 -16.35 -80.87 -14.41
N VAL K 139 -15.80 -81.14 -15.60
CA VAL K 139 -15.00 -80.16 -16.34
C VAL K 139 -15.60 -79.92 -17.73
N HIS K 140 -15.75 -78.65 -18.13
CA HIS K 140 -16.21 -78.29 -19.48
C HIS K 140 -15.10 -77.48 -20.20
N PRO K 141 -14.38 -78.11 -21.12
CA PRO K 141 -13.26 -77.39 -21.73
C PRO K 141 -13.64 -76.42 -22.83
N GLY K 142 -14.91 -76.36 -23.22
CA GLY K 142 -15.33 -75.59 -24.36
C GLY K 142 -14.76 -76.15 -25.64
N TYR K 143 -13.97 -75.37 -26.35
CA TYR K 143 -13.37 -75.82 -27.59
C TYR K 143 -11.93 -75.35 -27.63
N GLY K 144 -11.18 -75.88 -28.59
CA GLY K 144 -9.84 -75.38 -28.82
C GLY K 144 -8.75 -76.14 -28.11
N PHE K 145 -8.56 -75.86 -26.83
CA PHE K 145 -7.40 -76.26 -26.04
C PHE K 145 -7.28 -77.76 -25.78
N LEU K 146 -8.17 -78.28 -24.95
CA LEU K 146 -8.03 -79.68 -24.55
C LEU K 146 -9.31 -80.44 -24.86
N SER K 147 -10.06 -79.96 -25.84
CA SER K 147 -11.34 -80.56 -26.17
C SER K 147 -11.19 -81.88 -26.90
N GLU K 148 -10.06 -82.08 -27.59
CA GLU K 148 -9.75 -83.32 -28.26
C GLU K 148 -8.49 -83.98 -27.74
N ASN K 149 -8.04 -83.60 -26.55
CA ASN K 149 -6.81 -84.13 -25.99
C ASN K 149 -7.12 -85.38 -25.20
N LYS K 150 -6.73 -86.54 -25.75
CA LYS K 150 -7.16 -87.80 -25.16
C LYS K 150 -6.47 -88.06 -23.84
N GLU K 151 -5.19 -87.68 -23.73
CA GLU K 151 -4.45 -87.91 -22.50
C GLU K 151 -5.05 -87.13 -21.34
N PHE K 152 -5.55 -85.93 -21.63
CA PHE K 152 -6.26 -85.15 -20.62
C PHE K 152 -7.54 -85.85 -20.19
N ALA K 153 -8.37 -86.26 -21.16
CA ALA K 153 -9.60 -86.95 -20.82
C ALA K 153 -9.35 -88.26 -20.10
N ARG K 154 -8.27 -88.96 -20.46
CA ARG K 154 -7.95 -90.25 -19.84
C ARG K 154 -7.58 -90.05 -18.38
N CYS K 155 -6.61 -89.16 -18.12
CA CYS K 155 -6.19 -88.90 -16.75
C CYS K 155 -7.23 -88.16 -15.94
N LEU K 156 -8.13 -87.44 -16.58
CA LEU K 156 -9.26 -86.83 -15.90
C LEU K 156 -10.28 -87.87 -15.48
N ALA K 157 -10.65 -88.78 -16.38
CA ALA K 157 -11.57 -89.84 -16.04
C ALA K 157 -10.99 -90.76 -14.98
N ALA K 158 -9.66 -90.97 -15.01
CA ALA K 158 -9.04 -91.85 -14.03
C ALA K 158 -9.29 -91.36 -12.61
N GLU K 159 -9.60 -90.07 -12.46
CA GLU K 159 -9.81 -89.48 -11.15
C GLU K 159 -11.28 -89.31 -10.84
N ASP K 160 -12.15 -89.93 -11.64
CA ASP K 160 -13.62 -89.90 -11.57
C ASP K 160 -14.23 -88.50 -11.64
N VAL K 161 -13.68 -87.68 -12.53
CA VAL K 161 -14.23 -86.36 -12.74
C VAL K 161 -15.02 -86.49 -14.03
N VAL K 162 -16.22 -85.94 -14.05
CA VAL K 162 -17.10 -86.09 -15.19
C VAL K 162 -16.58 -85.14 -16.25
N PHE K 163 -16.35 -85.67 -17.43
CA PHE K 163 -15.96 -84.84 -18.55
C PHE K 163 -17.11 -84.52 -19.45
N ILE K 164 -17.27 -83.23 -19.72
CA ILE K 164 -18.34 -82.74 -20.58
C ILE K 164 -17.89 -82.50 -22.01
N GLY K 165 -18.22 -83.43 -22.91
CA GLY K 165 -17.66 -83.37 -24.24
C GLY K 165 -17.61 -84.80 -24.73
N PRO K 166 -16.78 -85.03 -25.82
CA PRO K 166 -16.80 -86.41 -26.28
C PRO K 166 -16.05 -87.29 -25.31
N ASP K 167 -16.24 -88.59 -25.42
CA ASP K 167 -15.49 -89.56 -24.66
C ASP K 167 -14.29 -89.81 -25.54
N THR K 168 -13.38 -90.68 -25.15
CA THR K 168 -12.17 -90.84 -25.96
C THR K 168 -12.40 -91.76 -27.15
N HIS K 169 -13.44 -92.58 -27.11
CA HIS K 169 -13.77 -93.41 -28.27
C HIS K 169 -14.14 -92.54 -29.47
N ALA K 170 -15.03 -91.57 -29.28
CA ALA K 170 -15.41 -90.70 -30.39
C ALA K 170 -14.23 -89.90 -30.90
N ILE K 171 -13.33 -89.45 -30.03
CA ILE K 171 -12.18 -88.69 -30.47
C ILE K 171 -11.29 -89.55 -31.36
N GLN K 172 -11.00 -90.78 -30.93
CA GLN K 172 -10.19 -91.70 -31.74
C GLN K 172 -10.93 -92.20 -32.96
N ALA K 173 -12.24 -92.42 -32.87
CA ALA K 173 -13.00 -92.96 -34.00
C ALA K 173 -12.87 -92.06 -35.21
N MET K 174 -12.87 -90.75 -34.99
CA MET K 174 -12.72 -89.78 -36.06
C MET K 174 -11.28 -89.27 -36.12
N GLY K 175 -10.35 -90.08 -35.60
CA GLY K 175 -8.99 -89.60 -35.44
C GLY K 175 -8.35 -89.29 -36.78
N ASP K 176 -8.72 -90.04 -37.82
CA ASP K 176 -8.12 -89.96 -39.13
C ASP K 176 -9.21 -90.08 -40.19
N LYS K 177 -8.81 -89.92 -41.45
CA LYS K 177 -9.75 -89.95 -42.57
C LYS K 177 -10.28 -91.33 -42.95
N ILE K 178 -9.52 -92.38 -42.66
CA ILE K 178 -9.96 -93.72 -43.02
C ILE K 178 -11.18 -94.14 -42.20
N GLU K 179 -11.15 -93.95 -40.88
CA GLU K 179 -12.31 -94.32 -40.06
C GLU K 179 -13.51 -93.44 -40.39
N SER K 180 -13.27 -92.16 -40.66
CA SER K 180 -14.37 -91.27 -41.00
C SER K 180 -15.06 -91.71 -42.30
N LYS K 181 -14.27 -92.06 -43.32
CA LYS K 181 -14.84 -92.50 -44.58
C LYS K 181 -15.57 -93.82 -44.40
N LEU K 182 -14.99 -94.71 -43.60
CA LEU K 182 -15.65 -95.99 -43.36
C LEU K 182 -16.98 -95.80 -42.66
N LEU K 183 -17.05 -94.87 -41.69
CA LEU K 183 -18.31 -94.58 -41.03
C LEU K 183 -19.36 -94.08 -42.00
N ALA K 184 -18.97 -93.15 -42.89
CA ALA K 184 -19.90 -92.63 -43.88
C ALA K 184 -20.45 -93.71 -44.82
N LYS K 185 -19.66 -94.76 -45.03
CA LYS K 185 -20.11 -95.85 -45.89
C LYS K 185 -21.07 -96.75 -45.16
N LYS K 186 -20.85 -96.93 -43.86
CA LYS K 186 -21.67 -97.79 -43.02
C LYS K 186 -22.97 -97.14 -42.59
N ALA K 187 -22.88 -95.84 -42.34
CA ALA K 187 -23.98 -95.07 -41.83
C ALA K 187 -24.81 -94.82 -43.10
N GLU K 188 -24.18 -95.09 -44.24
CA GLU K 188 -24.75 -94.83 -45.55
C GLU K 188 -25.04 -93.35 -45.81
N VAL K 189 -24.01 -92.56 -46.01
CA VAL K 189 -24.33 -91.16 -46.26
C VAL K 189 -24.16 -90.79 -47.73
N ASN K 190 -22.90 -90.81 -48.16
CA ASN K 190 -22.49 -90.62 -49.57
C ASN K 190 -21.04 -91.08 -49.91
N THR K 191 -20.04 -90.24 -49.69
CA THR K 191 -18.68 -90.62 -50.06
C THR K 191 -18.50 -91.27 -51.44
N ILE K 192 -18.67 -90.45 -52.48
CA ILE K 192 -18.68 -90.84 -53.88
C ILE K 192 -17.45 -91.64 -54.30
N PRO K 193 -17.62 -92.77 -54.95
CA PRO K 193 -16.46 -93.60 -55.31
C PRO K 193 -15.51 -92.91 -56.26
N GLY K 194 -14.23 -93.30 -56.16
CA GLY K 194 -13.25 -92.99 -57.17
C GLY K 194 -12.81 -94.26 -57.85
N PHE K 195 -11.64 -94.19 -58.48
CA PHE K 195 -11.07 -95.36 -59.16
C PHE K 195 -10.03 -95.99 -58.25
N ASP K 196 -10.31 -97.21 -57.81
CA ASP K 196 -9.41 -97.95 -56.92
C ASP K 196 -8.41 -98.68 -57.79
N GLY K 197 -7.51 -97.91 -58.40
CA GLY K 197 -6.48 -98.43 -59.26
C GLY K 197 -5.79 -97.30 -59.97
N VAL K 198 -4.70 -97.60 -60.68
CA VAL K 198 -3.97 -96.56 -61.39
C VAL K 198 -4.42 -96.53 -62.83
N VAL K 199 -4.65 -95.32 -63.35
CA VAL K 199 -5.00 -95.20 -64.76
C VAL K 199 -3.72 -95.15 -65.57
N LYS K 200 -3.62 -96.04 -66.55
CA LYS K 200 -2.40 -96.22 -67.31
C LYS K 200 -2.58 -95.85 -68.78
N ASP K 201 -3.68 -96.28 -69.37
CA ASP K 201 -3.92 -96.11 -70.79
C ASP K 201 -4.56 -94.75 -71.05
N ALA K 202 -4.74 -94.44 -72.32
CA ALA K 202 -5.34 -93.18 -72.74
C ALA K 202 -6.86 -93.26 -72.73
N GLU K 203 -7.42 -94.45 -72.89
CA GLU K 203 -8.86 -94.67 -72.91
C GLU K 203 -9.43 -95.01 -71.55
N GLU K 204 -8.61 -95.46 -70.60
CA GLU K 204 -9.08 -95.70 -69.25
C GLU K 204 -9.51 -94.43 -68.55
N ALA K 205 -8.84 -93.31 -68.81
CA ALA K 205 -9.21 -92.05 -68.16
C ALA K 205 -10.66 -91.68 -68.45
N VAL K 206 -11.15 -91.99 -69.66
CA VAL K 206 -12.54 -91.68 -69.95
C VAL K 206 -13.46 -92.87 -69.67
N ARG K 207 -13.02 -94.10 -69.95
CA ARG K 207 -13.91 -95.23 -69.73
C ARG K 207 -14.29 -95.35 -68.26
N ILE K 208 -13.33 -95.17 -67.34
CA ILE K 208 -13.69 -95.32 -65.93
C ILE K 208 -14.65 -94.20 -65.50
N ALA K 209 -14.39 -92.96 -65.96
CA ALA K 209 -15.29 -91.86 -65.64
C ALA K 209 -16.71 -92.13 -66.11
N ARG K 210 -16.85 -92.71 -67.31
CA ARG K 210 -18.18 -93.02 -67.83
C ARG K 210 -18.94 -93.95 -66.91
N GLU K 211 -18.25 -94.88 -66.28
CA GLU K 211 -18.93 -95.81 -65.38
C GLU K 211 -19.33 -95.17 -64.05
N ILE K 212 -18.57 -94.20 -63.53
CA ILE K 212 -18.93 -93.64 -62.23
C ILE K 212 -19.72 -92.34 -62.33
N GLY K 213 -19.32 -91.44 -63.21
CA GLY K 213 -19.96 -90.13 -63.25
C GLY K 213 -19.50 -89.15 -64.32
N TYR K 214 -19.83 -87.87 -64.14
CA TYR K 214 -19.46 -86.86 -65.13
C TYR K 214 -18.32 -85.89 -64.80
N PRO K 215 -18.54 -85.06 -63.71
CA PRO K 215 -17.42 -84.15 -63.41
C PRO K 215 -16.35 -85.10 -62.88
N VAL K 216 -15.19 -85.09 -63.54
CA VAL K 216 -14.09 -85.95 -63.16
C VAL K 216 -12.81 -85.13 -63.01
N MET K 217 -12.08 -85.41 -61.94
CA MET K 217 -10.81 -84.76 -61.63
C MET K 217 -9.67 -85.74 -61.86
N ILE K 218 -8.59 -85.26 -62.47
CA ILE K 218 -7.36 -86.02 -62.63
C ILE K 218 -6.28 -85.46 -61.71
N LYS K 219 -5.70 -86.31 -60.86
CA LYS K 219 -4.69 -85.91 -59.90
C LYS K 219 -3.64 -87.01 -59.79
N ALA K 220 -2.48 -86.65 -59.24
CA ALA K 220 -1.40 -87.58 -58.93
C ALA K 220 -1.82 -88.58 -57.87
N SER K 221 -1.29 -89.81 -57.97
CA SER K 221 -1.57 -90.84 -56.97
C SER K 221 -1.03 -90.46 -55.59
N ALA K 222 0.01 -89.63 -55.56
CA ALA K 222 0.55 -89.09 -54.32
C ALA K 222 1.20 -87.74 -54.60
N GLY K 223 0.85 -86.73 -53.80
CA GLY K 223 1.39 -85.41 -53.94
C GLY K 223 0.30 -84.38 -53.91
N GLY K 224 0.66 -83.15 -54.30
CA GLY K 224 -0.29 -82.06 -54.29
C GLY K 224 0.36 -80.78 -54.78
N GLY K 225 -0.41 -79.70 -54.73
CA GLY K 225 0.08 -78.41 -55.17
C GLY K 225 0.10 -78.28 -56.68
N GLY K 226 -0.86 -78.92 -57.35
CA GLY K 226 -0.90 -78.90 -58.79
C GLY K 226 -0.01 -79.93 -59.45
N LYS K 227 0.23 -81.04 -58.77
CA LYS K 227 1.13 -82.08 -59.31
C LYS K 227 0.39 -82.81 -60.41
N GLY K 228 0.27 -82.17 -61.57
CA GLY K 228 -0.43 -82.72 -62.70
C GLY K 228 -1.93 -82.73 -62.59
N MET K 229 -2.53 -81.82 -61.83
CA MET K 229 -3.96 -81.80 -61.60
C MET K 229 -4.61 -81.00 -62.72
N ARG K 230 -5.77 -81.47 -63.18
CA ARG K 230 -6.59 -80.76 -64.14
C ARG K 230 -8.05 -81.14 -63.89
N ILE K 231 -8.97 -80.22 -64.20
CA ILE K 231 -10.39 -80.46 -64.04
C ILE K 231 -10.97 -80.75 -65.42
N ALA K 232 -11.73 -81.85 -65.50
CA ALA K 232 -12.33 -82.24 -66.77
C ALA K 232 -13.81 -82.53 -66.57
N TRP K 233 -14.56 -82.33 -67.65
CA TRP K 233 -16.00 -82.60 -67.71
C TRP K 233 -16.37 -83.59 -68.80
N ASP K 234 -16.00 -83.31 -70.05
CA ASP K 234 -16.30 -84.20 -71.15
C ASP K 234 -15.13 -85.16 -71.35
N ASP K 235 -15.29 -86.06 -72.32
CA ASP K 235 -14.26 -87.05 -72.59
C ASP K 235 -13.04 -86.50 -73.31
N GLU K 236 -13.20 -85.43 -74.11
CA GLU K 236 -12.08 -84.93 -74.91
C GLU K 236 -10.98 -84.32 -74.04
N GLU K 237 -11.36 -83.47 -73.08
CA GLU K 237 -10.32 -82.97 -72.19
C GLU K 237 -10.00 -83.92 -71.05
N THR K 238 -10.85 -84.90 -70.73
CA THR K 238 -10.35 -85.90 -69.79
C THR K 238 -9.21 -86.72 -70.41
N ARG K 239 -9.36 -87.13 -71.68
CA ARG K 239 -8.27 -87.88 -72.33
C ARG K 239 -7.02 -87.03 -72.42
N ASP K 240 -7.19 -85.76 -72.80
CA ASP K 240 -6.08 -84.83 -72.97
C ASP K 240 -5.39 -84.54 -71.64
N GLY K 241 -6.17 -84.30 -70.58
CA GLY K 241 -5.58 -84.06 -69.27
C GLY K 241 -4.74 -85.22 -68.77
N PHE K 242 -5.23 -86.45 -68.92
CA PHE K 242 -4.46 -87.59 -68.44
C PHE K 242 -3.14 -87.71 -69.18
N ARG K 243 -3.17 -87.69 -70.52
CA ARG K 243 -1.96 -87.99 -71.25
C ARG K 243 -0.90 -86.91 -71.04
N LEU K 244 -1.33 -85.67 -70.80
CA LEU K 244 -0.41 -84.57 -70.49
C LEU K 244 0.27 -84.80 -69.15
N SER K 245 -0.51 -85.19 -68.14
CA SER K 245 0.01 -85.41 -66.80
C SER K 245 0.88 -86.66 -66.74
N SER K 246 0.45 -87.71 -67.44
CA SER K 246 1.18 -88.97 -67.45
C SER K 246 2.48 -88.89 -68.22
N GLN K 247 2.63 -87.95 -69.16
CA GLN K 247 3.92 -87.77 -69.82
C GLN K 247 4.79 -86.67 -69.22
N GLU K 248 4.23 -85.65 -68.55
CA GLU K 248 5.08 -84.61 -68.00
C GLU K 248 5.33 -84.74 -66.50
N ALA K 249 4.46 -85.40 -65.73
CA ALA K 249 4.62 -85.46 -64.29
C ALA K 249 5.92 -86.15 -63.89
N ALA K 250 6.41 -87.07 -64.71
CA ALA K 250 7.64 -87.79 -64.41
C ALA K 250 8.83 -86.84 -64.28
N SER K 251 8.74 -85.65 -64.87
CA SER K 251 9.82 -84.67 -64.81
C SER K 251 9.78 -83.83 -63.55
N SER K 252 8.75 -83.94 -62.73
CA SER K 252 8.68 -83.11 -61.53
C SER K 252 9.27 -83.87 -60.34
N PHE K 253 8.52 -84.84 -59.82
CA PHE K 253 8.96 -85.59 -58.65
C PHE K 253 9.19 -87.07 -58.97
N GLY K 254 9.29 -87.44 -60.24
CA GLY K 254 9.58 -88.79 -60.65
C GLY K 254 8.43 -89.77 -60.58
N ASP K 255 7.19 -89.29 -60.68
CA ASP K 255 6.02 -90.15 -60.55
C ASP K 255 4.94 -89.69 -61.52
N ASP K 256 4.44 -90.62 -62.32
CA ASP K 256 3.52 -90.27 -63.41
C ASP K 256 2.29 -91.17 -63.34
N ARG K 257 2.02 -91.71 -62.15
CA ARG K 257 0.80 -92.49 -61.92
C ARG K 257 -0.33 -91.55 -61.57
N LEU K 258 -1.41 -91.60 -62.36
CA LEU K 258 -2.57 -90.73 -62.17
C LEU K 258 -3.77 -91.52 -61.65
N LEU K 259 -4.55 -90.89 -60.77
CA LEU K 259 -5.82 -91.40 -60.30
C LEU K 259 -6.95 -90.49 -60.77
N ILE K 260 -8.16 -91.03 -60.86
CA ILE K 260 -9.31 -90.18 -61.11
C ILE K 260 -10.33 -90.40 -59.99
N GLU K 261 -11.02 -89.32 -59.64
CA GLU K 261 -12.07 -89.21 -58.64
C GLU K 261 -13.09 -88.21 -59.18
N LYS K 262 -14.14 -87.94 -58.42
CA LYS K 262 -15.22 -87.07 -58.89
C LYS K 262 -15.30 -85.78 -58.05
N PHE K 263 -15.66 -84.65 -58.65
CA PHE K 263 -15.60 -83.38 -57.92
C PHE K 263 -16.94 -82.69 -58.06
N ILE K 264 -17.05 -81.52 -57.43
CA ILE K 264 -18.20 -80.64 -57.52
C ILE K 264 -17.75 -79.24 -57.88
N ASP K 265 -18.67 -78.48 -58.48
CA ASP K 265 -18.48 -77.07 -58.82
C ASP K 265 -18.90 -76.21 -57.63
N ASN K 266 -18.82 -74.86 -57.78
CA ASN K 266 -19.05 -73.83 -56.78
C ASN K 266 -19.63 -74.35 -55.48
N PRO K 267 -18.79 -74.87 -54.60
CA PRO K 267 -19.30 -75.55 -53.40
C PRO K 267 -19.83 -74.56 -52.38
N ARG K 268 -20.79 -75.01 -51.59
CA ARG K 268 -21.19 -74.32 -50.38
C ARG K 268 -20.96 -75.21 -49.18
N HIS K 269 -20.48 -74.62 -48.09
CA HIS K 269 -20.15 -75.35 -46.88
C HIS K 269 -21.34 -75.28 -45.93
N ILE K 270 -21.93 -76.42 -45.61
CA ILE K 270 -23.17 -76.44 -44.81
C ILE K 270 -22.99 -77.40 -43.66
N GLU K 271 -23.31 -76.94 -42.46
CA GLU K 271 -23.17 -77.74 -41.27
C GLU K 271 -24.53 -78.16 -40.78
N ILE K 272 -24.59 -79.35 -40.18
CA ILE K 272 -25.76 -79.78 -39.42
C ILE K 272 -25.28 -80.20 -38.05
N GLN K 273 -25.92 -79.67 -37.01
CA GLN K 273 -25.55 -79.98 -35.65
C GLN K 273 -26.38 -81.14 -35.11
N VAL K 274 -25.74 -82.01 -34.34
CA VAL K 274 -26.41 -83.16 -33.74
C VAL K 274 -26.16 -83.18 -32.24
N LEU K 275 -27.22 -83.45 -31.50
CA LEU K 275 -27.19 -83.58 -30.05
C LEU K 275 -27.37 -85.06 -29.73
N GLY K 276 -26.32 -85.69 -29.22
CA GLY K 276 -26.37 -87.10 -28.86
C GLY K 276 -26.90 -87.30 -27.46
N ASP K 277 -27.47 -88.48 -27.22
CA ASP K 277 -27.95 -88.89 -25.91
C ASP K 277 -27.21 -90.13 -25.44
N LYS K 278 -26.89 -90.16 -24.15
CA LYS K 278 -26.27 -91.33 -23.55
C LYS K 278 -27.16 -92.57 -23.63
N HIS K 279 -28.46 -92.41 -23.86
CA HIS K 279 -29.38 -93.53 -23.92
C HIS K 279 -29.56 -94.06 -25.33
N GLY K 280 -28.85 -93.51 -26.30
CA GLY K 280 -28.94 -93.97 -27.68
C GLY K 280 -29.71 -93.06 -28.59
N ASN K 281 -30.40 -92.06 -28.05
CA ASN K 281 -31.12 -91.11 -28.89
C ASN K 281 -30.16 -90.07 -29.46
N ALA K 282 -30.61 -89.42 -30.53
CA ALA K 282 -29.86 -88.31 -31.12
C ALA K 282 -30.81 -87.49 -31.97
N LEU K 283 -30.75 -86.17 -31.84
CA LEU K 283 -31.56 -85.28 -32.67
C LEU K 283 -30.65 -84.39 -33.49
N TRP K 284 -31.17 -83.92 -34.62
CA TRP K 284 -30.44 -83.02 -35.49
C TRP K 284 -31.13 -81.66 -35.46
N LEU K 285 -30.34 -80.61 -35.51
CA LEU K 285 -30.84 -79.25 -35.44
C LEU K 285 -30.77 -78.63 -36.83
N ASN K 286 -31.33 -77.44 -36.96
CA ASN K 286 -31.25 -76.73 -38.23
C ASN K 286 -29.81 -76.53 -38.65
N GLU K 287 -29.58 -76.48 -39.95
CA GLU K 287 -28.25 -76.37 -40.50
C GLU K 287 -27.64 -74.98 -40.28
N ARG K 288 -26.41 -74.82 -40.76
CA ARG K 288 -25.72 -73.53 -40.83
C ARG K 288 -25.02 -73.41 -42.17
N GLU K 289 -25.15 -72.25 -42.79
CA GLU K 289 -24.40 -71.91 -43.99
C GLU K 289 -23.16 -71.15 -43.58
N CYS K 290 -21.99 -71.69 -43.89
CA CYS K 290 -20.72 -71.15 -43.42
C CYS K 290 -19.76 -70.95 -44.57
N SER K 291 -20.14 -70.12 -45.54
CA SER K 291 -19.32 -70.02 -46.75
C SER K 291 -18.41 -68.81 -46.75
N ILE K 292 -18.69 -67.78 -45.96
CA ILE K 292 -17.87 -66.58 -45.96
C ILE K 292 -16.70 -66.80 -45.00
N GLN K 293 -15.49 -66.85 -45.55
CA GLN K 293 -14.35 -67.25 -44.74
C GLN K 293 -13.09 -66.63 -45.31
N ARG K 294 -12.06 -66.49 -44.47
CA ARG K 294 -10.73 -66.20 -44.98
C ARG K 294 -9.70 -66.94 -44.14
N ARG K 295 -8.63 -67.37 -44.82
CA ARG K 295 -7.50 -68.16 -44.30
C ARG K 295 -7.94 -69.44 -43.59
N ASN K 296 -8.97 -70.06 -44.19
CA ASN K 296 -9.68 -71.27 -43.75
C ASN K 296 -10.31 -71.12 -42.36
N GLN K 297 -10.78 -69.91 -42.08
CA GLN K 297 -11.50 -69.66 -40.84
C GLN K 297 -12.75 -68.86 -41.13
N LYS K 298 -13.86 -69.28 -40.55
CA LYS K 298 -15.13 -68.66 -40.88
C LYS K 298 -15.25 -67.30 -40.20
N VAL K 299 -15.97 -66.39 -40.85
CA VAL K 299 -16.22 -65.09 -40.24
C VAL K 299 -17.71 -64.77 -40.18
N VAL K 300 -18.49 -65.22 -41.15
CA VAL K 300 -19.92 -64.97 -41.16
C VAL K 300 -20.66 -66.26 -41.48
N GLU K 301 -21.69 -66.53 -40.70
CA GLU K 301 -22.52 -67.71 -40.84
C GLU K 301 -23.98 -67.32 -40.77
N GLU K 302 -24.81 -68.14 -41.40
CA GLU K 302 -26.26 -67.96 -41.43
C GLU K 302 -26.82 -69.32 -41.04
N ALA K 303 -27.87 -69.34 -40.22
CA ALA K 303 -28.43 -70.63 -39.80
C ALA K 303 -29.39 -71.28 -40.77
N PRO K 304 -30.45 -70.57 -41.11
CA PRO K 304 -31.48 -71.08 -42.03
C PRO K 304 -31.00 -70.96 -43.47
N SER K 305 -29.88 -71.61 -43.75
CA SER K 305 -29.27 -71.57 -45.07
C SER K 305 -29.98 -70.76 -46.17
N ILE K 306 -30.50 -71.47 -47.17
CA ILE K 306 -31.25 -70.97 -48.33
C ILE K 306 -31.19 -72.04 -49.40
N PHE K 307 -30.27 -72.97 -49.24
CA PHE K 307 -29.98 -73.97 -50.26
C PHE K 307 -30.71 -75.25 -49.93
N LEU K 308 -31.62 -75.16 -48.95
CA LEU K 308 -32.38 -76.32 -48.52
C LEU K 308 -33.88 -76.05 -48.42
N ASP K 309 -34.68 -76.99 -48.90
CA ASP K 309 -36.11 -76.99 -48.67
C ASP K 309 -36.40 -77.97 -47.54
N ALA K 310 -37.68 -78.16 -47.21
CA ALA K 310 -38.01 -78.99 -46.05
C ALA K 310 -37.54 -80.42 -46.21
N GLU K 311 -37.65 -80.98 -47.41
CA GLU K 311 -37.26 -82.38 -47.62
C GLU K 311 -35.75 -82.57 -47.55
N THR K 312 -34.99 -81.64 -48.13
CA THR K 312 -33.53 -81.76 -48.07
C THR K 312 -33.03 -81.69 -46.64
N ARG K 313 -33.61 -80.81 -45.82
CA ARG K 313 -33.22 -80.70 -44.42
C ARG K 313 -33.43 -82.01 -43.69
N ARG K 314 -34.58 -82.66 -43.91
CA ARG K 314 -34.83 -83.94 -43.27
C ARG K 314 -33.89 -85.01 -43.77
N ALA K 315 -33.66 -85.05 -45.08
CA ALA K 315 -32.80 -86.07 -45.67
C ALA K 315 -31.39 -85.99 -45.13
N MET K 316 -30.85 -84.78 -45.04
CA MET K 316 -29.49 -84.61 -44.55
C MET K 316 -29.40 -84.70 -43.04
N GLY K 317 -30.44 -84.24 -42.34
CA GLY K 317 -30.46 -84.38 -40.90
C GLY K 317 -30.42 -85.83 -40.44
N GLU K 318 -31.19 -86.68 -41.12
CA GLU K 318 -31.18 -88.11 -40.81
C GLU K 318 -29.82 -88.74 -41.06
N GLN K 319 -29.13 -88.35 -42.13
CA GLN K 319 -27.78 -88.86 -42.34
C GLN K 319 -26.78 -88.39 -41.28
N ALA K 320 -26.87 -87.14 -40.84
CA ALA K 320 -26.01 -86.68 -39.76
C ALA K 320 -26.28 -87.47 -38.49
N VAL K 321 -27.55 -87.81 -38.23
CA VAL K 321 -27.86 -88.65 -37.07
C VAL K 321 -27.30 -90.06 -37.26
N ALA K 322 -27.43 -90.62 -38.46
CA ALA K 322 -26.91 -91.95 -38.77
C ALA K 322 -25.42 -92.04 -38.48
N LEU K 323 -24.67 -90.98 -38.71
CA LEU K 323 -23.29 -91.01 -38.30
C LEU K 323 -23.16 -91.04 -36.78
N ALA K 324 -23.87 -90.16 -36.08
CA ALA K 324 -23.74 -90.09 -34.63
C ALA K 324 -24.17 -91.37 -33.91
N ARG K 325 -25.21 -92.05 -34.39
CA ARG K 325 -25.71 -93.25 -33.73
C ARG K 325 -24.89 -94.49 -34.02
N ALA K 326 -23.89 -94.41 -34.89
CA ALA K 326 -23.10 -95.57 -35.27
C ALA K 326 -21.72 -95.55 -34.62
N VAL K 327 -21.42 -94.53 -33.82
CA VAL K 327 -20.15 -94.46 -33.09
C VAL K 327 -20.54 -94.18 -31.64
N LYS K 328 -21.86 -94.06 -31.47
CA LYS K 328 -22.48 -93.72 -30.21
C LYS K 328 -21.97 -92.40 -29.68
N TYR K 329 -22.08 -91.37 -30.52
CA TYR K 329 -21.62 -90.04 -30.18
C TYR K 329 -22.59 -89.31 -29.24
N SER K 330 -22.52 -89.66 -27.96
CA SER K 330 -23.42 -89.18 -26.93
C SER K 330 -22.79 -87.92 -26.38
N SER K 331 -22.71 -86.90 -27.25
CA SER K 331 -22.17 -85.57 -27.04
C SER K 331 -22.76 -84.67 -28.11
N ALA K 332 -22.47 -83.37 -28.04
CA ALA K 332 -22.90 -82.47 -29.09
C ALA K 332 -21.76 -82.25 -30.08
N GLY K 333 -22.11 -82.22 -31.37
CA GLY K 333 -21.10 -82.07 -32.40
C GLY K 333 -21.72 -81.64 -33.71
N THR K 334 -20.89 -81.60 -34.73
CA THR K 334 -21.29 -81.07 -36.02
C THR K 334 -20.84 -81.97 -37.14
N VAL K 335 -21.70 -82.10 -38.15
CA VAL K 335 -21.37 -82.83 -39.36
C VAL K 335 -21.33 -81.84 -40.51
N GLU K 336 -20.23 -81.89 -41.27
CA GLU K 336 -20.05 -80.97 -42.39
C GLU K 336 -20.30 -81.61 -43.75
N PHE K 337 -21.14 -80.94 -44.53
CA PHE K 337 -21.48 -81.38 -45.87
C PHE K 337 -21.03 -80.31 -46.85
N LEU K 338 -20.74 -80.73 -48.09
CA LEU K 338 -20.56 -79.85 -49.22
C LEU K 338 -21.71 -80.11 -50.19
N VAL K 339 -22.28 -79.05 -50.73
CA VAL K 339 -23.35 -79.14 -51.72
C VAL K 339 -22.87 -78.45 -52.99
N ASP K 340 -23.16 -79.06 -54.13
CA ASP K 340 -22.82 -78.51 -55.43
C ASP K 340 -23.96 -77.63 -55.92
N SER K 341 -23.81 -77.14 -57.16
CA SER K 341 -24.79 -76.20 -57.71
C SER K 341 -26.12 -76.89 -57.98
N LYS K 342 -26.14 -78.23 -57.96
CA LYS K 342 -27.34 -78.98 -58.31
C LYS K 342 -28.03 -79.55 -57.08
N LYS K 343 -27.61 -79.08 -55.91
CA LYS K 343 -28.18 -79.56 -54.65
C LYS K 343 -27.83 -81.03 -54.35
N ASN K 344 -26.69 -81.50 -54.84
CA ASN K 344 -26.17 -82.80 -54.43
C ASN K 344 -25.24 -82.58 -53.24
N PHE K 345 -25.55 -83.29 -52.17
CA PHE K 345 -24.87 -83.17 -50.89
C PHE K 345 -23.91 -84.32 -50.69
N TYR K 346 -22.67 -84.00 -50.31
CA TYR K 346 -21.61 -84.98 -50.10
C TYR K 346 -21.05 -84.82 -48.69
N PHE K 347 -20.72 -85.94 -48.05
CA PHE K 347 -20.13 -85.93 -46.72
C PHE K 347 -18.73 -85.33 -46.77
N LEU K 348 -18.42 -84.47 -45.80
CA LEU K 348 -17.05 -83.98 -45.69
C LEU K 348 -16.34 -84.44 -44.42
N GLU K 349 -16.91 -84.12 -43.26
CA GLU K 349 -16.25 -84.53 -42.02
C GLU K 349 -17.15 -84.40 -40.81
N MET K 350 -16.85 -85.19 -39.80
CA MET K 350 -17.60 -85.18 -38.55
C MET K 350 -16.71 -84.59 -37.48
N ASN K 351 -17.24 -83.55 -36.82
CA ASN K 351 -16.58 -82.81 -35.72
C ASN K 351 -17.12 -83.14 -34.33
N THR K 352 -16.22 -83.30 -33.37
CA THR K 352 -16.62 -83.62 -32.01
C THR K 352 -16.23 -82.55 -31.01
N ARG K 353 -17.06 -81.51 -30.92
CA ARG K 353 -16.80 -80.44 -29.99
C ARG K 353 -17.77 -79.30 -30.26
N LEU K 354 -18.10 -78.55 -29.22
CA LEU K 354 -19.01 -77.43 -29.39
C LEU K 354 -18.33 -76.51 -30.39
N GLN K 355 -19.03 -76.18 -31.45
CA GLN K 355 -18.45 -75.33 -32.46
C GLN K 355 -18.51 -73.86 -32.10
N VAL K 356 -17.73 -73.07 -32.80
CA VAL K 356 -17.71 -71.64 -32.56
C VAL K 356 -18.93 -71.08 -33.25
N GLU K 357 -19.63 -71.94 -34.00
CA GLU K 357 -20.83 -71.53 -34.71
C GLU K 357 -22.08 -72.13 -34.09
N HIS K 358 -22.12 -72.10 -32.77
CA HIS K 358 -23.25 -72.63 -32.05
C HIS K 358 -24.11 -71.54 -31.42
N PRO K 359 -23.80 -70.26 -31.64
CA PRO K 359 -24.67 -69.27 -31.02
C PRO K 359 -25.67 -68.69 -32.02
N VAL K 360 -25.62 -69.17 -33.26
CA VAL K 360 -26.51 -68.69 -34.31
C VAL K 360 -27.68 -69.64 -34.52
N THR K 361 -27.45 -70.95 -34.31
CA THR K 361 -28.55 -71.91 -34.39
C THR K 361 -29.52 -71.73 -33.25
N GLU K 362 -29.00 -71.43 -32.05
CA GLU K 362 -29.83 -71.25 -30.87
C GLU K 362 -30.91 -70.19 -31.05
N CYS K 363 -30.65 -69.15 -31.84
CA CYS K 363 -31.63 -68.11 -32.02
C CYS K 363 -32.79 -68.53 -32.89
N ILE K 364 -32.72 -69.66 -33.58
CA ILE K 364 -33.90 -70.07 -34.35
C ILE K 364 -34.47 -71.39 -33.84
N THR K 365 -33.71 -72.12 -33.03
CA THR K 365 -34.24 -73.33 -32.44
C THR K 365 -34.79 -73.10 -31.05
N GLY K 366 -34.35 -72.04 -30.37
CA GLY K 366 -34.82 -71.77 -29.03
C GLY K 366 -34.21 -72.64 -27.95
N LEU K 367 -33.03 -73.17 -28.18
CA LEU K 367 -32.39 -74.07 -27.25
C LEU K 367 -31.23 -73.37 -26.54
N ASP K 368 -30.69 -74.04 -25.53
CA ASP K 368 -29.51 -73.57 -24.82
C ASP K 368 -28.53 -74.73 -24.81
N LEU K 369 -27.51 -74.66 -25.67
CA LEU K 369 -26.65 -75.81 -25.87
C LEU K 369 -25.82 -76.16 -24.64
N VAL K 370 -25.34 -75.17 -23.88
CA VAL K 370 -24.53 -75.48 -22.71
C VAL K 370 -25.37 -76.13 -21.63
N GLN K 371 -26.60 -75.63 -21.41
CA GLN K 371 -27.50 -76.23 -20.44
C GLN K 371 -27.79 -77.68 -20.77
N GLU K 372 -27.96 -77.97 -22.06
CA GLU K 372 -28.28 -79.33 -22.49
C GLU K 372 -27.09 -80.25 -22.33
N MET K 373 -25.89 -79.77 -22.70
CA MET K 373 -24.69 -80.59 -22.56
C MET K 373 -24.43 -80.94 -21.10
N ILE K 374 -24.65 -79.99 -20.18
CA ILE K 374 -24.47 -80.32 -18.78
C ILE K 374 -25.47 -81.37 -18.31
N ARG K 375 -26.75 -81.26 -18.66
CA ARG K 375 -27.66 -82.31 -18.21
C ARG K 375 -27.34 -83.68 -18.81
N VAL K 376 -26.94 -83.73 -20.08
CA VAL K 376 -26.60 -85.01 -20.70
C VAL K 376 -25.40 -85.62 -20.00
N ALA K 377 -24.38 -84.80 -19.72
CA ALA K 377 -23.23 -85.28 -18.96
C ALA K 377 -23.61 -85.79 -17.58
N LYS K 378 -24.59 -85.17 -16.92
CA LYS K 378 -25.04 -85.69 -15.63
C LYS K 378 -25.69 -87.05 -15.80
N GLY K 379 -26.37 -87.26 -16.93
CA GLY K 379 -26.99 -88.54 -17.21
C GLY K 379 -28.47 -88.45 -17.54
N TYR K 380 -28.98 -87.26 -17.83
CA TYR K 380 -30.39 -87.12 -18.19
C TYR K 380 -30.56 -87.36 -19.69
N PRO K 381 -31.73 -87.88 -20.11
CA PRO K 381 -32.01 -87.96 -21.54
C PRO K 381 -32.29 -86.59 -22.13
N LEU K 382 -32.30 -86.53 -23.46
CA LEU K 382 -32.66 -85.31 -24.17
C LEU K 382 -34.08 -84.89 -23.80
N ARG K 383 -34.27 -83.59 -23.57
CA ARG K 383 -35.57 -83.06 -23.17
C ARG K 383 -36.51 -82.79 -24.33
N HIS K 384 -36.10 -83.02 -25.57
CA HIS K 384 -36.90 -82.68 -26.74
C HIS K 384 -36.99 -83.88 -27.65
N LYS K 385 -37.97 -83.82 -28.55
CA LYS K 385 -38.11 -84.78 -29.63
C LYS K 385 -38.00 -84.04 -30.96
N GLN K 386 -37.72 -84.77 -32.03
CA GLN K 386 -37.43 -84.11 -33.30
C GLN K 386 -38.59 -83.28 -33.82
N ALA K 387 -39.83 -83.65 -33.51
CA ALA K 387 -40.97 -82.91 -34.03
C ALA K 387 -41.05 -81.48 -33.47
N ASP K 388 -40.34 -81.20 -32.39
CA ASP K 388 -40.39 -79.90 -31.73
C ASP K 388 -39.27 -78.97 -32.17
N ILE K 389 -38.44 -79.39 -33.13
CA ILE K 389 -37.31 -78.61 -33.59
C ILE K 389 -37.69 -77.97 -34.91
N ARG K 390 -37.71 -76.64 -34.94
CA ARG K 390 -38.18 -75.91 -36.10
C ARG K 390 -37.39 -74.63 -36.24
N ILE K 391 -37.62 -73.92 -37.33
CA ILE K 391 -36.97 -72.65 -37.62
C ILE K 391 -37.92 -71.55 -37.17
N ASN K 392 -37.63 -70.91 -36.05
CA ASN K 392 -38.41 -69.76 -35.61
C ASN K 392 -37.76 -68.45 -36.05
N GLY K 393 -37.77 -68.16 -37.34
CA GLY K 393 -37.08 -66.96 -37.78
C GLY K 393 -35.70 -67.17 -38.37
N TRP K 394 -34.97 -66.09 -38.53
CA TRP K 394 -33.67 -66.14 -39.16
C TRP K 394 -32.60 -65.50 -38.28
N ALA K 395 -31.38 -66.04 -38.32
CA ALA K 395 -30.30 -65.51 -37.51
C ALA K 395 -29.00 -65.54 -38.29
N VAL K 396 -28.22 -64.47 -38.19
CA VAL K 396 -26.95 -64.34 -38.87
C VAL K 396 -25.92 -63.91 -37.84
N GLU K 397 -24.70 -64.42 -37.96
CA GLU K 397 -23.64 -64.13 -37.00
C GLU K 397 -22.39 -63.66 -37.71
N CYS K 398 -21.73 -62.67 -37.10
CA CYS K 398 -20.48 -62.12 -37.61
C CYS K 398 -19.43 -62.15 -36.51
N ARG K 399 -18.24 -62.62 -36.86
CA ARG K 399 -17.13 -62.68 -35.92
C ARG K 399 -16.28 -61.43 -36.08
N VAL K 400 -16.03 -60.75 -34.97
CA VAL K 400 -15.22 -59.53 -35.01
C VAL K 400 -13.87 -59.84 -34.39
N TYR K 401 -12.81 -59.61 -35.16
CA TYR K 401 -11.43 -59.87 -34.82
C TYR K 401 -10.67 -58.57 -34.72
N ALA K 402 -9.62 -58.57 -33.91
CA ALA K 402 -8.69 -57.45 -33.86
C ALA K 402 -7.63 -57.56 -34.95
N GLU K 403 -8.08 -57.37 -36.19
CA GLU K 403 -7.26 -57.63 -37.37
C GLU K 403 -7.45 -56.52 -38.38
N ASP K 404 -6.41 -56.28 -39.17
CA ASP K 404 -6.47 -55.31 -40.25
C ASP K 404 -6.97 -56.03 -41.50
N PRO K 405 -8.19 -55.76 -41.98
CA PRO K 405 -8.69 -56.45 -43.16
C PRO K 405 -7.99 -56.10 -44.45
N TYR K 406 -7.19 -55.03 -44.48
CA TYR K 406 -6.54 -54.64 -45.71
C TYR K 406 -5.30 -55.47 -45.99
N LYS K 407 -4.63 -55.94 -44.94
CA LYS K 407 -3.33 -56.58 -45.06
C LYS K 407 -3.54 -58.08 -45.27
N SER K 408 -3.87 -58.43 -46.51
CA SER K 408 -4.14 -59.80 -46.95
C SER K 408 -5.27 -60.46 -46.14
N PHE K 409 -6.34 -59.69 -45.91
CA PHE K 409 -7.57 -60.15 -45.24
C PHE K 409 -7.28 -60.68 -43.83
N GLY K 410 -6.99 -59.74 -42.93
CA GLY K 410 -6.95 -60.08 -41.53
C GLY K 410 -5.59 -60.31 -40.90
N LEU K 411 -4.75 -59.27 -40.89
CA LEU K 411 -3.46 -59.38 -40.22
C LEU K 411 -3.59 -58.92 -38.76
N PRO K 412 -3.23 -59.76 -37.79
CA PRO K 412 -3.44 -59.42 -36.38
C PRO K 412 -2.81 -58.10 -35.95
N SER K 413 -3.56 -57.35 -35.17
CA SER K 413 -3.10 -56.13 -34.53
C SER K 413 -2.86 -56.39 -33.05
N ILE K 414 -2.07 -55.52 -32.43
CA ILE K 414 -1.75 -55.65 -31.01
C ILE K 414 -2.12 -54.33 -30.33
N GLY K 415 -2.81 -54.44 -29.21
CA GLY K 415 -3.19 -53.25 -28.50
C GLY K 415 -4.15 -53.40 -27.36
N ARG K 416 -4.43 -52.22 -26.80
CA ARG K 416 -5.31 -52.05 -25.65
C ARG K 416 -6.54 -51.26 -26.06
N LEU K 417 -7.66 -51.66 -25.46
CA LEU K 417 -8.93 -51.04 -25.62
C LEU K 417 -9.35 -50.02 -24.63
N SER K 418 -9.42 -48.84 -25.26
CA SER K 418 -9.81 -47.53 -24.75
C SER K 418 -11.23 -47.14 -24.85
N GLN K 419 -11.96 -47.62 -25.84
CA GLN K 419 -13.40 -47.41 -25.78
C GLN K 419 -14.09 -48.65 -26.29
N TYR K 420 -15.17 -49.03 -25.64
CA TYR K 420 -15.85 -50.26 -26.01
C TYR K 420 -17.30 -50.16 -25.59
N GLN K 421 -18.20 -50.34 -26.54
CA GLN K 421 -19.63 -50.21 -26.26
C GLN K 421 -20.37 -51.13 -27.21
N GLU K 422 -21.08 -52.08 -26.66
CA GLU K 422 -21.80 -53.09 -27.42
C GLU K 422 -23.18 -52.61 -27.80
N PRO K 423 -23.65 -52.90 -29.00
CA PRO K 423 -24.99 -52.42 -29.40
C PRO K 423 -26.15 -53.21 -28.80
N LEU K 424 -26.33 -53.14 -27.48
CA LEU K 424 -27.34 -53.93 -26.82
C LEU K 424 -28.66 -53.20 -26.67
N HIS K 425 -28.77 -51.96 -27.13
CA HIS K 425 -30.02 -51.25 -27.08
C HIS K 425 -30.88 -51.48 -28.31
N LEU K 426 -30.36 -52.16 -29.32
CA LEU K 426 -31.07 -52.34 -30.57
C LEU K 426 -31.88 -53.63 -30.50
N PRO K 427 -33.02 -53.69 -31.18
CA PRO K 427 -33.82 -54.93 -31.18
C PRO K 427 -33.15 -56.06 -31.95
N GLY K 428 -33.30 -57.27 -31.42
CA GLY K 428 -32.85 -58.49 -32.09
C GLY K 428 -31.36 -58.71 -32.10
N VAL K 429 -30.62 -58.09 -31.19
CA VAL K 429 -29.17 -58.11 -31.19
C VAL K 429 -28.70 -58.77 -29.90
N ARG K 430 -27.76 -59.72 -30.04
CA ARG K 430 -27.15 -60.45 -28.92
C ARG K 430 -25.64 -60.44 -29.14
N VAL K 431 -24.88 -59.90 -28.18
CA VAL K 431 -23.43 -59.79 -28.31
C VAL K 431 -22.81 -60.72 -27.30
N ASP K 432 -21.97 -61.64 -27.75
CA ASP K 432 -21.32 -62.58 -26.86
C ASP K 432 -19.84 -62.27 -26.86
N SER K 433 -19.38 -61.63 -25.80
CA SER K 433 -18.02 -61.10 -25.75
C SER K 433 -17.33 -61.57 -24.48
N GLY K 434 -16.02 -61.78 -24.58
CA GLY K 434 -15.22 -62.10 -23.44
C GLY K 434 -14.35 -60.97 -22.95
N ILE K 435 -14.56 -59.73 -23.43
CA ILE K 435 -13.69 -58.63 -23.07
C ILE K 435 -14.51 -57.52 -22.43
N GLN K 436 -13.80 -56.63 -21.77
CA GLN K 436 -14.35 -55.47 -21.10
C GLN K 436 -13.39 -54.32 -21.38
N PRO K 437 -13.80 -53.06 -21.24
CA PRO K 437 -12.84 -51.98 -21.45
C PRO K 437 -11.61 -52.17 -20.58
N GLY K 438 -10.45 -51.92 -21.15
CA GLY K 438 -9.25 -52.00 -20.37
C GLY K 438 -8.71 -53.39 -20.47
N SER K 439 -9.09 -54.03 -21.56
CA SER K 439 -8.58 -55.34 -21.89
C SER K 439 -7.55 -55.15 -22.94
N ASP K 440 -6.58 -56.03 -22.89
CA ASP K 440 -5.50 -56.08 -23.85
C ASP K 440 -5.74 -57.28 -24.75
N ILE K 441 -5.33 -57.14 -26.00
CA ILE K 441 -5.32 -58.23 -26.95
C ILE K 441 -3.90 -58.49 -27.42
N SER K 442 -3.43 -59.72 -27.31
CA SER K 442 -2.02 -59.98 -27.62
C SER K 442 -1.72 -61.16 -28.50
N ILE K 443 -0.45 -61.27 -28.83
CA ILE K 443 -0.04 -62.26 -29.82
C ILE K 443 -0.22 -63.70 -29.35
N TYR K 444 -0.49 -63.92 -28.07
CA TYR K 444 -0.55 -65.28 -27.55
C TYR K 444 -1.85 -65.99 -27.86
N TYR K 445 -2.90 -65.27 -28.23
CA TYR K 445 -4.22 -65.83 -28.37
C TYR K 445 -4.81 -65.36 -29.69
N ASP K 446 -5.71 -66.16 -30.24
CA ASP K 446 -6.46 -65.72 -31.41
C ASP K 446 -7.11 -64.36 -31.11
N PRO K 447 -6.82 -63.36 -31.89
CA PRO K 447 -7.36 -62.03 -31.61
C PRO K 447 -8.86 -61.87 -31.71
N MET K 448 -9.67 -62.65 -31.00
CA MET K 448 -11.12 -62.45 -31.04
C MET K 448 -11.54 -61.29 -30.15
N ILE K 449 -12.46 -60.47 -30.68
CA ILE K 449 -13.07 -59.40 -29.91
C ILE K 449 -14.46 -59.80 -29.45
N SER K 450 -15.31 -60.22 -30.38
CA SER K 450 -16.67 -60.61 -29.99
C SER K 450 -17.30 -61.38 -31.13
N LYS K 451 -18.44 -61.99 -30.84
CA LYS K 451 -19.33 -62.52 -31.87
C LYS K 451 -20.65 -61.80 -31.78
N LEU K 452 -21.05 -61.19 -32.88
CA LEU K 452 -22.24 -60.37 -32.96
C LEU K 452 -23.32 -61.21 -33.63
N ILE K 453 -24.45 -61.41 -32.93
CA ILE K 453 -25.53 -62.26 -33.40
C ILE K 453 -26.76 -61.40 -33.56
N THR K 454 -27.39 -61.47 -34.72
CA THR K 454 -28.62 -60.73 -34.99
C THR K 454 -29.66 -61.69 -35.52
N TYR K 455 -30.90 -61.56 -35.05
CA TYR K 455 -31.99 -62.40 -35.52
C TYR K 455 -33.22 -61.55 -35.82
N GLY K 456 -34.08 -62.10 -36.66
CA GLY K 456 -35.30 -61.43 -37.04
C GLY K 456 -36.29 -62.43 -37.61
N SER K 457 -37.43 -61.92 -38.07
CA SER K 457 -38.50 -62.80 -38.51
C SER K 457 -38.29 -63.26 -39.94
N ASP K 458 -37.46 -62.56 -40.69
CA ASP K 458 -37.25 -62.82 -42.09
C ASP K 458 -35.80 -62.55 -42.44
N ARG K 459 -35.42 -62.83 -43.67
CA ARG K 459 -34.03 -62.62 -44.08
C ARG K 459 -33.63 -61.15 -44.18
N THR K 460 -34.56 -60.29 -44.58
CA THR K 460 -34.21 -58.88 -44.71
C THR K 460 -34.16 -58.19 -43.36
N GLU K 461 -34.99 -58.62 -42.41
CA GLU K 461 -34.99 -57.98 -41.10
C GLU K 461 -33.72 -58.29 -40.33
N ALA K 462 -33.29 -59.56 -40.34
CA ALA K 462 -32.05 -59.94 -39.68
C ALA K 462 -30.85 -59.25 -40.29
N LEU K 463 -30.81 -59.10 -41.62
CA LEU K 463 -29.67 -58.43 -42.24
C LEU K 463 -29.66 -56.93 -41.97
N LYS K 464 -30.82 -56.28 -42.00
CA LYS K 464 -30.89 -54.86 -41.71
C LYS K 464 -30.49 -54.58 -40.26
N ARG K 465 -30.98 -55.41 -39.33
CA ARG K 465 -30.61 -55.25 -37.94
C ARG K 465 -29.13 -55.47 -37.71
N MET K 466 -28.52 -56.41 -38.44
CA MET K 466 -27.08 -56.60 -38.36
C MET K 466 -26.32 -55.38 -38.84
N ALA K 467 -26.77 -54.79 -39.95
CA ALA K 467 -26.13 -53.58 -40.45
C ALA K 467 -26.17 -52.48 -39.41
N ASP K 468 -27.31 -52.33 -38.74
CA ASP K 468 -27.43 -51.31 -37.71
C ASP K 468 -26.53 -51.61 -36.51
N ALA K 469 -26.45 -52.87 -36.09
CA ALA K 469 -25.62 -53.20 -34.94
C ALA K 469 -24.16 -52.90 -35.21
N LEU K 470 -23.71 -53.16 -36.43
CA LEU K 470 -22.30 -52.93 -36.74
C LEU K 470 -21.95 -51.45 -36.71
N ASP K 471 -22.88 -50.58 -37.10
CA ASP K 471 -22.55 -49.15 -37.09
C ASP K 471 -22.63 -48.55 -35.69
N ASN K 472 -23.37 -49.19 -34.80
CA ASN K 472 -23.48 -48.75 -33.40
C ASN K 472 -22.54 -49.52 -32.49
N TYR K 473 -21.55 -50.21 -33.05
CA TYR K 473 -20.67 -51.05 -32.26
C TYR K 473 -19.31 -50.37 -32.17
N VAL K 474 -18.96 -49.91 -30.98
CA VAL K 474 -17.79 -49.06 -30.78
C VAL K 474 -16.62 -49.92 -30.35
N ILE K 475 -15.59 -49.99 -31.18
CA ILE K 475 -14.32 -50.63 -30.86
C ILE K 475 -13.23 -49.63 -31.20
N ARG K 476 -12.45 -49.21 -30.19
CA ARG K 476 -11.36 -48.27 -30.41
C ARG K 476 -10.20 -48.65 -29.52
N GLY K 477 -9.00 -48.60 -30.08
CA GLY K 477 -7.79 -48.98 -29.38
C GLY K 477 -7.03 -50.02 -30.15
N VAL K 478 -7.74 -50.77 -30.98
CA VAL K 478 -7.15 -51.77 -31.86
C VAL K 478 -7.74 -51.59 -33.25
N THR K 479 -7.14 -52.26 -34.24
CA THR K 479 -7.69 -52.34 -35.58
C THR K 479 -8.64 -53.53 -35.66
N HIS K 480 -9.83 -53.29 -36.18
CA HIS K 480 -10.87 -54.29 -36.24
C HIS K 480 -11.31 -54.50 -37.68
N ASN K 481 -12.25 -55.43 -37.88
CA ASN K 481 -12.65 -55.83 -39.21
C ASN K 481 -14.11 -55.49 -39.51
N ILE K 482 -14.64 -54.46 -38.84
CA ILE K 482 -16.03 -54.09 -39.04
C ILE K 482 -16.30 -53.63 -40.46
N ALA K 483 -15.36 -52.90 -41.07
CA ALA K 483 -15.59 -52.43 -42.44
C ALA K 483 -15.83 -53.59 -43.39
N LEU K 484 -15.14 -54.69 -43.20
CA LEU K 484 -15.31 -55.86 -44.06
C LEU K 484 -16.66 -56.52 -43.83
N LEU K 485 -17.05 -56.68 -42.56
CA LEU K 485 -18.34 -57.28 -42.24
C LEU K 485 -19.49 -56.44 -42.73
N ARG K 486 -19.38 -55.11 -42.60
CA ARG K 486 -20.46 -54.21 -42.99
C ARG K 486 -20.65 -54.18 -44.49
N GLU K 487 -19.57 -54.32 -45.26
CA GLU K 487 -19.78 -54.38 -46.69
C GLU K 487 -20.22 -55.75 -47.17
N VAL K 488 -19.72 -56.86 -46.61
CA VAL K 488 -20.14 -58.13 -47.19
C VAL K 488 -21.64 -58.34 -47.02
N ILE K 489 -22.19 -58.01 -45.85
CA ILE K 489 -23.60 -58.36 -45.61
C ILE K 489 -24.53 -57.58 -46.53
N ILE K 490 -24.05 -56.52 -47.15
CA ILE K 490 -24.90 -55.68 -48.00
C ILE K 490 -24.62 -55.95 -49.46
N ASN K 491 -23.72 -56.88 -49.75
CA ASN K 491 -23.37 -57.22 -51.13
C ASN K 491 -24.54 -57.90 -51.81
N SER K 492 -24.80 -57.50 -53.06
CA SER K 492 -25.95 -58.00 -53.79
C SER K 492 -25.93 -59.51 -53.93
N ARG K 493 -24.75 -60.13 -54.00
CA ARG K 493 -24.68 -61.58 -54.08
C ARG K 493 -25.01 -62.23 -52.75
N PHE K 494 -24.63 -61.57 -51.65
CA PHE K 494 -24.92 -62.10 -50.32
C PHE K 494 -26.41 -62.01 -50.01
N VAL K 495 -27.04 -60.88 -50.33
CA VAL K 495 -28.48 -60.74 -50.09
C VAL K 495 -29.26 -61.74 -50.94
N LYS K 496 -28.88 -61.90 -52.21
CA LYS K 496 -29.55 -62.91 -53.01
C LYS K 496 -29.15 -64.32 -52.61
N GLY K 497 -27.93 -64.52 -52.13
CA GLY K 497 -27.48 -65.83 -51.72
C GLY K 497 -26.54 -66.54 -52.64
N ASP K 498 -25.96 -65.88 -53.64
CA ASP K 498 -25.05 -66.54 -54.58
C ASP K 498 -23.65 -66.56 -53.98
N ILE K 499 -23.51 -67.34 -52.91
CA ILE K 499 -22.29 -67.36 -52.13
C ILE K 499 -21.67 -68.73 -52.23
N SER K 500 -20.39 -68.76 -52.55
CA SER K 500 -19.59 -69.98 -52.54
C SER K 500 -18.49 -69.85 -51.51
N THR K 501 -17.78 -70.96 -51.29
CA THR K 501 -16.78 -70.99 -50.25
C THR K 501 -15.58 -70.13 -50.63
N LYS K 502 -15.54 -69.65 -51.86
CA LYS K 502 -14.48 -68.78 -52.36
C LYS K 502 -15.03 -67.40 -52.71
N PHE K 503 -16.18 -67.07 -52.12
CA PHE K 503 -16.87 -65.81 -52.41
C PHE K 503 -15.92 -64.63 -52.33
N LEU K 504 -15.24 -64.49 -51.19
CA LEU K 504 -14.45 -63.28 -50.95
C LEU K 504 -13.27 -63.18 -51.89
N SER K 505 -12.76 -64.32 -52.35
CA SER K 505 -11.61 -64.30 -53.23
C SER K 505 -11.93 -63.78 -54.63
N ASP K 506 -13.18 -63.93 -55.08
CA ASP K 506 -13.63 -63.40 -56.36
C ASP K 506 -14.17 -61.98 -56.25
N VAL K 507 -14.75 -61.61 -55.10
CA VAL K 507 -15.21 -60.24 -54.95
C VAL K 507 -14.03 -59.29 -54.74
N TYR K 508 -13.01 -59.72 -54.01
CA TYR K 508 -11.86 -58.87 -53.70
C TYR K 508 -10.60 -59.50 -54.27
N PRO K 509 -10.47 -59.54 -55.59
CA PRO K 509 -9.31 -60.23 -56.18
C PRO K 509 -8.00 -59.51 -55.94
N ASP K 510 -8.04 -58.23 -55.62
CA ASP K 510 -6.84 -57.45 -55.36
C ASP K 510 -6.75 -57.01 -53.91
N GLY K 511 -7.47 -57.66 -53.01
CA GLY K 511 -7.47 -57.29 -51.61
C GLY K 511 -8.69 -56.46 -51.26
N PHE K 512 -8.88 -56.25 -49.96
CA PHE K 512 -9.97 -55.43 -49.45
C PHE K 512 -9.60 -53.97 -49.60
N LYS K 513 -10.51 -53.16 -50.16
CA LYS K 513 -10.26 -51.75 -50.37
C LYS K 513 -11.11 -50.83 -49.51
N GLY K 514 -12.21 -51.30 -48.87
CA GLY K 514 -13.11 -50.45 -48.11
C GLY K 514 -14.37 -50.15 -48.90
N HIS K 515 -15.34 -49.59 -48.17
CA HIS K 515 -16.64 -49.30 -48.76
C HIS K 515 -16.49 -48.21 -49.81
N MET K 516 -17.09 -48.43 -50.97
CA MET K 516 -17.03 -47.48 -52.07
C MET K 516 -18.29 -46.64 -52.08
N LEU K 517 -18.13 -45.33 -52.12
CA LEU K 517 -19.27 -44.43 -52.07
C LEU K 517 -19.78 -44.11 -53.46
N THR K 518 -21.10 -43.99 -53.55
CA THR K 518 -21.76 -43.52 -54.76
C THR K 518 -22.06 -42.03 -54.66
N LYS K 519 -22.70 -41.47 -55.67
CA LYS K 519 -22.87 -40.03 -55.72
C LYS K 519 -23.63 -39.51 -54.50
N SER K 520 -24.78 -40.12 -54.21
CA SER K 520 -25.62 -39.68 -53.11
C SER K 520 -24.96 -39.90 -51.77
N GLU K 521 -24.18 -40.98 -51.64
CA GLU K 521 -23.49 -41.23 -50.39
C GLU K 521 -22.37 -40.25 -50.16
N LYS K 522 -21.65 -39.86 -51.22
CA LYS K 522 -20.64 -38.84 -51.05
C LYS K 522 -21.25 -37.52 -50.62
N ASN K 523 -22.42 -37.17 -51.17
CA ASN K 523 -23.07 -35.92 -50.77
C ASN K 523 -23.51 -35.96 -49.31
N GLN K 524 -23.98 -37.12 -48.85
CA GLN K 524 -24.36 -37.26 -47.45
C GLN K 524 -23.15 -37.21 -46.53
N LEU K 525 -22.04 -37.85 -46.92
CA LEU K 525 -20.83 -37.80 -46.11
C LEU K 525 -20.27 -36.39 -46.06
N LEU K 526 -20.27 -35.67 -47.18
CA LEU K 526 -19.78 -34.30 -47.17
C LEU K 526 -20.66 -33.39 -46.34
N ALA K 527 -21.99 -33.57 -46.44
CA ALA K 527 -22.91 -32.74 -45.65
C ALA K 527 -22.79 -33.02 -44.16
N ILE K 528 -22.62 -34.29 -43.78
CA ILE K 528 -22.47 -34.64 -42.37
C ILE K 528 -21.16 -34.11 -41.81
N ALA K 529 -20.05 -34.32 -42.53
CA ALA K 529 -18.75 -33.85 -42.07
C ALA K 529 -18.70 -32.33 -41.97
N SER K 530 -19.35 -31.64 -42.93
CA SER K 530 -19.36 -30.18 -42.91
C SER K 530 -20.23 -29.64 -41.78
N SER K 531 -21.40 -30.24 -41.57
CA SER K 531 -22.26 -29.80 -40.48
C SER K 531 -21.63 -30.09 -39.12
N LEU K 532 -20.97 -31.23 -38.98
CA LEU K 532 -20.29 -31.53 -37.71
C LEU K 532 -19.14 -30.57 -37.46
N PHE K 533 -18.36 -30.26 -38.50
CA PHE K 533 -17.31 -29.26 -38.38
C PHE K 533 -17.84 -27.95 -37.82
N VAL K 534 -18.92 -27.44 -38.41
CA VAL K 534 -19.51 -26.18 -37.95
C VAL K 534 -20.05 -26.31 -36.53
N ALA K 535 -20.69 -27.44 -36.20
CA ALA K 535 -21.21 -27.64 -34.85
C ALA K 535 -20.13 -27.45 -33.80
N PHE K 536 -18.90 -27.93 -34.07
CA PHE K 536 -17.80 -27.70 -33.14
C PHE K 536 -17.39 -26.24 -33.13
N GLN K 537 -17.40 -25.60 -34.31
CA GLN K 537 -17.05 -24.19 -34.37
C GLN K 537 -18.04 -23.32 -33.63
N LEU K 538 -19.31 -23.70 -33.59
CA LEU K 538 -20.29 -22.92 -32.85
C LEU K 538 -20.19 -23.18 -31.36
N ARG K 539 -20.00 -24.43 -30.96
CA ARG K 539 -19.82 -24.74 -29.55
C ARG K 539 -18.64 -23.98 -28.97
N ALA K 540 -17.56 -23.83 -29.74
CA ALA K 540 -16.39 -23.11 -29.27
C ALA K 540 -16.67 -21.66 -28.88
N GLN K 541 -17.77 -21.06 -29.29
CA GLN K 541 -18.06 -19.66 -29.01
C GLN K 541 -18.97 -19.44 -27.83
N HIS K 542 -19.44 -20.48 -27.16
CA HIS K 542 -20.45 -20.34 -26.12
C HIS K 542 -19.76 -20.37 -24.77
N PHE K 543 -19.40 -19.21 -24.27
CA PHE K 543 -18.75 -19.07 -22.97
C PHE K 543 -19.75 -18.57 -21.94
N GLN K 544 -19.46 -18.83 -20.68
CA GLN K 544 -20.20 -18.23 -19.60
C GLN K 544 -19.82 -16.78 -19.73
N GLU K 545 -20.77 -15.87 -19.54
CA GLU K 545 -20.51 -14.46 -19.78
C GLU K 545 -19.62 -13.92 -18.68
N ASN K 546 -18.58 -13.19 -19.06
CA ASN K 546 -17.74 -12.52 -18.08
C ASN K 546 -18.18 -11.08 -17.94
N SER K 547 -18.66 -10.73 -16.76
CA SER K 547 -19.24 -9.40 -16.57
C SER K 547 -18.22 -8.30 -16.76
N ARG K 548 -16.94 -8.62 -16.73
CA ARG K 548 -15.92 -7.59 -16.91
C ARG K 548 -15.61 -7.39 -18.38
N MET K 549 -15.69 -8.45 -19.18
CA MET K 549 -15.23 -8.44 -20.56
C MET K 549 -16.32 -9.04 -21.46
N PRO K 550 -17.28 -8.24 -21.92
CA PRO K 550 -18.39 -8.79 -22.70
C PRO K 550 -17.89 -9.54 -23.93
N VAL K 551 -18.53 -10.68 -24.21
CA VAL K 551 -18.19 -11.52 -25.35
C VAL K 551 -19.30 -11.42 -26.38
N ILE K 552 -18.94 -11.10 -27.62
CA ILE K 552 -19.92 -10.88 -28.67
C ILE K 552 -19.79 -11.98 -29.71
N LYS K 553 -20.82 -12.81 -29.82
CA LYS K 553 -20.80 -13.93 -30.74
C LYS K 553 -20.79 -13.44 -32.19
N PRO K 554 -19.80 -13.83 -33.00
CA PRO K 554 -19.75 -13.38 -34.40
C PRO K 554 -21.03 -13.78 -35.12
N ASP K 555 -21.57 -12.86 -35.91
CA ASP K 555 -22.80 -13.11 -36.65
C ASP K 555 -22.44 -13.75 -37.99
N ILE K 556 -22.18 -15.06 -37.93
CA ILE K 556 -21.78 -15.82 -39.10
C ILE K 556 -23.02 -16.50 -39.70
N ALA K 557 -23.53 -15.93 -40.79
CA ALA K 557 -24.74 -16.47 -41.40
C ALA K 557 -24.42 -17.67 -42.27
N ASN K 558 -23.23 -17.70 -42.86
CA ASN K 558 -22.86 -18.76 -43.78
C ASN K 558 -21.43 -19.20 -43.54
N TRP K 559 -21.22 -20.50 -43.56
CA TRP K 559 -19.90 -21.10 -43.43
C TRP K 559 -19.49 -21.59 -44.81
N GLU K 560 -18.45 -20.98 -45.37
CA GLU K 560 -17.97 -21.37 -46.69
C GLU K 560 -16.76 -22.25 -46.52
N LEU K 561 -16.89 -23.52 -46.87
CA LEU K 561 -15.87 -24.50 -46.61
C LEU K 561 -15.34 -25.10 -47.91
N SER K 562 -14.08 -25.50 -47.85
CA SER K 562 -13.43 -26.27 -48.89
C SER K 562 -13.12 -27.63 -48.30
N VAL K 563 -13.79 -28.67 -48.78
CA VAL K 563 -13.73 -29.97 -48.14
C VAL K 563 -13.01 -30.92 -49.05
N LYS K 564 -11.83 -31.34 -48.65
CA LYS K 564 -11.00 -32.22 -49.44
C LYS K 564 -11.21 -33.64 -48.95
N LEU K 565 -11.50 -34.54 -49.88
CA LEU K 565 -11.64 -35.97 -49.61
C LEU K 565 -10.34 -36.58 -50.14
N HIS K 566 -10.47 -37.74 -50.77
CA HIS K 566 -9.35 -38.48 -51.28
C HIS K 566 -8.55 -37.60 -52.20
N ASP K 567 -9.04 -37.44 -53.42
CA ASP K 567 -8.27 -36.63 -54.36
C ASP K 567 -9.12 -35.52 -54.96
N LYS K 568 -10.26 -35.19 -54.38
CA LYS K 568 -11.15 -34.19 -54.93
C LYS K 568 -11.38 -33.13 -53.87
N VAL K 569 -11.59 -31.89 -54.31
CA VAL K 569 -11.94 -30.80 -53.42
C VAL K 569 -13.33 -30.32 -53.77
N HIS K 570 -14.24 -30.37 -52.80
CA HIS K 570 -15.63 -30.02 -53.01
C HIS K 570 -15.94 -28.68 -52.37
N THR K 571 -16.89 -27.97 -52.98
CA THR K 571 -17.33 -26.67 -52.50
C THR K 571 -18.62 -26.85 -51.71
N VAL K 572 -18.59 -26.51 -50.42
CA VAL K 572 -19.70 -26.74 -49.51
C VAL K 572 -19.99 -25.42 -48.80
N VAL K 573 -21.25 -25.02 -48.77
CA VAL K 573 -21.69 -23.86 -48.02
C VAL K 573 -22.80 -24.31 -47.07
N ALA K 574 -22.64 -24.02 -45.79
CA ALA K 574 -23.58 -24.43 -44.78
C ALA K 574 -24.12 -23.23 -44.02
N SER K 575 -25.34 -23.35 -43.54
CA SER K 575 -25.92 -22.38 -42.63
C SER K 575 -26.69 -23.13 -41.55
N ASN K 576 -26.75 -22.52 -40.38
CA ASN K 576 -27.42 -23.10 -39.22
C ASN K 576 -28.83 -22.53 -39.10
N ASN K 577 -29.81 -23.40 -38.89
CA ASN K 577 -31.17 -23.00 -38.59
C ASN K 577 -31.64 -23.66 -37.29
N GLY K 578 -30.77 -23.70 -36.30
CA GLY K 578 -31.09 -24.35 -35.06
C GLY K 578 -30.50 -25.74 -35.03
N SER K 579 -31.35 -26.75 -34.93
CA SER K 579 -30.88 -28.12 -34.85
C SER K 579 -30.56 -28.70 -36.21
N VAL K 580 -30.89 -28.01 -37.28
CA VAL K 580 -30.68 -28.51 -38.62
C VAL K 580 -29.75 -27.60 -39.38
N PHE K 581 -28.78 -28.18 -40.07
CA PHE K 581 -27.88 -27.42 -40.93
C PHE K 581 -28.34 -27.61 -42.36
N SER K 582 -28.48 -26.51 -43.08
CA SER K 582 -28.78 -26.55 -44.50
C SER K 582 -27.46 -26.46 -45.24
N VAL K 583 -27.11 -27.52 -45.96
CA VAL K 583 -25.79 -27.63 -46.54
C VAL K 583 -25.97 -27.79 -48.04
N GLU K 584 -25.27 -26.98 -48.81
CA GLU K 584 -25.23 -27.12 -50.26
C GLU K 584 -23.91 -27.74 -50.62
N VAL K 585 -23.96 -28.93 -51.20
CA VAL K 585 -22.75 -29.65 -51.60
C VAL K 585 -22.70 -29.70 -53.12
N ASP K 586 -21.85 -28.85 -53.69
CA ASP K 586 -21.69 -28.65 -55.14
C ASP K 586 -23.03 -28.47 -55.85
N GLY K 587 -23.93 -27.70 -55.25
CA GLY K 587 -25.23 -27.47 -55.84
C GLY K 587 -26.35 -28.33 -55.33
N SER K 588 -26.05 -29.42 -54.62
CA SER K 588 -27.07 -30.31 -54.07
C SER K 588 -27.45 -29.84 -52.68
N LYS K 589 -28.75 -29.76 -52.42
CA LYS K 589 -29.27 -29.31 -51.13
C LYS K 589 -29.54 -30.48 -50.22
N LEU K 590 -28.93 -30.49 -49.05
CA LEU K 590 -29.13 -31.50 -48.03
C LEU K 590 -29.49 -30.81 -46.73
N ASN K 591 -30.31 -31.47 -45.91
CA ASN K 591 -30.66 -30.96 -44.59
C ASN K 591 -30.29 -31.99 -43.54
N VAL K 592 -29.34 -31.65 -42.69
CA VAL K 592 -28.83 -32.56 -41.69
C VAL K 592 -29.38 -32.16 -40.33
N THR K 593 -30.22 -32.99 -39.76
CA THR K 593 -30.88 -32.70 -38.49
C THR K 593 -30.32 -33.63 -37.44
N SER K 594 -30.02 -33.09 -36.27
CA SER K 594 -29.54 -33.92 -35.17
C SER K 594 -29.69 -33.13 -33.88
N THR K 595 -29.40 -33.79 -32.76
CA THR K 595 -29.24 -33.11 -31.50
C THR K 595 -27.83 -32.61 -31.27
N TRP K 596 -26.86 -33.12 -32.03
CA TRP K 596 -25.46 -32.69 -32.03
C TRP K 596 -24.85 -32.70 -30.63
N ASN K 597 -25.01 -33.83 -29.94
CA ASN K 597 -24.28 -34.07 -28.71
C ASN K 597 -22.88 -34.49 -29.09
N LEU K 598 -21.92 -33.60 -28.85
CA LEU K 598 -20.58 -33.73 -29.38
C LEU K 598 -19.66 -34.60 -28.55
N ALA K 599 -20.12 -35.12 -27.42
CA ALA K 599 -19.28 -35.94 -26.57
C ALA K 599 -19.52 -37.43 -26.77
N SER K 600 -20.67 -37.80 -27.30
CA SER K 600 -21.04 -39.20 -27.39
C SER K 600 -20.21 -39.88 -28.48
N PRO K 601 -19.81 -41.13 -28.26
CA PRO K 601 -19.13 -41.87 -29.34
C PRO K 601 -20.01 -42.18 -30.53
N LEU K 602 -21.32 -42.13 -30.36
CA LEU K 602 -22.24 -42.44 -31.45
C LEU K 602 -23.09 -41.21 -31.75
N LEU K 603 -22.94 -40.65 -32.93
CA LEU K 603 -23.72 -39.48 -33.28
C LEU K 603 -24.76 -39.88 -34.30
N SER K 604 -26.03 -39.68 -33.95
CA SER K 604 -27.15 -40.03 -34.80
C SER K 604 -27.62 -38.79 -35.55
N VAL K 605 -27.65 -38.88 -36.87
CA VAL K 605 -28.04 -37.76 -37.71
C VAL K 605 -29.11 -38.25 -38.68
N SER K 606 -29.90 -37.31 -39.19
CA SER K 606 -30.90 -37.58 -40.22
C SER K 606 -30.61 -36.64 -41.37
N VAL K 607 -30.31 -37.21 -42.52
CA VAL K 607 -29.95 -36.43 -43.70
C VAL K 607 -31.01 -36.64 -44.78
N ASP K 608 -31.85 -35.62 -44.96
CA ASP K 608 -32.99 -35.63 -45.89
C ASP K 608 -33.91 -36.83 -45.68
N GLY K 609 -34.13 -37.16 -44.42
CA GLY K 609 -35.03 -38.24 -44.09
C GLY K 609 -34.31 -39.57 -43.96
N THR K 610 -33.05 -39.62 -44.35
CA THR K 610 -32.26 -40.84 -44.28
C THR K 610 -31.56 -40.91 -42.93
N GLN K 611 -31.77 -41.99 -42.19
CA GLN K 611 -31.20 -42.13 -40.86
C GLN K 611 -29.81 -42.72 -40.95
N ARG K 612 -28.81 -42.01 -40.42
CA ARG K 612 -27.44 -42.46 -40.41
C ARG K 612 -26.88 -42.42 -39.00
N THR K 613 -25.95 -43.32 -38.73
CA THR K 613 -25.14 -43.28 -37.53
C THR K 613 -23.68 -43.16 -37.95
N VAL K 614 -22.98 -42.18 -37.39
CA VAL K 614 -21.58 -41.95 -37.71
C VAL K 614 -20.79 -41.86 -36.43
N GLN K 615 -19.48 -42.06 -36.55
CA GLN K 615 -18.58 -41.90 -35.41
C GLN K 615 -17.47 -40.95 -35.80
N CYS K 616 -17.18 -39.97 -34.95
CA CYS K 616 -16.03 -39.11 -35.17
C CYS K 616 -14.88 -39.63 -34.31
N LEU K 617 -13.79 -40.05 -34.95
CA LEU K 617 -12.76 -40.77 -34.22
C LEU K 617 -11.67 -39.84 -33.75
N SER K 618 -11.39 -38.79 -34.51
CA SER K 618 -10.34 -37.85 -34.20
C SER K 618 -10.64 -36.52 -34.87
N ARG K 619 -10.11 -35.45 -34.29
CA ARG K 619 -10.25 -34.12 -34.86
C ARG K 619 -8.94 -33.38 -34.69
N GLU K 620 -8.57 -32.57 -35.67
CA GLU K 620 -7.44 -31.69 -35.52
C GLU K 620 -7.84 -30.27 -35.81
N ALA K 621 -7.10 -29.34 -35.21
CA ALA K 621 -7.33 -27.93 -35.46
C ALA K 621 -7.10 -27.56 -36.91
N GLY K 622 -6.27 -28.32 -37.63
CA GLY K 622 -5.94 -28.00 -39.01
C GLY K 622 -7.00 -28.38 -40.01
N GLY K 623 -8.14 -28.90 -39.54
CA GLY K 623 -9.26 -29.26 -40.36
C GLY K 623 -9.39 -30.74 -40.61
N ASN K 624 -8.38 -31.53 -40.24
CA ASN K 624 -8.42 -32.96 -40.43
C ASN K 624 -9.45 -33.58 -39.50
N MET K 625 -10.30 -34.42 -40.05
CA MET K 625 -11.26 -35.15 -39.23
C MET K 625 -11.26 -36.59 -39.71
N SER K 626 -11.38 -37.53 -38.78
CA SER K 626 -11.54 -38.93 -39.13
C SER K 626 -12.95 -39.35 -38.77
N ILE K 627 -13.75 -39.68 -39.77
CA ILE K 627 -15.16 -39.97 -39.57
C ILE K 627 -15.43 -41.36 -40.12
N GLN K 628 -16.09 -42.19 -39.33
CA GLN K 628 -16.44 -43.52 -39.80
C GLN K 628 -17.87 -43.44 -40.30
N PHE K 629 -18.03 -43.83 -41.57
CA PHE K 629 -19.28 -43.74 -42.30
C PHE K 629 -19.47 -45.08 -42.98
N LEU K 630 -20.57 -45.76 -42.63
CA LEU K 630 -20.90 -47.11 -43.10
C LEU K 630 -19.79 -48.12 -42.83
N GLY K 631 -19.13 -47.98 -41.69
CA GLY K 631 -18.09 -48.90 -41.33
C GLY K 631 -16.70 -48.52 -41.79
N THR K 632 -16.57 -47.61 -42.75
CA THR K 632 -15.27 -47.30 -43.31
C THR K 632 -14.81 -45.94 -42.81
N VAL K 633 -13.56 -45.84 -42.43
CA VAL K 633 -13.04 -44.56 -41.95
C VAL K 633 -12.57 -43.74 -43.13
N TYR K 634 -13.10 -42.54 -43.26
CA TYR K 634 -12.75 -41.62 -44.32
C TYR K 634 -12.00 -40.46 -43.71
N LYS K 635 -10.98 -39.98 -44.41
CA LYS K 635 -10.19 -38.85 -43.96
C LYS K 635 -10.65 -37.61 -44.71
N VAL K 636 -11.09 -36.60 -43.98
CA VAL K 636 -11.51 -35.38 -44.64
C VAL K 636 -10.81 -34.19 -44.00
N ASN K 637 -10.37 -33.26 -44.85
CA ASN K 637 -9.69 -32.06 -44.39
C ASN K 637 -10.59 -30.89 -44.73
N ILE K 638 -11.14 -30.25 -43.71
CA ILE K 638 -12.08 -29.16 -43.90
C ILE K 638 -11.38 -27.86 -43.54
N LEU K 639 -11.21 -27.01 -44.54
CA LEU K 639 -10.64 -25.70 -44.33
C LEU K 639 -11.71 -24.66 -44.62
N THR K 640 -11.56 -23.49 -44.03
CA THR K 640 -12.42 -22.40 -44.41
C THR K 640 -11.97 -21.87 -45.75
N ARG K 641 -12.86 -21.15 -46.44
CA ARG K 641 -12.51 -20.60 -47.74
C ARG K 641 -11.17 -19.88 -47.69
N LEU K 642 -10.95 -19.05 -46.67
CA LEU K 642 -9.74 -18.24 -46.61
C LEU K 642 -8.52 -19.11 -46.40
N ALA K 643 -8.59 -20.07 -45.49
CA ALA K 643 -7.46 -20.96 -45.23
C ALA K 643 -7.12 -21.78 -46.45
N ALA K 644 -8.14 -22.26 -47.18
CA ALA K 644 -7.87 -23.04 -48.38
C ALA K 644 -7.26 -22.19 -49.48
N GLU K 645 -7.72 -20.95 -49.64
CA GLU K 645 -7.12 -20.12 -50.68
C GLU K 645 -5.67 -19.77 -50.40
N LEU K 646 -5.30 -19.52 -49.15
CA LEU K 646 -3.92 -19.19 -48.83
C LEU K 646 -3.03 -20.42 -48.70
N ASN K 647 -3.59 -21.56 -48.33
CA ASN K 647 -2.79 -22.76 -48.14
C ASN K 647 -2.06 -23.19 -49.40
N LYS K 648 -2.49 -22.74 -50.57
CA LYS K 648 -1.83 -23.09 -51.82
C LYS K 648 -0.41 -22.54 -51.90
N PHE K 649 -0.07 -21.59 -51.02
CA PHE K 649 1.25 -20.99 -51.06
C PHE K 649 2.25 -21.74 -50.20
N MET K 650 1.84 -22.84 -49.58
CA MET K 650 2.73 -23.58 -48.71
C MET K 650 3.55 -24.54 -49.55
N LEU K 651 4.80 -24.76 -49.15
CA LEU K 651 5.66 -25.66 -49.89
C LEU K 651 5.32 -27.10 -49.54
N GLU K 652 5.22 -27.94 -50.55
CA GLU K 652 4.83 -29.33 -50.35
C GLU K 652 6.08 -30.13 -50.02
N LYS K 653 6.61 -29.92 -48.83
CA LYS K 653 7.76 -30.69 -48.40
C LYS K 653 7.32 -32.09 -47.99
N VAL K 654 8.11 -33.08 -48.40
CA VAL K 654 7.84 -34.47 -48.04
C VAL K 654 9.03 -35.09 -47.31
N THR K 655 8.75 -35.70 -46.16
CA THR K 655 9.78 -36.35 -45.37
C THR K 655 9.76 -37.87 -45.59
N GLU K 656 10.79 -38.57 -45.13
CA GLU K 656 10.87 -40.01 -45.31
C GLU K 656 10.22 -40.77 -44.16
N ASP K 657 9.50 -41.84 -44.50
CA ASP K 657 8.90 -42.73 -43.51
C ASP K 657 9.94 -43.81 -43.23
N THR K 658 10.51 -43.80 -42.02
CA THR K 658 11.60 -44.70 -41.66
C THR K 658 11.09 -45.60 -40.55
N SER K 659 9.90 -46.14 -40.75
CA SER K 659 9.27 -46.99 -39.76
C SER K 659 9.87 -48.38 -39.72
N SER K 660 10.74 -48.72 -40.66
CA SER K 660 11.43 -50.00 -40.63
C SER K 660 12.69 -49.97 -39.77
N VAL K 661 13.10 -48.80 -39.29
CA VAL K 661 14.36 -48.67 -38.57
C VAL K 661 14.06 -48.47 -37.09
N LEU K 662 14.27 -49.51 -36.30
CA LEU K 662 13.87 -49.54 -34.90
C LEU K 662 15.10 -49.29 -34.04
N ARG K 663 15.11 -48.16 -33.33
CA ARG K 663 16.28 -47.74 -32.57
C ARG K 663 15.92 -47.72 -31.09
N SER K 664 16.95 -47.79 -30.24
CA SER K 664 16.75 -47.80 -28.80
C SER K 664 16.30 -46.43 -28.32
N PRO K 665 15.17 -46.34 -27.62
CA PRO K 665 14.74 -45.03 -27.11
C PRO K 665 15.41 -44.63 -25.82
N MET K 666 16.20 -45.53 -25.24
CA MET K 666 16.69 -45.39 -23.87
C MET K 666 17.91 -46.27 -23.69
N PRO K 667 18.97 -45.75 -23.10
CA PRO K 667 20.17 -46.56 -22.86
C PRO K 667 19.92 -47.63 -21.81
N GLY K 668 20.67 -48.72 -21.94
CA GLY K 668 20.55 -49.83 -21.01
C GLY K 668 20.96 -51.16 -21.62
N VAL K 669 20.69 -52.25 -20.91
CA VAL K 669 21.07 -53.58 -21.38
C VAL K 669 19.86 -54.28 -22.00
N VAL K 670 20.08 -54.90 -23.15
CA VAL K 670 19.07 -55.68 -23.87
C VAL K 670 18.88 -57.02 -23.17
N VAL K 671 17.65 -57.28 -22.70
CA VAL K 671 17.34 -58.48 -21.94
C VAL K 671 16.51 -59.48 -22.73
N ALA K 672 15.80 -59.03 -23.77
CA ALA K 672 15.05 -59.94 -24.61
C ALA K 672 14.94 -59.40 -26.03
N VAL K 673 14.98 -60.29 -27.01
CA VAL K 673 14.61 -59.97 -28.39
C VAL K 673 13.63 -61.05 -28.82
N SER K 674 12.45 -60.63 -29.28
CA SER K 674 11.38 -61.57 -29.54
C SER K 674 11.51 -62.22 -30.92
N VAL K 675 12.44 -61.66 -31.68
CA VAL K 675 12.67 -61.99 -33.06
C VAL K 675 14.10 -62.33 -33.47
N LYS K 676 14.11 -62.99 -34.61
CA LYS K 676 15.19 -63.33 -35.53
C LYS K 676 14.78 -62.96 -36.96
N PRO K 677 15.74 -62.78 -37.89
CA PRO K 677 15.36 -62.49 -39.28
C PRO K 677 14.36 -63.48 -39.86
N GLY K 678 13.33 -62.97 -40.53
CA GLY K 678 12.30 -63.82 -41.10
C GLY K 678 11.06 -63.91 -40.24
N ASP K 679 11.15 -63.53 -38.97
CA ASP K 679 10.00 -63.56 -38.07
C ASP K 679 8.98 -62.54 -38.52
N ALA K 680 7.71 -62.90 -38.39
CA ALA K 680 6.61 -61.99 -38.70
C ALA K 680 6.53 -60.91 -37.62
N VAL K 681 6.17 -59.71 -38.03
CA VAL K 681 6.01 -58.59 -37.12
C VAL K 681 4.65 -57.93 -37.41
N ALA K 682 3.86 -57.76 -36.35
CA ALA K 682 2.63 -56.97 -36.41
C ALA K 682 2.88 -55.57 -35.87
N GLU K 683 2.02 -54.64 -36.28
CA GLU K 683 2.04 -53.29 -35.74
C GLU K 683 1.72 -53.32 -34.25
N GLY K 684 2.58 -52.70 -33.45
CA GLY K 684 2.45 -52.71 -32.01
C GLY K 684 3.08 -53.92 -31.36
N GLN K 685 3.71 -54.78 -32.14
CA GLN K 685 4.31 -56.00 -31.63
C GLN K 685 5.59 -55.67 -30.87
N GLU K 686 5.76 -56.25 -29.69
CA GLU K 686 7.01 -56.10 -28.97
C GLU K 686 8.15 -56.76 -29.71
N ILE K 687 9.26 -56.04 -29.85
CA ILE K 687 10.42 -56.56 -30.56
C ILE K 687 11.55 -56.76 -29.57
N CYS K 688 11.91 -55.69 -28.85
CA CYS K 688 13.03 -55.72 -27.93
C CYS K 688 12.62 -55.17 -26.59
N VAL K 689 13.27 -55.65 -25.54
CA VAL K 689 13.13 -55.11 -24.20
C VAL K 689 14.50 -54.69 -23.67
N ILE K 690 14.61 -53.43 -23.25
CA ILE K 690 15.85 -52.89 -22.71
C ILE K 690 15.61 -52.47 -21.27
N GLU K 691 16.42 -52.97 -20.36
CA GLU K 691 16.22 -52.65 -18.95
C GLU K 691 17.30 -51.83 -18.27
N ALA K 692 16.89 -50.73 -17.67
CA ALA K 692 17.75 -49.83 -16.89
C ALA K 692 16.87 -49.07 -15.94
N MET K 693 17.48 -48.42 -14.95
CA MET K 693 16.75 -47.64 -13.96
C MET K 693 15.56 -48.43 -13.43
N LYS K 694 15.85 -49.66 -13.01
CA LYS K 694 14.83 -50.56 -12.47
C LYS K 694 13.53 -50.49 -13.27
N MET K 695 13.64 -50.45 -14.59
CA MET K 695 12.47 -50.39 -15.44
C MET K 695 12.77 -51.08 -16.76
N GLN K 696 11.79 -51.80 -17.29
CA GLN K 696 11.93 -52.46 -18.57
C GLN K 696 11.18 -51.64 -19.61
N ASN K 697 11.92 -51.07 -20.56
CA ASN K 697 11.35 -50.25 -21.63
C ASN K 697 11.11 -51.12 -22.87
N SER K 698 9.84 -51.39 -23.16
CA SER K 698 9.52 -52.25 -24.29
C SER K 698 9.47 -51.44 -25.58
N MET K 699 10.22 -51.90 -26.57
CA MET K 699 10.24 -51.28 -27.90
C MET K 699 9.40 -52.11 -28.85
N THR K 700 8.43 -51.44 -29.49
CA THR K 700 7.51 -52.11 -30.40
C THR K 700 7.74 -51.67 -31.83
N ALA K 701 7.27 -52.49 -32.79
CA ALA K 701 7.37 -52.18 -34.20
C ALA K 701 6.27 -51.22 -34.63
N GLY K 702 6.61 -50.32 -35.55
CA GLY K 702 5.60 -49.50 -36.21
C GLY K 702 5.22 -49.95 -37.61
N LYS K 703 5.67 -51.13 -38.02
CA LYS K 703 5.45 -51.58 -39.39
C LYS K 703 5.14 -53.06 -39.38
N THR K 704 4.21 -53.47 -40.25
CA THR K 704 3.90 -54.87 -40.41
C THR K 704 4.84 -55.42 -41.48
N GLY K 705 5.33 -56.63 -41.28
CA GLY K 705 6.24 -57.25 -42.22
C GLY K 705 6.98 -58.38 -41.56
N THR K 706 8.22 -58.58 -41.96
CA THR K 706 9.12 -59.56 -41.37
C THR K 706 10.42 -58.85 -41.01
N VAL K 707 11.19 -59.46 -40.13
CA VAL K 707 12.47 -58.86 -39.73
C VAL K 707 13.53 -59.13 -40.77
N LYS K 708 14.30 -58.09 -41.13
CA LYS K 708 15.39 -58.27 -42.07
C LYS K 708 16.70 -58.57 -41.35
N SER K 709 16.95 -57.87 -40.24
CA SER K 709 18.17 -58.08 -39.48
C SER K 709 17.95 -57.70 -38.03
N VAL K 710 18.56 -58.47 -37.13
CA VAL K 710 18.57 -58.16 -35.72
C VAL K 710 20.00 -57.71 -35.40
N HIS K 711 20.15 -56.44 -35.03
CA HIS K 711 21.47 -55.84 -34.88
C HIS K 711 22.01 -55.93 -33.47
N CYS K 712 21.15 -55.93 -32.45
CA CYS K 712 21.58 -56.07 -31.07
C CYS K 712 20.92 -57.29 -30.44
N GLN K 713 21.71 -58.07 -29.71
CA GLN K 713 21.23 -59.31 -29.12
C GLN K 713 21.09 -59.13 -27.60
N ALA K 714 20.33 -60.03 -26.97
CA ALA K 714 20.21 -60.05 -25.51
C ALA K 714 21.59 -60.19 -24.88
N GLY K 715 21.90 -59.37 -23.88
CA GLY K 715 23.20 -59.39 -23.26
C GLY K 715 24.09 -58.25 -23.70
N ASP K 716 23.73 -57.64 -24.82
CA ASP K 716 24.47 -56.50 -25.37
C ASP K 716 24.04 -55.25 -24.61
N THR K 717 24.94 -54.26 -24.55
CA THR K 717 24.59 -52.97 -23.96
C THR K 717 24.46 -51.92 -25.06
N VAL K 718 23.38 -51.14 -25.02
CA VAL K 718 23.11 -50.20 -26.10
C VAL K 718 22.89 -48.81 -25.50
N GLY K 719 23.13 -47.78 -26.31
CA GLY K 719 22.85 -46.41 -25.92
C GLY K 719 21.63 -45.85 -26.61
N GLU K 720 21.40 -44.56 -26.38
CA GLU K 720 20.26 -43.89 -26.99
C GLU K 720 20.51 -43.67 -28.49
N GLY K 721 19.55 -44.12 -29.30
CA GLY K 721 19.68 -43.99 -30.73
C GLY K 721 20.31 -45.15 -31.46
N ASP K 722 20.88 -46.12 -30.74
CA ASP K 722 21.49 -47.27 -31.38
C ASP K 722 20.44 -48.14 -32.06
N LEU K 723 20.84 -48.73 -33.18
CA LEU K 723 19.95 -49.55 -33.98
C LEU K 723 19.82 -50.93 -33.34
N LEU K 724 18.58 -51.34 -33.10
CA LEU K 724 18.30 -52.64 -32.51
C LEU K 724 17.88 -53.67 -33.55
N VAL K 725 16.87 -53.36 -34.36
CA VAL K 725 16.32 -54.29 -35.34
C VAL K 725 15.94 -53.52 -36.60
N GLU K 726 16.11 -54.15 -37.76
CA GLU K 726 15.74 -53.54 -39.02
C GLU K 726 14.73 -54.42 -39.74
N LEU K 727 13.60 -53.82 -40.10
CA LEU K 727 12.51 -54.55 -40.73
C LEU K 727 12.64 -54.44 -42.25
N GLU K 728 11.96 -55.35 -42.94
CA GLU K 728 11.81 -55.28 -44.38
C GLU K 728 10.73 -54.28 -44.75
N THR L 33 -3.88 17.80 -56.44
CA THR L 33 -4.14 16.60 -55.66
C THR L 33 -4.85 16.92 -54.36
N SER L 34 -6.03 16.33 -54.16
CA SER L 34 -6.80 16.56 -52.95
C SER L 34 -6.23 15.72 -51.81
N VAL L 35 -6.63 16.06 -50.59
CA VAL L 35 -6.20 15.27 -49.44
C VAL L 35 -6.76 13.86 -49.49
N ASN L 36 -7.96 13.68 -50.02
CA ASN L 36 -8.56 12.35 -50.12
C ASN L 36 -7.78 11.46 -51.07
N GLU L 37 -7.21 12.03 -52.12
CA GLU L 37 -6.43 11.23 -53.05
C GLU L 37 -5.14 10.76 -52.40
N ARG L 38 -4.52 11.64 -51.63
CA ARG L 38 -3.29 11.31 -50.94
C ARG L 38 -3.54 10.22 -49.89
N ILE L 39 -4.67 10.31 -49.22
CA ILE L 39 -5.07 9.33 -48.21
C ILE L 39 -5.27 7.96 -48.85
N GLU L 40 -5.99 7.91 -49.97
CA GLU L 40 -6.21 6.67 -50.68
C GLU L 40 -4.89 6.06 -51.17
N ASN L 41 -3.97 6.89 -51.64
CA ASN L 41 -2.69 6.40 -52.09
C ASN L 41 -1.87 5.80 -50.96
N LYS L 42 -1.98 6.37 -49.77
CA LYS L 42 -1.27 5.86 -48.60
C LYS L 42 -1.88 4.53 -48.12
N ARG L 43 -3.20 4.40 -48.24
CA ARG L 43 -3.92 3.20 -47.84
C ARG L 43 -3.45 2.04 -48.73
N ARG L 44 -3.41 2.28 -50.04
CA ARG L 44 -2.98 1.27 -51.01
C ARG L 44 -1.53 0.84 -50.76
N THR L 45 -0.63 1.78 -50.50
CA THR L 45 0.73 1.41 -50.18
C THR L 45 0.84 0.67 -48.84
N ALA L 46 0.10 1.10 -47.81
CA ALA L 46 0.17 0.40 -46.54
C ALA L 46 -0.23 -1.05 -46.68
N LEU L 47 -1.21 -1.34 -47.54
CA LEU L 47 -1.62 -2.72 -47.76
C LEU L 47 -0.55 -3.50 -48.50
N LEU L 48 0.09 -2.88 -49.49
CA LEU L 48 1.18 -3.58 -50.16
C LEU L 48 2.42 -3.70 -49.29
N GLY L 49 2.63 -2.78 -48.38
CA GLY L 49 3.79 -2.84 -47.49
C GLY L 49 5.08 -2.64 -48.27
N GLY L 50 5.89 -3.70 -48.33
CA GLY L 50 7.14 -3.66 -49.07
C GLY L 50 7.00 -3.72 -50.57
N GLY L 51 5.80 -3.88 -51.09
CA GLY L 51 5.60 -3.92 -52.52
C GLY L 51 5.26 -5.33 -53.00
N GLN L 52 4.60 -5.37 -54.16
CA GLN L 52 4.09 -6.62 -54.71
C GLN L 52 5.19 -7.62 -55.04
N ARG L 53 6.36 -7.14 -55.46
CA ARG L 53 7.44 -8.04 -55.82
C ARG L 53 8.00 -8.74 -54.59
N ARG L 54 8.02 -8.01 -53.47
CA ARG L 54 8.46 -8.56 -52.20
C ARG L 54 7.42 -9.59 -51.78
N ILE L 55 6.14 -9.22 -51.88
CA ILE L 55 5.06 -10.14 -51.53
C ILE L 55 5.15 -11.42 -52.35
N ASP L 56 5.40 -11.28 -53.65
CA ASP L 56 5.61 -12.45 -54.49
C ASP L 56 6.72 -13.35 -53.96
N ALA L 57 7.85 -12.77 -53.57
CA ALA L 57 8.93 -13.55 -52.99
C ALA L 57 8.51 -14.18 -51.66
N GLN L 58 7.72 -13.46 -50.86
CA GLN L 58 7.22 -13.97 -49.59
C GLN L 58 6.48 -15.27 -49.78
N HIS L 59 5.64 -15.34 -50.82
CA HIS L 59 4.91 -16.57 -51.13
C HIS L 59 5.80 -17.64 -51.73
N LYS L 60 6.78 -17.25 -52.53
CA LYS L 60 7.70 -18.22 -53.13
C LYS L 60 8.44 -19.01 -52.06
N ARG L 61 8.79 -18.34 -50.98
CA ARG L 61 9.48 -19.01 -49.91
C ARG L 61 8.53 -19.89 -49.09
N GLY L 62 7.23 -19.75 -49.29
CA GLY L 62 6.27 -20.52 -48.52
C GLY L 62 5.77 -19.84 -47.26
N LYS L 63 5.76 -18.51 -47.24
CA LYS L 63 5.34 -17.73 -46.08
C LYS L 63 4.15 -16.88 -46.48
N LEU L 64 3.31 -16.57 -45.50
CA LEU L 64 2.19 -15.65 -45.69
C LEU L 64 2.64 -14.25 -45.30
N THR L 65 1.92 -13.25 -45.76
CA THR L 65 2.30 -11.93 -45.31
C THR L 65 1.73 -11.68 -43.93
N ALA L 66 2.21 -10.60 -43.28
CA ALA L 66 1.75 -10.21 -41.96
C ALA L 66 0.25 -9.94 -41.90
N ARG L 67 -0.31 -9.32 -42.95
CA ARG L 67 -1.74 -9.10 -42.97
C ARG L 67 -2.53 -10.37 -43.25
N GLU L 68 -2.01 -11.26 -44.11
CA GLU L 68 -2.71 -12.52 -44.34
C GLU L 68 -2.75 -13.36 -43.07
N ARG L 69 -1.66 -13.35 -42.30
CA ARG L 69 -1.64 -14.08 -41.04
C ARG L 69 -2.69 -13.55 -40.07
N ILE L 70 -2.82 -12.22 -39.97
CA ILE L 70 -3.86 -11.75 -39.05
C ILE L 70 -5.25 -12.15 -39.51
N SER L 71 -5.55 -12.04 -40.81
CA SER L 71 -6.88 -12.39 -41.29
C SER L 71 -7.24 -13.82 -40.93
N LEU L 72 -6.28 -14.73 -40.97
CA LEU L 72 -6.52 -16.10 -40.55
C LEU L 72 -6.73 -16.22 -39.06
N LEU L 73 -5.97 -15.46 -38.27
CA LEU L 73 -6.00 -15.65 -36.83
C LEU L 73 -7.29 -15.18 -36.19
N LEU L 74 -7.77 -14.01 -36.59
CA LEU L 74 -8.88 -13.37 -35.90
C LEU L 74 -10.20 -13.65 -36.59
N ASP L 75 -11.27 -13.51 -35.81
CA ASP L 75 -12.62 -13.61 -36.35
C ASP L 75 -12.77 -12.70 -37.55
N PRO L 76 -13.38 -13.17 -38.64
CA PRO L 76 -13.52 -12.34 -39.83
C PRO L 76 -14.18 -11.01 -39.53
N GLY L 77 -13.53 -9.93 -39.96
CA GLY L 77 -14.12 -8.61 -39.85
C GLY L 77 -13.93 -7.96 -38.51
N SER L 78 -13.33 -8.66 -37.55
CA SER L 78 -13.15 -8.15 -36.21
C SER L 78 -11.93 -7.29 -36.02
N PHE L 79 -11.01 -7.27 -36.98
CA PHE L 79 -9.73 -6.60 -36.81
C PHE L 79 -9.84 -5.12 -37.13
N VAL L 80 -9.35 -4.28 -36.24
CA VAL L 80 -9.28 -2.84 -36.47
C VAL L 80 -7.82 -2.42 -36.36
N GLU L 81 -7.29 -1.89 -37.46
CA GLU L 81 -5.91 -1.46 -37.58
C GLU L 81 -5.72 -0.08 -36.98
N SER L 82 -4.63 0.09 -36.24
CA SER L 82 -4.28 1.36 -35.63
C SER L 82 -3.01 1.89 -36.27
N ASP L 83 -2.87 3.22 -36.29
CA ASP L 83 -1.65 3.94 -36.69
C ASP L 83 -1.12 3.47 -38.05
N MET L 84 -2.04 3.27 -39.00
CA MET L 84 -1.62 2.76 -40.30
C MET L 84 -0.81 3.79 -41.07
N PHE L 85 -0.90 5.07 -40.70
CA PHE L 85 -0.25 6.12 -41.46
C PHE L 85 1.03 6.62 -40.82
N VAL L 86 1.54 5.94 -39.83
CA VAL L 86 2.74 6.39 -39.16
C VAL L 86 3.97 5.97 -39.97
N GLU L 87 4.89 6.92 -40.12
CA GLU L 87 6.15 6.69 -40.82
C GLU L 87 7.31 7.11 -39.94
N HIS L 88 8.49 6.57 -40.26
CA HIS L 88 9.69 6.91 -39.52
C HIS L 88 10.06 8.37 -39.71
N ARG L 89 10.78 8.90 -38.73
CA ARG L 89 11.22 10.30 -38.77
C ARG L 89 12.72 10.43 -38.98
N CYS L 90 13.41 9.31 -39.21
CA CYS L 90 14.85 9.36 -39.41
C CYS L 90 15.16 9.89 -40.80
N ALA L 91 16.02 10.90 -40.86
CA ALA L 91 16.40 11.51 -42.12
C ALA L 91 17.82 11.19 -42.55
N ASP L 92 18.61 10.55 -41.71
CA ASP L 92 20.02 10.32 -41.95
C ASP L 92 20.19 9.09 -42.83
N PHE L 93 21.37 9.00 -43.47
CA PHE L 93 21.77 7.87 -44.33
C PHE L 93 20.79 7.62 -45.47
N GLY L 94 20.13 8.67 -45.95
CA GLY L 94 19.22 8.53 -47.06
C GLY L 94 17.83 8.09 -46.68
N MET L 95 17.56 7.96 -45.38
CA MET L 95 16.26 7.53 -44.89
C MET L 95 15.17 8.55 -45.19
N ALA L 96 15.57 9.75 -45.61
CA ALA L 96 14.62 10.80 -45.99
C ALA L 96 14.10 10.61 -47.40
N ALA L 97 14.64 9.63 -48.14
CA ALA L 97 14.23 9.42 -49.50
C ALA L 97 12.82 8.86 -49.56
N ASP L 98 12.11 9.24 -50.61
CA ASP L 98 10.75 8.77 -50.77
C ASP L 98 10.69 7.25 -50.88
N LYS L 99 11.73 6.62 -51.42
CA LYS L 99 11.78 5.17 -51.59
C LYS L 99 11.75 4.41 -50.27
N ASN L 100 12.05 5.09 -49.15
CA ASN L 100 12.10 4.46 -47.84
C ASN L 100 10.85 4.70 -47.02
N LYS L 101 9.91 5.48 -47.52
CA LYS L 101 8.74 5.92 -46.75
C LYS L 101 7.66 4.86 -46.91
N PHE L 102 7.71 3.85 -46.04
CA PHE L 102 6.73 2.77 -46.06
C PHE L 102 5.71 2.98 -44.94
N PRO L 103 4.48 3.36 -45.25
CA PRO L 103 3.48 3.54 -44.19
C PRO L 103 3.35 2.25 -43.38
N GLY L 104 3.28 2.39 -42.08
CA GLY L 104 3.17 1.23 -41.20
C GLY L 104 4.47 0.86 -40.56
N ASP L 105 5.59 1.26 -41.18
CA ASP L 105 6.95 1.08 -40.68
C ASP L 105 7.15 -0.33 -40.11
N SER L 106 6.82 -1.30 -40.96
CA SER L 106 7.15 -2.72 -40.81
C SER L 106 6.38 -3.46 -39.72
N VAL L 107 5.31 -2.92 -39.17
CA VAL L 107 4.48 -3.67 -38.24
C VAL L 107 3.02 -3.36 -38.56
N VAL L 108 2.19 -4.38 -38.41
CA VAL L 108 0.74 -4.24 -38.45
C VAL L 108 0.23 -4.42 -37.03
N THR L 109 -0.46 -3.41 -36.51
CA THR L 109 -0.95 -3.43 -35.15
C THR L 109 -2.45 -3.21 -35.15
N GLY L 110 -3.14 -3.78 -34.16
CA GLY L 110 -4.55 -3.51 -34.03
C GLY L 110 -5.19 -4.46 -33.05
N ARG L 111 -6.51 -4.43 -33.02
CA ARG L 111 -7.25 -5.26 -32.07
C ARG L 111 -8.35 -6.03 -32.78
N GLY L 112 -8.75 -7.13 -32.16
CA GLY L 112 -9.86 -7.89 -32.66
C GLY L 112 -10.37 -8.86 -31.62
N ARG L 113 -11.03 -9.91 -32.11
CA ARG L 113 -11.60 -10.94 -31.27
C ARG L 113 -11.31 -12.31 -31.85
N ILE L 114 -11.19 -13.30 -30.98
CA ILE L 114 -11.17 -14.69 -31.37
C ILE L 114 -12.33 -15.34 -30.64
N ASN L 115 -13.30 -15.85 -31.41
CA ASN L 115 -14.55 -16.43 -30.93
C ASN L 115 -15.32 -15.50 -30.01
N GLY L 116 -15.33 -14.21 -30.34
CA GLY L 116 -16.03 -13.24 -29.54
C GLY L 116 -15.22 -12.66 -28.39
N ARG L 117 -14.01 -13.15 -28.15
CA ARG L 117 -13.25 -12.68 -27.00
C ARG L 117 -12.17 -11.71 -27.44
N LEU L 118 -12.08 -10.59 -26.74
CA LEU L 118 -11.17 -9.52 -27.09
C LEU L 118 -9.72 -9.97 -26.99
N VAL L 119 -8.93 -9.65 -28.02
CA VAL L 119 -7.50 -9.90 -27.99
C VAL L 119 -6.81 -8.81 -28.80
N TYR L 120 -5.61 -8.44 -28.38
CA TYR L 120 -4.76 -7.51 -29.11
C TYR L 120 -3.70 -8.29 -29.85
N VAL L 121 -3.34 -7.85 -31.05
CA VAL L 121 -2.31 -8.50 -31.84
C VAL L 121 -1.37 -7.47 -32.42
N PHE L 122 -0.21 -7.94 -32.83
CA PHE L 122 0.66 -7.23 -33.76
C PHE L 122 1.43 -8.26 -34.54
N SER L 123 1.85 -7.88 -35.74
CA SER L 123 2.59 -8.79 -36.59
C SER L 123 3.68 -8.00 -37.29
N GLN L 124 4.90 -8.52 -37.28
CA GLN L 124 6.02 -7.88 -37.93
C GLN L 124 6.06 -8.26 -39.41
N ASP L 125 6.31 -7.26 -40.26
CA ASP L 125 6.29 -7.43 -41.71
C ASP L 125 7.72 -7.50 -42.23
N PHE L 126 8.14 -8.69 -42.67
CA PHE L 126 9.50 -8.90 -43.11
C PHE L 126 9.84 -8.20 -44.43
N THR L 127 8.83 -7.77 -45.18
CA THR L 127 9.11 -7.26 -46.52
C THR L 127 9.51 -5.78 -46.49
N VAL L 128 9.43 -5.16 -45.31
CA VAL L 128 9.77 -3.74 -45.19
C VAL L 128 11.02 -3.61 -44.34
N PHE L 129 12.14 -3.25 -44.97
CA PHE L 129 13.49 -3.22 -44.40
C PHE L 129 13.87 -4.51 -43.70
N GLY L 130 13.37 -5.65 -44.18
CA GLY L 130 13.72 -6.91 -43.56
C GLY L 130 13.05 -7.18 -42.24
N GLY L 131 12.06 -6.37 -41.88
CA GLY L 131 11.36 -6.53 -40.62
C GLY L 131 12.14 -5.97 -39.45
N SER L 132 13.18 -5.20 -39.75
CA SER L 132 14.05 -4.63 -38.72
C SER L 132 13.30 -3.65 -37.83
N LEU L 133 13.79 -3.49 -36.61
CA LEU L 133 13.08 -2.69 -35.61
C LEU L 133 13.58 -1.24 -35.61
N SER L 134 12.66 -0.29 -35.74
CA SER L 134 12.97 1.11 -35.65
C SER L 134 12.43 1.68 -34.36
N GLY L 135 12.73 2.95 -34.09
CA GLY L 135 12.12 3.63 -32.97
C GLY L 135 10.62 3.59 -33.06
N ALA L 136 10.07 4.10 -34.17
CA ALA L 136 8.62 4.13 -34.37
C ALA L 136 8.01 2.73 -34.37
N HIS L 137 8.74 1.74 -34.88
CA HIS L 137 8.32 0.35 -34.85
C HIS L 137 7.96 -0.09 -33.43
N ALA L 138 8.90 0.13 -32.50
CA ALA L 138 8.69 -0.27 -31.12
C ALA L 138 7.57 0.52 -30.48
N GLN L 139 7.47 1.78 -30.84
CA GLN L 139 6.50 2.65 -30.23
C GLN L 139 5.10 2.11 -30.45
N LYS L 140 4.84 1.66 -31.66
CA LYS L 140 3.54 1.11 -32.02
C LYS L 140 3.25 -0.18 -31.26
N ILE L 141 4.27 -1.03 -31.13
CA ILE L 141 4.09 -2.24 -30.33
C ILE L 141 3.83 -1.90 -28.88
N CYS L 142 4.55 -0.92 -28.32
CA CYS L 142 4.33 -0.52 -26.93
C CYS L 142 2.94 0.01 -26.69
N LYS L 143 2.43 0.76 -27.66
CA LYS L 143 1.08 1.29 -27.59
C LYS L 143 0.11 0.13 -27.41
N ILE L 144 0.29 -0.95 -28.17
CA ILE L 144 -0.63 -2.10 -28.01
C ILE L 144 -0.47 -2.73 -26.63
N MET L 145 0.77 -2.83 -26.18
CA MET L 145 1.10 -3.38 -24.87
C MET L 145 0.45 -2.61 -23.73
N ASP L 146 0.34 -1.29 -23.88
CA ASP L 146 -0.29 -0.45 -22.87
C ASP L 146 -1.81 -0.53 -22.90
N GLN L 147 -2.43 -0.63 -24.07
CA GLN L 147 -3.88 -0.73 -24.08
C GLN L 147 -4.30 -2.08 -23.52
N ALA L 148 -3.58 -3.13 -23.89
CA ALA L 148 -3.95 -4.44 -23.41
C ALA L 148 -3.81 -4.56 -21.90
N ILE L 149 -2.77 -3.98 -21.32
CA ILE L 149 -2.63 -4.05 -19.87
C ILE L 149 -3.76 -3.28 -19.20
N THR L 150 -4.08 -2.09 -19.70
CA THR L 150 -5.12 -1.27 -19.09
C THR L 150 -6.47 -1.96 -19.10
N VAL L 151 -6.87 -2.55 -20.23
CA VAL L 151 -8.19 -3.19 -20.23
C VAL L 151 -8.16 -4.61 -19.68
N GLY L 152 -7.05 -5.31 -19.80
CA GLY L 152 -6.99 -6.69 -19.36
C GLY L 152 -7.35 -7.69 -20.44
N ALA L 153 -6.63 -7.65 -21.56
CA ALA L 153 -6.84 -8.51 -22.71
C ALA L 153 -5.50 -9.11 -23.09
N PRO L 154 -5.45 -10.34 -23.58
CA PRO L 154 -4.17 -10.93 -23.98
C PRO L 154 -3.59 -10.21 -25.17
N VAL L 155 -2.29 -10.39 -25.35
CA VAL L 155 -1.57 -9.92 -26.52
C VAL L 155 -0.93 -11.12 -27.20
N ILE L 156 -1.14 -11.26 -28.50
CA ILE L 156 -0.51 -12.29 -29.30
C ILE L 156 0.37 -11.58 -30.33
N GLY L 157 1.66 -11.85 -30.28
CA GLY L 157 2.60 -11.30 -31.23
C GLY L 157 3.00 -12.34 -32.26
N LEU L 158 3.16 -11.90 -33.50
CA LEU L 158 3.67 -12.73 -34.58
C LEU L 158 5.01 -12.13 -34.98
N ASN L 159 6.09 -12.77 -34.57
CA ASN L 159 7.40 -12.17 -34.70
C ASN L 159 8.15 -12.70 -35.91
N ASP L 160 8.84 -11.80 -36.58
CA ASP L 160 9.66 -12.03 -37.76
C ASP L 160 10.50 -10.78 -38.00
N SER L 161 11.80 -10.85 -37.74
CA SER L 161 12.62 -9.65 -37.79
C SER L 161 14.07 -9.99 -38.08
N GLY L 162 14.78 -9.04 -38.67
CA GLY L 162 16.17 -9.28 -39.01
C GLY L 162 17.05 -8.66 -37.96
N GLY L 163 16.40 -8.08 -36.94
CA GLY L 163 17.11 -7.40 -35.89
C GLY L 163 16.96 -5.90 -35.92
N ALA L 164 17.88 -5.20 -35.27
CA ALA L 164 17.82 -3.75 -35.16
C ALA L 164 18.06 -3.11 -36.51
N ARG L 165 17.41 -1.96 -36.73
CA ARG L 165 17.61 -1.17 -37.94
C ARG L 165 18.82 -0.27 -37.69
N ILE L 166 19.96 -0.62 -38.29
CA ILE L 166 21.22 0.05 -38.02
C ILE L 166 21.28 1.47 -38.57
N GLN L 167 20.38 1.83 -39.47
CA GLN L 167 20.40 3.16 -40.01
C GLN L 167 20.02 4.20 -38.95
N GLU L 168 19.22 3.80 -37.96
CA GLU L 168 18.85 4.72 -36.90
C GLU L 168 19.83 4.66 -35.74
N GLY L 169 20.50 3.54 -35.58
CA GLY L 169 21.56 3.43 -34.57
C GLY L 169 21.00 3.04 -33.20
N VAL L 170 21.02 4.00 -32.28
CA VAL L 170 20.68 3.74 -30.88
C VAL L 170 19.20 3.92 -30.59
N GLU L 171 18.47 4.45 -31.55
CA GLU L 171 17.03 4.62 -31.40
C GLU L 171 16.34 3.27 -31.28
N SER L 172 16.81 2.28 -32.04
CA SER L 172 16.22 0.94 -32.01
C SER L 172 16.56 0.22 -30.72
N LEU L 173 17.70 0.54 -30.10
CA LEU L 173 18.04 -0.08 -28.82
C LEU L 173 17.10 0.39 -27.71
N ALA L 174 16.75 1.67 -27.72
CA ALA L 174 15.69 2.15 -26.82
C ALA L 174 14.36 1.48 -27.13
N GLY L 175 14.07 1.23 -28.40
CA GLY L 175 12.87 0.50 -28.75
C GLY L 175 12.75 -0.84 -28.04
N TYR L 176 13.80 -1.66 -28.10
CA TYR L 176 13.85 -2.93 -27.40
C TYR L 176 13.65 -2.80 -25.91
N ALA L 177 14.32 -1.82 -25.31
CA ALA L 177 14.19 -1.63 -23.86
C ALA L 177 12.75 -1.31 -23.47
N ASP L 178 12.06 -0.47 -24.24
CA ASP L 178 10.68 -0.15 -23.90
C ASP L 178 9.76 -1.36 -24.05
N ILE L 179 9.99 -2.18 -25.10
CA ILE L 179 9.20 -3.40 -25.27
C ILE L 179 9.45 -4.35 -24.12
N PHE L 180 10.71 -4.51 -23.72
CA PHE L 180 11.06 -5.41 -22.62
C PHE L 180 10.38 -4.97 -21.34
N LEU L 181 10.36 -3.67 -21.09
CA LEU L 181 9.71 -3.15 -19.89
C LEU L 181 8.23 -3.46 -19.88
N ARG L 182 7.55 -3.35 -21.03
CA ARG L 182 6.13 -3.72 -21.05
C ARG L 182 5.93 -5.21 -20.85
N ASN L 183 6.79 -6.04 -21.44
CA ASN L 183 6.64 -7.48 -21.34
C ASN L 183 6.84 -7.96 -19.91
N VAL L 184 7.72 -7.30 -19.18
CA VAL L 184 7.88 -7.64 -17.77
C VAL L 184 6.70 -7.13 -16.97
N THR L 185 6.27 -5.89 -17.21
CA THR L 185 5.12 -5.35 -16.49
C THR L 185 3.88 -6.19 -16.69
N ALA L 186 3.65 -6.68 -17.91
CA ALA L 186 2.44 -7.47 -18.16
C ALA L 186 2.48 -8.86 -17.55
N SER L 187 3.61 -9.33 -17.04
CA SER L 187 3.71 -10.70 -16.57
C SER L 187 2.79 -10.91 -15.38
N GLY L 188 1.96 -11.94 -15.45
CA GLY L 188 1.02 -12.25 -14.41
C GLY L 188 -0.21 -11.39 -14.43
N VAL L 189 -0.34 -10.53 -15.42
CA VAL L 189 -1.48 -9.63 -15.58
C VAL L 189 -2.33 -10.03 -16.76
N ILE L 190 -1.72 -10.20 -17.92
CA ILE L 190 -2.41 -10.67 -19.13
C ILE L 190 -1.57 -11.79 -19.72
N PRO L 191 -2.16 -12.79 -20.37
CA PRO L 191 -1.34 -13.80 -21.04
C PRO L 191 -0.55 -13.15 -22.16
N GLN L 192 0.67 -13.61 -22.36
CA GLN L 192 1.47 -13.15 -23.48
C GLN L 192 1.94 -14.34 -24.29
N ILE L 193 1.52 -14.40 -25.54
CA ILE L 193 1.81 -15.50 -26.45
C ILE L 193 2.63 -14.95 -27.59
N SER L 194 3.72 -15.62 -27.93
CA SER L 194 4.55 -15.20 -29.04
C SER L 194 4.74 -16.36 -30.00
N LEU L 195 4.28 -16.16 -31.24
CA LEU L 195 4.42 -17.14 -32.31
C LEU L 195 5.47 -16.63 -33.28
N ILE L 196 6.49 -17.43 -33.52
CA ILE L 196 7.59 -17.04 -34.40
C ILE L 196 7.27 -17.55 -35.79
N MET L 197 7.29 -16.67 -36.78
CA MET L 197 6.86 -17.04 -38.12
C MET L 197 7.99 -16.86 -39.12
N GLY L 198 9.22 -16.71 -38.64
CA GLY L 198 10.35 -16.49 -39.51
C GLY L 198 11.62 -16.32 -38.70
N PRO L 199 12.68 -15.83 -39.30
CA PRO L 199 13.92 -15.66 -38.54
C PRO L 199 13.79 -14.55 -37.52
N CYS L 200 14.64 -14.58 -36.50
CA CYS L 200 14.66 -13.57 -35.45
C CYS L 200 16.08 -13.46 -34.93
N ALA L 201 16.62 -12.26 -34.94
CA ALA L 201 18.02 -12.06 -34.63
C ALA L 201 18.19 -10.79 -33.83
N GLY L 202 19.32 -10.69 -33.14
CA GLY L 202 19.57 -9.57 -32.27
C GLY L 202 18.66 -9.55 -31.07
N GLY L 203 18.41 -8.34 -30.58
CA GLY L 203 17.62 -8.13 -29.38
C GLY L 203 16.21 -8.67 -29.46
N ALA L 204 15.67 -8.84 -30.68
CA ALA L 204 14.30 -9.30 -30.87
C ALA L 204 14.09 -10.68 -30.27
N VAL L 205 15.16 -11.48 -30.22
CA VAL L 205 15.12 -12.88 -29.79
C VAL L 205 14.84 -13.00 -28.29
N TYR L 206 14.92 -11.89 -27.57
CA TYR L 206 14.61 -11.95 -26.15
C TYR L 206 13.15 -11.74 -25.83
N SER L 207 12.34 -11.13 -26.72
CA SER L 207 10.95 -11.00 -26.29
C SER L 207 10.26 -12.35 -26.02
N PRO L 208 10.40 -13.42 -26.82
CA PRO L 208 9.79 -14.68 -26.43
C PRO L 208 10.26 -15.23 -25.10
N ALA L 209 11.39 -14.76 -24.59
CA ALA L 209 11.84 -15.21 -23.28
C ALA L 209 11.06 -14.56 -22.16
N LEU L 210 10.41 -13.44 -22.42
CA LEU L 210 9.62 -12.79 -21.40
C LEU L 210 8.15 -13.15 -21.47
N THR L 211 7.64 -13.56 -22.64
CA THR L 211 6.27 -14.00 -22.74
C THR L 211 6.10 -15.41 -22.18
N ASP L 212 4.84 -15.83 -22.07
CA ASP L 212 4.48 -17.09 -21.44
C ASP L 212 4.64 -18.35 -22.28
N PHE L 213 4.35 -18.25 -23.57
CA PHE L 213 4.53 -19.40 -24.44
C PHE L 213 5.18 -18.92 -25.72
N THR L 214 6.07 -19.75 -26.26
CA THR L 214 6.72 -19.47 -27.53
C THR L 214 6.42 -20.61 -28.48
N PHE L 215 5.93 -20.31 -29.67
CA PHE L 215 5.65 -21.34 -30.65
C PHE L 215 6.43 -21.03 -31.92
N MET L 216 6.71 -22.05 -32.71
CA MET L 216 7.47 -21.86 -33.93
C MET L 216 6.83 -22.62 -35.08
N VAL L 217 7.36 -22.37 -36.28
CA VAL L 217 6.93 -23.05 -37.50
C VAL L 217 8.12 -23.83 -38.03
N LYS L 218 7.93 -25.12 -38.25
CA LYS L 218 9.03 -26.00 -38.63
C LYS L 218 9.64 -25.53 -39.94
N ASP L 219 10.98 -25.48 -39.96
CA ASP L 219 11.81 -25.19 -41.14
C ASP L 219 11.59 -23.78 -41.71
N THR L 220 10.86 -22.93 -40.98
CA THR L 220 10.61 -21.57 -41.43
C THR L 220 11.12 -20.56 -40.42
N SER L 221 10.97 -20.84 -39.12
CA SER L 221 11.28 -19.90 -38.06
C SER L 221 12.61 -20.26 -37.43
N TYR L 222 13.31 -19.24 -36.93
CA TYR L 222 14.59 -19.42 -36.27
C TYR L 222 14.63 -18.53 -35.04
N LEU L 223 15.40 -18.96 -34.05
CA LEU L 223 15.70 -18.11 -32.90
C LEU L 223 17.19 -18.19 -32.59
N PHE L 224 17.87 -17.07 -32.76
CA PHE L 224 19.29 -16.96 -32.44
C PHE L 224 19.64 -15.51 -32.15
N ILE L 225 20.77 -15.27 -31.50
CA ILE L 225 21.25 -13.90 -31.29
C ILE L 225 22.14 -13.47 -32.45
N THR L 226 23.12 -14.29 -32.78
CA THR L 226 24.01 -14.08 -33.91
C THR L 226 23.89 -15.25 -34.87
N GLY L 227 24.16 -14.97 -36.15
CA GLY L 227 24.04 -15.96 -37.18
C GLY L 227 25.28 -16.83 -37.30
N PRO L 228 25.20 -17.85 -38.16
CA PRO L 228 26.36 -18.74 -38.37
C PRO L 228 27.60 -17.99 -38.80
N ASP L 229 27.44 -16.83 -39.43
CA ASP L 229 28.57 -16.03 -39.90
C ASP L 229 29.45 -15.60 -38.75
N VAL L 230 28.84 -15.27 -37.62
CA VAL L 230 29.60 -14.87 -36.44
C VAL L 230 30.24 -16.08 -35.77
N VAL L 231 29.49 -17.19 -35.68
CA VAL L 231 30.07 -18.37 -35.04
C VAL L 231 31.33 -18.80 -35.78
N LYS L 232 31.30 -18.81 -37.12
CA LYS L 232 32.48 -19.21 -37.89
C LYS L 232 33.62 -18.22 -37.72
N SER L 233 33.30 -16.93 -37.60
CA SER L 233 34.34 -15.91 -37.51
C SER L 233 34.99 -15.89 -36.13
N VAL L 234 34.23 -16.25 -35.10
CA VAL L 234 34.74 -16.13 -33.72
C VAL L 234 35.46 -17.39 -33.31
N THR L 235 34.87 -18.55 -33.58
CA THR L 235 35.40 -19.83 -33.14
C THR L 235 35.43 -20.81 -34.31
N ASN L 236 36.30 -21.81 -34.22
CA ASN L 236 36.47 -22.76 -35.32
C ASN L 236 35.42 -23.87 -35.26
N GLU L 237 34.15 -23.50 -35.47
CA GLU L 237 33.03 -24.42 -35.43
C GLU L 237 32.21 -24.25 -36.69
N ASP L 238 31.79 -25.35 -37.30
CA ASP L 238 30.93 -25.30 -38.49
C ASP L 238 29.45 -25.58 -38.26
N VAL L 239 28.61 -24.58 -38.51
CA VAL L 239 27.17 -24.70 -38.30
C VAL L 239 26.32 -23.98 -39.34
N THR L 240 25.18 -24.56 -39.69
CA THR L 240 24.20 -23.93 -40.58
C THR L 240 23.02 -23.30 -39.87
N GLN L 241 22.13 -22.68 -40.63
CA GLN L 241 21.08 -21.86 -40.03
C GLN L 241 20.12 -22.68 -39.20
N GLU L 242 19.79 -23.86 -39.68
CA GLU L 242 18.83 -24.74 -39.01
C GLU L 242 19.45 -25.33 -37.75
N GLU L 243 20.73 -25.71 -37.83
CA GLU L 243 21.41 -26.30 -36.69
C GLU L 243 21.60 -25.29 -35.56
N LEU L 244 21.85 -24.05 -35.91
CA LEU L 244 22.14 -23.02 -34.92
C LEU L 244 20.89 -22.60 -34.17
N GLY L 245 19.82 -22.33 -34.89
CA GLY L 245 18.63 -21.82 -34.27
C GLY L 245 17.31 -22.25 -34.87
N GLY L 246 17.27 -23.42 -35.49
CA GLY L 246 16.06 -23.92 -36.12
C GLY L 246 15.02 -24.36 -35.11
N ALA L 247 13.78 -24.45 -35.60
CA ALA L 247 12.64 -24.87 -34.78
C ALA L 247 12.83 -26.25 -34.16
N LYS L 248 13.45 -27.17 -34.88
CA LYS L 248 13.64 -28.52 -34.37
C LYS L 248 14.57 -28.54 -33.17
N THR L 249 15.59 -27.68 -33.20
CA THR L 249 16.55 -27.59 -32.09
C THR L 249 15.89 -27.10 -30.82
N HIS L 250 15.08 -26.04 -30.94
CA HIS L 250 14.48 -25.39 -29.78
C HIS L 250 13.28 -26.13 -29.19
N THR L 251 12.59 -26.93 -30.01
CA THR L 251 11.54 -27.79 -29.49
C THR L 251 12.04 -29.16 -29.05
N THR L 252 13.22 -29.60 -29.49
CA THR L 252 13.67 -30.91 -29.05
C THR L 252 14.80 -30.88 -28.04
N MET L 253 15.71 -29.95 -28.17
CA MET L 253 16.88 -29.97 -27.31
C MET L 253 17.14 -28.84 -26.31
N SER L 254 16.91 -27.60 -26.69
CA SER L 254 17.24 -26.50 -25.80
C SER L 254 16.10 -26.19 -24.84
N GLY L 255 14.89 -26.61 -25.16
CA GLY L 255 13.77 -26.32 -24.30
C GLY L 255 13.30 -24.89 -24.34
N VAL L 256 13.44 -24.23 -25.49
CA VAL L 256 13.08 -22.82 -25.58
C VAL L 256 11.69 -22.67 -26.18
N ALA L 257 11.38 -23.44 -27.21
CA ALA L 257 10.10 -23.33 -27.88
C ALA L 257 9.15 -24.42 -27.42
N HIS L 258 7.91 -24.02 -27.14
CA HIS L 258 6.93 -24.91 -26.56
C HIS L 258 6.33 -25.89 -27.56
N ARG L 259 6.27 -25.51 -28.83
CA ARG L 259 5.85 -26.42 -29.89
C ARG L 259 6.03 -25.82 -31.25
N ALA L 260 6.42 -26.64 -32.22
CA ALA L 260 6.51 -26.19 -33.60
C ALA L 260 5.40 -26.83 -34.42
N PHE L 261 4.86 -26.07 -35.36
CA PHE L 261 3.79 -26.53 -36.21
C PHE L 261 4.30 -26.60 -37.65
N GLU L 262 3.66 -27.44 -38.45
CA GLU L 262 4.21 -27.79 -39.77
C GLU L 262 4.28 -26.60 -40.70
N ASN L 263 3.27 -25.74 -40.71
CA ASN L 263 3.24 -24.63 -41.65
C ASN L 263 2.43 -23.49 -41.06
N ASP L 264 2.35 -22.39 -41.81
CA ASP L 264 1.71 -21.18 -41.32
C ASP L 264 0.21 -21.36 -41.06
N VAL L 265 -0.48 -22.13 -41.90
CA VAL L 265 -1.93 -22.23 -41.80
C VAL L 265 -2.32 -23.08 -40.60
N ASP L 266 -1.63 -24.20 -40.42
CA ASP L 266 -1.85 -25.09 -39.29
C ASP L 266 -1.42 -24.45 -37.98
N ALA L 267 -0.36 -23.64 -38.02
CA ALA L 267 0.11 -22.95 -36.83
C ALA L 267 -0.93 -21.98 -36.29
N LEU L 268 -1.60 -21.26 -37.17
CA LEU L 268 -2.62 -20.33 -36.67
C LEU L 268 -3.91 -21.04 -36.31
N CYS L 269 -4.23 -22.15 -36.97
CA CYS L 269 -5.41 -22.91 -36.56
C CYS L 269 -5.26 -23.48 -35.16
N ASN L 270 -4.08 -24.00 -34.84
CA ASN L 270 -3.85 -24.50 -33.50
C ASN L 270 -3.73 -23.37 -32.50
N LEU L 271 -3.29 -22.19 -32.93
CA LEU L 271 -3.20 -21.05 -32.03
C LEU L 271 -4.58 -20.58 -31.60
N ARG L 272 -5.56 -20.57 -32.52
CA ARG L 272 -6.92 -20.23 -32.12
C ARG L 272 -7.44 -21.19 -31.05
N ASP L 273 -7.19 -22.50 -31.26
CA ASP L 273 -7.62 -23.50 -30.29
C ASP L 273 -6.91 -23.32 -28.94
N PHE L 274 -5.61 -23.05 -28.96
CA PHE L 274 -4.91 -22.79 -27.71
C PHE L 274 -5.47 -21.57 -27.00
N PHE L 275 -5.70 -20.48 -27.74
CA PHE L 275 -6.26 -19.28 -27.14
C PHE L 275 -7.51 -19.59 -26.32
N ASN L 276 -8.36 -20.47 -26.82
CA ASN L 276 -9.63 -20.70 -26.12
C ASN L 276 -9.48 -21.28 -24.72
N TYR L 277 -8.30 -21.71 -24.30
CA TYR L 277 -8.11 -22.28 -22.97
C TYR L 277 -7.94 -21.24 -21.87
N LEU L 278 -7.38 -20.09 -22.18
CA LEU L 278 -6.81 -19.14 -21.22
C LEU L 278 -7.80 -18.04 -20.87
N PRO L 279 -7.73 -17.51 -19.64
CA PRO L 279 -8.54 -16.34 -19.31
C PRO L 279 -8.00 -15.11 -20.00
N LEU L 280 -8.80 -14.05 -20.02
CA LEU L 280 -8.33 -12.82 -20.65
C LEU L 280 -7.33 -12.08 -19.78
N SER L 281 -7.44 -12.19 -18.46
CA SER L 281 -6.55 -11.52 -17.53
C SER L 281 -6.43 -12.37 -16.29
N SER L 282 -5.43 -12.06 -15.46
CA SER L 282 -5.25 -12.80 -14.23
C SER L 282 -6.30 -12.46 -13.21
N GLN L 283 -7.13 -11.46 -13.47
CA GLN L 283 -8.20 -11.12 -12.54
C GLN L 283 -9.43 -11.99 -12.77
N ASP L 284 -9.41 -12.78 -13.83
CA ASP L 284 -10.54 -13.58 -14.21
C ASP L 284 -10.35 -15.04 -13.78
N PRO L 285 -11.42 -15.75 -13.49
CA PRO L 285 -11.31 -17.18 -13.21
C PRO L 285 -11.04 -17.96 -14.48
N ALA L 286 -10.57 -19.18 -14.35
CA ALA L 286 -10.40 -20.06 -15.51
C ALA L 286 -11.70 -20.09 -16.30
N PRO L 287 -11.66 -19.90 -17.61
CA PRO L 287 -12.91 -19.92 -18.39
C PRO L 287 -13.64 -21.25 -18.26
N VAL L 288 -14.95 -21.18 -18.34
CA VAL L 288 -15.83 -22.35 -18.33
C VAL L 288 -16.62 -22.33 -19.62
N ARG L 289 -16.60 -23.43 -20.34
CA ARG L 289 -17.31 -23.52 -21.59
C ARG L 289 -18.35 -24.61 -21.63
N GLU L 290 -19.34 -24.46 -22.50
CA GLU L 290 -20.35 -25.50 -22.71
C GLU L 290 -19.68 -26.85 -22.91
N CYS L 291 -20.19 -27.86 -22.21
CA CYS L 291 -19.63 -29.19 -22.28
C CYS L 291 -20.74 -30.23 -22.30
N HIS L 292 -20.61 -31.20 -23.20
CA HIS L 292 -21.58 -32.28 -23.32
C HIS L 292 -21.16 -33.56 -22.66
N ASP L 293 -19.97 -33.60 -22.07
CA ASP L 293 -19.40 -34.84 -21.55
C ASP L 293 -19.87 -35.01 -20.11
N PRO L 294 -20.69 -36.01 -19.80
CA PRO L 294 -21.22 -36.11 -18.44
C PRO L 294 -20.10 -36.16 -17.43
N SER L 295 -20.28 -35.42 -16.34
CA SER L 295 -19.25 -35.27 -15.33
C SER L 295 -19.16 -36.47 -14.39
N ASP L 296 -20.16 -37.34 -14.41
CA ASP L 296 -20.26 -38.41 -13.43
C ASP L 296 -20.06 -39.80 -14.05
N ARG L 297 -19.50 -39.87 -15.26
CA ARG L 297 -19.28 -41.15 -15.88
C ARG L 297 -18.02 -41.81 -15.35
N LEU L 298 -17.98 -43.12 -15.44
CA LEU L 298 -16.83 -43.88 -14.99
C LEU L 298 -15.93 -44.19 -16.18
N VAL L 299 -14.68 -44.50 -15.88
CA VAL L 299 -13.72 -44.87 -16.90
C VAL L 299 -13.12 -46.22 -16.55
N PRO L 300 -13.80 -47.33 -16.87
CA PRO L 300 -13.29 -48.65 -16.48
C PRO L 300 -11.92 -48.97 -17.03
N GLU L 301 -11.50 -48.27 -18.09
CA GLU L 301 -10.24 -48.51 -18.76
C GLU L 301 -9.04 -48.27 -17.85
N LEU L 302 -9.22 -47.54 -16.76
CA LEU L 302 -8.14 -47.19 -15.86
C LEU L 302 -7.77 -48.32 -14.92
N ASP L 303 -8.69 -49.24 -14.62
CA ASP L 303 -8.40 -50.22 -13.57
C ASP L 303 -7.20 -51.11 -13.88
N THR L 304 -6.87 -51.31 -15.15
CA THR L 304 -5.81 -52.25 -15.49
C THR L 304 -4.63 -51.58 -16.18
N ILE L 305 -4.53 -50.26 -16.15
CA ILE L 305 -3.44 -49.61 -16.85
C ILE L 305 -2.12 -49.86 -16.13
N VAL L 306 -2.13 -49.74 -14.80
CA VAL L 306 -0.92 -49.80 -14.01
C VAL L 306 -0.57 -51.26 -13.72
N PRO L 307 0.56 -51.76 -14.21
CA PRO L 307 0.92 -53.15 -13.96
C PRO L 307 1.19 -53.41 -12.48
N LEU L 308 0.99 -54.66 -12.09
CA LEU L 308 1.38 -55.08 -10.75
C LEU L 308 2.88 -55.26 -10.61
N GLU L 309 3.56 -55.56 -11.72
CA GLU L 309 5.01 -55.71 -11.70
C GLU L 309 5.65 -54.33 -11.75
N SER L 310 6.58 -54.07 -10.84
CA SER L 310 7.17 -52.75 -10.66
C SER L 310 8.11 -52.33 -11.77
N THR L 311 8.51 -53.25 -12.66
CA THR L 311 9.53 -52.94 -13.66
C THR L 311 8.90 -52.76 -15.02
N LYS L 312 7.58 -52.82 -15.08
CA LYS L 312 6.84 -52.66 -16.33
C LYS L 312 6.29 -51.25 -16.46
N ALA L 313 6.69 -50.57 -17.53
CA ALA L 313 6.25 -49.20 -17.78
C ALA L 313 4.87 -49.20 -18.43
N TYR L 314 4.21 -48.05 -18.33
CA TYR L 314 2.93 -47.83 -18.98
C TYR L 314 2.88 -46.39 -19.44
N ASN L 315 1.96 -46.08 -20.34
CA ASN L 315 1.87 -44.75 -20.93
C ASN L 315 0.92 -43.91 -20.10
N MET L 316 1.46 -42.90 -19.44
CA MET L 316 0.63 -42.03 -18.60
C MET L 316 -0.41 -41.31 -19.41
N VAL L 317 -0.16 -41.08 -20.69
CA VAL L 317 -1.10 -40.33 -21.52
C VAL L 317 -2.44 -41.05 -21.63
N ASP L 318 -2.46 -42.38 -21.53
CA ASP L 318 -3.71 -43.11 -21.61
C ASP L 318 -4.65 -42.72 -20.47
N ILE L 319 -4.09 -42.42 -19.31
CA ILE L 319 -4.89 -42.00 -18.15
C ILE L 319 -5.40 -40.58 -18.35
N ILE L 320 -4.51 -39.69 -18.81
CA ILE L 320 -4.85 -38.29 -19.01
C ILE L 320 -5.97 -38.16 -20.03
N HIS L 321 -5.86 -38.86 -21.14
CA HIS L 321 -6.87 -38.75 -22.19
C HIS L 321 -8.22 -39.29 -21.74
N SER L 322 -8.23 -40.35 -20.93
CA SER L 322 -9.50 -40.90 -20.52
C SER L 322 -10.22 -40.07 -19.47
N VAL L 323 -9.50 -39.24 -18.72
CA VAL L 323 -10.15 -38.45 -17.67
C VAL L 323 -10.69 -37.13 -18.23
N VAL L 324 -9.94 -36.46 -19.09
CA VAL L 324 -10.29 -35.12 -19.56
C VAL L 324 -11.53 -35.11 -20.45
N ASP L 325 -12.26 -34.00 -20.45
CA ASP L 325 -13.46 -33.87 -21.25
C ASP L 325 -13.19 -34.29 -22.68
N GLU L 326 -14.04 -35.17 -23.20
CA GLU L 326 -14.10 -35.59 -24.61
C GLU L 326 -12.74 -36.02 -25.16
N ARG L 327 -11.84 -36.41 -24.27
CA ARG L 327 -10.53 -36.93 -24.60
C ARG L 327 -9.61 -36.02 -25.40
N GLU L 328 -9.80 -34.72 -25.21
CA GLU L 328 -8.99 -33.67 -25.82
C GLU L 328 -7.91 -33.24 -24.83
N PHE L 329 -6.65 -33.30 -25.27
CA PHE L 329 -5.55 -32.88 -24.43
C PHE L 329 -4.57 -32.09 -25.28
N PHE L 330 -4.12 -30.95 -24.78
CA PHE L 330 -3.16 -30.11 -25.50
C PHE L 330 -1.78 -30.30 -24.88
N GLU L 331 -0.90 -30.99 -25.58
CA GLU L 331 0.40 -31.30 -24.99
C GLU L 331 1.42 -30.22 -25.33
N ILE L 332 2.21 -29.84 -24.33
CA ILE L 332 3.23 -28.82 -24.44
C ILE L 332 4.58 -29.53 -24.48
N MET L 333 5.45 -29.10 -25.40
CA MET L 333 6.80 -29.62 -25.64
C MET L 333 6.79 -31.13 -25.75
N PRO L 334 6.09 -31.70 -26.73
CA PRO L 334 6.02 -33.16 -26.83
C PRO L 334 7.35 -33.84 -26.99
N ASN L 335 8.38 -33.13 -27.46
CA ASN L 335 9.65 -33.75 -27.79
C ASN L 335 10.77 -33.37 -26.85
N TYR L 336 10.48 -32.60 -25.81
CA TYR L 336 11.49 -32.12 -24.87
C TYR L 336 11.09 -32.54 -23.47
N ALA L 337 12.06 -33.09 -22.72
CA ALA L 337 11.89 -33.58 -21.36
C ALA L 337 10.72 -34.55 -21.27
N LYS L 338 10.77 -35.57 -22.12
CA LYS L 338 9.66 -36.52 -22.24
C LYS L 338 9.32 -37.26 -20.96
N ASN L 339 10.15 -37.20 -19.93
CA ASN L 339 9.83 -37.92 -18.71
C ASN L 339 8.80 -37.21 -17.85
N ILE L 340 8.39 -36.00 -18.22
CA ILE L 340 7.33 -35.31 -17.51
C ILE L 340 6.38 -34.74 -18.56
N ILE L 341 5.09 -34.87 -18.29
CA ILE L 341 4.02 -34.46 -19.18
C ILE L 341 3.32 -33.27 -18.56
N VAL L 342 3.19 -32.20 -19.32
CA VAL L 342 2.40 -31.04 -18.91
C VAL L 342 1.52 -30.62 -20.07
N GLY L 343 0.34 -30.12 -19.74
CA GLY L 343 -0.51 -29.60 -20.78
C GLY L 343 -1.84 -29.12 -20.25
N PHE L 344 -2.68 -28.69 -21.19
CA PHE L 344 -3.98 -28.12 -20.89
C PHE L 344 -5.08 -29.10 -21.26
N ALA L 345 -6.15 -29.06 -20.49
CA ALA L 345 -7.35 -29.82 -20.81
C ALA L 345 -8.51 -29.17 -20.07
N ARG L 346 -9.71 -29.67 -20.34
CA ARG L 346 -10.90 -29.25 -19.64
C ARG L 346 -11.52 -30.37 -18.86
N MET L 347 -12.10 -30.09 -17.72
CA MET L 347 -12.91 -31.07 -17.02
C MET L 347 -14.17 -30.37 -16.55
N ASN L 348 -15.31 -30.90 -16.98
CA ASN L 348 -16.65 -30.32 -16.78
C ASN L 348 -16.73 -28.90 -17.30
N GLY L 349 -16.06 -28.61 -18.40
CA GLY L 349 -16.09 -27.30 -19.00
C GLY L 349 -14.99 -26.37 -18.56
N ARG L 350 -14.37 -26.62 -17.42
CA ARG L 350 -13.40 -25.69 -16.87
C ARG L 350 -12.01 -26.04 -17.31
N THR L 351 -11.24 -25.03 -17.70
CA THR L 351 -9.85 -25.25 -18.07
C THR L 351 -9.04 -25.66 -16.85
N VAL L 352 -8.26 -26.72 -16.98
CA VAL L 352 -7.33 -27.12 -15.94
C VAL L 352 -5.97 -27.39 -16.57
N GLY L 353 -4.94 -27.32 -15.73
CA GLY L 353 -3.60 -27.71 -16.12
C GLY L 353 -3.28 -29.07 -15.50
N ILE L 354 -2.60 -29.89 -16.28
CA ILE L 354 -2.27 -31.25 -15.88
C ILE L 354 -0.77 -31.42 -15.90
N VAL L 355 -0.23 -31.98 -14.82
CA VAL L 355 1.16 -32.34 -14.72
C VAL L 355 1.24 -33.79 -14.25
N GLY L 356 2.13 -34.55 -14.86
CA GLY L 356 2.31 -35.92 -14.42
C GLY L 356 3.60 -36.55 -14.90
N ASN L 357 3.92 -37.73 -14.39
CA ASN L 357 5.15 -38.38 -14.82
C ASN L 357 4.90 -39.28 -16.01
N GLN L 358 5.94 -39.56 -16.76
CA GLN L 358 5.86 -40.55 -17.84
C GLN L 358 6.78 -41.70 -17.54
N PRO L 359 6.28 -42.80 -16.96
CA PRO L 359 7.17 -43.88 -16.53
C PRO L 359 7.94 -44.51 -17.68
N LYS L 360 7.49 -44.33 -18.92
CA LYS L 360 8.16 -44.95 -20.06
C LYS L 360 9.55 -44.39 -20.27
N VAL L 361 9.80 -43.16 -19.84
CA VAL L 361 11.04 -42.45 -20.14
C VAL L 361 11.82 -42.26 -18.85
N ALA L 362 13.06 -42.76 -18.82
CA ALA L 362 13.97 -42.67 -17.67
C ALA L 362 13.34 -43.12 -16.37
N SER L 363 12.52 -44.17 -16.43
CA SER L 363 11.76 -44.75 -15.31
C SER L 363 10.85 -43.75 -14.62
N GLY L 364 10.63 -42.57 -15.20
CA GLY L 364 9.76 -41.60 -14.57
C GLY L 364 10.43 -40.73 -13.54
N CYS L 365 11.76 -40.72 -13.57
CA CYS L 365 12.62 -39.96 -12.67
C CYS L 365 12.64 -38.47 -12.94
N LEU L 366 12.94 -37.67 -11.92
CA LEU L 366 13.10 -36.24 -12.15
C LEU L 366 14.54 -35.90 -12.47
N ASP L 367 14.72 -34.92 -13.36
CA ASP L 367 16.04 -34.48 -13.78
C ASP L 367 15.95 -32.98 -14.00
N ILE L 368 17.04 -32.39 -14.47
CA ILE L 368 17.12 -30.94 -14.62
C ILE L 368 16.07 -30.44 -15.60
N ASN L 369 15.99 -31.09 -16.78
CA ASN L 369 15.16 -30.61 -17.86
C ASN L 369 13.68 -30.68 -17.51
N SER L 370 13.28 -31.75 -16.81
CA SER L 370 11.89 -31.92 -16.43
C SER L 370 11.47 -30.91 -15.37
N SER L 371 12.38 -30.59 -14.45
CA SER L 371 12.06 -29.60 -13.43
C SER L 371 11.86 -28.22 -14.03
N VAL L 372 12.63 -27.88 -15.06
CA VAL L 372 12.51 -26.55 -15.67
C VAL L 372 11.17 -26.40 -16.35
N LYS L 373 10.77 -27.39 -17.16
CA LYS L 373 9.49 -27.35 -17.87
C LYS L 373 8.31 -27.38 -16.89
N GLY L 374 8.40 -28.24 -15.88
CA GLY L 374 7.35 -28.32 -14.88
C GLY L 374 7.14 -27.04 -14.12
N ALA L 375 8.21 -26.46 -13.55
CA ALA L 375 8.07 -25.28 -12.72
C ALA L 375 7.47 -24.13 -13.49
N ARG L 376 7.90 -23.95 -14.73
CA ARG L 376 7.40 -22.87 -15.57
C ARG L 376 5.91 -23.04 -15.81
N PHE L 377 5.47 -24.24 -16.16
CA PHE L 377 4.05 -24.46 -16.39
C PHE L 377 3.22 -24.24 -15.13
N VAL L 378 3.66 -24.78 -13.99
CA VAL L 378 2.88 -24.68 -12.76
C VAL L 378 2.67 -23.23 -12.38
N ARG L 379 3.73 -22.43 -12.47
CA ARG L 379 3.67 -21.02 -12.12
C ARG L 379 2.74 -20.20 -13.00
N PHE L 380 2.74 -20.44 -14.29
CA PHE L 380 1.78 -19.76 -15.15
C PHE L 380 0.35 -20.09 -14.74
N CYS L 381 0.02 -21.37 -14.60
CA CYS L 381 -1.34 -21.77 -14.25
C CYS L 381 -1.77 -21.19 -12.90
N ASP L 382 -0.88 -21.13 -11.93
CA ASP L 382 -1.22 -20.48 -10.67
C ASP L 382 -1.50 -19.01 -10.83
N ALA L 383 -0.67 -18.29 -11.57
CA ALA L 383 -0.87 -16.86 -11.79
C ALA L 383 -2.20 -16.53 -12.43
N PHE L 384 -2.72 -17.39 -13.31
CA PHE L 384 -3.97 -17.10 -14.00
C PHE L 384 -5.10 -18.02 -13.56
N ASN L 385 -5.07 -18.47 -12.30
CA ASN L 385 -6.20 -19.12 -11.62
C ASN L 385 -6.71 -20.36 -12.34
N ILE L 386 -5.79 -21.16 -12.83
CA ILE L 386 -6.12 -22.40 -13.53
C ILE L 386 -5.79 -23.56 -12.60
N PRO L 387 -6.77 -24.38 -12.20
CA PRO L 387 -6.48 -25.47 -11.27
C PRO L 387 -5.45 -26.45 -11.80
N LEU L 388 -4.78 -27.12 -10.87
CA LEU L 388 -3.76 -28.10 -11.20
C LEU L 388 -4.20 -29.50 -10.82
N ILE L 389 -3.96 -30.44 -11.73
CA ILE L 389 -4.14 -31.86 -11.47
C ILE L 389 -2.79 -32.52 -11.67
N THR L 390 -2.38 -33.33 -10.70
CA THR L 390 -1.07 -33.96 -10.67
C THR L 390 -1.26 -35.47 -10.71
N PHE L 391 -0.57 -36.14 -11.61
CA PHE L 391 -0.54 -37.60 -11.69
C PHE L 391 0.86 -38.07 -11.32
N VAL L 392 1.01 -38.64 -10.13
CA VAL L 392 2.32 -38.92 -9.56
C VAL L 392 2.68 -40.37 -9.83
N ASP L 393 3.89 -40.58 -10.37
CA ASP L 393 4.48 -41.91 -10.46
C ASP L 393 5.98 -41.73 -10.64
N VAL L 394 6.68 -41.45 -9.55
CA VAL L 394 8.06 -41.00 -9.65
C VAL L 394 8.92 -41.79 -8.67
N PRO L 395 9.91 -42.54 -9.15
CA PRO L 395 10.73 -43.37 -8.26
C PRO L 395 11.87 -42.64 -7.57
N GLY L 396 12.09 -41.38 -7.89
CA GLY L 396 13.24 -40.66 -7.36
C GLY L 396 13.83 -39.72 -8.39
N PHE L 397 15.12 -39.45 -8.29
CA PHE L 397 15.78 -38.51 -9.16
C PHE L 397 16.78 -39.24 -10.06
N LEU L 398 17.00 -38.71 -11.24
CA LEU L 398 17.97 -39.29 -12.16
C LEU L 398 19.37 -39.17 -11.58
N PRO L 399 20.04 -40.28 -11.26
CA PRO L 399 21.38 -40.20 -10.69
C PRO L 399 22.46 -39.93 -11.72
N GLY L 400 23.63 -39.51 -11.27
CA GLY L 400 24.83 -39.48 -12.09
C GLY L 400 25.46 -38.11 -12.12
N THR L 401 26.75 -38.10 -12.48
CA THR L 401 27.50 -36.86 -12.48
C THR L 401 26.97 -35.86 -13.49
N ALA L 402 26.35 -36.33 -14.57
CA ALA L 402 25.75 -35.43 -15.53
C ALA L 402 24.72 -34.51 -14.89
N GLN L 403 24.05 -34.97 -13.86
CA GLN L 403 23.03 -34.18 -13.18
C GLN L 403 23.59 -33.45 -11.96
N GLU L 404 24.52 -34.08 -11.26
CA GLU L 404 25.12 -33.46 -10.09
C GLU L 404 25.86 -32.17 -10.46
N TYR L 405 26.70 -32.25 -11.48
CA TYR L 405 27.47 -31.09 -11.95
C TYR L 405 26.61 -30.10 -12.69
N GLY L 406 25.42 -30.52 -13.09
CA GLY L 406 24.51 -29.63 -13.76
C GLY L 406 23.61 -28.82 -12.85
N GLY L 407 23.75 -29.01 -11.54
CA GLY L 407 22.95 -28.29 -10.59
C GLY L 407 21.57 -28.86 -10.37
N ILE L 408 21.45 -30.19 -10.40
CA ILE L 408 20.16 -30.86 -10.20
C ILE L 408 19.49 -30.40 -8.90
N ILE L 409 20.27 -30.07 -7.88
CA ILE L 409 19.70 -29.63 -6.61
C ILE L 409 19.03 -28.27 -6.78
N ARG L 410 19.77 -27.34 -7.38
CA ARG L 410 19.28 -26.00 -7.62
C ARG L 410 18.07 -26.01 -8.57
N HIS L 411 18.10 -26.88 -9.57
CA HIS L 411 17.00 -26.96 -10.51
C HIS L 411 15.80 -27.69 -9.97
N GLY L 412 15.98 -28.76 -9.20
CA GLY L 412 14.84 -29.45 -8.61
C GLY L 412 14.05 -28.57 -7.67
N ALA L 413 14.72 -27.64 -7.00
CA ALA L 413 14.03 -26.71 -6.12
C ALA L 413 13.01 -25.86 -6.86
N LYS L 414 13.15 -25.73 -8.18
CA LYS L 414 12.23 -24.92 -8.95
C LYS L 414 10.83 -25.52 -8.99
N LEU L 415 10.73 -26.84 -9.11
CA LEU L 415 9.42 -27.47 -9.18
C LEU L 415 8.77 -27.54 -7.80
N LEU L 416 9.57 -27.84 -6.77
CA LEU L 416 9.04 -27.82 -5.41
C LEU L 416 8.51 -26.43 -5.04
N TYR L 417 9.27 -25.40 -5.38
CA TYR L 417 8.86 -24.03 -5.10
C TYR L 417 7.57 -23.68 -5.82
N ALA L 418 7.49 -24.02 -7.11
CA ALA L 418 6.32 -23.69 -7.90
C ALA L 418 5.05 -24.30 -7.33
N PHE L 419 5.12 -25.55 -6.86
CA PHE L 419 3.96 -26.10 -6.19
C PHE L 419 3.71 -25.53 -4.81
N ALA L 420 4.74 -25.38 -3.99
CA ALA L 420 4.51 -24.97 -2.61
C ALA L 420 3.85 -23.61 -2.49
N GLU L 421 4.18 -22.68 -3.38
CA GLU L 421 3.63 -21.33 -3.32
C GLU L 421 2.31 -21.15 -4.04
N ALA L 422 1.79 -22.20 -4.62
CA ALA L 422 0.53 -22.12 -5.36
C ALA L 422 -0.65 -21.87 -4.44
N THR L 423 -1.60 -21.08 -4.92
CA THR L 423 -2.80 -20.75 -4.17
C THR L 423 -4.07 -21.16 -4.90
N VAL L 424 -3.95 -21.94 -5.96
CA VAL L 424 -5.09 -22.36 -6.77
C VAL L 424 -5.39 -23.81 -6.40
N PRO L 425 -6.56 -24.35 -6.71
CA PRO L 425 -6.85 -25.73 -6.32
C PRO L 425 -5.82 -26.70 -6.86
N LYS L 426 -5.42 -27.64 -6.03
CA LYS L 426 -4.44 -28.66 -6.38
C LYS L 426 -5.01 -30.02 -6.04
N VAL L 427 -5.23 -30.86 -7.04
CA VAL L 427 -5.77 -32.20 -6.85
C VAL L 427 -4.73 -33.20 -7.32
N THR L 428 -4.21 -34.00 -6.40
CA THR L 428 -3.16 -34.95 -6.69
C THR L 428 -3.71 -36.37 -6.59
N VAL L 429 -3.41 -37.20 -7.58
CA VAL L 429 -3.71 -38.62 -7.56
C VAL L 429 -2.39 -39.36 -7.79
N ILE L 430 -2.11 -40.36 -6.96
CA ILE L 430 -0.90 -41.15 -7.04
C ILE L 430 -1.25 -42.47 -7.71
N THR L 431 -0.67 -42.73 -8.87
CA THR L 431 -1.05 -43.93 -9.62
C THR L 431 -0.16 -45.11 -9.29
N ARG L 432 1.11 -44.87 -8.97
CA ARG L 432 1.96 -45.98 -8.52
C ARG L 432 3.12 -45.56 -7.61
N LYS L 433 4.30 -45.25 -8.14
CA LYS L 433 5.45 -44.99 -7.28
C LYS L 433 5.47 -43.57 -6.77
N ALA L 434 5.90 -43.42 -5.52
CA ALA L 434 6.25 -42.10 -4.96
C ALA L 434 7.30 -42.35 -3.89
N TYR L 435 8.56 -42.44 -4.31
CA TYR L 435 9.66 -42.72 -3.39
C TYR L 435 10.44 -41.46 -3.07
N GLY L 436 10.88 -41.34 -1.83
CA GLY L 436 11.88 -40.33 -1.51
C GLY L 436 11.35 -38.92 -1.57
N GLY L 437 12.27 -37.97 -1.75
CA GLY L 437 11.91 -36.57 -1.74
C GLY L 437 11.01 -36.19 -2.90
N ALA L 438 10.96 -37.01 -3.94
CA ALA L 438 10.08 -36.77 -5.07
C ALA L 438 8.61 -36.77 -4.66
N TYR L 439 8.27 -37.46 -3.58
CA TYR L 439 6.88 -37.43 -3.12
C TYR L 439 6.42 -36.01 -2.87
N ASP L 440 7.25 -35.21 -2.17
CA ASP L 440 6.85 -33.86 -1.82
C ASP L 440 6.98 -32.91 -2.99
N VAL L 441 7.98 -33.12 -3.84
CA VAL L 441 8.17 -32.28 -5.02
C VAL L 441 6.96 -32.33 -5.93
N MET L 442 6.41 -33.52 -6.13
CA MET L 442 5.21 -33.69 -6.96
C MET L 442 3.93 -33.40 -6.18
N SER L 443 3.87 -32.19 -5.64
CA SER L 443 2.67 -31.59 -5.05
C SER L 443 1.96 -32.53 -4.08
N SER L 444 2.68 -32.84 -3.00
CA SER L 444 2.12 -33.59 -1.90
C SER L 444 1.16 -32.73 -1.07
N LYS L 445 0.28 -33.37 -0.33
CA LYS L 445 -0.72 -32.65 0.44
C LYS L 445 -0.19 -31.65 1.46
N HIS L 446 0.98 -31.91 2.01
CA HIS L 446 1.52 -31.04 3.03
C HIS L 446 2.08 -29.75 2.46
N LEU L 447 1.96 -29.53 1.15
CA LEU L 447 2.29 -28.26 0.52
C LEU L 447 1.05 -27.45 0.22
N CYS L 448 0.08 -27.47 1.14
CA CYS L 448 -1.22 -26.81 1.02
C CYS L 448 -2.03 -27.34 -0.16
N GLY L 449 -2.04 -28.67 -0.32
CA GLY L 449 -2.88 -29.30 -1.31
C GLY L 449 -4.30 -29.41 -0.81
N ASP L 450 -5.21 -29.64 -1.75
CA ASP L 450 -6.62 -29.72 -1.37
C ASP L 450 -7.07 -31.16 -1.14
N THR L 451 -6.76 -32.05 -2.08
CA THR L 451 -7.09 -33.47 -1.92
C THR L 451 -5.94 -34.30 -2.46
N ASN L 452 -5.79 -35.51 -1.94
CA ASN L 452 -4.75 -36.42 -2.39
C ASN L 452 -5.30 -37.81 -2.41
N TYR L 453 -5.43 -38.40 -3.57
CA TYR L 453 -5.98 -39.72 -3.78
C TYR L 453 -4.87 -40.69 -4.17
N ALA L 454 -5.03 -41.93 -3.72
CA ALA L 454 -4.15 -43.01 -4.11
C ALA L 454 -4.97 -44.08 -4.82
N TRP L 455 -4.36 -44.70 -5.80
CA TRP L 455 -4.92 -45.91 -6.38
C TRP L 455 -4.42 -47.10 -5.57
N PRO L 456 -5.11 -48.24 -5.61
CA PRO L 456 -4.61 -49.42 -4.87
C PRO L 456 -3.19 -49.83 -5.21
N THR L 457 -2.64 -49.42 -6.35
CA THR L 457 -1.28 -49.77 -6.71
C THR L 457 -0.25 -48.77 -6.21
N ALA L 458 -0.66 -47.72 -5.51
CA ALA L 458 0.26 -46.70 -5.04
C ALA L 458 1.14 -47.25 -3.93
N GLU L 459 2.39 -46.78 -3.89
CA GLU L 459 3.25 -47.11 -2.76
C GLU L 459 4.06 -45.87 -2.39
N ILE L 460 3.93 -45.43 -1.15
CA ILE L 460 4.58 -44.21 -0.65
C ILE L 460 5.59 -44.62 0.41
N ALA L 461 6.85 -44.30 0.17
CA ALA L 461 7.92 -44.68 1.08
C ALA L 461 9.13 -43.78 0.85
N VAL L 462 10.03 -43.76 1.84
CA VAL L 462 11.28 -43.03 1.69
C VAL L 462 12.16 -43.68 0.64
N MET L 463 12.05 -44.99 0.50
CA MET L 463 12.75 -45.70 -0.55
C MET L 463 12.13 -47.09 -0.64
N GLY L 464 12.54 -47.86 -1.64
CA GLY L 464 12.02 -49.19 -1.86
C GLY L 464 12.49 -50.17 -0.79
N ALA L 465 11.87 -51.34 -0.81
CA ALA L 465 12.09 -52.33 0.24
C ALA L 465 13.55 -52.76 0.33
N LYS L 466 14.22 -52.90 -0.82
CA LYS L 466 15.60 -53.34 -0.83
C LYS L 466 16.51 -52.39 -0.08
N GLY L 467 16.47 -51.09 -0.42
CA GLY L 467 17.30 -50.14 0.29
C GLY L 467 16.93 -50.03 1.75
N ALA L 468 15.65 -49.86 2.04
CA ALA L 468 15.21 -49.64 3.42
C ALA L 468 15.55 -50.82 4.33
N VAL L 469 15.34 -52.05 3.87
CA VAL L 469 15.56 -53.19 4.74
C VAL L 469 17.05 -53.46 4.94
N GLU L 470 17.85 -53.40 3.87
CA GLU L 470 19.28 -53.63 4.03
C GLU L 470 19.92 -52.55 4.90
N ILE L 471 19.40 -51.32 4.86
CA ILE L 471 19.95 -50.29 5.74
C ILE L 471 19.49 -50.49 7.17
N ILE L 472 18.20 -50.76 7.39
CA ILE L 472 17.68 -50.95 8.75
C ILE L 472 18.34 -52.14 9.44
N PHE L 473 18.44 -53.26 8.73
CA PHE L 473 18.98 -54.49 9.29
C PHE L 473 20.41 -54.69 8.75
N LYS L 474 21.26 -53.69 8.91
CA LYS L 474 22.60 -53.70 8.35
C LYS L 474 23.54 -54.49 9.24
N GLY L 475 24.09 -55.56 8.67
CA GLY L 475 24.91 -56.50 9.41
C GLY L 475 24.15 -57.59 10.15
N HIS L 476 22.84 -57.68 9.97
CA HIS L 476 22.07 -58.68 10.69
C HIS L 476 21.90 -59.93 9.83
N GLU L 477 21.65 -61.06 10.50
CA GLU L 477 21.33 -62.30 9.83
C GLU L 477 19.86 -62.28 9.43
N ASN L 478 19.51 -63.12 8.45
CA ASN L 478 18.14 -63.38 7.99
C ASN L 478 17.44 -62.09 7.55
N VAL L 479 18.20 -61.28 6.82
CA VAL L 479 17.68 -60.02 6.31
C VAL L 479 16.53 -60.27 5.34
N GLU L 480 16.67 -61.30 4.49
CA GLU L 480 15.62 -61.63 3.52
C GLU L 480 14.31 -62.00 4.23
N ALA L 481 14.39 -62.70 5.37
CA ALA L 481 13.18 -62.98 6.13
C ALA L 481 12.55 -61.71 6.69
N ALA L 482 13.39 -60.81 7.20
CA ALA L 482 12.90 -59.51 7.65
C ALA L 482 12.33 -58.70 6.50
N GLN L 483 12.91 -58.82 5.31
CA GLN L 483 12.40 -58.11 4.14
C GLN L 483 10.99 -58.58 3.78
N ALA L 484 10.72 -59.87 3.89
CA ALA L 484 9.38 -60.38 3.61
C ALA L 484 8.35 -59.74 4.53
N GLU L 485 8.67 -59.61 5.81
CA GLU L 485 7.75 -58.97 6.75
C GLU L 485 7.62 -57.48 6.44
N TYR L 486 8.73 -56.82 6.14
CA TYR L 486 8.71 -55.42 5.76
C TYR L 486 7.85 -55.17 4.53
N ILE L 487 8.01 -55.99 3.48
CA ILE L 487 7.23 -55.79 2.27
C ILE L 487 5.74 -55.93 2.56
N GLU L 488 5.36 -56.98 3.29
CA GLU L 488 3.95 -57.17 3.61
C GLU L 488 3.35 -55.98 4.35
N LYS L 489 4.12 -55.34 5.22
CA LYS L 489 3.53 -54.22 5.97
C LYS L 489 3.64 -52.88 5.27
N PHE L 490 4.76 -52.58 4.60
CA PHE L 490 5.01 -51.24 4.11
C PHE L 490 4.92 -51.07 2.60
N ALA L 491 4.95 -52.15 1.82
CA ALA L 491 4.95 -52.03 0.36
C ALA L 491 3.51 -51.87 -0.16
N ASN L 492 2.89 -50.75 0.20
CA ASN L 492 1.46 -50.51 -0.06
C ASN L 492 1.13 -49.09 0.34
N PRO L 493 -0.04 -48.57 0.01
CA PRO L 493 -0.26 -47.16 0.28
C PRO L 493 -0.77 -46.85 1.69
N PHE L 494 -0.96 -47.87 2.51
CA PHE L 494 -1.56 -47.74 3.84
C PHE L 494 -0.77 -47.08 4.96
N PRO L 495 0.54 -47.32 5.17
CA PRO L 495 1.23 -46.60 6.26
C PRO L 495 1.24 -45.09 6.08
N ALA L 496 1.11 -44.58 4.86
CA ALA L 496 0.93 -43.16 4.64
C ALA L 496 -0.51 -42.72 4.81
N ALA L 497 -1.47 -43.45 4.26
CA ALA L 497 -2.87 -43.10 4.38
C ALA L 497 -3.37 -43.04 5.81
N VAL L 498 -2.92 -43.96 6.67
CA VAL L 498 -3.42 -43.97 8.04
C VAL L 498 -2.85 -42.81 8.83
N ARG L 499 -1.89 -42.10 8.27
CA ARG L 499 -1.35 -40.99 9.01
C ARG L 499 -1.90 -39.67 8.51
N GLY L 500 -2.75 -39.72 7.49
CA GLY L 500 -3.34 -38.50 6.97
C GLY L 500 -2.65 -37.98 5.73
N PHE L 501 -1.79 -38.78 5.12
CA PHE L 501 -1.12 -38.29 3.91
C PHE L 501 -2.03 -38.41 2.72
N VAL L 502 -2.95 -39.36 2.74
CA VAL L 502 -3.84 -39.66 1.63
C VAL L 502 -5.26 -39.56 2.13
N ASP L 503 -6.14 -38.95 1.33
CA ASP L 503 -7.50 -38.76 1.80
C ASP L 503 -8.38 -39.97 1.55
N ASP L 504 -8.13 -40.71 0.48
CA ASP L 504 -8.95 -41.86 0.17
C ASP L 504 -8.15 -42.73 -0.78
N ILE L 505 -8.52 -44.00 -0.86
CA ILE L 505 -7.96 -44.90 -1.85
C ILE L 505 -9.12 -45.32 -2.72
N ILE L 506 -9.06 -44.99 -3.99
CA ILE L 506 -10.22 -45.01 -4.85
C ILE L 506 -10.01 -46.06 -5.94
N GLN L 507 -11.10 -46.60 -6.45
CA GLN L 507 -10.98 -47.52 -7.56
C GLN L 507 -10.61 -46.61 -8.70
N PRO L 508 -9.61 -46.96 -9.49
CA PRO L 508 -9.15 -46.08 -10.57
C PRO L 508 -10.27 -45.63 -11.51
N SER L 509 -11.25 -46.49 -11.76
CA SER L 509 -12.36 -46.14 -12.63
C SER L 509 -13.13 -44.93 -12.16
N SER L 510 -13.06 -44.59 -10.88
CA SER L 510 -13.79 -43.45 -10.37
C SER L 510 -12.97 -42.17 -10.37
N THR L 511 -11.70 -42.21 -10.81
CA THR L 511 -10.84 -41.04 -10.70
C THR L 511 -11.50 -39.79 -11.27
N ARG L 512 -12.15 -39.88 -12.45
CA ARG L 512 -12.69 -38.68 -13.10
C ARG L 512 -13.78 -38.07 -12.24
N ALA L 513 -14.65 -38.92 -11.71
CA ALA L 513 -15.75 -38.46 -10.89
C ALA L 513 -15.28 -37.75 -9.64
N ARG L 514 -14.22 -38.23 -9.02
CA ARG L 514 -13.70 -37.65 -7.80
C ARG L 514 -13.09 -36.29 -8.02
N ILE L 515 -12.34 -36.15 -9.10
CA ILE L 515 -11.67 -34.91 -9.50
C ILE L 515 -12.69 -33.84 -9.85
N CYS L 516 -13.72 -34.22 -10.62
CA CYS L 516 -14.80 -33.34 -11.03
C CYS L 516 -15.51 -32.76 -9.84
N CYS L 517 -15.77 -33.61 -8.84
CA CYS L 517 -16.41 -33.18 -7.61
C CYS L 517 -15.55 -32.18 -6.86
N ASP L 518 -14.24 -32.41 -6.79
CA ASP L 518 -13.36 -31.49 -6.07
C ASP L 518 -13.23 -30.16 -6.81
N LEU L 519 -13.11 -30.20 -8.14
CA LEU L 519 -12.92 -28.97 -8.89
C LEU L 519 -14.10 -28.03 -8.75
N ASP L 520 -15.31 -28.58 -8.67
CA ASP L 520 -16.49 -27.75 -8.65
C ASP L 520 -16.78 -27.22 -7.26
N VAL L 521 -16.01 -27.61 -6.25
CA VAL L 521 -16.18 -27.03 -4.92
C VAL L 521 -14.96 -26.29 -4.44
N LEU L 522 -13.80 -26.52 -5.03
CA LEU L 522 -12.60 -25.77 -4.69
C LEU L 522 -12.47 -24.51 -5.51
N ALA L 523 -13.37 -24.28 -6.45
CA ALA L 523 -13.25 -23.13 -7.34
C ALA L 523 -13.46 -21.80 -6.63
N SER L 524 -14.03 -21.84 -5.43
CA SER L 524 -14.31 -20.63 -4.68
C SER L 524 -13.29 -20.40 -3.57
N LYS L 525 -12.22 -21.18 -3.62
CA LYS L 525 -11.15 -21.12 -2.65
C LYS L 525 -10.39 -19.82 -2.59
N LYS L 526 -10.20 -19.26 -1.40
CA LYS L 526 -9.31 -18.11 -1.26
C LYS L 526 -8.47 -18.29 -0.01
N VAL L 527 -7.19 -17.95 -0.13
CA VAL L 527 -6.24 -18.08 0.97
C VAL L 527 -5.46 -16.76 1.05
N GLN L 528 -4.86 -16.51 2.22
CA GLN L 528 -3.99 -15.37 2.40
C GLN L 528 -2.56 -15.84 2.65
N ARG L 529 -1.59 -14.99 2.30
CA ARG L 529 -0.17 -15.24 2.53
C ARG L 529 0.44 -13.94 3.08
N PRO L 530 1.50 -14.03 3.88
CA PRO L 530 2.19 -12.81 4.32
C PRO L 530 2.62 -11.95 3.15
N TRP L 531 2.57 -10.65 3.36
CA TRP L 531 2.91 -9.71 2.29
C TRP L 531 4.39 -9.77 1.99
N ARG L 532 4.73 -9.74 0.70
CA ARG L 532 6.11 -9.70 0.28
C ARG L 532 6.19 -8.85 -0.98
N LYS L 533 7.21 -8.02 -1.10
CA LYS L 533 7.36 -7.13 -2.24
C LYS L 533 7.22 -8.01 -3.48
N HIS L 534 7.97 -9.11 -3.49
CA HIS L 534 7.93 -10.08 -4.56
C HIS L 534 8.45 -11.41 -4.08
N ALA L 535 8.20 -12.44 -4.85
CA ALA L 535 8.70 -13.76 -4.55
C ALA L 535 10.19 -13.85 -4.87
N ASN L 536 10.86 -14.79 -4.22
CA ASN L 536 12.29 -15.04 -4.42
C ASN L 536 12.51 -16.50 -4.77
N ILE L 537 12.32 -16.84 -6.03
CA ILE L 537 12.45 -18.19 -6.60
C ILE L 537 13.92 -18.61 -6.57
N PRO L 538 14.23 -19.86 -6.18
CA PRO L 538 15.64 -20.29 -6.07
C PRO L 538 16.51 -20.10 -7.31
N LEU L 539 15.94 -20.04 -8.51
CA LEU L 539 16.66 -19.94 -9.79
C LEU L 539 17.70 -21.04 -10.04
C11 BTN M . -27.66 49.82 4.06
O11 BTN M . -28.04 50.22 2.94
C10 BTN M . -27.46 48.36 4.36
C9 BTN M . -26.26 47.90 3.54
C8 BTN M . -26.03 46.42 3.69
C7 BTN M . -24.91 46.09 4.68
C2 BTN M . -23.80 45.22 4.07
S1 BTN M . -23.57 45.67 2.47
C6 BTN M . -23.44 43.98 1.85
C5 BTN M . -23.85 42.99 2.91
N1 BTN M . -25.14 42.40 2.65
C3 BTN M . -25.99 42.64 3.63
O3 BTN M . -27.34 42.25 3.64
N2 BTN M . -25.39 43.33 4.60
C4 BTN M . -24.05 43.71 4.23
N1A ACO N . 10.59 30.77 -32.59
C2A ACO N . 11.91 30.56 -32.54
N3A ACO N . 12.82 31.52 -32.31
C4A ACO N . 12.43 32.80 -32.11
C5A ACO N . 11.00 33.12 -32.14
C6A ACO N . 10.06 32.00 -32.40
N6A ACO N . 8.72 32.21 -32.45
N7A ACO N . 10.89 34.44 -31.92
C8A ACO N . 12.15 34.93 -31.75
N9A ACO N . 13.06 33.95 -31.86
C1B ACO N . 14.54 34.12 -31.74
C2B ACO N . 15.14 34.42 -33.10
O2B ACO N . 16.12 33.43 -33.44
C3B ACO N . 15.79 35.78 -32.98
O3B ACO N . 17.19 35.68 -33.25
P3B ACO N . 18.16 36.95 -33.07
O7A ACO N . 19.04 36.91 -34.29
O8A ACO N . 17.21 38.12 -33.02
O9A ACO N . 18.87 36.68 -31.78
C4B ACO N . 15.57 36.24 -31.55
O4B ACO N . 14.82 35.22 -30.88
C5B ACO N . 14.81 37.55 -31.50
O5B ACO N . 13.97 37.58 -30.35
P1A ACO N . 12.57 38.39 -30.36
O1A ACO N . 12.88 39.84 -30.61
O2A ACO N . 11.62 37.64 -31.27
O3A ACO N . 12.06 38.22 -28.84
P2A ACO N . 10.81 39.08 -28.31
O4A ACO N . 10.65 38.82 -26.83
O5A ACO N . 10.97 40.50 -28.81
O6A ACO N . 9.57 38.41 -29.08
CBP ACO N . 8.16 36.46 -29.15
CCP ACO N . 8.57 37.70 -28.36
CDP ACO N . 6.92 35.82 -28.51
CEP ACO N . 9.30 35.45 -29.18
CAP ACO N . 7.82 36.87 -30.57
OAP ACO N . 8.94 37.55 -31.15
C9P ACO N . 7.49 35.66 -31.39
O9P ACO N . 8.37 35.04 -31.95
N8P ACO N . 6.21 35.32 -31.45
C7P ACO N . 5.69 34.19 -30.71
C6P ACO N . 6.67 33.01 -30.69
C5P ACO N . 6.00 31.78 -31.25
O5P ACO N . 6.42 31.26 -32.27
N4P ACO N . 4.95 31.33 -30.57
C3P ACO N . 3.89 30.59 -31.23
C2P ACO N . 2.59 30.63 -30.44
S1P ACO N . 1.71 29.12 -30.68
C ACO N . 0.20 29.57 -30.13
O ACO N . -0.04 29.48 -28.93
CH3 ACO N . -0.80 30.08 -31.11
C11 BTN O . -6.42 37.47 -38.54
O11 BTN O . -6.40 38.62 -38.07
C10 BTN O . -5.97 36.27 -37.75
C9 BTN O . -7.00 36.06 -36.66
C8 BTN O . -6.60 34.92 -35.73
C7 BTN O . -7.32 33.62 -36.04
C2 BTN O . -8.07 33.05 -34.84
S1 BTN O . -8.73 34.30 -33.96
C6 BTN O . -8.28 33.62 -32.34
C5 BTN O . -7.35 32.44 -32.51
N1 BTN O . -5.99 32.77 -32.14
C3 BTN O . -5.15 32.59 -33.15
O3 BTN O . -3.78 32.88 -33.11
N2 BTN O . -5.81 32.14 -34.21
C4 BTN O . -7.24 32.09 -33.98
N1A ACO P . -39.32 35.10 6.86
C2A ACO P . -40.40 34.38 7.19
N3A ACO P . -41.57 34.46 6.54
C4A ACO P . -41.73 35.28 5.48
C5A ACO P . -40.58 36.10 5.05
C6A ACO P . -39.32 35.97 5.83
N6A ACO P . -38.23 36.69 5.51
N7A ACO P . -41.00 36.83 3.99
C8A ACO P . -42.29 36.49 3.76
N9A ACO P . -42.73 35.58 4.65
C1B ACO P . -44.09 34.99 4.69
C2B ACO P . -45.00 35.85 5.55
O2B ACO P . -45.52 35.08 6.63
C3B ACO P . -46.12 36.33 4.66
O3B ACO P . -47.37 35.85 5.16
P3B ACO P . -48.73 36.15 4.35
O7A ACO P . -49.70 36.59 5.42
O8A ACO P . -48.35 37.23 3.37
O9A ACO P . -49.07 34.82 3.70
C4B ACO P . -45.85 35.73 3.29
O4B ACO P . -44.65 34.96 3.37
C5B ACO P . -45.69 36.84 2.24
O5B ACO P . -44.73 36.41 1.26
P1A ACO P . -43.81 37.50 0.51
O1A ACO P . -44.70 38.44 -0.27
O2A ACO P . -42.82 38.06 1.52
O3A ACO P . -42.98 36.59 -0.54
P2A ACO P . -42.12 37.28 -1.71
O4A ACO P . -41.62 36.19 -2.62
O5A ACO P . -42.93 38.43 -2.27
O6A ACO P . -40.86 37.90 -0.91
CBP ACO P . -38.77 37.37 0.16
CCP ACO P . -39.55 37.42 -1.16
CDP ACO P . -37.31 37.03 -0.12
CEP ACO P . -39.38 36.33 1.08
CAP ACO P . -38.85 38.74 0.82
OAP ACO P . -40.21 39.11 1.01
C9P ACO P . -38.16 38.68 2.16
O9P ACO P . -38.78 38.33 3.16
N8P ACO P . -36.87 39.02 2.19
C7P ACO P . -35.83 38.03 2.32
C6P ACO P . -36.22 36.92 3.28
C5P ACO P . -35.22 36.86 4.41
O5P ACO P . -35.55 37.17 5.54
N4P ACO P . -33.99 36.46 4.11
C3P ACO P . -32.85 36.78 4.94
C2P ACO P . -31.55 36.83 4.15
S1P ACO P . -30.23 36.26 5.16
C ACO P . -28.93 36.77 4.24
O ACO P . -28.46 36.00 3.41
CH3 ACO P . -28.38 38.14 4.45
C11 BTN Q . -11.77 -35.08 45.08
O11 BTN Q . -12.97 -35.20 45.42
C10 BTN Q . -11.38 -34.62 43.71
C9 BTN Q . -11.77 -33.15 43.60
C8 BTN Q . -11.51 -32.60 42.21
C7 BTN Q . -10.23 -31.78 42.14
C2 BTN Q . -10.45 -30.37 41.60
S1 BTN Q . -11.92 -29.78 42.18
C6 BTN Q . -12.42 -29.06 40.60
C5 BTN Q . -11.48 -29.49 39.48
N1 BTN Q . -12.11 -30.45 38.60
C3 BTN Q . -11.43 -31.58 38.59
O3 BTN Q . -11.80 -32.74 37.87
N2 BTN Q . -10.35 -31.50 39.35
C4 BTN Q . -10.31 -30.24 40.08
N1A ACO R . -34.79 15.55 37.81
C2A ACO R . -34.31 16.81 37.90
N3A ACO R . -33.86 17.35 39.04
C4A ACO R . -33.84 16.64 40.19
C5A ACO R . -34.34 15.25 40.17
C6A ACO R . -34.84 14.73 38.88
N6A ACO R . -35.32 13.47 38.76
N7A ACO R . -34.23 14.78 41.42
C8A ACO R . -33.69 15.77 42.19
N9A ACO R . -33.46 16.87 41.45
C1B ACO R . -32.89 18.14 41.95
C2B ACO R . -34.00 19.04 42.47
O2B ACO R . -34.01 20.29 41.77
C3B ACO R . -33.70 19.28 43.95
O3B ACO R . -33.52 20.67 44.18
P3B ACO R . -33.12 21.20 45.65
O7A ACO R . -34.03 22.39 45.86
O8A ACO R . -33.41 20.03 46.55
O9A ACO R . -31.66 21.56 45.53
C4B ACO R . -32.43 18.53 44.25
O4B ACO R . -32.00 17.88 43.04
C5B ACO R . -32.64 17.49 45.34
O5B ACO R . -31.81 16.35 45.09
P1A ACO R . -32.30 14.88 45.52
O1A ACO R . -32.44 14.86 47.03
O2A ACO R . -33.47 14.49 44.65
O3A ACO R . -31.04 13.95 45.12
P2A ACO R . -30.97 12.41 45.57
O4A ACO R . -29.62 11.87 45.19
O5A ACO R . -31.45 12.33 47.00
O6A ACO R . -32.08 11.72 44.64
CBP ACO R . -32.52 10.76 42.47
CCP ACO R . -31.72 10.65 43.77
CDP ACO R . -32.16 9.59 41.56
CEP ACO R . -32.20 12.07 41.78
CAP ACO R . -34.00 10.70 42.79
OAP ACO R . -34.32 11.74 43.73
C9P ACO R . -34.79 10.91 41.53
O9P ACO R . -34.97 12.02 41.08
N8P ACO R . -35.28 9.80 40.96
C7P ACO R . -34.68 9.25 39.75
C6P ACO R . -34.24 10.35 38.79
C5P ACO R . -35.09 10.30 37.55
O5P ACO R . -36.08 11.01 37.45
N4P ACO R . -34.72 9.46 36.59
C3P ACO R . -35.68 8.84 35.70
C2P ACO R . -35.35 7.38 35.42
S1P ACO R . -35.54 7.05 33.71
C ACO R . -35.51 5.38 33.72
O ACO R . -34.45 4.81 33.51
CH3 ACO R . -36.77 4.63 34.02
N1A ACO S . -11.78 -43.10 27.95
C2A ACO S . -11.78 -44.01 26.96
N3A ACO S . -12.77 -44.89 26.75
C4A ACO S . -13.86 -44.92 27.56
C5A ACO S . -13.94 -43.96 28.68
C6A ACO S . -12.80 -43.02 28.83
N6A ACO S . -12.79 -42.10 29.83
N7A ACO S . -15.09 -44.20 29.30
C8A ACO S . -15.71 -45.22 28.66
N9A ACO S . -14.97 -45.65 27.62
C1B ACO S . -15.34 -46.75 26.69
C2B ACO S . -14.84 -48.08 27.25
O2B ACO S . -13.95 -48.70 26.31
C3B ACO S . -16.06 -48.94 27.45
O3B ACO S . -15.96 -50.12 26.64
P3B ACO S . -17.15 -51.21 26.65
O7A ACO S . -16.43 -52.53 26.78
O8A ACO S . -18.00 -50.83 27.83
O9A ACO S . -17.82 -51.01 25.30
C4B ACO S . -17.25 -48.12 27.01
O4B ACO S . -16.76 -46.84 26.58
C5B ACO S . -18.25 -47.93 28.15
O5B ACO S . -18.86 -46.64 28.04
P1A ACO S . -19.38 -45.88 29.35
O1A ACO S . -20.43 -46.72 30.01
O2A ACO S . -18.17 -45.43 30.14
O3A ACO S . -20.09 -44.57 28.74
P2A ACO S . -20.95 -43.59 29.68
O4A ACO S . -21.66 -42.58 28.80
O5A ACO S . -21.75 -44.43 30.64
O6A ACO S . -19.81 -42.82 30.52
CBP ACO S . -18.32 -40.93 30.65
CCP ACO S . -19.77 -41.39 30.53
CDP ACO S . -18.27 -39.41 30.71
CEP ACO S . -17.53 -41.43 29.45
CAP ACO S . -17.71 -41.50 31.92
OAP ACO S . -17.83 -42.94 31.90
C9P ACO S . -16.26 -41.12 32.00
O9P ACO S . -15.42 -41.73 31.35
N8P ACO S . -15.95 -40.11 32.80
C7P ACO S . -15.75 -38.77 32.29
C6P ACO S . -14.70 -38.74 31.19
C5P ACO S . -13.36 -38.35 31.77
O5P ACO S . -12.36 -38.99 31.51
N4P ACO S . -13.35 -37.30 32.59
C3P ACO S . -12.19 -36.43 32.70
C2P ACO S . -12.55 -34.96 32.49
S1P ACO S . -11.08 -34.03 32.25
C ACO S . -11.51 -32.62 33.03
O ACO S . -12.08 -31.75 32.40
CH3 ACO S . -11.18 -32.46 34.49
C11 BTN T . 35.11 -11.11 -34.20
O11 BTN T . 35.08 -12.27 -34.64
C10 BTN T . 33.90 -10.45 -33.60
C9 BTN T . 33.62 -11.17 -32.28
C8 BTN T . 32.36 -10.65 -31.63
C7 BTN T . 32.64 -9.66 -30.51
C2 BTN T . 32.01 -10.07 -29.16
S1 BTN T . 32.09 -11.74 -29.01
C6 BTN T . 30.41 -11.92 -28.37
C5 BTN T . 29.64 -10.62 -28.50
N1 BTN T . 28.66 -10.68 -29.56
C3 BTN T . 28.89 -9.75 -30.48
O3 BTN T . 28.12 -9.59 -31.65
N2 BTN T . 29.94 -9.01 -30.15
C4 BTN T . 30.58 -9.53 -28.95
N1A ACO U . 19.36 -43.14 9.34
C2A ACO U . 19.57 -43.08 10.67
N3A ACO U . 20.79 -43.14 11.23
C4A ACO U . 21.90 -43.26 10.47
C5A ACO U . 21.76 -43.33 9.01
C6A ACO U . 20.38 -43.25 8.46
N6A ACO U . 20.15 -43.31 7.12
N7A ACO U . 23.00 -43.45 8.50
C8A ACO U . 23.86 -43.46 9.55
N9A ACO U . 23.21 -43.35 10.72
C1B ACO U . 23.84 -43.32 12.06
C2B ACO U . 23.97 -44.74 12.60
O2B ACO U . 23.27 -44.85 13.84
C3B ACO U . 25.45 -44.99 12.81
O3B ACO U . 25.70 -45.26 14.19
P3B ACO U . 27.21 -45.48 14.71
O7A ACO U . 27.11 -46.69 15.60
O8A ACO U . 28.01 -45.69 13.45
O9A ACO U . 27.53 -44.19 15.44
C4B ACO U . 26.15 -43.71 12.39
O4B ACO U . 25.16 -42.77 11.96
C5B ACO U . 27.15 -43.97 11.27
O5B ACO U . 27.21 -42.82 10.42
P1A ACO U . 27.54 -42.98 8.85
O1A ACO U . 28.92 -43.58 8.72
O2A ACO U . 26.36 -43.63 8.18
O3A ACO U . 27.62 -41.44 8.35
P2A ACO U . 28.15 -41.09 6.88
O4A ACO U . 28.25 -39.59 6.76
O5A ACO U . 29.36 -41.96 6.59
O6A ACO U . 26.94 -41.59 5.94
CBP ACO U . 24.74 -41.05 5.12
CCP ACO U . 26.21 -40.66 5.15
CDP ACO U . 23.98 -40.19 4.13
CEP ACO U . 24.14 -40.91 6.51
CAP ACO U . 24.64 -42.51 4.68
OAP ACO U . 25.42 -43.34 5.56
C9P ACO U . 23.20 -42.95 4.74
O9P ACO U . 22.74 -43.42 5.78
N8P ACO U . 22.49 -42.80 3.64
C7P ACO U . 21.39 -41.85 3.57
C6P ACO U . 20.58 -41.82 4.86
C5P ACO U . 19.11 -41.94 4.54
O5P ACO U . 18.40 -42.73 5.14
N4P ACO U . 18.65 -41.14 3.58
C3P ACO U . 17.44 -41.47 2.84
C2P ACO U . 17.32 -40.66 1.55
S1P ACO U . 15.62 -40.45 1.14
C ACO U . 15.77 -39.99 -0.45
O ACO U . 15.92 -38.81 -0.73
CH3 ACO U . 15.70 -41.05 -1.52
C11 BTN V . 19.19 -49.84 -8.60
O11 BTN V . 20.38 -49.67 -8.94
C10 BTN V . 18.43 -48.78 -7.84
C9 BTN V . 18.19 -47.64 -8.82
C8 BTN V . 17.51 -46.47 -8.13
C7 BTN V . 16.01 -46.41 -8.43
C2 BTN V . 15.57 -45.07 -9.03
S1 BTN V . 16.75 -44.51 -10.07
C6 BTN V . 16.67 -42.80 -9.49
C5 BTN V . 15.80 -42.69 -8.25
N1 BTN V . 16.60 -42.47 -7.07
C3 BTN V . 16.42 -43.44 -6.18
O3 BTN V . 17.10 -43.52 -4.94
N2 BTN V . 15.55 -44.32 -6.62
C4 BTN V . 15.14 -44.03 -7.98
N1A ACO W . 18.75 -3.95 -41.22
C2A ACO W . 17.87 -3.42 -42.09
N3A ACO W . 17.44 -4.04 -43.20
C4A ACO W . 17.89 -5.28 -43.51
C5A ACO W . 18.85 -5.94 -42.62
C6A ACO W . 19.27 -5.18 -41.42
N6A ACO W . 20.17 -5.70 -40.53
N7A ACO W . 19.14 -7.13 -43.16
C8A ACO W . 18.41 -7.24 -44.30
N9A ACO W . 17.67 -6.14 -44.51
C1B ACO W . 16.76 -5.92 -45.67
C2B ACO W . 17.53 -5.26 -46.81
O2B ACO W . 16.92 -4.00 -47.14
C3B ACO W . 17.44 -6.21 -47.98
O3B ACO W . 16.78 -5.58 -49.07
P3B ACO W . 16.46 -6.40 -50.43
O7A ACO W . 16.85 -5.45 -51.53
O8A ACO W . 17.33 -7.62 -50.32
O9A ACO W . 14.97 -6.67 -50.33
C4B ACO W . 16.63 -7.41 -47.51
O4B ACO W . 16.27 -7.18 -46.14
C5B ACO W . 17.43 -8.70 -47.62
O5B ACO W . 17.05 -9.58 -46.56
P1A ACO W . 18.12 -10.62 -45.95
O1A ACO W . 18.55 -11.55 -47.04
O2A ACO W . 19.15 -9.83 -45.17
O3A ACO W . 17.23 -11.45 -44.89
P2A ACO W . 17.80 -12.78 -44.21
O4A ACO W . 16.70 -13.41 -43.40
O5A ACO W . 18.50 -13.60 -45.28
O6A ACO W . 18.92 -12.22 -43.20
CBP ACO W . 19.23 -11.04 -41.13
CCP ACO W . 18.73 -12.32 -41.80
CDP ACO W . 19.29 -11.24 -39.62
CEP ACO W . 18.29 -9.89 -41.46
CAP ACO W . 20.62 -10.72 -41.64
OAP ACO W . 20.58 -10.59 -43.07
C9P ACO W . 21.09 -9.42 -41.04
O9P ACO W . 20.87 -8.36 -41.60
N8P ACO W . 21.74 -9.51 -39.89
C7P ACO W . 21.13 -9.08 -38.64
C6P ACO W . 20.30 -7.83 -38.81
C5P ACO W . 20.75 -6.79 -37.81
O5P ACO W . 21.09 -5.68 -38.19
N4P ACO W . 20.73 -7.14 -36.53
C3P ACO W . 21.60 -6.50 -35.56
C2P ACO W . 21.75 -7.33 -34.30
S1P ACO W . 22.02 -6.27 -32.91
C ACO W . 22.62 -7.36 -31.81
O ACO W . 21.84 -8.00 -31.13
CH3 ACO W . 24.11 -7.54 -31.69
#